data_8D6W
#
_entry.id   8D6W
#
_cell.length_a   1.00
_cell.length_b   1.00
_cell.length_c   1.00
_cell.angle_alpha   90.00
_cell.angle_beta   90.00
_cell.angle_gamma   90.00
#
_symmetry.space_group_name_H-M   'P 1'
#
loop_
_entity.id
_entity.type
_entity.pdbx_description
1 polymer 'Proteasome subunit alpha'
2 polymer 'Proteasome subunit beta'
3 polymer 'Proteasome-associated ATPase'
#
loop_
_entity_poly.entity_id
_entity_poly.type
_entity_poly.pdbx_seq_one_letter_code
_entity_poly.pdbx_strand_id
1 'polypeptide(L)'
;MSFPYFISPEQAMRERSELARKGIARAKSVVALAYAGGVLFVAENPSRSLQKISELYDRVGFAAAGKFNEFDNLRRGGIQ
FADTRGYAYDRRDVTGRQLANVYAQTLGTIFTEQAKPYEVELCVAEVAHYGETKRPELYRITYDGSIADEPHFVVMGGTT
EPIANALKESYAENASLTDALRIAVAALRAGSADTSGGDQPTLGVASLEVAVLDANRPRRAFRRITGSALQALLVDQESP
QSDGESSG
;
A,C,D,E,F,G,H,I,J,K,L,M,N,O
2 'polypeptide(L)'
;MTWPLPDRLSINSLSGTPAVDLSSFTDFLRRQAPELLPASISGGAPLAGGDAQLPHGTTIVALKYPGGVVMAGDRRSTQG
NMISGRDVRKVYITDDYTATGIAGTAAVAVEFARLYAVELEHYEKLEGVPLTFAGKINRLAIMVRGNLAAAMQGLLALPL
LAGYDIHASDPQSAGRIVSFDAAGGWNIEEEGYQAVGSGSLFAKSSMKKLYSQVTDGDSGLRVAVEALYDAADDDSATGG
PDLVRGIFPTAVIIDADGAVDVPESRIAELARAIIESRSGADTFGSDGGEK
;
P,Q,R,S,T,U,V,W,X,Y,Z,a,b,c
3 'polypeptide(L)' GQYL d,e,f,g,h,i,j
#
# COMPACT_ATOMS: atom_id res chain seq x y z
N SER A 8 45.33 50.78 -31.97
CA SER A 8 44.38 51.87 -31.82
C SER A 8 42.95 51.42 -32.13
N PRO A 9 42.06 51.53 -31.15
CA PRO A 9 40.66 51.14 -31.38
C PRO A 9 40.00 51.93 -32.50
N GLU A 10 40.36 53.21 -32.66
CA GLU A 10 39.86 53.98 -33.79
C GLU A 10 40.26 53.34 -35.11
N GLN A 11 41.52 52.96 -35.25
CA GLN A 11 41.99 52.36 -36.50
C GLN A 11 41.33 51.00 -36.72
N ALA A 12 41.17 50.21 -35.65
CA ALA A 12 40.48 48.93 -35.79
C ALA A 12 39.06 49.13 -36.29
N MET A 13 38.33 50.07 -35.69
CA MET A 13 36.94 50.30 -36.12
C MET A 13 36.89 50.85 -37.54
N ARG A 14 37.80 51.74 -37.91
CA ARG A 14 37.72 52.35 -39.24
C ARG A 14 38.10 51.36 -40.33
N GLU A 15 39.10 50.51 -40.10
CA GLU A 15 39.43 49.53 -41.11
C GLU A 15 38.41 48.38 -41.14
N ARG A 16 37.76 48.11 -40.01
CA ARG A 16 36.61 47.22 -40.01
C ARG A 16 35.48 47.76 -40.87
N SER A 17 35.21 49.07 -40.73
CA SER A 17 34.22 49.73 -41.57
C SER A 17 34.61 49.66 -43.03
N GLU A 18 35.89 49.87 -43.34
CA GLU A 18 36.36 49.76 -44.72
C GLU A 18 36.13 48.35 -45.27
N LEU A 19 36.43 47.34 -44.46
CA LEU A 19 36.21 45.96 -44.89
C LEU A 19 34.74 45.72 -45.24
N ALA A 20 33.84 46.07 -44.31
CA ALA A 20 32.42 45.83 -44.55
C ALA A 20 31.90 46.62 -45.75
N ARG A 21 32.28 47.89 -45.84
CA ARG A 21 31.79 48.73 -46.93
C ARG A 21 32.32 48.26 -48.28
N LYS A 22 33.59 47.85 -48.33
CA LYS A 22 34.14 47.32 -49.57
C LYS A 22 33.46 46.02 -49.96
N GLY A 23 33.13 45.18 -48.97
CA GLY A 23 32.37 43.98 -49.28
C GLY A 23 31.01 44.29 -49.88
N ILE A 24 30.33 45.32 -49.35
CA ILE A 24 29.06 45.74 -49.92
C ILE A 24 29.26 46.32 -51.33
N ALA A 25 30.38 47.01 -51.55
CA ALA A 25 30.59 47.70 -52.82
C ALA A 25 30.66 46.74 -53.99
N ARG A 26 31.34 45.61 -53.82
CA ARG A 26 31.44 44.62 -54.89
C ARG A 26 30.29 43.61 -54.83
N ALA A 27 29.06 44.11 -54.73
CA ALA A 27 27.90 43.25 -54.59
C ALA A 27 26.81 43.73 -55.53
N LYS A 28 25.90 42.81 -55.87
CA LYS A 28 24.77 43.16 -56.70
C LYS A 28 23.80 44.06 -55.93
N SER A 29 22.99 44.79 -56.69
CA SER A 29 22.12 45.82 -56.13
C SER A 29 20.71 45.29 -55.91
N VAL A 30 20.05 45.82 -54.89
CA VAL A 30 18.67 45.49 -54.57
C VAL A 30 17.89 46.79 -54.46
N VAL A 31 16.59 46.72 -54.77
CA VAL A 31 15.69 47.87 -54.66
C VAL A 31 14.40 47.41 -54.02
N ALA A 32 13.95 48.13 -52.99
CA ALA A 32 12.63 47.93 -52.41
C ALA A 32 11.89 49.26 -52.48
N LEU A 33 10.68 49.24 -53.03
CA LEU A 33 9.93 50.49 -53.15
C LEU A 33 8.45 50.28 -52.87
N ALA A 34 7.83 51.28 -52.27
CA ALA A 34 6.41 51.23 -51.93
C ALA A 34 5.58 51.63 -53.14
N TYR A 35 4.51 50.87 -53.39
CA TYR A 35 3.60 51.14 -54.48
C TYR A 35 2.18 50.86 -54.00
N ALA A 36 1.22 51.07 -54.90
CA ALA A 36 -0.19 51.04 -54.52
C ALA A 36 -0.58 49.73 -53.84
N GLY A 37 -0.05 48.61 -54.33
CA GLY A 37 -0.39 47.32 -53.77
C GLY A 37 0.48 46.84 -52.63
N GLY A 38 1.43 47.64 -52.16
CA GLY A 38 2.32 47.16 -51.12
C GLY A 38 3.77 47.52 -51.35
N VAL A 39 4.66 46.53 -51.33
CA VAL A 39 6.08 46.76 -51.51
C VAL A 39 6.61 45.86 -52.62
N LEU A 40 7.49 46.39 -53.45
CA LEU A 40 8.11 45.65 -54.54
C LEU A 40 9.60 45.51 -54.27
N PHE A 41 10.09 44.27 -54.33
CA PHE A 41 11.51 43.96 -54.24
C PHE A 41 12.02 43.50 -55.59
N VAL A 42 13.08 44.16 -56.08
CA VAL A 42 13.72 43.81 -57.34
C VAL A 42 15.23 43.72 -57.07
N ALA A 43 15.80 42.54 -57.30
CA ALA A 43 17.22 42.33 -57.07
C ALA A 43 17.86 41.74 -58.32
N GLU A 44 19.14 42.05 -58.51
CA GLU A 44 19.91 41.45 -59.60
C GLU A 44 20.46 40.13 -59.09
N ASN A 45 19.85 39.03 -59.54
CA ASN A 45 20.22 37.69 -59.08
C ASN A 45 20.23 36.72 -60.27
N PRO A 46 21.40 36.33 -60.75
CA PRO A 46 21.46 35.36 -61.86
C PRO A 46 21.04 33.95 -61.46
N SER A 47 20.92 33.67 -60.17
CA SER A 47 20.64 32.31 -59.68
C SER A 47 19.19 32.21 -59.24
N ARG A 48 18.47 31.22 -59.77
CA ARG A 48 17.12 30.94 -59.33
C ARG A 48 17.09 30.14 -58.03
N SER A 49 18.23 29.58 -57.61
CA SER A 49 18.32 28.81 -56.38
C SER A 49 18.60 29.70 -55.18
N LEU A 50 19.64 30.52 -55.25
CA LEU A 50 20.01 31.40 -54.15
C LEU A 50 19.19 32.69 -54.23
N GLN A 51 18.47 33.00 -53.16
CA GLN A 51 17.50 34.09 -53.14
C GLN A 51 17.96 35.18 -52.18
N LYS A 52 17.93 36.42 -52.65
CA LYS A 52 18.21 37.57 -51.80
C LYS A 52 16.96 38.22 -51.25
N ILE A 53 15.81 37.99 -51.88
CA ILE A 53 14.51 38.44 -51.40
C ILE A 53 13.85 37.26 -50.70
N SER A 54 13.22 37.53 -49.55
CA SER A 54 12.57 36.45 -48.83
C SER A 54 11.46 37.01 -47.96
N GLU A 55 10.71 36.09 -47.35
CA GLU A 55 9.60 36.41 -46.48
C GLU A 55 10.00 36.14 -45.04
N LEU A 56 9.70 37.10 -44.16
CA LEU A 56 9.92 36.90 -42.74
C LEU A 56 8.64 36.47 -42.02
N TYR A 57 7.55 37.18 -42.26
CA TYR A 57 6.30 36.89 -41.58
C TYR A 57 5.15 37.34 -42.48
N ASP A 58 3.92 37.21 -41.95
CA ASP A 58 2.73 37.33 -42.79
C ASP A 58 2.74 38.58 -43.64
N ARG A 59 3.05 39.73 -43.03
CA ARG A 59 3.13 40.99 -43.76
C ARG A 59 4.53 41.57 -43.77
N VAL A 60 5.53 40.76 -43.42
CA VAL A 60 6.91 41.25 -43.30
C VAL A 60 7.79 40.52 -44.30
N GLY A 61 8.49 41.29 -45.13
CA GLY A 61 9.40 40.76 -46.11
C GLY A 61 10.82 41.25 -45.89
N PHE A 62 11.78 40.53 -46.48
CA PHE A 62 13.19 40.65 -46.18
C PHE A 62 13.96 40.80 -47.48
N ALA A 63 14.87 41.77 -47.53
CA ALA A 63 15.79 41.92 -48.66
C ALA A 63 17.18 42.17 -48.13
N ALA A 64 18.19 41.68 -48.84
CA ALA A 64 19.55 41.83 -48.35
C ALA A 64 20.52 41.90 -49.52
N ALA A 65 21.64 42.57 -49.29
CA ALA A 65 22.71 42.66 -50.27
C ALA A 65 24.05 42.38 -49.60
N GLY A 66 24.93 41.68 -50.32
CA GLY A 66 26.25 41.38 -49.81
C GLY A 66 26.61 39.91 -49.89
N LYS A 67 27.32 39.42 -48.89
CA LYS A 67 27.79 38.04 -48.89
C LYS A 67 26.63 37.11 -48.53
N PHE A 68 26.38 36.12 -49.39
CA PHE A 68 25.13 35.38 -49.32
C PHE A 68 24.98 34.64 -48.00
N ASN A 69 26.01 33.92 -47.56
CA ASN A 69 25.86 33.05 -46.41
C ASN A 69 25.58 33.86 -45.15
N GLU A 70 26.19 35.05 -45.03
CA GLU A 70 25.97 35.88 -43.85
C GLU A 70 24.53 36.37 -43.77
N PHE A 71 24.00 36.94 -44.86
CA PHE A 71 22.62 37.42 -44.76
C PHE A 71 21.62 36.28 -44.81
N ASP A 72 22.00 35.09 -45.31
CA ASP A 72 21.13 33.94 -45.18
C ASP A 72 21.01 33.49 -43.73
N ASN A 73 22.13 33.50 -43.00
CA ASN A 73 22.09 33.25 -41.57
C ASN A 73 21.22 34.29 -40.86
N LEU A 74 21.36 35.56 -41.24
CA LEU A 74 20.54 36.62 -40.65
C LEU A 74 19.06 36.40 -40.94
N ARG A 75 18.73 36.03 -42.18
CA ARG A 75 17.34 35.79 -42.55
C ARG A 75 16.75 34.63 -41.77
N ARG A 76 17.51 33.56 -41.59
CA ARG A 76 17.03 32.44 -40.79
C ARG A 76 16.80 32.86 -39.34
N GLY A 77 17.72 33.63 -38.77
CA GLY A 77 17.51 34.11 -37.40
C GLY A 77 16.28 34.99 -37.27
N GLY A 78 16.05 35.85 -38.25
CA GLY A 78 14.86 36.70 -38.22
C GLY A 78 13.57 35.91 -38.36
N ILE A 79 13.57 34.89 -39.21
CA ILE A 79 12.39 34.03 -39.34
C ILE A 79 12.13 33.31 -38.02
N GLN A 80 13.19 32.80 -37.38
CA GLN A 80 13.02 32.13 -36.09
C GLN A 80 12.45 33.10 -35.05
N PHE A 81 12.99 34.32 -34.99
CA PHE A 81 12.49 35.30 -34.04
C PHE A 81 11.03 35.62 -34.30
N ALA A 82 10.67 35.84 -35.57
CA ALA A 82 9.29 36.21 -35.90
C ALA A 82 8.33 35.08 -35.57
N ASP A 83 8.72 33.83 -35.85
CA ASP A 83 7.84 32.71 -35.55
C ASP A 83 7.67 32.54 -34.03
N THR A 84 8.76 32.65 -33.27
CA THR A 84 8.63 32.57 -31.81
C THR A 84 7.75 33.69 -31.27
N ARG A 85 7.96 34.91 -31.75
CA ARG A 85 7.20 36.06 -31.27
C ARG A 85 5.73 35.93 -31.62
N GLY A 86 5.42 35.43 -32.83
CA GLY A 86 4.03 35.24 -33.20
C GLY A 86 3.36 34.14 -32.42
N TYR A 87 4.07 33.05 -32.15
CA TYR A 87 3.48 31.96 -31.39
C TYR A 87 3.29 32.33 -29.93
N ALA A 88 4.21 33.12 -29.37
CA ALA A 88 4.15 33.43 -27.94
C ALA A 88 2.99 34.38 -27.63
N TYR A 89 2.72 35.35 -28.52
CA TYR A 89 1.66 36.31 -28.25
C TYR A 89 0.50 36.20 -29.23
N ASP A 90 0.74 36.46 -30.51
CA ASP A 90 -0.27 36.41 -31.57
C ASP A 90 0.42 36.80 -32.86
N ARG A 91 -0.20 36.41 -33.98
CA ARG A 91 0.36 36.71 -35.29
C ARG A 91 0.38 38.22 -35.56
N ARG A 92 -0.61 38.95 -35.06
CA ARG A 92 -0.71 40.38 -35.34
C ARG A 92 0.11 41.22 -34.39
N ASP A 93 0.81 40.60 -33.44
CA ASP A 93 1.74 41.30 -32.56
C ASP A 93 3.17 41.31 -33.10
N VAL A 94 3.40 40.75 -34.28
CA VAL A 94 4.69 40.80 -34.95
C VAL A 94 4.66 41.97 -35.94
N THR A 95 5.66 42.84 -35.85
CA THR A 95 5.76 43.99 -36.72
C THR A 95 7.13 44.00 -37.38
N GLY A 96 7.27 44.85 -38.40
CA GLY A 96 8.57 45.04 -39.02
C GLY A 96 9.53 45.85 -38.18
N ARG A 97 9.02 46.70 -37.29
CA ARG A 97 9.88 47.46 -36.40
C ARG A 97 10.64 46.55 -35.44
N GLN A 98 9.96 45.54 -34.88
CA GLN A 98 10.63 44.62 -33.98
C GLN A 98 11.72 43.83 -34.70
N LEU A 99 11.43 43.36 -35.91
CA LEU A 99 12.42 42.61 -36.68
C LEU A 99 13.60 43.49 -37.05
N ALA A 100 13.33 44.73 -37.43
CA ALA A 100 14.41 45.66 -37.75
C ALA A 100 15.26 45.95 -36.52
N ASN A 101 14.63 46.10 -35.35
CA ASN A 101 15.39 46.32 -34.13
C ASN A 101 16.25 45.11 -33.79
N VAL A 102 15.71 43.91 -33.96
CA VAL A 102 16.48 42.69 -33.72
C VAL A 102 17.69 42.64 -34.64
N TYR A 103 17.49 42.97 -35.92
CA TYR A 103 18.61 42.97 -36.85
C TYR A 103 19.64 44.03 -36.49
N ALA A 104 19.18 45.19 -36.00
CA ALA A 104 20.11 46.21 -35.56
C ALA A 104 20.99 45.71 -34.41
N GLN A 105 20.38 45.10 -33.39
CA GLN A 105 21.16 44.58 -32.28
C GLN A 105 22.13 43.51 -32.74
N THR A 106 21.65 42.57 -33.57
CA THR A 106 22.49 41.47 -34.04
C THR A 106 23.68 41.99 -34.85
N LEU A 107 23.43 42.93 -35.77
CA LEU A 107 24.50 43.41 -36.62
C LEU A 107 25.49 44.28 -35.85
N GLY A 108 25.00 45.07 -34.88
CA GLY A 108 25.93 45.83 -34.05
C GLY A 108 26.84 44.92 -33.25
N THR A 109 26.27 43.89 -32.64
CA THR A 109 27.08 42.94 -31.86
C THR A 109 28.06 42.19 -32.75
N ILE A 110 27.62 41.77 -33.95
CA ILE A 110 28.53 41.09 -34.87
C ILE A 110 29.66 42.02 -35.29
N PHE A 111 29.34 43.27 -35.61
CA PHE A 111 30.35 44.22 -36.08
C PHE A 111 31.38 44.50 -35.01
N THR A 112 30.95 44.64 -33.75
CA THR A 112 31.91 44.98 -32.71
C THR A 112 32.68 43.75 -32.22
N GLU A 113 31.99 42.64 -31.97
CA GLU A 113 32.57 41.53 -31.23
C GLU A 113 33.20 40.46 -32.10
N GLN A 114 32.68 40.20 -33.30
CA GLN A 114 33.14 39.07 -34.08
C GLN A 114 34.48 39.37 -34.76
N ALA A 115 35.12 38.32 -35.27
CA ALA A 115 36.44 38.46 -35.88
C ALA A 115 36.36 39.26 -37.18
N LYS A 116 35.43 38.90 -38.06
CA LYS A 116 35.16 39.66 -39.26
C LYS A 116 33.71 40.13 -39.23
N PRO A 117 33.45 41.41 -39.48
CA PRO A 117 32.06 41.87 -39.53
C PRO A 117 31.31 41.23 -40.68
N TYR A 118 30.01 41.49 -40.73
CA TYR A 118 29.17 40.99 -41.80
C TYR A 118 29.12 42.01 -42.93
N GLU A 119 29.36 41.55 -44.15
CA GLU A 119 29.29 42.41 -45.33
C GLU A 119 27.88 42.38 -45.92
N VAL A 120 26.91 42.79 -45.10
CA VAL A 120 25.50 42.69 -45.45
C VAL A 120 24.83 44.05 -45.25
N GLU A 121 23.75 44.25 -45.99
CA GLU A 121 22.91 45.43 -45.83
C GLU A 121 21.47 44.96 -45.99
N LEU A 122 20.63 45.22 -44.99
CA LEU A 122 19.31 44.62 -44.87
C LEU A 122 18.21 45.65 -45.03
N CYS A 123 17.07 45.19 -45.54
CA CYS A 123 15.84 45.96 -45.57
C CYS A 123 14.72 45.06 -45.10
N VAL A 124 13.98 45.54 -44.10
CA VAL A 124 12.79 44.87 -43.59
C VAL A 124 11.60 45.73 -43.99
N ALA A 125 10.64 45.12 -44.70
CA ALA A 125 9.48 45.84 -45.19
C ALA A 125 8.22 45.27 -44.57
N GLU A 126 7.32 46.16 -44.16
CA GLU A 126 6.03 45.74 -43.63
C GLU A 126 4.92 46.46 -44.39
N VAL A 127 3.86 45.74 -44.68
CA VAL A 127 2.66 46.30 -45.28
C VAL A 127 1.53 46.21 -44.27
N ALA A 128 0.48 46.99 -44.52
CA ALA A 128 -0.69 46.98 -43.66
C ALA A 128 -1.39 45.63 -43.76
N HIS A 129 -2.11 45.29 -42.69
CA HIS A 129 -2.86 44.04 -42.69
C HIS A 129 -4.04 44.15 -43.66
N TYR A 130 -4.68 43.00 -43.89
CA TYR A 130 -5.76 42.93 -44.88
C TYR A 130 -6.94 43.79 -44.46
N GLY A 131 -7.46 44.56 -45.41
CA GLY A 131 -8.59 45.42 -45.16
C GLY A 131 -8.27 46.68 -44.39
N GLU A 132 -6.99 46.97 -44.14
CA GLU A 132 -6.58 48.14 -43.41
C GLU A 132 -5.74 49.03 -44.32
N THR A 133 -5.71 50.32 -43.99
CA THR A 133 -4.91 51.28 -44.74
C THR A 133 -3.76 51.76 -43.86
N LYS A 134 -2.56 51.76 -44.43
CA LYS A 134 -1.35 52.22 -43.78
C LYS A 134 -0.24 52.24 -44.81
N ARG A 135 0.56 53.30 -44.80
CA ARG A 135 1.71 53.35 -45.67
C ARG A 135 2.66 52.20 -45.34
N PRO A 136 3.23 51.52 -46.34
CA PRO A 136 4.24 50.50 -46.04
C PRO A 136 5.45 51.11 -45.36
N GLU A 137 6.01 50.37 -44.41
CA GLU A 137 7.21 50.77 -43.70
C GLU A 137 8.41 50.05 -44.29
N LEU A 138 9.51 50.78 -44.48
CA LEU A 138 10.76 50.23 -44.95
C LEU A 138 11.86 50.63 -43.96
N TYR A 139 12.58 49.64 -43.44
CA TYR A 139 13.68 49.87 -42.52
C TYR A 139 14.95 49.35 -43.14
N ARG A 140 16.00 50.17 -43.14
CA ARG A 140 17.30 49.78 -43.62
C ARG A 140 18.25 49.60 -42.44
N ILE A 141 18.93 48.47 -42.40
CA ILE A 141 19.92 48.16 -41.37
C ILE A 141 21.27 47.99 -42.05
N THR A 142 22.29 48.66 -41.52
CA THR A 142 23.62 48.61 -42.09
C THR A 142 24.50 47.64 -41.31
N TYR A 143 25.73 47.47 -41.78
CA TYR A 143 26.62 46.45 -41.23
C TYR A 143 27.01 46.72 -39.78
N ASP A 144 26.92 47.95 -39.32
CA ASP A 144 27.34 48.32 -37.96
C ASP A 144 26.17 48.40 -37.00
N GLY A 145 24.97 48.02 -37.43
CA GLY A 145 23.80 48.07 -36.58
C GLY A 145 22.94 49.30 -36.74
N SER A 146 23.34 50.26 -37.57
CA SER A 146 22.54 51.46 -37.76
C SER A 146 21.25 51.13 -38.48
N ILE A 147 20.15 51.74 -38.03
CA ILE A 147 18.82 51.47 -38.58
C ILE A 147 18.17 52.81 -38.94
N ALA A 148 17.53 52.84 -40.11
CA ALA A 148 16.90 54.06 -40.61
C ALA A 148 15.54 53.71 -41.21
N ASP A 149 14.60 54.66 -41.10
CA ASP A 149 13.25 54.50 -41.64
C ASP A 149 13.19 55.24 -42.98
N GLU A 150 13.16 54.49 -44.08
CA GLU A 150 13.11 55.09 -45.40
C GLU A 150 11.67 55.13 -45.89
N PRO A 151 11.10 56.31 -46.12
CA PRO A 151 9.67 56.39 -46.43
C PRO A 151 9.29 55.93 -47.83
N HIS A 152 10.19 56.02 -48.80
CA HIS A 152 9.83 55.75 -50.20
C HIS A 152 10.50 54.50 -50.75
N PHE A 153 11.81 54.37 -50.61
CA PHE A 153 12.52 53.24 -51.19
C PHE A 153 13.83 53.03 -50.46
N VAL A 154 14.37 51.83 -50.62
CA VAL A 154 15.69 51.47 -50.12
C VAL A 154 16.48 50.87 -51.28
N VAL A 155 17.75 51.25 -51.39
CA VAL A 155 18.64 50.76 -52.44
C VAL A 155 19.85 50.10 -51.79
N MET A 156 20.38 49.07 -52.45
CA MET A 156 21.32 48.14 -51.85
C MET A 156 22.45 47.76 -52.80
N GLY A 157 23.63 47.57 -52.22
CA GLY A 157 24.72 46.91 -52.91
C GLY A 157 25.29 47.70 -54.06
N GLY A 158 26.53 47.37 -54.44
CA GLY A 158 27.13 48.06 -55.56
C GLY A 158 27.28 49.54 -55.28
N THR A 159 27.22 50.32 -56.35
CA THR A 159 27.27 51.78 -56.25
C THR A 159 25.82 52.28 -56.24
N THR A 160 25.35 52.68 -55.06
CA THR A 160 23.96 53.04 -54.89
C THR A 160 23.66 54.50 -55.23
N GLU A 161 24.67 55.33 -55.45
CA GLU A 161 24.41 56.74 -55.74
C GLU A 161 23.64 56.93 -57.05
N PRO A 162 24.07 56.38 -58.19
CA PRO A 162 23.28 56.58 -59.41
C PRO A 162 21.89 55.97 -59.34
N ILE A 163 21.78 54.77 -58.75
CA ILE A 163 20.48 54.10 -58.65
C ILE A 163 19.54 54.91 -57.77
N ALA A 164 20.03 55.41 -56.64
CA ALA A 164 19.21 56.21 -55.75
C ALA A 164 18.82 57.53 -56.40
N ASN A 165 19.73 58.14 -57.16
CA ASN A 165 19.40 59.39 -57.85
C ASN A 165 18.32 59.16 -58.91
N ALA A 166 18.45 58.08 -59.68
CA ALA A 166 17.44 57.78 -60.69
C ALA A 166 16.09 57.46 -60.05
N LEU A 167 16.10 56.71 -58.95
CA LEU A 167 14.86 56.44 -58.24
C LEU A 167 14.24 57.73 -57.72
N LYS A 168 15.06 58.62 -57.15
CA LYS A 168 14.56 59.89 -56.63
C LYS A 168 13.95 60.73 -57.74
N GLU A 169 14.60 60.78 -58.90
CA GLU A 169 14.09 61.61 -59.98
C GLU A 169 12.83 61.01 -60.61
N SER A 170 12.70 59.68 -60.59
CA SER A 170 11.62 59.03 -61.32
C SER A 170 10.56 58.37 -60.44
N TYR A 171 10.71 58.42 -59.13
CA TYR A 171 9.76 57.72 -58.26
C TYR A 171 8.37 58.35 -58.34
N ALA A 172 7.36 57.49 -58.38
CA ALA A 172 5.96 57.92 -58.37
C ALA A 172 5.24 57.20 -57.23
N GLU A 173 4.75 57.96 -56.26
CA GLU A 173 3.97 57.38 -55.18
C GLU A 173 2.66 56.83 -55.73
N ASN A 174 2.22 55.70 -55.18
CA ASN A 174 0.96 55.05 -55.58
C ASN A 174 0.96 54.69 -57.06
N ALA A 175 2.08 54.16 -57.54
CA ALA A 175 2.14 53.66 -58.91
C ALA A 175 1.59 52.24 -58.98
N SER A 176 1.27 51.81 -60.20
CA SER A 176 0.82 50.44 -60.39
C SER A 176 2.02 49.49 -60.36
N LEU A 177 1.73 48.19 -60.33
CA LEU A 177 2.80 47.20 -60.27
C LEU A 177 3.66 47.23 -61.53
N THR A 178 3.02 47.38 -62.70
CA THR A 178 3.78 47.50 -63.95
C THR A 178 4.66 48.75 -63.91
N ASP A 179 4.09 49.89 -63.51
CA ASP A 179 4.84 51.13 -63.46
C ASP A 179 6.01 51.04 -62.49
N ALA A 180 5.75 50.48 -61.30
CA ALA A 180 6.80 50.35 -60.30
C ALA A 180 7.91 49.42 -60.78
N LEU A 181 7.54 48.30 -61.40
CA LEU A 181 8.55 47.37 -61.89
C LEU A 181 9.42 48.00 -62.97
N ARG A 182 8.80 48.71 -63.92
CA ARG A 182 9.57 49.39 -64.96
C ARG A 182 10.50 50.42 -64.33
N ILE A 183 10.00 51.20 -63.37
CA ILE A 183 10.80 52.24 -62.75
C ILE A 183 11.99 51.61 -62.01
N ALA A 184 11.75 50.54 -61.27
CA ALA A 184 12.81 49.90 -60.51
C ALA A 184 13.88 49.33 -61.43
N VAL A 185 13.46 48.65 -62.51
CA VAL A 185 14.43 48.07 -63.43
C VAL A 185 15.24 49.16 -64.11
N ALA A 186 14.59 50.23 -64.55
CA ALA A 186 15.30 51.33 -65.21
C ALA A 186 16.32 51.96 -64.27
N ALA A 187 15.94 52.18 -63.01
CA ALA A 187 16.89 52.74 -62.05
C ALA A 187 18.02 51.76 -61.75
N LEU A 188 17.70 50.46 -61.74
CA LEU A 188 18.70 49.44 -61.46
C LEU A 188 19.73 49.34 -62.57
N ARG A 189 19.32 49.62 -63.81
CA ARG A 189 20.26 49.55 -64.93
C ARG A 189 21.40 50.55 -64.77
N ALA A 190 21.08 51.77 -64.35
CA ALA A 190 22.10 52.80 -64.19
C ALA A 190 23.02 52.48 -63.03
N LEU A 203 17.35 44.72 -67.71
CA LEU A 203 17.59 43.35 -67.30
C LEU A 203 16.37 42.48 -67.60
N GLY A 204 16.63 41.28 -68.11
CA GLY A 204 15.56 40.39 -68.52
C GLY A 204 14.99 39.60 -67.38
N VAL A 205 14.19 38.58 -67.75
CA VAL A 205 13.63 37.67 -66.75
C VAL A 205 14.76 36.96 -66.01
N ALA A 206 15.78 36.52 -66.73
CA ALA A 206 16.99 36.04 -66.08
C ALA A 206 17.73 37.19 -65.43
N SER A 207 18.56 36.86 -64.44
CA SER A 207 19.34 37.85 -63.69
C SER A 207 18.44 38.86 -62.97
N LEU A 208 17.24 38.44 -62.61
CA LEU A 208 16.31 39.30 -61.89
C LEU A 208 15.48 38.45 -60.94
N GLU A 209 15.46 38.84 -59.67
CA GLU A 209 14.61 38.25 -58.65
C GLU A 209 13.60 39.30 -58.22
N VAL A 210 12.31 39.01 -58.44
CA VAL A 210 11.25 39.98 -58.23
C VAL A 210 10.23 39.37 -57.27
N ALA A 211 9.80 40.17 -56.29
CA ALA A 211 8.77 39.72 -55.37
C ALA A 211 7.96 40.93 -54.91
N VAL A 212 6.78 40.64 -54.36
CA VAL A 212 5.91 41.68 -53.82
C VAL A 212 5.44 41.27 -52.43
N LEU A 213 5.46 42.22 -51.52
CA LEU A 213 4.60 42.19 -50.34
C LEU A 213 3.27 42.79 -50.79
N ASP A 214 2.28 41.91 -50.97
CA ASP A 214 1.01 42.25 -51.60
C ASP A 214 -0.01 42.53 -50.50
N ALA A 215 -0.35 43.81 -50.31
CA ALA A 215 -1.20 44.21 -49.19
C ALA A 215 -2.63 43.70 -49.30
N ASN A 216 -3.05 43.20 -50.46
CA ASN A 216 -4.41 42.72 -50.64
C ASN A 216 -4.60 41.25 -50.31
N ARG A 217 -3.52 40.50 -50.12
CA ARG A 217 -3.65 39.10 -49.74
C ARG A 217 -4.21 38.99 -48.33
N PRO A 218 -5.04 37.98 -48.06
CA PRO A 218 -5.68 37.87 -46.74
C PRO A 218 -4.70 37.76 -45.58
N ARG A 219 -3.82 36.76 -45.61
CA ARG A 219 -2.88 36.56 -44.51
C ARG A 219 -1.43 36.75 -44.93
N ARG A 220 -0.94 36.00 -45.90
CA ARG A 220 0.46 36.03 -46.28
C ARG A 220 0.62 36.93 -47.50
N ALA A 221 1.35 38.04 -47.32
CA ALA A 221 1.46 39.06 -48.36
C ALA A 221 2.59 38.78 -49.34
N PHE A 222 3.53 37.92 -49.00
CA PHE A 222 4.69 37.70 -49.86
C PHE A 222 4.35 36.80 -51.03
N ARG A 223 4.77 37.22 -52.22
CA ARG A 223 4.48 36.49 -53.45
C ARG A 223 5.61 36.72 -54.44
N ARG A 224 6.12 35.63 -55.02
CA ARG A 224 7.21 35.73 -55.98
C ARG A 224 6.66 35.85 -57.39
N ILE A 225 7.29 36.72 -58.18
CA ILE A 225 6.86 37.01 -59.54
C ILE A 225 7.98 36.55 -60.46
N THR A 226 7.83 35.36 -61.03
CA THR A 226 8.85 34.77 -61.88
C THR A 226 8.20 34.21 -63.14
N GLY A 227 9.05 33.87 -64.11
CA GLY A 227 8.61 33.16 -65.31
C GLY A 227 7.74 33.95 -66.27
N SER A 228 6.64 33.33 -66.70
CA SER A 228 5.78 33.96 -67.71
C SER A 228 5.07 35.18 -67.14
N ALA A 229 4.66 35.12 -65.86
CA ALA A 229 4.01 36.28 -65.25
C ALA A 229 4.96 37.47 -65.19
N LEU A 230 6.22 37.23 -64.82
CA LEU A 230 7.20 38.31 -64.79
C LEU A 230 7.48 38.82 -66.19
N GLN A 231 7.51 37.93 -67.18
CA GLN A 231 7.71 38.35 -68.57
C GLN A 231 6.59 39.28 -69.02
N ALA A 232 5.33 38.90 -68.77
CA ALA A 232 4.21 39.75 -69.14
C ALA A 232 4.24 41.06 -68.36
N LEU A 233 4.62 41.02 -67.09
CA LEU A 233 4.67 42.23 -66.28
C LEU A 233 5.82 43.13 -66.71
N LEU A 234 6.95 42.55 -67.08
CA LEU A 234 8.12 43.33 -67.47
C LEU A 234 8.03 43.78 -68.93
N SER B 8 -45.06 -54.48 31.30
CA SER B 8 -43.79 -55.18 31.19
C SER B 8 -43.12 -54.93 29.85
N PRO B 9 -41.87 -54.47 29.88
CA PRO B 9 -41.13 -54.30 28.62
C PRO B 9 -41.00 -55.58 27.83
N GLU B 10 -40.87 -56.73 28.51
CA GLU B 10 -40.63 -57.99 27.81
C GLU B 10 -41.79 -58.36 26.90
N GLN B 11 -43.03 -58.08 27.32
CA GLN B 11 -44.19 -58.34 26.46
C GLN B 11 -44.09 -57.53 25.18
N ALA B 12 -43.72 -56.26 25.29
CA ALA B 12 -43.54 -55.43 24.11
C ALA B 12 -42.41 -55.96 23.23
N MET B 13 -41.32 -56.41 23.84
CA MET B 13 -40.21 -56.95 23.07
C MET B 13 -40.62 -58.20 22.30
N ARG B 14 -41.37 -59.08 22.95
CA ARG B 14 -41.84 -60.29 22.27
C ARG B 14 -42.80 -59.94 21.13
N GLU B 15 -43.68 -58.97 21.36
CA GLU B 15 -44.59 -58.53 20.29
C GLU B 15 -43.81 -57.97 19.11
N ARG B 16 -42.80 -57.15 19.38
CA ARG B 16 -42.00 -56.56 18.32
C ARG B 16 -41.22 -57.64 17.56
N SER B 17 -40.62 -58.59 18.30
CA SER B 17 -39.89 -59.67 17.66
C SER B 17 -40.80 -60.51 16.78
N GLU B 18 -42.01 -60.81 17.27
CA GLU B 18 -42.92 -61.64 16.48
C GLU B 18 -43.44 -60.88 15.27
N LEU B 19 -43.66 -59.57 15.40
CA LEU B 19 -44.01 -58.75 14.25
C LEU B 19 -42.92 -58.82 13.19
N ALA B 20 -41.66 -58.73 13.61
CA ALA B 20 -40.56 -58.76 12.66
C ALA B 20 -40.43 -60.11 11.98
N ARG B 21 -40.52 -61.21 12.74
CA ARG B 21 -40.42 -62.53 12.10
C ARG B 21 -41.60 -62.77 11.17
N LYS B 22 -42.78 -62.26 11.52
CA LYS B 22 -43.91 -62.40 10.60
C LYS B 22 -43.68 -61.60 9.33
N GLY B 23 -43.20 -60.36 9.45
CA GLY B 23 -42.95 -59.55 8.27
C GLY B 23 -41.92 -60.17 7.34
N ILE B 24 -40.84 -60.70 7.91
CA ILE B 24 -39.85 -61.40 7.09
C ILE B 24 -40.44 -62.70 6.53
N ALA B 25 -41.35 -63.34 7.28
CA ALA B 25 -41.91 -64.61 6.85
C ALA B 25 -42.73 -64.45 5.59
N ARG B 26 -43.51 -63.37 5.48
CA ARG B 26 -44.29 -63.10 4.27
C ARG B 26 -43.44 -62.27 3.32
N ALA B 27 -42.46 -62.94 2.71
CA ALA B 27 -41.62 -62.34 1.69
C ALA B 27 -41.10 -63.45 0.80
N LYS B 28 -40.29 -63.07 -0.20
CA LYS B 28 -39.68 -64.04 -1.07
C LYS B 28 -38.44 -64.64 -0.41
N SER B 29 -37.79 -65.57 -1.12
CA SER B 29 -36.64 -66.28 -0.60
C SER B 29 -35.38 -65.95 -1.40
N VAL B 30 -34.28 -65.74 -0.68
CA VAL B 30 -32.98 -65.42 -1.25
C VAL B 30 -31.99 -66.49 -0.83
N VAL B 31 -31.15 -66.93 -1.75
CA VAL B 31 -30.10 -67.90 -1.46
C VAL B 31 -28.77 -67.33 -1.95
N ALA B 32 -27.82 -67.18 -1.02
CA ALA B 32 -26.48 -66.74 -1.34
C ALA B 32 -25.53 -67.88 -1.00
N LEU B 33 -24.98 -68.53 -2.01
CA LEU B 33 -24.17 -69.72 -1.79
C LEU B 33 -22.76 -69.52 -2.33
N ALA B 34 -21.77 -69.99 -1.58
CA ALA B 34 -20.37 -69.84 -1.95
C ALA B 34 -19.95 -70.99 -2.85
N TYR B 35 -19.39 -70.65 -4.02
CA TYR B 35 -18.89 -71.64 -4.96
C TYR B 35 -17.47 -71.28 -5.33
N ALA B 36 -16.87 -72.09 -6.22
CA ALA B 36 -15.44 -71.98 -6.50
C ALA B 36 -15.07 -70.59 -7.01
N GLY B 37 -15.88 -70.03 -7.89
CA GLY B 37 -15.61 -68.72 -8.43
C GLY B 37 -15.96 -67.56 -7.53
N GLY B 38 -16.51 -67.81 -6.34
CA GLY B 38 -16.86 -66.73 -5.46
C GLY B 38 -18.18 -66.96 -4.73
N VAL B 39 -19.12 -66.03 -4.87
CA VAL B 39 -20.44 -66.17 -4.26
C VAL B 39 -21.50 -65.95 -5.33
N LEU B 40 -22.59 -66.71 -5.24
CA LEU B 40 -23.69 -66.59 -6.18
C LEU B 40 -24.97 -66.28 -5.42
N PHE B 41 -25.66 -65.21 -5.84
CA PHE B 41 -26.91 -64.78 -5.25
C PHE B 41 -28.04 -65.10 -6.21
N VAL B 42 -29.07 -65.79 -5.71
CA VAL B 42 -30.27 -66.11 -6.48
C VAL B 42 -31.50 -65.75 -5.65
N ALA B 43 -32.40 -64.98 -6.22
CA ALA B 43 -33.61 -64.54 -5.53
C ALA B 43 -34.81 -64.71 -6.43
N GLU B 44 -35.92 -65.14 -5.84
CA GLU B 44 -37.21 -65.19 -6.55
C GLU B 44 -37.76 -63.77 -6.56
N ASN B 45 -37.39 -63.01 -7.58
CA ASN B 45 -37.79 -61.61 -7.71
C ASN B 45 -38.64 -61.45 -8.97
N PRO B 46 -39.96 -61.51 -8.86
CA PRO B 46 -40.80 -61.38 -10.06
C PRO B 46 -40.62 -60.07 -10.79
N SER B 47 -40.40 -58.98 -10.05
CA SER B 47 -40.29 -57.66 -10.66
C SER B 47 -39.00 -57.55 -11.47
N ARG B 48 -39.09 -56.86 -12.60
CA ARG B 48 -37.93 -56.55 -13.44
C ARG B 48 -37.28 -55.23 -13.07
N SER B 49 -37.81 -54.54 -12.07
CA SER B 49 -37.34 -53.21 -11.67
C SER B 49 -36.77 -53.15 -10.26
N LEU B 50 -37.46 -53.73 -9.29
CA LEU B 50 -36.97 -53.73 -7.91
C LEU B 50 -35.84 -54.74 -7.79
N GLN B 51 -34.69 -54.29 -7.28
CA GLN B 51 -33.49 -55.10 -7.19
C GLN B 51 -33.19 -55.38 -5.72
N LYS B 52 -33.30 -56.65 -5.32
CA LYS B 52 -33.06 -57.06 -3.95
C LYS B 52 -31.66 -57.65 -3.74
N ILE B 53 -30.85 -57.71 -4.79
CA ILE B 53 -29.44 -58.07 -4.70
C ILE B 53 -28.65 -56.97 -5.36
N SER B 54 -27.66 -56.42 -4.67
CA SER B 54 -26.87 -55.33 -5.20
C SER B 54 -25.41 -55.49 -4.80
N GLU B 55 -24.60 -54.54 -5.23
CA GLU B 55 -23.17 -54.51 -4.92
C GLU B 55 -22.90 -53.43 -3.87
N LEU B 56 -22.14 -53.80 -2.85
CA LEU B 56 -21.74 -52.84 -1.82
C LEU B 56 -20.40 -52.20 -2.14
N TYR B 57 -19.41 -53.03 -2.46
CA TYR B 57 -18.07 -52.54 -2.74
C TYR B 57 -17.36 -53.56 -3.64
N ASP B 58 -16.09 -53.28 -3.93
CA ASP B 58 -15.38 -53.99 -5.01
C ASP B 58 -15.51 -55.50 -4.88
N ARG B 59 -15.37 -56.04 -3.66
CA ARG B 59 -15.52 -57.46 -3.43
C ARG B 59 -16.61 -57.77 -2.41
N VAL B 60 -17.49 -56.81 -2.13
CA VAL B 60 -18.53 -56.99 -1.11
C VAL B 60 -19.89 -56.88 -1.79
N GLY B 61 -20.69 -57.92 -1.68
CA GLY B 61 -22.02 -57.97 -2.24
C GLY B 61 -23.11 -58.05 -1.18
N PHE B 62 -24.31 -57.62 -1.54
CA PHE B 62 -25.40 -57.40 -0.60
C PHE B 62 -26.65 -58.14 -1.08
N ALA B 63 -27.31 -58.83 -0.16
CA ALA B 63 -28.58 -59.47 -0.43
C ALA B 63 -29.51 -59.21 0.75
N ALA B 64 -30.81 -59.21 0.49
CA ALA B 64 -31.75 -58.83 1.53
C ALA B 64 -33.07 -59.56 1.35
N ALA B 65 -33.83 -59.63 2.44
CA ALA B 65 -35.18 -60.19 2.42
C ALA B 65 -36.06 -59.42 3.37
N GLY B 66 -37.28 -59.11 2.95
CA GLY B 66 -38.22 -58.40 3.80
C GLY B 66 -38.83 -57.23 3.08
N LYS B 67 -39.23 -56.23 3.85
CA LYS B 67 -39.87 -55.05 3.28
C LYS B 67 -38.88 -54.25 2.45
N PHE B 68 -39.31 -53.87 1.25
CA PHE B 68 -38.36 -53.40 0.25
C PHE B 68 -37.67 -52.10 0.67
N ASN B 69 -38.44 -51.08 1.06
CA ASN B 69 -37.83 -49.78 1.27
C ASN B 69 -36.86 -49.79 2.45
N GLU B 70 -37.11 -50.64 3.46
CA GLU B 70 -36.18 -50.75 4.57
C GLU B 70 -34.81 -51.20 4.11
N PHE B 71 -34.74 -52.32 3.38
CA PHE B 71 -33.42 -52.78 2.97
C PHE B 71 -32.88 -51.99 1.79
N ASP B 72 -33.71 -51.27 1.05
CA ASP B 72 -33.17 -50.33 0.07
C ASP B 72 -32.45 -49.19 0.76
N ASN B 73 -33.02 -48.65 1.83
CA ASN B 73 -32.34 -47.62 2.61
C ASN B 73 -31.08 -48.18 3.27
N LEU B 74 -31.15 -49.41 3.78
CA LEU B 74 -29.97 -50.03 4.36
C LEU B 74 -28.88 -50.25 3.32
N ARG B 75 -29.27 -50.66 2.12
CA ARG B 75 -28.32 -50.85 1.02
C ARG B 75 -27.65 -49.53 0.65
N ARG B 76 -28.44 -48.45 0.56
CA ARG B 76 -27.87 -47.16 0.22
C ARG B 76 -26.93 -46.66 1.31
N GLY B 77 -27.30 -46.85 2.58
CA GLY B 77 -26.41 -46.47 3.67
C GLY B 77 -25.13 -47.28 3.68
N GLY B 78 -25.21 -48.58 3.39
CA GLY B 78 -24.02 -49.41 3.33
C GLY B 78 -23.11 -49.02 2.19
N ILE B 79 -23.69 -48.71 1.03
CA ILE B 79 -22.90 -48.24 -0.10
C ILE B 79 -22.20 -46.93 0.25
N GLN B 80 -22.93 -46.02 0.89
CA GLN B 80 -22.34 -44.75 1.30
C GLN B 80 -21.20 -44.96 2.29
N PHE B 81 -21.39 -45.82 3.28
CA PHE B 81 -20.35 -46.09 4.25
C PHE B 81 -19.12 -46.71 3.59
N ALA B 82 -19.33 -47.68 2.70
CA ALA B 82 -18.21 -48.32 2.02
C ALA B 82 -17.44 -47.33 1.16
N ASP B 83 -18.15 -46.46 0.43
CA ASP B 83 -17.49 -45.46 -0.38
C ASP B 83 -16.68 -44.49 0.47
N THR B 84 -17.28 -44.02 1.58
CA THR B 84 -16.58 -43.08 2.44
C THR B 84 -15.34 -43.72 3.07
N ARG B 85 -15.46 -44.97 3.52
CA ARG B 85 -14.33 -45.64 4.14
C ARG B 85 -13.23 -45.93 3.12
N GLY B 86 -13.60 -46.33 1.91
CA GLY B 86 -12.61 -46.59 0.88
C GLY B 86 -11.89 -45.33 0.43
N TYR B 87 -12.60 -44.21 0.40
CA TYR B 87 -11.96 -42.96 0.05
C TYR B 87 -11.06 -42.46 1.18
N ALA B 88 -11.50 -42.62 2.44
CA ALA B 88 -10.76 -42.07 3.56
C ALA B 88 -9.41 -42.76 3.72
N TYR B 89 -9.38 -44.08 3.61
CA TYR B 89 -8.14 -44.82 3.82
C TYR B 89 -7.64 -45.51 2.56
N ASP B 90 -8.40 -46.44 2.00
CA ASP B 90 -8.00 -47.18 0.81
C ASP B 90 -9.11 -48.15 0.45
N ARG B 91 -9.13 -48.57 -0.82
CA ARG B 91 -10.14 -49.51 -1.27
C ARG B 91 -9.99 -50.86 -0.59
N ARG B 92 -8.75 -51.33 -0.39
CA ARG B 92 -8.53 -52.62 0.24
C ARG B 92 -8.74 -52.60 1.73
N ASP B 93 -8.95 -51.43 2.33
CA ASP B 93 -9.24 -51.34 3.76
C ASP B 93 -10.71 -51.55 4.07
N VAL B 94 -11.57 -51.63 3.07
CA VAL B 94 -12.98 -51.93 3.26
C VAL B 94 -13.15 -53.44 3.18
N THR B 95 -13.71 -54.03 4.23
CA THR B 95 -13.97 -55.45 4.29
C THR B 95 -15.45 -55.69 4.57
N GLY B 96 -15.88 -56.94 4.36
CA GLY B 96 -17.26 -57.29 4.64
C GLY B 96 -17.56 -57.33 6.12
N ARG B 97 -16.55 -57.56 6.95
CA ARG B 97 -16.78 -57.62 8.40
C ARG B 97 -17.20 -56.26 8.94
N GLN B 98 -16.55 -55.18 8.51
CA GLN B 98 -16.93 -53.85 8.98
C GLN B 98 -18.35 -53.50 8.54
N LEU B 99 -18.70 -53.83 7.30
CA LEU B 99 -20.05 -53.55 6.81
C LEU B 99 -21.09 -54.35 7.58
N ALA B 100 -20.80 -55.63 7.86
CA ALA B 100 -21.72 -56.44 8.64
C ALA B 100 -21.88 -55.88 10.05
N ASN B 101 -20.78 -55.40 10.65
CA ASN B 101 -20.86 -54.82 11.99
C ASN B 101 -21.69 -53.56 12.00
N VAL B 102 -21.52 -52.70 10.98
CA VAL B 102 -22.29 -51.46 10.92
C VAL B 102 -23.77 -51.78 10.70
N TYR B 103 -24.05 -52.78 9.87
CA TYR B 103 -25.44 -53.21 9.68
C TYR B 103 -26.05 -53.72 10.97
N ALA B 104 -25.30 -54.53 11.73
CA ALA B 104 -25.80 -55.02 13.00
C ALA B 104 -26.05 -53.88 13.97
N GLN B 105 -25.12 -52.92 14.03
CA GLN B 105 -25.29 -51.76 14.89
C GLN B 105 -26.57 -50.99 14.55
N THR B 106 -26.75 -50.67 13.27
CA THR B 106 -27.90 -49.86 12.89
C THR B 106 -29.21 -50.63 13.04
N LEU B 107 -29.20 -51.95 12.81
CA LEU B 107 -30.42 -52.73 12.99
C LEU B 107 -30.78 -52.82 14.47
N GLY B 108 -29.79 -53.02 15.34
CA GLY B 108 -30.08 -53.01 16.77
C GLY B 108 -30.60 -51.66 17.24
N THR B 109 -30.00 -50.57 16.76
CA THR B 109 -30.47 -49.25 17.14
C THR B 109 -31.89 -48.99 16.64
N ILE B 110 -32.21 -49.42 15.43
CA ILE B 110 -33.56 -49.27 14.90
C ILE B 110 -34.55 -50.09 15.72
N PHE B 111 -34.18 -51.34 16.05
CA PHE B 111 -35.06 -52.19 16.85
C PHE B 111 -35.34 -51.55 18.20
N THR B 112 -34.31 -51.01 18.85
CA THR B 112 -34.48 -50.51 20.21
C THR B 112 -35.14 -49.13 20.23
N GLU B 113 -34.48 -48.13 19.63
CA GLU B 113 -34.95 -46.75 19.76
C GLU B 113 -36.20 -46.50 18.92
N GLN B 114 -36.20 -46.93 17.67
CA GLN B 114 -37.29 -46.59 16.76
C GLN B 114 -38.55 -47.37 17.13
N ALA B 115 -39.70 -46.76 16.84
CA ALA B 115 -40.97 -47.38 17.18
C ALA B 115 -41.27 -48.59 16.29
N LYS B 116 -41.06 -48.46 14.99
CA LYS B 116 -41.38 -49.53 14.06
C LYS B 116 -40.11 -50.29 13.70
N PRO B 117 -40.00 -51.55 14.10
CA PRO B 117 -38.81 -52.34 13.75
C PRO B 117 -38.73 -52.62 12.25
N TYR B 118 -37.50 -52.77 11.78
CA TYR B 118 -37.25 -53.10 10.38
C TYR B 118 -37.42 -54.60 10.18
N GLU B 119 -38.37 -54.99 9.34
CA GLU B 119 -38.64 -56.40 9.08
C GLU B 119 -37.76 -56.89 7.95
N VAL B 120 -36.46 -56.90 8.22
CA VAL B 120 -35.45 -57.11 7.18
C VAL B 120 -34.38 -58.07 7.70
N GLU B 121 -33.93 -58.95 6.81
CA GLU B 121 -32.76 -59.80 7.03
C GLU B 121 -31.74 -59.45 5.96
N LEU B 122 -30.47 -59.28 6.37
CA LEU B 122 -29.41 -58.87 5.46
C LEU B 122 -28.34 -59.95 5.36
N CYS B 123 -27.74 -60.04 4.18
CA CYS B 123 -26.59 -60.91 3.94
C CYS B 123 -25.50 -60.07 3.29
N VAL B 124 -24.32 -60.07 3.90
CA VAL B 124 -23.14 -59.43 3.33
C VAL B 124 -22.15 -60.53 2.97
N ALA B 125 -21.75 -60.57 1.71
CA ALA B 125 -20.81 -61.57 1.23
C ALA B 125 -19.52 -60.89 0.81
N GLU B 126 -18.39 -61.47 1.21
CA GLU B 126 -17.09 -60.98 0.77
C GLU B 126 -16.32 -62.12 0.11
N VAL B 127 -15.64 -61.78 -0.99
CA VAL B 127 -14.76 -62.71 -1.68
C VAL B 127 -13.35 -62.14 -1.63
N ALA B 128 -12.37 -63.03 -1.85
CA ALA B 128 -10.98 -62.62 -1.82
C ALA B 128 -10.65 -61.72 -3.01
N HIS B 129 -9.59 -60.94 -2.86
CA HIS B 129 -9.22 -60.04 -3.94
C HIS B 129 -8.53 -60.82 -5.06
N TYR B 130 -8.26 -60.12 -6.15
CA TYR B 130 -7.65 -60.74 -7.32
C TYR B 130 -6.21 -61.12 -7.01
N GLY B 131 -5.85 -62.36 -7.33
CA GLY B 131 -4.53 -62.87 -7.01
C GLY B 131 -4.36 -63.42 -5.61
N GLU B 132 -5.45 -63.59 -4.86
CA GLU B 132 -5.40 -64.17 -3.52
C GLU B 132 -6.40 -65.30 -3.42
N THR B 133 -6.18 -66.17 -2.44
CA THR B 133 -7.04 -67.31 -2.17
C THR B 133 -7.55 -67.22 -0.74
N LYS B 134 -8.87 -67.15 -0.59
CA LYS B 134 -9.50 -67.08 0.72
C LYS B 134 -10.92 -67.60 0.59
N ARG B 135 -11.41 -68.24 1.65
CA ARG B 135 -12.77 -68.73 1.64
C ARG B 135 -13.74 -67.54 1.73
N PRO B 136 -14.70 -67.44 0.82
CA PRO B 136 -15.67 -66.34 0.89
C PRO B 136 -16.40 -66.37 2.22
N GLU B 137 -16.64 -65.18 2.79
CA GLU B 137 -17.27 -65.08 4.10
C GLU B 137 -18.65 -64.45 3.97
N LEU B 138 -19.65 -65.13 4.50
CA LEU B 138 -21.04 -64.70 4.47
C LEU B 138 -21.49 -64.36 5.88
N TYR B 139 -22.04 -63.15 6.05
CA TYR B 139 -22.52 -62.67 7.33
C TYR B 139 -24.01 -62.40 7.21
N ARG B 140 -24.81 -63.09 8.03
CA ARG B 140 -26.24 -62.85 8.07
C ARG B 140 -26.57 -61.99 9.28
N ILE B 141 -27.27 -60.89 9.05
CA ILE B 141 -27.67 -59.96 10.10
C ILE B 141 -29.19 -59.98 10.19
N THR B 142 -29.69 -60.24 11.40
CA THR B 142 -31.11 -60.41 11.63
C THR B 142 -31.71 -59.10 12.14
N TYR B 143 -33.03 -59.12 12.33
CA TYR B 143 -33.77 -57.90 12.62
C TYR B 143 -33.33 -57.27 13.95
N ASP B 144 -33.09 -58.10 14.96
CA ASP B 144 -32.72 -57.61 16.28
C ASP B 144 -31.30 -57.07 16.34
N GLY B 145 -30.51 -57.26 15.29
CA GLY B 145 -29.12 -56.88 15.29
C GLY B 145 -28.15 -58.02 15.47
N SER B 146 -28.63 -59.26 15.51
CA SER B 146 -27.75 -60.41 15.67
C SER B 146 -27.06 -60.72 14.34
N ILE B 147 -25.77 -61.08 14.43
CA ILE B 147 -24.94 -61.32 13.27
C ILE B 147 -24.30 -62.69 13.40
N ALA B 148 -24.39 -63.50 12.36
CA ALA B 148 -23.85 -64.85 12.35
C ALA B 148 -23.01 -65.06 11.11
N ASP B 149 -21.81 -65.60 11.30
CA ASP B 149 -20.92 -65.95 10.19
C ASP B 149 -21.25 -67.36 9.74
N GLU B 150 -21.77 -67.49 8.52
CA GLU B 150 -22.20 -68.78 7.99
C GLU B 150 -21.31 -69.14 6.82
N PRO B 151 -20.60 -70.26 6.85
CA PRO B 151 -19.57 -70.55 5.83
C PRO B 151 -20.02 -71.41 4.66
N HIS B 152 -21.31 -71.73 4.53
CA HIS B 152 -21.78 -72.57 3.44
C HIS B 152 -22.73 -71.84 2.51
N PHE B 153 -23.85 -71.33 3.02
CA PHE B 153 -24.87 -70.69 2.20
C PHE B 153 -25.90 -70.06 3.13
N VAL B 154 -26.37 -68.88 2.76
CA VAL B 154 -27.42 -68.19 3.49
C VAL B 154 -28.73 -68.36 2.74
N VAL B 155 -29.80 -68.67 3.46
CA VAL B 155 -31.16 -68.70 2.93
C VAL B 155 -32.00 -67.78 3.79
N MET B 156 -32.78 -66.92 3.13
CA MET B 156 -33.51 -65.87 3.82
C MET B 156 -34.91 -65.72 3.24
N GLY B 157 -35.85 -65.32 4.10
CA GLY B 157 -37.19 -64.97 3.66
C GLY B 157 -38.06 -66.13 3.22
N GLY B 158 -39.37 -65.98 3.35
CA GLY B 158 -40.28 -67.03 2.97
C GLY B 158 -40.17 -68.24 3.90
N THR B 159 -40.36 -69.43 3.33
CA THR B 159 -40.17 -70.67 4.06
C THR B 159 -38.70 -71.06 3.96
N THR B 160 -37.99 -70.99 5.08
CA THR B 160 -36.54 -71.21 5.09
C THR B 160 -36.18 -72.68 5.27
N GLU B 161 -36.89 -73.38 6.15
CA GLU B 161 -36.51 -74.75 6.52
C GLU B 161 -36.43 -75.70 5.33
N PRO B 162 -37.43 -75.79 4.44
CA PRO B 162 -37.33 -76.77 3.35
C PRO B 162 -36.19 -76.50 2.38
N ILE B 163 -36.04 -75.25 1.94
CA ILE B 163 -34.96 -74.92 1.01
C ILE B 163 -33.60 -75.12 1.66
N ALA B 164 -33.47 -74.71 2.92
CA ALA B 164 -32.22 -74.91 3.63
C ALA B 164 -31.88 -76.39 3.74
N ASN B 165 -32.87 -77.23 4.06
CA ASN B 165 -32.63 -78.66 4.18
C ASN B 165 -32.28 -79.28 2.83
N ALA B 166 -32.93 -78.83 1.76
CA ALA B 166 -32.58 -79.31 0.43
C ALA B 166 -31.14 -78.95 0.08
N LEU B 167 -30.71 -77.74 0.43
CA LEU B 167 -29.33 -77.34 0.17
C LEU B 167 -28.36 -78.15 1.01
N LYS B 168 -28.69 -78.41 2.27
CA LYS B 168 -27.82 -79.23 3.12
C LYS B 168 -27.68 -80.64 2.56
N GLU B 169 -28.77 -81.20 2.04
CA GLU B 169 -28.70 -82.51 1.41
C GLU B 169 -27.87 -82.46 0.13
N SER B 170 -28.01 -81.40 -0.66
CA SER B 170 -27.36 -81.31 -1.96
C SER B 170 -26.18 -80.33 -1.97
N TYR B 171 -25.53 -80.13 -0.84
CA TYR B 171 -24.38 -79.23 -0.80
C TYR B 171 -23.22 -79.82 -1.61
N ALA B 172 -22.51 -78.95 -2.31
CA ALA B 172 -21.38 -79.36 -3.14
C ALA B 172 -20.27 -78.32 -3.02
N GLU B 173 -19.15 -78.70 -2.41
CA GLU B 173 -18.02 -77.80 -2.27
C GLU B 173 -17.34 -77.58 -3.61
N ASN B 174 -16.90 -76.35 -3.86
CA ASN B 174 -16.17 -75.99 -5.07
C ASN B 174 -16.93 -76.36 -6.34
N ALA B 175 -18.24 -76.16 -6.31
CA ALA B 175 -19.06 -76.40 -7.49
C ALA B 175 -18.89 -75.28 -8.51
N SER B 176 -18.98 -75.64 -9.79
CA SER B 176 -18.90 -74.66 -10.84
C SER B 176 -20.17 -73.79 -10.85
N LEU B 177 -20.15 -72.74 -11.67
CA LEU B 177 -21.27 -71.80 -11.67
C LEU B 177 -22.55 -72.43 -12.18
N THR B 178 -22.48 -73.22 -13.25
CA THR B 178 -23.70 -73.81 -13.81
C THR B 178 -24.35 -74.77 -12.82
N ASP B 179 -23.56 -75.66 -12.22
CA ASP B 179 -24.11 -76.60 -11.25
C ASP B 179 -24.67 -75.86 -10.04
N ALA B 180 -23.96 -74.82 -9.57
CA ALA B 180 -24.44 -74.06 -8.42
C ALA B 180 -25.75 -73.36 -8.73
N LEU B 181 -25.88 -72.80 -9.94
CA LEU B 181 -27.13 -72.16 -10.32
C LEU B 181 -28.27 -73.17 -10.39
N ARG B 182 -28.02 -74.34 -10.99
CA ARG B 182 -29.05 -75.38 -11.03
C ARG B 182 -29.44 -75.80 -9.62
N ILE B 183 -28.46 -75.99 -8.75
CA ILE B 183 -28.72 -76.39 -7.37
C ILE B 183 -29.58 -75.35 -6.67
N ALA B 184 -29.23 -74.07 -6.83
CA ALA B 184 -29.95 -73.01 -6.14
C ALA B 184 -31.38 -72.88 -6.65
N VAL B 185 -31.58 -72.96 -7.97
CA VAL B 185 -32.94 -72.83 -8.49
C VAL B 185 -33.78 -74.03 -8.10
N ALA B 186 -33.18 -75.23 -8.09
CA ALA B 186 -33.91 -76.40 -7.63
C ALA B 186 -34.29 -76.28 -6.17
N ALA B 187 -33.38 -75.78 -5.34
CA ALA B 187 -33.68 -75.59 -3.92
C ALA B 187 -34.77 -74.54 -3.73
N LEU B 188 -34.72 -73.46 -4.51
CA LEU B 188 -35.75 -72.42 -4.43
C LEU B 188 -37.11 -72.96 -4.85
N ARG B 189 -37.15 -73.82 -5.86
CA ARG B 189 -38.39 -74.49 -6.22
C ARG B 189 -38.93 -75.31 -5.06
N ALA B 190 -38.06 -76.04 -4.37
CA ALA B 190 -38.45 -76.87 -3.24
C ALA B 190 -38.74 -76.01 -2.00
N LEU B 203 -38.83 -73.33 -9.84
CA LEU B 203 -39.21 -72.08 -10.48
C LEU B 203 -38.51 -71.93 -11.83
N GLY B 204 -39.15 -71.23 -12.76
CA GLY B 204 -38.63 -71.08 -14.10
C GLY B 204 -37.54 -70.03 -14.18
N VAL B 205 -37.16 -69.72 -15.44
CA VAL B 205 -36.12 -68.72 -15.66
C VAL B 205 -36.60 -67.33 -15.26
N ALA B 206 -37.83 -66.99 -15.63
CA ALA B 206 -38.36 -65.67 -15.31
C ALA B 206 -38.64 -65.56 -13.82
N SER B 207 -38.83 -64.32 -13.37
CA SER B 207 -39.03 -64.00 -11.95
C SER B 207 -37.83 -64.41 -11.11
N LEU B 208 -36.66 -64.47 -11.74
CA LEU B 208 -35.43 -64.89 -11.08
C LEU B 208 -34.37 -63.83 -11.28
N GLU B 209 -33.81 -63.33 -10.17
CA GLU B 209 -32.74 -62.35 -10.19
C GLU B 209 -31.47 -63.02 -9.65
N VAL B 210 -30.40 -63.01 -10.44
CA VAL B 210 -29.17 -63.66 -10.01
C VAL B 210 -27.99 -62.70 -10.21
N ALA B 211 -26.92 -62.98 -9.47
CA ALA B 211 -25.70 -62.20 -9.55
C ALA B 211 -24.55 -63.03 -9.02
N VAL B 212 -23.33 -62.60 -9.35
CA VAL B 212 -22.13 -63.29 -8.91
C VAL B 212 -21.13 -62.28 -8.37
N LEU B 213 -20.59 -62.56 -7.19
CA LEU B 213 -19.32 -62.01 -6.75
C LEU B 213 -18.25 -62.92 -7.32
N ASP B 214 -17.59 -62.47 -8.39
CA ASP B 214 -16.63 -63.25 -9.16
C ASP B 214 -15.22 -62.92 -8.68
N ALA B 215 -14.56 -63.90 -8.06
CA ALA B 215 -13.22 -63.66 -7.53
C ALA B 215 -12.17 -63.54 -8.62
N ASN B 216 -12.49 -63.93 -9.85
CA ASN B 216 -11.53 -63.86 -10.95
C ASN B 216 -11.52 -62.50 -11.65
N ARG B 217 -12.47 -61.64 -11.34
CA ARG B 217 -12.43 -60.29 -11.88
C ARG B 217 -11.37 -59.47 -11.15
N PRO B 218 -10.69 -58.56 -11.85
CA PRO B 218 -9.60 -57.82 -11.22
C PRO B 218 -10.02 -56.95 -10.05
N ARG B 219 -10.98 -56.03 -10.25
CA ARG B 219 -11.33 -55.09 -9.20
C ARG B 219 -12.76 -55.27 -8.68
N ARG B 220 -13.77 -55.14 -9.54
CA ARG B 220 -15.16 -55.23 -9.12
C ARG B 220 -15.63 -56.66 -9.32
N ALA B 221 -15.95 -57.35 -8.21
CA ALA B 221 -16.34 -58.75 -8.29
C ALA B 221 -17.81 -58.93 -8.69
N PHE B 222 -18.64 -57.91 -8.53
CA PHE B 222 -20.07 -58.05 -8.77
C PHE B 222 -20.37 -58.03 -10.26
N ARG B 223 -21.27 -58.93 -10.67
CA ARG B 223 -21.64 -59.08 -12.07
C ARG B 223 -23.05 -59.63 -12.13
N ARG B 224 -23.92 -58.96 -12.88
CA ARG B 224 -25.30 -59.39 -13.03
C ARG B 224 -25.45 -60.32 -14.23
N ILE B 225 -26.19 -61.40 -14.03
CA ILE B 225 -26.43 -62.39 -15.07
C ILE B 225 -27.92 -62.34 -15.39
N THR B 226 -28.27 -61.70 -16.51
CA THR B 226 -29.66 -61.43 -16.84
C THR B 226 -29.95 -61.87 -18.27
N GLY B 227 -31.20 -62.19 -18.53
CA GLY B 227 -31.66 -62.42 -19.90
C GLY B 227 -31.13 -63.72 -20.46
N SER B 228 -30.41 -63.61 -21.58
CA SER B 228 -30.01 -64.80 -22.34
C SER B 228 -29.06 -65.70 -21.57
N ALA B 229 -28.18 -65.12 -20.75
CA ALA B 229 -27.21 -65.92 -20.02
C ALA B 229 -27.89 -66.85 -19.03
N LEU B 230 -28.95 -66.38 -18.36
CA LEU B 230 -29.70 -67.23 -17.46
C LEU B 230 -30.31 -68.42 -18.20
N GLN B 231 -30.86 -68.17 -19.39
CA GLN B 231 -31.39 -69.27 -20.20
C GLN B 231 -30.29 -70.23 -20.61
N ALA B 232 -29.12 -69.71 -20.99
CA ALA B 232 -28.01 -70.54 -21.42
C ALA B 232 -27.54 -71.46 -20.30
N LEU B 233 -27.36 -70.90 -19.10
CA LEU B 233 -26.90 -71.71 -17.98
C LEU B 233 -27.93 -72.75 -17.54
N LEU B 234 -29.19 -72.56 -17.88
CA LEU B 234 -30.21 -73.54 -17.58
C LEU B 234 -30.65 -74.27 -18.85
N SER C 8 -44.70 -46.35 38.69
CA SER C 8 -44.01 -47.14 39.74
C SER C 8 -42.51 -47.22 39.43
N PRO C 9 -41.70 -46.22 39.83
CA PRO C 9 -40.26 -46.20 39.51
C PRO C 9 -39.51 -47.42 40.07
N GLU C 10 -39.76 -47.77 41.34
CA GLU C 10 -39.07 -48.92 41.98
C GLU C 10 -39.41 -50.19 41.22
N GLN C 11 -40.70 -50.42 40.92
CA GLN C 11 -41.14 -51.66 40.23
C GLN C 11 -40.49 -51.71 38.84
N ALA C 12 -40.48 -50.58 38.12
CA ALA C 12 -39.85 -50.53 36.78
C ALA C 12 -38.37 -50.87 36.89
N MET C 13 -37.68 -50.32 37.89
CA MET C 13 -36.23 -50.57 38.06
C MET C 13 -35.99 -52.06 38.31
N ARG C 14 -36.86 -52.70 39.10
CA ARG C 14 -36.72 -54.16 39.37
C ARG C 14 -36.82 -54.93 38.05
N GLU C 15 -37.80 -54.58 37.20
CA GLU C 15 -37.96 -55.27 35.89
C GLU C 15 -36.70 -55.06 35.05
N ARG C 16 -36.16 -53.85 35.03
CA ARG C 16 -34.93 -53.55 34.24
C ARG C 16 -33.76 -54.40 34.76
N SER C 17 -33.66 -54.54 36.09
CA SER C 17 -32.58 -55.38 36.70
C SER C 17 -32.76 -56.83 36.27
N GLU C 18 -33.95 -57.41 36.44
CA GLU C 18 -34.19 -58.80 36.07
C GLU C 18 -33.95 -59.03 34.59
N LEU C 19 -34.34 -58.06 33.74
CA LEU C 19 -34.07 -58.15 32.32
C LEU C 19 -32.57 -58.22 32.05
N ALA C 20 -31.79 -57.39 32.75
CA ALA C 20 -30.35 -57.41 32.59
C ALA C 20 -29.76 -58.75 33.03
N ARG C 21 -30.26 -59.30 34.15
CA ARG C 21 -29.80 -60.61 34.60
C ARG C 21 -30.11 -61.67 33.55
N LYS C 22 -31.31 -61.63 32.98
CA LYS C 22 -31.69 -62.60 31.96
C LYS C 22 -30.81 -62.48 30.73
N GLY C 23 -30.54 -61.25 30.29
CA GLY C 23 -29.69 -61.05 29.14
C GLY C 23 -28.27 -61.56 29.36
N ILE C 24 -27.71 -61.27 30.54
CA ILE C 24 -26.39 -61.80 30.87
C ILE C 24 -26.43 -63.32 30.91
N ALA C 25 -27.52 -63.89 31.41
CA ALA C 25 -27.60 -65.38 31.57
C ALA C 25 -27.43 -66.08 30.22
N ARG C 26 -28.00 -65.53 29.15
CA ARG C 26 -27.94 -66.22 27.82
C ARG C 26 -26.71 -65.74 27.04
N ALA C 27 -25.57 -65.59 27.70
CA ALA C 27 -24.34 -65.10 27.04
C ALA C 27 -23.19 -66.10 27.24
N LYS C 28 -22.13 -65.99 26.44
CA LYS C 28 -20.94 -66.88 26.60
C LYS C 28 -20.13 -66.44 27.81
N SER C 29 -19.26 -67.31 28.32
CA SER C 29 -18.50 -66.98 29.57
C SER C 29 -17.05 -66.58 29.28
N VAL C 30 -16.52 -65.62 30.04
CA VAL C 30 -15.11 -65.16 29.87
C VAL C 30 -14.35 -65.45 31.16
N VAL C 31 -13.11 -65.97 31.07
CA VAL C 31 -12.29 -66.17 32.29
C VAL C 31 -11.04 -65.27 32.21
N ALA C 32 -11.04 -64.16 32.94
CA ALA C 32 -9.87 -63.26 32.97
C ALA C 32 -9.09 -63.53 34.27
N LEU C 33 -7.88 -64.09 34.17
CA LEU C 33 -7.14 -64.45 35.37
C LEU C 33 -5.72 -63.91 35.30
N ALA C 34 -5.20 -63.52 36.47
CA ALA C 34 -3.86 -62.99 36.57
C ALA C 34 -2.86 -64.13 36.69
N TYR C 35 -1.83 -64.10 35.86
CA TYR C 35 -0.74 -65.06 35.91
C TYR C 35 0.58 -64.30 35.97
N ALA C 36 1.69 -65.05 36.02
CA ALA C 36 2.99 -64.46 36.31
C ALA C 36 3.35 -63.38 35.29
N GLY C 37 3.08 -63.63 34.01
CA GLY C 37 3.40 -62.66 32.99
C GLY C 37 2.41 -61.54 32.82
N GLY C 38 1.30 -61.53 33.56
CA GLY C 38 0.31 -60.50 33.37
C GLY C 38 -1.11 -61.00 33.52
N VAL C 39 -1.93 -60.80 32.49
CA VAL C 39 -3.34 -61.19 32.53
C VAL C 39 -3.64 -62.08 31.33
N LEU C 40 -4.51 -63.07 31.53
CA LEU C 40 -4.92 -63.98 30.47
C LEU C 40 -6.44 -63.94 30.34
N PHE C 41 -6.92 -63.65 29.13
CA PHE C 41 -8.34 -63.70 28.79
C PHE C 41 -8.59 -64.95 27.96
N VAL C 42 -9.62 -65.72 28.34
CA VAL C 42 -10.11 -66.83 27.52
C VAL C 42 -11.63 -66.76 27.48
N ALA C 43 -12.19 -66.67 26.29
CA ALA C 43 -13.63 -66.62 26.09
C ALA C 43 -14.05 -67.70 25.13
N GLU C 44 -15.21 -68.31 25.39
CA GLU C 44 -15.80 -69.29 24.49
C GLU C 44 -16.46 -68.53 23.34
N ASN C 45 -15.69 -68.28 22.29
CA ASN C 45 -16.15 -67.48 21.15
C ASN C 45 -16.26 -68.34 19.91
N PRO C 46 -17.47 -68.73 19.50
CA PRO C 46 -17.60 -69.55 18.28
C PRO C 46 -17.13 -68.84 17.03
N SER C 47 -17.36 -67.53 16.93
CA SER C 47 -17.16 -66.81 15.68
C SER C 47 -15.70 -66.45 15.47
N ARG C 48 -15.21 -66.65 14.25
CA ARG C 48 -13.85 -66.31 13.89
C ARG C 48 -13.68 -64.83 13.52
N SER C 49 -14.76 -64.10 13.32
CA SER C 49 -14.70 -62.68 12.99
C SER C 49 -15.02 -61.78 14.17
N LEU C 50 -16.01 -62.14 14.98
CA LEU C 50 -16.31 -61.38 16.18
C LEU C 50 -15.28 -61.67 17.26
N GLN C 51 -15.12 -60.71 18.18
CA GLN C 51 -14.12 -60.82 19.24
C GLN C 51 -14.68 -60.23 20.52
N LYS C 52 -14.66 -61.02 21.60
CA LYS C 52 -15.09 -60.56 22.90
C LYS C 52 -13.95 -60.01 23.74
N ILE C 53 -12.71 -60.09 23.26
CA ILE C 53 -11.55 -59.58 23.95
C ILE C 53 -10.85 -58.57 23.04
N SER C 54 -10.38 -57.47 23.62
CA SER C 54 -9.73 -56.44 22.81
C SER C 54 -8.77 -55.63 23.67
N GLU C 55 -7.87 -54.93 22.99
CA GLU C 55 -6.94 -54.01 23.63
C GLU C 55 -7.58 -52.65 23.78
N LEU C 56 -7.55 -52.11 24.99
CA LEU C 56 -8.00 -50.74 25.22
C LEU C 56 -6.86 -49.75 25.06
N TYR C 57 -5.74 -50.01 25.71
CA TYR C 57 -4.57 -49.14 25.65
C TYR C 57 -3.34 -49.99 25.94
N ASP C 58 -2.18 -49.33 25.99
CA ASP C 58 -0.89 -50.02 25.96
C ASP C 58 -0.83 -51.14 27.00
N ARG C 59 -1.31 -50.89 28.21
CA ARG C 59 -1.31 -51.90 29.25
C ARG C 59 -2.71 -52.24 29.74
N VAL C 60 -3.76 -51.81 29.03
CA VAL C 60 -5.13 -51.98 29.48
C VAL C 60 -5.87 -52.84 28.46
N GLY C 61 -6.42 -53.95 28.93
CA GLY C 61 -7.19 -54.85 28.10
C GLY C 61 -8.65 -54.91 28.50
N PHE C 62 -9.48 -55.34 27.55
CA PHE C 62 -10.94 -55.27 27.67
C PHE C 62 -11.53 -56.66 27.46
N ALA C 63 -12.58 -56.96 28.22
CA ALA C 63 -13.35 -58.18 28.01
C ALA C 63 -14.81 -57.87 28.31
N ALA C 64 -15.73 -58.63 27.74
CA ALA C 64 -17.14 -58.36 27.95
C ALA C 64 -17.97 -59.59 27.71
N ALA C 65 -19.16 -59.59 28.28
CA ALA C 65 -20.15 -60.65 28.08
C ALA C 65 -21.54 -60.04 28.04
N GLY C 66 -22.32 -60.43 27.04
CA GLY C 66 -23.67 -59.94 26.89
C GLY C 66 -23.97 -59.69 25.43
N LYS C 67 -24.91 -58.76 25.19
CA LYS C 67 -25.31 -58.43 23.83
C LYS C 67 -24.14 -57.80 23.09
N PHE C 68 -23.83 -58.33 21.89
CA PHE C 68 -22.56 -58.03 21.26
C PHE C 68 -22.43 -56.56 20.89
N ASN C 69 -23.42 -56.01 20.18
CA ASN C 69 -23.26 -54.65 19.67
C ASN C 69 -23.18 -53.63 20.79
N GLU C 70 -23.84 -53.91 21.92
CA GLU C 70 -23.76 -53.01 23.07
C GLU C 70 -22.33 -52.90 23.59
N PHE C 71 -21.70 -54.04 23.88
CA PHE C 71 -20.33 -53.95 24.40
C PHE C 71 -19.32 -53.63 23.31
N ASP C 72 -19.67 -53.82 22.03
CA ASP C 72 -18.81 -53.32 20.98
C ASP C 72 -18.81 -51.79 20.95
N ASN C 73 -19.98 -51.17 21.11
CA ASN C 73 -20.04 -49.72 21.23
C ASN C 73 -19.29 -49.26 22.48
N LEU C 74 -19.44 -49.99 23.58
CA LEU C 74 -18.69 -49.64 24.79
C LEU C 74 -17.19 -49.74 24.57
N ARG C 75 -16.74 -50.78 23.88
CA ARG C 75 -15.32 -50.95 23.61
C ARG C 75 -14.79 -49.81 22.74
N ARG C 76 -15.54 -49.43 21.71
CA ARG C 76 -15.11 -48.32 20.87
C ARG C 76 -15.06 -47.01 21.65
N GLY C 77 -16.06 -46.78 22.50
CA GLY C 77 -16.03 -45.58 23.34
C GLY C 77 -14.84 -45.55 24.27
N GLY C 78 -14.54 -46.68 24.90
CA GLY C 78 -13.39 -46.73 25.79
C GLY C 78 -12.07 -46.55 25.07
N ILE C 79 -11.95 -47.14 23.88
CA ILE C 79 -10.73 -46.95 23.08
C ILE C 79 -10.56 -45.49 22.71
N GLN C 80 -11.65 -44.84 22.27
CA GLN C 80 -11.58 -43.42 21.93
C GLN C 80 -11.18 -42.59 23.13
N PHE C 81 -11.80 -42.86 24.29
CA PHE C 81 -11.46 -42.12 25.50
C PHE C 81 -10.00 -42.29 25.86
N ALA C 82 -9.51 -43.53 25.84
CA ALA C 82 -8.12 -43.77 26.22
C ALA C 82 -7.15 -43.10 25.27
N ASP C 83 -7.42 -43.17 23.96
CA ASP C 83 -6.53 -42.52 22.96
C ASP C 83 -6.50 -41.01 23.19
N THR C 84 -7.67 -40.39 23.39
CA THR C 84 -7.74 -38.92 23.59
C THR C 84 -6.95 -38.53 24.85
N ARG C 85 -7.15 -39.26 25.96
CA ARG C 85 -6.46 -38.95 27.23
C ARG C 85 -4.94 -39.02 27.02
N GLY C 86 -4.46 -40.05 26.32
CA GLY C 86 -3.01 -40.23 26.09
C GLY C 86 -2.41 -39.08 25.31
N TYR C 87 -3.09 -38.62 24.26
CA TYR C 87 -2.57 -37.48 23.45
C TYR C 87 -2.67 -36.18 24.26
N ALA C 88 -3.79 -35.97 24.98
CA ALA C 88 -3.98 -34.73 25.75
C ALA C 88 -2.92 -34.59 26.84
N TYR C 89 -2.52 -35.72 27.46
CA TYR C 89 -1.52 -35.69 28.54
C TYR C 89 -0.32 -36.55 28.14
N ASP C 90 -0.23 -37.77 28.69
CA ASP C 90 0.87 -38.70 28.34
C ASP C 90 0.30 -40.12 28.26
N ARG C 91 0.94 -41.00 27.49
CA ARG C 91 0.48 -42.41 27.38
C ARG C 91 0.51 -43.06 28.76
N ARG C 92 1.46 -42.66 29.63
CA ARG C 92 1.57 -43.26 30.95
C ARG C 92 0.64 -42.60 31.96
N ASP C 93 -0.16 -41.63 31.55
CA ASP C 93 -1.19 -41.06 32.41
C ASP C 93 -2.53 -41.77 32.26
N VAL C 94 -2.64 -42.72 31.33
CA VAL C 94 -3.85 -43.49 31.15
C VAL C 94 -3.77 -44.72 32.04
N THR C 95 -4.77 -44.90 32.90
CA THR C 95 -4.80 -45.99 33.86
C THR C 95 -6.10 -46.76 33.72
N GLY C 96 -6.06 -48.04 34.10
CA GLY C 96 -7.25 -48.87 34.00
C GLY C 96 -8.36 -48.44 34.94
N ARG C 97 -8.01 -47.79 36.04
CA ARG C 97 -9.03 -47.28 36.96
C ARG C 97 -9.87 -46.20 36.30
N GLN C 98 -9.25 -45.30 35.54
CA GLN C 98 -10.01 -44.24 34.88
C GLN C 98 -10.96 -44.81 33.82
N LEU C 99 -10.49 -45.79 33.04
CA LEU C 99 -11.37 -46.42 32.07
C LEU C 99 -12.50 -47.16 32.76
N ALA C 100 -12.21 -47.84 33.88
CA ALA C 100 -13.25 -48.50 34.63
C ALA C 100 -14.28 -47.51 35.15
N ASN C 101 -13.82 -46.35 35.64
CA ASN C 101 -14.75 -45.35 36.18
C ASN C 101 -15.61 -44.75 35.08
N VAL C 102 -15.02 -44.45 33.92
CA VAL C 102 -15.83 -43.90 32.83
C VAL C 102 -16.83 -44.95 32.34
N TYR C 103 -16.42 -46.22 32.31
CA TYR C 103 -17.36 -47.28 31.95
C TYR C 103 -18.51 -47.36 32.94
N ALA C 104 -18.20 -47.27 34.24
CA ALA C 104 -19.24 -47.28 35.26
C ALA C 104 -20.19 -46.11 35.08
N GLN C 105 -19.66 -44.94 34.74
CA GLN C 105 -20.51 -43.77 34.51
C GLN C 105 -21.46 -44.00 33.34
N THR C 106 -20.94 -44.46 32.20
CA THR C 106 -21.82 -44.69 31.05
C THR C 106 -22.87 -45.76 31.34
N LEU C 107 -22.46 -46.84 32.02
CA LEU C 107 -23.42 -47.90 32.31
C LEU C 107 -24.50 -47.43 33.27
N GLY C 108 -24.13 -46.63 34.27
CA GLY C 108 -25.13 -46.07 35.17
C GLY C 108 -26.09 -45.14 34.47
N THR C 109 -25.57 -44.28 33.58
CA THR C 109 -26.44 -43.38 32.84
C THR C 109 -27.37 -44.16 31.90
N ILE C 110 -26.85 -45.25 31.32
CA ILE C 110 -27.71 -46.12 30.50
C ILE C 110 -28.80 -46.75 31.35
N PHE C 111 -28.45 -47.26 32.53
CA PHE C 111 -29.44 -47.90 33.39
C PHE C 111 -30.52 -46.91 33.82
N THR C 112 -30.13 -45.67 34.13
CA THR C 112 -31.10 -44.72 34.64
C THR C 112 -31.89 -44.05 33.51
N GLU C 113 -31.20 -43.30 32.65
CA GLU C 113 -31.90 -42.50 31.64
C GLU C 113 -32.44 -43.36 30.50
N GLN C 114 -31.66 -44.31 30.00
CA GLN C 114 -32.03 -45.01 28.78
C GLN C 114 -33.19 -45.97 29.02
N ALA C 115 -34.07 -46.07 28.02
CA ALA C 115 -35.25 -46.92 28.15
C ALA C 115 -34.88 -48.39 28.28
N LYS C 116 -34.02 -48.88 27.38
CA LYS C 116 -33.62 -50.28 27.42
C LYS C 116 -32.24 -50.37 28.04
N PRO C 117 -32.10 -50.99 29.21
CA PRO C 117 -30.77 -51.07 29.84
C PRO C 117 -29.84 -51.97 29.05
N TYR C 118 -28.55 -51.65 29.13
CA TYR C 118 -27.56 -52.43 28.43
C TYR C 118 -27.41 -53.80 29.10
N GLU C 119 -27.58 -54.86 28.30
CA GLU C 119 -27.52 -56.23 28.82
C GLU C 119 -26.08 -56.75 28.74
N VAL C 120 -25.19 -56.09 29.45
CA VAL C 120 -23.77 -56.33 29.30
C VAL C 120 -23.07 -56.25 30.66
N GLU C 121 -21.98 -57.00 30.78
CA GLU C 121 -21.02 -56.86 31.87
C GLU C 121 -19.63 -56.77 31.25
N LEU C 122 -18.74 -56.01 31.89
CA LEU C 122 -17.42 -55.72 31.35
C LEU C 122 -16.34 -56.08 32.36
N CYS C 123 -15.14 -56.31 31.85
CA CYS C 123 -13.92 -56.44 32.64
C CYS C 123 -12.84 -55.57 32.03
N VAL C 124 -12.18 -54.79 32.88
CA VAL C 124 -11.02 -54.00 32.50
C VAL C 124 -9.82 -54.54 33.27
N ALA C 125 -8.80 -54.97 32.54
CA ALA C 125 -7.59 -55.50 33.16
C ALA C 125 -6.44 -54.55 32.90
N GLU C 126 -5.58 -54.38 33.90
CA GLU C 126 -4.36 -53.61 33.70
C GLU C 126 -3.17 -54.35 34.29
N VAL C 127 -2.09 -54.40 33.52
CA VAL C 127 -0.83 -54.95 33.96
C VAL C 127 0.14 -53.80 34.23
N ALA C 128 1.28 -54.13 34.81
CA ALA C 128 2.27 -53.12 35.11
C ALA C 128 2.90 -52.59 33.83
N HIS C 129 3.54 -51.44 33.94
CA HIS C 129 4.37 -50.95 32.85
C HIS C 129 5.65 -51.79 32.76
N TYR C 130 6.34 -51.66 31.63
CA TYR C 130 7.55 -52.45 31.44
C TYR C 130 8.61 -52.08 32.47
N GLY C 131 9.22 -53.11 33.06
CA GLY C 131 10.27 -52.91 34.04
C GLY C 131 9.79 -52.58 35.44
N GLU C 132 8.49 -52.60 35.69
CA GLU C 132 7.94 -52.27 36.99
C GLU C 132 7.11 -53.44 37.50
N THR C 133 7.16 -53.66 38.82
CA THR C 133 6.44 -54.76 39.45
C THR C 133 5.19 -54.22 40.11
N LYS C 134 4.04 -54.82 39.79
CA LYS C 134 2.77 -54.41 40.37
C LYS C 134 1.77 -55.52 40.12
N ARG C 135 1.00 -55.85 41.14
CA ARG C 135 0.00 -56.90 41.01
C ARG C 135 -1.07 -56.46 40.03
N PRO C 136 -1.27 -57.16 38.91
CA PRO C 136 -2.23 -56.69 37.90
C PRO C 136 -3.62 -56.54 38.50
N GLU C 137 -4.33 -55.50 38.08
CA GLU C 137 -5.61 -55.16 38.67
C GLU C 137 -6.73 -55.49 37.69
N LEU C 138 -7.75 -56.19 38.20
CA LEU C 138 -8.91 -56.60 37.44
C LEU C 138 -10.15 -55.91 38.01
N TYR C 139 -10.89 -55.24 37.13
CA TYR C 139 -12.13 -54.56 37.51
C TYR C 139 -13.28 -55.18 36.74
N ARG C 140 -14.36 -55.50 37.46
CA ARG C 140 -15.60 -55.98 36.88
C ARG C 140 -16.64 -54.89 37.00
N ILE C 141 -17.34 -54.59 35.90
CA ILE C 141 -18.33 -53.47 35.90
C ILE C 141 -19.69 -54.02 35.45
N THR C 142 -20.68 -53.99 36.34
CA THR C 142 -22.04 -54.49 36.01
C THR C 142 -22.84 -53.41 35.27
N TYR C 143 -23.99 -53.78 34.71
CA TYR C 143 -24.86 -52.82 33.97
C TYR C 143 -25.24 -51.64 34.87
N ASP C 144 -25.41 -51.88 36.17
CA ASP C 144 -25.78 -50.82 37.13
C ASP C 144 -24.65 -49.79 37.23
N GLY C 145 -23.40 -50.24 37.10
CA GLY C 145 -22.24 -49.34 37.28
C GLY C 145 -21.42 -49.77 38.49
N SER C 146 -21.71 -50.96 39.02
CA SER C 146 -20.99 -51.48 40.21
C SER C 146 -19.57 -51.90 39.80
N ILE C 147 -18.56 -51.18 40.28
CA ILE C 147 -17.15 -51.50 39.95
C ILE C 147 -16.55 -52.35 41.08
N ALA C 148 -16.29 -53.63 40.81
CA ALA C 148 -15.74 -54.53 41.81
C ALA C 148 -14.31 -54.90 41.43
N ASP C 149 -13.49 -55.13 42.46
CA ASP C 149 -12.08 -55.43 42.27
C ASP C 149 -11.84 -56.91 42.53
N GLU C 150 -11.16 -57.59 41.62
CA GLU C 150 -10.89 -59.02 41.75
C GLU C 150 -9.38 -59.24 41.83
N PRO C 151 -8.84 -60.02 42.78
CA PRO C 151 -7.39 -60.15 42.85
C PRO C 151 -6.77 -61.22 41.95
N HIS C 152 -7.54 -62.27 41.65
CA HIS C 152 -7.05 -63.44 40.97
C HIS C 152 -7.82 -63.73 39.68
N PHE C 153 -9.14 -63.81 39.76
CA PHE C 153 -9.95 -64.31 38.65
C PHE C 153 -11.16 -63.40 38.46
N VAL C 154 -11.67 -63.40 37.24
CA VAL C 154 -12.98 -62.87 36.91
C VAL C 154 -13.67 -63.86 35.99
N VAL C 155 -14.92 -64.20 36.32
CA VAL C 155 -15.77 -65.03 35.47
C VAL C 155 -16.96 -64.18 35.08
N MET C 156 -17.36 -64.27 33.80
CA MET C 156 -18.27 -63.28 33.24
C MET C 156 -19.25 -63.94 32.28
N GLY C 157 -20.53 -63.61 32.43
CA GLY C 157 -21.56 -64.09 31.53
C GLY C 157 -21.94 -65.54 31.74
N GLY C 158 -23.16 -65.90 31.32
CA GLY C 158 -23.58 -67.29 31.42
C GLY C 158 -23.78 -67.73 32.86
N THR C 159 -23.38 -68.96 33.15
CA THR C 159 -23.47 -69.54 34.49
C THR C 159 -22.09 -69.44 35.12
N THR C 160 -21.88 -68.38 35.91
CA THR C 160 -20.56 -68.14 36.48
C THR C 160 -20.27 -68.97 37.71
N GLU C 161 -21.28 -69.54 38.35
CA GLU C 161 -21.05 -70.28 39.59
C GLU C 161 -20.15 -71.51 39.41
N PRO C 162 -20.43 -72.44 38.49
CA PRO C 162 -19.54 -73.61 38.38
C PRO C 162 -18.14 -73.25 37.92
N ILE C 163 -18.00 -72.32 36.98
CA ILE C 163 -16.68 -71.94 36.49
C ILE C 163 -15.89 -71.24 37.59
N ALA C 164 -16.55 -70.37 38.35
CA ALA C 164 -15.89 -69.69 39.45
C ALA C 164 -15.44 -70.68 40.52
N ASN C 165 -16.30 -71.65 40.85
CA ASN C 165 -15.91 -72.65 41.84
C ASN C 165 -14.76 -73.50 41.34
N ALA C 166 -14.78 -73.89 40.06
CA ALA C 166 -13.69 -74.68 39.50
C ALA C 166 -12.38 -73.91 39.53
N LEU C 167 -12.43 -72.62 39.18
CA LEU C 167 -11.23 -71.78 39.25
C LEU C 167 -10.72 -71.70 40.69
N LYS C 168 -11.62 -71.38 41.63
CA LYS C 168 -11.21 -71.22 43.02
C LYS C 168 -10.58 -72.49 43.57
N GLU C 169 -11.16 -73.64 43.25
CA GLU C 169 -10.61 -74.91 43.73
C GLU C 169 -9.29 -75.25 43.02
N SER C 170 -9.16 -74.91 41.74
CA SER C 170 -8.02 -75.34 40.94
C SER C 170 -7.08 -74.19 40.56
N TYR C 171 -7.17 -73.06 41.25
CA TYR C 171 -6.36 -71.90 40.89
C TYR C 171 -4.89 -72.13 41.24
N ALA C 172 -4.01 -71.54 40.41
CA ALA C 172 -2.58 -71.54 40.65
C ALA C 172 -2.07 -70.11 40.49
N GLU C 173 -1.72 -69.48 41.61
CA GLU C 173 -1.19 -68.12 41.55
C GLU C 173 0.24 -68.14 40.99
N ASN C 174 0.54 -67.14 40.16
CA ASN C 174 1.83 -67.01 39.50
C ASN C 174 2.11 -68.18 38.56
N ALA C 175 1.05 -68.82 38.06
CA ALA C 175 1.21 -69.91 37.13
C ALA C 175 1.74 -69.42 35.78
N SER C 176 2.40 -70.32 35.07
CA SER C 176 2.89 -70.03 33.73
C SER C 176 1.72 -69.79 32.78
N LEU C 177 2.05 -69.28 31.58
CA LEU C 177 1.02 -69.03 30.59
C LEU C 177 0.33 -70.32 30.15
N THR C 178 1.12 -71.35 29.83
CA THR C 178 0.55 -72.62 29.44
C THR C 178 -0.28 -73.22 30.56
N ASP C 179 0.29 -73.26 31.77
CA ASP C 179 -0.47 -73.77 32.90
C ASP C 179 -1.75 -72.99 33.09
N ALA C 180 -1.65 -71.66 33.23
CA ALA C 180 -2.84 -70.84 33.50
C ALA C 180 -3.91 -71.05 32.43
N LEU C 181 -3.49 -71.19 31.17
CA LEU C 181 -4.45 -71.52 30.12
C LEU C 181 -5.12 -72.87 30.40
N ARG C 182 -4.35 -73.83 30.91
CA ARG C 182 -4.94 -75.13 31.25
C ARG C 182 -6.00 -75.00 32.33
N ILE C 183 -5.68 -74.30 33.43
CA ILE C 183 -6.70 -74.11 34.47
C ILE C 183 -7.91 -73.39 33.90
N ALA C 184 -7.69 -72.37 33.08
CA ALA C 184 -8.80 -71.58 32.55
C ALA C 184 -9.71 -72.43 31.67
N VAL C 185 -9.13 -73.22 30.78
CA VAL C 185 -9.95 -74.03 29.87
C VAL C 185 -10.67 -75.14 30.64
N ALA C 186 -9.99 -75.74 31.63
CA ALA C 186 -10.65 -76.77 32.42
C ALA C 186 -11.81 -76.21 33.24
N ALA C 187 -11.63 -75.01 33.79
CA ALA C 187 -12.72 -74.38 34.53
C ALA C 187 -13.86 -73.99 33.61
N LEU C 188 -13.55 -73.47 32.42
CA LEU C 188 -14.58 -73.10 31.46
C LEU C 188 -15.32 -74.31 30.90
N ARG C 189 -14.70 -75.49 30.95
CA ARG C 189 -15.42 -76.70 30.58
C ARG C 189 -16.58 -76.96 31.54
N ALA C 190 -16.35 -76.79 32.84
CA ALA C 190 -17.36 -77.07 33.84
C ALA C 190 -18.44 -76.00 33.89
N LEU C 203 -13.59 -75.57 26.41
CA LEU C 203 -13.76 -76.23 25.12
C LEU C 203 -12.42 -76.41 24.42
N GLY C 204 -12.43 -77.10 23.29
CA GLY C 204 -11.22 -77.38 22.56
C GLY C 204 -10.63 -76.13 21.93
N VAL C 205 -9.65 -76.35 21.06
CA VAL C 205 -8.97 -75.25 20.39
C VAL C 205 -9.96 -74.43 19.57
N ALA C 206 -10.83 -75.11 18.84
CA ALA C 206 -11.86 -74.42 18.08
C ALA C 206 -12.89 -73.80 19.02
N SER C 207 -13.59 -72.80 18.51
CA SER C 207 -14.62 -72.07 19.27
C SER C 207 -14.05 -71.53 20.58
N LEU C 208 -12.83 -71.00 20.51
CA LEU C 208 -12.15 -70.49 21.70
C LEU C 208 -11.27 -69.32 21.29
N GLU C 209 -11.42 -68.21 22.02
CA GLU C 209 -10.64 -67.00 21.79
C GLU C 209 -9.79 -66.73 23.02
N VAL C 210 -8.49 -66.49 22.82
CA VAL C 210 -7.58 -66.25 23.94
C VAL C 210 -6.72 -65.04 23.63
N ALA C 211 -6.53 -64.19 24.64
CA ALA C 211 -5.68 -63.02 24.54
C ALA C 211 -4.83 -62.93 25.80
N VAL C 212 -3.73 -62.21 25.70
CA VAL C 212 -2.80 -62.05 26.81
C VAL C 212 -2.40 -60.59 26.92
N LEU C 213 -2.35 -60.09 28.16
CA LEU C 213 -1.66 -58.86 28.50
C LEU C 213 -0.35 -59.27 29.13
N ASP C 214 0.73 -59.17 28.37
CA ASP C 214 2.06 -59.59 28.81
C ASP C 214 2.81 -58.36 29.30
N ALA C 215 3.19 -58.37 30.58
CA ALA C 215 3.94 -57.27 31.15
C ALA C 215 5.38 -57.22 30.65
N ASN C 216 5.86 -58.27 29.99
CA ASN C 216 7.22 -58.29 29.48
C ASN C 216 7.35 -57.55 28.16
N ARG C 217 6.25 -57.17 27.53
CA ARG C 217 6.32 -56.43 26.28
C ARG C 217 6.73 -54.98 26.55
N PRO C 218 7.56 -54.38 25.69
CA PRO C 218 8.03 -53.02 25.95
C PRO C 218 6.92 -51.99 26.11
N ARG C 219 6.05 -51.82 25.11
CA ARG C 219 5.01 -50.81 25.20
C ARG C 219 3.61 -51.38 25.14
N ARG C 220 3.26 -52.15 24.10
CA ARG C 220 1.91 -52.67 23.93
C ARG C 220 1.86 -54.10 24.45
N ALA C 221 1.10 -54.30 25.52
CA ALA C 221 1.06 -55.58 26.21
C ALA C 221 0.08 -56.58 25.62
N PHE C 222 -0.82 -56.14 24.75
CA PHE C 222 -1.86 -57.02 24.24
C PHE C 222 -1.34 -57.90 23.11
N ARG C 223 -1.74 -59.17 23.14
CA ARG C 223 -1.29 -60.13 22.14
C ARG C 223 -2.35 -61.22 21.99
N ARG C 224 -2.64 -61.59 20.76
CA ARG C 224 -3.60 -62.65 20.48
C ARG C 224 -2.87 -63.95 20.18
N ILE C 225 -3.40 -65.05 20.70
CA ILE C 225 -2.89 -66.39 20.44
C ILE C 225 -3.95 -67.11 19.62
N THR C 226 -3.64 -67.42 18.37
CA THR C 226 -4.59 -68.08 17.49
C THR C 226 -3.85 -69.08 16.61
N GLY C 227 -4.46 -70.25 16.42
CA GLY C 227 -4.03 -71.18 15.38
C GLY C 227 -2.94 -72.11 15.86
N SER C 228 -1.78 -72.09 15.18
CA SER C 228 -0.72 -73.04 15.47
C SER C 228 -0.20 -72.88 16.89
N ALA C 229 0.03 -71.64 17.33
CA ALA C 229 0.57 -71.41 18.67
C ALA C 229 -0.45 -71.79 19.74
N LEU C 230 -1.73 -71.46 19.52
CA LEU C 230 -2.74 -71.81 20.51
C LEU C 230 -2.89 -73.33 20.63
N GLN C 231 -2.85 -74.03 19.50
CA GLN C 231 -2.92 -75.49 19.54
C GLN C 231 -1.67 -76.08 20.21
N ALA C 232 -0.51 -75.48 19.96
CA ALA C 232 0.72 -75.96 20.59
C ALA C 232 0.66 -75.79 22.10
N LEU C 233 0.20 -74.63 22.57
CA LEU C 233 0.13 -74.40 24.00
C LEU C 233 -0.99 -75.20 24.65
N LEU C 234 -2.02 -75.56 23.88
CA LEU C 234 -3.13 -76.33 24.41
C LEU C 234 -3.01 -77.80 24.03
N SER D 8 -50.94 -38.24 41.64
CA SER D 8 -50.66 -36.97 42.31
C SER D 8 -49.16 -36.74 42.45
N PRO D 9 -48.74 -35.47 42.35
CA PRO D 9 -47.31 -35.17 42.53
C PRO D 9 -46.78 -35.60 43.89
N GLU D 10 -47.60 -35.54 44.93
CA GLU D 10 -47.16 -35.98 46.25
C GLU D 10 -46.79 -37.46 46.24
N GLN D 11 -47.55 -38.26 45.47
CA GLN D 11 -47.20 -39.68 45.34
C GLN D 11 -45.73 -39.83 44.95
N ALA D 12 -45.32 -39.13 43.88
CA ALA D 12 -43.99 -39.09 43.36
C ALA D 12 -43.04 -38.46 44.35
N MET D 13 -43.52 -37.47 45.13
CA MET D 13 -42.64 -36.77 46.09
C MET D 13 -42.29 -37.71 47.25
N ARG D 14 -43.29 -38.26 47.94
CA ARG D 14 -43.05 -39.14 49.12
C ARG D 14 -42.29 -40.40 48.68
N GLU D 15 -42.71 -41.04 47.59
CA GLU D 15 -42.03 -42.26 47.09
C GLU D 15 -40.56 -41.94 46.84
N ARG D 16 -40.28 -40.84 46.14
CA ARG D 16 -38.88 -40.46 45.79
C ARG D 16 -38.07 -40.30 47.08
N SER D 17 -38.64 -39.63 48.10
CA SER D 17 -37.92 -39.38 49.37
C SER D 17 -37.51 -40.71 50.03
N GLU D 18 -38.45 -41.66 50.13
CA GLU D 18 -38.15 -42.96 50.81
C GLU D 18 -37.21 -43.79 49.94
N LEU D 19 -37.41 -43.77 48.62
CA LEU D 19 -36.53 -44.53 47.69
C LEU D 19 -35.08 -44.10 47.91
N ALA D 20 -34.85 -42.79 48.00
CA ALA D 20 -33.51 -42.25 48.22
C ALA D 20 -33.01 -42.60 49.61
N ARG D 21 -33.88 -42.54 50.62
CA ARG D 21 -33.46 -42.88 51.97
C ARG D 21 -32.98 -44.33 52.05
N LYS D 22 -33.70 -45.25 51.43
CA LYS D 22 -33.26 -46.64 51.40
C LYS D 22 -32.00 -46.82 50.57
N GLY D 23 -31.85 -46.03 49.48
CA GLY D 23 -30.63 -46.11 48.70
C GLY D 23 -29.40 -45.73 49.52
N ILE D 24 -29.53 -44.69 50.36
CA ILE D 24 -28.44 -44.37 51.27
C ILE D 24 -28.33 -45.42 52.37
N ALA D 25 -29.43 -46.11 52.69
CA ALA D 25 -29.43 -47.05 53.81
C ALA D 25 -28.46 -48.20 53.60
N ARG D 26 -28.40 -48.73 52.38
CA ARG D 26 -27.57 -49.91 52.10
C ARG D 26 -26.14 -49.52 51.68
N ALA D 27 -25.51 -48.65 52.46
CA ALA D 27 -24.19 -48.14 52.11
C ALA D 27 -23.29 -48.15 53.34
N LYS D 28 -22.00 -47.96 53.10
CA LYS D 28 -21.02 -47.88 54.17
C LYS D 28 -21.10 -46.53 54.87
N SER D 29 -20.49 -46.46 56.05
CA SER D 29 -20.60 -45.29 56.91
C SER D 29 -19.31 -44.46 56.87
N VAL D 30 -19.48 -43.14 56.91
CA VAL D 30 -18.37 -42.19 56.96
C VAL D 30 -18.54 -41.33 58.21
N VAL D 31 -17.44 -41.07 58.90
CA VAL D 31 -17.42 -40.15 60.03
C VAL D 31 -16.47 -39.02 59.70
N ALA D 32 -16.94 -37.79 59.89
CA ALA D 32 -16.11 -36.60 59.78
C ALA D 32 -16.18 -35.90 61.13
N LEU D 33 -15.06 -35.84 61.84
CA LEU D 33 -15.04 -35.29 63.18
C LEU D 33 -13.93 -34.25 63.32
N ALA D 34 -14.23 -33.18 64.04
CA ALA D 34 -13.29 -32.08 64.22
C ALA D 34 -12.36 -32.38 65.39
N TYR D 35 -11.06 -32.18 65.17
CA TYR D 35 -10.06 -32.37 66.20
C TYR D 35 -9.11 -31.18 66.17
N ALA D 36 -8.09 -31.23 67.05
CA ALA D 36 -7.19 -30.09 67.25
C ALA D 36 -6.56 -29.65 65.94
N GLY D 37 -6.14 -30.60 65.12
CA GLY D 37 -5.48 -30.29 63.87
C GLY D 37 -6.40 -29.99 62.70
N GLY D 38 -7.70 -29.96 62.91
CA GLY D 38 -8.61 -29.69 61.82
C GLY D 38 -9.76 -30.68 61.74
N VAL D 39 -9.88 -31.38 60.61
CA VAL D 39 -10.98 -32.32 60.40
C VAL D 39 -10.41 -33.68 60.04
N LEU D 40 -11.07 -34.74 60.51
CA LEU D 40 -10.63 -36.11 60.27
C LEU D 40 -11.79 -36.88 59.63
N PHE D 41 -11.52 -37.50 58.49
CA PHE D 41 -12.48 -38.31 57.77
C PHE D 41 -12.08 -39.78 57.85
N VAL D 42 -13.02 -40.64 58.20
CA VAL D 42 -12.80 -42.08 58.24
C VAL D 42 -13.99 -42.78 57.62
N ALA D 43 -13.73 -43.63 56.62
CA ALA D 43 -14.77 -44.38 55.96
C ALA D 43 -14.40 -45.86 55.94
N GLU D 44 -15.42 -46.71 55.98
CA GLU D 44 -15.24 -48.16 55.82
C GLU D 44 -15.31 -48.45 54.33
N ASN D 45 -14.14 -48.41 53.68
CA ASN D 45 -14.05 -48.56 52.23
C ASN D 45 -13.15 -49.74 51.89
N PRO D 46 -13.72 -50.90 51.53
CA PRO D 46 -12.87 -52.07 51.24
C PRO D 46 -11.92 -51.86 50.07
N SER D 47 -12.34 -51.12 49.05
CA SER D 47 -11.53 -50.97 47.84
C SER D 47 -10.45 -49.92 48.05
N ARG D 48 -9.21 -50.27 47.70
CA ARG D 48 -8.14 -49.28 47.67
C ARG D 48 -8.21 -48.38 46.45
N SER D 49 -9.03 -48.73 45.45
CA SER D 49 -9.17 -47.93 44.24
C SER D 49 -10.24 -46.86 44.41
N LEU D 50 -11.45 -47.25 44.82
CA LEU D 50 -12.50 -46.27 45.06
C LEU D 50 -12.22 -45.48 46.32
N GLN D 51 -12.58 -44.20 46.29
CA GLN D 51 -12.40 -43.31 47.43
C GLN D 51 -13.70 -42.55 47.67
N LYS D 52 -14.17 -42.58 48.91
CA LYS D 52 -15.34 -41.80 49.31
C LYS D 52 -14.95 -40.48 49.95
N ILE D 53 -13.66 -40.19 50.06
CA ILE D 53 -13.15 -38.97 50.65
C ILE D 53 -12.19 -38.34 49.67
N SER D 54 -12.32 -37.03 49.46
CA SER D 54 -11.47 -36.35 48.51
C SER D 54 -11.28 -34.90 48.94
N GLU D 55 -10.40 -34.22 48.23
CA GLU D 55 -10.12 -32.81 48.44
C GLU D 55 -10.94 -32.01 47.43
N LEU D 56 -11.66 -31.00 47.93
CA LEU D 56 -12.38 -30.09 47.04
C LEU D 56 -11.53 -28.87 46.72
N TYR D 57 -10.97 -28.23 47.74
CA TYR D 57 -10.12 -27.08 47.57
C TYR D 57 -9.12 -27.05 48.71
N ASP D 58 -8.30 -25.99 48.77
CA ASP D 58 -7.13 -25.96 49.63
C ASP D 58 -7.48 -26.34 51.06
N ARG D 59 -8.50 -25.70 51.62
CA ARG D 59 -8.93 -25.99 52.99
C ARG D 59 -10.29 -26.65 53.02
N VAL D 60 -10.78 -27.15 51.89
CA VAL D 60 -12.14 -27.68 51.79
C VAL D 60 -12.06 -29.14 51.39
N GLY D 61 -12.58 -30.02 52.25
CA GLY D 61 -12.61 -31.44 52.03
C GLY D 61 -14.01 -31.98 51.83
N PHE D 62 -14.09 -33.14 51.16
CA PHE D 62 -15.33 -33.72 50.69
C PHE D 62 -15.47 -35.14 51.22
N ALA D 63 -16.68 -35.50 51.64
CA ALA D 63 -16.98 -36.87 52.02
C ALA D 63 -18.40 -37.20 51.56
N ALA D 64 -18.66 -38.47 51.30
CA ALA D 64 -19.99 -38.82 50.80
C ALA D 64 -20.33 -40.25 51.17
N ALA D 65 -21.63 -40.54 51.18
CA ALA D 65 -22.15 -41.88 51.36
C ALA D 65 -23.35 -42.07 50.45
N GLY D 66 -23.41 -43.22 49.80
CA GLY D 66 -24.51 -43.51 48.89
C GLY D 66 -24.04 -44.18 47.61
N LYS D 67 -24.83 -44.07 46.55
CA LYS D 67 -24.44 -44.61 45.25
C LYS D 67 -23.17 -43.92 44.77
N PHE D 68 -22.19 -44.71 44.33
CA PHE D 68 -20.85 -44.18 44.08
C PHE D 68 -20.87 -43.13 42.98
N ASN D 69 -21.18 -43.54 41.75
CA ASN D 69 -20.91 -42.67 40.60
C ASN D 69 -21.70 -41.36 40.70
N GLU D 70 -22.84 -41.37 41.38
CA GLU D 70 -23.59 -40.13 41.58
C GLU D 70 -22.78 -39.13 42.40
N PHE D 71 -22.29 -39.55 43.57
CA PHE D 71 -21.49 -38.61 44.33
C PHE D 71 -20.10 -38.41 43.75
N ASP D 72 -19.64 -39.28 42.85
CA ASP D 72 -18.43 -38.99 42.09
C ASP D 72 -18.64 -37.84 41.13
N ASN D 73 -19.77 -37.84 40.43
CA ASN D 73 -20.09 -36.70 39.57
C ASN D 73 -20.27 -35.44 40.40
N LEU D 74 -20.90 -35.56 41.58
CA LEU D 74 -21.03 -34.41 42.46
C LEU D 74 -19.66 -33.89 42.90
N ARG D 75 -18.74 -34.79 43.23
CA ARG D 75 -17.41 -34.41 43.65
C ARG D 75 -16.66 -33.69 42.53
N ARG D 76 -16.77 -34.21 41.30
CA ARG D 76 -16.09 -33.57 40.18
C ARG D 76 -16.70 -32.20 39.88
N GLY D 77 -18.02 -32.07 39.98
CA GLY D 77 -18.64 -30.77 39.81
C GLY D 77 -18.19 -29.78 40.86
N GLY D 78 -18.09 -30.23 42.11
CA GLY D 78 -17.61 -29.35 43.16
C GLY D 78 -16.17 -28.93 42.96
N ILE D 79 -15.32 -29.85 42.49
CA ILE D 79 -13.93 -29.50 42.18
C ILE D 79 -13.87 -28.48 41.07
N GLN D 80 -14.65 -28.67 40.01
CA GLN D 80 -14.67 -27.71 38.90
C GLN D 80 -15.14 -26.35 39.37
N PHE D 81 -16.19 -26.31 40.19
CA PHE D 81 -16.69 -25.04 40.71
C PHE D 81 -15.64 -24.34 41.56
N ALA D 82 -15.01 -25.08 42.46
CA ALA D 82 -14.02 -24.48 43.35
C ALA D 82 -12.83 -23.93 42.58
N ASP D 83 -12.33 -24.71 41.61
CA ASP D 83 -11.19 -24.24 40.83
C ASP D 83 -11.55 -23.02 39.97
N THR D 84 -12.73 -23.04 39.35
CA THR D 84 -13.15 -21.90 38.54
C THR D 84 -13.29 -20.64 39.38
N ARG D 85 -13.87 -20.77 40.58
CA ARG D 85 -14.06 -19.59 41.42
C ARG D 85 -12.74 -19.11 42.00
N GLY D 86 -11.81 -20.03 42.29
CA GLY D 86 -10.51 -19.62 42.76
C GLY D 86 -9.71 -18.91 41.68
N TYR D 87 -9.86 -19.33 40.43
CA TYR D 87 -9.16 -18.64 39.35
C TYR D 87 -9.82 -17.32 38.98
N ALA D 88 -11.15 -17.23 39.09
CA ALA D 88 -11.84 -16.02 38.67
C ALA D 88 -11.64 -14.89 39.68
N TYR D 89 -11.63 -15.20 40.98
CA TYR D 89 -11.41 -14.17 41.98
C TYR D 89 -10.12 -14.36 42.75
N ASP D 90 -9.99 -15.45 43.50
CA ASP D 90 -8.82 -15.71 44.33
C ASP D 90 -9.04 -17.04 45.05
N ARG D 91 -7.94 -17.64 45.50
CA ARG D 91 -8.04 -18.87 46.27
C ARG D 91 -8.75 -18.63 47.60
N ARG D 92 -8.45 -17.51 48.26
CA ARG D 92 -9.05 -17.21 49.55
C ARG D 92 -10.51 -16.79 49.45
N ASP D 93 -11.02 -16.58 48.25
CA ASP D 93 -12.42 -16.24 48.05
C ASP D 93 -13.32 -17.46 47.98
N VAL D 94 -12.74 -18.67 48.00
CA VAL D 94 -13.50 -19.91 47.97
C VAL D 94 -13.69 -20.37 49.41
N THR D 95 -14.95 -20.59 49.80
CA THR D 95 -15.28 -21.04 51.14
C THR D 95 -16.15 -22.29 51.05
N GLY D 96 -16.15 -23.07 52.12
CA GLY D 96 -16.97 -24.27 52.16
C GLY D 96 -18.46 -23.98 52.16
N ARG D 97 -18.86 -22.80 52.62
CA ARG D 97 -20.26 -22.43 52.61
C ARG D 97 -20.80 -22.33 51.18
N GLN D 98 -20.03 -21.72 50.27
CA GLN D 98 -20.48 -21.60 48.88
C GLN D 98 -20.57 -22.97 48.23
N LEU D 99 -19.61 -23.84 48.48
CA LEU D 99 -19.65 -25.18 47.90
C LEU D 99 -20.84 -25.97 48.43
N ALA D 100 -21.11 -25.84 49.72
CA ALA D 100 -22.29 -26.50 50.30
C ALA D 100 -23.58 -25.96 49.69
N ASN D 101 -23.66 -24.65 49.48
CA ASN D 101 -24.85 -24.07 48.87
C ASN D 101 -25.03 -24.53 47.44
N VAL D 102 -23.93 -24.65 46.68
CA VAL D 102 -24.00 -25.13 45.31
C VAL D 102 -24.45 -26.58 45.28
N TYR D 103 -23.94 -27.39 46.21
CA TYR D 103 -24.39 -28.77 46.31
C TYR D 103 -25.88 -28.84 46.66
N ALA D 104 -26.34 -27.98 47.56
CA ALA D 104 -27.75 -27.95 47.91
C ALA D 104 -28.61 -27.60 46.70
N GLN D 105 -28.20 -26.58 45.94
CA GLN D 105 -28.94 -26.19 44.74
C GLN D 105 -29.01 -27.34 43.74
N THR D 106 -27.86 -27.95 43.43
CA THR D 106 -27.85 -28.99 42.40
C THR D 106 -28.61 -30.22 42.87
N LEU D 107 -28.54 -30.55 44.16
CA LEU D 107 -29.26 -31.72 44.65
C LEU D 107 -30.76 -31.49 44.65
N GLY D 108 -31.21 -30.29 45.05
CA GLY D 108 -32.63 -30.00 44.97
C GLY D 108 -33.14 -30.01 43.54
N THR D 109 -32.36 -29.44 42.62
CA THR D 109 -32.75 -29.46 41.21
C THR D 109 -32.83 -30.88 40.67
N ILE D 110 -31.85 -31.72 41.00
CA ILE D 110 -31.88 -33.11 40.55
C ILE D 110 -33.08 -33.84 41.16
N PHE D 111 -33.35 -33.60 42.44
CA PHE D 111 -34.45 -34.27 43.11
C PHE D 111 -35.78 -33.94 42.45
N THR D 112 -36.06 -32.65 42.26
CA THR D 112 -37.36 -32.27 41.71
C THR D 112 -37.47 -32.57 40.22
N GLU D 113 -36.42 -32.30 39.45
CA GLU D 113 -36.49 -32.25 37.99
C GLU D 113 -36.12 -33.56 37.31
N GLN D 114 -35.25 -34.36 37.90
CA GLN D 114 -34.74 -35.53 37.20
C GLN D 114 -35.66 -36.73 37.40
N ALA D 115 -35.51 -37.71 36.50
CA ALA D 115 -36.32 -38.92 36.57
C ALA D 115 -36.04 -39.70 37.85
N LYS D 116 -34.76 -39.80 38.24
CA LYS D 116 -34.39 -40.50 39.44
C LYS D 116 -33.52 -39.60 40.32
N PRO D 117 -33.74 -39.60 41.63
CA PRO D 117 -32.93 -38.76 42.52
C PRO D 117 -31.53 -39.32 42.70
N TYR D 118 -30.72 -38.56 43.44
CA TYR D 118 -29.39 -39.00 43.84
C TYR D 118 -29.48 -39.50 45.28
N GLU D 119 -29.32 -40.81 45.47
CA GLU D 119 -29.35 -41.38 46.82
C GLU D 119 -28.01 -41.19 47.51
N VAL D 120 -27.58 -39.94 47.56
CA VAL D 120 -26.28 -39.56 48.09
C VAL D 120 -26.47 -38.68 49.31
N GLU D 121 -25.41 -38.56 50.09
CA GLU D 121 -25.39 -37.66 51.24
C GLU D 121 -23.96 -37.18 51.43
N LEU D 122 -23.77 -35.86 51.39
CA LEU D 122 -22.44 -35.26 51.32
C LEU D 122 -22.11 -34.52 52.61
N CYS D 123 -20.82 -34.47 52.91
CA CYS D 123 -20.28 -33.61 53.96
C CYS D 123 -19.20 -32.75 53.36
N VAL D 124 -19.31 -31.44 53.59
CA VAL D 124 -18.30 -30.48 53.18
C VAL D 124 -17.67 -29.91 54.44
N ALA D 125 -16.35 -30.05 54.55
CA ALA D 125 -15.62 -29.59 55.73
C ALA D 125 -14.66 -28.48 55.34
N GLU D 126 -14.66 -27.41 56.11
CA GLU D 126 -13.74 -26.30 55.88
C GLU D 126 -12.95 -26.04 57.16
N VAL D 127 -11.63 -25.95 57.02
CA VAL D 127 -10.75 -25.61 58.13
C VAL D 127 -10.25 -24.18 57.94
N ALA D 128 -9.59 -23.67 58.97
CA ALA D 128 -9.08 -22.31 58.91
C ALA D 128 -7.89 -22.23 57.96
N HIS D 129 -7.64 -21.02 57.46
CA HIS D 129 -6.45 -20.78 56.68
C HIS D 129 -5.23 -20.81 57.59
N TYR D 130 -4.04 -20.77 56.99
CA TYR D 130 -2.82 -20.88 57.77
C TYR D 130 -2.62 -19.66 58.67
N GLY D 131 -2.25 -19.92 59.91
CA GLY D 131 -2.02 -18.87 60.88
C GLY D 131 -3.28 -18.29 61.49
N GLU D 132 -4.45 -18.70 61.03
CA GLU D 132 -5.72 -18.20 61.55
C GLU D 132 -6.36 -19.26 62.44
N THR D 133 -7.03 -18.81 63.49
CA THR D 133 -7.74 -19.68 64.41
C THR D 133 -9.24 -19.53 64.15
N LYS D 134 -9.88 -20.62 63.76
CA LYS D 134 -11.29 -20.61 63.42
C LYS D 134 -11.79 -22.04 63.41
N ARG D 135 -12.89 -22.28 64.11
CA ARG D 135 -13.37 -23.64 64.29
C ARG D 135 -13.73 -24.28 62.95
N PRO D 136 -13.45 -25.56 62.75
CA PRO D 136 -13.84 -26.21 61.50
C PRO D 136 -15.35 -26.19 61.32
N GLU D 137 -15.78 -26.02 60.08
CA GLU D 137 -17.20 -26.06 59.73
C GLU D 137 -17.48 -27.36 59.00
N LEU D 138 -18.50 -28.08 59.47
CA LEU D 138 -18.96 -29.30 58.83
C LEU D 138 -20.41 -29.08 58.39
N TYR D 139 -20.66 -29.33 57.11
CA TYR D 139 -22.01 -29.20 56.54
C TYR D 139 -22.45 -30.55 56.01
N ARG D 140 -23.63 -30.98 56.43
CA ARG D 140 -24.28 -32.17 55.89
C ARG D 140 -25.34 -31.74 54.89
N ILE D 141 -25.20 -32.22 53.65
CA ILE D 141 -26.21 -31.88 52.59
C ILE D 141 -27.00 -33.15 52.28
N THR D 142 -28.31 -33.13 52.52
CA THR D 142 -29.17 -34.33 52.30
C THR D 142 -29.53 -34.45 50.81
N TYR D 143 -30.04 -35.61 50.38
CA TYR D 143 -30.37 -35.86 48.95
C TYR D 143 -31.37 -34.82 48.41
N ASP D 144 -32.21 -34.26 49.28
CA ASP D 144 -33.26 -33.31 48.83
C ASP D 144 -32.75 -31.86 48.92
N GLY D 145 -31.43 -31.66 49.02
CA GLY D 145 -30.86 -30.30 49.08
C GLY D 145 -31.04 -29.67 50.45
N SER D 146 -31.00 -30.48 51.51
CA SER D 146 -31.16 -29.96 52.90
C SER D 146 -29.78 -29.73 53.53
N ILE D 147 -29.38 -28.46 53.68
CA ILE D 147 -28.03 -28.14 54.23
C ILE D 147 -28.13 -27.89 55.73
N ALA D 148 -27.31 -28.57 56.54
CA ALA D 148 -27.31 -28.40 57.98
C ALA D 148 -25.88 -28.29 58.49
N ASP D 149 -25.66 -27.32 59.38
CA ASP D 149 -24.37 -27.10 60.01
C ASP D 149 -24.28 -27.98 61.25
N GLU D 150 -23.22 -28.78 61.35
CA GLU D 150 -22.99 -29.64 62.51
C GLU D 150 -21.56 -29.41 63.00
N PRO D 151 -21.36 -28.73 64.11
CA PRO D 151 -20.01 -28.26 64.48
C PRO D 151 -19.13 -29.29 65.15
N HIS D 152 -19.59 -30.52 65.36
CA HIS D 152 -18.79 -31.52 66.07
C HIS D 152 -18.46 -32.73 65.21
N PHE D 153 -19.45 -33.38 64.62
CA PHE D 153 -19.19 -34.53 63.76
C PHE D 153 -20.37 -34.73 62.83
N VAL D 154 -20.12 -35.50 61.77
CA VAL D 154 -21.14 -35.91 60.83
C VAL D 154 -20.95 -37.39 60.56
N VAL D 155 -22.05 -38.14 60.56
CA VAL D 155 -22.04 -39.58 60.28
C VAL D 155 -22.97 -39.84 59.10
N MET D 156 -22.53 -40.73 58.20
CA MET D 156 -23.26 -40.96 56.96
C MET D 156 -23.33 -42.44 56.64
N GLY D 157 -24.48 -42.86 56.11
CA GLY D 157 -24.61 -44.19 55.54
C GLY D 157 -24.85 -45.31 56.50
N GLY D 158 -25.79 -46.19 56.19
CA GLY D 158 -26.04 -47.38 56.99
C GLY D 158 -26.83 -47.09 58.25
N THR D 159 -26.61 -47.92 59.26
CA THR D 159 -27.25 -47.73 60.56
C THR D 159 -26.62 -46.54 61.27
N THR D 160 -27.24 -45.37 61.11
CA THR D 160 -26.66 -44.15 61.66
C THR D 160 -26.87 -44.05 63.17
N GLU D 161 -27.95 -44.61 63.69
CA GLU D 161 -28.31 -44.39 65.10
C GLU D 161 -27.26 -44.88 66.09
N PRO D 162 -26.77 -46.13 66.01
CA PRO D 162 -25.83 -46.57 67.06
C PRO D 162 -24.52 -45.80 67.04
N ILE D 163 -23.94 -45.58 65.85
CA ILE D 163 -22.69 -44.87 65.75
C ILE D 163 -22.87 -43.40 66.14
N ALA D 164 -24.01 -42.81 65.77
CA ALA D 164 -24.28 -41.43 66.15
C ALA D 164 -24.37 -41.28 67.66
N ASN D 165 -25.09 -42.19 68.32
CA ASN D 165 -25.18 -42.13 69.78
C ASN D 165 -23.83 -42.40 70.43
N ALA D 166 -23.06 -43.34 69.89
CA ALA D 166 -21.74 -43.64 70.44
C ALA D 166 -20.82 -42.43 70.35
N LEU D 167 -20.82 -41.76 69.20
CA LEU D 167 -20.04 -40.54 69.06
C LEU D 167 -20.53 -39.46 70.01
N LYS D 168 -21.86 -39.27 70.10
CA LYS D 168 -22.41 -38.22 70.94
C LYS D 168 -22.00 -38.40 72.40
N GLU D 169 -22.04 -39.63 72.90
CA GLU D 169 -21.64 -39.83 74.28
C GLU D 169 -20.13 -39.81 74.45
N SER D 170 -19.37 -40.33 73.50
CA SER D 170 -17.91 -40.43 73.65
C SER D 170 -17.15 -39.24 73.08
N TYR D 171 -17.84 -38.30 72.44
CA TYR D 171 -17.16 -37.18 71.79
C TYR D 171 -16.33 -36.38 72.80
N ALA D 172 -15.08 -36.10 72.43
CA ALA D 172 -14.18 -35.29 73.24
C ALA D 172 -13.70 -34.13 72.39
N GLU D 173 -13.89 -32.91 72.88
CA GLU D 173 -13.39 -31.73 72.18
C GLU D 173 -11.88 -31.64 72.30
N ASN D 174 -11.25 -31.12 71.24
CA ASN D 174 -9.80 -30.95 71.19
C ASN D 174 -9.08 -32.26 71.45
N ALA D 175 -9.52 -33.32 70.79
CA ALA D 175 -8.78 -34.58 70.82
C ALA D 175 -7.55 -34.49 69.91
N SER D 176 -6.55 -35.30 70.21
CA SER D 176 -5.37 -35.35 69.37
C SER D 176 -5.67 -36.16 68.12
N LEU D 177 -4.66 -36.31 67.26
CA LEU D 177 -4.85 -37.07 66.03
C LEU D 177 -5.05 -38.55 66.31
N THR D 178 -4.17 -39.13 67.13
CA THR D 178 -4.30 -40.55 67.48
C THR D 178 -5.59 -40.81 68.24
N ASP D 179 -5.93 -39.94 69.19
CA ASP D 179 -7.17 -40.10 69.96
C ASP D 179 -8.38 -40.00 69.04
N ALA D 180 -8.37 -39.03 68.12
CA ALA D 180 -9.49 -38.88 67.19
C ALA D 180 -9.64 -40.11 66.30
N LEU D 181 -8.52 -40.64 65.79
CA LEU D 181 -8.61 -41.84 64.96
C LEU D 181 -9.12 -43.04 65.77
N ARG D 182 -8.64 -43.18 67.01
CA ARG D 182 -9.09 -44.27 67.86
C ARG D 182 -10.60 -44.20 68.07
N ILE D 183 -11.10 -43.03 68.46
CA ILE D 183 -12.53 -42.91 68.75
C ILE D 183 -13.36 -43.06 67.47
N ALA D 184 -12.86 -42.54 66.35
CA ALA D 184 -13.59 -42.68 65.10
C ALA D 184 -13.70 -44.14 64.68
N VAL D 185 -12.60 -44.89 64.76
CA VAL D 185 -12.64 -46.31 64.42
C VAL D 185 -13.55 -47.06 65.37
N ALA D 186 -13.47 -46.76 66.67
CA ALA D 186 -14.30 -47.45 67.65
C ALA D 186 -15.79 -47.19 67.39
N ALA D 187 -16.14 -45.95 67.09
CA ALA D 187 -17.54 -45.62 66.80
C ALA D 187 -17.99 -46.26 65.49
N LEU D 188 -17.09 -46.36 64.51
CA LEU D 188 -17.42 -47.02 63.26
C LEU D 188 -17.66 -48.52 63.47
N ARG D 189 -16.99 -49.10 64.46
CA ARG D 189 -17.31 -50.48 64.84
C ARG D 189 -18.71 -50.58 65.43
N ALA D 190 -19.06 -49.67 66.32
CA ALA D 190 -20.37 -49.67 66.96
C ALA D 190 -21.48 -49.34 65.95
N LEU D 203 -12.51 -50.84 62.52
CA LEU D 203 -12.15 -52.07 61.83
C LEU D 203 -10.64 -52.18 61.65
N GLY D 204 -10.22 -52.93 60.63
CA GLY D 204 -8.81 -53.11 60.37
C GLY D 204 -8.18 -51.97 59.61
N VAL D 205 -6.86 -52.03 59.47
CA VAL D 205 -6.12 -51.00 58.74
C VAL D 205 -6.53 -50.99 57.27
N ALA D 206 -6.56 -52.17 56.65
CA ALA D 206 -7.13 -52.29 55.33
C ALA D 206 -8.65 -52.23 55.40
N SER D 207 -9.29 -51.99 54.25
CA SER D 207 -10.73 -51.80 54.18
C SER D 207 -11.18 -50.61 55.02
N LEU D 208 -10.28 -49.64 55.20
CA LEU D 208 -10.57 -48.44 55.97
C LEU D 208 -9.78 -47.29 55.37
N GLU D 209 -10.49 -46.23 54.98
CA GLU D 209 -9.88 -45.06 54.35
C GLU D 209 -9.90 -43.91 55.36
N VAL D 210 -8.72 -43.38 55.67
CA VAL D 210 -8.57 -42.31 56.65
C VAL D 210 -7.85 -41.14 55.99
N ALA D 211 -8.45 -39.96 56.08
CA ALA D 211 -7.90 -38.74 55.50
C ALA D 211 -8.06 -37.61 56.50
N VAL D 212 -7.31 -36.53 56.27
CA VAL D 212 -7.28 -35.41 57.21
C VAL D 212 -7.27 -34.10 56.44
N LEU D 213 -8.00 -33.11 56.95
CA LEU D 213 -7.80 -31.71 56.63
C LEU D 213 -6.98 -31.12 57.78
N ASP D 214 -5.70 -30.87 57.52
CA ASP D 214 -4.77 -30.45 58.55
C ASP D 214 -4.63 -28.92 58.50
N ALA D 215 -5.11 -28.26 59.55
CA ALA D 215 -5.08 -26.80 59.58
C ALA D 215 -3.66 -26.25 59.70
N ASN D 216 -2.69 -27.08 60.07
CA ASN D 216 -1.30 -26.65 60.19
C ASN D 216 -0.53 -26.78 58.88
N ARG D 217 -1.13 -27.35 57.85
CA ARG D 217 -0.50 -27.33 56.54
C ARG D 217 -0.56 -25.92 55.97
N PRO D 218 0.49 -25.46 55.29
CA PRO D 218 0.51 -24.07 54.81
C PRO D 218 -0.61 -23.73 53.85
N ARG D 219 -0.71 -24.44 52.72
CA ARG D 219 -1.70 -24.08 51.71
C ARG D 219 -2.76 -25.15 51.50
N ARG D 220 -2.36 -26.36 51.13
CA ARG D 220 -3.30 -27.44 50.88
C ARG D 220 -3.37 -28.32 52.12
N ALA D 221 -4.57 -28.48 52.67
CA ALA D 221 -4.74 -29.16 53.94
C ALA D 221 -4.93 -30.67 53.80
N PHE D 222 -5.50 -31.13 52.69
CA PHE D 222 -5.89 -32.53 52.58
C PHE D 222 -4.68 -33.44 52.51
N ARG D 223 -4.73 -34.53 53.28
CA ARG D 223 -3.67 -35.52 53.34
C ARG D 223 -4.29 -36.89 53.57
N ARG D 224 -3.82 -37.89 52.83
CA ARG D 224 -4.29 -39.26 52.98
C ARG D 224 -3.29 -40.03 53.84
N ILE D 225 -3.72 -40.43 55.04
CA ILE D 225 -2.91 -41.25 55.92
C ILE D 225 -3.36 -42.69 55.70
N THR D 226 -2.73 -43.36 54.75
CA THR D 226 -3.09 -44.71 54.35
C THR D 226 -1.85 -45.60 54.34
N GLY D 227 -2.06 -46.88 54.61
CA GLY D 227 -0.97 -47.85 54.55
C GLY D 227 -0.31 -48.04 55.90
N SER D 228 1.01 -47.94 55.93
CA SER D 228 1.76 -48.19 57.15
C SER D 228 1.46 -47.16 58.22
N ALA D 229 1.36 -45.87 57.84
CA ALA D 229 1.14 -44.81 58.81
C ALA D 229 -0.17 -45.00 59.55
N LEU D 230 -1.21 -45.44 58.85
CA LEU D 230 -2.51 -45.68 59.49
C LEU D 230 -2.39 -46.76 60.57
N GLN D 231 -1.64 -47.83 60.28
CA GLN D 231 -1.43 -48.86 61.29
C GLN D 231 -0.58 -48.35 62.45
N ALA D 232 0.44 -47.55 62.14
CA ALA D 232 1.29 -46.99 63.20
C ALA D 232 0.47 -46.12 64.14
N LEU D 233 -0.48 -45.36 63.60
CA LEU D 233 -1.40 -44.60 64.44
C LEU D 233 -2.29 -45.53 65.25
N LEU D 234 -2.83 -46.57 64.61
CA LEU D 234 -3.77 -47.47 65.27
C LEU D 234 -3.06 -48.66 65.91
N SER E 8 -58.89 -34.47 36.48
CA SER E 8 -59.56 -33.24 36.94
C SER E 8 -58.54 -32.15 37.20
N PRO E 9 -58.42 -31.20 36.25
CA PRO E 9 -57.45 -30.11 36.44
C PRO E 9 -57.70 -29.27 37.66
N GLU E 10 -58.96 -29.07 38.03
CA GLU E 10 -59.27 -28.26 39.22
C GLU E 10 -58.69 -28.92 40.47
N GLN E 11 -58.88 -30.23 40.61
CA GLN E 11 -58.33 -30.93 41.76
C GLN E 11 -56.80 -30.88 41.75
N ALA E 12 -56.19 -30.98 40.56
CA ALA E 12 -54.73 -30.93 40.47
C ALA E 12 -54.20 -29.57 40.92
N MET E 13 -54.80 -28.48 40.43
CA MET E 13 -54.37 -27.15 40.81
C MET E 13 -54.59 -26.92 42.30
N ARG E 14 -55.72 -27.40 42.84
CA ARG E 14 -55.96 -27.28 44.27
C ARG E 14 -54.91 -28.05 45.07
N GLU E 15 -54.57 -29.26 44.63
CA GLU E 15 -53.55 -30.04 45.32
C GLU E 15 -52.20 -29.33 45.28
N ARG E 16 -51.89 -28.68 44.16
CA ARG E 16 -50.65 -27.89 44.09
C ARG E 16 -50.67 -26.75 45.09
N SER E 17 -51.80 -26.04 45.20
CA SER E 17 -51.91 -24.97 46.18
C SER E 17 -51.75 -25.49 47.60
N GLU E 18 -52.39 -26.62 47.91
CA GLU E 18 -52.27 -27.19 49.25
C GLU E 18 -50.83 -27.62 49.54
N LEU E 19 -50.15 -28.19 48.54
CA LEU E 19 -48.73 -28.49 48.68
C LEU E 19 -47.95 -27.23 49.05
N ALA E 20 -48.22 -26.12 48.36
CA ALA E 20 -47.48 -24.89 48.64
C ALA E 20 -47.73 -24.41 50.07
N ARG E 21 -48.99 -24.37 50.50
CA ARG E 21 -49.26 -23.86 51.85
C ARG E 21 -48.69 -24.77 52.92
N LYS E 22 -48.74 -26.10 52.69
CA LYS E 22 -48.13 -27.02 53.63
C LYS E 22 -46.62 -26.81 53.71
N GLY E 23 -45.97 -26.62 52.55
CA GLY E 23 -44.54 -26.41 52.55
C GLY E 23 -44.14 -25.14 53.29
N ILE E 24 -44.92 -24.07 53.13
CA ILE E 24 -44.61 -22.84 53.85
C ILE E 24 -44.92 -22.99 55.34
N ALA E 25 -45.90 -23.83 55.68
CA ALA E 25 -46.32 -23.97 57.07
C ALA E 25 -45.20 -24.51 57.95
N ARG E 26 -44.46 -25.51 57.45
CA ARG E 26 -43.42 -26.14 58.24
C ARG E 26 -42.10 -25.39 58.12
N ALA E 27 -42.12 -24.09 58.35
CA ALA E 27 -40.94 -23.25 58.25
C ALA E 27 -40.96 -22.21 59.35
N LYS E 28 -39.77 -21.68 59.66
CA LYS E 28 -39.66 -20.67 60.70
C LYS E 28 -40.21 -19.34 60.21
N SER E 29 -40.64 -18.51 61.15
CA SER E 29 -41.36 -17.28 60.84
C SER E 29 -40.42 -16.07 60.83
N VAL E 30 -40.76 -15.10 59.99
CA VAL E 30 -40.01 -13.87 59.81
C VAL E 30 -40.96 -12.71 60.03
N VAL E 31 -40.53 -11.74 60.85
CA VAL E 31 -41.29 -10.53 61.10
C VAL E 31 -40.50 -9.35 60.54
N ALA E 32 -41.10 -8.64 59.59
CA ALA E 32 -40.55 -7.40 59.05
C ALA E 32 -41.50 -6.28 59.45
N LEU E 33 -41.05 -5.41 60.34
CA LEU E 33 -41.88 -4.33 60.87
C LEU E 33 -41.24 -2.99 60.58
N ALA E 34 -42.04 -2.05 60.09
CA ALA E 34 -41.56 -0.73 59.72
C ALA E 34 -41.56 0.15 60.96
N TYR E 35 -40.37 0.49 61.43
CA TYR E 35 -40.20 1.34 62.61
C TYR E 35 -39.68 2.70 62.18
N ALA E 36 -39.46 3.57 63.17
CA ALA E 36 -39.18 4.98 62.90
C ALA E 36 -37.97 5.15 61.99
N GLY E 37 -36.90 4.42 62.26
CA GLY E 37 -35.70 4.55 61.46
C GLY E 37 -35.71 3.83 60.13
N GLY E 38 -36.76 3.07 59.85
CA GLY E 38 -36.78 2.29 58.62
C GLY E 38 -37.53 0.98 58.77
N VAL E 39 -36.89 -0.14 58.44
CA VAL E 39 -37.53 -1.44 58.53
C VAL E 39 -36.63 -2.39 59.32
N LEU E 40 -37.23 -3.17 60.21
CA LEU E 40 -36.51 -4.14 61.02
C LEU E 40 -36.96 -5.54 60.63
N PHE E 41 -36.00 -6.41 60.30
CA PHE E 41 -36.24 -7.81 59.99
C PHE E 41 -35.73 -8.65 61.15
N VAL E 42 -36.59 -9.52 61.67
CA VAL E 42 -36.22 -10.48 62.71
C VAL E 42 -36.69 -11.85 62.25
N ALA E 43 -35.78 -12.81 62.18
CA ALA E 43 -36.12 -14.15 61.75
C ALA E 43 -35.61 -15.15 62.76
N GLU E 44 -36.44 -16.16 63.04
CA GLU E 44 -36.00 -17.32 63.82
C GLU E 44 -35.16 -18.17 62.87
N ASN E 45 -33.84 -18.00 62.96
CA ASN E 45 -32.91 -18.72 62.09
C ASN E 45 -31.99 -19.57 62.96
N PRO E 46 -32.25 -20.88 63.06
CA PRO E 46 -31.40 -21.72 63.92
C PRO E 46 -29.95 -21.76 63.47
N SER E 47 -29.70 -21.71 62.17
CA SER E 47 -28.35 -21.83 61.66
C SER E 47 -27.61 -20.50 61.76
N ARG E 48 -26.28 -20.58 61.71
CA ARG E 48 -25.44 -19.39 61.69
C ARG E 48 -24.80 -19.13 60.34
N SER E 49 -24.81 -20.12 59.44
CA SER E 49 -24.28 -19.96 58.10
C SER E 49 -25.34 -19.48 57.12
N LEU E 50 -26.48 -20.16 57.08
CA LEU E 50 -27.56 -19.77 56.17
C LEU E 50 -28.12 -18.41 56.56
N GLN E 51 -28.44 -17.60 55.56
CA GLN E 51 -29.00 -16.26 55.76
C GLN E 51 -30.31 -16.16 54.99
N LYS E 52 -31.40 -15.87 55.71
CA LYS E 52 -32.71 -15.72 55.10
C LYS E 52 -33.20 -14.27 55.12
N ILE E 53 -32.38 -13.34 55.63
CA ILE E 53 -32.60 -11.91 55.50
C ILE E 53 -31.45 -11.37 54.67
N SER E 54 -31.76 -10.57 53.65
CA SER E 54 -30.72 -10.13 52.73
C SER E 54 -31.07 -8.79 52.12
N GLU E 55 -30.06 -8.17 51.55
CA GLU E 55 -30.19 -6.90 50.85
C GLU E 55 -30.34 -7.16 49.35
N LEU E 56 -31.31 -6.49 48.73
CA LEU E 56 -31.50 -6.56 47.28
C LEU E 56 -30.81 -5.39 46.58
N TYR E 57 -31.00 -4.18 47.09
CA TYR E 57 -30.40 -2.99 46.50
C TYR E 57 -30.26 -1.93 47.58
N ASP E 58 -29.76 -0.76 47.18
CA ASP E 58 -29.31 0.24 48.14
C ASP E 58 -30.35 0.54 49.22
N ARG E 59 -31.61 0.71 48.82
CA ARG E 59 -32.68 0.95 49.78
C ARG E 59 -33.74 -0.14 49.73
N VAL E 60 -33.42 -1.32 49.23
CA VAL E 60 -34.38 -2.41 49.09
C VAL E 60 -33.83 -3.64 49.79
N GLY E 61 -34.57 -4.14 50.78
CA GLY E 61 -34.22 -5.34 51.51
C GLY E 61 -35.19 -6.47 51.25
N PHE E 62 -34.74 -7.70 51.56
CA PHE E 62 -35.43 -8.92 51.16
C PHE E 62 -35.55 -9.84 52.36
N ALA E 63 -36.74 -10.40 52.54
CA ALA E 63 -37.00 -11.41 53.55
C ALA E 63 -37.79 -12.54 52.92
N ALA E 64 -37.61 -13.76 53.44
CA ALA E 64 -38.29 -14.89 52.81
C ALA E 64 -38.52 -15.99 53.84
N ALA E 65 -39.48 -16.85 53.52
CA ALA E 65 -39.75 -18.04 54.32
C ALA E 65 -40.15 -19.17 53.39
N GLY E 66 -39.83 -20.40 53.80
CA GLY E 66 -40.12 -21.56 52.99
C GLY E 66 -38.89 -22.40 52.71
N LYS E 67 -38.90 -23.13 51.59
CA LYS E 67 -37.76 -23.97 51.26
C LYS E 67 -36.56 -23.10 50.92
N PHE E 68 -35.41 -23.42 51.51
CA PHE E 68 -34.29 -22.49 51.50
C PHE E 68 -33.74 -22.26 50.10
N ASN E 69 -33.47 -23.34 49.35
CA ASN E 69 -32.81 -23.16 48.07
C ASN E 69 -33.69 -22.41 47.09
N GLU E 70 -35.02 -22.58 47.19
CA GLU E 70 -35.92 -21.88 46.29
C GLU E 70 -35.82 -20.37 46.48
N PHE E 71 -35.94 -19.90 47.72
CA PHE E 71 -35.88 -18.46 47.91
C PHE E 71 -34.45 -17.92 47.85
N ASP E 72 -33.44 -18.76 48.05
CA ASP E 72 -32.08 -18.32 47.76
C ASP E 72 -31.89 -18.06 46.27
N ASN E 73 -32.45 -18.95 45.43
CA ASN E 73 -32.42 -18.72 44.00
C ASN E 73 -33.19 -17.46 43.62
N LEU E 74 -34.36 -17.27 44.24
CA LEU E 74 -35.15 -16.07 43.96
C LEU E 74 -34.40 -14.81 44.39
N ARG E 75 -33.74 -14.86 45.54
CA ARG E 75 -32.98 -13.73 46.04
C ARG E 75 -31.82 -13.37 45.11
N ARG E 76 -31.11 -14.40 44.63
CA ARG E 76 -30.01 -14.15 43.70
C ARG E 76 -30.53 -13.56 42.39
N GLY E 77 -31.65 -14.08 41.88
CA GLY E 77 -32.23 -13.53 40.67
C GLY E 77 -32.66 -12.08 40.83
N GLY E 78 -33.27 -11.77 41.99
CA GLY E 78 -33.66 -10.40 42.24
C GLY E 78 -32.48 -9.46 42.36
N ILE E 79 -31.40 -9.91 43.00
CA ILE E 79 -30.20 -9.10 43.09
C ILE E 79 -29.62 -8.84 41.70
N GLN E 80 -29.58 -9.87 40.86
CA GLN E 80 -29.09 -9.71 39.50
C GLN E 80 -29.94 -8.71 38.72
N PHE E 81 -31.27 -8.83 38.84
CA PHE E 81 -32.16 -7.90 38.16
C PHE E 81 -31.93 -6.47 38.63
N ALA E 82 -31.84 -6.28 39.94
CA ALA E 82 -31.68 -4.93 40.48
C ALA E 82 -30.34 -4.32 40.06
N ASP E 83 -29.27 -5.10 40.07
CA ASP E 83 -27.98 -4.58 39.66
C ASP E 83 -27.97 -4.20 38.19
N THR E 84 -28.53 -5.07 37.33
CA THR E 84 -28.61 -4.74 35.91
C THR E 84 -29.44 -3.50 35.67
N ARG E 85 -30.59 -3.39 36.36
CA ARG E 85 -31.46 -2.25 36.18
C ARG E 85 -30.79 -0.95 36.64
N GLY E 86 -30.04 -1.02 37.75
CA GLY E 86 -29.34 0.16 38.23
C GLY E 86 -28.21 0.58 37.31
N TYR E 87 -27.49 -0.39 36.74
CA TYR E 87 -26.42 -0.04 35.81
C TYR E 87 -26.97 0.50 34.49
N ALA E 88 -28.13 0.01 34.05
CA ALA E 88 -28.68 0.43 32.77
C ALA E 88 -29.14 1.88 32.81
N TYR E 89 -29.84 2.27 33.88
CA TYR E 89 -30.36 3.63 33.95
C TYR E 89 -29.72 4.45 35.07
N ASP E 90 -29.93 4.06 36.33
CA ASP E 90 -29.46 4.84 37.48
C ASP E 90 -29.85 4.07 38.73
N ARG E 91 -29.10 4.32 39.81
CA ARG E 91 -29.38 3.66 41.07
C ARG E 91 -30.73 4.09 41.65
N ARG E 92 -31.15 5.32 41.40
CA ARG E 92 -32.41 5.82 41.92
C ARG E 92 -33.61 5.44 41.06
N ASP E 93 -33.39 4.78 39.93
CA ASP E 93 -34.49 4.25 39.13
C ASP E 93 -34.92 2.88 39.58
N VAL E 94 -34.17 2.24 40.48
CA VAL E 94 -34.56 0.96 41.04
C VAL E 94 -35.47 1.23 42.23
N THR E 95 -36.70 0.71 42.17
CA THR E 95 -37.65 0.82 43.26
C THR E 95 -38.00 -0.57 43.76
N GLY E 96 -38.56 -0.61 44.97
CA GLY E 96 -39.04 -1.87 45.51
C GLY E 96 -40.28 -2.38 44.81
N ARG E 97 -41.06 -1.47 44.22
CA ARG E 97 -42.25 -1.89 43.49
C ARG E 97 -41.89 -2.73 42.26
N GLN E 98 -40.85 -2.33 41.53
CA GLN E 98 -40.44 -3.10 40.35
C GLN E 98 -39.96 -4.48 40.76
N LEU E 99 -39.16 -4.58 41.82
CA LEU E 99 -38.68 -5.88 42.28
C LEU E 99 -39.84 -6.74 42.76
N ALA E 100 -40.80 -6.14 43.46
CA ALA E 100 -41.96 -6.90 43.92
C ALA E 100 -42.78 -7.43 42.74
N ASN E 101 -42.97 -6.60 41.71
CA ASN E 101 -43.73 -7.04 40.55
C ASN E 101 -42.99 -8.13 39.79
N VAL E 102 -41.67 -8.03 39.68
CA VAL E 102 -40.88 -9.06 39.00
C VAL E 102 -40.96 -10.37 39.78
N TYR E 103 -40.89 -10.28 41.12
CA TYR E 103 -41.05 -11.49 41.93
C TYR E 103 -42.41 -12.11 41.74
N ALA E 104 -43.46 -11.30 41.72
CA ALA E 104 -44.81 -11.83 41.51
C ALA E 104 -44.93 -12.52 40.16
N GLN E 105 -44.39 -11.89 39.11
CA GLN E 105 -44.48 -12.47 37.77
C GLN E 105 -43.72 -13.79 37.69
N THR E 106 -42.49 -13.82 38.24
CA THR E 106 -41.71 -15.05 38.16
C THR E 106 -42.33 -16.15 39.01
N LEU E 107 -42.95 -15.80 40.14
CA LEU E 107 -43.60 -16.81 40.96
C LEU E 107 -44.82 -17.37 40.26
N GLY E 108 -45.60 -16.52 39.58
CA GLY E 108 -46.69 -17.03 38.77
C GLY E 108 -46.23 -17.95 37.66
N THR E 109 -45.14 -17.57 36.98
CA THR E 109 -44.62 -18.41 35.91
C THR E 109 -44.14 -19.76 36.43
N ILE E 110 -43.44 -19.76 37.56
CA ILE E 110 -42.99 -21.03 38.14
C ILE E 110 -44.18 -21.87 38.57
N PHE E 111 -45.17 -21.25 39.21
CA PHE E 111 -46.33 -22.00 39.69
C PHE E 111 -47.10 -22.63 38.53
N THR E 112 -47.22 -21.92 37.41
CA THR E 112 -47.97 -22.46 36.28
C THR E 112 -47.15 -23.47 35.48
N GLU E 113 -46.04 -23.02 34.91
CA GLU E 113 -45.33 -23.82 33.91
C GLU E 113 -44.54 -24.97 34.54
N GLN E 114 -43.87 -24.70 35.66
CA GLN E 114 -43.01 -25.72 36.26
C GLN E 114 -43.84 -26.79 36.93
N ALA E 115 -43.39 -28.04 36.80
CA ALA E 115 -44.12 -29.17 37.37
C ALA E 115 -44.16 -29.10 38.89
N LYS E 116 -43.04 -28.71 39.51
CA LYS E 116 -42.98 -28.59 40.96
C LYS E 116 -43.05 -27.13 41.35
N PRO E 117 -44.04 -26.70 42.12
CA PRO E 117 -44.17 -25.29 42.45
C PRO E 117 -43.12 -24.85 43.48
N TYR E 118 -42.94 -23.54 43.58
CA TYR E 118 -42.07 -22.95 44.59
C TYR E 118 -42.91 -22.68 45.84
N GLU E 119 -42.58 -23.35 46.94
CA GLU E 119 -43.28 -23.11 48.21
C GLU E 119 -42.50 -22.10 49.04
N VAL E 120 -42.54 -20.85 48.57
CA VAL E 120 -41.84 -19.75 49.22
C VAL E 120 -42.81 -18.59 49.38
N GLU E 121 -42.47 -17.72 50.34
CA GLU E 121 -43.21 -16.49 50.59
C GLU E 121 -42.21 -15.38 50.83
N LEU E 122 -42.32 -14.29 50.07
CA LEU E 122 -41.32 -13.24 50.08
C LEU E 122 -41.88 -11.94 50.64
N CYS E 123 -40.97 -11.10 51.13
CA CYS E 123 -41.29 -9.74 51.54
C CYS E 123 -40.20 -8.84 51.02
N VAL E 124 -40.61 -7.81 50.28
CA VAL E 124 -39.70 -6.78 49.76
C VAL E 124 -39.98 -5.50 50.54
N ALA E 125 -38.95 -4.96 51.17
CA ALA E 125 -39.07 -3.73 51.95
C ALA E 125 -38.28 -2.62 51.28
N GLU E 126 -38.87 -1.44 51.18
CA GLU E 126 -38.21 -0.30 50.58
C GLU E 126 -38.31 0.89 51.51
N VAL E 127 -37.19 1.62 51.64
CA VAL E 127 -37.09 2.78 52.50
C VAL E 127 -36.60 3.95 51.67
N ALA E 128 -36.82 5.15 52.19
CA ALA E 128 -36.56 6.36 51.42
C ALA E 128 -35.06 6.61 51.27
N HIS E 129 -34.72 7.37 50.23
CA HIS E 129 -33.34 7.76 50.02
C HIS E 129 -32.92 8.77 51.10
N TYR E 130 -31.61 8.97 51.21
CA TYR E 130 -31.06 9.87 52.22
C TYR E 130 -31.59 11.28 52.01
N GLY E 131 -32.02 11.91 53.10
CA GLY E 131 -32.56 13.25 53.05
C GLY E 131 -34.02 13.35 52.69
N GLU E 132 -34.75 12.25 52.66
CA GLU E 132 -36.15 12.23 52.27
C GLU E 132 -37.00 11.62 53.36
N THR E 133 -38.25 12.04 53.43
CA THR E 133 -39.24 11.47 54.33
C THR E 133 -40.27 10.73 53.50
N LYS E 134 -40.51 9.47 53.85
CA LYS E 134 -41.44 8.61 53.13
C LYS E 134 -41.72 7.39 53.98
N ARG E 135 -42.99 6.99 54.05
CA ARG E 135 -43.33 5.81 54.82
C ARG E 135 -42.79 4.57 54.11
N PRO E 136 -42.04 3.72 54.82
CA PRO E 136 -41.46 2.54 54.16
C PRO E 136 -42.55 1.65 53.58
N GLU E 137 -42.27 1.11 52.41
CA GLU E 137 -43.20 0.24 51.71
C GLU E 137 -42.84 -1.21 51.95
N LEU E 138 -43.85 -2.03 52.21
CA LEU E 138 -43.67 -3.47 52.44
C LEU E 138 -44.59 -4.22 51.50
N TYR E 139 -44.01 -5.08 50.66
CA TYR E 139 -44.77 -5.91 49.75
C TYR E 139 -44.63 -7.37 50.16
N ARG E 140 -45.74 -8.07 50.24
CA ARG E 140 -45.76 -9.49 50.57
C ARG E 140 -46.17 -10.26 49.32
N ILE E 141 -45.31 -11.16 48.85
CA ILE E 141 -45.51 -11.89 47.61
C ILE E 141 -45.69 -13.36 47.96
N THR E 142 -46.80 -13.93 47.49
CA THR E 142 -47.20 -15.28 47.87
C THR E 142 -46.77 -16.29 46.81
N TYR E 143 -47.08 -17.56 47.08
CA TYR E 143 -46.60 -18.66 46.25
C TYR E 143 -47.17 -18.60 44.84
N ASP E 144 -48.37 -18.06 44.68
CA ASP E 144 -49.04 -18.01 43.40
C ASP E 144 -48.79 -16.71 42.64
N GLY E 145 -47.97 -15.82 43.18
CA GLY E 145 -47.75 -14.53 42.57
C GLY E 145 -48.68 -13.44 43.04
N SER E 146 -49.22 -13.54 44.24
CA SER E 146 -50.11 -12.52 44.76
C SER E 146 -49.32 -11.52 45.59
N ILE E 147 -49.41 -10.25 45.22
CA ILE E 147 -48.65 -9.18 45.85
C ILE E 147 -49.60 -8.36 46.72
N ALA E 148 -49.20 -8.11 47.96
CA ALA E 148 -50.02 -7.37 48.92
C ALA E 148 -49.23 -6.18 49.45
N ASP E 149 -49.85 -5.00 49.39
CA ASP E 149 -49.26 -3.75 49.86
C ASP E 149 -49.62 -3.60 51.34
N GLU E 150 -48.75 -4.11 52.21
CA GLU E 150 -49.04 -4.13 53.63
C GLU E 150 -48.24 -3.04 54.34
N PRO E 151 -48.88 -2.01 54.90
CA PRO E 151 -48.12 -0.88 55.45
C PRO E 151 -47.66 -1.05 56.89
N HIS E 152 -48.14 -2.05 57.62
CA HIS E 152 -47.86 -2.16 59.04
C HIS E 152 -46.74 -3.16 59.33
N PHE E 153 -46.93 -4.42 58.95
CA PHE E 153 -46.04 -5.49 59.38
C PHE E 153 -46.22 -6.67 58.44
N VAL E 154 -45.17 -7.47 58.31
CA VAL E 154 -45.22 -8.66 57.47
C VAL E 154 -44.73 -9.83 58.32
N VAL E 155 -45.48 -10.92 58.31
CA VAL E 155 -45.11 -12.14 59.03
C VAL E 155 -45.21 -13.30 58.06
N MET E 156 -44.14 -14.10 58.00
CA MET E 156 -44.08 -15.19 57.03
C MET E 156 -43.66 -16.48 57.75
N GLY E 157 -44.07 -17.60 57.17
CA GLY E 157 -43.65 -18.90 57.66
C GLY E 157 -44.33 -19.33 58.95
N GLY E 158 -44.52 -20.64 59.12
CA GLY E 158 -45.13 -21.12 60.33
C GLY E 158 -46.61 -20.78 60.44
N THR E 159 -47.09 -20.76 61.67
CA THR E 159 -48.46 -20.41 61.98
C THR E 159 -48.52 -18.90 62.14
N THR E 160 -49.04 -18.21 61.12
CA THR E 160 -49.04 -16.76 61.12
C THR E 160 -50.07 -16.15 62.06
N GLU E 161 -51.11 -16.91 62.42
CA GLU E 161 -52.20 -16.32 63.19
C GLU E 161 -51.78 -15.81 64.57
N PRO E 162 -51.10 -16.59 65.42
CA PRO E 162 -50.70 -16.03 66.72
C PRO E 162 -49.73 -14.87 66.62
N ILE E 163 -48.77 -14.94 65.70
CA ILE E 163 -47.81 -13.86 65.54
C ILE E 163 -48.50 -12.59 65.08
N ALA E 164 -49.40 -12.71 64.10
CA ALA E 164 -50.14 -11.55 63.63
C ALA E 164 -51.02 -10.98 64.74
N ASN E 165 -51.68 -11.85 65.50
CA ASN E 165 -52.56 -11.37 66.57
C ASN E 165 -51.76 -10.60 67.62
N ALA E 166 -50.62 -11.14 68.03
CA ALA E 166 -49.78 -10.42 68.97
C ALA E 166 -49.28 -9.10 68.38
N LEU E 167 -48.94 -9.09 67.08
CA LEU E 167 -48.43 -7.88 66.47
C LEU E 167 -49.48 -6.78 66.44
N LYS E 168 -50.69 -7.09 65.95
CA LYS E 168 -51.75 -6.09 65.98
C LYS E 168 -52.18 -5.75 67.40
N GLU E 169 -51.84 -6.60 68.38
CA GLU E 169 -52.02 -6.20 69.78
C GLU E 169 -50.95 -5.22 70.23
N SER E 170 -49.75 -5.28 69.63
CA SER E 170 -48.61 -4.54 70.15
C SER E 170 -47.97 -3.59 69.15
N TYR E 171 -48.57 -3.39 67.97
CA TYR E 171 -47.94 -2.58 66.94
C TYR E 171 -48.10 -1.10 67.27
N ALA E 172 -46.98 -0.43 67.54
CA ALA E 172 -46.96 1.00 67.82
C ALA E 172 -46.13 1.69 66.75
N GLU E 173 -46.75 2.61 66.02
CA GLU E 173 -46.10 3.26 64.89
C GLU E 173 -45.03 4.24 65.36
N ASN E 174 -43.97 4.36 64.56
CA ASN E 174 -42.84 5.24 64.85
C ASN E 174 -42.13 4.86 66.14
N ALA E 175 -42.11 3.56 66.47
CA ALA E 175 -41.36 3.10 67.62
C ALA E 175 -39.86 3.06 67.30
N SER E 176 -39.05 3.21 68.34
CA SER E 176 -37.60 3.20 68.16
C SER E 176 -37.10 1.80 67.84
N LEU E 177 -35.79 1.71 67.59
CA LEU E 177 -35.20 0.42 67.22
C LEU E 177 -35.29 -0.58 68.36
N THR E 178 -34.98 -0.14 69.59
CA THR E 178 -35.02 -1.05 70.72
C THR E 178 -36.44 -1.54 70.99
N ASP E 179 -37.40 -0.62 70.98
CA ASP E 179 -38.80 -1.01 71.20
C ASP E 179 -39.31 -1.88 70.06
N ALA E 180 -38.89 -1.59 68.83
CA ALA E 180 -39.29 -2.44 67.70
C ALA E 180 -38.72 -3.84 67.83
N LEU E 181 -37.46 -3.95 68.28
CA LEU E 181 -36.87 -5.27 68.50
C LEU E 181 -37.59 -6.02 69.61
N ARG E 182 -37.94 -5.32 70.70
CA ARG E 182 -38.70 -5.95 71.77
C ARG E 182 -40.04 -6.48 71.24
N ILE E 183 -40.73 -5.66 70.46
CA ILE E 183 -42.03 -6.06 69.92
C ILE E 183 -41.86 -7.26 69.00
N ALA E 184 -40.83 -7.23 68.14
CA ALA E 184 -40.62 -8.32 67.19
C ALA E 184 -40.35 -9.63 67.92
N VAL E 185 -39.43 -9.60 68.89
CA VAL E 185 -39.09 -10.83 69.61
C VAL E 185 -40.28 -11.35 70.40
N ALA E 186 -40.97 -10.45 71.12
CA ALA E 186 -42.11 -10.87 71.92
C ALA E 186 -43.24 -11.44 71.06
N ALA E 187 -43.55 -10.79 69.94
CA ALA E 187 -44.61 -11.29 69.07
C ALA E 187 -44.22 -12.57 68.37
N LEU E 188 -42.94 -12.73 68.03
CA LEU E 188 -42.47 -13.98 67.44
C LEU E 188 -42.55 -15.12 68.43
N ARG E 189 -42.30 -14.84 69.72
CA ARG E 189 -42.43 -15.89 70.73
C ARG E 189 -43.87 -16.39 70.83
N ALA E 190 -44.84 -15.48 70.78
CA ALA E 190 -46.25 -15.87 70.82
C ALA E 190 -46.75 -16.20 69.42
N LEU E 203 -37.10 -15.04 71.35
CA LEU E 203 -36.35 -16.03 72.11
C LEU E 203 -34.99 -15.50 72.51
N GLY E 204 -34.00 -16.40 72.53
CA GLY E 204 -32.66 -16.05 72.96
C GLY E 204 -31.92 -15.21 71.94
N VAL E 205 -30.73 -14.77 72.36
CA VAL E 205 -29.90 -13.93 71.50
C VAL E 205 -29.48 -14.70 70.24
N ALA E 206 -29.08 -15.95 70.41
CA ALA E 206 -28.75 -16.79 69.26
C ALA E 206 -30.02 -17.36 68.65
N SER E 207 -29.85 -18.15 67.58
CA SER E 207 -30.96 -18.71 66.82
C SER E 207 -31.91 -17.63 66.29
N LEU E 208 -31.45 -16.38 66.29
CA LEU E 208 -32.25 -15.24 65.84
C LEU E 208 -31.37 -14.35 64.99
N GLU E 209 -31.78 -14.13 63.73
CA GLU E 209 -31.03 -13.33 62.77
C GLU E 209 -31.81 -12.05 62.51
N VAL E 210 -31.16 -10.90 62.74
CA VAL E 210 -31.83 -9.61 62.71
C VAL E 210 -31.04 -8.67 61.80
N ALA E 211 -31.76 -7.88 61.02
CA ALA E 211 -31.15 -6.91 60.12
C ALA E 211 -32.04 -5.67 60.04
N VAL E 212 -31.48 -4.59 59.53
CA VAL E 212 -32.19 -3.32 59.47
C VAL E 212 -31.97 -2.65 58.12
N LEU E 213 -33.06 -2.19 57.52
CA LEU E 213 -33.02 -1.20 56.46
C LEU E 213 -33.10 0.17 57.14
N ASP E 214 -31.96 0.83 57.25
CA ASP E 214 -31.82 2.08 58.00
C ASP E 214 -31.84 3.25 57.04
N ALA E 215 -32.84 4.13 57.18
CA ALA E 215 -32.95 5.28 56.28
C ALA E 215 -31.86 6.32 56.55
N ASN E 216 -31.19 6.24 57.69
CA ASN E 216 -30.16 7.24 58.02
C ASN E 216 -28.88 7.03 57.21
N ARG E 217 -28.66 5.83 56.67
CA ARG E 217 -27.44 5.57 55.92
C ARG E 217 -27.46 6.38 54.62
N PRO E 218 -26.31 6.87 54.17
CA PRO E 218 -26.29 7.72 52.97
C PRO E 218 -26.66 6.99 51.69
N ARG E 219 -26.03 5.85 51.39
CA ARG E 219 -26.34 5.13 50.15
C ARG E 219 -26.93 3.74 50.41
N ARG E 220 -26.22 2.88 51.14
CA ARG E 220 -26.67 1.49 51.33
C ARG E 220 -27.35 1.39 52.69
N ALA E 221 -28.66 1.17 52.66
CA ALA E 221 -29.45 1.17 53.89
C ALA E 221 -29.25 -0.09 54.71
N PHE E 222 -29.03 -1.23 54.06
CA PHE E 222 -29.01 -2.51 54.76
C PHE E 222 -27.83 -2.60 55.71
N ARG E 223 -28.08 -3.12 56.90
CA ARG E 223 -27.05 -3.28 57.93
C ARG E 223 -27.42 -4.47 58.81
N ARG E 224 -26.44 -5.29 59.13
CA ARG E 224 -26.65 -6.45 59.97
C ARG E 224 -26.37 -6.10 61.44
N ILE E 225 -27.16 -6.70 62.32
CA ILE E 225 -27.02 -6.53 63.76
C ILE E 225 -26.60 -7.87 64.33
N THR E 226 -25.31 -8.04 64.61
CA THR E 226 -24.79 -9.32 65.07
C THR E 226 -23.71 -9.07 66.11
N GLY E 227 -23.26 -10.17 66.73
CA GLY E 227 -22.24 -10.10 67.76
C GLY E 227 -22.75 -9.49 69.06
N SER E 228 -21.92 -8.66 69.68
CA SER E 228 -22.33 -8.00 70.92
C SER E 228 -23.40 -6.96 70.68
N ALA E 229 -23.59 -6.51 69.43
CA ALA E 229 -24.59 -5.49 69.15
C ALA E 229 -25.99 -5.97 69.47
N LEU E 230 -26.36 -7.15 68.95
CA LEU E 230 -27.69 -7.69 69.22
C LEU E 230 -27.87 -8.00 70.70
N GLN E 231 -26.83 -8.55 71.34
CA GLN E 231 -26.91 -8.87 72.76
C GLN E 231 -27.15 -7.62 73.60
N ALA E 232 -26.32 -6.59 73.41
CA ALA E 232 -26.47 -5.36 74.16
C ALA E 232 -27.70 -4.57 73.73
N LEU E 233 -28.31 -4.94 72.61
CA LEU E 233 -29.55 -4.31 72.18
C LEU E 233 -30.76 -4.91 72.88
N LEU E 234 -30.73 -6.19 73.22
CA LEU E 234 -31.85 -6.85 73.86
C LEU E 234 -31.49 -7.33 75.27
N SER F 8 -62.82 -36.29 26.52
CA SER F 8 -63.42 -35.55 25.42
C SER F 8 -62.96 -34.10 25.42
N PRO F 9 -62.60 -33.59 24.23
CA PRO F 9 -62.14 -32.20 24.15
C PRO F 9 -63.16 -31.19 24.65
N GLU F 10 -64.45 -31.43 24.40
CA GLU F 10 -65.46 -30.47 24.81
C GLU F 10 -65.46 -30.29 26.33
N GLN F 11 -65.34 -31.38 27.08
CA GLN F 11 -65.30 -31.29 28.54
C GLN F 11 -64.17 -30.38 28.98
N ALA F 12 -62.98 -30.57 28.40
CA ALA F 12 -61.84 -29.74 28.77
C ALA F 12 -62.05 -28.27 28.39
N MET F 13 -62.61 -28.02 27.20
CA MET F 13 -62.80 -26.65 26.75
C MET F 13 -63.80 -25.92 27.65
N ARG F 14 -64.88 -26.59 28.04
CA ARG F 14 -65.83 -25.95 28.94
C ARG F 14 -65.26 -25.81 30.35
N GLU F 15 -64.40 -26.75 30.77
CA GLU F 15 -63.71 -26.60 32.04
C GLU F 15 -62.86 -25.34 32.04
N ARG F 16 -62.12 -25.11 30.95
CA ARG F 16 -61.28 -23.92 30.85
C ARG F 16 -62.14 -22.66 30.78
N SER F 17 -63.25 -22.71 30.03
CA SER F 17 -64.11 -21.54 29.94
C SER F 17 -64.68 -21.16 31.30
N GLU F 18 -65.14 -22.14 32.07
CA GLU F 18 -65.65 -21.85 33.41
C GLU F 18 -64.53 -21.42 34.35
N LEU F 19 -63.33 -21.97 34.18
CA LEU F 19 -62.20 -21.52 34.99
C LEU F 19 -61.92 -20.05 34.77
N ALA F 20 -61.88 -19.63 33.50
CA ALA F 20 -61.69 -18.21 33.19
C ALA F 20 -62.86 -17.37 33.71
N ARG F 21 -64.09 -17.86 33.54
CA ARG F 21 -65.26 -17.10 33.96
C ARG F 21 -65.26 -16.86 35.46
N LYS F 22 -64.93 -17.88 36.25
CA LYS F 22 -64.92 -17.71 37.69
C LYS F 22 -63.69 -16.93 38.15
N GLY F 23 -62.56 -17.05 37.44
CA GLY F 23 -61.42 -16.22 37.77
C GLY F 23 -61.69 -14.75 37.57
N ILE F 24 -62.37 -14.40 36.47
CA ILE F 24 -62.77 -13.01 36.26
C ILE F 24 -63.86 -12.60 37.24
N ALA F 25 -64.73 -13.53 37.61
CA ALA F 25 -65.82 -13.21 38.53
C ALA F 25 -65.29 -12.79 39.90
N ARG F 26 -64.28 -13.50 40.42
CA ARG F 26 -63.74 -13.15 41.72
C ARG F 26 -62.62 -12.10 41.60
N ALA F 27 -62.92 -11.03 40.86
CA ALA F 27 -62.02 -9.91 40.69
C ALA F 27 -62.83 -8.62 40.77
N LYS F 28 -62.19 -7.57 41.27
CA LYS F 28 -62.89 -6.30 41.42
C LYS F 28 -63.20 -5.70 40.05
N SER F 29 -64.35 -5.02 39.98
CA SER F 29 -64.85 -4.52 38.70
C SER F 29 -64.25 -3.16 38.36
N VAL F 30 -64.29 -2.83 37.06
CA VAL F 30 -63.79 -1.57 36.54
C VAL F 30 -64.73 -1.08 35.44
N VAL F 31 -64.91 0.23 35.37
CA VAL F 31 -65.83 0.85 34.42
C VAL F 31 -65.05 1.83 33.54
N ALA F 32 -65.34 1.78 32.23
CA ALA F 32 -64.74 2.69 31.26
C ALA F 32 -65.85 3.31 30.44
N LEU F 33 -66.07 4.62 30.61
CA LEU F 33 -67.23 5.28 30.02
C LEU F 33 -66.81 6.49 29.20
N ALA F 34 -67.54 6.75 28.12
CA ALA F 34 -67.27 7.88 27.25
C ALA F 34 -68.02 9.11 27.74
N TYR F 35 -67.30 10.21 27.92
CA TYR F 35 -67.88 11.48 28.34
C TYR F 35 -67.44 12.57 27.36
N ALA F 36 -67.90 13.79 27.62
CA ALA F 36 -67.76 14.88 26.65
C ALA F 36 -66.32 15.07 26.20
N GLY F 37 -65.39 15.06 27.14
CA GLY F 37 -63.99 15.29 26.82
C GLY F 37 -63.20 14.07 26.40
N GLY F 38 -63.82 12.90 26.33
CA GLY F 38 -63.06 11.70 25.99
C GLY F 38 -63.55 10.46 26.70
N VAL F 39 -62.64 9.77 27.39
CA VAL F 39 -63.00 8.55 28.10
C VAL F 39 -62.53 8.67 29.55
N LEU F 40 -63.27 8.03 30.46
CA LEU F 40 -62.94 8.00 31.87
C LEU F 40 -62.94 6.56 32.35
N PHE F 41 -61.83 6.13 32.95
CA PHE F 41 -61.71 4.83 33.59
C PHE F 41 -61.76 5.03 35.10
N VAL F 42 -62.61 4.27 35.77
CA VAL F 42 -62.66 4.23 37.23
C VAL F 42 -62.61 2.77 37.65
N ALA F 43 -61.65 2.43 38.50
CA ALA F 43 -61.49 1.07 39.00
C ALA F 43 -61.37 1.10 40.51
N GLU F 44 -61.99 0.13 41.17
CA GLU F 44 -61.85 -0.04 42.61
C GLU F 44 -60.54 -0.77 42.86
N ASN F 45 -59.49 0.01 43.12
CA ASN F 45 -58.15 -0.52 43.32
C ASN F 45 -57.64 -0.09 44.69
N PRO F 46 -57.75 -0.95 45.70
CA PRO F 46 -57.26 -0.56 47.03
C PRO F 46 -55.77 -0.32 47.07
N SER F 47 -55.00 -1.01 46.24
CA SER F 47 -53.55 -0.85 46.25
C SER F 47 -53.16 0.47 45.60
N ARG F 48 -52.31 1.23 46.30
CA ARG F 48 -51.78 2.48 45.77
C ARG F 48 -50.78 2.25 44.65
N SER F 49 -50.14 1.08 44.61
CA SER F 49 -49.06 0.79 43.68
C SER F 49 -49.52 0.04 42.44
N LEU F 50 -50.38 -0.97 42.59
CA LEU F 50 -50.87 -1.70 41.43
C LEU F 50 -51.89 -0.88 40.66
N GLN F 51 -51.85 -0.98 39.34
CA GLN F 51 -52.66 -0.14 38.47
C GLN F 51 -53.38 -1.01 37.45
N LYS F 52 -54.70 -0.99 37.47
CA LYS F 52 -55.51 -1.68 36.47
C LYS F 52 -55.82 -0.79 35.26
N ILE F 53 -55.41 0.48 35.32
CA ILE F 53 -55.59 1.44 34.23
C ILE F 53 -54.22 1.92 33.80
N SER F 54 -53.98 1.97 32.49
CA SER F 54 -52.68 2.42 32.02
C SER F 54 -52.79 2.98 30.62
N GLU F 55 -51.79 3.80 30.28
CA GLU F 55 -51.66 4.35 28.94
C GLU F 55 -50.99 3.34 28.01
N LEU F 56 -51.54 3.20 26.81
CA LEU F 56 -50.93 2.38 25.76
C LEU F 56 -50.18 3.23 24.75
N TYR F 57 -50.81 4.27 24.24
CA TYR F 57 -50.21 5.17 23.27
C TYR F 57 -50.89 6.53 23.37
N ASP F 58 -50.53 7.44 22.48
CA ASP F 58 -50.87 8.85 22.61
C ASP F 58 -52.35 9.05 22.92
N ARG F 59 -53.21 8.40 22.15
CA ARG F 59 -54.65 8.48 22.37
C ARG F 59 -55.26 7.13 22.69
N VAL F 60 -54.46 6.14 23.06
CA VAL F 60 -54.96 4.80 23.31
C VAL F 60 -54.71 4.45 24.77
N GLY F 61 -55.79 4.17 25.48
CA GLY F 61 -55.73 3.78 26.88
C GLY F 61 -56.19 2.35 27.10
N PHE F 62 -55.78 1.79 28.23
CA PHE F 62 -55.93 0.37 28.51
C PHE F 62 -56.56 0.19 29.88
N ALA F 63 -57.39 -0.84 30.01
CA ALA F 63 -57.94 -1.22 31.31
C ALA F 63 -58.17 -2.73 31.29
N ALA F 64 -58.23 -3.33 32.48
CA ALA F 64 -58.37 -4.77 32.54
C ALA F 64 -59.02 -5.18 33.84
N ALA F 65 -59.47 -6.44 33.88
CA ALA F 65 -59.95 -7.07 35.10
C ALA F 65 -59.58 -8.54 35.04
N GLY F 66 -59.02 -9.05 36.14
CA GLY F 66 -58.57 -10.42 36.21
C GLY F 66 -57.28 -10.52 36.98
N LYS F 67 -56.50 -11.55 36.68
CA LYS F 67 -55.27 -11.81 37.42
C LYS F 67 -54.21 -10.78 37.03
N PHE F 68 -53.58 -10.17 38.05
CA PHE F 68 -52.76 -8.99 37.80
C PHE F 68 -51.56 -9.31 36.90
N ASN F 69 -50.87 -10.42 37.15
CA ASN F 69 -49.68 -10.70 36.34
C ASN F 69 -50.04 -10.95 34.89
N GLU F 70 -51.16 -11.63 34.63
CA GLU F 70 -51.55 -11.94 33.26
C GLU F 70 -51.85 -10.67 32.47
N PHE F 71 -52.72 -9.80 32.98
CA PHE F 71 -53.03 -8.60 32.22
C PHE F 71 -51.93 -7.56 32.32
N ASP F 72 -51.01 -7.68 33.28
CA ASP F 72 -49.84 -6.81 33.26
C ASP F 72 -48.88 -7.19 32.15
N ASN F 73 -48.68 -8.50 31.94
CA ASN F 73 -47.93 -8.95 30.78
C ASN F 73 -48.61 -8.51 29.49
N LEU F 74 -49.95 -8.60 29.45
CA LEU F 74 -50.68 -8.13 28.27
C LEU F 74 -50.48 -6.63 28.04
N ARG F 75 -50.54 -5.84 29.11
CA ARG F 75 -50.37 -4.40 29.01
C ARG F 75 -48.97 -4.04 28.51
N ARG F 76 -47.95 -4.72 29.05
CA ARG F 76 -46.59 -4.45 28.60
C ARG F 76 -46.38 -4.85 27.16
N GLY F 77 -46.94 -5.99 26.74
CA GLY F 77 -46.87 -6.37 25.34
C GLY F 77 -47.56 -5.37 24.43
N GLY F 78 -48.71 -4.84 24.88
CA GLY F 78 -49.39 -3.83 24.08
C GLY F 78 -48.61 -2.54 23.97
N ILE F 79 -47.98 -2.11 25.06
CA ILE F 79 -47.15 -0.91 25.03
C ILE F 79 -45.98 -1.12 24.09
N GLN F 80 -45.32 -2.28 24.18
CA GLN F 80 -44.21 -2.59 23.28
C GLN F 80 -44.65 -2.56 21.83
N PHE F 81 -45.80 -3.20 21.53
CA PHE F 81 -46.30 -3.23 20.17
C PHE F 81 -46.61 -1.83 19.65
N ALA F 82 -47.28 -1.02 20.47
CA ALA F 82 -47.64 0.32 20.04
C ALA F 82 -46.42 1.18 19.78
N ASP F 83 -45.42 1.10 20.67
CA ASP F 83 -44.21 1.90 20.48
C ASP F 83 -43.43 1.45 19.25
N THR F 84 -43.30 0.13 19.06
CA THR F 84 -42.60 -0.38 17.88
C THR F 84 -43.32 0.04 16.60
N ARG F 85 -44.65 -0.05 16.60
CA ARG F 85 -45.43 0.34 15.43
C ARG F 85 -45.31 1.83 15.14
N GLY F 86 -45.38 2.66 16.18
CA GLY F 86 -45.27 4.10 15.98
C GLY F 86 -43.89 4.52 15.51
N TYR F 87 -42.85 3.83 15.97
CA TYR F 87 -41.52 4.11 15.45
C TYR F 87 -41.37 3.62 14.01
N ALA F 88 -41.96 2.48 13.69
CA ALA F 88 -41.79 1.89 12.36
C ALA F 88 -42.40 2.77 11.28
N TYR F 89 -43.60 3.30 11.51
CA TYR F 89 -44.26 4.14 10.51
C TYR F 89 -44.44 5.58 10.98
N ASP F 90 -45.24 5.80 12.02
CA ASP F 90 -45.55 7.14 12.50
C ASP F 90 -46.48 6.98 13.70
N ARG F 91 -46.52 8.02 14.54
CA ARG F 91 -47.35 7.97 15.73
C ARG F 91 -48.83 7.89 15.40
N ARG F 92 -49.26 8.63 14.36
CA ARG F 92 -50.67 8.64 13.99
C ARG F 92 -51.11 7.39 13.26
N ASP F 93 -50.18 6.50 12.92
CA ASP F 93 -50.52 5.23 12.29
C ASP F 93 -50.85 4.14 13.30
N VAL F 94 -50.82 4.46 14.59
CA VAL F 94 -51.21 3.52 15.64
C VAL F 94 -52.64 3.84 16.06
N THR F 95 -53.51 2.85 15.96
CA THR F 95 -54.91 3.00 16.29
C THR F 95 -55.32 1.97 17.34
N GLY F 96 -56.39 2.28 18.06
CA GLY F 96 -56.89 1.36 19.07
C GLY F 96 -57.36 0.04 18.48
N ARG F 97 -57.87 0.07 17.25
CA ARG F 97 -58.37 -1.15 16.63
C ARG F 97 -57.26 -2.17 16.38
N GLN F 98 -56.08 -1.70 15.98
CA GLN F 98 -54.95 -2.62 15.78
C GLN F 98 -54.56 -3.29 17.08
N LEU F 99 -54.51 -2.51 18.18
CA LEU F 99 -54.19 -3.08 19.48
C LEU F 99 -55.25 -4.06 19.94
N ALA F 100 -56.53 -3.72 19.72
CA ALA F 100 -57.61 -4.64 20.11
C ALA F 100 -57.52 -5.94 19.33
N ASN F 101 -57.22 -5.87 18.03
CA ASN F 101 -57.06 -7.08 17.24
C ASN F 101 -55.88 -7.90 17.74
N VAL F 102 -54.78 -7.25 18.07
CA VAL F 102 -53.60 -7.97 18.58
C VAL F 102 -53.93 -8.67 19.89
N TYR F 103 -54.64 -7.98 20.78
CA TYR F 103 -55.04 -8.60 22.05
C TYR F 103 -55.96 -9.79 21.82
N ALA F 104 -56.94 -9.65 20.91
CA ALA F 104 -57.83 -10.75 20.62
C ALA F 104 -57.06 -11.95 20.08
N GLN F 105 -56.10 -11.71 19.19
CA GLN F 105 -55.32 -12.81 18.62
C GLN F 105 -54.48 -13.51 19.69
N THR F 106 -53.78 -12.74 20.52
CA THR F 106 -52.92 -13.39 21.51
C THR F 106 -53.76 -14.13 22.56
N LEU F 107 -54.94 -13.61 22.90
CA LEU F 107 -55.79 -14.32 23.84
C LEU F 107 -56.36 -15.59 23.22
N GLY F 108 -56.66 -15.58 21.92
CA GLY F 108 -57.04 -16.83 21.26
C GLY F 108 -55.92 -17.86 21.28
N THR F 109 -54.69 -17.41 21.02
CA THR F 109 -53.55 -18.32 21.08
C THR F 109 -53.37 -18.86 22.50
N ILE F 110 -53.56 -18.01 23.51
CA ILE F 110 -53.47 -18.46 24.90
C ILE F 110 -54.54 -19.50 25.19
N PHE F 111 -55.76 -19.27 24.71
CA PHE F 111 -56.85 -20.21 24.95
C PHE F 111 -56.54 -21.58 24.34
N THR F 112 -56.09 -21.60 23.09
CA THR F 112 -55.91 -22.90 22.43
C THR F 112 -54.64 -23.60 22.88
N GLU F 113 -53.54 -22.88 23.05
CA GLU F 113 -52.23 -23.52 23.22
C GLU F 113 -51.64 -23.41 24.61
N GLN F 114 -51.92 -22.34 25.35
CA GLN F 114 -51.32 -22.19 26.67
C GLN F 114 -51.84 -23.25 27.62
N ALA F 115 -50.98 -23.69 28.54
CA ALA F 115 -51.38 -24.71 29.50
C ALA F 115 -52.54 -24.22 30.37
N LYS F 116 -52.41 -23.03 30.92
CA LYS F 116 -53.47 -22.42 31.73
C LYS F 116 -53.98 -21.17 31.04
N PRO F 117 -55.22 -21.16 30.56
CA PRO F 117 -55.73 -19.96 29.87
C PRO F 117 -55.78 -18.76 30.81
N TYR F 118 -55.48 -17.59 30.24
CA TYR F 118 -55.55 -16.35 31.00
C TYR F 118 -57.00 -16.04 31.34
N GLU F 119 -57.27 -15.77 32.62
CA GLU F 119 -58.61 -15.39 33.07
C GLU F 119 -58.68 -13.86 33.25
N VAL F 120 -58.68 -13.17 32.10
CA VAL F 120 -58.64 -11.71 32.07
C VAL F 120 -59.68 -11.20 31.08
N GLU F 121 -60.02 -9.92 31.23
CA GLU F 121 -60.86 -9.20 30.29
C GLU F 121 -60.31 -7.80 30.12
N LEU F 122 -60.07 -7.39 28.87
CA LEU F 122 -59.41 -6.13 28.57
C LEU F 122 -60.37 -5.14 27.92
N CYS F 123 -60.05 -3.86 28.06
CA CYS F 123 -60.77 -2.79 27.38
C CYS F 123 -59.74 -1.83 26.80
N VAL F 124 -59.81 -1.62 25.49
CA VAL F 124 -58.96 -0.67 24.79
C VAL F 124 -59.83 0.49 24.37
N ALA F 125 -59.47 1.70 24.82
CA ALA F 125 -60.21 2.90 24.51
C ALA F 125 -59.36 3.82 23.65
N GLU F 126 -59.97 4.38 22.61
CA GLU F 126 -59.27 5.29 21.72
C GLU F 126 -60.10 6.56 21.57
N VAL F 127 -59.45 7.71 21.75
CA VAL F 127 -60.11 8.99 21.57
C VAL F 127 -59.62 9.61 20.26
N ALA F 128 -60.31 10.67 19.85
CA ALA F 128 -59.90 11.39 18.65
C ALA F 128 -58.57 12.09 18.87
N HIS F 129 -57.86 12.34 17.78
CA HIS F 129 -56.66 13.14 17.87
C HIS F 129 -57.04 14.59 18.20
N TYR F 130 -56.04 15.38 18.55
CA TYR F 130 -56.28 16.78 18.88
C TYR F 130 -56.65 17.55 17.62
N GLY F 131 -57.56 18.51 17.77
CA GLY F 131 -58.06 19.25 16.63
C GLY F 131 -58.83 18.40 15.65
N GLU F 132 -59.53 17.38 16.14
CA GLU F 132 -60.25 16.44 15.31
C GLU F 132 -61.50 16.01 16.04
N THR F 133 -62.54 15.64 15.28
CA THR F 133 -63.82 15.23 15.84
C THR F 133 -64.04 13.75 15.55
N LYS F 134 -64.28 12.98 16.61
CA LYS F 134 -64.52 11.55 16.48
C LYS F 134 -65.03 11.01 17.80
N ARG F 135 -66.00 10.10 17.73
CA ARG F 135 -66.51 9.46 18.94
C ARG F 135 -65.50 8.43 19.44
N PRO F 136 -65.24 8.39 20.75
CA PRO F 136 -64.30 7.40 21.28
C PRO F 136 -64.74 5.97 20.98
N GLU F 137 -63.77 5.13 20.64
CA GLU F 137 -64.01 3.72 20.37
C GLU F 137 -63.59 2.91 21.58
N LEU F 138 -64.52 2.11 22.10
CA LEU F 138 -64.23 1.20 23.20
C LEU F 138 -64.35 -0.23 22.70
N TYR F 139 -63.30 -1.02 22.92
CA TYR F 139 -63.28 -2.42 22.54
C TYR F 139 -63.11 -3.27 23.79
N ARG F 140 -63.97 -4.26 23.96
CA ARG F 140 -63.80 -5.27 24.99
C ARG F 140 -63.20 -6.51 24.35
N ILE F 141 -62.26 -7.13 25.06
CA ILE F 141 -61.60 -8.35 24.60
C ILE F 141 -61.70 -9.36 25.72
N THR F 142 -62.24 -10.53 25.43
CA THR F 142 -62.50 -11.53 26.43
C THR F 142 -61.37 -12.57 26.47
N TYR F 143 -61.45 -13.45 27.47
CA TYR F 143 -60.39 -14.41 27.73
C TYR F 143 -60.13 -15.33 26.54
N ASP F 144 -61.15 -15.58 25.73
CA ASP F 144 -61.04 -16.53 24.63
C ASP F 144 -60.52 -15.90 23.34
N GLY F 145 -60.37 -14.59 23.30
CA GLY F 145 -60.06 -13.88 22.07
C GLY F 145 -61.24 -13.24 21.39
N SER F 146 -62.44 -13.40 21.94
CA SER F 146 -63.61 -12.70 21.39
C SER F 146 -63.46 -11.21 21.60
N ILE F 147 -63.75 -10.45 20.56
CA ILE F 147 -63.53 -9.01 20.54
C ILE F 147 -64.83 -8.33 20.15
N ALA F 148 -65.27 -7.39 20.97
CA ALA F 148 -66.57 -6.75 20.81
C ALA F 148 -66.40 -5.24 20.90
N ASP F 149 -67.35 -4.53 20.29
CA ASP F 149 -67.36 -3.07 20.28
C ASP F 149 -68.45 -2.58 21.21
N GLU F 150 -68.12 -1.60 22.04
CA GLU F 150 -69.11 -1.01 22.95
C GLU F 150 -69.20 0.49 22.65
N PRO F 151 -70.35 0.98 22.17
CA PRO F 151 -70.43 2.39 21.80
C PRO F 151 -70.47 3.34 22.99
N HIS F 152 -70.90 2.87 24.16
CA HIS F 152 -71.16 3.77 25.28
C HIS F 152 -70.28 3.48 26.49
N PHE F 153 -70.23 2.24 26.97
CA PHE F 153 -69.50 1.94 28.19
C PHE F 153 -68.97 0.52 28.13
N VAL F 154 -67.99 0.23 28.98
CA VAL F 154 -67.53 -1.13 29.21
C VAL F 154 -67.43 -1.36 30.72
N VAL F 155 -67.86 -2.54 31.15
CA VAL F 155 -67.75 -2.97 32.54
C VAL F 155 -67.01 -4.30 32.55
N MET F 156 -65.96 -4.41 33.38
CA MET F 156 -65.14 -5.59 33.41
C MET F 156 -65.02 -6.15 34.82
N GLY F 157 -65.10 -7.46 34.93
CA GLY F 157 -64.80 -8.14 36.17
C GLY F 157 -65.92 -8.07 37.19
N GLY F 158 -65.81 -8.92 38.20
CA GLY F 158 -66.76 -8.98 39.28
C GLY F 158 -68.15 -9.34 38.79
N THR F 159 -69.14 -8.82 39.51
CA THR F 159 -70.54 -8.94 39.09
C THR F 159 -70.83 -7.79 38.14
N THR F 160 -71.03 -8.12 36.86
CA THR F 160 -71.24 -7.07 35.86
C THR F 160 -72.69 -6.64 35.76
N GLU F 161 -73.63 -7.51 36.12
CA GLU F 161 -75.05 -7.19 35.94
C GLU F 161 -75.50 -5.98 36.76
N PRO F 162 -75.24 -5.88 38.08
CA PRO F 162 -75.79 -4.74 38.82
C PRO F 162 -75.21 -3.40 38.41
N ILE F 163 -73.88 -3.31 38.31
CA ILE F 163 -73.25 -2.06 37.87
C ILE F 163 -73.68 -1.73 36.46
N ALA F 164 -73.75 -2.74 35.58
CA ALA F 164 -74.14 -2.50 34.20
C ALA F 164 -75.56 -1.95 34.11
N ASN F 165 -76.50 -2.57 34.84
CA ASN F 165 -77.88 -2.10 34.81
C ASN F 165 -78.01 -0.70 35.40
N ALA F 166 -77.35 -0.45 36.54
CA ALA F 166 -77.42 0.87 37.16
C ALA F 166 -76.87 1.93 36.22
N LEU F 167 -75.72 1.65 35.61
CA LEU F 167 -75.14 2.58 34.65
C LEU F 167 -76.07 2.82 33.48
N LYS F 168 -76.54 1.74 32.83
CA LYS F 168 -77.35 1.87 31.63
C LYS F 168 -78.64 2.64 31.91
N GLU F 169 -79.29 2.37 33.04
CA GLU F 169 -80.51 3.10 33.36
C GLU F 169 -80.20 4.51 33.83
N SER F 170 -78.97 4.78 34.26
CA SER F 170 -78.55 6.12 34.65
C SER F 170 -77.67 6.80 33.61
N TYR F 171 -77.32 6.10 32.53
CA TYR F 171 -76.34 6.64 31.59
C TYR F 171 -76.92 7.81 30.82
N ALA F 172 -76.09 8.84 30.63
CA ALA F 172 -76.46 10.01 29.83
C ALA F 172 -75.27 10.38 28.97
N GLU F 173 -75.48 10.42 27.67
CA GLU F 173 -74.42 10.78 26.74
C GLU F 173 -74.04 12.25 26.89
N ASN F 174 -72.84 12.59 26.41
CA ASN F 174 -72.31 13.94 26.42
C ASN F 174 -72.14 14.50 27.83
N ALA F 175 -72.05 13.63 28.83
CA ALA F 175 -71.90 14.07 30.21
C ALA F 175 -70.51 14.68 30.43
N SER F 176 -70.42 15.51 31.47
CA SER F 176 -69.16 16.12 31.84
C SER F 176 -68.38 15.22 32.79
N LEU F 177 -67.13 15.59 33.03
CA LEU F 177 -66.23 14.74 33.82
C LEU F 177 -66.71 14.60 35.27
N THR F 178 -67.11 15.71 35.90
CA THR F 178 -67.62 15.63 37.26
C THR F 178 -68.87 14.76 37.31
N ASP F 179 -69.83 15.06 36.43
CA ASP F 179 -71.00 14.20 36.34
C ASP F 179 -70.59 12.75 36.14
N ALA F 180 -69.80 12.49 35.09
CA ALA F 180 -69.46 11.11 34.73
C ALA F 180 -68.83 10.36 35.90
N LEU F 181 -67.95 11.03 36.66
CA LEU F 181 -67.40 10.42 37.86
C LEU F 181 -68.51 10.10 38.86
N ARG F 182 -69.48 11.00 39.01
CA ARG F 182 -70.58 10.75 39.94
C ARG F 182 -71.37 9.51 39.53
N ILE F 183 -71.80 9.43 38.27
CA ILE F 183 -72.57 8.25 37.86
C ILE F 183 -71.72 7.00 37.92
N ALA F 184 -70.42 7.11 37.62
CA ALA F 184 -69.55 5.94 37.64
C ALA F 184 -69.42 5.37 39.04
N VAL F 185 -69.15 6.23 40.03
CA VAL F 185 -69.06 5.73 41.40
C VAL F 185 -70.42 5.23 41.88
N ALA F 186 -71.51 5.87 41.46
CA ALA F 186 -72.83 5.42 41.88
C ALA F 186 -73.13 4.02 41.37
N ALA F 187 -72.87 3.77 40.09
CA ALA F 187 -73.11 2.44 39.54
C ALA F 187 -72.12 1.43 40.08
N LEU F 188 -70.89 1.85 40.38
CA LEU F 188 -69.88 0.93 40.87
C LEU F 188 -70.17 0.50 42.31
N ARG F 189 -70.73 1.39 43.12
CA ARG F 189 -71.07 1.04 44.50
C ARG F 189 -72.12 -0.07 44.53
N ALA F 190 -73.10 -0.01 43.64
CA ALA F 190 -74.14 -1.04 43.56
C ALA F 190 -73.54 -2.41 43.25
N LEU F 203 -67.80 4.65 45.06
CA LEU F 203 -67.43 4.33 46.43
C LEU F 203 -66.87 5.56 47.16
N GLY F 204 -65.72 5.38 47.78
CA GLY F 204 -65.11 6.44 48.58
C GLY F 204 -64.09 7.26 47.81
N VAL F 205 -63.63 8.32 48.47
CA VAL F 205 -62.65 9.22 47.86
C VAL F 205 -61.36 8.48 47.55
N ALA F 206 -60.89 7.68 48.50
CA ALA F 206 -59.70 6.86 48.30
C ALA F 206 -60.13 5.49 47.75
N SER F 207 -59.17 4.58 47.62
CA SER F 207 -59.38 3.21 47.16
C SER F 207 -59.93 3.15 45.74
N LEU F 208 -59.98 4.27 45.03
CA LEU F 208 -60.39 4.31 43.63
C LEU F 208 -59.23 4.85 42.81
N GLU F 209 -58.85 4.13 41.76
CA GLU F 209 -57.90 4.62 40.79
C GLU F 209 -58.68 5.06 39.55
N VAL F 210 -58.45 6.30 39.13
CA VAL F 210 -59.20 6.87 38.02
C VAL F 210 -58.23 7.50 37.04
N ALA F 211 -58.65 7.57 35.79
CA ALA F 211 -57.84 8.17 34.73
C ALA F 211 -58.76 8.61 33.60
N VAL F 212 -58.24 9.50 32.77
CA VAL F 212 -58.99 10.05 31.65
C VAL F 212 -58.13 9.97 30.39
N LEU F 213 -58.72 9.48 29.31
CA LEU F 213 -58.23 9.74 27.96
C LEU F 213 -58.85 11.08 27.57
N ASP F 214 -58.02 12.12 27.61
CA ASP F 214 -58.47 13.50 27.43
C ASP F 214 -58.24 13.89 25.98
N ALA F 215 -59.33 14.02 25.21
CA ALA F 215 -59.21 14.40 23.81
C ALA F 215 -58.71 15.83 23.64
N ASN F 216 -58.78 16.65 24.69
CA ASN F 216 -58.34 18.03 24.58
C ASN F 216 -56.83 18.20 24.75
N ARG F 217 -56.12 17.18 25.20
CA ARG F 217 -54.68 17.28 25.31
C ARG F 217 -54.05 17.25 23.92
N PRO F 218 -52.99 18.03 23.69
CA PRO F 218 -52.41 18.10 22.34
C PRO F 218 -51.90 16.77 21.81
N ARG F 219 -51.02 16.08 22.54
CA ARG F 219 -50.48 14.82 22.04
C ARG F 219 -50.84 13.63 22.92
N ARG F 220 -50.47 13.63 24.20
CA ARG F 220 -50.69 12.49 25.08
C ARG F 220 -51.96 12.73 25.88
N ALA F 221 -52.98 11.91 25.62
CA ALA F 221 -54.30 12.09 26.20
C ALA F 221 -54.41 11.55 27.62
N PHE F 222 -53.68 10.49 27.95
CA PHE F 222 -53.86 9.83 29.23
C PHE F 222 -53.46 10.74 30.38
N ARG F 223 -54.25 10.68 31.45
CA ARG F 223 -54.04 11.56 32.60
C ARG F 223 -54.62 10.90 33.83
N ARG F 224 -53.83 10.81 34.90
CA ARG F 224 -54.31 10.22 36.14
C ARG F 224 -54.82 11.29 37.08
N ILE F 225 -55.92 10.99 37.76
CA ILE F 225 -56.55 11.92 38.70
C ILE F 225 -56.40 11.31 40.09
N THR F 226 -55.36 11.71 40.82
CA THR F 226 -55.12 11.21 42.16
C THR F 226 -54.82 12.37 43.10
N GLY F 227 -55.28 12.25 44.33
CA GLY F 227 -55.00 13.23 45.35
C GLY F 227 -56.18 14.14 45.61
N SER F 228 -55.94 15.44 45.66
CA SER F 228 -56.98 16.41 45.99
C SER F 228 -57.94 16.65 44.84
N ALA F 229 -57.47 16.59 43.60
CA ALA F 229 -58.33 16.87 42.45
C ALA F 229 -59.46 15.84 42.36
N LEU F 230 -59.14 14.57 42.60
CA LEU F 230 -60.18 13.54 42.61
C LEU F 230 -61.21 13.81 43.70
N GLN F 231 -60.75 14.19 44.90
CA GLN F 231 -61.69 14.47 45.98
C GLN F 231 -62.58 15.66 45.63
N ALA F 232 -62.01 16.69 45.02
CA ALA F 232 -62.82 17.82 44.57
C ALA F 232 -63.86 17.37 43.55
N LEU F 233 -63.48 16.50 42.62
CA LEU F 233 -64.44 15.95 41.67
C LEU F 233 -65.39 14.97 42.35
N LEU F 234 -64.87 14.18 43.30
CA LEU F 234 -65.68 13.16 43.96
C LEU F 234 -65.91 13.51 45.43
N SER G 8 -60.02 -43.66 20.23
CA SER G 8 -59.79 -44.29 18.94
C SER G 8 -59.73 -43.24 17.83
N PRO G 9 -58.93 -43.50 16.79
CA PRO G 9 -58.80 -42.52 15.70
C PRO G 9 -60.12 -42.16 15.03
N GLU G 10 -61.02 -43.13 14.85
CA GLU G 10 -62.32 -42.83 14.24
C GLU G 10 -63.05 -41.78 15.06
N GLN G 11 -63.14 -41.99 16.37
CA GLN G 11 -63.83 -41.03 17.24
C GLN G 11 -63.13 -39.68 17.24
N ALA G 12 -61.79 -39.68 17.23
CA ALA G 12 -61.05 -38.42 17.24
C ALA G 12 -61.36 -37.60 15.99
N MET G 13 -61.28 -38.23 14.82
CA MET G 13 -61.59 -37.53 13.58
C MET G 13 -63.03 -37.04 13.56
N ARG G 14 -63.97 -37.90 14.01
CA ARG G 14 -65.38 -37.53 13.97
C ARG G 14 -65.66 -36.34 14.90
N GLU G 15 -65.09 -36.36 16.11
CA GLU G 15 -65.33 -35.25 17.03
C GLU G 15 -64.68 -33.97 16.55
N ARG G 16 -63.49 -34.06 15.96
CA ARG G 16 -62.82 -32.86 15.46
C ARG G 16 -63.62 -32.23 14.34
N SER G 17 -64.08 -33.04 13.38
CA SER G 17 -64.90 -32.53 12.29
C SER G 17 -66.22 -31.98 12.81
N GLU G 18 -66.82 -32.65 13.81
CA GLU G 18 -68.09 -32.18 14.36
C GLU G 18 -67.95 -30.83 15.04
N LEU G 19 -66.87 -30.64 15.80
CA LEU G 19 -66.66 -29.34 16.43
C LEU G 19 -66.37 -28.27 15.39
N ALA G 20 -65.71 -28.63 14.29
CA ALA G 20 -65.53 -27.68 13.19
C ALA G 20 -66.89 -27.25 12.61
N ARG G 21 -67.78 -28.22 12.38
CA ARG G 21 -69.10 -27.89 11.85
C ARG G 21 -69.89 -27.02 12.83
N LYS G 22 -69.79 -27.33 14.12
CA LYS G 22 -70.47 -26.52 15.14
C LYS G 22 -69.92 -25.09 15.14
N GLY G 23 -68.62 -24.93 14.92
CA GLY G 23 -68.05 -23.58 14.82
C GLY G 23 -68.65 -22.79 13.66
N ILE G 24 -68.82 -23.42 12.50
CA ILE G 24 -69.38 -22.73 11.29
C ILE G 24 -70.83 -22.31 11.55
N ALA G 25 -71.62 -23.18 12.17
CA ALA G 25 -73.04 -22.87 12.44
C ALA G 25 -73.14 -21.64 13.36
N ARG G 26 -72.20 -21.51 14.32
CA ARG G 26 -72.20 -20.37 15.27
C ARG G 26 -71.85 -19.07 14.54
N ALA G 27 -71.18 -19.16 13.39
CA ALA G 27 -70.73 -17.96 12.64
C ALA G 27 -71.90 -17.26 11.94
N LYS G 28 -71.68 -16.03 11.48
CA LYS G 28 -72.72 -15.25 10.76
C LYS G 28 -72.74 -15.65 9.27
N SER G 29 -73.77 -15.22 8.54
CA SER G 29 -73.92 -15.62 7.10
C SER G 29 -73.29 -14.57 6.17
N VAL G 30 -72.69 -15.02 5.06
CA VAL G 30 -72.05 -14.10 4.08
C VAL G 30 -72.23 -14.70 2.67
N VAL G 31 -72.63 -13.88 1.69
CA VAL G 31 -72.91 -14.43 0.32
C VAL G 31 -72.14 -13.64 -0.74
N ALA G 32 -71.33 -14.33 -1.55
CA ALA G 32 -70.62 -13.70 -2.65
C ALA G 32 -71.14 -14.28 -3.96
N LEU G 33 -71.65 -13.41 -4.83
CA LEU G 33 -72.26 -13.85 -6.07
C LEU G 33 -71.66 -13.10 -7.26
N ALA G 34 -71.53 -13.81 -8.38
CA ALA G 34 -70.97 -13.21 -9.59
C ALA G 34 -72.07 -12.48 -10.34
N TYR G 35 -71.87 -11.18 -10.55
CA TYR G 35 -72.79 -10.32 -11.26
C TYR G 35 -72.07 -9.69 -12.45
N ALA G 36 -72.77 -8.80 -13.15
CA ALA G 36 -72.29 -8.30 -14.43
C ALA G 36 -70.93 -7.63 -14.30
N GLY G 37 -70.73 -6.83 -13.26
CA GLY G 37 -69.46 -6.15 -13.08
C GLY G 37 -68.36 -6.98 -12.46
N GLY G 38 -68.65 -8.19 -12.01
CA GLY G 38 -67.64 -8.97 -11.32
C GLY G 38 -68.19 -9.83 -10.21
N VAL G 39 -67.70 -9.64 -8.99
CA VAL G 39 -68.15 -10.41 -7.84
C VAL G 39 -68.61 -9.45 -6.76
N LEU G 40 -69.72 -9.78 -6.09
CA LEU G 40 -70.29 -8.95 -5.04
C LEU G 40 -70.32 -9.75 -3.74
N PHE G 41 -69.72 -9.18 -2.70
CA PHE G 41 -69.74 -9.76 -1.36
C PHE G 41 -70.70 -8.94 -0.50
N VAL G 42 -71.64 -9.62 0.14
CA VAL G 42 -72.49 -9.02 1.17
C VAL G 42 -72.48 -9.92 2.39
N ALA G 43 -72.33 -9.31 3.56
CA ALA G 43 -72.29 -10.03 4.82
C ALA G 43 -73.09 -9.25 5.84
N GLU G 44 -73.74 -9.98 6.75
CA GLU G 44 -74.40 -9.34 7.88
C GLU G 44 -73.47 -9.40 9.08
N ASN G 45 -72.86 -8.27 9.41
CA ASN G 45 -71.99 -8.21 10.58
C ASN G 45 -72.32 -6.98 11.43
N PRO G 46 -72.58 -7.16 12.72
CA PRO G 46 -72.87 -6.00 13.57
C PRO G 46 -71.70 -5.05 13.73
N SER G 47 -70.48 -5.56 13.75
CA SER G 47 -69.31 -4.73 13.99
C SER G 47 -69.12 -3.76 12.84
N ARG G 48 -68.84 -2.49 13.18
CA ARG G 48 -68.54 -1.46 12.20
C ARG G 48 -67.04 -1.31 11.96
N SER G 49 -66.21 -2.15 12.59
CA SER G 49 -64.76 -2.08 12.44
C SER G 49 -64.12 -3.39 12.04
N LEU G 50 -64.66 -4.53 12.48
CA LEU G 50 -64.11 -5.85 12.14
C LEU G 50 -64.80 -6.35 10.89
N GLN G 51 -64.02 -6.61 9.85
CA GLN G 51 -64.54 -6.88 8.51
C GLN G 51 -64.19 -8.29 8.09
N LYS G 52 -65.20 -9.02 7.59
CA LYS G 52 -65.00 -10.38 7.10
C LYS G 52 -64.63 -10.44 5.63
N ILE G 53 -64.67 -9.32 4.92
CA ILE G 53 -64.37 -9.27 3.49
C ILE G 53 -63.20 -8.34 3.28
N SER G 54 -62.20 -8.80 2.53
CA SER G 54 -61.02 -7.98 2.28
C SER G 54 -60.48 -8.28 0.88
N GLU G 55 -59.44 -7.56 0.52
CA GLU G 55 -58.78 -7.69 -0.78
C GLU G 55 -57.53 -8.54 -0.60
N LEU G 56 -57.45 -9.64 -1.36
CA LEU G 56 -56.25 -10.46 -1.34
C LEU G 56 -55.19 -9.90 -2.28
N TYR G 57 -55.58 -9.58 -3.50
CA TYR G 57 -54.67 -9.04 -4.50
C TYR G 57 -55.49 -8.28 -5.52
N ASP G 58 -54.79 -7.76 -6.55
CA ASP G 58 -55.37 -6.85 -7.53
C ASP G 58 -56.78 -7.26 -7.95
N ARG G 59 -56.93 -8.47 -8.48
CA ARG G 59 -58.24 -8.96 -8.89
C ARG G 59 -58.71 -10.15 -8.04
N VAL G 60 -58.15 -10.33 -6.85
CA VAL G 60 -58.51 -11.46 -6.00
C VAL G 60 -59.09 -10.91 -4.70
N GLY G 61 -60.32 -11.31 -4.40
CA GLY G 61 -61.01 -10.94 -3.18
C GLY G 61 -61.25 -12.11 -2.25
N PHE G 62 -61.58 -11.81 -1.00
CA PHE G 62 -61.57 -12.77 0.08
C PHE G 62 -62.81 -12.59 0.94
N ALA G 63 -63.41 -13.71 1.35
CA ALA G 63 -64.51 -13.69 2.31
C ALA G 63 -64.37 -14.89 3.23
N ALA G 64 -64.86 -14.75 4.45
CA ALA G 64 -64.74 -15.85 5.40
C ALA G 64 -65.94 -15.86 6.34
N ALA G 65 -66.20 -17.05 6.89
CA ALA G 65 -67.22 -17.22 7.92
C ALA G 65 -66.67 -18.14 8.99
N GLY G 66 -66.68 -17.69 10.23
CA GLY G 66 -66.19 -18.51 11.32
C GLY G 66 -65.52 -17.64 12.38
N LYS G 67 -64.60 -18.27 13.11
CA LYS G 67 -63.89 -17.58 14.17
C LYS G 67 -63.02 -16.46 13.58
N PHE G 68 -63.17 -15.25 14.12
CA PHE G 68 -62.59 -14.09 13.45
C PHE G 68 -61.07 -14.11 13.48
N ASN G 69 -60.46 -14.46 14.61
CA ASN G 69 -59.00 -14.40 14.68
C ASN G 69 -58.37 -15.44 13.77
N GLU G 70 -59.00 -16.61 13.64
CA GLU G 70 -58.45 -17.67 12.80
C GLU G 70 -58.46 -17.27 11.33
N PHE G 71 -59.59 -16.80 10.81
CA PHE G 71 -59.57 -16.41 9.41
C PHE G 71 -58.91 -15.06 9.18
N ASP G 72 -58.72 -14.25 10.23
CA ASP G 72 -57.87 -13.09 10.09
C ASP G 72 -56.41 -13.49 9.90
N ASN G 73 -55.96 -14.51 10.65
CA ASN G 73 -54.64 -15.06 10.41
C ASN G 73 -54.53 -15.61 8.99
N LEU G 74 -55.57 -16.33 8.55
CA LEU G 74 -55.55 -16.87 7.19
C LEU G 74 -55.53 -15.76 6.15
N ARG G 75 -56.30 -14.69 6.37
CA ARG G 75 -56.32 -13.57 5.44
C ARG G 75 -54.95 -12.89 5.35
N ARG G 76 -54.31 -12.66 6.49
CA ARG G 76 -52.99 -12.04 6.47
C ARG G 76 -51.96 -12.94 5.80
N GLY G 77 -52.03 -14.25 6.05
CA GLY G 77 -51.14 -15.16 5.37
C GLY G 77 -51.34 -15.17 3.87
N GLY G 78 -52.60 -15.14 3.42
CA GLY G 78 -52.87 -15.09 2.00
C GLY G 78 -52.41 -13.79 1.36
N ILE G 79 -52.55 -12.68 2.08
CA ILE G 79 -52.08 -11.39 1.59
C ILE G 79 -50.57 -11.41 1.42
N GLN G 80 -49.86 -11.93 2.43
CA GLN G 80 -48.41 -12.02 2.33
C GLN G 80 -47.99 -12.94 1.18
N PHE G 81 -48.69 -14.06 1.02
CA PHE G 81 -48.38 -14.98 -0.08
C PHE G 81 -48.56 -14.29 -1.42
N ALA G 82 -49.70 -13.61 -1.61
CA ALA G 82 -49.96 -12.96 -2.89
C ALA G 82 -48.95 -11.86 -3.17
N ASP G 83 -48.61 -11.06 -2.16
CA ASP G 83 -47.65 -9.98 -2.37
C ASP G 83 -46.26 -10.53 -2.71
N THR G 84 -45.82 -11.55 -1.97
CA THR G 84 -44.51 -12.14 -2.25
C THR G 84 -44.48 -12.77 -3.63
N ARG G 85 -45.55 -13.48 -4.01
CA ARG G 85 -45.59 -14.10 -5.32
C ARG G 85 -45.60 -13.07 -6.44
N GLY G 86 -46.39 -12.00 -6.29
CA GLY G 86 -46.44 -10.98 -7.32
C GLY G 86 -45.14 -10.22 -7.44
N TYR G 87 -44.45 -9.98 -6.33
CA TYR G 87 -43.17 -9.29 -6.40
C TYR G 87 -42.09 -10.19 -7.00
N ALA G 88 -42.11 -11.48 -6.64
CA ALA G 88 -41.07 -12.39 -7.13
C ALA G 88 -41.13 -12.55 -8.64
N TYR G 89 -42.34 -12.66 -9.21
CA TYR G 89 -42.46 -12.87 -10.65
C TYR G 89 -43.12 -11.69 -11.36
N ASP G 90 -44.38 -11.42 -11.08
CA ASP G 90 -45.14 -10.36 -11.74
C ASP G 90 -46.53 -10.37 -11.15
N ARG G 91 -47.21 -9.23 -11.26
CA ARG G 91 -48.55 -9.12 -10.69
C ARG G 91 -49.54 -10.04 -11.39
N ARG G 92 -49.44 -10.14 -12.72
CA ARG G 92 -50.40 -10.93 -13.48
C ARG G 92 -50.17 -12.43 -13.33
N ASP G 93 -49.08 -12.84 -12.69
CA ASP G 93 -48.84 -14.25 -12.41
C ASP G 93 -49.56 -14.74 -11.17
N VAL G 94 -50.17 -13.85 -10.40
CA VAL G 94 -50.90 -14.24 -9.19
C VAL G 94 -52.35 -14.48 -9.57
N THR G 95 -52.86 -15.67 -9.25
CA THR G 95 -54.22 -16.05 -9.57
C THR G 95 -54.96 -16.43 -8.30
N GLY G 96 -56.28 -16.44 -8.40
CA GLY G 96 -57.09 -16.92 -7.28
C GLY G 96 -56.96 -18.41 -7.06
N ARG G 97 -56.64 -19.16 -8.11
CA ARG G 97 -56.50 -20.60 -7.99
C ARG G 97 -55.32 -20.97 -7.10
N GLN G 98 -54.19 -20.27 -7.24
CA GLN G 98 -53.04 -20.54 -6.39
C GLN G 98 -53.35 -20.21 -4.93
N LEU G 99 -54.05 -19.11 -4.69
CA LEU G 99 -54.40 -18.75 -3.32
C LEU G 99 -55.36 -19.77 -2.72
N ALA G 100 -56.33 -20.24 -3.52
CA ALA G 100 -57.23 -21.28 -3.05
C ALA G 100 -56.46 -22.56 -2.70
N ASN G 101 -55.50 -22.93 -3.54
CA ASN G 101 -54.71 -24.12 -3.27
C ASN G 101 -53.89 -23.98 -2.00
N VAL G 102 -53.26 -22.82 -1.79
CA VAL G 102 -52.47 -22.60 -0.59
C VAL G 102 -53.36 -22.62 0.65
N TYR G 103 -54.55 -22.03 0.54
CA TYR G 103 -55.50 -22.08 1.65
C TYR G 103 -55.90 -23.52 1.96
N ALA G 104 -56.15 -24.32 0.93
CA ALA G 104 -56.49 -25.73 1.16
C ALA G 104 -55.34 -26.46 1.85
N GLN G 105 -54.11 -26.22 1.41
CA GLN G 105 -52.95 -26.87 2.04
C GLN G 105 -52.86 -26.50 3.52
N THR G 106 -52.97 -25.20 3.81
CA THR G 106 -52.85 -24.76 5.20
C THR G 106 -53.98 -25.29 6.05
N LEU G 107 -55.20 -25.33 5.51
CA LEU G 107 -56.34 -25.81 6.30
C LEU G 107 -56.26 -27.31 6.55
N GLY G 108 -55.81 -28.08 5.56
CA GLY G 108 -55.59 -29.50 5.79
C GLY G 108 -54.52 -29.74 6.84
N THR G 109 -53.42 -28.99 6.77
CA THR G 109 -52.38 -29.13 7.78
C THR G 109 -52.90 -28.74 9.17
N ILE G 110 -53.74 -27.72 9.24
CA ILE G 110 -54.28 -27.29 10.53
C ILE G 110 -55.24 -28.34 11.09
N PHE G 111 -56.07 -28.93 10.24
CA PHE G 111 -56.95 -30.00 10.69
C PHE G 111 -56.15 -31.19 11.21
N THR G 112 -55.07 -31.56 10.51
CA THR G 112 -54.32 -32.74 10.90
C THR G 112 -53.43 -32.52 12.12
N GLU G 113 -52.56 -31.51 12.08
CA GLU G 113 -51.47 -31.38 13.04
C GLU G 113 -51.79 -30.48 14.23
N GLN G 114 -52.82 -29.65 14.16
CA GLN G 114 -53.09 -28.73 15.25
C GLN G 114 -53.98 -29.38 16.30
N ALA G 115 -53.75 -28.98 17.57
CA ALA G 115 -54.57 -29.50 18.66
C ALA G 115 -56.03 -29.13 18.47
N LYS G 116 -56.30 -27.91 18.03
CA LYS G 116 -57.65 -27.49 17.69
C LYS G 116 -57.69 -27.03 16.24
N PRO G 117 -58.59 -27.57 15.42
CA PRO G 117 -58.68 -27.13 14.03
C PRO G 117 -59.26 -25.73 13.93
N TYR G 118 -59.19 -25.18 12.73
CA TYR G 118 -59.74 -23.85 12.45
C TYR G 118 -61.16 -23.99 11.93
N GLU G 119 -62.11 -23.41 12.66
CA GLU G 119 -63.51 -23.42 12.24
C GLU G 119 -63.75 -22.20 11.34
N VAL G 120 -63.30 -22.31 10.10
CA VAL G 120 -63.42 -21.24 9.12
C VAL G 120 -63.84 -21.83 7.79
N GLU G 121 -64.68 -21.10 7.06
CA GLU G 121 -65.04 -21.46 5.70
C GLU G 121 -64.76 -20.26 4.82
N LEU G 122 -63.95 -20.47 3.78
CA LEU G 122 -63.36 -19.40 3.00
C LEU G 122 -63.96 -19.35 1.60
N CYS G 123 -63.94 -18.14 1.03
CA CYS G 123 -64.33 -17.92 -0.36
C CYS G 123 -63.28 -17.03 -1.01
N VAL G 124 -62.64 -17.54 -2.05
CA VAL G 124 -61.65 -16.80 -2.83
C VAL G 124 -62.29 -16.48 -4.18
N ALA G 125 -62.42 -15.20 -4.49
CA ALA G 125 -63.06 -14.77 -5.72
C ALA G 125 -62.02 -14.13 -6.63
N GLU G 126 -62.17 -14.34 -7.94
CA GLU G 126 -61.26 -13.74 -8.90
C GLU G 126 -62.07 -13.21 -10.08
N VAL G 127 -61.58 -12.11 -10.65
CA VAL G 127 -62.23 -11.49 -11.80
C VAL G 127 -61.17 -11.27 -12.88
N ALA G 128 -61.65 -11.08 -14.11
CA ALA G 128 -60.75 -10.89 -15.23
C ALA G 128 -59.96 -9.61 -15.09
N HIS G 129 -58.81 -9.57 -15.77
CA HIS G 129 -58.03 -8.34 -15.83
C HIS G 129 -58.76 -7.32 -16.70
N TYR G 130 -58.28 -6.08 -16.65
CA TYR G 130 -58.92 -5.00 -17.39
C TYR G 130 -58.81 -5.25 -18.89
N GLY G 131 -59.90 -5.00 -19.61
CA GLY G 131 -59.94 -5.19 -21.03
C GLY G 131 -60.04 -6.63 -21.48
N GLU G 132 -60.07 -7.57 -20.55
CA GLU G 132 -60.14 -8.99 -20.83
C GLU G 132 -61.48 -9.54 -20.37
N THR G 133 -62.09 -10.39 -21.18
CA THR G 133 -63.36 -11.01 -20.85
C THR G 133 -63.11 -12.39 -20.25
N LYS G 134 -63.80 -12.67 -19.15
CA LYS G 134 -63.66 -13.95 -18.44
C LYS G 134 -64.76 -14.02 -17.38
N ARG G 135 -65.29 -15.21 -17.19
CA ARG G 135 -66.29 -15.40 -16.15
C ARG G 135 -65.63 -15.28 -14.78
N PRO G 136 -66.20 -14.51 -13.85
CA PRO G 136 -65.66 -14.49 -12.49
C PRO G 136 -65.63 -15.88 -11.88
N GLU G 137 -64.55 -16.18 -11.18
CA GLU G 137 -64.33 -17.48 -10.56
C GLU G 137 -64.53 -17.38 -9.06
N LEU G 138 -65.14 -18.42 -8.49
CA LEU G 138 -65.35 -18.51 -7.05
C LEU G 138 -64.89 -19.88 -6.56
N TYR G 139 -63.98 -19.88 -5.59
CA TYR G 139 -63.55 -21.10 -4.92
C TYR G 139 -64.07 -21.05 -3.48
N ARG G 140 -64.70 -22.13 -3.05
CA ARG G 140 -65.14 -22.26 -1.67
C ARG G 140 -64.31 -23.34 -0.99
N ILE G 141 -63.72 -23.00 0.14
CA ILE G 141 -62.80 -23.88 0.86
C ILE G 141 -63.39 -24.16 2.24
N THR G 142 -63.35 -25.41 2.65
CA THR G 142 -63.95 -25.85 3.90
C THR G 142 -62.89 -26.01 4.98
N TYR G 143 -63.31 -26.51 6.14
CA TYR G 143 -62.43 -26.61 7.30
C TYR G 143 -61.27 -27.57 7.04
N ASP G 144 -61.53 -28.69 6.38
CA ASP G 144 -60.51 -29.72 6.20
C ASP G 144 -59.73 -29.58 4.89
N GLY G 145 -60.10 -28.64 4.03
CA GLY G 145 -59.38 -28.42 2.79
C GLY G 145 -60.16 -28.71 1.53
N SER G 146 -61.40 -29.18 1.63
CA SER G 146 -62.20 -29.41 0.44
C SER G 146 -62.41 -28.10 -0.30
N ILE G 147 -62.15 -28.12 -1.60
CA ILE G 147 -62.19 -26.91 -2.43
C ILE G 147 -63.14 -27.17 -3.59
N ALA G 148 -64.08 -26.25 -3.79
CA ALA G 148 -65.11 -26.40 -4.80
C ALA G 148 -65.14 -25.16 -5.69
N ASP G 149 -65.38 -25.40 -6.98
CA ASP G 149 -65.59 -24.32 -7.94
C ASP G 149 -67.08 -24.02 -8.00
N GLU G 150 -67.45 -22.79 -7.65
CA GLU G 150 -68.86 -22.38 -7.65
C GLU G 150 -69.08 -21.38 -8.78
N PRO G 151 -69.76 -21.78 -9.86
CA PRO G 151 -69.86 -20.88 -11.03
C PRO G 151 -70.72 -19.65 -10.79
N HIS G 152 -71.62 -19.66 -9.82
CA HIS G 152 -72.57 -18.57 -9.65
C HIS G 152 -72.48 -17.88 -8.31
N PHE G 153 -72.56 -18.64 -7.21
CA PHE G 153 -72.61 -17.96 -5.89
C PHE G 153 -72.01 -18.83 -4.78
N VAL G 154 -71.62 -18.19 -3.66
CA VAL G 154 -71.05 -18.93 -2.51
C VAL G 154 -71.79 -18.48 -1.24
N VAL G 155 -72.44 -19.41 -0.53
CA VAL G 155 -73.13 -19.07 0.75
C VAL G 155 -72.33 -19.67 1.91
N MET G 156 -72.01 -18.87 2.94
CA MET G 156 -71.14 -19.37 4.03
C MET G 156 -71.67 -18.92 5.40
N GLY G 157 -71.69 -19.82 6.39
CA GLY G 157 -72.05 -19.44 7.76
C GLY G 157 -73.55 -19.43 8.04
N GLY G 158 -73.94 -19.60 9.31
CA GLY G 158 -75.36 -19.53 9.70
C GLY G 158 -76.20 -20.60 9.03
N THR G 159 -77.47 -20.28 8.75
CA THR G 159 -78.38 -21.24 8.06
C THR G 159 -78.17 -21.14 6.56
N THR G 160 -77.24 -21.94 6.02
CA THR G 160 -76.93 -21.88 4.57
C THR G 160 -78.13 -22.39 3.75
N GLU G 161 -78.74 -23.51 4.16
CA GLU G 161 -79.86 -24.12 3.38
C GLU G 161 -80.89 -23.04 2.95
N PRO G 162 -81.60 -22.32 3.85
CA PRO G 162 -82.61 -21.33 3.41
C PRO G 162 -82.04 -20.28 2.46
N ILE G 163 -80.84 -19.75 2.75
CA ILE G 163 -80.27 -18.71 1.91
C ILE G 163 -79.86 -19.27 0.56
N ALA G 164 -79.28 -20.47 0.57
CA ALA G 164 -78.83 -21.10 -0.70
C ALA G 164 -80.03 -21.33 -1.61
N ASN G 165 -81.10 -21.93 -1.09
CA ASN G 165 -82.32 -22.21 -1.90
C ASN G 165 -82.92 -20.89 -2.42
N ALA G 166 -82.96 -19.87 -1.57
CA ALA G 166 -83.51 -18.55 -1.99
C ALA G 166 -82.73 -18.05 -3.20
N LEU G 167 -81.39 -18.12 -3.15
CA LEU G 167 -80.55 -17.71 -4.30
C LEU G 167 -80.82 -18.63 -5.50
N LYS G 168 -80.87 -19.94 -5.28
CA LYS G 168 -81.05 -20.90 -6.40
C LYS G 168 -82.23 -20.47 -7.27
N GLU G 169 -83.31 -19.95 -6.65
CA GLU G 169 -84.52 -19.53 -7.41
C GLU G 169 -84.42 -18.06 -7.82
N SER G 170 -84.15 -17.16 -6.88
CA SER G 170 -84.14 -15.70 -7.19
C SER G 170 -82.93 -15.29 -8.03
N TYR G 171 -81.73 -15.79 -7.69
CA TYR G 171 -80.49 -15.34 -8.40
C TYR G 171 -80.56 -15.64 -9.90
N ALA G 172 -80.25 -14.65 -10.73
CA ALA G 172 -80.21 -14.80 -12.17
C ALA G 172 -78.88 -14.26 -12.69
N GLU G 173 -78.37 -14.90 -13.75
CA GLU G 173 -77.11 -14.47 -14.33
C GLU G 173 -77.24 -13.06 -14.89
N ASN G 174 -76.11 -12.34 -14.92
CA ASN G 174 -76.04 -10.97 -15.42
C ASN G 174 -76.98 -10.06 -14.63
N ALA G 175 -76.65 -9.90 -13.35
CA ALA G 175 -77.31 -8.93 -12.49
C ALA G 175 -76.48 -7.67 -12.41
N SER G 176 -77.14 -6.52 -12.45
CA SER G 176 -76.44 -5.26 -12.23
C SER G 176 -76.18 -5.08 -10.74
N LEU G 177 -75.55 -3.97 -10.38
CA LEU G 177 -75.24 -3.72 -8.98
C LEU G 177 -76.49 -3.67 -8.12
N THR G 178 -77.47 -2.86 -8.52
CA THR G 178 -78.67 -2.68 -7.72
C THR G 178 -79.47 -3.98 -7.61
N ASP G 179 -79.64 -4.68 -8.72
CA ASP G 179 -80.40 -5.93 -8.71
C ASP G 179 -79.71 -6.98 -7.85
N ALA G 180 -78.39 -7.13 -7.99
CA ALA G 180 -77.67 -8.10 -7.19
C ALA G 180 -77.73 -7.77 -5.72
N LEU G 181 -77.61 -6.48 -5.37
CA LEU G 181 -77.71 -6.08 -3.97
C LEU G 181 -79.09 -6.40 -3.41
N ARG G 182 -80.15 -6.10 -4.17
CA ARG G 182 -81.50 -6.39 -3.70
C ARG G 182 -81.70 -7.88 -3.47
N ILE G 183 -81.31 -8.69 -4.46
CA ILE G 183 -81.45 -10.14 -4.34
C ILE G 183 -80.68 -10.63 -3.12
N ALA G 184 -79.45 -10.13 -2.95
CA ALA G 184 -78.58 -10.61 -1.89
C ALA G 184 -79.13 -10.26 -0.51
N VAL G 185 -79.61 -9.03 -0.31
CA VAL G 185 -80.14 -8.68 1.00
C VAL G 185 -81.44 -9.42 1.28
N ALA G 186 -82.29 -9.57 0.25
CA ALA G 186 -83.54 -10.31 0.44
C ALA G 186 -83.27 -11.75 0.83
N ALA G 187 -82.30 -12.39 0.18
CA ALA G 187 -81.98 -13.77 0.52
C ALA G 187 -81.13 -13.88 1.78
N LEU G 188 -80.50 -12.78 2.22
CA LEU G 188 -79.83 -12.75 3.50
C LEU G 188 -80.79 -12.59 4.66
N ARG G 189 -81.99 -12.07 4.39
CA ARG G 189 -83.03 -12.08 5.42
C ARG G 189 -83.32 -13.50 5.91
N ALA G 190 -83.41 -14.45 4.98
CA ALA G 190 -83.71 -15.83 5.33
C ALA G 190 -82.57 -16.49 6.10
N LEU G 203 -81.97 -7.85 5.68
CA LEU G 203 -81.51 -7.01 6.78
C LEU G 203 -81.33 -5.57 6.31
N GLY G 204 -81.49 -4.63 7.23
CA GLY G 204 -81.35 -3.21 6.91
C GLY G 204 -79.98 -2.81 6.41
N VAL G 205 -79.83 -1.55 6.05
CA VAL G 205 -78.59 -1.08 5.45
C VAL G 205 -77.43 -1.17 6.43
N ALA G 206 -77.65 -0.76 7.67
CA ALA G 206 -76.59 -0.83 8.68
C ALA G 206 -76.35 -2.27 9.09
N SER G 207 -75.24 -2.47 9.81
CA SER G 207 -74.78 -3.81 10.21
C SER G 207 -74.55 -4.71 9.01
N LEU G 208 -74.36 -4.11 7.84
CA LEU G 208 -74.12 -4.84 6.61
C LEU G 208 -72.79 -4.41 6.02
N GLU G 209 -71.99 -5.40 5.62
CA GLU G 209 -70.70 -5.17 5.00
C GLU G 209 -70.79 -5.60 3.54
N VAL G 210 -70.55 -4.68 2.62
CA VAL G 210 -70.69 -4.96 1.21
C VAL G 210 -69.46 -4.44 0.46
N ALA G 211 -68.97 -5.25 -0.47
CA ALA G 211 -67.83 -4.88 -1.29
C ALA G 211 -67.99 -5.55 -2.65
N VAL G 212 -67.25 -5.07 -3.64
CA VAL G 212 -67.30 -5.65 -4.98
C VAL G 212 -65.90 -5.75 -5.55
N LEU G 213 -65.59 -6.89 -6.15
CA LEU G 213 -64.53 -7.01 -7.15
C LEU G 213 -65.12 -6.58 -8.47
N ASP G 214 -64.69 -5.42 -8.97
CA ASP G 214 -65.22 -4.82 -10.18
C ASP G 214 -64.19 -4.94 -11.28
N ALA G 215 -64.49 -5.76 -12.30
CA ALA G 215 -63.59 -5.93 -13.42
C ALA G 215 -63.41 -4.67 -14.25
N ASN G 216 -64.27 -3.66 -14.05
CA ASN G 216 -64.15 -2.42 -14.81
C ASN G 216 -62.94 -1.59 -14.37
N ARG G 217 -62.45 -1.80 -13.15
CA ARG G 217 -61.30 -1.05 -12.68
C ARG G 217 -60.04 -1.45 -13.43
N PRO G 218 -59.12 -0.52 -13.65
CA PRO G 218 -57.87 -0.87 -14.35
C PRO G 218 -57.03 -1.90 -13.62
N ARG G 219 -56.64 -1.65 -12.37
CA ARG G 219 -55.74 -2.57 -11.68
C ARG G 219 -56.35 -3.21 -10.43
N ARG G 220 -56.82 -2.42 -9.47
CA ARG G 220 -57.31 -2.95 -8.21
C ARG G 220 -58.83 -3.02 -8.26
N ALA G 221 -59.36 -4.23 -8.44
CA ALA G 221 -60.79 -4.42 -8.61
C ALA G 221 -61.58 -4.28 -7.33
N PHE G 222 -60.96 -4.46 -6.17
CA PHE G 222 -61.70 -4.45 -4.91
C PHE G 222 -62.09 -3.03 -4.52
N ARG G 223 -63.36 -2.85 -4.17
CA ARG G 223 -63.87 -1.55 -3.80
C ARG G 223 -64.99 -1.72 -2.78
N ARG G 224 -65.06 -0.80 -1.82
CA ARG G 224 -66.05 -0.83 -0.76
C ARG G 224 -67.10 0.25 -1.00
N ILE G 225 -68.37 -0.13 -0.92
CA ILE G 225 -69.47 0.82 -0.95
C ILE G 225 -70.05 0.88 0.46
N THR G 226 -69.92 2.06 1.09
CA THR G 226 -70.31 2.22 2.48
C THR G 226 -70.94 3.58 2.69
N GLY G 227 -71.81 3.67 3.67
CA GLY G 227 -72.42 4.93 4.05
C GLY G 227 -73.62 5.26 3.19
N SER G 228 -73.71 6.53 2.77
CA SER G 228 -74.88 6.99 2.04
C SER G 228 -74.99 6.33 0.66
N ALA G 229 -73.86 6.03 0.02
CA ALA G 229 -73.91 5.39 -1.30
C ALA G 229 -74.54 4.01 -1.22
N LEU G 230 -74.13 3.21 -0.22
CA LEU G 230 -74.71 1.89 -0.05
C LEU G 230 -76.20 1.97 0.22
N GLN G 231 -76.63 2.92 1.05
CA GLN G 231 -78.05 3.10 1.31
C GLN G 231 -78.78 3.48 0.03
N ALA G 232 -78.17 4.35 -0.79
CA ALA G 232 -78.78 4.73 -2.05
C ALA G 232 -78.97 3.50 -2.95
N LEU G 233 -77.98 2.61 -2.99
CA LEU G 233 -78.14 1.39 -3.76
C LEU G 233 -79.07 0.38 -3.08
N LEU G 234 -79.49 0.63 -1.84
CA LEU G 234 -80.51 -0.18 -1.20
C LEU G 234 -81.77 0.65 -0.93
N SER H 8 -53.80 -52.81 20.49
CA SER H 8 -52.54 -53.37 20.05
C SER H 8 -51.98 -52.64 18.84
N PRO H 9 -50.65 -52.61 18.71
CA PRO H 9 -50.05 -52.06 17.48
C PRO H 9 -50.51 -52.79 16.22
N GLU H 10 -50.74 -54.10 16.31
CA GLU H 10 -51.29 -54.82 15.16
C GLU H 10 -52.69 -54.31 14.84
N GLN H 11 -53.51 -54.11 15.86
CA GLN H 11 -54.85 -53.56 15.65
C GLN H 11 -54.77 -52.19 15.02
N ALA H 12 -53.86 -51.34 15.53
CA ALA H 12 -53.73 -49.98 15.00
C ALA H 12 -53.29 -49.99 13.54
N MET H 13 -52.33 -50.87 13.21
CA MET H 13 -51.86 -50.96 11.83
C MET H 13 -52.95 -51.46 10.90
N ARG H 14 -53.72 -52.46 11.34
CA ARG H 14 -54.85 -52.94 10.54
C ARG H 14 -55.87 -51.83 10.32
N GLU H 15 -56.17 -51.07 11.37
CA GLU H 15 -57.13 -49.97 11.25
C GLU H 15 -56.59 -48.88 10.33
N ARG H 16 -55.28 -48.66 10.33
CA ARG H 16 -54.69 -47.65 9.45
C ARG H 16 -54.78 -48.08 7.99
N SER H 17 -54.47 -49.34 7.69
CA SER H 17 -54.63 -49.85 6.34
C SER H 17 -56.08 -49.76 5.90
N GLU H 18 -57.01 -50.11 6.80
CA GLU H 18 -58.42 -50.00 6.45
C GLU H 18 -58.83 -48.55 6.23
N LEU H 19 -58.32 -47.63 7.06
CA LEU H 19 -58.58 -46.21 6.88
C LEU H 19 -58.17 -45.77 5.49
N ALA H 20 -56.97 -46.14 5.07
CA ALA H 20 -56.54 -45.81 3.71
C ALA H 20 -57.47 -46.44 2.68
N ARG H 21 -57.85 -47.71 2.89
CA ARG H 21 -58.73 -48.36 1.93
C ARG H 21 -60.02 -47.59 1.73
N LYS H 22 -60.65 -47.17 2.84
CA LYS H 22 -61.87 -46.38 2.71
C LYS H 22 -61.60 -45.04 2.05
N GLY H 23 -60.52 -44.36 2.44
CA GLY H 23 -60.25 -43.04 1.91
C GLY H 23 -60.06 -43.03 0.41
N ILE H 24 -59.28 -43.98 -0.11
CA ILE H 24 -59.15 -44.09 -1.55
C ILE H 24 -60.44 -44.61 -2.19
N ALA H 25 -61.19 -45.45 -1.47
CA ALA H 25 -62.43 -46.00 -2.03
C ALA H 25 -63.45 -44.90 -2.34
N ARG H 26 -63.63 -43.95 -1.41
CA ARG H 26 -64.52 -42.82 -1.63
C ARG H 26 -63.75 -41.72 -2.36
N ALA H 27 -63.37 -42.04 -3.58
CA ALA H 27 -62.62 -41.13 -4.45
C ALA H 27 -62.85 -41.58 -5.89
N LYS H 28 -62.47 -40.72 -6.83
CA LYS H 28 -62.69 -41.02 -8.22
C LYS H 28 -61.67 -42.05 -8.70
N SER H 29 -61.80 -42.44 -9.97
CA SER H 29 -60.94 -43.45 -10.58
C SER H 29 -60.22 -42.85 -11.77
N VAL H 30 -58.95 -43.20 -11.92
CA VAL H 30 -58.11 -42.73 -13.01
C VAL H 30 -57.49 -43.95 -13.70
N VAL H 31 -57.38 -43.88 -15.02
CA VAL H 31 -56.89 -44.99 -15.84
C VAL H 31 -55.72 -44.50 -16.68
N ALA H 32 -54.58 -45.19 -16.55
CA ALA H 32 -53.37 -44.90 -17.31
C ALA H 32 -53.04 -46.14 -18.14
N LEU H 33 -53.23 -46.04 -19.45
CA LEU H 33 -53.09 -47.20 -20.32
C LEU H 33 -52.08 -46.94 -21.43
N ALA H 34 -51.22 -47.92 -21.69
CA ALA H 34 -50.20 -47.80 -22.70
C ALA H 34 -50.79 -48.08 -24.08
N TYR H 35 -50.36 -47.28 -25.06
CA TYR H 35 -50.77 -47.44 -26.44
C TYR H 35 -49.58 -47.12 -27.34
N ALA H 36 -49.83 -47.18 -28.65
CA ALA H 36 -48.74 -47.09 -29.63
C ALA H 36 -47.92 -45.82 -29.44
N GLY H 37 -48.57 -44.69 -29.27
CA GLY H 37 -47.88 -43.43 -29.13
C GLY H 37 -47.34 -43.13 -27.74
N GLY H 38 -47.53 -44.04 -26.78
CA GLY H 38 -47.04 -43.78 -25.43
C GLY H 38 -48.00 -44.21 -24.35
N VAL H 39 -48.41 -43.28 -23.50
CA VAL H 39 -49.32 -43.55 -22.40
C VAL H 39 -50.48 -42.56 -22.47
N LEU H 40 -51.68 -43.01 -22.12
CA LEU H 40 -52.85 -42.15 -22.05
C LEU H 40 -53.40 -42.15 -20.64
N PHE H 41 -53.56 -40.98 -20.05
CA PHE H 41 -54.19 -40.79 -18.75
C PHE H 41 -55.58 -40.22 -18.95
N VAL H 42 -56.56 -40.86 -18.32
CA VAL H 42 -57.94 -40.37 -18.30
C VAL H 42 -58.42 -40.40 -16.85
N ALA H 43 -58.83 -39.25 -16.34
CA ALA H 43 -59.24 -39.11 -14.96
C ALA H 43 -60.67 -38.61 -14.87
N GLU H 44 -61.40 -39.08 -13.86
CA GLU H 44 -62.71 -38.57 -13.52
C GLU H 44 -62.52 -37.29 -12.72
N ASN H 45 -62.68 -36.15 -13.38
CA ASN H 45 -62.46 -34.84 -12.74
C ASN H 45 -63.69 -33.97 -12.97
N PRO H 46 -64.69 -34.06 -12.10
CA PRO H 46 -65.83 -33.14 -12.19
C PRO H 46 -65.44 -31.69 -11.94
N SER H 47 -64.23 -31.44 -11.43
CA SER H 47 -63.69 -30.10 -11.39
C SER H 47 -63.07 -29.73 -12.73
N ARG H 48 -62.56 -28.51 -12.82
CA ARG H 48 -61.80 -28.08 -13.99
C ARG H 48 -60.49 -27.42 -13.62
N SER H 49 -60.44 -26.64 -12.54
CA SER H 49 -59.20 -25.98 -12.15
C SER H 49 -58.22 -26.98 -11.54
N LEU H 50 -58.69 -27.83 -10.63
CA LEU H 50 -57.83 -28.85 -10.05
C LEU H 50 -57.48 -29.91 -11.10
N GLN H 51 -56.22 -30.31 -11.13
CA GLN H 51 -55.75 -31.32 -12.07
C GLN H 51 -55.33 -32.56 -11.30
N LYS H 52 -55.85 -33.71 -11.74
CA LYS H 52 -55.49 -35.00 -11.18
C LYS H 52 -54.37 -35.68 -11.95
N ILE H 53 -53.98 -35.13 -13.10
CA ILE H 53 -52.91 -35.65 -13.94
C ILE H 53 -51.92 -34.53 -14.19
N SER H 54 -50.64 -34.82 -14.06
CA SER H 54 -49.62 -33.79 -14.30
C SER H 54 -48.39 -34.42 -14.92
N GLU H 55 -47.41 -33.56 -15.18
CA GLU H 55 -46.13 -33.97 -15.74
C GLU H 55 -45.07 -33.87 -14.65
N LEU H 56 -44.26 -34.92 -14.53
CA LEU H 56 -43.14 -34.91 -13.59
C LEU H 56 -41.84 -34.51 -14.26
N TYR H 57 -41.62 -34.97 -15.48
CA TYR H 57 -40.40 -34.67 -16.21
C TYR H 57 -40.61 -34.98 -17.68
N ASP H 58 -39.55 -34.80 -18.48
CA ASP H 58 -39.67 -34.77 -19.93
C ASP H 58 -40.44 -35.97 -20.48
N ARG H 59 -40.16 -37.17 -19.96
CA ARG H 59 -40.87 -38.36 -20.38
C ARG H 59 -41.60 -39.04 -19.23
N VAL H 60 -41.78 -38.34 -18.11
CA VAL H 60 -42.34 -38.95 -16.90
C VAL H 60 -43.61 -38.19 -16.53
N GLY H 61 -44.71 -38.93 -16.41
CA GLY H 61 -45.99 -38.38 -16.03
C GLY H 61 -46.54 -38.97 -14.75
N PHE H 62 -47.42 -38.22 -14.09
CA PHE H 62 -47.90 -38.52 -12.75
C PHE H 62 -49.42 -38.51 -12.73
N ALA H 63 -50.00 -39.55 -12.14
CA ALA H 63 -51.43 -39.58 -11.87
C ALA H 63 -51.63 -40.05 -10.44
N ALA H 64 -52.76 -39.67 -9.84
CA ALA H 64 -52.97 -40.02 -8.44
C ALA H 64 -54.45 -40.09 -8.13
N ALA H 65 -54.77 -40.71 -6.99
CA ALA H 65 -56.14 -40.81 -6.51
C ALA H 65 -56.13 -40.75 -4.99
N GLY H 66 -56.99 -39.93 -4.43
CA GLY H 66 -57.02 -39.68 -3.00
C GLY H 66 -57.55 -38.27 -2.75
N LYS H 67 -57.07 -37.67 -1.66
CA LYS H 67 -57.44 -36.30 -1.37
C LYS H 67 -56.40 -35.34 -1.94
N PHE H 68 -56.90 -34.27 -2.57
CA PHE H 68 -56.06 -33.44 -3.44
C PHE H 68 -54.85 -32.87 -2.71
N ASN H 69 -54.99 -32.56 -1.42
CA ASN H 69 -53.87 -31.96 -0.69
C ASN H 69 -52.64 -32.86 -0.71
N GLU H 70 -52.81 -34.13 -0.35
CA GLU H 70 -51.67 -35.02 -0.13
C GLU H 70 -50.97 -35.34 -1.44
N PHE H 71 -51.72 -35.72 -2.48
CA PHE H 71 -51.03 -36.04 -3.72
C PHE H 71 -50.62 -34.80 -4.50
N ASP H 72 -51.22 -33.64 -4.22
CA ASP H 72 -50.64 -32.40 -4.74
C ASP H 72 -49.27 -32.13 -4.12
N ASN H 73 -49.16 -32.31 -2.80
CA ASN H 73 -47.86 -32.16 -2.15
C ASN H 73 -46.85 -33.16 -2.69
N LEU H 74 -47.28 -34.41 -2.87
CA LEU H 74 -46.39 -35.44 -3.40
C LEU H 74 -45.98 -35.14 -4.84
N ARG H 75 -46.91 -34.65 -5.65
CA ARG H 75 -46.60 -34.29 -7.03
C ARG H 75 -45.60 -33.15 -7.09
N ARG H 76 -45.79 -32.13 -6.26
CA ARG H 76 -44.84 -31.02 -6.22
C ARG H 76 -43.46 -31.49 -5.75
N GLY H 77 -43.43 -32.37 -4.75
CA GLY H 77 -42.15 -32.91 -4.30
C GLY H 77 -41.45 -33.71 -5.37
N GLY H 78 -42.20 -34.52 -6.10
CA GLY H 78 -41.60 -35.29 -7.18
C GLY H 78 -41.12 -34.41 -8.32
N ILE H 79 -41.85 -33.34 -8.62
CA ILE H 79 -41.40 -32.38 -9.63
C ILE H 79 -40.09 -31.75 -9.20
N GLN H 80 -40.00 -31.33 -7.94
CA GLN H 80 -38.77 -30.73 -7.44
C GLN H 80 -37.61 -31.72 -7.48
N PHE H 81 -37.87 -32.97 -7.09
CA PHE H 81 -36.83 -33.99 -7.13
C PHE H 81 -36.34 -34.23 -8.55
N ALA H 82 -37.26 -34.38 -9.50
CA ALA H 82 -36.86 -34.63 -10.88
C ALA H 82 -36.08 -33.46 -11.45
N ASP H 83 -36.51 -32.22 -11.18
CA ASP H 83 -35.80 -31.07 -11.70
C ASP H 83 -34.40 -30.95 -11.10
N THR H 84 -34.28 -31.16 -9.78
CA THR H 84 -32.97 -31.12 -9.14
C THR H 84 -32.05 -32.21 -9.67
N ARG H 85 -32.58 -33.42 -9.84
CA ARG H 85 -31.78 -34.52 -10.34
C ARG H 85 -31.32 -34.26 -11.78
N GLY H 86 -32.22 -33.75 -12.61
CA GLY H 86 -31.85 -33.44 -13.98
C GLY H 86 -30.84 -32.31 -14.08
N TYR H 87 -30.90 -31.34 -13.17
CA TYR H 87 -29.92 -30.28 -13.20
C TYR H 87 -28.57 -30.74 -12.66
N ALA H 88 -28.57 -31.64 -11.68
CA ALA H 88 -27.31 -32.08 -11.10
C ALA H 88 -26.51 -32.96 -12.06
N TYR H 89 -27.17 -33.86 -12.78
CA TYR H 89 -26.48 -34.75 -13.69
C TYR H 89 -26.84 -34.52 -15.15
N ASP H 90 -28.10 -34.71 -15.53
CA ASP H 90 -28.54 -34.56 -16.91
C ASP H 90 -30.03 -34.84 -16.98
N ARG H 91 -30.65 -34.38 -18.08
CA ARG H 91 -32.07 -34.62 -18.29
C ARG H 91 -32.36 -36.10 -18.55
N ARG H 92 -31.43 -36.80 -19.18
CA ARG H 92 -31.61 -38.22 -19.49
C ARG H 92 -31.15 -39.13 -18.38
N ASP H 93 -30.71 -38.57 -17.24
CA ASP H 93 -30.39 -39.37 -16.07
C ASP H 93 -31.56 -39.52 -15.11
N VAL H 94 -32.66 -38.82 -15.36
CA VAL H 94 -33.89 -38.98 -14.58
C VAL H 94 -34.73 -40.08 -15.22
N THR H 95 -35.12 -41.06 -14.42
CA THR H 95 -35.92 -42.18 -14.90
C THR H 95 -37.19 -42.29 -14.07
N GLY H 96 -38.19 -42.96 -14.65
CA GLY H 96 -39.40 -43.22 -13.90
C GLY H 96 -39.17 -44.11 -12.70
N ARG H 97 -38.22 -45.04 -12.80
CA ARG H 97 -37.94 -45.95 -11.69
C ARG H 97 -37.43 -45.21 -10.47
N GLN H 98 -36.55 -44.22 -10.67
CA GLN H 98 -36.04 -43.44 -9.54
C GLN H 98 -37.17 -42.68 -8.84
N LEU H 99 -38.05 -42.06 -9.63
CA LEU H 99 -39.16 -41.31 -9.04
C LEU H 99 -40.14 -42.22 -8.32
N ALA H 100 -40.43 -43.39 -8.91
CA ALA H 100 -41.32 -44.34 -8.24
C ALA H 100 -40.71 -44.83 -6.93
N ASN H 101 -39.40 -45.09 -6.92
CA ASN H 101 -38.73 -45.51 -5.70
C ASN H 101 -38.79 -44.42 -4.64
N VAL H 102 -38.57 -43.16 -5.04
CA VAL H 102 -38.63 -42.05 -4.09
C VAL H 102 -40.04 -41.91 -3.52
N TYR H 103 -41.06 -42.06 -4.38
CA TYR H 103 -42.43 -42.00 -3.90
C TYR H 103 -42.73 -43.13 -2.93
N ALA H 104 -42.26 -44.34 -3.22
CA ALA H 104 -42.47 -45.46 -2.31
C ALA H 104 -41.82 -45.18 -0.96
N GLN H 105 -40.59 -44.66 -0.96
CA GLN H 105 -39.90 -44.39 0.29
C GLN H 105 -40.62 -43.31 1.09
N THR H 106 -41.03 -42.22 0.44
CA THR H 106 -41.69 -41.15 1.20
C THR H 106 -43.07 -41.59 1.69
N LEU H 107 -43.78 -42.41 0.92
CA LEU H 107 -45.08 -42.88 1.39
C LEU H 107 -44.92 -43.85 2.57
N GLY H 108 -43.90 -44.70 2.53
CA GLY H 108 -43.62 -45.54 3.69
C GLY H 108 -43.28 -44.70 4.92
N THR H 109 -42.47 -43.65 4.74
CA THR H 109 -42.12 -42.81 5.87
C THR H 109 -43.34 -42.08 6.43
N ILE H 110 -44.20 -41.57 5.54
CA ILE H 110 -45.42 -40.89 5.98
C ILE H 110 -46.33 -41.86 6.73
N PHE H 111 -46.47 -43.08 6.20
CA PHE H 111 -47.28 -44.10 6.87
C PHE H 111 -46.75 -44.41 8.26
N THR H 112 -45.42 -44.53 8.39
CA THR H 112 -44.85 -44.93 9.68
C THR H 112 -44.93 -43.80 10.69
N GLU H 113 -44.58 -42.58 10.30
CA GLU H 113 -44.36 -41.50 11.24
C GLU H 113 -45.57 -40.61 11.49
N GLN H 114 -46.34 -40.31 10.45
CA GLN H 114 -47.41 -39.33 10.57
C GLN H 114 -48.54 -39.84 11.47
N ALA H 115 -49.10 -38.93 12.26
CA ALA H 115 -50.27 -39.28 13.07
C ALA H 115 -51.45 -39.68 12.19
N LYS H 116 -51.65 -38.97 11.09
CA LYS H 116 -52.61 -39.38 10.08
C LYS H 116 -51.86 -39.72 8.80
N PRO H 117 -51.92 -40.96 8.32
CA PRO H 117 -51.20 -41.30 7.09
C PRO H 117 -51.78 -40.58 5.89
N TYR H 118 -50.95 -40.43 4.86
CA TYR H 118 -51.39 -39.94 3.57
C TYR H 118 -52.14 -41.06 2.87
N GLU H 119 -53.47 -41.01 2.88
CA GLU H 119 -54.24 -42.04 2.17
C GLU H 119 -54.36 -41.63 0.71
N VAL H 120 -53.54 -42.24 -0.14
CA VAL H 120 -53.44 -41.85 -1.54
C VAL H 120 -52.73 -42.95 -2.32
N GLU H 121 -53.05 -43.06 -3.61
CA GLU H 121 -52.36 -43.99 -4.50
C GLU H 121 -51.79 -43.19 -5.66
N LEU H 122 -50.55 -43.52 -6.06
CA LEU H 122 -49.84 -42.80 -7.10
C LEU H 122 -49.48 -43.74 -8.25
N CYS H 123 -49.38 -43.17 -9.45
CA CYS H 123 -48.95 -43.90 -10.64
C CYS H 123 -47.96 -43.05 -11.40
N VAL H 124 -46.79 -43.62 -11.66
CA VAL H 124 -45.71 -42.96 -12.39
C VAL H 124 -45.53 -43.68 -13.71
N ALA H 125 -45.68 -42.94 -14.81
CA ALA H 125 -45.54 -43.52 -16.14
C ALA H 125 -44.34 -42.91 -16.84
N GLU H 126 -43.60 -43.76 -17.55
CA GLU H 126 -42.44 -43.33 -18.31
C GLU H 126 -42.52 -43.89 -19.71
N VAL H 127 -42.11 -43.08 -20.69
CA VAL H 127 -42.10 -43.47 -22.09
C VAL H 127 -40.68 -43.35 -22.61
N ALA H 128 -40.42 -44.06 -23.72
CA ALA H 128 -39.10 -44.08 -24.29
C ALA H 128 -38.72 -42.70 -24.83
N HIS H 129 -37.42 -42.42 -24.81
CA HIS H 129 -36.93 -41.15 -25.32
C HIS H 129 -37.12 -41.09 -26.83
N TYR H 130 -37.07 -39.87 -27.37
CA TYR H 130 -37.29 -39.68 -28.80
C TYR H 130 -36.20 -40.39 -29.60
N GLY H 131 -36.60 -41.01 -30.69
CA GLY H 131 -35.69 -41.83 -31.46
C GLY H 131 -35.23 -43.08 -30.72
N GLU H 132 -36.15 -43.72 -30.01
CA GLU H 132 -35.85 -44.93 -29.25
C GLU H 132 -37.16 -45.67 -29.01
N THR H 133 -37.12 -46.99 -29.10
CA THR H 133 -38.28 -47.83 -28.89
C THR H 133 -38.10 -48.62 -27.60
N LYS H 134 -39.12 -48.58 -26.75
CA LYS H 134 -39.07 -49.22 -25.44
C LYS H 134 -40.50 -49.31 -24.90
N ARG H 135 -40.81 -50.40 -24.23
CA ARG H 135 -42.14 -50.58 -23.68
C ARG H 135 -42.39 -49.56 -22.58
N PRO H 136 -43.46 -48.77 -22.66
CA PRO H 136 -43.75 -47.81 -21.59
C PRO H 136 -43.86 -48.51 -20.24
N GLU H 137 -43.33 -47.86 -19.21
CA GLU H 137 -43.29 -48.40 -17.86
C GLU H 137 -44.32 -47.69 -17.00
N LEU H 138 -45.12 -48.47 -16.27
CA LEU H 138 -46.07 -47.92 -15.33
C LEU H 138 -45.79 -48.50 -13.95
N TYR H 139 -45.73 -47.63 -12.95
CA TYR H 139 -45.49 -48.03 -11.57
C TYR H 139 -46.64 -47.54 -10.71
N ARG H 140 -47.11 -48.41 -9.81
CA ARG H 140 -48.16 -48.08 -8.86
C ARG H 140 -47.59 -48.10 -7.45
N ILE H 141 -47.84 -47.02 -6.71
CA ILE H 141 -47.33 -46.85 -5.36
C ILE H 141 -48.51 -46.64 -4.42
N THR H 142 -48.56 -47.42 -3.35
CA THR H 142 -49.71 -47.45 -2.46
C THR H 142 -49.42 -46.69 -1.16
N TYR H 143 -50.43 -46.63 -0.30
CA TYR H 143 -50.38 -45.78 0.89
C TYR H 143 -49.27 -46.19 1.85
N ASP H 144 -48.89 -47.46 1.86
CA ASP H 144 -47.91 -47.95 2.83
C ASP H 144 -46.48 -47.95 2.30
N GLY H 145 -46.26 -47.53 1.05
CA GLY H 145 -44.94 -47.55 0.47
C GLY H 145 -44.66 -48.71 -0.47
N SER H 146 -45.66 -49.53 -0.78
CA SER H 146 -45.46 -50.65 -1.68
C SER H 146 -45.49 -50.17 -3.13
N ILE H 147 -44.64 -50.76 -3.96
CA ILE H 147 -44.47 -50.36 -5.35
C ILE H 147 -44.59 -51.58 -6.24
N ALA H 148 -45.33 -51.43 -7.33
CA ALA H 148 -45.57 -52.51 -8.28
C ALA H 148 -45.34 -51.98 -9.70
N ASP H 149 -45.00 -52.90 -10.60
CA ASP H 149 -44.74 -52.59 -12.00
C ASP H 149 -45.81 -53.27 -12.85
N GLU H 150 -46.59 -52.48 -13.58
CA GLU H 150 -47.64 -53.04 -14.42
C GLU H 150 -47.29 -52.80 -15.89
N PRO H 151 -47.39 -53.82 -16.74
CA PRO H 151 -46.95 -53.67 -18.13
C PRO H 151 -48.04 -53.19 -19.09
N HIS H 152 -49.31 -53.22 -18.68
CA HIS H 152 -50.39 -52.97 -19.61
C HIS H 152 -51.27 -51.78 -19.23
N PHE H 153 -51.73 -51.71 -17.99
CA PHE H 153 -52.66 -50.66 -17.60
C PHE H 153 -52.56 -50.39 -16.11
N VAL H 154 -53.12 -49.26 -15.70
CA VAL H 154 -53.21 -48.87 -14.31
C VAL H 154 -54.61 -48.30 -14.08
N VAL H 155 -55.28 -48.77 -13.04
CA VAL H 155 -56.58 -48.24 -12.64
C VAL H 155 -56.54 -47.95 -11.15
N MET H 156 -57.02 -46.77 -10.76
CA MET H 156 -56.89 -46.32 -9.38
C MET H 156 -58.18 -45.68 -8.89
N GLY H 157 -58.50 -45.92 -7.62
CA GLY H 157 -59.62 -45.26 -6.98
C GLY H 157 -60.98 -45.74 -7.40
N GLY H 158 -62.01 -45.44 -6.61
CA GLY H 158 -63.37 -45.82 -6.93
C GLY H 158 -63.58 -47.32 -6.84
N THR H 159 -64.60 -47.77 -7.57
CA THR H 159 -64.87 -49.21 -7.71
C THR H 159 -63.86 -49.82 -8.67
N THR H 160 -62.72 -50.25 -8.16
CA THR H 160 -61.64 -50.70 -9.02
C THR H 160 -61.95 -52.03 -9.70
N GLU H 161 -62.70 -52.91 -9.04
CA GLU H 161 -62.93 -54.25 -9.60
C GLU H 161 -63.68 -54.21 -10.93
N PRO H 162 -64.85 -53.58 -11.06
CA PRO H 162 -65.54 -53.61 -12.36
C PRO H 162 -64.76 -52.96 -13.47
N ILE H 163 -64.18 -51.78 -13.22
CA ILE H 163 -63.45 -51.06 -14.25
C ILE H 163 -62.19 -51.82 -14.64
N ALA H 164 -61.51 -52.43 -13.66
CA ALA H 164 -60.31 -53.19 -13.96
C ALA H 164 -60.62 -54.44 -14.77
N ASN H 165 -61.70 -55.15 -14.42
CA ASN H 165 -62.09 -56.31 -15.22
C ASN H 165 -62.52 -55.90 -16.62
N ALA H 166 -63.23 -54.77 -16.74
CA ALA H 166 -63.64 -54.29 -18.05
C ALA H 166 -62.44 -53.91 -18.91
N LEU H 167 -61.42 -53.30 -18.30
CA LEU H 167 -60.19 -53.01 -19.02
C LEU H 167 -59.52 -54.30 -19.47
N LYS H 168 -59.34 -55.25 -18.54
CA LYS H 168 -58.72 -56.53 -18.89
C LYS H 168 -59.47 -57.22 -20.02
N GLU H 169 -60.79 -57.03 -20.09
CA GLU H 169 -61.57 -57.59 -21.19
C GLU H 169 -61.36 -56.81 -22.49
N SER H 170 -61.31 -55.47 -22.40
CA SER H 170 -61.40 -54.62 -23.59
C SER H 170 -60.11 -53.92 -23.98
N TYR H 171 -59.05 -54.03 -23.18
CA TYR H 171 -57.80 -53.35 -23.52
C TYR H 171 -56.94 -54.26 -24.39
N ALA H 172 -56.45 -53.70 -25.50
CA ALA H 172 -55.57 -54.41 -26.42
C ALA H 172 -54.34 -53.56 -26.67
N GLU H 173 -53.18 -54.20 -26.71
CA GLU H 173 -51.92 -53.50 -26.88
C GLU H 173 -51.82 -52.92 -28.28
N ASN H 174 -50.93 -51.95 -28.44
CA ASN H 174 -50.74 -51.24 -29.71
C ASN H 174 -52.07 -50.65 -30.19
N ALA H 175 -52.76 -49.97 -29.28
CA ALA H 175 -54.00 -49.31 -29.62
C ALA H 175 -53.73 -47.91 -30.16
N SER H 176 -54.62 -47.42 -31.01
CA SER H 176 -54.51 -46.06 -31.49
C SER H 176 -54.95 -45.09 -30.41
N LEU H 177 -54.71 -43.80 -30.65
CA LEU H 177 -55.13 -42.79 -29.69
C LEU H 177 -56.64 -42.74 -29.56
N THR H 178 -57.35 -42.69 -30.69
CA THR H 178 -58.81 -42.70 -30.66
C THR H 178 -59.33 -44.01 -30.08
N ASP H 179 -58.75 -45.14 -30.50
CA ASP H 179 -59.17 -46.42 -29.98
C ASP H 179 -58.92 -46.53 -28.48
N ALA H 180 -57.74 -46.10 -28.03
CA ALA H 180 -57.42 -46.17 -26.60
C ALA H 180 -58.33 -45.26 -25.79
N LEU H 181 -58.63 -44.06 -26.32
CA LEU H 181 -59.51 -43.15 -25.60
C LEU H 181 -60.92 -43.73 -25.49
N ARG H 182 -61.43 -44.33 -26.57
CA ARG H 182 -62.74 -44.97 -26.51
C ARG H 182 -62.74 -46.12 -25.51
N ILE H 183 -61.69 -46.94 -25.53
CA ILE H 183 -61.59 -48.05 -24.60
C ILE H 183 -61.56 -47.55 -23.17
N ALA H 184 -60.78 -46.50 -22.91
CA ALA H 184 -60.65 -45.96 -21.56
C ALA H 184 -61.97 -45.38 -21.05
N VAL H 185 -62.67 -44.62 -21.89
CA VAL H 185 -63.94 -44.05 -21.47
C VAL H 185 -64.96 -45.16 -21.23
N ALA H 186 -65.02 -46.15 -22.14
CA ALA H 186 -65.97 -47.24 -21.99
C ALA H 186 -65.71 -48.02 -20.70
N ALA H 187 -64.44 -48.29 -20.40
CA ALA H 187 -64.11 -48.94 -19.14
C ALA H 187 -64.41 -48.04 -17.94
N LEU H 188 -64.25 -46.73 -18.10
CA LEU H 188 -64.52 -45.79 -17.03
C LEU H 188 -66.01 -45.70 -16.70
N ARG H 189 -66.87 -46.01 -17.67
CA ARG H 189 -68.30 -46.02 -17.39
C ARG H 189 -68.65 -47.05 -16.32
N ALA H 190 -68.03 -48.23 -16.38
CA ALA H 190 -68.25 -49.27 -15.40
C ALA H 190 -67.80 -48.81 -14.01
N LEU H 203 -67.23 -40.46 -17.66
CA LEU H 203 -68.62 -40.66 -18.07
C LEU H 203 -68.95 -39.79 -19.28
N GLY H 204 -69.17 -38.51 -19.04
CA GLY H 204 -69.51 -37.58 -20.08
C GLY H 204 -68.30 -37.11 -20.87
N VAL H 205 -68.57 -36.30 -21.89
CA VAL H 205 -67.51 -35.69 -22.67
C VAL H 205 -66.68 -34.76 -21.79
N ALA H 206 -67.35 -33.92 -21.01
CA ALA H 206 -66.70 -33.07 -20.02
C ALA H 206 -66.52 -33.87 -18.74
N SER H 207 -66.16 -33.18 -17.65
CA SER H 207 -65.92 -33.81 -16.35
C SER H 207 -64.81 -34.85 -16.41
N LEU H 208 -64.05 -34.88 -17.50
CA LEU H 208 -62.96 -35.81 -17.70
C LEU H 208 -61.69 -35.04 -17.97
N GLU H 209 -60.59 -35.50 -17.38
CA GLU H 209 -59.27 -34.92 -17.58
C GLU H 209 -58.47 -35.87 -18.44
N VAL H 210 -58.02 -35.39 -19.61
CA VAL H 210 -57.34 -36.23 -20.59
C VAL H 210 -55.92 -35.70 -20.79
N ALA H 211 -54.95 -36.59 -20.68
CA ALA H 211 -53.55 -36.24 -20.91
C ALA H 211 -52.87 -37.41 -21.60
N VAL H 212 -51.75 -37.12 -22.27
CA VAL H 212 -51.01 -38.14 -22.98
C VAL H 212 -49.51 -37.92 -22.77
N LEU H 213 -48.81 -39.00 -22.45
CA LEU H 213 -47.35 -39.04 -22.56
C LEU H 213 -47.02 -39.51 -23.97
N ASP H 214 -46.55 -38.59 -24.80
CA ASP H 214 -46.38 -38.81 -26.23
C ASP H 214 -44.92 -39.06 -26.54
N ALA H 215 -44.61 -40.27 -27.02
CA ALA H 215 -43.23 -40.64 -27.29
C ALA H 215 -42.69 -40.07 -28.60
N ASN H 216 -43.54 -39.43 -29.41
CA ASN H 216 -43.09 -38.83 -30.65
C ASN H 216 -42.69 -37.37 -30.50
N ARG H 217 -42.94 -36.76 -29.35
CA ARG H 217 -42.49 -35.41 -29.11
C ARG H 217 -40.97 -35.39 -28.94
N PRO H 218 -40.31 -34.30 -29.33
CA PRO H 218 -38.84 -34.27 -29.24
C PRO H 218 -38.32 -34.39 -27.81
N ARG H 219 -38.72 -33.49 -26.91
CA ARG H 219 -38.22 -33.54 -25.54
C ARG H 219 -39.33 -33.79 -24.52
N ARG H 220 -40.33 -32.92 -24.45
CA ARG H 220 -41.37 -33.02 -23.41
C ARG H 220 -42.54 -33.84 -23.96
N ALA H 221 -42.76 -35.01 -23.39
CA ALA H 221 -43.80 -35.90 -23.88
C ALA H 221 -45.19 -35.44 -23.49
N PHE H 222 -45.35 -34.95 -22.26
CA PHE H 222 -46.68 -34.72 -21.69
C PHE H 222 -47.44 -33.65 -22.45
N ARG H 223 -48.72 -33.93 -22.71
CA ARG H 223 -49.59 -33.01 -23.45
C ARG H 223 -51.03 -33.22 -23.00
N ARG H 224 -51.69 -32.13 -22.62
CA ARG H 224 -53.08 -32.19 -22.21
C ARG H 224 -53.99 -32.09 -23.43
N ILE H 225 -54.98 -32.97 -23.50
CA ILE H 225 -55.93 -32.98 -24.61
C ILE H 225 -57.31 -32.58 -24.08
N THR H 226 -57.60 -31.28 -24.13
CA THR H 226 -58.81 -30.74 -23.52
C THR H 226 -59.60 -29.93 -24.53
N GLY H 227 -60.92 -29.98 -24.40
CA GLY H 227 -61.79 -29.07 -25.11
C GLY H 227 -62.08 -29.51 -26.53
N SER H 228 -61.80 -28.63 -27.49
CA SER H 228 -62.19 -28.87 -28.88
C SER H 228 -61.48 -30.09 -29.46
N ALA H 229 -60.19 -30.25 -29.16
CA ALA H 229 -59.46 -31.41 -29.66
C ALA H 229 -60.04 -32.71 -29.10
N LEU H 230 -60.31 -32.74 -27.80
CA LEU H 230 -60.95 -33.89 -27.19
C LEU H 230 -62.37 -34.05 -27.72
N GLN H 231 -63.08 -32.94 -27.94
CA GLN H 231 -64.45 -33.01 -28.45
C GLN H 231 -64.50 -33.67 -29.81
N ALA H 232 -63.58 -33.29 -30.70
CA ALA H 232 -63.50 -33.95 -32.00
C ALA H 232 -63.00 -35.38 -31.87
N LEU H 233 -62.12 -35.64 -30.91
CA LEU H 233 -61.60 -36.99 -30.72
C LEU H 233 -62.66 -37.93 -30.13
N LEU H 234 -63.65 -37.39 -29.43
CA LEU H 234 -64.69 -38.22 -28.83
C LEU H 234 -66.02 -38.06 -29.56
N SER I 8 48.82 50.72 -23.78
CA SER I 8 48.89 51.19 -22.39
C SER I 8 47.50 51.57 -21.89
N PRO I 9 47.18 51.19 -20.65
CA PRO I 9 45.82 51.45 -20.14
C PRO I 9 45.41 52.91 -20.20
N GLU I 10 46.31 53.85 -19.94
CA GLU I 10 45.93 55.25 -20.01
C GLU I 10 45.64 55.69 -21.44
N GLN I 11 46.52 55.32 -22.38
CA GLN I 11 46.28 55.64 -23.79
C GLN I 11 45.03 54.94 -24.29
N ALA I 12 44.82 53.68 -23.91
CA ALA I 12 43.63 52.95 -24.33
C ALA I 12 42.36 53.60 -23.80
N MET I 13 42.36 53.98 -22.52
CA MET I 13 41.18 54.63 -21.93
C MET I 13 40.91 55.96 -22.62
N ARG I 14 41.96 56.74 -22.88
CA ARG I 14 41.77 58.01 -23.56
C ARG I 14 41.20 57.79 -24.97
N GLU I 15 41.70 56.80 -25.68
CA GLU I 15 41.22 56.54 -27.04
C GLU I 15 39.76 56.09 -27.04
N ARG I 16 39.38 55.25 -26.06
CA ARG I 16 37.97 54.89 -25.92
C ARG I 16 37.12 56.11 -25.63
N SER I 17 37.62 57.01 -24.78
CA SER I 17 36.89 58.24 -24.50
C SER I 17 36.70 59.07 -25.75
N GLU I 18 37.76 59.20 -26.56
CA GLU I 18 37.63 59.97 -27.80
C GLU I 18 36.63 59.32 -28.74
N LEU I 19 36.67 57.99 -28.87
CA LEU I 19 35.71 57.31 -29.73
C LEU I 19 34.29 57.60 -29.30
N ALA I 20 33.99 57.41 -28.01
CA ALA I 20 32.63 57.61 -27.52
C ALA I 20 32.20 59.07 -27.67
N ARG I 21 33.10 60.00 -27.34
CA ARG I 21 32.76 61.42 -27.41
C ARG I 21 32.49 61.85 -28.84
N LYS I 22 33.33 61.41 -29.79
CA LYS I 22 33.08 61.73 -31.19
C LYS I 22 31.76 61.13 -31.67
N GLY I 23 31.48 59.90 -31.24
CA GLY I 23 30.21 59.28 -31.64
C GLY I 23 29.00 60.04 -31.14
N ILE I 24 29.04 60.50 -29.88
CA ILE I 24 27.91 61.26 -29.35
C ILE I 24 27.83 62.63 -30.00
N ALA I 25 28.98 63.23 -30.32
CA ALA I 25 28.98 64.59 -30.87
C ALA I 25 28.30 64.66 -32.22
N ARG I 26 28.32 63.58 -33.00
CA ARG I 26 27.65 63.54 -34.30
C ARG I 26 26.25 62.93 -34.18
N ALA I 27 25.45 63.44 -33.26
CA ALA I 27 24.11 62.91 -33.02
C ALA I 27 23.14 64.05 -32.78
N LYS I 28 21.85 63.75 -32.91
CA LYS I 28 20.82 64.73 -32.63
C LYS I 28 20.80 65.09 -31.15
N SER I 29 20.30 66.28 -30.85
CA SER I 29 20.28 66.78 -29.49
C SER I 29 18.94 66.50 -28.81
N VAL I 30 19.01 66.25 -27.51
CA VAL I 30 17.85 66.01 -26.67
C VAL I 30 17.90 67.01 -25.52
N VAL I 31 16.75 67.56 -25.15
CA VAL I 31 16.61 68.46 -24.03
C VAL I 31 15.55 67.87 -23.09
N ALA I 32 15.88 67.81 -21.81
CA ALA I 32 14.93 67.40 -20.78
C ALA I 32 14.90 68.50 -19.73
N LEU I 33 13.77 69.18 -19.58
CA LEU I 33 13.70 70.30 -18.67
C LEU I 33 12.46 70.22 -17.80
N ALA I 34 12.61 70.66 -16.55
CA ALA I 34 11.54 70.61 -15.56
C ALA I 34 10.66 71.84 -15.68
N TYR I 35 9.35 71.62 -15.57
CA TYR I 35 8.37 72.70 -15.58
C TYR I 35 7.28 72.35 -14.58
N ALA I 36 6.27 73.22 -14.49
CA ALA I 36 5.27 73.11 -13.43
C ALA I 36 4.57 71.76 -13.45
N GLY I 37 4.20 71.28 -14.64
CA GLY I 37 3.50 70.01 -14.73
C GLY I 37 4.37 68.79 -14.58
N GLY I 38 5.69 68.94 -14.54
CA GLY I 38 6.56 67.79 -14.44
C GLY I 38 7.84 67.94 -15.23
N VAL I 39 8.12 67.01 -16.13
CA VAL I 39 9.33 67.03 -16.95
C VAL I 39 8.93 66.97 -18.42
N LEU I 40 9.59 67.77 -19.24
CA LEU I 40 9.35 67.81 -20.68
C LEU I 40 10.59 67.33 -21.42
N PHE I 41 10.41 66.34 -22.29
CA PHE I 41 11.45 65.83 -23.17
C PHE I 41 11.19 66.31 -24.58
N VAL I 42 12.20 66.91 -25.21
CA VAL I 42 12.12 67.35 -26.60
C VAL I 42 13.39 66.88 -27.30
N ALA I 43 13.22 66.04 -28.33
CA ALA I 43 14.35 65.55 -29.10
C ALA I 43 14.05 65.72 -30.57
N GLU I 44 15.02 66.26 -31.32
CA GLU I 44 14.87 66.34 -32.77
C GLU I 44 15.02 64.93 -33.34
N ASN I 45 13.89 64.37 -33.79
CA ASN I 45 13.84 62.99 -34.27
C ASN I 45 13.05 62.95 -35.57
N PRO I 46 13.71 62.87 -36.72
CA PRO I 46 12.98 62.79 -38.00
C PRO I 46 12.10 61.56 -38.13
N SER I 47 12.53 60.42 -37.59
CA SER I 47 11.76 59.19 -37.71
C SER I 47 10.62 59.16 -36.71
N ARG I 48 9.46 58.66 -37.16
CA ARG I 48 8.29 58.54 -36.30
C ARG I 48 8.23 57.21 -35.55
N SER I 49 9.14 56.28 -35.84
CA SER I 49 9.15 54.96 -35.22
C SER I 49 10.30 54.77 -34.24
N LEU I 50 11.52 55.14 -34.64
CA LEU I 50 12.67 55.05 -33.75
C LEU I 50 12.63 56.24 -32.79
N GLN I 51 12.48 55.94 -31.50
CA GLN I 51 12.20 56.96 -30.50
C GLN I 51 13.31 57.02 -29.46
N LYS I 52 13.81 58.23 -29.21
CA LYS I 52 14.85 58.47 -28.22
C LYS I 52 14.30 58.77 -26.84
N ILE I 53 12.98 58.91 -26.71
CA ILE I 53 12.31 59.25 -25.46
C ILE I 53 11.31 58.15 -25.15
N SER I 54 11.30 57.66 -23.92
CA SER I 54 10.43 56.54 -23.57
C SER I 54 10.14 56.57 -22.08
N GLU I 55 9.23 55.69 -21.68
CA GLU I 55 8.82 55.52 -20.30
C GLU I 55 9.59 54.36 -19.68
N LEU I 56 10.16 54.57 -18.50
CA LEU I 56 10.81 53.50 -17.76
C LEU I 56 9.87 52.89 -16.74
N TYR I 57 9.16 53.73 -16.00
CA TYR I 57 8.25 53.29 -14.96
C TYR I 57 7.24 54.41 -14.73
N ASP I 58 6.31 54.15 -13.80
CA ASP I 58 5.13 55.01 -13.62
C ASP I 58 5.50 56.50 -13.66
N ARG I 59 6.45 56.91 -12.82
CA ARG I 59 6.86 58.31 -12.75
C ARG I 59 8.29 58.51 -13.22
N VAL I 60 8.86 57.54 -13.92
CA VAL I 60 10.26 57.60 -14.35
C VAL I 60 10.31 57.52 -15.86
N GLY I 61 10.94 58.52 -16.48
CA GLY I 61 11.10 58.59 -17.92
C GLY I 61 12.55 58.59 -18.36
N PHE I 62 12.77 58.30 -19.64
CA PHE I 62 14.09 58.01 -20.19
C PHE I 62 14.29 58.83 -21.45
N ALA I 63 15.45 59.48 -21.56
CA ALA I 63 15.87 60.13 -22.79
C ALA I 63 17.29 59.70 -23.09
N ALA I 64 17.65 59.70 -24.38
CA ALA I 64 18.97 59.23 -24.74
C ALA I 64 19.43 59.93 -26.02
N ALA I 65 20.75 59.97 -26.18
CA ALA I 65 21.38 60.53 -27.37
C ALA I 65 22.55 59.64 -27.77
N GLY I 66 22.72 59.44 -29.08
CA GLY I 66 23.81 58.62 -29.58
C GLY I 66 23.37 57.59 -30.60
N LYS I 67 24.00 56.41 -30.57
CA LYS I 67 23.61 55.33 -31.46
C LYS I 67 22.35 54.65 -30.94
N PHE I 68 21.39 54.40 -31.85
CA PHE I 68 20.06 53.99 -31.42
C PHE I 68 20.06 52.62 -30.77
N ASN I 69 20.73 51.62 -31.38
CA ASN I 69 20.60 50.26 -30.87
C ASN I 69 21.22 50.12 -29.49
N GLU I 70 22.29 50.87 -29.22
CA GLU I 70 22.93 50.80 -27.91
C GLU I 70 22.04 51.36 -26.81
N PHE I 71 21.51 52.57 -27.00
CA PHE I 71 20.68 53.11 -25.93
C PHE I 71 19.29 52.47 -25.91
N ASP I 72 18.87 51.83 -26.99
CA ASP I 72 17.64 51.04 -26.95
C ASP I 72 17.85 49.77 -26.14
N ASN I 73 19.01 49.14 -26.26
CA ASN I 73 19.37 48.03 -25.39
C ASN I 73 19.39 48.48 -23.93
N LEU I 74 19.98 49.65 -23.67
CA LEU I 74 20.00 50.19 -22.31
C LEU I 74 18.58 50.46 -21.81
N ARG I 75 17.72 51.01 -22.67
CA ARG I 75 16.34 51.29 -22.29
C ARG I 75 15.58 50.02 -21.93
N ARG I 76 15.76 48.96 -22.73
CA ARG I 76 15.10 47.69 -22.43
C ARG I 76 15.61 47.11 -21.12
N GLY I 77 16.93 47.20 -20.88
CA GLY I 77 17.46 46.74 -19.61
C GLY I 77 16.89 47.50 -18.43
N GLY I 78 16.76 48.82 -18.58
CA GLY I 78 16.20 49.62 -17.49
C GLY I 78 14.74 49.31 -17.22
N ILE I 79 13.96 49.09 -18.28
CA ILE I 79 12.56 48.72 -18.10
C ILE I 79 12.46 47.36 -17.40
N GLN I 80 13.30 46.40 -17.79
CA GLN I 80 13.29 45.10 -17.12
C GLN I 80 13.64 45.25 -15.64
N PHE I 81 14.67 46.04 -15.34
CA PHE I 81 15.07 46.24 -13.95
C PHE I 81 13.94 46.87 -13.14
N ALA I 82 13.31 47.91 -13.69
CA ALA I 82 12.25 48.60 -12.96
C ALA I 82 11.05 47.69 -12.73
N ASP I 83 10.67 46.90 -13.73
CA ASP I 83 9.52 46.00 -13.55
C ASP I 83 9.82 44.93 -12.52
N THR I 84 11.02 44.34 -12.57
CA THR I 84 11.39 43.34 -11.58
C THR I 84 11.42 43.95 -10.17
N ARG I 85 11.99 45.15 -10.04
CA ARG I 85 12.07 45.80 -8.74
C ARG I 85 10.68 46.13 -8.19
N GLY I 86 9.79 46.61 -9.05
CA GLY I 86 8.45 46.94 -8.61
C GLY I 86 7.64 45.71 -8.23
N TYR I 87 7.86 44.60 -8.93
CA TYR I 87 7.17 43.37 -8.56
C TYR I 87 7.72 42.80 -7.26
N ALA I 88 9.04 42.84 -7.08
CA ALA I 88 9.64 42.24 -5.90
C ALA I 88 9.22 42.94 -4.61
N TYR I 89 9.16 44.27 -4.62
CA TYR I 89 8.78 45.00 -3.41
C TYR I 89 7.46 45.74 -3.55
N ASP I 90 7.38 46.74 -4.43
CA ASP I 90 6.18 47.54 -4.64
C ASP I 90 6.48 48.58 -5.70
N ARG I 91 5.41 49.11 -6.31
CA ARG I 91 5.57 50.09 -7.37
C ARG I 91 6.14 51.40 -6.84
N ARG I 92 5.75 51.81 -5.64
CA ARG I 92 6.23 53.07 -5.09
C ARG I 92 7.63 52.97 -4.52
N ASP I 93 8.24 51.78 -4.53
CA ASP I 93 9.62 51.63 -4.11
C ASP I 93 10.60 51.80 -5.26
N VAL I 94 10.12 51.96 -6.49
CA VAL I 94 10.98 52.18 -7.64
C VAL I 94 11.18 53.68 -7.81
N THR I 95 12.43 54.12 -7.73
CA THR I 95 12.77 55.54 -7.85
C THR I 95 13.66 55.76 -9.05
N GLY I 96 13.75 57.02 -9.47
CA GLY I 96 14.66 57.37 -10.55
C GLY I 96 16.12 57.25 -10.15
N ARG I 97 16.41 57.41 -8.85
CA ARG I 97 17.79 57.31 -8.39
C ARG I 97 18.33 55.90 -8.56
N GLN I 98 17.52 54.88 -8.26
CA GLN I 98 17.97 53.50 -8.45
C GLN I 98 18.23 53.18 -9.91
N LEU I 99 17.36 53.65 -10.80
CA LEU I 99 17.56 53.42 -12.23
C LEU I 99 18.80 54.15 -12.73
N ALA I 100 19.02 55.38 -12.27
CA ALA I 100 20.23 56.10 -12.63
C ALA I 100 21.48 55.38 -12.14
N ASN I 101 21.43 54.83 -10.93
CA ASN I 101 22.57 54.10 -10.40
C ASN I 101 22.85 52.84 -11.22
N VAL I 102 21.80 52.11 -11.59
CA VAL I 102 21.97 50.92 -12.41
C VAL I 102 22.56 51.28 -13.76
N TYR I 103 22.08 52.37 -14.35
CA TYR I 103 22.63 52.82 -15.64
C TYR I 103 24.09 53.21 -15.52
N ALA I 104 24.44 53.89 -14.43
CA ALA I 104 25.84 54.28 -14.21
C ALA I 104 26.73 53.05 -14.10
N GLN I 105 26.30 52.06 -13.31
CA GLN I 105 27.07 50.83 -13.18
C GLN I 105 27.22 50.13 -14.52
N THR I 106 26.12 50.00 -15.26
CA THR I 106 26.15 49.30 -16.54
C THR I 106 27.05 50.01 -17.54
N LEU I 107 26.95 51.33 -17.63
CA LEU I 107 27.74 52.06 -18.62
C LEU I 107 29.22 52.09 -18.24
N GLY I 108 29.53 52.16 -16.94
CA GLY I 108 30.91 52.04 -16.53
C GLY I 108 31.52 50.70 -16.90
N THR I 109 30.78 49.62 -16.64
CA THR I 109 31.27 48.29 -16.99
C THR I 109 31.45 48.15 -18.50
N ILE I 110 30.48 48.65 -19.28
CA ILE I 110 30.58 48.57 -20.73
C ILE I 110 31.78 49.37 -21.23
N PHE I 111 31.99 50.56 -20.67
CA PHE I 111 33.12 51.39 -21.09
C PHE I 111 34.45 50.71 -20.80
N THR I 112 34.59 50.10 -19.62
CA THR I 112 35.89 49.54 -19.29
C THR I 112 36.14 48.22 -20.01
N GLU I 113 35.12 47.38 -20.17
CA GLU I 113 35.35 45.98 -20.54
C GLU I 113 34.99 45.62 -21.97
N GLN I 114 33.96 46.24 -22.55
CA GLN I 114 33.48 45.79 -23.84
C GLN I 114 34.46 46.12 -24.96
N ALA I 115 34.26 45.48 -26.12
CA ALA I 115 35.13 45.70 -27.26
C ALA I 115 35.01 47.12 -27.79
N LYS I 116 33.81 47.66 -27.80
CA LYS I 116 33.59 49.05 -28.20
C LYS I 116 32.72 49.72 -27.13
N PRO I 117 33.16 50.85 -26.58
CA PRO I 117 32.33 51.54 -25.59
C PRO I 117 31.05 52.08 -26.23
N TYR I 118 30.00 52.16 -25.41
CA TYR I 118 28.73 52.69 -25.88
C TYR I 118 28.84 54.18 -26.14
N GLU I 119 28.37 54.61 -27.31
CA GLU I 119 28.40 56.02 -27.68
C GLU I 119 27.05 56.68 -27.38
N VAL I 120 26.72 56.73 -26.09
CA VAL I 120 25.41 57.19 -25.65
C VAL I 120 25.55 58.17 -24.50
N GLU I 121 24.48 58.94 -24.30
CA GLU I 121 24.29 59.75 -23.09
C GLU I 121 22.83 59.62 -22.69
N LEU I 122 22.58 59.39 -21.40
CA LEU I 122 21.24 59.09 -20.91
C LEU I 122 20.78 60.14 -19.92
N CYS I 123 19.47 60.37 -19.90
CA CYS I 123 18.82 61.14 -18.86
C CYS I 123 17.70 60.31 -18.28
N VAL I 124 17.71 60.16 -16.96
CA VAL I 124 16.63 59.54 -16.22
C VAL I 124 15.92 60.64 -15.44
N ALA I 125 14.63 60.79 -15.66
CA ALA I 125 13.86 61.85 -15.03
C ALA I 125 12.78 61.24 -14.16
N GLU I 126 12.56 61.82 -12.98
CA GLU I 126 11.47 61.40 -12.12
C GLU I 126 10.67 62.62 -11.66
N VAL I 127 9.37 62.43 -11.55
CA VAL I 127 8.47 63.43 -11.00
C VAL I 127 7.79 62.84 -9.76
N ALA I 128 7.16 63.71 -8.98
CA ALA I 128 6.50 63.28 -7.75
C ALA I 128 5.29 62.43 -8.06
N HIS I 129 4.91 61.60 -7.09
CA HIS I 129 3.70 60.81 -7.21
C HIS I 129 2.48 61.73 -7.18
N TYR I 130 1.33 61.17 -7.57
CA TYR I 130 0.11 61.97 -7.64
C TYR I 130 -0.26 62.51 -6.27
N GLY I 131 -0.65 63.77 -6.23
CA GLY I 131 -0.96 64.42 -4.97
C GLY I 131 0.21 64.59 -4.04
N GLU I 132 1.38 64.91 -4.58
CA GLU I 132 2.57 65.15 -3.77
C GLU I 132 3.38 66.27 -4.39
N THR I 133 4.13 66.98 -3.55
CA THR I 133 4.99 68.06 -3.99
C THR I 133 6.45 67.62 -3.88
N LYS I 134 7.18 67.76 -4.98
CA LYS I 134 8.59 67.43 -5.04
C LYS I 134 9.14 67.96 -6.35
N ARG I 135 10.29 68.60 -6.28
CA ARG I 135 10.94 69.05 -7.51
C ARG I 135 11.34 67.83 -8.33
N PRO I 136 11.05 67.81 -9.63
CA PRO I 136 11.48 66.69 -10.46
C PRO I 136 13.01 66.57 -10.43
N GLU I 137 13.48 65.34 -10.49
CA GLU I 137 14.91 65.05 -10.47
C GLU I 137 15.36 64.58 -11.84
N LEU I 138 16.48 65.12 -12.30
CA LEU I 138 17.08 64.78 -13.58
C LEU I 138 18.49 64.25 -13.33
N TYR I 139 18.75 63.05 -13.81
CA TYR I 139 20.06 62.43 -13.70
C TYR I 139 20.64 62.22 -15.08
N ARG I 140 21.86 62.72 -15.30
CA ARG I 140 22.57 62.53 -16.54
C ARG I 140 23.66 61.49 -16.34
N ILE I 141 23.67 60.48 -17.20
CA ILE I 141 24.66 59.41 -17.19
C ILE I 141 25.44 59.49 -18.50
N THR I 142 26.76 59.48 -18.41
CA THR I 142 27.62 59.61 -19.57
C THR I 142 28.09 58.24 -20.04
N TYR I 143 28.95 58.26 -21.05
CA TYR I 143 29.38 57.02 -21.70
C TYR I 143 30.24 56.16 -20.78
N ASP I 144 30.94 56.76 -19.83
CA ASP I 144 31.83 56.04 -18.94
C ASP I 144 31.20 55.72 -17.60
N GLY I 145 29.91 55.99 -17.42
CA GLY I 145 29.23 55.74 -16.17
C GLY I 145 29.21 56.90 -15.20
N SER I 146 29.81 58.04 -15.55
CA SER I 146 29.75 59.20 -14.70
C SER I 146 28.31 59.69 -14.60
N ILE I 147 27.84 59.88 -13.37
CA ILE I 147 26.45 60.20 -13.10
C ILE I 147 26.38 61.52 -12.35
N ALA I 148 25.53 62.43 -12.83
CA ALA I 148 25.40 63.75 -12.26
C ALA I 148 23.93 64.08 -12.08
N ASP I 149 23.65 64.94 -11.10
CA ASP I 149 22.30 65.40 -10.80
C ASP I 149 22.17 66.83 -11.31
N GLU I 150 21.30 67.03 -12.30
CA GLU I 150 21.07 68.37 -12.84
C GLU I 150 19.72 68.87 -12.35
N PRO I 151 19.67 69.93 -11.53
CA PRO I 151 18.40 70.33 -10.92
C PRO I 151 17.39 70.90 -11.91
N HIS I 152 17.83 71.41 -13.04
CA HIS I 152 16.97 72.22 -13.89
C HIS I 152 16.73 71.61 -15.27
N PHE I 153 17.79 71.23 -15.99
CA PHE I 153 17.64 70.71 -17.34
C PHE I 153 18.88 69.93 -17.72
N VAL I 154 18.72 69.08 -18.73
CA VAL I 154 19.81 68.30 -19.30
C VAL I 154 19.78 68.47 -20.82
N VAL I 155 20.95 68.66 -21.41
CA VAL I 155 21.13 68.67 -22.85
C VAL I 155 22.12 67.56 -23.22
N MET I 156 21.75 66.75 -24.21
CA MET I 156 22.59 65.64 -24.65
C MET I 156 22.71 65.63 -26.16
N GLY I 157 23.84 65.14 -26.64
CA GLY I 157 24.03 64.94 -28.07
C GLY I 157 24.37 66.20 -28.85
N GLY I 158 25.20 66.04 -29.88
CA GLY I 158 25.57 67.17 -30.72
C GLY I 158 26.45 68.17 -29.98
N THR I 159 26.39 69.41 -30.44
CA THR I 159 27.07 70.52 -29.77
C THR I 159 26.14 71.02 -28.68
N THR I 160 26.27 70.42 -27.49
CA THR I 160 25.39 70.76 -26.38
C THR I 160 25.71 72.12 -25.77
N GLU I 161 26.81 72.77 -26.15
CA GLU I 161 27.22 73.98 -25.45
C GLU I 161 26.38 75.20 -25.83
N PRO I 162 26.16 75.51 -27.12
CA PRO I 162 25.24 76.63 -27.42
C PRO I 162 23.84 76.41 -26.88
N ILE I 163 23.35 75.17 -26.93
CA ILE I 163 22.04 74.86 -26.39
C ILE I 163 22.03 75.06 -24.88
N ALA I 164 23.11 74.65 -24.20
CA ALA I 164 23.20 74.85 -22.76
C ALA I 164 23.20 76.33 -22.40
N ASN I 165 23.95 77.14 -23.16
CA ASN I 165 23.98 78.57 -22.89
C ASN I 165 22.62 79.21 -23.13
N ALA I 166 21.96 78.84 -24.24
CA ALA I 166 20.64 79.39 -24.52
C ALA I 166 19.62 79.00 -23.46
N LEU I 167 19.65 77.73 -23.02
CA LEU I 167 18.72 77.30 -21.99
C LEU I 167 19.01 77.98 -20.66
N LYS I 168 20.29 78.17 -20.33
CA LYS I 168 20.65 78.89 -19.12
C LYS I 168 20.10 80.30 -19.15
N GLU I 169 20.25 80.99 -20.29
CA GLU I 169 19.74 82.34 -20.40
C GLU I 169 18.22 82.40 -20.36
N SER I 170 17.53 81.38 -20.88
CA SER I 170 16.10 81.46 -21.10
C SER I 170 15.28 80.52 -20.22
N TYR I 171 15.89 79.84 -19.24
CA TYR I 171 15.13 78.90 -18.43
C TYR I 171 14.25 79.64 -17.42
N ALA I 172 12.98 79.25 -17.37
CA ALA I 172 12.00 79.83 -16.46
C ALA I 172 11.44 78.75 -15.56
N GLU I 173 11.74 78.84 -14.27
CA GLU I 173 11.17 77.90 -13.31
C GLU I 173 9.66 78.03 -13.25
N ASN I 174 8.99 76.89 -13.04
CA ASN I 174 7.53 76.84 -12.92
C ASN I 174 6.83 77.45 -14.12
N ALA I 175 7.39 77.25 -15.32
CA ALA I 175 6.73 77.69 -16.53
C ALA I 175 5.61 76.73 -16.91
N SER I 176 4.72 77.20 -17.77
CA SER I 176 3.66 76.34 -18.26
C SER I 176 4.21 75.37 -19.31
N LEU I 177 3.38 74.41 -19.70
CA LEU I 177 3.81 73.43 -20.70
C LEU I 177 4.13 74.11 -22.03
N THR I 178 3.26 75.01 -22.48
CA THR I 178 3.47 75.65 -23.78
C THR I 178 4.69 76.58 -23.74
N ASP I 179 4.84 77.33 -22.66
CA ASP I 179 6.03 78.17 -22.53
C ASP I 179 7.29 77.32 -22.55
N ALA I 180 7.31 76.25 -21.76
CA ALA I 180 8.47 75.37 -21.71
C ALA I 180 8.78 74.77 -23.08
N LEU I 181 7.74 74.41 -23.84
CA LEU I 181 7.97 73.93 -25.20
C LEU I 181 8.60 75.01 -26.06
N ARG I 182 8.12 76.25 -25.93
CA ARG I 182 8.72 77.35 -26.68
C ARG I 182 10.21 77.48 -26.38
N ILE I 183 10.56 77.54 -25.09
CA ILE I 183 11.97 77.74 -24.73
C ILE I 183 12.81 76.55 -25.17
N ALA I 184 12.29 75.33 -24.99
CA ALA I 184 13.07 74.15 -25.34
C ALA I 184 13.33 74.09 -26.83
N VAL I 185 12.29 74.32 -27.65
CA VAL I 185 12.47 74.28 -29.09
C VAL I 185 13.38 75.41 -29.56
N ALA I 186 13.27 76.59 -28.95
CA ALA I 186 14.15 77.69 -29.33
C ALA I 186 15.60 77.38 -29.04
N ALA I 187 15.88 76.83 -27.85
CA ALA I 187 17.25 76.47 -27.51
C ALA I 187 17.75 75.33 -28.40
N LEU I 188 16.87 74.41 -28.77
CA LEU I 188 17.26 73.29 -29.62
C LEU I 188 17.60 73.75 -31.02
N ARG I 189 16.87 74.76 -31.52
CA ARG I 189 17.14 75.27 -32.87
C ARG I 189 18.53 75.88 -32.95
N ALA I 190 18.96 76.57 -31.89
CA ALA I 190 20.32 77.08 -31.82
C ALA I 190 21.32 75.94 -31.83
N LEU I 203 13.26 72.83 -34.30
CA LEU I 203 12.90 72.96 -35.71
C LEU I 203 11.40 73.14 -35.88
N GLY I 204 10.78 72.27 -36.67
CA GLY I 204 9.35 72.25 -36.85
C GLY I 204 8.69 71.13 -36.06
N VAL I 205 7.37 71.01 -36.26
CA VAL I 205 6.62 69.97 -35.55
C VAL I 205 7.04 68.58 -36.04
N ALA I 206 7.10 68.40 -37.35
CA ALA I 206 7.74 67.20 -37.87
C ALA I 206 9.24 67.29 -37.59
N SER I 207 9.90 66.12 -37.60
CA SER I 207 11.29 66.01 -37.19
C SER I 207 11.46 66.44 -35.74
N LEU I 208 10.45 66.17 -34.92
CA LEU I 208 10.45 66.56 -33.52
C LEU I 208 9.62 65.57 -32.72
N GLU I 209 10.22 65.02 -31.67
CA GLU I 209 9.55 64.10 -30.75
C GLU I 209 9.46 64.77 -29.39
N VAL I 210 8.25 64.89 -28.87
CA VAL I 210 7.98 65.61 -27.63
C VAL I 210 7.19 64.70 -26.71
N ALA I 211 7.62 64.61 -25.44
CA ALA I 211 6.93 63.82 -24.43
C ALA I 211 6.96 64.56 -23.11
N VAL I 212 6.10 64.15 -22.18
CA VAL I 212 6.07 64.73 -20.85
C VAL I 212 5.88 63.64 -19.81
N LEU I 213 6.62 63.74 -18.72
CA LEU I 213 6.25 63.14 -17.45
C LEU I 213 5.33 64.13 -16.75
N ASP I 214 4.04 63.82 -16.71
CA ASP I 214 3.02 64.70 -16.16
C ASP I 214 2.72 64.29 -14.74
N ALA I 215 3.07 65.15 -13.78
CA ALA I 215 2.86 64.83 -12.37
C ALA I 215 1.38 64.74 -12.00
N ASN I 216 0.49 65.30 -12.82
CA ASN I 216 -0.93 65.34 -12.51
C ASN I 216 -1.67 64.09 -12.96
N ARG I 217 -0.98 63.12 -13.52
CA ARG I 217 -1.62 61.87 -13.87
C ARG I 217 -1.76 60.98 -12.64
N PRO I 218 -2.83 60.17 -12.58
CA PRO I 218 -3.04 59.33 -11.40
C PRO I 218 -1.95 58.30 -11.16
N ARG I 219 -1.66 57.43 -12.13
CA ARG I 219 -0.65 56.40 -11.93
C ARG I 219 0.55 56.55 -12.86
N ARG I 220 0.34 56.55 -14.18
CA ARG I 220 1.44 56.59 -15.14
C ARG I 220 1.60 58.01 -15.65
N ALA I 221 2.79 58.58 -15.45
CA ALA I 221 3.01 59.99 -15.77
C ALA I 221 3.35 60.22 -17.23
N PHE I 222 3.96 59.25 -17.90
CA PHE I 222 4.48 59.46 -19.24
C PHE I 222 3.33 59.65 -20.24
N ARG I 223 3.55 60.55 -21.20
CA ARG I 223 2.53 60.86 -22.19
C ARG I 223 3.20 61.53 -23.39
N ARG I 224 2.89 61.04 -24.59
CA ARG I 224 3.50 61.55 -25.80
C ARG I 224 2.64 62.66 -26.40
N ILE I 225 3.29 63.76 -26.77
CA ILE I 225 2.62 64.90 -27.38
C ILE I 225 3.09 65.04 -28.82
N THR I 226 2.36 64.45 -29.76
CA THR I 226 2.75 64.48 -31.16
C THR I 226 1.51 64.66 -32.04
N GLY I 227 1.70 65.33 -33.16
CA GLY I 227 0.64 65.51 -34.13
C GLY I 227 -0.05 66.86 -34.05
N SER I 228 -1.39 66.84 -34.08
CA SER I 228 -2.14 68.09 -34.01
C SER I 228 -2.02 68.73 -32.63
N ALA I 229 -1.97 67.93 -31.57
CA ALA I 229 -1.77 68.46 -30.24
C ALA I 229 -0.42 69.16 -30.12
N LEU I 230 0.63 68.54 -30.65
CA LEU I 230 1.95 69.16 -30.59
C LEU I 230 2.00 70.46 -31.40
N GLN I 231 1.41 70.47 -32.58
CA GLN I 231 1.37 71.69 -33.38
C GLN I 231 0.61 72.79 -32.67
N ALA I 232 -0.52 72.46 -32.05
CA ALA I 232 -1.27 73.45 -31.29
C ALA I 232 -0.44 73.98 -30.14
N LEU I 233 0.34 73.12 -29.49
CA LEU I 233 1.14 73.51 -28.35
C LEU I 233 2.40 74.29 -28.74
N LEU I 234 2.83 74.17 -29.99
CA LEU I 234 4.15 74.67 -30.40
C LEU I 234 4.06 76.00 -31.15
N SER J 8 56.49 44.80 -20.16
CA SER J 8 57.21 45.07 -18.91
C SER J 8 56.22 45.31 -17.77
N PRO J 9 56.06 44.32 -16.90
CA PRO J 9 55.08 44.45 -15.81
C PRO J 9 55.33 45.65 -14.89
N GLU J 10 56.59 46.02 -14.67
CA GLU J 10 56.87 47.16 -13.80
C GLU J 10 56.26 48.44 -14.36
N GLN J 11 56.48 48.71 -15.64
CA GLN J 11 55.89 49.90 -16.26
C GLN J 11 54.37 49.82 -16.30
N ALA J 12 53.84 48.62 -16.55
CA ALA J 12 52.39 48.45 -16.58
C ALA J 12 51.76 48.80 -15.23
N MET J 13 52.33 48.27 -14.14
CA MET J 13 51.81 48.58 -12.81
C MET J 13 52.02 50.05 -12.48
N ARG J 14 53.15 50.63 -12.89
CA ARG J 14 53.40 52.04 -12.60
C ARG J 14 52.37 52.93 -13.28
N GLU J 15 52.06 52.66 -14.54
CA GLU J 15 51.08 53.50 -15.23
C GLU J 15 49.65 53.21 -14.76
N ARG J 16 49.35 51.97 -14.38
CA ARG J 16 48.06 51.66 -13.76
C ARG J 16 47.88 52.44 -12.46
N SER J 17 48.92 52.45 -11.63
CA SER J 17 48.88 53.21 -10.39
C SER J 17 48.77 54.70 -10.66
N GLU J 18 49.48 55.19 -11.68
CA GLU J 18 49.37 56.60 -12.04
C GLU J 18 47.95 56.95 -12.45
N LEU J 19 47.31 56.09 -13.24
CA LEU J 19 45.93 56.35 -13.66
C LEU J 19 44.99 56.42 -12.46
N ALA J 20 45.09 55.42 -11.56
CA ALA J 20 44.21 55.43 -10.39
C ALA J 20 44.47 56.64 -9.50
N ARG J 21 45.75 56.98 -9.27
CA ARG J 21 46.08 58.11 -8.41
C ARG J 21 45.60 59.43 -9.02
N LYS J 22 45.79 59.61 -10.33
CA LYS J 22 45.33 60.84 -10.97
C LYS J 22 43.82 60.94 -10.92
N GLY J 23 43.11 59.83 -11.09
CA GLY J 23 41.66 59.85 -10.91
C GLY J 23 41.27 60.26 -9.51
N ILE J 24 42.05 59.82 -8.52
CA ILE J 24 41.78 60.23 -7.14
C ILE J 24 42.03 61.72 -6.96
N ALA J 25 43.07 62.25 -7.62
CA ALA J 25 43.47 63.63 -7.39
C ALA J 25 42.37 64.61 -7.77
N ARG J 26 41.68 64.37 -8.89
CA ARG J 26 40.61 65.26 -9.32
C ARG J 26 39.24 64.80 -8.81
N ALA J 27 39.15 64.62 -7.49
CA ALA J 27 37.88 64.29 -6.86
C ALA J 27 37.76 65.08 -5.56
N LYS J 28 36.51 65.27 -5.12
CA LYS J 28 36.26 66.01 -3.89
C LYS J 28 36.80 65.27 -2.68
N SER J 29 37.25 66.02 -1.70
CA SER J 29 37.89 65.47 -0.52
C SER J 29 36.86 65.10 0.54
N VAL J 30 37.19 64.08 1.33
CA VAL J 30 36.41 63.64 2.46
C VAL J 30 37.33 63.60 3.67
N VAL J 31 36.81 64.02 4.83
CA VAL J 31 37.55 63.95 6.08
C VAL J 31 36.72 63.15 7.08
N ALA J 32 37.37 62.19 7.73
CA ALA J 32 36.80 61.47 8.86
C ALA J 32 37.68 61.74 10.07
N LEU J 33 37.07 62.06 11.21
CA LEU J 33 37.86 62.31 12.40
C LEU J 33 37.15 61.74 13.62
N ALA J 34 37.92 61.50 14.66
CA ALA J 34 37.41 60.98 15.92
C ALA J 34 37.15 62.15 16.87
N TYR J 35 35.95 62.20 17.42
CA TYR J 35 35.60 63.20 18.42
C TYR J 35 34.95 62.48 19.61
N ALA J 36 34.60 63.26 20.63
CA ALA J 36 34.14 62.68 21.89
C ALA J 36 32.94 61.75 21.67
N GLY J 37 32.03 62.12 20.78
CA GLY J 37 30.84 61.31 20.55
C GLY J 37 31.01 60.18 19.57
N GLY J 38 32.17 60.05 18.93
CA GLY J 38 32.35 59.01 17.94
C GLY J 38 33.16 59.42 16.75
N VAL J 39 32.60 59.26 15.55
CA VAL J 39 33.30 59.60 14.31
C VAL J 39 32.48 60.61 13.53
N LEU J 40 33.16 61.58 12.92
CA LEU J 40 32.51 62.60 12.10
C LEU J 40 33.04 62.50 10.68
N PHE J 41 32.13 62.41 9.71
CA PHE J 41 32.44 62.43 8.29
C PHE J 41 31.94 63.73 7.70
N VAL J 42 32.83 64.46 7.02
CA VAL J 42 32.49 65.68 6.31
C VAL J 42 33.04 65.56 4.89
N ALA J 43 32.18 65.72 3.89
CA ALA J 43 32.59 65.68 2.50
C ALA J 43 32.01 66.89 1.78
N GLU J 44 32.72 67.35 0.75
CA GLU J 44 32.23 68.41 -0.12
C GLU J 44 31.50 67.75 -1.27
N ASN J 45 30.20 67.57 -1.09
CA ASN J 45 29.34 66.84 -2.04
C ASN J 45 28.20 67.75 -2.49
N PRO J 46 28.26 68.31 -3.70
CA PRO J 46 27.18 69.21 -4.14
C PRO J 46 25.82 68.56 -4.21
N SER J 47 25.75 67.29 -4.61
CA SER J 47 24.46 66.63 -4.82
C SER J 47 23.86 66.16 -3.49
N ARG J 48 22.53 66.15 -3.45
CA ARG J 48 21.79 65.66 -2.30
C ARG J 48 21.36 64.21 -2.43
N SER J 49 21.65 63.58 -3.58
CA SER J 49 21.18 62.23 -3.87
C SER J 49 22.31 61.20 -3.91
N LEU J 50 23.49 61.59 -4.37
CA LEU J 50 24.63 60.69 -4.45
C LEU J 50 25.47 60.88 -3.18
N GLN J 51 25.35 59.94 -2.25
CA GLN J 51 25.95 60.06 -0.93
C GLN J 51 27.30 59.37 -0.88
N LYS J 52 28.33 60.10 -0.45
CA LYS J 52 29.67 59.57 -0.31
C LYS J 52 29.91 58.94 1.06
N ILE J 53 29.01 59.15 2.01
CA ILE J 53 29.11 58.59 3.36
C ILE J 53 27.89 57.73 3.59
N SER J 54 28.11 56.53 4.12
CA SER J 54 27.03 55.57 4.29
C SER J 54 27.28 54.73 5.53
N GLU J 55 26.22 54.07 5.98
CA GLU J 55 26.29 53.13 7.09
C GLU J 55 26.57 51.75 6.54
N LEU J 56 27.67 51.14 6.97
CA LEU J 56 27.92 49.74 6.62
C LEU J 56 27.21 48.80 7.57
N TYR J 57 27.24 49.12 8.87
CA TYR J 57 26.64 48.27 9.89
C TYR J 57 26.42 49.14 11.13
N ASP J 58 25.81 48.54 12.15
CA ASP J 58 25.39 49.25 13.35
C ASP J 58 26.42 50.28 13.83
N ARG J 59 27.64 49.84 14.09
CA ARG J 59 28.69 50.73 14.56
C ARG J 59 29.78 50.93 13.51
N VAL J 60 29.51 50.58 12.25
CA VAL J 60 30.51 50.68 11.19
C VAL J 60 30.00 51.60 10.11
N GLY J 61 30.81 52.61 9.77
CA GLY J 61 30.48 53.60 8.76
C GLY J 61 31.49 53.64 7.63
N PHE J 62 31.04 54.14 6.49
CA PHE J 62 31.78 54.06 5.23
C PHE J 62 31.91 55.45 4.65
N ALA J 63 33.12 55.81 4.22
CA ALA J 63 33.35 57.02 3.44
C ALA J 63 34.22 56.67 2.25
N ALA J 64 34.04 57.41 1.16
CA ALA J 64 34.81 57.10 -0.04
C ALA J 64 35.03 58.37 -0.85
N ALA J 65 36.10 58.36 -1.63
CA ALA J 65 36.40 59.44 -2.56
C ALA J 65 36.80 58.83 -3.89
N GLY J 66 36.42 59.49 -4.98
CA GLY J 66 36.75 59.00 -6.31
C GLY J 66 35.57 58.86 -7.24
N LYS J 67 35.61 57.87 -8.13
CA LYS J 67 34.55 57.66 -9.09
C LYS J 67 33.35 57.03 -8.41
N PHE J 68 32.17 57.62 -8.58
CA PHE J 68 31.03 57.28 -7.74
C PHE J 68 30.57 55.85 -7.94
N ASN J 69 30.46 55.40 -9.19
CA ASN J 69 29.90 54.06 -9.42
C ASN J 69 30.79 52.98 -8.82
N GLU J 70 32.10 53.17 -8.87
CA GLU J 70 33.02 52.16 -8.36
C GLU J 70 32.92 52.03 -6.84
N PHE J 71 33.00 53.15 -6.11
CA PHE J 71 32.91 53.02 -4.67
C PHE J 71 31.48 52.75 -4.20
N ASP J 72 30.47 53.03 -5.02
CA ASP J 72 29.12 52.59 -4.69
C ASP J 72 28.98 51.08 -4.83
N ASN J 73 29.62 50.50 -5.84
CA ASN J 73 29.70 49.04 -5.95
C ASN J 73 30.39 48.45 -4.73
N LEU J 74 31.51 49.07 -4.31
CA LEU J 74 32.21 48.59 -3.12
C LEU J 74 31.37 48.73 -1.87
N ARG J 75 30.64 49.84 -1.75
CA ARG J 75 29.77 50.05 -0.59
C ARG J 75 28.69 48.99 -0.52
N ARG J 76 28.07 48.66 -1.65
CA ARG J 76 27.04 47.62 -1.66
C ARG J 76 27.63 46.26 -1.32
N GLY J 77 28.82 45.96 -1.85
CA GLY J 77 29.47 44.70 -1.50
C GLY J 77 29.79 44.59 -0.02
N GLY J 78 30.27 45.69 0.58
CA GLY J 78 30.56 45.69 2.00
C GLY J 78 29.32 45.54 2.85
N ILE J 79 28.22 46.19 2.45
CA ILE J 79 26.97 46.04 3.18
C ILE J 79 26.48 44.59 3.11
N GLN J 80 26.57 43.98 1.93
CA GLN J 80 26.18 42.58 1.80
C GLN J 80 27.03 41.70 2.70
N PHE J 81 28.34 41.92 2.70
CA PHE J 81 29.22 41.12 3.55
C PHE J 81 28.87 41.28 5.02
N ALA J 82 28.64 42.52 5.45
CA ALA J 82 28.34 42.78 6.86
C ALA J 82 27.03 42.12 7.28
N ASP J 83 25.99 42.25 6.46
CA ASP J 83 24.70 41.65 6.82
C ASP J 83 24.79 40.13 6.83
N THR J 84 25.47 39.53 5.84
CA THR J 84 25.64 38.08 5.83
C THR J 84 26.40 37.61 7.06
N ARG J 85 27.47 38.32 7.44
CA ARG J 85 28.24 37.93 8.61
C ARG J 85 27.44 38.07 9.89
N GLY J 86 26.72 39.18 10.04
CA GLY J 86 25.93 39.37 11.25
C GLY J 86 24.82 38.35 11.38
N TYR J 87 24.26 37.91 10.26
CA TYR J 87 23.26 36.86 10.32
C TYR J 87 23.89 35.50 10.61
N ALA J 88 25.06 35.22 10.04
CA ALA J 88 25.67 33.91 10.19
C ALA J 88 26.13 33.66 11.62
N TYR J 89 26.73 34.67 12.26
CA TYR J 89 27.24 34.49 13.62
C TYR J 89 26.48 35.33 14.64
N ASP J 90 26.56 36.65 14.55
CA ASP J 90 25.90 37.56 15.47
C ASP J 90 26.19 38.98 15.04
N ARG J 91 25.34 39.90 15.48
CA ARG J 91 25.55 41.31 15.14
C ARG J 91 26.80 41.86 15.81
N ARG J 92 27.08 41.43 17.05
CA ARG J 92 28.25 41.90 17.76
C ARG J 92 29.55 41.34 17.21
N ASP J 93 29.48 40.32 16.35
CA ASP J 93 30.66 39.71 15.77
C ASP J 93 31.17 40.44 14.54
N VAL J 94 30.48 41.49 14.11
CA VAL J 94 30.91 42.27 12.96
C VAL J 94 31.72 43.46 13.45
N THR J 95 32.98 43.53 13.06
CA THR J 95 33.86 44.63 13.41
C THR J 95 34.24 45.39 12.15
N GLY J 96 34.75 46.61 12.33
CA GLY J 96 35.23 47.37 11.20
C GLY J 96 36.48 46.81 10.57
N ARG J 97 37.27 46.06 11.34
CA ARG J 97 38.52 45.51 10.81
C ARG J 97 38.26 44.42 9.77
N GLN J 98 37.25 43.58 9.99
CA GLN J 98 36.92 42.56 9.00
C GLN J 98 36.48 43.20 7.70
N LEU J 99 35.66 44.25 7.77
CA LEU J 99 35.24 44.95 6.57
C LEU J 99 36.40 45.62 5.88
N ALA J 100 37.31 46.22 6.65
CA ALA J 100 38.50 46.84 6.07
C ALA J 100 39.35 45.80 5.34
N ASN J 101 39.51 44.60 5.94
CA ASN J 101 40.28 43.55 5.29
C ASN J 101 39.60 43.06 4.02
N VAL J 102 38.28 42.95 4.04
CA VAL J 102 37.56 42.54 2.82
C VAL J 102 37.75 43.58 1.73
N TYR J 103 37.67 44.87 2.08
CA TYR J 103 37.91 45.92 1.09
C TYR J 103 39.33 45.86 0.55
N ALA J 104 40.30 45.56 1.43
CA ALA J 104 41.68 45.44 0.98
C ALA J 104 41.83 44.30 -0.03
N GLN J 105 41.24 43.14 0.26
CA GLN J 105 41.30 42.01 -0.67
C GLN J 105 40.65 42.37 -2.00
N THR J 106 39.45 42.95 -1.94
CA THR J 106 38.72 43.29 -3.15
C THR J 106 39.49 44.30 -4.00
N LEU J 107 40.00 45.35 -3.37
CA LEU J 107 40.67 46.41 -4.12
C LEU J 107 42.01 45.91 -4.68
N GLY J 108 42.71 45.05 -3.95
CA GLY J 108 43.92 44.48 -4.50
C GLY J 108 43.65 43.63 -5.72
N THR J 109 42.64 42.76 -5.64
CA THR J 109 42.30 41.92 -6.79
C THR J 109 41.84 42.78 -7.97
N ILE J 110 41.07 43.83 -7.70
CA ILE J 110 40.61 44.72 -8.76
C ILE J 110 41.78 45.43 -9.42
N PHE J 111 42.68 45.98 -8.61
CA PHE J 111 43.83 46.71 -9.14
C PHE J 111 44.69 45.81 -10.02
N THR J 112 44.92 44.58 -9.56
CA THR J 112 45.81 43.70 -10.31
C THR J 112 45.15 43.13 -11.57
N GLU J 113 43.88 42.71 -11.46
CA GLU J 113 43.27 41.90 -12.51
C GLU J 113 42.25 42.62 -13.38
N GLN J 114 41.49 43.56 -12.84
CA GLN J 114 40.43 44.22 -13.60
C GLN J 114 41.02 44.98 -14.78
N ALA J 115 40.16 45.19 -15.80
CA ALA J 115 40.60 45.89 -17.01
C ALA J 115 41.05 47.30 -16.70
N LYS J 116 40.32 48.00 -15.84
CA LYS J 116 40.70 49.33 -15.38
C LYS J 116 40.66 49.34 -13.86
N PRO J 117 41.70 49.83 -13.20
CA PRO J 117 41.67 49.89 -11.73
C PRO J 117 40.63 50.88 -11.24
N TYR J 118 40.16 50.64 -10.03
CA TYR J 118 39.20 51.54 -9.38
C TYR J 118 39.94 52.77 -8.88
N GLU J 119 39.56 53.94 -9.37
CA GLU J 119 40.07 55.19 -8.81
C GLU J 119 39.19 55.58 -7.63
N VAL J 120 39.35 54.83 -6.54
CA VAL J 120 38.62 55.05 -5.31
C VAL J 120 39.58 55.04 -4.14
N GLU J 121 39.14 55.62 -3.03
CA GLU J 121 39.85 55.54 -1.76
C GLU J 121 38.81 55.49 -0.66
N LEU J 122 38.88 54.46 0.18
CA LEU J 122 37.85 54.18 1.16
C LEU J 122 38.36 54.40 2.58
N CYS J 123 37.43 54.73 3.47
CA CYS J 123 37.67 54.73 4.91
C CYS J 123 36.54 54.00 5.58
N VAL J 124 36.90 53.04 6.44
CA VAL J 124 35.95 52.33 7.28
C VAL J 124 36.19 52.80 8.71
N ALA J 125 35.14 53.29 9.35
CA ALA J 125 35.24 53.82 10.70
C ALA J 125 34.36 53.00 11.63
N GLU J 126 34.89 52.70 12.81
CA GLU J 126 34.14 51.93 13.79
C GLU J 126 34.18 52.63 15.14
N VAL J 127 33.03 52.68 15.80
CA VAL J 127 32.94 53.22 17.15
C VAL J 127 32.65 52.08 18.12
N ALA J 128 32.72 52.38 19.41
CA ALA J 128 32.42 51.40 20.42
C ALA J 128 30.92 51.12 20.47
N HIS J 129 30.57 50.00 21.10
CA HIS J 129 29.17 49.68 21.27
C HIS J 129 28.58 50.51 22.41
N TYR J 130 27.26 50.45 22.54
CA TYR J 130 26.57 51.27 23.53
C TYR J 130 26.98 50.85 24.94
N GLY J 131 27.39 51.82 25.74
CA GLY J 131 27.83 51.53 27.09
C GLY J 131 29.19 50.89 27.20
N GLU J 132 30.05 51.06 26.20
CA GLU J 132 31.41 50.56 26.24
C GLU J 132 32.36 51.68 25.86
N THR J 133 33.57 51.61 26.40
CA THR J 133 34.60 52.61 26.11
C THR J 133 35.65 52.01 25.20
N LYS J 134 35.92 52.71 24.09
CA LYS J 134 36.92 52.31 23.12
C LYS J 134 37.15 53.48 22.18
N ARG J 135 38.41 53.76 21.89
CA ARG J 135 38.73 54.81 20.94
C ARG J 135 38.26 54.40 19.56
N PRO J 136 37.64 55.29 18.79
CA PRO J 136 37.19 54.93 17.45
C PRO J 136 38.36 54.52 16.55
N GLU J 137 38.08 53.61 15.62
CA GLU J 137 39.08 53.07 14.73
C GLU J 137 38.82 53.54 13.30
N LEU J 138 39.87 54.04 12.65
CA LEU J 138 39.81 54.56 11.29
C LEU J 138 40.74 53.72 10.43
N TYR J 139 40.21 53.10 9.39
CA TYR J 139 41.01 52.35 8.44
C TYR J 139 40.90 53.01 7.07
N ARG J 140 42.04 53.25 6.43
CA ARG J 140 42.07 53.77 5.07
C ARG J 140 42.54 52.69 4.12
N ILE J 141 41.81 52.50 3.02
CA ILE J 141 42.13 51.51 2.01
C ILE J 141 42.30 52.24 0.68
N THR J 142 43.41 52.00 0.01
CA THR J 142 43.73 52.68 -1.23
C THR J 142 43.42 51.78 -2.43
N TYR J 143 43.65 52.31 -3.62
CA TYR J 143 43.21 51.64 -4.84
C TYR J 143 43.89 50.29 -5.03
N ASP J 144 45.15 50.18 -4.63
CA ASP J 144 45.89 48.94 -4.79
C ASP J 144 45.62 47.94 -3.67
N GLY J 145 44.77 48.30 -2.70
CA GLY J 145 44.49 47.43 -1.59
C GLY J 145 45.34 47.66 -0.36
N SER J 146 46.27 48.61 -0.41
CA SER J 146 47.06 48.94 0.77
C SER J 146 46.17 49.49 1.86
N ILE J 147 46.30 48.93 3.06
CA ILE J 147 45.42 49.23 4.18
C ILE J 147 46.25 49.84 5.30
N ALA J 148 45.75 50.92 5.88
CA ALA J 148 46.46 51.65 6.93
C ALA J 148 45.50 51.95 8.07
N ASP J 149 46.07 52.04 9.27
CA ASP J 149 45.34 52.42 10.47
C ASP J 149 45.66 53.87 10.80
N GLU J 150 44.62 54.67 10.99
CA GLU J 150 44.78 56.08 11.35
C GLU J 150 44.18 56.31 12.72
N PRO J 151 44.93 56.84 13.68
CA PRO J 151 44.40 56.96 15.04
C PRO J 151 43.45 58.12 15.22
N HIS J 152 43.62 59.18 14.44
CA HIS J 152 42.88 60.42 14.65
C HIS J 152 41.98 60.78 13.48
N PHE J 153 42.52 60.88 12.26
CA PHE J 153 41.72 61.34 11.14
C PHE J 153 42.22 60.73 9.84
N VAL J 154 41.33 60.73 8.85
CA VAL J 154 41.62 60.28 7.50
C VAL J 154 41.18 61.37 6.53
N VAL J 155 42.02 61.68 5.56
CA VAL J 155 41.70 62.62 4.48
C VAL J 155 41.86 61.88 3.16
N MET J 156 40.82 61.91 2.34
CA MET J 156 40.82 61.18 1.07
C MET J 156 40.41 62.11 -0.06
N GLY J 157 41.04 61.92 -1.21
CA GLY J 157 40.60 62.61 -2.41
C GLY J 157 41.10 64.03 -2.54
N GLY J 158 41.39 64.45 -3.76
CA GLY J 158 41.94 65.76 -3.99
C GLY J 158 43.39 65.84 -3.53
N THR J 159 43.90 67.07 -3.52
CA THR J 159 45.20 67.34 -2.93
C THR J 159 45.05 67.25 -1.41
N THR J 160 45.45 66.13 -0.84
CA THR J 160 45.20 65.86 0.56
C THR J 160 46.23 66.48 1.50
N GLU J 161 47.35 66.97 0.97
CA GLU J 161 48.39 67.52 1.83
C GLU J 161 47.94 68.77 2.58
N PRO J 162 47.36 69.80 1.93
CA PRO J 162 46.92 70.96 2.72
C PRO J 162 45.86 70.64 3.75
N ILE J 163 44.89 69.78 3.41
CA ILE J 163 43.86 69.42 4.36
C ILE J 163 44.46 68.65 5.53
N ALA J 164 45.37 67.72 5.24
CA ALA J 164 46.04 66.98 6.30
C ALA J 164 46.80 67.92 7.22
N ASN J 165 47.56 68.86 6.64
CA ASN J 165 48.34 69.80 7.45
C ASN J 165 47.43 70.66 8.32
N ALA J 166 46.33 71.14 7.76
CA ALA J 166 45.38 71.92 8.56
C ALA J 166 44.82 71.10 9.71
N LEU J 167 44.51 69.82 9.44
CA LEU J 167 44.02 68.97 10.51
C LEU J 167 45.05 68.77 11.60
N LYS J 168 46.31 68.52 11.24
CA LYS J 168 47.34 68.33 12.26
C LYS J 168 47.53 69.60 13.08
N GLU J 169 47.44 70.76 12.43
CA GLU J 169 47.58 72.02 13.16
C GLU J 169 46.33 72.39 13.95
N SER J 170 45.19 71.73 13.70
CA SER J 170 43.96 72.11 14.36
C SER J 170 43.19 70.93 14.96
N TYR J 171 43.79 69.75 15.04
CA TYR J 171 43.10 68.61 15.65
C TYR J 171 43.35 68.58 17.14
N ALA J 172 42.31 68.17 17.88
CA ALA J 172 42.39 68.05 19.33
C ALA J 172 41.50 66.91 19.76
N GLU J 173 42.09 65.89 20.38
CA GLU J 173 41.32 64.72 20.79
C GLU J 173 40.30 65.10 21.84
N ASN J 174 39.21 64.32 21.90
CA ASN J 174 38.10 64.58 22.81
C ASN J 174 37.50 65.96 22.59
N ALA J 175 37.23 66.30 21.34
CA ALA J 175 36.55 67.53 21.00
C ALA J 175 35.04 67.28 20.88
N SER J 176 34.27 68.37 20.97
CA SER J 176 32.83 68.27 20.82
C SER J 176 32.46 68.13 19.34
N LEU J 177 31.19 67.79 19.09
CA LEU J 177 30.73 67.65 17.72
C LEU J 177 30.80 68.98 16.98
N THR J 178 30.31 70.04 17.60
CA THR J 178 30.30 71.35 16.95
C THR J 178 31.71 71.79 16.60
N ASP J 179 32.60 71.81 17.60
CA ASP J 179 33.96 72.24 17.35
C ASP J 179 34.61 71.39 16.26
N ALA J 180 34.56 70.05 16.42
CA ALA J 180 35.17 69.16 15.44
C ALA J 180 34.66 69.41 14.04
N LEU J 181 33.36 69.69 13.90
CA LEU J 181 32.82 70.07 12.61
C LEU J 181 33.46 71.35 12.09
N ARG J 182 33.66 72.33 12.98
CA ARG J 182 34.31 73.57 12.56
C ARG J 182 35.73 73.30 12.04
N ILE J 183 36.50 72.48 12.77
CA ILE J 183 37.84 72.15 12.30
C ILE J 183 37.78 71.44 10.97
N ALA J 184 36.85 70.50 10.81
CA ALA J 184 36.76 69.73 9.57
C ALA J 184 36.45 70.64 8.38
N VAL J 185 35.49 71.54 8.55
CA VAL J 185 35.11 72.44 7.45
C VAL J 185 36.26 73.39 7.13
N ALA J 186 36.94 73.91 8.15
CA ALA J 186 38.08 74.79 7.90
C ALA J 186 39.19 74.05 7.16
N ALA J 187 39.47 72.81 7.55
CA ALA J 187 40.50 72.03 6.89
C ALA J 187 40.10 71.71 5.44
N LEU J 188 38.81 71.45 5.22
CA LEU J 188 38.33 71.21 3.85
C LEU J 188 38.51 72.44 2.98
N ARG J 189 38.25 73.62 3.54
CA ARG J 189 38.37 74.85 2.76
C ARG J 189 39.79 75.06 2.27
N ALA J 190 40.78 74.77 3.10
CA ALA J 190 42.17 74.83 2.69
C ALA J 190 42.51 73.65 1.78
N LEU J 203 32.59 74.34 3.17
CA LEU J 203 31.75 75.28 2.44
C LEU J 203 30.47 75.57 3.22
N GLY J 204 29.36 75.76 2.50
CA GLY J 204 28.09 76.07 3.13
C GLY J 204 27.29 74.82 3.47
N VAL J 205 26.04 75.05 3.87
CA VAL J 205 25.15 73.92 4.18
C VAL J 205 24.86 73.11 2.92
N ALA J 206 24.77 73.78 1.77
CA ALA J 206 24.84 73.08 0.50
C ALA J 206 26.29 72.77 0.18
N SER J 207 26.50 71.78 -0.67
CA SER J 207 27.83 71.30 -1.04
C SER J 207 28.60 70.73 0.16
N LEU J 208 27.88 70.39 1.23
CA LEU J 208 28.44 69.67 2.37
C LEU J 208 27.55 68.50 2.69
N GLU J 209 28.13 67.31 2.77
CA GLU J 209 27.46 66.12 3.29
C GLU J 209 28.15 65.73 4.58
N VAL J 210 27.39 65.68 5.67
CA VAL J 210 27.94 65.49 7.01
C VAL J 210 27.18 64.37 7.69
N ALA J 211 27.91 63.46 8.33
CA ALA J 211 27.31 62.36 9.06
C ALA J 211 28.17 62.03 10.28
N VAL J 212 27.57 61.34 11.24
CA VAL J 212 28.27 60.96 12.46
C VAL J 212 27.98 59.50 12.76
N LEU J 213 29.03 58.76 13.14
CA LEU J 213 28.88 57.53 13.91
C LEU J 213 28.80 57.96 15.36
N ASP J 214 27.59 57.88 15.92
CA ASP J 214 27.27 58.41 17.24
C ASP J 214 27.28 57.26 18.23
N ALA J 215 28.30 57.22 19.09
CA ALA J 215 28.46 56.13 20.04
C ALA J 215 27.41 56.14 21.15
N ASN J 216 26.61 57.20 21.25
CA ASN J 216 25.57 57.29 22.26
C ASN J 216 24.28 56.57 21.86
N ARG J 217 24.13 56.18 20.60
CA ARG J 217 22.93 55.47 20.19
C ARG J 217 22.96 54.03 20.68
N PRO J 218 21.79 53.47 21.01
CA PRO J 218 21.78 52.08 21.50
C PRO J 218 22.30 51.06 20.49
N ARG J 219 21.75 51.03 19.28
CA ARG J 219 22.16 50.02 18.30
C ARG J 219 22.82 50.63 17.07
N ARG J 220 22.14 51.51 16.33
CA ARG J 220 22.62 52.01 15.05
C ARG J 220 23.24 53.38 15.25
N ALA J 221 24.56 53.46 15.08
CA ALA J 221 25.31 54.68 15.38
C ALA J 221 25.26 55.71 14.27
N PHE J 222 24.90 55.32 13.06
CA PHE J 222 24.95 56.25 11.93
C PHE J 222 23.81 57.25 12.00
N ARG J 223 24.14 58.51 11.74
CA ARG J 223 23.17 59.60 11.83
C ARG J 223 23.58 60.69 10.86
N ARG J 224 22.69 61.05 9.94
CA ARG J 224 22.96 62.09 8.97
C ARG J 224 22.53 63.44 9.54
N ILE J 225 23.39 64.44 9.39
CA ILE J 225 23.11 65.80 9.83
C ILE J 225 22.94 66.66 8.59
N THR J 226 21.70 67.05 8.30
CA THR J 226 21.39 67.75 7.06
C THR J 226 20.51 68.96 7.34
N GLY J 227 20.55 69.91 6.40
CA GLY J 227 19.56 70.96 6.36
C GLY J 227 19.66 71.94 7.52
N SER J 228 18.51 72.23 8.11
CA SER J 228 18.45 73.25 9.16
C SER J 228 19.25 72.83 10.40
N ALA J 229 19.22 71.53 10.73
CA ALA J 229 20.02 71.05 11.85
C ALA J 229 21.50 71.24 11.59
N LEU J 230 21.95 71.00 10.35
CA LEU J 230 23.36 71.19 10.03
C LEU J 230 23.75 72.65 10.14
N GLN J 231 22.89 73.56 9.68
CA GLN J 231 23.18 74.99 9.81
C GLN J 231 23.22 75.42 11.27
N ALA J 232 22.26 74.93 12.06
CA ALA J 232 22.24 75.25 13.49
C ALA J 232 23.40 74.62 14.23
N LEU J 233 24.04 73.61 13.64
CA LEU J 233 25.24 73.00 14.20
C LEU J 233 26.52 73.59 13.61
N LEU J 234 26.41 74.44 12.59
CA LEU J 234 27.57 74.95 11.88
C LEU J 234 27.90 76.38 12.27
N SER K 8 59.97 38.51 -23.76
CA SER K 8 60.63 37.21 -23.79
C SER K 8 60.48 36.50 -22.45
N PRO K 9 60.38 35.16 -22.50
CA PRO K 9 60.14 34.40 -21.25
C PRO K 9 61.16 34.67 -20.16
N GLU K 10 62.47 34.58 -20.47
CA GLU K 10 63.48 34.85 -19.47
C GLU K 10 63.37 36.26 -18.94
N GLN K 11 63.21 37.22 -19.85
CA GLN K 11 63.10 38.62 -19.44
C GLN K 11 61.83 38.86 -18.62
N ALA K 12 60.72 38.28 -19.03
CA ALA K 12 59.47 38.46 -18.30
C ALA K 12 59.56 37.88 -16.90
N MET K 13 60.13 36.67 -16.77
CA MET K 13 60.29 36.06 -15.47
C MET K 13 61.24 36.88 -14.60
N ARG K 14 62.33 37.40 -15.18
CA ARG K 14 63.27 38.18 -14.39
C ARG K 14 62.65 39.49 -13.92
N GLU K 15 61.87 40.16 -14.76
CA GLU K 15 61.24 41.41 -14.33
C GLU K 15 60.16 41.15 -13.30
N ARG K 16 59.42 40.05 -13.44
CA ARG K 16 58.48 39.63 -12.40
C ARG K 16 59.18 39.39 -11.08
N SER K 17 60.32 38.71 -11.13
CA SER K 17 61.11 38.45 -9.92
C SER K 17 61.59 39.74 -9.29
N GLU K 18 62.06 40.69 -10.11
CA GLU K 18 62.54 41.95 -9.57
C GLU K 18 61.39 42.76 -8.98
N LEU K 19 60.21 42.71 -9.58
CA LEU K 19 59.05 43.37 -8.99
C LEU K 19 58.77 42.83 -7.60
N ALA K 20 58.74 41.50 -7.46
CA ALA K 20 58.49 40.91 -6.15
C ALA K 20 59.59 41.26 -5.15
N ARG K 21 60.84 41.22 -5.59
CA ARG K 21 61.95 41.52 -4.69
C ARG K 21 61.91 42.96 -4.21
N LYS K 22 61.66 43.90 -5.13
CA LYS K 22 61.57 45.30 -4.73
C LYS K 22 60.35 45.56 -3.86
N GLY K 23 59.28 44.79 -4.05
CA GLY K 23 58.14 44.90 -3.17
C GLY K 23 58.47 44.48 -1.75
N ILE K 24 59.16 43.36 -1.59
CA ILE K 24 59.52 42.92 -0.24
C ILE K 24 60.60 43.81 0.35
N ALA K 25 61.39 44.48 -0.50
CA ALA K 25 62.48 45.32 0.02
C ALA K 25 61.95 46.51 0.82
N ARG K 26 60.85 47.11 0.38
CA ARG K 26 60.30 48.28 1.06
C ARG K 26 59.27 47.89 2.13
N ALA K 27 59.62 46.90 2.94
CA ALA K 27 58.71 46.38 3.95
C ALA K 27 59.45 46.23 5.27
N LYS K 28 58.68 46.28 6.35
CA LYS K 28 59.25 46.13 7.67
C LYS K 28 59.73 44.70 7.89
N SER K 29 60.75 44.55 8.73
CA SER K 29 61.42 43.27 8.91
C SER K 29 60.79 42.46 10.03
N VAL K 30 60.85 41.14 9.89
CA VAL K 30 60.41 40.18 10.88
C VAL K 30 61.57 39.24 11.17
N VAL K 31 61.72 38.85 12.43
CA VAL K 31 62.68 37.82 12.82
C VAL K 31 61.94 36.73 13.57
N ALA K 32 62.29 35.48 13.26
CA ALA K 32 61.83 34.33 14.01
C ALA K 32 63.05 33.54 14.44
N LEU K 33 63.25 33.42 15.74
CA LEU K 33 64.43 32.71 16.25
C LEU K 33 64.03 31.77 17.37
N ALA K 34 64.74 30.64 17.44
CA ALA K 34 64.43 29.59 18.40
C ALA K 34 65.13 29.87 19.71
N TYR K 35 64.37 29.92 20.80
CA TYR K 35 64.88 30.09 22.14
C TYR K 35 64.52 28.86 22.97
N ALA K 36 64.95 28.88 24.24
CA ALA K 36 64.89 27.68 25.07
C ALA K 36 63.48 27.13 25.20
N GLY K 37 62.49 28.03 25.31
CA GLY K 37 61.12 27.61 25.45
C GLY K 37 60.35 27.41 24.16
N GLY K 38 60.97 27.60 23.01
CA GLY K 38 60.24 27.46 21.76
C GLY K 38 60.72 28.39 20.67
N VAL K 39 59.80 29.12 20.05
CA VAL K 39 60.13 30.04 18.96
C VAL K 39 59.63 31.43 19.32
N LEU K 40 60.38 32.46 18.92
CA LEU K 40 60.03 33.84 19.19
C LEU K 40 59.94 34.60 17.87
N PHE K 41 58.82 35.27 17.64
CA PHE K 41 58.61 36.15 16.50
C PHE K 41 58.63 37.59 16.99
N VAL K 42 59.48 38.41 16.39
CA VAL K 42 59.55 39.83 16.65
C VAL K 42 59.46 40.58 15.33
N ALA K 43 58.52 41.52 15.23
CA ALA K 43 58.38 42.33 14.04
C ALA K 43 58.19 43.79 14.44
N GLU K 44 58.55 44.69 13.54
CA GLU K 44 58.25 46.10 13.70
C GLU K 44 56.91 46.38 13.03
N ASN K 45 55.90 46.68 13.83
CA ASN K 45 54.52 46.79 13.35
C ASN K 45 53.81 47.89 14.12
N PRO K 46 53.72 49.10 13.56
CA PRO K 46 53.03 50.18 14.28
C PRO K 46 51.55 49.90 14.53
N SER K 47 50.90 49.14 13.66
CA SER K 47 49.47 48.89 13.79
C SER K 47 49.21 47.77 14.78
N ARG K 48 48.29 48.00 15.72
CA ARG K 48 47.87 46.98 16.67
C ARG K 48 46.83 46.03 16.11
N SER K 49 46.23 46.36 14.97
CA SER K 49 45.18 45.54 14.38
C SER K 49 45.65 44.73 13.18
N LEU K 50 46.53 45.29 12.35
CA LEU K 50 47.14 44.53 11.25
C LEU K 50 48.34 43.79 11.81
N GLN K 51 48.23 42.47 11.95
CA GLN K 51 49.23 41.66 12.62
C GLN K 51 49.95 40.79 11.61
N LYS K 52 51.28 40.89 11.58
CA LYS K 52 52.10 40.07 10.69
C LYS K 52 52.40 38.70 11.25
N ILE K 53 52.15 38.47 12.54
CA ILE K 53 52.47 37.23 13.22
C ILE K 53 51.18 36.61 13.70
N SER K 54 50.98 35.33 13.38
CA SER K 54 49.72 34.67 13.69
C SER K 54 49.98 33.21 13.99
N GLU K 55 48.91 32.51 14.34
CA GLU K 55 48.95 31.07 14.60
C GLU K 55 48.32 30.33 13.41
N LEU K 56 48.99 29.27 12.97
CA LEU K 56 48.42 28.39 11.96
C LEU K 56 47.69 27.23 12.60
N TYR K 57 48.33 26.55 13.55
CA TYR K 57 47.77 25.39 14.20
C TYR K 57 48.41 25.27 15.58
N ASP K 58 48.05 24.19 16.31
CA ASP K 58 48.33 24.11 17.74
C ASP K 58 49.79 24.43 18.05
N ARG K 59 50.71 23.81 17.33
CA ARG K 59 52.14 24.05 17.53
C ARG K 59 52.79 24.73 16.33
N VAL K 60 51.99 25.20 15.36
CA VAL K 60 52.53 25.78 14.13
C VAL K 60 52.16 27.26 14.10
N GLY K 61 53.17 28.11 13.96
CA GLY K 61 53.01 29.55 13.89
C GLY K 61 53.48 30.15 12.59
N PHE K 62 53.01 31.36 12.32
CA PHE K 62 53.12 32.00 11.01
C PHE K 62 53.71 33.40 11.19
N ALA K 63 54.61 33.77 10.28
CA ALA K 63 55.09 35.14 10.19
C ALA K 63 55.24 35.51 8.73
N ALA K 64 55.15 36.79 8.43
CA ALA K 64 55.20 37.21 7.04
C ALA K 64 55.72 38.64 6.93
N ALA K 65 56.27 38.96 5.76
CA ALA K 65 56.76 40.29 5.47
C ALA K 65 56.40 40.66 4.04
N GLY K 66 55.78 41.83 3.88
CA GLY K 66 55.41 42.30 2.55
C GLY K 66 54.05 42.98 2.51
N LYS K 67 53.39 42.90 1.36
CA LYS K 67 52.06 43.48 1.22
C LYS K 67 51.07 42.75 2.11
N PHE K 68 50.38 43.50 2.97
CA PHE K 68 49.59 42.88 4.04
C PHE K 68 48.47 42.02 3.48
N ASN K 69 47.73 42.52 2.49
CA ASN K 69 46.55 41.80 2.02
C ASN K 69 46.94 40.45 1.43
N GLU K 70 48.08 40.40 0.74
CA GLU K 70 48.51 39.17 0.10
C GLU K 70 48.86 38.09 1.12
N PHE K 71 49.67 38.43 2.13
CA PHE K 71 50.00 37.39 3.09
C PHE K 71 48.89 37.16 4.10
N ASP K 72 47.92 38.07 4.25
CA ASP K 72 46.74 37.73 5.03
C ASP K 72 45.89 36.70 4.29
N ASN K 73 45.76 36.86 2.97
CA ASN K 73 45.10 35.82 2.18
C ASN K 73 45.83 34.49 2.30
N LEU K 74 47.16 34.52 2.23
CA LEU K 74 47.94 33.28 2.39
C LEU K 74 47.77 32.68 3.77
N ARG K 75 47.75 33.51 4.81
CA ARG K 75 47.57 33.03 6.17
C ARG K 75 46.21 32.36 6.34
N ARG K 76 45.16 32.96 5.78
CA ARG K 76 43.85 32.33 5.85
C ARG K 76 43.82 31.01 5.10
N GLY K 77 44.47 30.94 3.94
CA GLY K 77 44.57 29.69 3.24
C GLY K 77 45.28 28.61 4.05
N GLY K 78 46.36 28.99 4.72
CA GLY K 78 47.08 28.03 5.55
C GLY K 78 46.28 27.57 6.74
N ILE K 79 45.56 28.49 7.39
CA ILE K 79 44.71 28.10 8.53
C ILE K 79 43.61 27.15 8.07
N GLN K 80 42.99 27.45 6.92
CA GLN K 80 41.97 26.56 6.38
C GLN K 80 42.53 25.18 6.10
N PHE K 81 43.69 25.12 5.45
CA PHE K 81 44.32 23.83 5.15
C PHE K 81 44.63 23.06 6.43
N ALA K 82 45.20 23.74 7.43
CA ALA K 82 45.56 23.06 8.67
C ALA K 82 44.35 22.53 9.40
N ASP K 83 43.27 23.33 9.48
CA ASP K 83 42.08 22.87 10.18
C ASP K 83 41.43 21.70 9.45
N THR K 84 41.33 21.78 8.12
CA THR K 84 40.74 20.69 7.35
C THR K 84 41.57 19.41 7.51
N ARG K 85 42.90 19.53 7.46
CA ARG K 85 43.74 18.35 7.59
C ARG K 85 43.69 17.77 8.99
N GLY K 86 43.67 18.62 10.01
CA GLY K 86 43.56 18.13 11.37
C GLY K 86 42.24 17.44 11.63
N TYR K 87 41.17 17.90 10.98
CA TYR K 87 39.89 17.22 11.11
C TYR K 87 39.87 15.90 10.35
N ALA K 88 40.48 15.88 9.15
CA ALA K 88 40.41 14.68 8.32
C ALA K 88 41.17 13.52 8.94
N TYR K 89 42.35 13.76 9.53
CA TYR K 89 43.11 12.69 10.14
C TYR K 89 43.25 12.84 11.64
N ASP K 90 43.90 13.91 12.11
CA ASP K 90 44.14 14.12 13.53
C ASP K 90 44.89 15.42 13.72
N ARG K 91 44.84 15.94 14.95
CA ARG K 91 45.57 17.17 15.26
C ARG K 91 47.07 16.95 15.22
N ARG K 92 47.55 15.78 15.67
CA ARG K 92 48.97 15.51 15.69
C ARG K 92 49.51 15.06 14.35
N ASP K 93 48.66 14.90 13.34
CA ASP K 93 49.10 14.64 11.98
C ASP K 93 49.38 15.92 11.20
N VAL K 94 49.10 17.08 11.78
CA VAL K 94 49.40 18.36 11.16
C VAL K 94 50.77 18.81 11.63
N THR K 95 51.68 19.03 10.69
CA THR K 95 53.05 19.40 10.99
C THR K 95 53.42 20.65 10.21
N GLY K 96 54.48 21.33 10.68
CA GLY K 96 54.92 22.54 10.02
C GLY K 96 55.43 22.31 8.60
N ARG K 97 55.97 21.11 8.34
CA ARG K 97 56.53 20.83 7.03
C ARG K 97 55.46 20.79 5.95
N GLN K 98 54.31 20.18 6.24
CA GLN K 98 53.22 20.14 5.26
C GLN K 98 52.69 21.54 4.97
N LEU K 99 52.55 22.37 6.00
CA LEU K 99 52.10 23.74 5.78
C LEU K 99 53.11 24.53 4.97
N ALA K 100 54.40 24.35 5.25
CA ALA K 100 55.43 25.01 4.45
C ALA K 100 55.37 24.55 2.99
N ASN K 101 55.14 23.25 2.76
CA ASN K 101 55.08 22.74 1.41
C ASN K 101 53.87 23.28 0.65
N VAL K 102 52.71 23.37 1.32
CA VAL K 102 51.54 23.91 0.63
C VAL K 102 51.73 25.39 0.34
N TYR K 103 52.40 26.12 1.25
CA TYR K 103 52.74 27.51 0.96
C TYR K 103 53.68 27.62 -0.23
N ALA K 104 54.67 26.73 -0.32
CA ALA K 104 55.60 26.76 -1.44
C ALA K 104 54.88 26.51 -2.75
N GLN K 105 53.99 25.51 -2.78
CA GLN K 105 53.21 25.24 -3.99
C GLN K 105 52.36 26.44 -4.38
N THR K 106 51.65 27.02 -3.41
CA THR K 106 50.77 28.14 -3.71
C THR K 106 51.55 29.34 -4.22
N LEU K 107 52.68 29.65 -3.60
CA LEU K 107 53.46 30.81 -4.02
C LEU K 107 54.10 30.58 -5.39
N GLY K 108 54.53 29.34 -5.69
CA GLY K 108 55.04 29.07 -7.02
C GLY K 108 53.99 29.26 -8.09
N THR K 109 52.78 28.74 -7.85
CA THR K 109 51.70 28.91 -8.81
C THR K 109 51.34 30.40 -8.98
N ILE K 110 51.29 31.14 -7.86
CA ILE K 110 50.98 32.56 -7.94
C ILE K 110 52.04 33.29 -8.74
N PHE K 111 53.32 32.99 -8.47
CA PHE K 111 54.41 33.65 -9.17
C PHE K 111 54.33 33.43 -10.68
N THR K 112 54.15 32.17 -11.09
CA THR K 112 54.20 31.90 -12.53
C THR K 112 52.88 32.17 -13.24
N GLU K 113 51.78 32.34 -12.53
CA GLU K 113 50.48 32.42 -13.20
C GLU K 113 49.73 33.72 -12.97
N GLN K 114 49.81 34.32 -11.79
CA GLN K 114 49.00 35.48 -11.50
C GLN K 114 49.50 36.71 -12.25
N ALA K 115 48.60 37.70 -12.38
CA ALA K 115 48.92 38.89 -13.17
C ALA K 115 50.11 39.65 -12.60
N LYS K 116 50.18 39.74 -11.27
CA LYS K 116 51.40 40.19 -10.62
C LYS K 116 51.73 39.23 -9.47
N PRO K 117 53.01 38.94 -9.25
CA PRO K 117 53.37 38.01 -8.18
C PRO K 117 53.19 38.62 -6.81
N TYR K 118 52.97 37.75 -5.82
CA TYR K 118 52.84 38.20 -4.45
C TYR K 118 54.18 38.70 -3.93
N GLU K 119 54.17 39.90 -3.35
CA GLU K 119 55.38 40.51 -2.79
C GLU K 119 55.49 40.19 -1.30
N VAL K 120 55.64 38.90 -1.01
CA VAL K 120 55.64 38.41 0.37
C VAL K 120 56.80 37.46 0.58
N GLU K 121 57.24 37.37 1.83
CA GLU K 121 58.11 36.31 2.30
C GLU K 121 57.53 35.75 3.59
N LEU K 122 57.34 34.44 3.63
CA LEU K 122 56.68 33.78 4.75
C LEU K 122 57.67 32.96 5.55
N CYS K 123 57.36 32.79 6.84
CA CYS K 123 58.08 31.89 7.73
C CYS K 123 57.05 31.05 8.46
N VAL K 124 57.27 29.75 8.47
CA VAL K 124 56.44 28.79 9.21
C VAL K 124 57.31 28.15 10.27
N ALA K 125 56.89 28.26 11.53
CA ALA K 125 57.65 27.72 12.64
C ALA K 125 56.84 26.63 13.33
N GLU K 126 57.52 25.56 13.74
CA GLU K 126 56.87 24.49 14.49
C GLU K 126 57.69 24.16 15.72
N VAL K 127 56.99 23.86 16.82
CA VAL K 127 57.63 23.39 18.04
C VAL K 127 57.10 22.00 18.34
N ALA K 128 57.84 21.28 19.17
CA ALA K 128 57.45 19.93 19.54
C ALA K 128 56.19 19.96 20.39
N HIS K 129 55.51 18.82 20.45
CA HIS K 129 54.32 18.72 21.28
C HIS K 129 54.70 18.71 22.75
N TYR K 130 53.68 18.76 23.60
CA TYR K 130 53.90 18.81 25.03
C TYR K 130 54.60 17.54 25.52
N GLY K 131 55.60 17.72 26.38
CA GLY K 131 56.32 16.59 26.92
C GLY K 131 57.29 15.93 25.97
N GLU K 132 57.64 16.60 24.87
CA GLU K 132 58.53 16.04 23.88
C GLU K 132 59.71 16.98 23.66
N THR K 133 60.86 16.39 23.33
CA THR K 133 62.08 17.14 23.06
C THR K 133 62.36 17.08 21.57
N LYS K 134 62.40 18.24 20.93
CA LYS K 134 62.68 18.34 19.51
C LYS K 134 63.02 19.78 19.18
N ARG K 135 64.00 19.96 18.33
CA ARG K 135 64.39 21.30 17.94
C ARG K 135 63.30 21.95 17.10
N PRO K 136 62.87 23.16 17.45
CA PRO K 136 61.88 23.84 16.62
C PRO K 136 62.33 23.98 15.17
N GLU K 137 61.40 23.77 14.25
CA GLU K 137 61.67 23.80 12.82
C GLU K 137 61.25 25.16 12.26
N LEU K 138 62.14 25.77 11.49
CA LEU K 138 61.89 27.05 10.83
C LEU K 138 61.96 26.85 9.33
N TYR K 139 60.91 27.27 8.62
CA TYR K 139 60.87 27.19 7.17
C TYR K 139 60.67 28.58 6.59
N ARG K 140 61.55 28.98 5.68
CA ARG K 140 61.44 30.25 5.00
C ARG K 140 61.02 30.02 3.55
N ILE K 141 59.98 30.73 3.13
CA ILE K 141 59.39 30.58 1.80
C ILE K 141 59.38 31.94 1.13
N THR K 142 59.80 32.00 -0.13
CA THR K 142 59.96 33.25 -0.85
C THR K 142 58.87 33.39 -1.91
N TYR K 143 58.87 34.55 -2.57
CA TYR K 143 57.79 34.92 -3.48
C TYR K 143 57.61 33.90 -4.60
N ASP K 144 58.69 33.24 -5.02
CA ASP K 144 58.65 32.34 -6.16
C ASP K 144 58.37 30.89 -5.78
N GLY K 145 58.22 30.59 -4.50
CA GLY K 145 57.98 29.24 -4.05
C GLY K 145 59.18 28.49 -3.52
N SER K 146 60.36 29.11 -3.53
CA SER K 146 61.54 28.46 -2.96
C SER K 146 61.39 28.32 -1.46
N ILE K 147 61.72 27.14 -0.95
CA ILE K 147 61.54 26.78 0.45
C ILE K 147 62.88 26.37 1.03
N ALA K 148 63.20 26.87 2.22
CA ALA K 148 64.46 26.59 2.86
C ALA K 148 64.24 26.24 4.33
N ASP K 149 65.08 25.35 4.83
CA ASP K 149 65.06 24.94 6.23
C ASP K 149 66.13 25.75 6.97
N GLU K 150 65.70 26.52 7.95
CA GLU K 150 66.67 27.29 8.72
C GLU K 150 66.77 26.72 10.12
N PRO K 151 67.97 26.46 10.63
CA PRO K 151 68.09 25.80 11.93
C PRO K 151 67.95 26.75 13.11
N HIS K 152 68.33 28.02 12.93
CA HIS K 152 68.47 28.93 14.05
C HIS K 152 67.54 30.14 13.97
N PHE K 153 67.54 30.88 12.86
CA PHE K 153 66.77 32.09 12.78
C PHE K 153 66.39 32.39 11.34
N VAL K 154 65.33 33.16 11.19
CA VAL K 154 64.82 33.60 9.90
C VAL K 154 64.63 35.12 9.96
N VAL K 155 65.08 35.82 8.93
CA VAL K 155 64.93 37.26 8.81
C VAL K 155 64.25 37.57 7.49
N MET K 156 63.16 38.33 7.54
CA MET K 156 62.34 38.60 6.36
C MET K 156 62.07 40.09 6.24
N GLY K 157 61.97 40.56 5.00
CA GLY K 157 61.54 41.91 4.72
C GLY K 157 62.60 42.97 4.95
N GLY K 158 62.52 44.06 4.20
CA GLY K 158 63.46 45.15 4.35
C GLY K 158 64.85 44.75 3.88
N THR K 159 65.84 45.46 4.41
CA THR K 159 67.24 45.10 4.22
C THR K 159 67.57 43.99 5.21
N THR K 160 67.85 42.79 4.70
CA THR K 160 68.08 41.64 5.56
C THR K 160 69.55 41.39 5.85
N GLU K 161 70.46 41.93 5.01
CA GLU K 161 71.88 41.67 5.24
C GLU K 161 72.38 42.19 6.59
N PRO K 162 72.17 43.46 6.96
CA PRO K 162 72.77 43.92 8.22
C PRO K 162 72.19 43.22 9.45
N ILE K 163 70.88 43.05 9.49
CA ILE K 163 70.24 42.40 10.63
C ILE K 163 70.62 40.92 10.68
N ALA K 164 70.75 40.29 9.52
CA ALA K 164 71.21 38.91 9.46
C ALA K 164 72.62 38.77 10.02
N ASN K 165 73.52 39.69 9.65
CA ASN K 165 74.87 39.65 10.20
C ASN K 165 74.88 39.89 11.70
N ALA K 166 74.06 40.84 12.16
CA ALA K 166 73.99 41.12 13.59
C ALA K 166 73.49 39.90 14.36
N LEU K 167 72.47 39.23 13.83
CA LEU K 167 71.98 38.01 14.48
C LEU K 167 73.03 36.91 14.45
N LYS K 168 73.72 36.75 13.31
CA LYS K 168 74.74 35.71 13.20
C LYS K 168 75.85 35.92 14.22
N GLU K 169 76.24 37.17 14.45
CA GLU K 169 77.26 37.43 15.44
C GLU K 169 76.74 37.34 16.87
N SER K 170 75.45 37.61 17.10
CA SER K 170 74.94 37.73 18.45
C SER K 170 73.94 36.65 18.85
N TYR K 171 73.61 35.71 17.97
CA TYR K 171 72.62 34.70 18.32
C TYR K 171 73.18 33.72 19.34
N ALA K 172 72.39 33.44 20.38
CA ALA K 172 72.76 32.53 21.45
C ALA K 172 71.81 31.34 21.47
N GLU K 173 72.37 30.14 21.47
CA GLU K 173 71.57 28.93 21.48
C GLU K 173 71.00 28.66 22.87
N ASN K 174 69.75 28.19 22.91
CA ASN K 174 69.06 27.86 24.15
C ASN K 174 69.03 29.04 25.12
N ALA K 175 68.79 30.23 24.58
CA ALA K 175 68.67 31.41 25.41
C ALA K 175 67.27 31.52 26.00
N SER K 176 67.17 32.25 27.10
CA SER K 176 65.86 32.50 27.70
C SER K 176 65.09 33.50 26.86
N LEU K 177 63.80 33.68 27.21
CA LEU K 177 62.95 34.57 26.42
C LEU K 177 63.45 36.01 26.49
N THR K 178 63.92 36.44 27.66
CA THR K 178 64.39 37.82 27.79
C THR K 178 65.63 38.07 26.94
N ASP K 179 66.62 37.17 27.01
CA ASP K 179 67.84 37.35 26.23
C ASP K 179 67.54 37.24 24.73
N ALA K 180 66.69 36.29 24.34
CA ALA K 180 66.34 36.15 22.93
C ALA K 180 65.61 37.39 22.42
N LEU K 181 64.69 37.93 23.21
CA LEU K 181 63.98 39.15 22.81
C LEU K 181 64.94 40.32 22.70
N ARG K 182 65.89 40.43 23.64
CA ARG K 182 66.88 41.50 23.55
C ARG K 182 67.71 41.38 22.28
N ILE K 183 68.15 40.15 21.95
CA ILE K 183 68.95 39.95 20.74
C ILE K 183 68.14 40.32 19.50
N ALA K 184 66.88 39.86 19.44
CA ALA K 184 66.06 40.13 18.27
C ALA K 184 65.77 41.61 18.12
N VAL K 185 65.47 42.30 19.22
CA VAL K 185 65.17 43.72 19.16
C VAL K 185 66.42 44.52 18.76
N ALA K 186 67.58 44.15 19.30
CA ALA K 186 68.81 44.83 18.90
C ALA K 186 69.13 44.58 17.44
N ALA K 187 68.87 43.37 16.94
CA ALA K 187 69.10 43.07 15.54
C ALA K 187 68.17 43.90 14.65
N LEU K 188 66.90 44.01 15.04
CA LEU K 188 65.97 44.86 14.30
C LEU K 188 66.37 46.33 14.36
N ARG K 189 66.97 46.74 15.47
CA ARG K 189 67.42 48.13 15.62
C ARG K 189 68.53 48.46 14.63
N ALA K 190 69.43 47.51 14.40
CA ALA K 190 70.51 47.71 13.44
C ALA K 190 69.98 47.81 12.02
N LEU K 203 63.49 50.33 19.35
CA LEU K 203 62.06 50.20 19.07
C LEU K 203 61.31 49.80 20.34
N GLY K 204 60.38 50.65 20.75
CA GLY K 204 59.68 50.47 22.01
C GLY K 204 58.57 49.44 21.92
N VAL K 205 57.77 49.38 22.99
CA VAL K 205 56.63 48.47 23.02
C VAL K 205 55.66 48.78 21.90
N ALA K 206 55.35 50.06 21.72
CA ALA K 206 54.65 50.47 20.52
C ALA K 206 55.53 50.24 19.29
N SER K 207 54.88 50.00 18.16
CA SER K 207 55.58 49.69 16.90
C SER K 207 56.42 48.41 17.01
N LEU K 208 55.98 47.48 17.85
CA LEU K 208 56.68 46.21 18.02
C LEU K 208 55.65 45.12 18.31
N GLU K 209 55.57 44.13 17.44
CA GLU K 209 54.68 42.99 17.62
C GLU K 209 55.52 41.77 17.95
N VAL K 210 55.27 41.17 19.12
CA VAL K 210 56.06 40.06 19.62
C VAL K 210 55.13 38.92 19.99
N ALA K 211 55.48 37.70 19.60
CA ALA K 211 54.71 36.51 19.95
C ALA K 211 55.66 35.33 20.12
N VAL K 212 55.17 34.28 20.78
CA VAL K 212 55.96 33.09 21.03
C VAL K 212 55.14 31.85 20.69
N LEU K 213 55.79 30.88 20.06
CA LEU K 213 55.36 29.50 20.10
C LEU K 213 56.01 28.90 21.34
N ASP K 214 55.20 28.72 22.39
CA ASP K 214 55.69 28.30 23.70
C ASP K 214 55.50 26.80 23.82
N ALA K 215 56.61 26.06 23.77
CA ALA K 215 56.56 24.60 23.78
C ALA K 215 56.09 24.03 25.11
N ASN K 216 55.99 24.83 26.16
CA ASN K 216 55.56 24.34 27.46
C ASN K 216 54.05 24.34 27.63
N ARG K 217 53.30 24.92 26.70
CA ARG K 217 51.85 24.92 26.81
C ARG K 217 51.30 23.53 26.48
N PRO K 218 50.17 23.15 27.08
CA PRO K 218 49.62 21.80 26.84
C PRO K 218 49.19 21.55 25.39
N ARG K 219 48.30 22.37 24.83
CA ARG K 219 47.84 22.14 23.46
C ARG K 219 48.23 23.25 22.50
N ARG K 220 47.85 24.50 22.76
CA ARG K 220 48.09 25.60 21.83
C ARG K 220 49.32 26.38 22.26
N ALA K 221 50.36 26.36 21.42
CA ALA K 221 51.62 26.99 21.75
C ALA K 221 51.63 28.50 21.57
N PHE K 222 50.88 29.02 20.60
CA PHE K 222 51.00 30.42 20.23
C PHE K 222 50.46 31.32 21.34
N ARG K 223 51.18 32.41 21.61
CA ARG K 223 50.87 33.29 22.71
C ARG K 223 51.45 34.67 22.42
N ARG K 224 50.65 35.70 22.57
CA ARG K 224 51.05 37.07 22.22
C ARG K 224 51.57 37.80 23.45
N ILE K 225 52.78 38.34 23.35
CA ILE K 225 53.40 39.13 24.41
C ILE K 225 53.13 40.59 24.09
N THR K 226 52.18 41.19 24.81
CA THR K 226 51.75 42.55 24.52
C THR K 226 51.46 43.29 25.83
N GLY K 227 51.44 44.62 25.72
CA GLY K 227 51.09 45.46 26.85
C GLY K 227 52.18 45.59 27.89
N SER K 228 51.78 45.54 29.17
CA SER K 228 52.75 45.69 30.24
C SER K 228 53.70 44.50 30.31
N ALA K 229 53.27 43.32 29.83
CA ALA K 229 54.13 42.15 29.84
C ALA K 229 55.36 42.36 28.96
N LEU K 230 55.16 42.88 27.75
CA LEU K 230 56.29 43.15 26.87
C LEU K 230 57.16 44.25 27.43
N GLN K 231 56.55 45.30 27.99
CA GLN K 231 57.32 46.41 28.54
C GLN K 231 58.21 45.95 29.68
N ALA K 232 57.66 45.14 30.59
CA ALA K 232 58.46 44.60 31.69
C ALA K 232 59.54 43.66 31.18
N LEU K 233 59.21 42.82 30.20
CA LEU K 233 60.16 41.84 29.71
C LEU K 233 61.26 42.50 28.88
N LEU K 234 60.94 43.54 28.11
CA LEU K 234 61.88 44.14 27.18
C LEU K 234 63.06 44.80 27.90
N SER L 8 58.52 34.02 -32.08
CA SER L 8 58.19 32.91 -32.97
C SER L 8 58.36 31.58 -32.24
N PRO L 9 57.68 30.54 -32.73
CA PRO L 9 57.81 29.22 -32.09
C PRO L 9 59.25 28.74 -31.93
N GLU L 10 60.12 28.94 -32.92
CA GLU L 10 61.49 28.48 -32.77
C GLU L 10 62.19 29.18 -31.60
N GLN L 11 62.13 30.51 -31.59
CA GLN L 11 62.74 31.26 -30.49
C GLN L 11 62.04 30.99 -29.17
N ALA L 12 60.71 30.88 -29.19
CA ALA L 12 59.97 30.62 -27.95
C ALA L 12 60.40 29.31 -27.32
N MET L 13 60.40 28.22 -28.11
CA MET L 13 60.80 26.93 -27.56
C MET L 13 62.27 26.92 -27.16
N ARG L 14 63.13 27.56 -27.95
CA ARG L 14 64.55 27.56 -27.60
C ARG L 14 64.80 28.31 -26.29
N GLU L 15 64.17 29.47 -26.11
CA GLU L 15 64.37 30.25 -24.90
C GLU L 15 63.75 29.56 -23.70
N ARG L 16 62.60 28.94 -23.88
CA ARG L 16 61.98 28.15 -22.82
C ARG L 16 62.88 26.99 -22.40
N SER L 17 63.46 26.29 -23.38
CA SER L 17 64.38 25.19 -23.09
C SER L 17 65.62 25.70 -22.37
N GLU L 18 66.14 26.86 -22.78
CA GLU L 18 67.30 27.42 -22.08
C GLU L 18 66.94 27.78 -20.64
N LEU L 19 65.76 28.36 -20.42
CA LEU L 19 65.32 28.65 -19.06
C LEU L 19 65.34 27.41 -18.20
N ALA L 20 64.72 26.32 -18.69
CA ALA L 20 64.67 25.09 -17.90
C ALA L 20 66.06 24.51 -17.69
N ARG L 21 66.89 24.49 -18.73
CA ARG L 21 68.23 23.91 -18.60
C ARG L 21 69.08 24.69 -17.61
N LYS L 22 69.01 26.02 -17.64
CA LYS L 22 69.79 26.82 -16.71
C LYS L 22 69.24 26.71 -15.29
N GLY L 23 67.93 26.50 -15.14
CA GLY L 23 67.41 26.19 -13.82
C GLY L 23 67.94 24.87 -13.29
N ILE L 24 68.14 23.90 -14.18
CA ILE L 24 68.71 22.62 -13.77
C ILE L 24 70.19 22.76 -13.42
N ALA L 25 70.92 23.59 -14.17
CA ALA L 25 72.38 23.68 -13.98
C ALA L 25 72.72 24.22 -12.60
N ARG L 26 71.94 25.17 -12.09
CA ARG L 26 72.18 25.73 -10.76
C ARG L 26 71.39 24.99 -9.68
N ALA L 27 71.54 23.67 -9.67
CA ALA L 27 70.90 22.83 -8.68
C ALA L 27 71.88 21.74 -8.25
N LYS L 28 71.58 21.11 -7.13
CA LYS L 28 72.44 20.05 -6.64
C LYS L 28 72.30 18.81 -7.52
N SER L 29 73.22 17.88 -7.34
CA SER L 29 73.36 16.72 -8.22
C SER L 29 72.90 15.45 -7.50
N VAL L 30 72.24 14.58 -8.25
CA VAL L 30 71.76 13.29 -7.76
C VAL L 30 72.39 12.19 -8.60
N VAL L 31 72.76 11.09 -7.95
CA VAL L 31 73.35 9.93 -8.60
C VAL L 31 72.50 8.72 -8.25
N ALA L 32 72.05 7.98 -9.26
CA ALA L 32 71.32 6.73 -9.05
C ALA L 32 72.05 5.65 -9.83
N LEU L 33 72.59 4.65 -9.11
CA LEU L 33 73.33 3.60 -9.78
C LEU L 33 72.87 2.23 -9.31
N ALA L 34 72.87 1.27 -10.23
CA ALA L 34 72.52 -0.10 -9.91
C ALA L 34 73.70 -0.79 -9.24
N TYR L 35 73.48 -1.27 -8.02
CA TYR L 35 74.46 -2.07 -7.29
C TYR L 35 73.90 -3.47 -7.11
N ALA L 36 74.71 -4.33 -6.49
CA ALA L 36 74.42 -5.77 -6.46
C ALA L 36 73.02 -6.04 -5.93
N GLY L 37 72.64 -5.42 -4.82
CA GLY L 37 71.36 -5.64 -4.20
C GLY L 37 70.20 -4.80 -4.71
N GLY L 38 70.42 -4.00 -5.74
CA GLY L 38 69.33 -3.16 -6.24
C GLY L 38 69.79 -1.84 -6.78
N VAL L 39 69.19 -0.74 -6.31
CA VAL L 39 69.52 0.60 -6.78
C VAL L 39 69.90 1.46 -5.60
N LEU L 40 70.89 2.34 -5.80
CA LEU L 40 71.36 3.26 -4.77
C LEU L 40 71.16 4.69 -5.26
N PHE L 41 70.42 5.48 -4.49
CA PHE L 41 70.24 6.91 -4.71
C PHE L 41 71.08 7.67 -3.71
N VAL L 42 71.94 8.57 -4.21
CA VAL L 42 72.74 9.45 -3.37
C VAL L 42 72.56 10.87 -3.87
N ALA L 43 72.11 11.76 -3.00
CA ALA L 43 71.90 13.15 -3.34
C ALA L 43 72.57 14.04 -2.31
N GLU L 44 73.01 15.21 -2.76
CA GLU L 44 73.51 16.24 -1.87
C GLU L 44 72.32 17.09 -1.45
N ASN L 45 71.92 16.95 -0.19
CA ASN L 45 70.75 17.65 0.35
C ASN L 45 71.12 18.21 1.72
N PRO L 46 71.36 19.52 1.83
CA PRO L 46 71.75 20.08 3.13
C PRO L 46 70.70 19.90 4.22
N SER L 47 69.42 19.90 3.86
CA SER L 47 68.35 19.79 4.84
C SER L 47 67.96 18.33 5.06
N ARG L 48 67.28 18.09 6.18
CA ARG L 48 66.85 16.74 6.55
C ARG L 48 65.36 16.52 6.37
N SER L 49 64.57 17.56 6.13
CA SER L 49 63.13 17.43 5.94
C SER L 49 62.71 17.51 4.49
N LEU L 50 63.36 18.35 3.69
CA LEU L 50 63.09 18.41 2.25
C LEU L 50 63.94 17.36 1.56
N GLN L 51 63.29 16.45 0.83
CA GLN L 51 63.93 15.23 0.35
C GLN L 51 63.80 15.15 -1.16
N LYS L 52 64.92 14.88 -1.84
CA LYS L 52 64.94 14.72 -3.28
C LYS L 52 64.74 13.28 -3.72
N ILE L 53 64.73 12.33 -2.78
CA ILE L 53 64.60 10.91 -3.08
C ILE L 53 63.41 10.38 -2.30
N SER L 54 62.54 9.63 -2.97
CA SER L 54 61.38 9.07 -2.30
C SER L 54 61.01 7.75 -2.95
N GLU L 55 59.92 7.17 -2.47
CA GLU L 55 59.39 5.91 -2.96
C GLU L 55 58.10 6.17 -3.73
N LEU L 56 58.02 5.64 -4.94
CA LEU L 56 56.79 5.72 -5.71
C LEU L 56 55.89 4.52 -5.46
N TYR L 57 56.47 3.33 -5.37
CA TYR L 57 55.68 2.11 -5.19
C TYR L 57 56.61 1.03 -4.65
N ASP L 58 56.04 -0.18 -4.49
CA ASP L 58 56.69 -1.25 -3.74
C ASP L 58 58.12 -1.49 -4.22
N ARG L 59 58.31 -1.55 -5.53
CA ARG L 59 59.65 -1.72 -6.09
C ARG L 59 60.09 -0.53 -6.93
N VAL L 60 59.39 0.60 -6.86
CA VAL L 60 59.68 1.74 -7.72
C VAL L 60 60.08 2.92 -6.85
N GLY L 61 61.26 3.47 -7.12
CA GLY L 61 61.78 4.62 -6.42
C GLY L 61 61.98 5.81 -7.31
N PHE L 62 62.03 6.99 -6.68
CA PHE L 62 61.97 8.28 -7.38
C PHE L 62 63.15 9.12 -6.93
N ALA L 63 63.80 9.78 -7.88
CA ALA L 63 64.83 10.76 -7.57
C ALA L 63 64.66 11.95 -8.50
N ALA L 64 65.02 13.13 -8.01
CA ALA L 64 64.79 14.33 -8.80
C ALA L 64 65.84 15.38 -8.52
N ALA L 65 66.10 16.22 -9.52
CA ALA L 65 67.01 17.35 -9.39
C ALA L 65 66.34 18.58 -9.98
N GLY L 66 66.39 19.70 -9.26
CA GLY L 66 65.81 20.92 -9.76
C GLY L 66 65.03 21.69 -8.71
N LYS L 67 64.05 22.46 -9.16
CA LYS L 67 63.24 23.25 -8.23
C LYS L 67 62.38 22.31 -7.38
N PHE L 68 62.43 22.50 -6.05
CA PHE L 68 61.88 21.50 -5.16
C PHE L 68 60.36 21.39 -5.26
N ASN L 69 59.66 22.53 -5.31
CA ASN L 69 58.20 22.46 -5.31
C ASN L 69 57.68 21.78 -6.56
N GLU L 70 58.34 21.99 -7.69
CA GLU L 70 57.91 21.38 -8.94
C GLU L 70 58.06 19.85 -8.91
N PHE L 71 59.24 19.36 -8.53
CA PHE L 71 59.37 17.91 -8.54
C PHE L 71 58.68 17.25 -7.36
N ASP L 72 58.41 18.01 -6.28
CA ASP L 72 57.54 17.50 -5.23
C ASP L 72 56.12 17.31 -5.76
N ASN L 73 55.64 18.27 -6.56
CA ASN L 73 54.35 18.11 -7.23
C ASN L 73 54.34 16.88 -8.13
N LEU L 74 55.41 16.70 -8.92
CA LEU L 74 55.50 15.53 -9.79
C LEU L 74 55.52 14.23 -8.99
N ARG L 75 56.25 14.22 -7.88
CA ARG L 75 56.35 13.02 -7.05
C ARG L 75 55.00 12.65 -6.46
N ARG L 76 54.25 13.66 -5.99
CA ARG L 76 52.91 13.38 -5.47
C ARG L 76 51.99 12.86 -6.57
N GLY L 77 52.06 13.45 -7.76
CA GLY L 77 51.25 12.95 -8.86
C GLY L 77 51.57 11.52 -9.23
N GLY L 78 52.87 11.19 -9.25
CA GLY L 78 53.27 9.82 -9.56
C GLY L 78 52.83 8.82 -8.51
N ILE L 79 52.88 9.22 -7.23
CA ILE L 79 52.38 8.33 -6.18
C ILE L 79 50.89 8.11 -6.33
N GLN L 80 50.15 9.18 -6.64
CA GLN L 80 48.71 9.04 -6.88
C GLN L 80 48.44 8.06 -8.01
N PHE L 81 49.17 8.21 -9.13
CA PHE L 81 48.98 7.32 -10.27
C PHE L 81 49.31 5.89 -9.91
N ALA L 82 50.44 5.67 -9.23
CA ALA L 82 50.84 4.31 -8.88
C ALA L 82 49.84 3.64 -7.95
N ASP L 83 49.34 4.37 -6.96
CA ASP L 83 48.40 3.78 -6.02
C ASP L 83 47.07 3.46 -6.70
N THR L 84 46.57 4.38 -7.53
CA THR L 84 45.33 4.11 -8.25
C THR L 84 45.50 2.92 -9.19
N ARG L 85 46.62 2.86 -9.91
CA ARG L 85 46.87 1.77 -10.85
C ARG L 85 46.99 0.43 -10.13
N GLY L 86 47.68 0.41 -8.98
CA GLY L 86 47.81 -0.83 -8.24
C GLY L 86 46.50 -1.29 -7.65
N TYR L 87 45.65 -0.36 -7.19
CA TYR L 87 44.35 -0.75 -6.68
C TYR L 87 43.43 -1.25 -7.80
N ALA L 88 43.53 -0.64 -8.98
CA ALA L 88 42.62 -1.00 -10.07
C ALA L 88 42.89 -2.42 -10.59
N TYR L 89 44.15 -2.81 -10.72
CA TYR L 89 44.47 -4.12 -11.26
C TYR L 89 45.16 -5.03 -10.24
N ASP L 90 46.35 -4.66 -9.78
CA ASP L 90 47.14 -5.45 -8.84
C ASP L 90 48.42 -4.68 -8.56
N ARG L 91 49.08 -5.01 -7.45
CA ARG L 91 50.32 -4.35 -7.12
C ARG L 91 51.43 -4.73 -8.09
N ARG L 92 51.46 -6.00 -8.52
CA ARG L 92 52.51 -6.45 -9.43
C ARG L 92 52.30 -5.97 -10.86
N ASP L 93 51.15 -5.38 -11.15
CA ASP L 93 50.91 -4.80 -12.47
C ASP L 93 51.51 -3.40 -12.61
N VAL L 94 51.98 -2.81 -11.53
CA VAL L 94 52.62 -1.50 -11.58
C VAL L 94 54.11 -1.70 -11.85
N THR L 95 54.60 -1.06 -12.89
CA THR L 95 56.00 -1.16 -13.28
C THR L 95 56.62 0.24 -13.34
N GLY L 96 57.95 0.27 -13.37
CA GLY L 96 58.65 1.55 -13.46
C GLY L 96 58.47 2.21 -14.82
N ARG L 97 58.31 1.42 -15.87
CA ARG L 97 58.17 1.99 -17.21
C ARG L 97 56.88 2.78 -17.35
N GLN L 98 55.79 2.30 -16.74
CA GLN L 98 54.53 3.04 -16.80
C GLN L 98 54.64 4.38 -16.09
N LEU L 99 55.27 4.40 -14.92
CA LEU L 99 55.46 5.66 -14.21
C LEU L 99 56.36 6.60 -15.00
N ALA L 100 57.40 6.05 -15.63
CA ALA L 100 58.27 6.87 -16.47
C ALA L 100 57.51 7.47 -17.65
N ASN L 101 56.63 6.68 -18.26
CA ASN L 101 55.84 7.18 -19.39
C ASN L 101 54.86 8.25 -18.95
N VAL L 102 54.24 8.08 -17.78
CA VAL L 102 53.33 9.10 -17.26
C VAL L 102 54.09 10.39 -16.99
N TYR L 103 55.27 10.28 -16.40
CA TYR L 103 56.10 11.46 -16.17
C TYR L 103 56.49 12.13 -17.47
N ALA L 104 56.84 11.34 -18.49
CA ALA L 104 57.20 11.91 -19.77
C ALA L 104 56.03 12.67 -20.39
N GLN L 105 54.82 12.09 -20.35
CA GLN L 105 53.66 12.78 -20.88
C GLN L 105 53.41 14.09 -20.15
N THR L 106 53.41 14.05 -18.81
CA THR L 106 53.09 15.26 -18.07
C THR L 106 54.17 16.33 -18.23
N LEU L 107 55.45 15.93 -18.32
CA LEU L 107 56.50 16.92 -18.49
C LEU L 107 56.47 17.54 -19.88
N GLY L 108 56.19 16.74 -20.91
CA GLY L 108 56.03 17.33 -22.24
C GLY L 108 54.87 18.30 -22.30
N THR L 109 53.74 17.93 -21.68
CA THR L 109 52.60 18.84 -21.65
C THR L 109 52.92 20.13 -20.91
N ILE L 110 53.61 20.02 -19.77
CA ILE L 110 54.01 21.21 -19.02
C ILE L 110 54.94 22.08 -19.85
N PHE L 111 55.90 21.45 -20.53
CA PHE L 111 56.88 22.21 -21.30
C PHE L 111 56.22 22.98 -22.43
N THR L 112 55.27 22.36 -23.14
CA THR L 112 54.65 23.08 -24.24
C THR L 112 53.60 24.09 -23.78
N GLU L 113 52.85 23.77 -22.71
CA GLU L 113 51.63 24.50 -22.37
C GLU L 113 51.80 25.49 -21.23
N GLN L 114 52.45 25.10 -20.15
CA GLN L 114 52.47 25.94 -18.95
C GLN L 114 53.27 27.21 -19.20
N ALA L 115 52.94 28.25 -18.41
CA ALA L 115 53.57 29.55 -18.58
C ALA L 115 55.08 29.48 -18.37
N LYS L 116 55.50 28.75 -17.34
CA LYS L 116 56.91 28.47 -17.11
C LYS L 116 57.13 26.97 -17.12
N PRO L 117 58.10 26.47 -17.87
CA PRO L 117 58.40 25.03 -17.82
C PRO L 117 58.92 24.64 -16.46
N TYR L 118 58.73 23.37 -16.12
CA TYR L 118 59.32 22.84 -14.91
C TYR L 118 60.83 22.68 -15.09
N GLU L 119 61.58 23.11 -14.10
CA GLU L 119 63.04 22.95 -14.11
C GLU L 119 63.42 21.74 -13.25
N VAL L 120 63.16 20.56 -13.81
CA VAL L 120 63.37 19.31 -13.09
C VAL L 120 63.98 18.28 -14.03
N GLU L 121 64.64 17.30 -13.43
CA GLU L 121 65.01 16.05 -14.08
C GLU L 121 64.66 14.93 -13.12
N LEU L 122 64.01 13.90 -13.64
CA LEU L 122 63.55 12.78 -12.82
C LEU L 122 64.28 11.50 -13.21
N CYS L 123 64.48 10.64 -12.22
CA CYS L 123 64.87 9.26 -12.45
C CYS L 123 63.86 8.38 -11.75
N VAL L 124 63.31 7.44 -12.51
CA VAL L 124 62.44 6.40 -11.98
C VAL L 124 63.23 5.11 -12.03
N ALA L 125 63.43 4.49 -10.87
CA ALA L 125 64.20 3.26 -10.77
C ALA L 125 63.30 2.13 -10.32
N GLU L 126 63.52 0.95 -10.88
CA GLU L 126 62.72 -0.23 -10.56
C GLU L 126 63.62 -1.42 -10.35
N VAL L 127 63.40 -2.16 -9.27
CA VAL L 127 64.12 -3.38 -8.99
C VAL L 127 63.15 -4.56 -9.14
N ALA L 128 63.72 -5.77 -9.16
CA ALA L 128 62.91 -6.96 -9.37
C ALA L 128 62.08 -7.27 -8.14
N HIS L 129 60.96 -7.97 -8.38
CA HIS L 129 60.14 -8.43 -7.27
C HIS L 129 60.89 -9.49 -6.47
N TYR L 130 60.54 -9.60 -5.19
CA TYR L 130 61.26 -10.51 -4.32
C TYR L 130 61.12 -11.95 -4.80
N GLY L 131 62.20 -12.71 -4.69
CA GLY L 131 62.22 -14.04 -5.24
C GLY L 131 62.36 -14.09 -6.74
N GLU L 132 62.82 -13.01 -7.35
CA GLU L 132 63.01 -12.94 -8.79
C GLU L 132 64.31 -12.20 -9.08
N THR L 133 64.98 -12.62 -10.15
CA THR L 133 66.17 -11.96 -10.64
C THR L 133 65.85 -11.13 -11.87
N LYS L 134 66.45 -9.95 -11.96
CA LYS L 134 66.28 -9.05 -13.08
C LYS L 134 67.24 -7.88 -12.91
N ARG L 135 67.79 -7.41 -14.01
CA ARG L 135 68.62 -6.22 -13.96
C ARG L 135 67.76 -5.00 -13.68
N PRO L 136 68.10 -4.17 -12.70
CA PRO L 136 67.26 -2.99 -12.39
C PRO L 136 67.16 -2.05 -13.57
N GLU L 137 66.03 -1.36 -13.65
CA GLU L 137 65.75 -0.44 -14.74
C GLU L 137 65.80 1.00 -14.23
N LEU L 138 66.55 1.85 -14.91
CA LEU L 138 66.61 3.27 -14.61
C LEU L 138 66.11 4.05 -15.82
N TYR L 139 65.18 4.96 -15.57
CA TYR L 139 64.65 5.83 -16.62
C TYR L 139 64.90 7.28 -16.23
N ARG L 140 65.51 8.02 -17.13
CA ARG L 140 65.71 9.45 -16.94
C ARG L 140 64.70 10.22 -17.79
N ILE L 141 63.94 11.08 -17.15
CA ILE L 141 62.97 11.94 -17.81
C ILE L 141 63.43 13.39 -17.65
N THR L 142 63.50 14.11 -18.76
CA THR L 142 64.06 15.44 -18.78
C THR L 142 62.96 16.49 -18.73
N TYR L 143 63.36 17.76 -18.73
CA TYR L 143 62.44 18.85 -18.48
C TYR L 143 61.34 18.95 -19.55
N ASP L 144 61.62 18.49 -20.76
CA ASP L 144 60.66 18.59 -21.86
C ASP L 144 59.95 17.28 -22.14
N GLY L 145 60.14 16.26 -21.31
CA GLY L 145 59.47 14.99 -21.50
C GLY L 145 60.26 13.95 -22.26
N SER L 146 61.51 14.22 -22.61
CA SER L 146 62.35 13.20 -23.21
C SER L 146 62.66 12.12 -22.18
N ILE L 147 62.57 10.87 -22.59
CA ILE L 147 62.75 9.73 -21.70
C ILE L 147 63.84 8.84 -22.28
N ALA L 148 64.75 8.40 -21.41
CA ALA L 148 65.86 7.56 -21.83
C ALA L 148 66.03 6.41 -20.84
N ASP L 149 66.26 5.22 -21.37
CA ASP L 149 66.52 4.04 -20.56
C ASP L 149 68.04 3.99 -20.35
N GLU L 150 68.47 4.17 -19.09
CA GLU L 150 69.88 4.15 -18.76
C GLU L 150 70.23 2.80 -18.13
N PRO L 151 71.17 2.05 -18.72
CA PRO L 151 71.41 0.69 -18.20
C PRO L 151 72.06 0.65 -16.83
N HIS L 152 73.02 1.55 -16.56
CA HIS L 152 73.88 1.41 -15.38
C HIS L 152 73.66 2.49 -14.34
N PHE L 153 73.63 3.77 -14.73
CA PHE L 153 73.46 4.83 -13.75
C PHE L 153 72.92 6.08 -14.43
N VAL L 154 72.33 6.94 -13.61
CA VAL L 154 71.80 8.23 -14.03
C VAL L 154 72.41 9.30 -13.13
N VAL L 155 72.80 10.42 -13.73
CA VAL L 155 73.27 11.59 -12.99
C VAL L 155 72.41 12.78 -13.40
N MET L 156 71.88 13.49 -12.40
CA MET L 156 70.92 14.55 -12.63
C MET L 156 71.38 15.83 -11.95
N GLY L 157 71.11 16.95 -12.60
CA GLY L 157 71.31 18.25 -11.98
C GLY L 157 72.74 18.68 -11.82
N GLY L 158 72.96 19.99 -11.74
CA GLY L 158 74.30 20.52 -11.57
C GLY L 158 75.12 20.38 -12.84
N THR L 159 76.44 20.34 -12.65
CA THR L 159 77.38 20.08 -13.75
C THR L 159 77.60 18.58 -13.80
N THR L 160 76.82 17.91 -14.66
CA THR L 160 76.79 16.46 -14.67
C THR L 160 77.99 15.82 -15.34
N GLU L 161 78.78 16.58 -16.09
CA GLU L 161 79.92 15.98 -16.81
C GLU L 161 80.97 15.40 -15.88
N PRO L 162 81.46 16.09 -14.83
CA PRO L 162 82.45 15.45 -13.96
C PRO L 162 81.96 14.18 -13.29
N ILE L 163 80.73 14.20 -12.74
CA ILE L 163 80.21 13.02 -12.08
C ILE L 163 80.02 11.89 -13.07
N ALA L 164 79.48 12.20 -14.25
CA ALA L 164 79.27 11.17 -15.25
C ALA L 164 80.59 10.55 -15.71
N ASN L 165 81.62 11.37 -15.92
CA ASN L 165 82.91 10.85 -16.34
C ASN L 165 83.53 9.98 -15.26
N ALA L 166 83.51 10.45 -14.01
CA ALA L 166 84.08 9.68 -12.91
C ALA L 166 83.34 8.36 -12.74
N LEU L 167 82.01 8.38 -12.84
CA LEU L 167 81.23 7.16 -12.73
C LEU L 167 81.53 6.20 -13.87
N LYS L 168 81.60 6.71 -15.10
CA LYS L 168 81.88 5.85 -16.25
C LYS L 168 83.24 5.18 -16.12
N GLU L 169 84.25 5.94 -15.68
CA GLU L 169 85.56 5.34 -15.47
C GLU L 169 85.59 4.42 -14.27
N SER L 170 84.69 4.61 -13.30
CA SER L 170 84.82 3.97 -12.00
C SER L 170 83.72 2.97 -11.67
N TYR L 171 82.67 2.86 -12.50
CA TYR L 171 81.54 2.01 -12.15
C TYR L 171 81.88 0.53 -12.33
N ALA L 172 81.63 -0.25 -11.28
CA ALA L 172 81.79 -1.70 -11.32
C ALA L 172 80.45 -2.34 -11.00
N GLU L 173 80.02 -3.26 -11.87
CA GLU L 173 78.74 -3.93 -11.68
C GLU L 173 78.80 -4.92 -10.53
N ASN L 174 77.63 -5.24 -9.99
CA ASN L 174 77.50 -6.16 -8.85
C ASN L 174 78.31 -5.68 -7.65
N ALA L 175 78.52 -4.38 -7.55
CA ALA L 175 79.28 -3.82 -6.44
C ALA L 175 78.47 -3.91 -5.14
N SER L 176 79.19 -4.03 -4.03
CA SER L 176 78.53 -4.08 -2.73
C SER L 176 77.93 -2.73 -2.40
N LEU L 177 77.08 -2.70 -1.37
CA LEU L 177 76.45 -1.45 -0.97
C LEU L 177 77.48 -0.43 -0.51
N THR L 178 78.45 -0.88 0.32
CA THR L 178 79.51 0.03 0.76
C THR L 178 80.35 0.50 -0.41
N ASP L 179 80.73 -0.42 -1.30
CA ASP L 179 81.53 -0.04 -2.46
C ASP L 179 80.77 0.92 -3.36
N ALA L 180 79.48 0.65 -3.58
CA ALA L 180 78.69 1.53 -4.44
C ALA L 180 78.53 2.91 -3.82
N LEU L 181 78.32 2.98 -2.50
CA LEU L 181 78.23 4.28 -1.85
C LEU L 181 79.54 5.04 -1.97
N ARG L 182 80.68 4.35 -1.78
CA ARG L 182 81.97 5.00 -1.92
C ARG L 182 82.17 5.53 -3.33
N ILE L 183 81.82 4.73 -4.34
CA ILE L 183 81.97 5.15 -5.73
C ILE L 183 81.10 6.37 -6.02
N ALA L 184 79.85 6.34 -5.57
CA ALA L 184 78.93 7.43 -5.84
C ALA L 184 79.37 8.72 -5.17
N VAL L 185 79.79 8.64 -3.91
CA VAL L 185 80.26 9.84 -3.22
C VAL L 185 81.53 10.37 -3.86
N ALA L 186 82.43 9.48 -4.27
CA ALA L 186 83.65 9.91 -4.94
C ALA L 186 83.35 10.66 -6.22
N ALA L 187 82.42 10.13 -7.04
CA ALA L 187 82.07 10.81 -8.28
C ALA L 187 81.35 12.12 -8.00
N LEU L 188 80.50 12.15 -6.97
CA LEU L 188 79.76 13.36 -6.64
C LEU L 188 80.68 14.46 -6.14
N ARG L 189 81.75 14.10 -5.43
CA ARG L 189 82.75 15.07 -5.01
C ARG L 189 83.45 15.68 -6.21
N ALA L 190 83.76 14.86 -7.22
CA ALA L 190 84.41 15.35 -8.43
C ALA L 190 83.45 16.16 -9.28
N LEU L 203 81.61 14.26 -0.43
CA LEU L 203 81.02 15.10 0.60
C LEU L 203 81.03 14.41 1.95
N GLY L 204 80.62 15.15 2.98
CA GLY L 204 80.52 14.58 4.31
C GLY L 204 79.27 13.74 4.48
N VAL L 205 79.19 13.09 5.64
CA VAL L 205 78.07 12.21 5.93
C VAL L 205 76.79 13.01 6.18
N ALA L 206 76.92 14.15 6.86
CA ALA L 206 75.84 15.12 6.81
C ALA L 206 75.76 15.72 5.41
N SER L 207 74.65 16.39 5.13
CA SER L 207 74.38 16.97 3.81
C SER L 207 74.30 15.89 2.73
N LEU L 208 74.05 14.65 3.12
CA LEU L 208 73.85 13.55 2.18
C LEU L 208 72.49 12.91 2.44
N GLU L 209 71.74 12.68 1.38
CA GLU L 209 70.52 11.87 1.43
C GLU L 209 70.79 10.58 0.67
N VAL L 210 70.71 9.45 1.36
CA VAL L 210 71.03 8.14 0.79
C VAL L 210 69.83 7.24 0.96
N ALA L 211 69.40 6.62 -0.13
CA ALA L 211 68.32 5.65 -0.09
C ALA L 211 68.67 4.49 -1.02
N VAL L 212 68.02 3.35 -0.79
CA VAL L 212 68.23 2.16 -1.59
C VAL L 212 66.89 1.55 -1.96
N LEU L 213 66.80 1.09 -3.19
CA LEU L 213 65.81 0.08 -3.58
C LEU L 213 66.49 -1.26 -3.39
N ASP L 214 66.12 -1.95 -2.31
CA ASP L 214 66.76 -3.19 -1.88
C ASP L 214 65.95 -4.35 -2.41
N ALA L 215 66.48 -5.03 -3.43
CA ALA L 215 65.74 -6.11 -4.08
C ALA L 215 65.52 -7.30 -3.17
N ASN L 216 66.23 -7.38 -2.05
CA ASN L 216 66.05 -8.47 -1.09
C ASN L 216 64.89 -8.24 -0.14
N ARG L 217 64.25 -7.10 -0.21
CA ARG L 217 63.13 -6.82 0.69
C ARG L 217 61.85 -7.48 0.17
N PRO L 218 61.04 -8.06 1.05
CA PRO L 218 59.89 -8.85 0.59
C PRO L 218 58.86 -8.07 -0.22
N ARG L 219 58.32 -6.97 0.32
CA ARG L 219 57.28 -6.22 -0.37
C ARG L 219 57.73 -4.83 -0.77
N ARG L 220 58.13 -3.99 0.18
CA ARG L 220 58.56 -2.63 -0.10
C ARG L 220 60.09 -2.57 -0.10
N ALA L 221 60.65 -2.20 -1.24
CA ALA L 221 62.11 -2.21 -1.40
C ALA L 221 62.77 -0.92 -0.94
N PHE L 222 62.03 0.17 -0.82
CA PHE L 222 62.65 1.45 -0.51
C PHE L 222 63.06 1.52 0.95
N ARG L 223 64.28 1.99 1.19
CA ARG L 223 64.84 2.04 2.53
C ARG L 223 65.83 3.18 2.62
N ARG L 224 65.66 4.05 3.61
CA ARG L 224 66.54 5.19 3.79
C ARG L 224 67.69 4.85 4.71
N ILE L 225 68.88 5.37 4.39
CA ILE L 225 70.07 5.18 5.20
C ILE L 225 70.48 6.53 5.74
N THR L 226 70.52 6.66 7.07
CA THR L 226 70.77 7.94 7.70
C THR L 226 71.39 7.74 9.06
N GLY L 227 71.91 8.82 9.64
CA GLY L 227 72.43 8.78 10.99
C GLY L 227 73.73 8.01 11.08
N SER L 228 73.92 7.34 12.21
CA SER L 228 75.14 6.54 12.40
C SER L 228 75.15 5.31 11.50
N ALA L 229 73.97 4.86 11.04
CA ALA L 229 73.94 3.78 10.06
C ALA L 229 74.64 4.18 8.78
N LEU L 230 74.36 5.40 8.29
CA LEU L 230 75.05 5.91 7.12
C LEU L 230 76.54 6.11 7.42
N GLN L 231 76.87 6.56 8.63
CA GLN L 231 78.26 6.75 9.02
C GLN L 231 79.04 5.44 8.94
N ALA L 232 78.46 4.37 9.48
CA ALA L 232 79.12 3.07 9.43
C ALA L 232 79.17 2.52 8.02
N LEU L 233 78.11 2.79 7.23
CA LEU L 233 78.10 2.31 5.86
C LEU L 233 79.09 3.07 4.99
N LEU L 234 79.44 4.29 5.37
CA LEU L 234 80.35 5.11 4.58
C LEU L 234 81.76 5.10 5.16
N SER M 8 50.60 37.12 -38.93
CA SER M 8 50.71 36.49 -40.25
C SER M 8 50.60 34.98 -40.14
N PRO M 9 49.47 34.42 -40.59
CA PRO M 9 49.31 32.96 -40.55
C PRO M 9 50.36 32.21 -41.33
N GLU M 10 50.85 32.76 -42.45
CA GLU M 10 51.78 32.01 -43.28
C GLU M 10 53.15 31.88 -42.61
N GLN M 11 53.64 32.96 -41.99
CA GLN M 11 54.91 32.88 -41.27
C GLN M 11 54.84 31.86 -40.15
N ALA M 12 53.78 31.93 -39.34
CA ALA M 12 53.61 31.01 -38.22
C ALA M 12 53.48 29.58 -38.72
N MET M 13 52.71 29.36 -39.78
CA MET M 13 52.55 28.02 -40.32
C MET M 13 53.87 27.46 -40.84
N ARG M 14 54.66 28.29 -41.53
CA ARG M 14 55.93 27.83 -42.06
C ARG M 14 56.91 27.49 -40.93
N GLU M 15 56.94 28.30 -39.87
CA GLU M 15 57.86 27.98 -38.79
C GLU M 15 57.40 26.78 -37.98
N ARG M 16 56.08 26.56 -37.85
CA ARG M 16 55.60 25.33 -37.25
C ARG M 16 56.02 24.12 -38.08
N SER M 17 55.87 24.23 -39.41
CA SER M 17 56.27 23.14 -40.28
C SER M 17 57.76 22.86 -40.18
N GLU M 18 58.57 23.92 -40.09
CA GLU M 18 60.02 23.73 -39.96
C GLU M 18 60.38 23.12 -38.62
N LEU M 19 59.68 23.51 -37.54
CA LEU M 19 59.92 22.89 -36.25
C LEU M 19 59.65 21.40 -36.30
N ALA M 20 58.50 21.01 -36.87
CA ALA M 20 58.17 19.60 -36.98
C ALA M 20 59.18 18.85 -37.86
N ARG M 21 59.57 19.45 -38.97
CA ARG M 21 60.52 18.80 -39.87
C ARG M 21 61.89 18.63 -39.23
N LYS M 22 62.35 19.65 -38.51
CA LYS M 22 63.62 19.56 -37.81
C LYS M 22 63.58 18.48 -36.73
N GLY M 23 62.47 18.40 -36.00
CA GLY M 23 62.33 17.33 -35.02
C GLY M 23 62.36 15.96 -35.66
N ILE M 24 61.68 15.80 -36.80
CA ILE M 24 61.65 14.52 -37.49
C ILE M 24 63.03 14.13 -37.97
N ALA M 25 63.78 15.09 -38.51
CA ALA M 25 65.07 14.78 -39.12
C ALA M 25 66.06 14.21 -38.11
N ARG M 26 66.01 14.68 -36.87
CA ARG M 26 66.92 14.17 -35.84
C ARG M 26 66.29 13.03 -35.06
N ALA M 27 65.76 12.05 -35.79
CA ALA M 27 65.13 10.88 -35.19
C ALA M 27 65.62 9.64 -35.92
N LYS M 28 65.57 8.51 -35.22
CA LYS M 28 65.97 7.25 -35.84
C LYS M 28 64.94 6.82 -36.86
N SER M 29 65.38 6.07 -37.86
CA SER M 29 64.56 5.74 -39.00
C SER M 29 63.82 4.42 -38.81
N VAL M 30 62.60 4.37 -39.33
CA VAL M 30 61.78 3.15 -39.31
C VAL M 30 61.45 2.81 -40.75
N VAL M 31 61.55 1.52 -41.09
CA VAL M 31 61.17 1.03 -42.41
C VAL M 31 60.10 -0.02 -42.25
N ALA M 32 58.98 0.17 -42.94
CA ALA M 32 57.90 -0.81 -43.01
C ALA M 32 57.79 -1.26 -44.45
N LEU M 33 57.91 -2.57 -44.69
CA LEU M 33 57.87 -3.05 -46.07
C LEU M 33 57.08 -4.35 -46.15
N ALA M 34 56.44 -4.55 -47.30
CA ALA M 34 55.59 -5.70 -47.52
C ALA M 34 56.42 -6.86 -48.03
N TYR M 35 56.37 -7.97 -47.32
CA TYR M 35 56.98 -9.23 -47.73
C TYR M 35 55.88 -10.27 -47.90
N ALA M 36 56.29 -11.50 -48.28
CA ALA M 36 55.33 -12.52 -48.69
C ALA M 36 54.30 -12.78 -47.61
N GLY M 37 54.72 -12.85 -46.35
CA GLY M 37 53.79 -13.13 -45.27
C GLY M 37 53.07 -11.95 -44.69
N GLY M 38 53.33 -10.73 -45.17
CA GLY M 38 52.67 -9.58 -44.60
C GLY M 38 53.51 -8.32 -44.59
N VAL M 39 53.63 -7.68 -43.43
CA VAL M 39 54.39 -6.45 -43.30
C VAL M 39 55.49 -6.67 -42.27
N LEU M 40 56.67 -6.10 -42.54
CA LEU M 40 57.82 -6.18 -41.65
C LEU M 40 58.25 -4.77 -41.28
N PHE M 41 58.29 -4.48 -39.98
CA PHE M 41 58.78 -3.23 -39.44
C PHE M 41 60.16 -3.44 -38.85
N VAL M 42 61.11 -2.58 -39.21
CA VAL M 42 62.44 -2.57 -38.63
C VAL M 42 62.78 -1.13 -38.25
N ALA M 43 63.19 -0.94 -36.99
CA ALA M 43 63.47 0.39 -36.48
C ALA M 43 64.78 0.39 -35.71
N GLU M 44 65.58 1.43 -35.90
CA GLU M 44 66.76 1.66 -35.08
C GLU M 44 66.32 2.10 -33.70
N ASN M 45 66.49 1.25 -32.70
CA ASN M 45 66.00 1.52 -31.35
C ASN M 45 66.89 0.83 -30.35
N PRO M 46 67.81 1.56 -29.72
CA PRO M 46 68.68 0.94 -28.70
C PRO M 46 67.92 0.43 -27.48
N SER M 47 66.83 1.09 -27.09
CA SER M 47 66.14 0.74 -25.86
C SER M 47 65.14 -0.38 -26.10
N ARG M 48 65.19 -1.41 -25.25
CA ARG M 48 64.24 -2.52 -25.35
C ARG M 48 62.92 -2.21 -24.66
N SER M 49 62.89 -1.26 -23.73
CA SER M 49 61.68 -0.98 -22.97
C SER M 49 60.76 -0.03 -23.72
N LEU M 50 61.32 0.99 -24.36
CA LEU M 50 60.53 1.94 -25.14
C LEU M 50 60.53 1.50 -26.59
N GLN M 51 59.34 1.18 -27.11
CA GLN M 51 59.20 0.58 -28.43
C GLN M 51 58.50 1.56 -29.38
N LYS M 52 59.04 1.68 -30.58
CA LYS M 52 58.45 2.51 -31.62
C LYS M 52 57.47 1.76 -32.51
N ILE M 53 57.48 0.43 -32.45
CA ILE M 53 56.63 -0.42 -33.27
C ILE M 53 55.66 -1.14 -32.35
N SER M 54 54.39 -1.15 -32.71
CA SER M 54 53.38 -1.74 -31.86
C SER M 54 52.21 -2.24 -32.69
N GLU M 55 51.27 -2.88 -32.02
CA GLU M 55 50.06 -3.41 -32.63
C GLU M 55 48.90 -2.50 -32.30
N LEU M 56 48.07 -2.20 -33.31
CA LEU M 56 46.85 -1.44 -33.11
C LEU M 56 45.64 -2.36 -32.96
N TYR M 57 45.49 -3.33 -33.84
CA TYR M 57 44.37 -4.25 -33.82
C TYR M 57 44.81 -5.55 -34.46
N ASP M 58 43.88 -6.51 -34.52
CA ASP M 58 44.17 -7.88 -34.96
C ASP M 58 45.11 -7.93 -36.16
N ARG M 59 44.74 -7.26 -37.25
CA ARG M 59 45.55 -7.24 -38.46
C ARG M 59 46.11 -5.85 -38.76
N VAL M 60 46.13 -4.96 -37.77
CA VAL M 60 46.58 -3.60 -37.98
C VAL M 60 47.74 -3.31 -37.03
N GLY M 61 48.83 -2.78 -37.58
CA GLY M 61 50.03 -2.46 -36.82
C GLY M 61 50.50 -1.03 -37.01
N PHE M 62 51.30 -0.57 -36.06
CA PHE M 62 51.66 0.83 -35.91
C PHE M 62 53.18 0.96 -35.90
N ALA M 63 53.69 1.96 -36.61
CA ALA M 63 55.10 2.32 -36.51
C ALA M 63 55.22 3.84 -36.49
N ALA M 64 56.22 4.34 -35.77
CA ALA M 64 56.33 5.78 -35.63
C ALA M 64 57.79 6.19 -35.54
N ALA M 65 58.05 7.41 -35.99
CA ALA M 65 59.36 8.04 -35.85
C ALA M 65 59.16 9.42 -35.24
N GLY M 66 60.08 9.82 -34.37
CA GLY M 66 60.02 11.13 -33.77
C GLY M 66 60.08 11.14 -32.26
N LYS M 67 59.39 12.09 -31.64
CA LYS M 67 59.42 12.25 -30.19
C LYS M 67 58.55 11.19 -29.53
N PHE M 68 59.13 10.46 -28.57
CA PHE M 68 58.48 9.24 -28.08
C PHE M 68 57.17 9.53 -27.36
N ASN M 69 57.13 10.57 -26.52
CA ASN M 69 55.91 10.80 -25.74
C ASN M 69 54.74 11.14 -26.67
N GLU M 70 54.99 11.92 -27.71
CA GLU M 70 53.93 12.33 -28.62
C GLU M 70 53.37 11.13 -29.40
N PHE M 71 54.24 10.33 -30.02
CA PHE M 71 53.67 9.24 -30.80
C PHE M 71 53.21 8.08 -29.92
N ASP M 72 53.67 8.01 -28.67
CA ASP M 72 53.07 7.05 -27.74
C ASP M 72 51.66 7.48 -27.37
N ASN M 73 51.44 8.78 -27.17
CA ASN M 73 50.08 9.28 -26.98
C ASN M 73 49.21 8.97 -28.18
N LEU M 74 49.75 9.17 -29.39
CA LEU M 74 49.00 8.86 -30.60
C LEU M 74 48.68 7.37 -30.69
N ARG M 75 49.65 6.52 -30.36
CA ARG M 75 49.44 5.07 -30.41
C ARG M 75 48.35 4.64 -29.43
N ARG M 76 48.35 5.21 -28.22
CA ARG M 76 47.31 4.88 -27.25
C ARG M 76 45.94 5.34 -27.72
N GLY M 77 45.87 6.54 -28.31
CA GLY M 77 44.60 6.99 -28.87
C GLY M 77 44.10 6.08 -29.98
N GLY M 78 45.00 5.62 -30.84
CA GLY M 78 44.60 4.71 -31.91
C GLY M 78 44.16 3.36 -31.39
N ILE M 79 44.83 2.84 -30.36
CA ILE M 79 44.41 1.58 -29.76
C ILE M 79 43.03 1.71 -29.15
N GLN M 80 42.77 2.81 -28.44
CA GLN M 80 41.44 3.04 -27.88
C GLN M 80 40.39 3.14 -28.96
N PHE M 81 40.69 3.86 -30.05
CA PHE M 81 39.73 3.98 -31.13
C PHE M 81 39.43 2.62 -31.75
N ALA M 82 40.46 1.81 -31.99
CA ALA M 82 40.24 0.50 -32.60
C ALA M 82 39.44 -0.41 -31.68
N ASP M 83 39.74 -0.40 -30.38
CA ASP M 83 39.00 -1.25 -29.45
C ASP M 83 37.54 -0.84 -29.37
N THR M 84 37.28 0.46 -29.26
CA THR M 84 35.90 0.94 -29.19
C THR M 84 35.15 0.64 -30.48
N ARG M 85 35.80 0.85 -31.63
CA ARG M 85 35.17 0.58 -32.92
C ARG M 85 34.86 -0.90 -33.08
N GLY M 86 35.78 -1.77 -32.69
CA GLY M 86 35.55 -3.20 -32.80
C GLY M 86 34.47 -3.69 -31.86
N TYR M 87 34.39 -3.12 -30.66
CA TYR M 87 33.32 -3.51 -29.74
C TYR M 87 31.97 -3.00 -30.19
N ALA M 88 31.93 -1.81 -30.80
CA ALA M 88 30.65 -1.23 -31.21
C ALA M 88 30.05 -1.99 -32.39
N TYR M 89 30.87 -2.35 -33.37
CA TYR M 89 30.36 -3.05 -34.55
C TYR M 89 30.86 -4.48 -34.66
N ASP M 90 32.17 -4.68 -34.83
CA ASP M 90 32.72 -6.01 -35.02
C ASP M 90 34.23 -5.89 -35.17
N ARG M 91 34.91 -7.02 -35.00
CA ARG M 91 36.36 -7.04 -35.20
C ARG M 91 36.72 -6.91 -36.67
N ARG M 92 35.92 -7.47 -37.56
CA ARG M 92 36.17 -7.39 -38.99
C ARG M 92 35.82 -6.02 -39.56
N ASP M 93 35.17 -5.16 -38.80
CA ASP M 93 34.79 -3.83 -39.25
C ASP M 93 35.89 -2.80 -39.02
N VAL M 94 36.99 -3.18 -38.37
CA VAL M 94 38.11 -2.29 -38.13
C VAL M 94 39.14 -2.53 -39.23
N THR M 95 39.47 -1.48 -39.97
CA THR M 95 40.46 -1.56 -41.02
C THR M 95 41.54 -0.51 -40.78
N GLY M 96 42.67 -0.67 -41.47
CA GLY M 96 43.76 0.28 -41.34
C GLY M 96 43.46 1.66 -41.91
N ARG M 97 42.53 1.73 -42.87
CA ARG M 97 42.20 3.02 -43.47
C ARG M 97 41.46 3.91 -42.48
N GLN M 98 40.55 3.35 -41.68
CA GLN M 98 39.86 4.16 -40.68
C GLN M 98 40.83 4.70 -39.64
N LEU M 99 41.76 3.85 -39.18
CA LEU M 99 42.76 4.29 -38.22
C LEU M 99 43.67 5.35 -38.82
N ALA M 100 44.03 5.18 -40.10
CA ALA M 100 44.86 6.18 -40.78
C ALA M 100 44.13 7.51 -40.88
N ASN M 101 42.83 7.49 -41.19
CA ASN M 101 42.07 8.72 -41.28
C ASN M 101 41.92 9.38 -39.91
N VAL M 102 41.73 8.58 -38.86
CA VAL M 102 41.65 9.13 -37.51
C VAL M 102 42.96 9.80 -37.13
N TYR M 103 44.09 9.16 -37.45
CA TYR M 103 45.38 9.77 -37.19
C TYR M 103 45.57 11.04 -38.01
N ALA M 104 45.10 11.04 -39.25
CA ALA M 104 45.20 12.24 -40.09
C ALA M 104 44.44 13.41 -39.47
N GLN M 105 43.21 13.17 -39.03
CA GLN M 105 42.44 14.22 -38.38
C GLN M 105 43.13 14.71 -37.11
N THR M 106 43.58 13.78 -36.28
CA THR M 106 44.20 14.14 -35.01
C THR M 106 45.46 14.97 -35.24
N LEU M 107 46.30 14.55 -36.18
CA LEU M 107 47.55 15.25 -36.42
C LEU M 107 47.32 16.59 -37.10
N GLY M 108 46.32 16.68 -37.98
CA GLY M 108 45.99 17.98 -38.56
C GLY M 108 45.56 18.98 -37.49
N THR M 109 44.67 18.54 -36.59
CA THR M 109 44.23 19.42 -35.51
C THR M 109 45.39 19.79 -34.59
N ILE M 110 46.23 18.82 -34.23
CA ILE M 110 47.33 19.11 -33.32
C ILE M 110 48.32 20.06 -33.96
N PHE M 111 48.60 19.88 -35.26
CA PHE M 111 49.48 20.78 -35.98
C PHE M 111 48.91 22.20 -36.04
N THR M 112 47.60 22.31 -36.24
CA THR M 112 47.02 23.64 -36.43
C THR M 112 46.84 24.38 -35.10
N GLU M 113 46.14 23.76 -34.14
CA GLU M 113 45.64 24.48 -32.98
C GLU M 113 46.52 24.36 -31.73
N GLN M 114 47.34 23.33 -31.63
CA GLN M 114 48.09 23.12 -30.39
C GLN M 114 49.27 24.09 -30.29
N ALA M 115 49.81 24.20 -29.07
CA ALA M 115 50.90 25.13 -28.81
C ALA M 115 52.15 24.74 -29.59
N LYS M 116 52.47 23.45 -29.62
CA LYS M 116 53.63 22.96 -30.36
C LYS M 116 53.17 21.80 -31.25
N PRO M 117 53.49 21.83 -32.54
CA PRO M 117 53.15 20.69 -33.40
C PRO M 117 53.92 19.45 -33.00
N TYR M 118 53.29 18.30 -33.22
CA TYR M 118 53.95 17.02 -32.92
C TYR M 118 55.03 16.74 -33.96
N GLU M 119 56.20 16.31 -33.48
CA GLU M 119 57.32 15.97 -34.35
C GLU M 119 57.34 14.47 -34.62
N VAL M 120 56.26 13.98 -35.24
CA VAL M 120 56.06 12.55 -35.42
C VAL M 120 55.72 12.24 -36.87
N GLU M 121 56.05 11.02 -37.28
CA GLU M 121 55.67 10.47 -38.58
C GLU M 121 55.17 9.05 -38.35
N LEU M 122 53.96 8.75 -38.80
CA LEU M 122 53.31 7.49 -38.49
C LEU M 122 53.14 6.64 -39.73
N CYS M 123 53.14 5.32 -39.53
CA CYS M 123 52.74 4.35 -40.54
C CYS M 123 51.73 3.41 -39.93
N VAL M 124 50.61 3.27 -40.61
CA VAL M 124 49.58 2.29 -40.28
C VAL M 124 49.66 1.20 -41.34
N ALA M 125 49.82 -0.04 -40.90
CA ALA M 125 49.91 -1.17 -41.82
C ALA M 125 48.78 -2.14 -41.53
N GLU M 126 48.18 -2.66 -42.60
CA GLU M 126 47.13 -3.65 -42.45
C GLU M 126 47.42 -4.83 -43.37
N VAL M 127 47.06 -6.03 -42.92
CA VAL M 127 47.22 -7.24 -43.70
C VAL M 127 45.87 -7.94 -43.79
N ALA M 128 45.76 -8.83 -44.77
CA ALA M 128 44.52 -9.54 -44.99
C ALA M 128 44.20 -10.46 -43.80
N HIS M 129 42.91 -10.75 -43.65
CA HIS M 129 42.47 -11.66 -42.61
C HIS M 129 42.92 -13.09 -42.94
N TYR M 130 42.67 -14.00 -42.02
CA TYR M 130 43.14 -15.37 -42.18
C TYR M 130 42.48 -16.03 -43.38
N GLY M 131 43.30 -16.63 -44.24
CA GLY M 131 42.79 -17.30 -45.42
C GLY M 131 42.15 -16.39 -46.43
N GLU M 132 42.57 -15.14 -46.51
CA GLU M 132 42.09 -14.20 -47.50
C GLU M 132 43.27 -13.56 -48.21
N THR M 133 43.11 -13.30 -49.50
CA THR M 133 44.17 -12.73 -50.32
C THR M 133 43.91 -11.25 -50.49
N LYS M 134 44.90 -10.44 -50.13
CA LYS M 134 44.84 -8.99 -50.28
C LYS M 134 46.23 -8.43 -50.04
N ARG M 135 46.65 -7.52 -50.90
CA ARG M 135 47.94 -6.88 -50.70
C ARG M 135 47.92 -6.10 -49.39
N PRO M 136 48.97 -6.17 -48.58
CA PRO M 136 49.02 -5.34 -47.37
C PRO M 136 48.96 -3.87 -47.74
N GLU M 137 48.29 -3.10 -46.89
CA GLU M 137 48.09 -1.67 -47.10
C GLU M 137 48.96 -0.89 -46.14
N LEU M 138 49.71 0.08 -46.69
CA LEU M 138 50.62 0.92 -45.92
C LEU M 138 50.20 2.37 -46.09
N TYR M 139 49.89 3.03 -44.98
CA TYR M 139 49.55 4.45 -45.00
C TYR M 139 50.59 5.22 -44.20
N ARG M 140 51.07 6.31 -44.77
CA ARG M 140 52.02 7.19 -44.12
C ARG M 140 51.34 8.51 -43.78
N ILE M 141 51.45 8.91 -42.52
CA ILE M 141 50.79 10.10 -42.00
C ILE M 141 51.88 11.02 -41.45
N THR M 142 51.82 12.29 -41.82
CA THR M 142 52.87 13.24 -41.49
C THR M 142 52.41 14.17 -40.36
N TYR M 143 53.30 15.08 -39.97
CA TYR M 143 53.06 15.93 -38.80
C TYR M 143 51.87 16.86 -39.01
N ASP M 144 51.51 17.18 -40.25
CA ASP M 144 50.45 18.12 -40.54
C ASP M 144 49.15 17.43 -40.94
N GLY M 145 49.07 16.11 -40.81
CA GLY M 145 47.87 15.38 -41.15
C GLY M 145 47.78 14.92 -42.59
N SER M 146 48.81 15.15 -43.39
CA SER M 146 48.82 14.63 -44.75
C SER M 146 48.91 13.11 -44.73
N ILE M 147 48.04 12.45 -45.47
CA ILE M 147 47.97 10.99 -45.50
C ILE M 147 48.26 10.53 -46.93
N ALA M 148 49.14 9.53 -47.05
CA ALA M 148 49.54 8.98 -48.33
C ALA M 148 49.47 7.47 -48.26
N ASP M 149 49.27 6.85 -49.42
CA ASP M 149 49.17 5.40 -49.53
C ASP M 149 50.41 4.89 -50.26
N GLU M 150 51.32 4.27 -49.51
CA GLU M 150 52.54 3.74 -50.11
C GLU M 150 52.34 2.27 -50.44
N PRO M 151 52.60 1.85 -51.69
CA PRO M 151 52.29 0.45 -52.05
C PRO M 151 53.26 -0.56 -51.46
N HIS M 152 54.54 -0.24 -51.36
CA HIS M 152 55.55 -1.23 -51.03
C HIS M 152 56.27 -0.97 -49.72
N PHE M 153 56.84 0.23 -49.54
CA PHE M 153 57.57 0.53 -48.32
C PHE M 153 57.27 1.94 -47.86
N VAL M 154 57.45 2.15 -46.56
CA VAL M 154 57.39 3.45 -45.92
C VAL M 154 58.67 3.62 -45.11
N VAL M 155 59.32 4.76 -45.26
CA VAL M 155 60.53 5.09 -44.50
C VAL M 155 60.27 6.39 -43.75
N MET M 156 60.59 6.41 -42.46
CA MET M 156 60.27 7.54 -41.60
C MET M 156 61.48 7.93 -40.77
N GLY M 157 61.62 9.23 -40.52
CA GLY M 157 62.60 9.73 -39.58
C GLY M 157 64.03 9.72 -40.08
N GLY M 158 64.83 10.66 -39.57
CA GLY M 158 66.21 10.76 -40.03
C GLY M 158 66.28 11.35 -41.42
N THR M 159 67.30 10.93 -42.15
CA THR M 159 67.50 11.33 -43.55
C THR M 159 66.89 10.24 -44.41
N THR M 160 65.71 10.52 -44.97
CA THR M 160 64.92 9.49 -45.63
C THR M 160 65.44 9.13 -47.01
N GLU M 161 66.05 10.09 -47.72
CA GLU M 161 66.39 9.87 -49.12
C GLU M 161 67.34 8.68 -49.33
N PRO M 162 68.46 8.54 -48.60
CA PRO M 162 69.32 7.38 -48.86
C PRO M 162 68.63 6.04 -48.63
N ILE M 163 67.88 5.92 -47.51
CA ILE M 163 67.18 4.67 -47.22
C ILE M 163 66.11 4.41 -48.27
N ALA M 164 65.39 5.46 -48.67
CA ALA M 164 64.35 5.30 -49.68
C ALA M 164 64.94 4.81 -51.00
N ASN M 165 66.06 5.40 -51.43
CA ASN M 165 66.67 4.98 -52.68
C ASN M 165 67.22 3.56 -52.60
N ALA M 166 67.88 3.22 -51.49
CA ALA M 166 68.41 1.87 -51.35
C ALA M 166 67.29 0.84 -51.37
N LEU M 167 66.20 1.10 -50.64
CA LEU M 167 65.06 0.19 -50.68
C LEU M 167 64.46 0.11 -52.07
N LYS M 168 64.31 1.26 -52.74
CA LYS M 168 63.72 1.28 -54.07
C LYS M 168 64.50 0.40 -55.03
N GLU M 169 65.84 0.49 -54.99
CA GLU M 169 66.64 -0.35 -55.87
C GLU M 169 66.59 -1.82 -55.44
N SER M 170 66.73 -2.09 -54.15
CA SER M 170 66.91 -3.46 -53.68
C SER M 170 65.63 -4.16 -53.26
N TYR M 171 64.48 -3.51 -53.37
CA TYR M 171 63.23 -4.14 -52.95
C TYR M 171 62.86 -5.28 -53.88
N ALA M 172 62.32 -6.35 -53.30
CA ALA M 172 61.84 -7.51 -54.06
C ALA M 172 60.45 -7.85 -53.57
N GLU M 173 59.48 -7.80 -54.50
CA GLU M 173 58.13 -8.21 -54.16
C GLU M 173 58.10 -9.71 -53.82
N ASN M 174 57.20 -10.07 -52.91
CA ASN M 174 57.00 -11.47 -52.49
C ASN M 174 58.28 -12.07 -51.93
N ALA M 175 59.14 -11.24 -51.35
CA ALA M 175 60.34 -11.75 -50.71
C ALA M 175 59.99 -12.55 -49.47
N SER M 176 60.89 -13.47 -49.11
CA SER M 176 60.70 -14.18 -47.87
C SER M 176 61.05 -13.27 -46.69
N LEU M 177 60.80 -13.78 -45.48
CA LEU M 177 61.05 -12.98 -44.29
C LEU M 177 62.52 -12.63 -44.15
N THR M 178 63.40 -13.63 -44.28
CA THR M 178 64.82 -13.40 -44.07
C THR M 178 65.38 -12.46 -45.13
N ASP M 179 65.06 -12.70 -46.40
CA ASP M 179 65.55 -11.81 -47.46
C ASP M 179 65.11 -10.38 -47.20
N ALA M 180 63.81 -10.17 -46.97
CA ALA M 180 63.28 -8.83 -46.78
C ALA M 180 63.89 -8.14 -45.58
N LEU M 181 64.11 -8.89 -44.49
CA LEU M 181 64.80 -8.33 -43.33
C LEU M 181 66.21 -7.90 -43.70
N ARG M 182 66.90 -8.69 -44.51
CA ARG M 182 68.24 -8.31 -44.93
C ARG M 182 68.21 -7.03 -45.75
N ILE M 183 67.27 -6.91 -46.69
CA ILE M 183 67.20 -5.68 -47.48
C ILE M 183 66.86 -4.49 -46.60
N ALA M 184 65.96 -4.68 -45.64
CA ALA M 184 65.58 -3.58 -44.75
C ALA M 184 66.77 -3.10 -43.94
N VAL M 185 67.51 -4.03 -43.34
CA VAL M 185 68.68 -3.64 -42.55
C VAL M 185 69.75 -3.03 -43.43
N ALA M 186 69.91 -3.54 -44.65
CA ALA M 186 70.91 -2.98 -45.57
C ALA M 186 70.57 -1.56 -45.96
N ALA M 187 69.29 -1.27 -46.19
CA ALA M 187 68.88 0.09 -46.54
C ALA M 187 68.92 1.01 -45.33
N LEU M 188 68.72 0.47 -44.13
CA LEU M 188 68.76 1.26 -42.92
C LEU M 188 70.20 1.62 -42.54
N ARG M 189 71.13 0.69 -42.74
CA ARG M 189 72.54 0.93 -42.42
C ARG M 189 73.14 1.99 -43.33
N ALA M 190 72.81 1.95 -44.62
CA ALA M 190 73.34 2.93 -45.56
C ALA M 190 72.25 3.88 -46.04
N LEU M 203 73.68 -3.23 -38.54
CA LEU M 203 73.23 -3.16 -37.16
C LEU M 203 73.05 -4.55 -36.57
N GLY M 204 73.31 -4.68 -35.27
CA GLY M 204 73.21 -5.95 -34.59
C GLY M 204 71.83 -6.21 -34.03
N VAL M 205 71.73 -7.29 -33.25
CA VAL M 205 70.45 -7.65 -32.64
C VAL M 205 70.01 -6.58 -31.66
N ALA M 206 70.93 -6.08 -30.85
CA ALA M 206 70.66 -4.88 -30.08
C ALA M 206 70.59 -3.67 -30.99
N SER M 207 69.93 -2.61 -30.51
CA SER M 207 69.74 -1.39 -31.29
C SER M 207 68.96 -1.67 -32.57
N LEU M 208 68.05 -2.65 -32.50
CA LEU M 208 67.26 -3.02 -33.68
C LEU M 208 65.96 -3.65 -33.18
N GLU M 209 64.85 -2.94 -33.33
CA GLU M 209 63.53 -3.45 -32.99
C GLU M 209 62.85 -3.93 -34.26
N VAL M 210 62.50 -5.21 -34.30
CA VAL M 210 61.93 -5.84 -35.48
C VAL M 210 60.61 -6.49 -35.10
N ALA M 211 59.58 -6.26 -35.92
CA ALA M 211 58.28 -6.88 -35.70
C ALA M 211 57.64 -7.18 -37.05
N VAL M 212 56.68 -8.10 -37.04
CA VAL M 212 55.98 -8.49 -38.26
C VAL M 212 54.49 -8.52 -38.02
N LEU M 213 53.73 -7.95 -38.95
CA LEU M 213 52.33 -8.30 -39.15
C LEU M 213 52.31 -9.52 -40.05
N ASP M 214 52.00 -10.68 -39.48
CA ASP M 214 52.04 -11.96 -40.18
C ASP M 214 50.62 -12.33 -40.55
N ALA M 215 50.36 -12.47 -41.85
CA ALA M 215 49.02 -12.79 -42.34
C ALA M 215 48.60 -14.23 -42.05
N ASN M 216 49.52 -15.10 -41.65
CA ASN M 216 49.19 -16.51 -41.46
C ASN M 216 48.64 -16.83 -40.08
N ARG M 217 48.63 -15.88 -39.16
CA ARG M 217 48.11 -16.18 -37.84
C ARG M 217 46.59 -16.12 -37.83
N PRO M 218 45.94 -16.94 -36.99
CA PRO M 218 44.47 -17.03 -37.04
C PRO M 218 43.74 -15.73 -36.74
N ARG M 219 43.99 -15.09 -35.59
CA ARG M 219 43.32 -13.83 -35.28
C ARG M 219 44.29 -12.67 -35.17
N ARG M 220 45.28 -12.73 -34.28
CA ARG M 220 46.18 -11.60 -34.05
C ARG M 220 47.45 -11.80 -34.86
N ALA M 221 47.76 -10.82 -35.72
CA ALA M 221 48.87 -10.95 -36.66
C ALA M 221 50.20 -10.44 -36.11
N PHE M 222 50.16 -9.45 -35.22
CA PHE M 222 51.39 -8.80 -34.78
C PHE M 222 52.25 -9.75 -33.96
N ARG M 223 53.56 -9.70 -34.21
CA ARG M 223 54.51 -10.61 -33.58
C ARG M 223 55.87 -9.93 -33.51
N ARG M 224 56.45 -9.85 -32.32
CA ARG M 224 57.77 -9.27 -32.15
C ARG M 224 58.84 -10.34 -32.33
N ILE M 225 59.89 -9.98 -33.06
CA ILE M 225 61.01 -10.88 -33.33
C ILE M 225 62.21 -10.32 -32.57
N THR M 226 62.52 -10.90 -31.42
CA THR M 226 63.62 -10.45 -30.58
C THR M 226 64.41 -11.64 -30.06
N GLY M 227 65.69 -11.39 -29.78
CA GLY M 227 66.51 -12.39 -29.10
C GLY M 227 67.21 -13.30 -30.08
N SER M 228 67.15 -14.60 -29.80
CA SER M 228 67.86 -15.57 -30.64
C SER M 228 67.30 -15.62 -32.05
N ALA M 229 65.97 -15.52 -32.18
CA ALA M 229 65.34 -15.63 -33.50
C ALA M 229 65.77 -14.51 -34.43
N LEU M 230 65.79 -13.27 -33.92
CA LEU M 230 66.24 -12.15 -34.75
C LEU M 230 67.68 -12.32 -35.17
N GLN M 231 68.54 -12.79 -34.25
CA GLN M 231 69.94 -13.02 -34.59
C GLN M 231 70.09 -14.08 -35.67
N ALA M 232 69.33 -15.17 -35.55
CA ALA M 232 69.39 -16.23 -36.56
C ALA M 232 68.88 -15.74 -37.92
N LEU M 233 67.85 -14.90 -37.91
CA LEU M 233 67.32 -14.37 -39.16
C LEU M 233 68.24 -13.33 -39.79
N LEU M 234 69.21 -12.84 -39.05
CA LEU M 234 70.03 -11.72 -39.50
C LEU M 234 71.43 -12.18 -39.90
N THR N 58 -17.37 -12.37 -28.74
CA THR N 58 -18.75 -12.83 -28.88
C THR N 58 -19.67 -11.70 -29.31
N THR N 59 -20.70 -12.04 -30.09
CA THR N 59 -21.74 -11.09 -30.44
C THR N 59 -23.03 -11.85 -30.66
N ILE N 60 -24.10 -11.35 -30.04
CA ILE N 60 -25.44 -11.92 -30.17
C ILE N 60 -26.39 -10.79 -30.52
N VAL N 61 -27.06 -10.92 -31.66
CA VAL N 61 -27.99 -9.90 -32.14
C VAL N 61 -29.39 -10.47 -32.09
N ALA N 62 -30.36 -9.58 -31.85
CA ALA N 62 -31.76 -9.94 -31.88
C ALA N 62 -32.51 -8.80 -32.57
N LEU N 63 -33.48 -9.15 -33.41
CA LEU N 63 -34.25 -8.12 -34.07
C LEU N 63 -35.67 -8.59 -34.33
N LYS N 64 -36.60 -7.65 -34.23
CA LYS N 64 -38.01 -7.90 -34.46
C LYS N 64 -38.33 -7.69 -35.93
N TYR N 65 -39.06 -8.64 -36.51
CA TYR N 65 -39.64 -8.49 -37.83
C TYR N 65 -41.15 -8.59 -37.70
N PRO N 66 -41.90 -8.05 -38.66
CA PRO N 66 -43.35 -8.19 -38.60
C PRO N 66 -43.77 -9.65 -38.49
N GLY N 67 -44.30 -10.03 -37.32
CA GLY N 67 -44.71 -11.38 -37.07
C GLY N 67 -43.81 -12.20 -36.17
N GLY N 68 -42.71 -11.64 -35.66
CA GLY N 68 -41.88 -12.43 -34.76
C GLY N 68 -40.52 -11.78 -34.52
N VAL N 69 -39.60 -12.60 -34.01
CA VAL N 69 -38.27 -12.15 -33.63
C VAL N 69 -37.23 -13.17 -34.11
N VAL N 70 -36.02 -12.70 -34.33
CA VAL N 70 -34.91 -13.57 -34.73
C VAL N 70 -33.67 -13.22 -33.93
N MET N 71 -32.99 -14.24 -33.43
CA MET N 71 -31.79 -14.07 -32.62
C MET N 71 -30.66 -14.91 -33.19
N ALA N 72 -29.51 -14.27 -33.47
CA ALA N 72 -28.38 -14.95 -34.05
C ALA N 72 -27.11 -14.68 -33.24
N GLY N 73 -26.20 -15.63 -33.27
CA GLY N 73 -24.97 -15.52 -32.51
C GLY N 73 -23.81 -16.16 -33.22
N ASP N 74 -22.61 -15.62 -32.97
CA ASP N 74 -21.39 -16.14 -33.57
C ASP N 74 -20.91 -17.38 -32.82
N ARG N 75 -19.81 -17.97 -33.29
CA ARG N 75 -19.40 -19.29 -32.84
C ARG N 75 -18.02 -19.32 -32.20
N ARG N 76 -17.37 -18.18 -32.02
CA ARG N 76 -15.98 -18.16 -31.56
C ARG N 76 -15.89 -17.90 -30.06
N SER N 77 -15.04 -18.66 -29.38
CA SER N 77 -14.67 -18.40 -28.00
C SER N 77 -13.16 -18.37 -27.90
N THR N 78 -12.62 -17.40 -27.16
CA THR N 78 -11.19 -17.18 -27.07
C THR N 78 -10.75 -17.17 -25.62
N GLN N 79 -9.47 -17.45 -25.42
CA GLN N 79 -8.80 -17.27 -24.13
C GLN N 79 -7.73 -16.21 -24.35
N GLY N 80 -8.12 -14.95 -24.20
CA GLY N 80 -7.24 -13.86 -24.57
C GLY N 80 -7.22 -13.68 -26.07
N ASN N 81 -6.04 -13.77 -26.67
CA ASN N 81 -5.92 -13.68 -28.11
C ASN N 81 -5.96 -15.03 -28.82
N MET N 82 -5.91 -16.13 -28.05
CA MET N 82 -5.86 -17.46 -28.64
C MET N 82 -7.27 -18.01 -28.81
N ILE N 83 -7.57 -18.47 -30.03
CA ILE N 83 -8.86 -19.07 -30.33
C ILE N 83 -8.92 -20.44 -29.69
N SER N 84 -9.89 -20.63 -28.77
CA SER N 84 -10.04 -21.88 -28.07
C SER N 84 -11.31 -22.64 -28.45
N GLY N 85 -12.21 -22.03 -29.19
CA GLY N 85 -13.41 -22.73 -29.63
C GLY N 85 -13.99 -22.13 -30.90
N ARG N 86 -14.36 -22.98 -31.85
CA ARG N 86 -14.78 -22.52 -33.17
C ARG N 86 -16.24 -22.83 -33.48
N ASP N 87 -16.92 -23.60 -32.65
CA ASP N 87 -18.33 -23.95 -32.90
C ASP N 87 -19.15 -23.84 -31.63
N VAL N 88 -18.85 -22.83 -30.81
CA VAL N 88 -19.65 -22.57 -29.61
C VAL N 88 -21.04 -22.11 -30.02
N ARG N 89 -22.06 -22.66 -29.36
CA ARG N 89 -23.44 -22.24 -29.58
C ARG N 89 -23.87 -21.35 -28.43
N LYS N 90 -24.25 -20.11 -28.75
CA LYS N 90 -24.53 -19.11 -27.73
C LYS N 90 -26.00 -18.75 -27.63
N VAL N 91 -26.83 -19.17 -28.58
CA VAL N 91 -28.25 -18.84 -28.59
C VAL N 91 -29.03 -20.08 -28.21
N TYR N 92 -29.76 -20.00 -27.10
CA TYR N 92 -30.51 -21.13 -26.56
C TYR N 92 -32.00 -20.86 -26.70
N ILE N 93 -32.76 -21.92 -26.99
CA ILE N 93 -34.21 -21.87 -26.96
C ILE N 93 -34.62 -22.18 -25.53
N THR N 94 -34.95 -21.15 -24.75
CA THR N 94 -35.26 -21.35 -23.34
C THR N 94 -36.60 -22.05 -23.17
N ASP N 95 -37.64 -21.59 -23.87
CA ASP N 95 -38.88 -22.34 -23.92
C ASP N 95 -39.51 -22.12 -25.30
N ASP N 96 -40.64 -22.78 -25.53
CA ASP N 96 -41.20 -22.85 -26.88
C ASP N 96 -41.49 -21.49 -27.48
N TYR N 97 -41.53 -20.43 -26.68
CA TYR N 97 -41.79 -19.09 -27.19
C TYR N 97 -40.73 -18.07 -26.79
N THR N 98 -39.60 -18.50 -26.23
CA THR N 98 -38.57 -17.54 -25.86
C THR N 98 -37.19 -18.17 -26.02
N ALA N 99 -36.26 -17.35 -26.49
CA ALA N 99 -34.86 -17.72 -26.67
C ALA N 99 -33.99 -16.70 -25.95
N THR N 100 -32.82 -17.16 -25.50
CA THR N 100 -31.91 -16.31 -24.76
C THR N 100 -30.51 -16.47 -25.33
N GLY N 101 -29.74 -15.39 -25.28
CA GLY N 101 -28.36 -15.40 -25.73
C GLY N 101 -27.48 -14.67 -24.74
N ILE N 102 -26.49 -15.35 -24.18
CA ILE N 102 -25.69 -14.82 -23.09
C ILE N 102 -24.25 -14.65 -23.58
N ALA N 103 -23.74 -13.44 -23.45
CA ALA N 103 -22.36 -13.11 -23.80
C ALA N 103 -21.50 -13.01 -22.55
N GLY N 104 -20.19 -13.14 -22.75
CA GLY N 104 -19.24 -13.09 -21.66
C GLY N 104 -18.50 -14.40 -21.52
N THR N 105 -18.14 -14.73 -20.28
CA THR N 105 -17.50 -16.01 -20.00
C THR N 105 -18.42 -17.14 -20.44
N ALA N 106 -17.85 -18.12 -21.16
CA ALA N 106 -18.67 -19.18 -21.74
C ALA N 106 -19.24 -20.09 -20.67
N ALA N 107 -18.46 -20.37 -19.62
CA ALA N 107 -18.94 -21.22 -18.53
C ALA N 107 -20.19 -20.62 -17.89
N VAL N 108 -20.12 -19.33 -17.55
CA VAL N 108 -21.24 -18.67 -16.89
C VAL N 108 -22.43 -18.57 -17.83
N ALA N 109 -22.17 -18.36 -19.13
CA ALA N 109 -23.27 -18.28 -20.10
C ALA N 109 -24.03 -19.61 -20.17
N VAL N 110 -23.30 -20.72 -20.29
CA VAL N 110 -23.94 -22.02 -20.36
C VAL N 110 -24.69 -22.31 -19.08
N GLU N 111 -24.08 -22.03 -17.93
CA GLU N 111 -24.73 -22.30 -16.66
C GLU N 111 -26.00 -21.48 -16.49
N PHE N 112 -25.94 -20.20 -16.86
CA PHE N 112 -27.12 -19.34 -16.75
C PHE N 112 -28.24 -19.79 -17.66
N ALA N 113 -27.91 -20.18 -18.90
CA ALA N 113 -28.94 -20.66 -19.80
C ALA N 113 -29.62 -21.90 -19.23
N ARG N 114 -28.82 -22.85 -18.74
CA ARG N 114 -29.37 -24.07 -18.17
C ARG N 114 -30.26 -23.76 -16.97
N LEU N 115 -29.77 -22.93 -16.05
CA LEU N 115 -30.51 -22.61 -14.83
C LEU N 115 -31.81 -21.89 -15.16
N TYR N 116 -31.76 -20.93 -16.09
CA TYR N 116 -32.96 -20.17 -16.45
C TYR N 116 -34.01 -21.07 -17.10
N ALA N 117 -33.58 -21.95 -18.00
CA ALA N 117 -34.54 -22.87 -18.62
C ALA N 117 -35.16 -23.78 -17.58
N VAL N 118 -34.36 -24.28 -16.63
CA VAL N 118 -34.91 -25.14 -15.58
C VAL N 118 -35.90 -24.36 -14.72
N GLU N 119 -35.59 -23.09 -14.43
CA GLU N 119 -36.48 -22.28 -13.61
C GLU N 119 -37.84 -22.09 -14.28
N LEU N 120 -37.83 -21.73 -15.56
CA LEU N 120 -39.09 -21.54 -16.29
C LEU N 120 -39.87 -22.85 -16.37
N GLU N 121 -39.19 -23.94 -16.70
CA GLU N 121 -39.85 -25.24 -16.79
C GLU N 121 -40.45 -25.66 -15.46
N HIS N 122 -39.69 -25.44 -14.38
CA HIS N 122 -40.15 -25.80 -13.05
C HIS N 122 -41.40 -25.03 -12.67
N TYR N 123 -41.42 -23.72 -12.95
CA TYR N 123 -42.64 -22.95 -12.66
C TYR N 123 -43.82 -23.46 -13.47
N GLU N 124 -43.60 -23.71 -14.77
CA GLU N 124 -44.70 -24.15 -15.62
C GLU N 124 -45.27 -25.48 -15.14
N LYS N 125 -44.41 -26.41 -14.73
CA LYS N 125 -44.90 -27.69 -14.24
C LYS N 125 -45.61 -27.56 -12.90
N LEU N 126 -45.04 -26.75 -11.99
CA LEU N 126 -45.63 -26.63 -10.66
C LEU N 126 -47.01 -25.99 -10.72
N GLU N 127 -47.15 -24.89 -11.46
CA GLU N 127 -48.41 -24.16 -11.47
C GLU N 127 -49.35 -24.57 -12.60
N GLY N 128 -48.88 -25.38 -13.54
CA GLY N 128 -49.73 -25.76 -14.65
C GLY N 128 -49.95 -24.68 -15.68
N VAL N 129 -49.26 -23.55 -15.56
CA VAL N 129 -49.41 -22.44 -16.49
C VAL N 129 -48.05 -21.75 -16.60
N PRO N 130 -47.62 -21.36 -17.80
CA PRO N 130 -46.30 -20.73 -17.94
C PRO N 130 -46.29 -19.30 -17.41
N LEU N 131 -45.08 -18.86 -17.05
CA LEU N 131 -44.90 -17.50 -16.58
C LEU N 131 -45.24 -16.49 -17.66
N THR N 132 -45.81 -15.36 -17.25
CA THR N 132 -45.99 -14.25 -18.17
C THR N 132 -44.61 -13.70 -18.54
N PHE N 133 -44.57 -12.96 -19.65
CA PHE N 133 -43.29 -12.45 -20.14
C PHE N 133 -42.62 -11.57 -19.09
N ALA N 134 -43.42 -10.81 -18.33
CA ALA N 134 -42.85 -10.00 -17.25
C ALA N 134 -42.24 -10.88 -16.17
N GLY N 135 -42.87 -12.02 -15.87
CA GLY N 135 -42.28 -12.94 -14.92
C GLY N 135 -40.94 -13.50 -15.37
N LYS N 136 -40.86 -13.88 -16.65
CA LYS N 136 -39.60 -14.37 -17.20
C LYS N 136 -38.51 -13.30 -17.14
N ILE N 137 -38.87 -12.06 -17.52
CA ILE N 137 -37.91 -10.96 -17.45
C ILE N 137 -37.44 -10.77 -16.02
N ASN N 138 -38.36 -10.84 -15.07
CA ASN N 138 -38.00 -10.65 -13.67
C ASN N 138 -37.05 -11.73 -13.19
N ARG N 139 -37.31 -12.99 -13.55
CA ARG N 139 -36.42 -14.07 -13.12
C ARG N 139 -35.02 -13.90 -13.71
N LEU N 140 -34.94 -13.55 -14.99
CA LEU N 140 -33.63 -13.33 -15.61
C LEU N 140 -32.89 -12.17 -14.94
N ALA N 141 -33.61 -11.09 -14.62
CA ALA N 141 -32.98 -9.96 -13.96
C ALA N 141 -32.49 -10.34 -12.57
N ILE N 142 -33.27 -11.15 -11.85
CA ILE N 142 -32.84 -11.64 -10.54
C ILE N 142 -31.55 -12.44 -10.68
N MET N 143 -31.46 -13.28 -11.70
CA MET N 143 -30.25 -14.08 -11.90
C MET N 143 -29.04 -13.18 -12.16
N VAL N 144 -29.20 -12.16 -13.02
CA VAL N 144 -28.08 -11.27 -13.31
C VAL N 144 -27.64 -10.51 -12.06
N ARG N 145 -28.61 -10.02 -11.28
CA ARG N 145 -28.26 -9.30 -10.06
C ARG N 145 -27.58 -10.20 -9.05
N GLY N 146 -27.99 -11.46 -8.98
CA GLY N 146 -27.27 -12.41 -8.16
C GLY N 146 -25.86 -12.65 -8.65
N ASN N 147 -25.66 -12.58 -9.97
CA ASN N 147 -24.33 -12.81 -10.52
C ASN N 147 -23.38 -11.65 -10.27
N LEU N 148 -23.90 -10.43 -10.14
CA LEU N 148 -23.06 -9.22 -10.02
C LEU N 148 -21.79 -9.39 -9.18
N ALA N 149 -21.91 -10.07 -8.04
CA ALA N 149 -20.76 -10.19 -7.13
C ALA N 149 -19.63 -11.00 -7.77
N ALA N 150 -19.96 -12.09 -8.45
CA ALA N 150 -18.95 -12.85 -9.17
C ALA N 150 -18.54 -12.15 -10.46
N ALA N 151 -19.45 -11.40 -11.07
CA ALA N 151 -19.14 -10.68 -12.30
C ALA N 151 -18.05 -9.65 -12.07
N MET N 152 -18.02 -9.05 -10.88
CA MET N 152 -16.90 -8.18 -10.55
C MET N 152 -15.57 -8.93 -10.51
N GLN N 153 -15.59 -10.24 -10.24
CA GLN N 153 -14.40 -11.06 -10.21
C GLN N 153 -13.96 -11.51 -11.60
N GLY N 154 -14.83 -11.45 -12.60
CA GLY N 154 -14.51 -11.85 -13.95
C GLY N 154 -15.43 -12.90 -14.54
N LEU N 155 -16.42 -13.36 -13.79
CA LEU N 155 -17.45 -14.26 -14.32
C LEU N 155 -18.66 -13.45 -14.82
N LEU N 156 -18.39 -12.50 -15.69
CA LEU N 156 -19.42 -11.57 -16.18
C LEU N 156 -20.25 -12.25 -17.26
N ALA N 157 -21.58 -12.21 -17.09
CA ALA N 157 -22.51 -12.75 -18.06
C ALA N 157 -23.57 -11.70 -18.36
N LEU N 158 -23.71 -11.35 -19.62
CA LEU N 158 -24.73 -10.40 -20.05
C LEU N 158 -25.74 -11.09 -20.94
N PRO N 159 -26.98 -11.28 -20.50
CA PRO N 159 -27.99 -11.91 -21.34
C PRO N 159 -28.72 -10.92 -22.24
N LEU N 160 -29.33 -11.48 -23.28
CA LEU N 160 -30.22 -10.79 -24.19
C LEU N 160 -31.38 -11.73 -24.44
N LEU N 161 -32.60 -11.24 -24.29
CA LEU N 161 -33.77 -12.10 -24.32
C LEU N 161 -34.66 -11.73 -25.51
N ALA N 162 -35.02 -12.73 -26.31
CA ALA N 162 -35.97 -12.54 -27.39
C ALA N 162 -37.16 -13.44 -27.14
N GLY N 163 -38.36 -12.92 -27.37
CA GLY N 163 -39.55 -13.68 -27.04
C GLY N 163 -40.72 -13.32 -27.91
N TYR N 164 -41.75 -14.16 -27.84
CA TYR N 164 -43.01 -13.93 -28.51
C TYR N 164 -44.10 -13.94 -27.45
N ASP N 165 -44.69 -12.77 -27.19
CA ASP N 165 -45.72 -12.64 -26.16
C ASP N 165 -47.05 -13.06 -26.76
N ILE N 166 -47.52 -14.25 -26.37
CA ILE N 166 -48.81 -14.75 -26.87
C ILE N 166 -50.00 -14.10 -26.19
N HIS N 167 -49.77 -13.32 -25.14
CA HIS N 167 -50.83 -12.60 -24.45
C HIS N 167 -51.02 -11.19 -24.98
N ALA N 168 -50.30 -10.80 -26.02
CA ALA N 168 -50.46 -9.47 -26.59
C ALA N 168 -51.77 -9.36 -27.37
N SER N 169 -52.20 -8.13 -27.58
CA SER N 169 -53.43 -7.87 -28.34
C SER N 169 -53.24 -8.21 -29.81
N ASP N 170 -52.16 -7.72 -30.41
CA ASP N 170 -51.91 -7.91 -31.84
C ASP N 170 -50.79 -8.92 -32.03
N PRO N 171 -51.03 -10.03 -32.74
CA PRO N 171 -49.94 -11.00 -32.99
C PRO N 171 -48.93 -10.53 -34.00
N GLN N 172 -49.19 -9.43 -34.73
CA GLN N 172 -48.23 -8.93 -35.69
C GLN N 172 -47.08 -8.17 -35.03
N SER N 173 -47.24 -7.78 -33.77
CA SER N 173 -46.21 -7.06 -33.04
C SER N 173 -45.96 -7.70 -31.68
N ALA N 174 -46.07 -9.03 -31.62
CA ALA N 174 -45.92 -9.76 -30.37
C ALA N 174 -44.48 -10.13 -30.08
N GLY N 175 -43.53 -9.75 -30.94
CA GLY N 175 -42.13 -9.96 -30.64
C GLY N 175 -41.62 -8.97 -29.61
N ARG N 176 -40.74 -9.46 -28.74
CA ARG N 176 -40.19 -8.69 -27.65
C ARG N 176 -38.69 -8.92 -27.58
N ILE N 177 -37.95 -7.83 -27.37
CA ILE N 177 -36.51 -7.90 -27.17
C ILE N 177 -36.19 -7.16 -25.87
N VAL N 178 -35.49 -7.84 -24.97
CA VAL N 178 -35.12 -7.29 -23.67
C VAL N 178 -33.61 -7.32 -23.53
N SER N 179 -33.05 -6.18 -23.18
CA SER N 179 -31.63 -6.06 -22.88
C SER N 179 -31.45 -5.91 -21.37
N PHE N 180 -30.32 -6.37 -20.87
CA PHE N 180 -30.01 -6.30 -19.46
C PHE N 180 -28.68 -5.57 -19.27
N ASP N 181 -28.59 -4.78 -18.22
CA ASP N 181 -27.34 -4.14 -17.86
C ASP N 181 -26.60 -5.00 -16.85
N ALA N 182 -25.38 -4.58 -16.52
CA ALA N 182 -24.55 -5.36 -15.60
C ALA N 182 -25.17 -5.43 -14.20
N ALA N 183 -25.82 -4.36 -13.77
CA ALA N 183 -26.37 -4.29 -12.42
C ALA N 183 -27.68 -5.06 -12.26
N GLY N 184 -28.31 -5.47 -13.36
CA GLY N 184 -29.55 -6.22 -13.30
C GLY N 184 -30.75 -5.52 -13.89
N GLY N 185 -30.66 -4.23 -14.21
CA GLY N 185 -31.77 -3.54 -14.81
C GLY N 185 -32.06 -4.07 -16.20
N TRP N 186 -33.35 -4.14 -16.53
CA TRP N 186 -33.80 -4.65 -17.81
C TRP N 186 -34.55 -3.56 -18.57
N ASN N 187 -34.44 -3.60 -19.89
CA ASN N 187 -35.07 -2.61 -20.76
C ASN N 187 -35.68 -3.33 -21.94
N ILE N 188 -36.99 -3.16 -22.13
CA ILE N 188 -37.67 -3.73 -23.29
C ILE N 188 -37.44 -2.81 -24.47
N GLU N 189 -36.80 -3.36 -25.51
CA GLU N 189 -36.34 -2.54 -26.63
C GLU N 189 -37.50 -2.10 -27.50
N GLU N 190 -37.51 -0.83 -27.85
CA GLU N 190 -38.53 -0.26 -28.73
C GLU N 190 -38.01 0.05 -30.13
N GLU N 191 -36.69 0.07 -30.34
CA GLU N 191 -36.14 0.36 -31.66
C GLU N 191 -36.17 -0.87 -32.57
N GLY N 192 -36.37 -2.06 -32.03
CA GLY N 192 -36.55 -3.26 -32.82
C GLY N 192 -35.33 -4.13 -32.99
N TYR N 193 -34.18 -3.73 -32.46
CA TYR N 193 -32.98 -4.55 -32.55
C TYR N 193 -32.10 -4.27 -31.35
N GLN N 194 -31.24 -5.23 -31.03
CA GLN N 194 -30.34 -5.12 -29.89
C GLN N 194 -29.20 -6.10 -30.11
N ALA N 195 -28.07 -5.82 -29.45
CA ALA N 195 -26.91 -6.69 -29.54
C ALA N 195 -26.16 -6.68 -28.22
N VAL N 196 -25.57 -7.81 -27.88
CA VAL N 196 -24.68 -7.94 -26.73
C VAL N 196 -23.39 -8.58 -27.19
N GLY N 197 -22.33 -8.34 -26.43
CA GLY N 197 -21.03 -8.92 -26.69
C GLY N 197 -19.99 -7.87 -26.99
N SER N 198 -18.79 -8.34 -27.34
CA SER N 198 -17.69 -7.43 -27.62
C SER N 198 -17.91 -6.69 -28.93
N GLY N 199 -18.62 -7.29 -29.89
CA GLY N 199 -18.89 -6.64 -31.15
C GLY N 199 -20.28 -6.04 -31.21
N SER N 200 -20.88 -5.80 -30.05
CA SER N 200 -22.26 -5.33 -30.00
C SER N 200 -22.42 -3.95 -30.62
N LEU N 201 -21.43 -3.07 -30.43
CA LEU N 201 -21.53 -1.72 -30.99
C LEU N 201 -21.53 -1.75 -32.51
N PHE N 202 -20.64 -2.54 -33.11
CA PHE N 202 -20.58 -2.64 -34.57
C PHE N 202 -21.84 -3.29 -35.13
N ALA N 203 -22.32 -4.35 -34.46
CA ALA N 203 -23.55 -5.00 -34.91
C ALA N 203 -24.74 -4.06 -34.84
N LYS N 204 -24.84 -3.28 -33.76
CA LYS N 204 -25.95 -2.34 -33.62
C LYS N 204 -25.87 -1.23 -34.64
N SER N 205 -24.66 -0.72 -34.91
CA SER N 205 -24.53 0.34 -35.90
C SER N 205 -24.78 -0.19 -37.31
N SER N 206 -24.57 -1.48 -37.53
CA SER N 206 -24.95 -2.09 -38.81
C SER N 206 -26.45 -2.27 -38.91
N MET N 207 -27.09 -2.73 -37.84
CA MET N 207 -28.54 -2.91 -37.86
C MET N 207 -29.27 -1.58 -37.97
N LYS N 208 -28.73 -0.51 -37.39
CA LYS N 208 -29.35 0.79 -37.52
C LYS N 208 -29.54 1.18 -38.97
N LYS N 209 -28.57 0.85 -39.82
CA LYS N 209 -28.66 1.15 -41.24
C LYS N 209 -29.42 0.09 -42.03
N LEU N 210 -29.40 -1.17 -41.59
CA LEU N 210 -30.02 -2.24 -42.36
C LEU N 210 -31.46 -2.53 -41.96
N TYR N 211 -31.97 -1.92 -40.89
CA TYR N 211 -33.27 -2.33 -40.36
C TYR N 211 -34.44 -1.92 -41.24
N SER N 212 -34.25 -0.94 -42.12
CA SER N 212 -35.33 -0.57 -43.03
C SER N 212 -35.68 -1.66 -44.03
N GLN N 213 -34.83 -2.69 -44.15
CA GLN N 213 -35.05 -3.78 -45.08
C GLN N 213 -35.74 -4.98 -44.43
N VAL N 214 -36.00 -4.93 -43.13
CA VAL N 214 -36.57 -6.08 -42.43
C VAL N 214 -38.08 -6.05 -42.60
N THR N 215 -38.60 -7.04 -43.32
CA THR N 215 -40.02 -7.14 -43.63
C THR N 215 -40.65 -8.45 -43.17
N ASP N 216 -39.92 -9.56 -43.25
CA ASP N 216 -40.41 -10.85 -42.82
C ASP N 216 -39.27 -11.58 -42.10
N GLY N 217 -39.46 -12.89 -41.89
CA GLY N 217 -38.44 -13.66 -41.22
C GLY N 217 -37.17 -13.80 -42.03
N ASP N 218 -37.30 -13.91 -43.36
CA ASP N 218 -36.13 -14.02 -44.22
C ASP N 218 -35.31 -12.73 -44.21
N SER N 219 -35.98 -11.59 -44.31
CA SER N 219 -35.28 -10.31 -44.25
C SER N 219 -34.61 -10.10 -42.90
N GLY N 220 -35.32 -10.43 -41.83
CA GLY N 220 -34.74 -10.31 -40.50
C GLY N 220 -33.53 -11.22 -40.31
N LEU N 221 -33.62 -12.45 -40.80
CA LEU N 221 -32.50 -13.38 -40.70
C LEU N 221 -31.30 -12.88 -41.48
N ARG N 222 -31.53 -12.39 -42.71
CA ARG N 222 -30.42 -11.90 -43.52
C ARG N 222 -29.77 -10.68 -42.87
N VAL N 223 -30.58 -9.76 -42.34
CA VAL N 223 -30.03 -8.58 -41.69
C VAL N 223 -29.25 -8.98 -40.43
N ALA N 224 -29.76 -9.96 -39.68
CA ALA N 224 -29.04 -10.42 -38.49
C ALA N 224 -27.70 -11.02 -38.85
N VAL N 225 -27.65 -11.86 -39.89
CA VAL N 225 -26.39 -12.47 -40.30
C VAL N 225 -25.43 -11.42 -40.82
N GLU N 226 -25.95 -10.41 -41.52
CA GLU N 226 -25.11 -9.31 -42.00
C GLU N 226 -24.52 -8.52 -40.84
N ALA N 227 -25.33 -8.25 -39.81
CA ALA N 227 -24.84 -7.53 -38.65
C ALA N 227 -23.76 -8.33 -37.93
N LEU N 228 -23.95 -9.65 -37.81
CA LEU N 228 -22.91 -10.49 -37.22
C LEU N 228 -21.64 -10.45 -38.08
N TYR N 229 -21.80 -10.42 -39.39
CA TYR N 229 -20.65 -10.33 -40.28
C TYR N 229 -19.88 -9.03 -40.07
N ASP N 230 -20.60 -7.91 -39.94
CA ASP N 230 -19.93 -6.64 -39.69
C ASP N 230 -19.24 -6.62 -38.33
N ALA N 231 -19.90 -7.19 -37.31
CA ALA N 231 -19.30 -7.27 -35.98
C ALA N 231 -18.00 -8.07 -36.02
N ALA N 232 -18.02 -9.22 -36.70
CA ALA N 232 -16.79 -10.01 -36.82
C ALA N 232 -15.74 -9.29 -37.65
N ASP N 233 -16.17 -8.53 -38.66
CA ASP N 233 -15.25 -7.79 -39.50
C ASP N 233 -14.52 -6.71 -38.72
N ASP N 234 -15.18 -6.10 -37.74
CA ASP N 234 -14.56 -5.02 -36.98
C ASP N 234 -14.02 -5.45 -35.62
N ASP N 235 -14.32 -6.66 -35.16
CA ASP N 235 -13.91 -7.13 -33.84
C ASP N 235 -13.26 -8.50 -33.98
N SER N 236 -12.07 -8.65 -33.40
CA SER N 236 -11.34 -9.91 -33.53
C SER N 236 -11.85 -11.00 -32.60
N ALA N 237 -12.50 -10.64 -31.50
CA ALA N 237 -13.07 -11.65 -30.61
C ALA N 237 -14.33 -12.30 -31.17
N THR N 238 -14.91 -11.74 -32.22
CA THR N 238 -16.09 -12.29 -32.87
C THR N 238 -15.67 -13.01 -34.13
N GLY N 239 -16.22 -14.20 -34.35
CA GLY N 239 -15.89 -15.01 -35.51
C GLY N 239 -16.92 -14.83 -36.62
N GLY N 240 -16.42 -14.68 -37.84
CA GLY N 240 -17.26 -14.57 -39.01
C GLY N 240 -17.54 -15.93 -39.60
N PRO N 241 -18.28 -15.97 -40.70
CA PRO N 241 -18.60 -17.25 -41.35
C PRO N 241 -17.33 -17.99 -41.76
N ASP N 242 -17.23 -19.23 -41.32
CA ASP N 242 -16.06 -20.07 -41.57
C ASP N 242 -16.30 -20.84 -42.87
N LEU N 243 -15.84 -20.28 -43.98
CA LEU N 243 -16.13 -20.88 -45.27
C LEU N 243 -15.33 -22.17 -45.48
N VAL N 244 -14.10 -22.23 -44.97
CA VAL N 244 -13.30 -23.43 -45.13
C VAL N 244 -13.83 -24.56 -44.26
N ARG N 245 -14.26 -24.27 -43.04
CA ARG N 245 -14.78 -25.27 -42.13
C ARG N 245 -16.29 -25.46 -42.24
N GLY N 246 -17.00 -24.56 -42.89
CA GLY N 246 -18.44 -24.64 -42.94
C GLY N 246 -19.10 -24.41 -41.61
N ILE N 247 -18.59 -23.48 -40.81
CA ILE N 247 -19.17 -23.12 -39.52
C ILE N 247 -19.75 -21.72 -39.63
N PHE N 248 -21.03 -21.60 -39.29
CA PHE N 248 -21.80 -20.39 -39.50
C PHE N 248 -22.53 -20.01 -38.22
N PRO N 249 -22.93 -18.75 -38.07
CA PRO N 249 -23.64 -18.34 -36.86
C PRO N 249 -24.93 -19.12 -36.68
N THR N 250 -25.31 -19.32 -35.42
CA THR N 250 -26.53 -20.03 -35.08
C THR N 250 -27.67 -19.05 -34.84
N ALA N 251 -28.82 -19.33 -35.44
CA ALA N 251 -29.96 -18.44 -35.34
C ALA N 251 -31.19 -19.21 -34.86
N VAL N 252 -32.11 -18.47 -34.24
CA VAL N 252 -33.38 -18.98 -33.76
C VAL N 252 -34.45 -18.00 -34.21
N ILE N 253 -35.53 -18.50 -34.76
CA ILE N 253 -36.66 -17.68 -35.20
C ILE N 253 -37.87 -18.04 -34.33
N ILE N 254 -38.47 -17.03 -33.70
CA ILE N 254 -39.64 -17.21 -32.87
C ILE N 254 -40.81 -16.50 -33.54
N ASP N 255 -41.90 -17.22 -33.75
CA ASP N 255 -43.13 -16.65 -34.28
C ASP N 255 -44.30 -17.28 -33.54
N ALA N 256 -45.50 -17.09 -34.08
CA ALA N 256 -46.71 -17.60 -33.42
C ALA N 256 -46.64 -19.11 -33.24
N ASP N 257 -45.93 -19.81 -34.10
CA ASP N 257 -45.83 -21.26 -34.02
C ASP N 257 -44.73 -21.74 -33.09
N GLY N 258 -43.97 -20.83 -32.48
CA GLY N 258 -42.97 -21.19 -31.51
C GLY N 258 -41.58 -20.75 -31.93
N ALA N 259 -40.59 -21.26 -31.22
CA ALA N 259 -39.18 -20.95 -31.46
C ALA N 259 -38.54 -22.16 -32.12
N VAL N 260 -37.92 -21.93 -33.28
CA VAL N 260 -37.30 -23.00 -34.06
C VAL N 260 -35.88 -22.60 -34.42
N ASP N 261 -34.97 -23.57 -34.38
CA ASP N 261 -33.60 -23.34 -34.83
C ASP N 261 -33.56 -23.24 -36.35
N VAL N 262 -32.86 -22.23 -36.84
CA VAL N 262 -32.70 -22.08 -38.30
C VAL N 262 -31.73 -23.14 -38.79
N PRO N 263 -32.07 -23.89 -39.84
CA PRO N 263 -31.12 -24.88 -40.38
C PRO N 263 -29.86 -24.20 -40.89
N GLU N 264 -28.74 -24.91 -40.76
CA GLU N 264 -27.46 -24.36 -41.17
C GLU N 264 -27.38 -24.11 -42.66
N SER N 265 -28.22 -24.78 -43.46
CA SER N 265 -28.19 -24.57 -44.91
C SER N 265 -28.60 -23.16 -45.28
N ARG N 266 -29.71 -22.67 -44.70
CA ARG N 266 -30.17 -21.33 -45.03
C ARG N 266 -29.17 -20.27 -44.58
N ILE N 267 -28.60 -20.45 -43.38
CA ILE N 267 -27.63 -19.48 -42.89
C ILE N 267 -26.36 -19.51 -43.74
N ALA N 268 -25.96 -20.70 -44.19
CA ALA N 268 -24.83 -20.79 -45.12
C ALA N 268 -25.11 -20.04 -46.41
N GLU N 269 -26.33 -20.18 -46.94
CA GLU N 269 -26.70 -19.47 -48.16
C GLU N 269 -26.64 -17.96 -47.95
N LEU N 270 -27.19 -17.48 -46.84
CA LEU N 270 -27.19 -16.04 -46.58
C LEU N 270 -25.78 -15.51 -46.38
N ALA N 271 -24.94 -16.24 -45.64
CA ALA N 271 -23.56 -15.81 -45.42
C ALA N 271 -22.80 -15.76 -46.73
N ARG N 272 -22.98 -16.77 -47.59
CA ARG N 272 -22.34 -16.75 -48.90
C ARG N 272 -22.82 -15.56 -49.73
N ALA N 273 -24.12 -15.26 -49.69
CA ALA N 273 -24.63 -14.11 -50.42
C ALA N 273 -24.00 -12.81 -49.94
N ILE N 274 -23.87 -12.65 -48.63
CA ILE N 274 -23.28 -11.43 -48.08
C ILE N 274 -21.81 -11.32 -48.48
N ILE N 275 -21.07 -12.43 -48.38
CA ILE N 275 -19.66 -12.41 -48.74
C ILE N 275 -19.48 -12.07 -50.20
N GLU N 276 -20.30 -12.66 -51.08
CA GLU N 276 -20.24 -12.35 -52.50
C GLU N 276 -20.63 -10.91 -52.77
N SER N 277 -21.55 -10.35 -51.99
CA SER N 277 -21.91 -8.94 -52.15
C SER N 277 -20.74 -8.03 -51.82
N ARG N 278 -20.02 -8.33 -50.75
CA ARG N 278 -18.95 -7.42 -50.32
C ARG N 278 -17.62 -7.67 -51.02
N SER N 279 -17.50 -8.72 -51.80
CA SER N 279 -16.24 -8.98 -52.52
C SER N 279 -16.03 -7.97 -53.64
N THR O 58 4.15 -30.79 -17.88
CA THR O 58 3.07 -31.74 -18.03
C THR O 58 2.38 -31.56 -19.38
N THR O 59 2.06 -32.66 -20.04
CA THR O 59 1.24 -32.62 -21.25
C THR O 59 0.46 -33.92 -21.34
N ILE O 60 -0.84 -33.81 -21.56
CA ILE O 60 -1.71 -34.96 -21.78
C ILE O 60 -2.47 -34.73 -23.08
N VAL O 61 -2.44 -35.70 -23.97
CA VAL O 61 -3.08 -35.60 -25.26
C VAL O 61 -4.19 -36.63 -25.35
N ALA O 62 -5.20 -36.33 -26.16
CA ALA O 62 -6.27 -37.26 -26.46
C ALA O 62 -6.65 -37.08 -27.92
N LEU O 63 -6.98 -38.17 -28.61
CA LEU O 63 -7.45 -38.06 -29.97
C LEU O 63 -8.39 -39.21 -30.30
N LYS O 64 -9.44 -38.88 -31.05
CA LYS O 64 -10.37 -39.88 -31.55
C LYS O 64 -9.81 -40.55 -32.80
N TYR O 65 -10.12 -41.82 -32.94
CA TYR O 65 -9.84 -42.58 -34.15
C TYR O 65 -11.08 -43.40 -34.47
N PRO O 66 -11.23 -43.85 -35.72
CA PRO O 66 -12.41 -44.67 -36.05
C PRO O 66 -12.57 -45.85 -35.12
N GLY O 67 -13.62 -45.79 -34.29
CA GLY O 67 -13.90 -46.85 -33.35
C GLY O 67 -13.45 -46.63 -31.93
N GLY O 68 -12.95 -45.44 -31.58
CA GLY O 68 -12.61 -45.19 -30.19
C GLY O 68 -11.79 -43.94 -30.01
N VAL O 69 -11.14 -43.86 -28.84
CA VAL O 69 -10.32 -42.73 -28.46
C VAL O 69 -9.06 -43.26 -27.78
N VAL O 70 -7.98 -42.48 -27.86
CA VAL O 70 -6.73 -42.82 -27.20
C VAL O 70 -6.25 -41.59 -26.43
N MET O 71 -5.74 -41.82 -25.22
CA MET O 71 -5.30 -40.75 -24.35
C MET O 71 -3.94 -41.09 -23.79
N ALA O 72 -2.96 -40.21 -23.98
CA ALA O 72 -1.61 -40.46 -23.52
C ALA O 72 -1.14 -39.30 -22.66
N GLY O 73 -0.16 -39.58 -21.81
CA GLY O 73 0.36 -38.58 -20.88
C GLY O 73 1.83 -38.80 -20.61
N ASP O 74 2.52 -37.72 -20.25
CA ASP O 74 3.95 -37.75 -19.98
C ASP O 74 4.17 -38.16 -18.52
N ARG O 75 5.44 -38.19 -18.09
CA ARG O 75 5.78 -38.78 -16.80
C ARG O 75 6.54 -37.87 -15.86
N ARG O 76 6.85 -36.64 -16.25
CA ARG O 76 7.74 -35.78 -15.48
C ARG O 76 6.94 -34.83 -14.59
N SER O 77 7.38 -34.67 -13.35
CA SER O 77 6.86 -33.66 -12.45
C SER O 77 8.01 -32.83 -11.93
N THR O 78 7.87 -31.51 -12.00
CA THR O 78 8.91 -30.59 -11.57
C THR O 78 8.40 -29.68 -10.46
N GLN O 79 9.30 -29.31 -9.57
CA GLN O 79 9.02 -28.30 -8.54
C GLN O 79 9.92 -27.12 -8.86
N GLY O 80 9.45 -26.23 -9.72
CA GLY O 80 10.28 -25.18 -10.27
C GLY O 80 11.05 -25.70 -11.47
N ASN O 81 12.36 -25.49 -11.47
CA ASN O 81 13.23 -26.04 -12.51
C ASN O 81 13.77 -27.41 -12.15
N MET O 82 13.50 -27.91 -10.94
CA MET O 82 14.07 -29.15 -10.47
C MET O 82 13.14 -30.32 -10.77
N ILE O 83 13.68 -31.37 -11.39
CA ILE O 83 12.90 -32.55 -11.72
C ILE O 83 12.75 -33.41 -10.47
N SER O 84 11.51 -33.54 -9.99
CA SER O 84 11.23 -34.29 -8.78
C SER O 84 10.57 -35.64 -9.03
N GLY O 85 9.88 -35.81 -10.14
CA GLY O 85 9.26 -37.08 -10.46
C GLY O 85 9.54 -37.51 -11.89
N ARG O 86 9.95 -38.77 -12.07
CA ARG O 86 10.31 -39.27 -13.38
C ARG O 86 9.34 -40.30 -13.94
N ASP O 87 8.42 -40.81 -13.14
CA ASP O 87 7.50 -41.85 -13.60
C ASP O 87 6.09 -41.58 -13.08
N VAL O 88 5.70 -40.31 -13.02
CA VAL O 88 4.36 -39.95 -12.60
C VAL O 88 3.34 -40.43 -13.62
N ARG O 89 2.23 -40.96 -13.14
CA ARG O 89 1.15 -41.45 -14.01
C ARG O 89 0.01 -40.44 -13.99
N LYS O 90 -0.32 -39.88 -15.15
CA LYS O 90 -1.28 -38.79 -15.24
C LYS O 90 -2.59 -39.16 -15.92
N VAL O 91 -2.67 -40.31 -16.57
CA VAL O 91 -3.89 -40.76 -17.23
C VAL O 91 -4.50 -41.87 -16.39
N TYR O 92 -5.74 -41.66 -15.96
CA TYR O 92 -6.45 -42.60 -15.10
C TYR O 92 -7.65 -43.15 -15.85
N ILE O 93 -7.87 -44.46 -15.71
CA ILE O 93 -9.09 -45.09 -16.19
C ILE O 93 -10.16 -44.80 -15.14
N THR O 94 -11.01 -43.81 -15.42
CA THR O 94 -12.03 -43.42 -14.45
C THR O 94 -13.11 -44.48 -14.34
N ASP O 95 -13.56 -45.02 -15.47
CA ASP O 95 -14.42 -46.20 -15.46
C ASP O 95 -14.26 -46.91 -16.80
N ASP O 96 -15.04 -47.98 -16.96
CA ASP O 96 -14.78 -48.95 -18.02
C ASP O 96 -14.86 -48.34 -19.41
N TYR O 97 -15.49 -47.17 -19.54
CA TYR O 97 -15.57 -46.50 -20.84
C TYR O 97 -15.09 -45.06 -20.80
N THR O 98 -14.40 -44.63 -19.74
CA THR O 98 -13.88 -43.27 -19.75
C THR O 98 -12.57 -43.22 -18.98
N ALA O 99 -11.65 -42.41 -19.52
CA ALA O 99 -10.38 -42.10 -18.91
C ALA O 99 -10.29 -40.58 -18.74
N THR O 100 -9.59 -40.16 -17.69
CA THR O 100 -9.40 -38.75 -17.42
C THR O 100 -7.92 -38.47 -17.20
N GLY O 101 -7.48 -37.30 -17.63
CA GLY O 101 -6.10 -36.89 -17.46
C GLY O 101 -6.04 -35.46 -16.98
N ILE O 102 -5.43 -35.23 -15.84
CA ILE O 102 -5.50 -33.93 -15.17
C ILE O 102 -4.09 -33.35 -15.11
N ALA O 103 -3.93 -32.19 -15.74
CA ALA O 103 -2.70 -31.42 -15.69
C ALA O 103 -2.76 -30.40 -14.56
N GLY O 104 -1.62 -29.77 -14.29
CA GLY O 104 -1.54 -28.81 -13.20
C GLY O 104 -0.75 -29.37 -12.05
N THR O 105 -1.13 -29.02 -10.82
CA THR O 105 -0.44 -29.54 -9.66
C THR O 105 -0.71 -31.04 -9.50
N ALA O 106 0.33 -31.79 -9.16
CA ALA O 106 0.21 -33.24 -9.08
C ALA O 106 -0.72 -33.68 -7.95
N ALA O 107 -0.62 -33.02 -6.78
CA ALA O 107 -1.46 -33.39 -5.65
C ALA O 107 -2.94 -33.23 -5.97
N VAL O 108 -3.30 -32.07 -6.50
CA VAL O 108 -4.70 -31.81 -6.83
C VAL O 108 -5.14 -32.73 -7.96
N ALA O 109 -4.25 -33.05 -8.89
CA ALA O 109 -4.61 -33.95 -9.98
C ALA O 109 -4.98 -35.34 -9.46
N VAL O 110 -4.15 -35.88 -8.54
CA VAL O 110 -4.43 -37.19 -7.99
C VAL O 110 -5.72 -37.17 -7.18
N GLU O 111 -5.90 -36.12 -6.36
CA GLU O 111 -7.12 -36.02 -5.57
C GLU O 111 -8.36 -35.92 -6.47
N PHE O 112 -8.26 -35.15 -7.56
CA PHE O 112 -9.38 -34.97 -8.46
C PHE O 112 -9.75 -36.28 -9.14
N ALA O 113 -8.76 -37.01 -9.65
CA ALA O 113 -9.05 -38.29 -10.29
C ALA O 113 -9.69 -39.26 -9.29
N ARG O 114 -9.15 -39.30 -8.07
CA ARG O 114 -9.70 -40.17 -7.03
C ARG O 114 -11.15 -39.85 -6.75
N LEU O 115 -11.45 -38.57 -6.51
CA LEU O 115 -12.81 -38.15 -6.19
C LEU O 115 -13.77 -38.42 -7.34
N TYR O 116 -13.33 -38.12 -8.57
CA TYR O 116 -14.20 -38.31 -9.73
C TYR O 116 -14.55 -39.77 -9.93
N ALA O 117 -13.54 -40.66 -9.83
CA ALA O 117 -13.81 -42.08 -9.97
C ALA O 117 -14.74 -42.57 -8.87
N VAL O 118 -14.51 -42.13 -7.64
CA VAL O 118 -15.38 -42.54 -6.53
C VAL O 118 -16.81 -42.08 -6.78
N GLU O 119 -16.97 -40.84 -7.25
CA GLU O 119 -18.31 -40.29 -7.46
C GLU O 119 -19.06 -41.06 -8.55
N LEU O 120 -18.40 -41.33 -9.67
CA LEU O 120 -19.06 -42.08 -10.74
C LEU O 120 -19.45 -43.48 -10.27
N GLU O 121 -18.52 -44.18 -9.59
CA GLU O 121 -18.83 -45.52 -9.10
C GLU O 121 -19.95 -45.49 -8.07
N HIS O 122 -19.97 -44.47 -7.21
CA HIS O 122 -20.99 -44.35 -6.18
C HIS O 122 -22.36 -44.17 -6.80
N TYR O 123 -22.47 -43.32 -7.82
CA TYR O 123 -23.74 -43.19 -8.52
C TYR O 123 -24.14 -44.51 -9.16
N GLU O 124 -23.20 -45.20 -9.82
CA GLU O 124 -23.53 -46.44 -10.50
C GLU O 124 -24.05 -47.49 -9.52
N LYS O 125 -23.44 -47.56 -8.33
CA LYS O 125 -23.89 -48.54 -7.35
C LYS O 125 -25.23 -48.16 -6.73
N LEU O 126 -25.44 -46.87 -6.48
CA LEU O 126 -26.71 -46.44 -5.87
C LEU O 126 -27.87 -46.66 -6.82
N GLU O 127 -27.76 -46.18 -8.05
CA GLU O 127 -28.90 -46.16 -8.96
C GLU O 127 -29.01 -47.41 -9.83
N GLY O 128 -27.98 -48.25 -9.88
CA GLY O 128 -28.04 -49.44 -10.69
C GLY O 128 -27.84 -49.25 -12.17
N VAL O 129 -27.49 -48.03 -12.60
CA VAL O 129 -27.23 -47.75 -14.01
C VAL O 129 -26.14 -46.67 -14.07
N PRO O 130 -25.14 -46.82 -14.93
CA PRO O 130 -24.09 -45.81 -15.01
C PRO O 130 -24.60 -44.48 -15.53
N LEU O 131 -23.93 -43.42 -15.12
CA LEU O 131 -24.29 -42.08 -15.58
C LEU O 131 -24.17 -41.99 -17.09
N THR O 132 -25.08 -41.24 -17.70
CA THR O 132 -24.91 -40.88 -19.10
C THR O 132 -23.66 -40.02 -19.24
N PHE O 133 -23.17 -39.92 -20.48
CA PHE O 133 -21.93 -39.19 -20.70
C PHE O 133 -22.07 -37.72 -20.33
N ALA O 134 -23.21 -37.11 -20.63
CA ALA O 134 -23.43 -35.73 -20.25
C ALA O 134 -23.42 -35.57 -18.73
N GLY O 135 -23.93 -36.58 -18.00
CA GLY O 135 -23.88 -36.53 -16.55
C GLY O 135 -22.45 -36.56 -16.01
N LYS O 136 -21.61 -37.42 -16.59
CA LYS O 136 -20.21 -37.46 -16.19
C LYS O 136 -19.52 -36.14 -16.49
N ILE O 137 -19.79 -35.57 -17.66
CA ILE O 137 -19.23 -34.26 -18.00
C ILE O 137 -19.65 -33.23 -16.99
N ASN O 138 -20.93 -33.24 -16.61
CA ASN O 138 -21.42 -32.24 -15.66
C ASN O 138 -20.78 -32.40 -14.29
N ARG O 139 -20.62 -33.64 -13.83
CA ARG O 139 -19.99 -33.85 -12.53
C ARG O 139 -18.53 -33.37 -12.54
N LEU O 140 -17.80 -33.68 -13.62
CA LEU O 140 -16.43 -33.19 -13.72
C LEU O 140 -16.37 -31.68 -13.79
N ALA O 141 -17.31 -31.06 -14.51
CA ALA O 141 -17.33 -29.61 -14.62
C ALA O 141 -17.62 -28.95 -13.28
N ILE O 142 -18.52 -29.55 -12.48
CA ILE O 142 -18.80 -29.01 -11.16
C ILE O 142 -17.58 -29.18 -10.25
N MET O 143 -16.88 -30.31 -10.38
CA MET O 143 -15.65 -30.49 -9.61
C MET O 143 -14.62 -29.42 -9.96
N VAL O 144 -14.51 -29.08 -11.25
CA VAL O 144 -13.58 -28.04 -11.66
C VAL O 144 -14.01 -26.68 -11.14
N ARG O 145 -15.31 -26.38 -11.22
CA ARG O 145 -15.80 -25.07 -10.80
C ARG O 145 -15.67 -24.88 -9.29
N GLY O 146 -15.85 -25.94 -8.51
CA GLY O 146 -15.69 -25.82 -7.07
C GLY O 146 -14.26 -25.65 -6.61
N ASN O 147 -13.31 -25.65 -7.54
CA ASN O 147 -11.89 -25.51 -7.24
C ASN O 147 -11.35 -24.13 -7.60
N LEU O 148 -12.22 -23.18 -7.95
CA LEU O 148 -11.73 -21.85 -8.34
C LEU O 148 -11.01 -21.15 -7.19
N ALA O 149 -11.60 -21.23 -5.99
CA ALA O 149 -10.99 -20.55 -4.84
C ALA O 149 -9.62 -21.14 -4.51
N ALA O 150 -9.49 -22.46 -4.54
CA ALA O 150 -8.21 -23.09 -4.23
C ALA O 150 -7.22 -22.95 -5.37
N ALA O 151 -7.69 -22.84 -6.60
CA ALA O 151 -6.79 -22.65 -7.75
C ALA O 151 -6.26 -21.23 -7.82
N MET O 152 -7.01 -20.27 -7.30
CA MET O 152 -6.48 -18.91 -7.22
C MET O 152 -5.32 -18.81 -6.24
N GLN O 153 -5.16 -19.78 -5.35
CA GLN O 153 -4.02 -19.84 -4.45
C GLN O 153 -2.89 -20.71 -4.99
N GLY O 154 -3.06 -21.29 -6.18
CA GLY O 154 -2.01 -22.09 -6.80
C GLY O 154 -2.36 -23.56 -6.99
N LEU O 155 -3.51 -24.04 -6.54
CA LEU O 155 -3.87 -25.45 -6.68
C LEU O 155 -4.77 -25.63 -7.90
N LEU O 156 -4.17 -25.41 -9.07
CA LEU O 156 -4.88 -25.49 -10.34
C LEU O 156 -4.83 -26.93 -10.88
N ALA O 157 -5.99 -27.41 -11.32
CA ALA O 157 -6.10 -28.72 -11.95
C ALA O 157 -6.96 -28.60 -13.20
N LEU O 158 -6.39 -28.93 -14.35
CA LEU O 158 -7.08 -28.86 -15.62
C LEU O 158 -7.36 -30.28 -16.13
N PRO O 159 -8.59 -30.74 -16.14
CA PRO O 159 -8.87 -32.09 -16.62
C PRO O 159 -9.14 -32.14 -18.12
N LEU O 160 -8.94 -33.33 -18.67
CA LEU O 160 -9.24 -33.65 -20.06
C LEU O 160 -9.88 -35.03 -20.04
N LEU O 161 -11.05 -35.16 -20.65
CA LEU O 161 -11.87 -36.36 -20.50
C LEU O 161 -12.01 -37.05 -21.85
N ALA O 162 -11.54 -38.29 -21.92
CA ALA O 162 -11.75 -39.13 -23.09
C ALA O 162 -12.76 -40.21 -22.72
N GLY O 163 -13.69 -40.50 -23.61
CA GLY O 163 -14.73 -41.46 -23.30
C GLY O 163 -15.27 -42.11 -24.55
N TYR O 164 -16.05 -43.17 -24.33
CA TYR O 164 -16.70 -43.89 -25.40
C TYR O 164 -18.19 -43.97 -25.08
N ASP O 165 -18.99 -43.19 -25.81
CA ASP O 165 -20.44 -43.16 -25.62
C ASP O 165 -21.03 -44.45 -26.18
N ILE O 166 -21.37 -45.39 -25.29
CA ILE O 166 -21.99 -46.62 -25.74
C ILE O 166 -23.41 -46.39 -26.23
N HIS O 167 -24.07 -45.34 -25.74
CA HIS O 167 -25.44 -45.03 -26.13
C HIS O 167 -25.52 -44.25 -27.44
N ALA O 168 -24.38 -43.96 -28.07
CA ALA O 168 -24.39 -43.26 -29.34
C ALA O 168 -24.97 -44.16 -30.44
N SER O 169 -25.45 -43.51 -31.50
CA SER O 169 -26.03 -44.26 -32.61
C SER O 169 -24.96 -45.04 -33.36
N ASP O 170 -23.99 -44.35 -33.93
CA ASP O 170 -22.94 -44.99 -34.72
C ASP O 170 -21.78 -45.37 -33.81
N PRO O 171 -21.47 -46.66 -33.65
CA PRO O 171 -20.36 -47.04 -32.76
C PRO O 171 -19.00 -46.57 -33.23
N GLN O 172 -18.82 -46.27 -34.52
CA GLN O 172 -17.52 -45.86 -35.01
C GLN O 172 -17.18 -44.44 -34.57
N SER O 173 -18.19 -43.55 -34.52
CA SER O 173 -18.02 -42.18 -34.06
C SER O 173 -18.49 -42.00 -32.62
N ALA O 174 -18.29 -43.00 -31.78
CA ALA O 174 -18.76 -42.96 -30.39
C ALA O 174 -17.73 -42.38 -29.44
N GLY O 175 -16.50 -42.12 -29.90
CA GLY O 175 -15.51 -41.52 -29.04
C GLY O 175 -15.79 -40.05 -28.79
N ARG O 176 -15.48 -39.60 -27.58
CA ARG O 176 -15.73 -38.23 -27.17
C ARG O 176 -14.50 -37.69 -26.45
N ILE O 177 -14.10 -36.48 -26.82
CA ILE O 177 -13.03 -35.76 -26.14
C ILE O 177 -13.63 -34.46 -25.60
N VAL O 178 -13.45 -34.23 -24.31
CA VAL O 178 -14.03 -33.09 -23.63
C VAL O 178 -12.91 -32.31 -22.96
N SER O 179 -12.85 -31.01 -23.23
CA SER O 179 -11.84 -30.14 -22.64
C SER O 179 -12.51 -29.12 -21.74
N PHE O 180 -11.91 -28.86 -20.59
CA PHE O 180 -12.46 -27.96 -19.60
C PHE O 180 -11.58 -26.72 -19.48
N ASP O 181 -12.21 -25.56 -19.32
CA ASP O 181 -11.46 -24.33 -19.13
C ASP O 181 -11.36 -24.01 -17.63
N ALA O 182 -10.72 -22.88 -17.33
CA ALA O 182 -10.37 -22.57 -15.94
C ALA O 182 -11.62 -22.40 -15.08
N ALA O 183 -12.61 -21.68 -15.57
CA ALA O 183 -13.80 -21.34 -14.78
C ALA O 183 -14.75 -22.52 -14.59
N GLY O 184 -14.55 -23.62 -15.30
CA GLY O 184 -15.43 -24.76 -15.22
C GLY O 184 -16.21 -25.05 -16.48
N GLY O 185 -16.08 -24.22 -17.51
CA GLY O 185 -16.73 -24.50 -18.76
C GLY O 185 -16.14 -25.72 -19.44
N TRP O 186 -16.98 -26.42 -20.19
CA TRP O 186 -16.57 -27.63 -20.87
C TRP O 186 -16.99 -27.57 -22.33
N ASN O 187 -16.18 -28.17 -23.20
CA ASN O 187 -16.41 -28.15 -24.63
C ASN O 187 -16.12 -29.55 -25.17
N ILE O 188 -17.08 -30.11 -25.91
CA ILE O 188 -16.88 -31.40 -26.56
C ILE O 188 -16.14 -31.13 -27.87
N GLU O 189 -14.86 -31.47 -27.91
CA GLU O 189 -14.05 -31.21 -29.09
C GLU O 189 -14.60 -31.94 -30.30
N GLU O 190 -14.72 -31.22 -31.41
CA GLU O 190 -15.21 -31.80 -32.65
C GLU O 190 -14.12 -32.00 -33.69
N GLU O 191 -12.94 -31.44 -33.49
CA GLU O 191 -11.84 -31.60 -34.44
C GLU O 191 -11.12 -32.93 -34.31
N GLY O 192 -11.33 -33.66 -33.21
CA GLY O 192 -10.80 -35.00 -33.07
C GLY O 192 -9.55 -35.14 -32.22
N TYR O 193 -9.00 -34.05 -31.69
CA TYR O 193 -7.83 -34.13 -30.83
C TYR O 193 -7.83 -32.95 -29.88
N GLN O 194 -7.11 -33.11 -28.77
CA GLN O 194 -7.03 -32.09 -27.74
C GLN O 194 -5.83 -32.39 -26.86
N ALA O 195 -5.37 -31.35 -26.16
CA ALA O 195 -4.25 -31.49 -25.25
C ALA O 195 -4.40 -30.51 -24.10
N VAL O 196 -3.88 -30.90 -22.93
CA VAL O 196 -3.82 -30.05 -21.76
C VAL O 196 -2.41 -30.11 -21.20
N GLY O 197 -2.07 -29.10 -20.41
CA GLY O 197 -0.77 -29.02 -19.76
C GLY O 197 0.03 -27.84 -20.28
N SER O 198 1.29 -27.79 -19.84
CA SER O 198 2.16 -26.69 -20.24
C SER O 198 2.64 -26.83 -21.68
N GLY O 199 2.75 -28.06 -22.17
CA GLY O 199 3.14 -28.29 -23.55
C GLY O 199 1.95 -28.53 -24.45
N SER O 200 0.77 -28.08 -24.01
CA SER O 200 -0.46 -28.39 -24.73
C SER O 200 -0.46 -27.76 -26.12
N LEU O 201 0.06 -26.55 -26.26
CA LEU O 201 0.03 -25.88 -27.55
C LEU O 201 0.92 -26.58 -28.57
N PHE O 202 2.13 -26.98 -28.16
CA PHE O 202 3.01 -27.69 -29.08
C PHE O 202 2.43 -29.03 -29.50
N ALA O 203 1.85 -29.76 -28.54
CA ALA O 203 1.24 -31.05 -28.85
C ALA O 203 0.05 -30.87 -29.79
N LYS O 204 -0.77 -29.84 -29.55
CA LYS O 204 -1.91 -29.58 -30.43
C LYS O 204 -1.46 -29.21 -31.83
N SER O 205 -0.42 -28.39 -31.95
CA SER O 205 0.06 -28.00 -33.26
C SER O 205 0.70 -29.17 -33.99
N SER O 206 1.33 -30.08 -33.27
CA SER O 206 1.84 -31.31 -33.89
C SER O 206 0.68 -32.20 -34.35
N MET O 207 -0.34 -32.37 -33.52
CA MET O 207 -1.46 -33.21 -33.88
C MET O 207 -2.24 -32.62 -35.05
N LYS O 208 -2.28 -31.30 -35.18
CA LYS O 208 -2.95 -30.69 -36.32
C LYS O 208 -2.34 -31.17 -37.63
N LYS O 209 -1.02 -31.32 -37.66
CA LYS O 209 -0.35 -31.76 -38.88
C LYS O 209 -0.36 -33.28 -39.02
N LEU O 210 -0.39 -34.02 -37.92
CA LEU O 210 -0.29 -35.47 -37.99
C LEU O 210 -1.62 -36.20 -37.99
N TYR O 211 -2.75 -35.50 -37.77
CA TYR O 211 -4.01 -36.20 -37.55
C TYR O 211 -4.55 -36.85 -38.82
N SER O 212 -4.04 -36.49 -40.00
CA SER O 212 -4.49 -37.16 -41.21
C SER O 212 -3.96 -38.58 -41.31
N GLN O 213 -2.89 -38.91 -40.58
CA GLN O 213 -2.36 -40.26 -40.58
C GLN O 213 -3.11 -41.20 -39.64
N VAL O 214 -4.06 -40.68 -38.87
CA VAL O 214 -4.78 -41.50 -37.89
C VAL O 214 -5.89 -42.25 -38.61
N THR O 215 -5.70 -43.56 -38.79
CA THR O 215 -6.69 -44.41 -39.45
C THR O 215 -7.29 -45.46 -38.53
N ASP O 216 -6.54 -45.93 -37.53
CA ASP O 216 -7.04 -46.92 -36.59
C ASP O 216 -6.39 -46.66 -35.23
N GLY O 217 -6.50 -47.65 -34.33
CA GLY O 217 -6.00 -47.47 -32.98
C GLY O 217 -4.48 -47.34 -32.92
N ASP O 218 -3.77 -48.13 -33.72
CA ASP O 218 -2.31 -48.13 -33.65
C ASP O 218 -1.73 -46.83 -34.17
N SER O 219 -2.22 -46.34 -35.31
CA SER O 219 -1.74 -45.08 -35.86
C SER O 219 -2.15 -43.91 -34.96
N GLY O 220 -3.33 -44.00 -34.34
CA GLY O 220 -3.71 -42.98 -33.37
C GLY O 220 -2.79 -42.95 -32.17
N LEU O 221 -2.41 -44.14 -31.68
CA LEU O 221 -1.47 -44.21 -30.57
C LEU O 221 -0.10 -43.64 -30.96
N ARG O 222 0.36 -43.95 -32.17
CA ARG O 222 1.62 -43.41 -32.65
C ARG O 222 1.57 -41.89 -32.74
N VAL O 223 0.46 -41.35 -33.25
CA VAL O 223 0.35 -39.90 -33.37
C VAL O 223 0.30 -39.24 -32.00
N ALA O 224 -0.38 -39.87 -31.03
CA ALA O 224 -0.39 -39.33 -29.68
C ALA O 224 1.01 -39.32 -29.07
N VAL O 225 1.75 -40.42 -29.22
CA VAL O 225 3.11 -40.48 -28.68
C VAL O 225 4.00 -39.46 -29.35
N GLU O 226 3.83 -39.25 -30.66
CA GLU O 226 4.65 -38.27 -31.36
C GLU O 226 4.31 -36.85 -30.94
N ALA O 227 3.03 -36.55 -30.70
CA ALA O 227 2.67 -35.24 -30.17
C ALA O 227 3.30 -35.01 -28.81
N LEU O 228 3.29 -36.03 -27.96
CA LEU O 228 3.96 -35.92 -26.67
C LEU O 228 5.45 -35.68 -26.83
N TYR O 229 6.07 -36.35 -27.81
CA TYR O 229 7.49 -36.14 -28.07
C TYR O 229 7.76 -34.71 -28.49
N ASP O 230 6.89 -34.14 -29.33
CA ASP O 230 7.07 -32.75 -29.75
C ASP O 230 6.91 -31.80 -28.57
N ALA O 231 5.90 -32.03 -27.73
CA ALA O 231 5.72 -31.19 -26.55
C ALA O 231 6.93 -31.25 -25.63
N ALA O 232 7.47 -32.46 -25.41
CA ALA O 232 8.68 -32.60 -24.60
C ALA O 232 9.87 -31.93 -25.27
N ASP O 233 9.92 -31.95 -26.61
CA ASP O 233 10.99 -31.30 -27.35
C ASP O 233 10.97 -29.79 -27.14
N ASP O 234 9.79 -29.20 -27.08
CA ASP O 234 9.68 -27.75 -27.02
C ASP O 234 9.44 -27.20 -25.62
N ASP O 235 9.16 -28.06 -24.64
CA ASP O 235 8.83 -27.61 -23.28
C ASP O 235 9.60 -28.45 -22.29
N SER O 236 10.30 -27.78 -21.35
CA SER O 236 11.14 -28.49 -20.40
C SER O 236 10.36 -29.08 -19.24
N ALA O 237 9.11 -28.64 -19.03
CA ALA O 237 8.28 -29.23 -17.99
C ALA O 237 7.67 -30.56 -18.41
N THR O 238 7.77 -30.92 -19.68
CA THR O 238 7.27 -32.18 -20.19
C THR O 238 8.45 -33.14 -20.38
N GLY O 239 8.28 -34.38 -19.93
CA GLY O 239 9.32 -35.37 -20.04
C GLY O 239 9.22 -36.17 -21.32
N GLY O 240 10.34 -36.30 -22.02
CA GLY O 240 10.39 -37.15 -23.19
C GLY O 240 10.61 -38.60 -22.83
N PRO O 241 10.65 -39.44 -23.85
CA PRO O 241 10.99 -40.86 -23.62
C PRO O 241 12.39 -41.01 -23.05
N ASP O 242 12.48 -41.66 -21.90
CA ASP O 242 13.74 -41.83 -21.19
C ASP O 242 14.33 -43.18 -21.58
N LEU O 243 15.14 -43.18 -22.63
CA LEU O 243 15.73 -44.44 -23.10
C LEU O 243 16.76 -44.98 -22.12
N VAL O 244 17.38 -44.11 -21.32
CA VAL O 244 18.34 -44.57 -20.33
C VAL O 244 17.63 -45.34 -19.22
N ARG O 245 16.55 -44.76 -18.67
CA ARG O 245 15.82 -45.40 -17.59
C ARG O 245 14.69 -46.28 -18.07
N GLY O 246 14.38 -46.28 -19.36
CA GLY O 246 13.27 -47.06 -19.86
C GLY O 246 11.92 -46.59 -19.36
N ILE O 247 11.69 -45.28 -19.34
CA ILE O 247 10.42 -44.70 -18.93
C ILE O 247 9.80 -44.01 -20.13
N PHE O 248 8.55 -44.32 -20.41
CA PHE O 248 7.84 -43.86 -21.59
C PHE O 248 6.48 -43.33 -21.20
N PRO O 249 5.85 -42.53 -22.07
CA PRO O 249 4.51 -42.01 -21.75
C PRO O 249 3.52 -43.14 -21.53
N THR O 250 2.55 -42.88 -20.65
CA THR O 250 1.49 -43.84 -20.41
C THR O 250 0.32 -43.56 -21.34
N ALA O 251 -0.39 -44.62 -21.74
CA ALA O 251 -1.48 -44.47 -22.67
C ALA O 251 -2.63 -45.39 -22.27
N VAL O 252 -3.84 -44.96 -22.62
CA VAL O 252 -5.06 -45.71 -22.40
C VAL O 252 -5.88 -45.64 -23.68
N ILE O 253 -6.38 -46.79 -24.12
CA ILE O 253 -7.20 -46.88 -25.33
C ILE O 253 -8.60 -47.30 -24.93
N ILE O 254 -9.59 -46.54 -25.38
CA ILE O 254 -11.00 -46.84 -25.13
C ILE O 254 -11.66 -47.15 -26.46
N ASP O 255 -12.30 -48.31 -26.55
CA ASP O 255 -13.13 -48.64 -27.69
C ASP O 255 -14.37 -49.37 -27.18
N ALA O 256 -15.10 -50.00 -28.11
CA ALA O 256 -16.35 -50.65 -27.76
C ALA O 256 -16.17 -51.71 -26.68
N ASP O 257 -14.99 -52.34 -26.61
CA ASP O 257 -14.75 -53.38 -25.63
C ASP O 257 -14.44 -52.83 -24.24
N GLY O 258 -14.09 -51.55 -24.14
CA GLY O 258 -13.80 -50.94 -22.86
C GLY O 258 -12.55 -50.09 -22.94
N ALA O 259 -12.03 -49.75 -21.76
CA ALA O 259 -10.83 -48.92 -21.63
C ALA O 259 -9.72 -49.78 -21.05
N VAL O 260 -8.59 -49.84 -21.75
CA VAL O 260 -7.45 -50.65 -21.33
C VAL O 260 -6.18 -49.82 -21.39
N ASP O 261 -5.34 -49.97 -20.37
CA ASP O 261 -4.01 -49.38 -20.42
C ASP O 261 -3.20 -50.05 -21.52
N VAL O 262 -2.48 -49.23 -22.29
CA VAL O 262 -1.60 -49.76 -23.32
C VAL O 262 -0.38 -50.38 -22.67
N PRO O 263 0.07 -51.57 -23.10
CA PRO O 263 1.29 -52.14 -22.54
C PRO O 263 2.50 -51.26 -22.84
N GLU O 264 3.47 -51.31 -21.92
CA GLU O 264 4.63 -50.42 -22.01
C GLU O 264 5.55 -50.79 -23.17
N SER O 265 5.51 -52.05 -23.62
CA SER O 265 6.41 -52.47 -24.70
C SER O 265 6.01 -51.85 -26.04
N ARG O 266 4.70 -51.79 -26.33
CA ARG O 266 4.25 -51.18 -27.57
C ARG O 266 4.61 -49.70 -27.61
N ILE O 267 4.41 -49.00 -26.49
CA ILE O 267 4.79 -47.58 -26.43
C ILE O 267 6.29 -47.44 -26.56
N ALA O 268 7.06 -48.35 -25.96
CA ALA O 268 8.51 -48.28 -26.08
C ALA O 268 8.95 -48.41 -27.53
N GLU O 269 8.37 -49.36 -28.27
CA GLU O 269 8.77 -49.55 -29.66
C GLU O 269 8.30 -48.40 -30.54
N LEU O 270 7.12 -47.84 -30.26
CA LEU O 270 6.68 -46.65 -30.99
C LEU O 270 7.60 -45.47 -30.75
N ALA O 271 7.99 -45.24 -29.49
CA ALA O 271 8.87 -44.14 -29.17
C ALA O 271 10.24 -44.33 -29.80
N ARG O 272 10.74 -45.57 -29.83
CA ARG O 272 12.02 -45.84 -30.48
C ARG O 272 11.93 -45.57 -31.97
N ALA O 273 10.82 -45.95 -32.61
CA ALA O 273 10.65 -45.66 -34.02
C ALA O 273 10.63 -44.15 -34.28
N ILE O 274 9.92 -43.40 -33.44
CA ILE O 274 9.87 -41.95 -33.61
C ILE O 274 11.26 -41.34 -33.43
N ILE O 275 11.99 -41.77 -32.40
CA ILE O 275 13.31 -41.22 -32.14
C ILE O 275 14.26 -41.53 -33.29
N GLU O 276 14.24 -42.77 -33.79
CA GLU O 276 15.10 -43.12 -34.92
C GLU O 276 14.65 -42.47 -36.21
N SER O 277 13.39 -42.03 -36.29
CA SER O 277 12.98 -41.23 -37.44
C SER O 277 13.57 -39.82 -37.35
N ARG O 278 13.51 -39.20 -36.18
CA ARG O 278 13.97 -37.82 -36.04
C ARG O 278 15.49 -37.70 -36.00
N SER O 279 16.22 -38.80 -35.82
CA SER O 279 17.68 -38.73 -35.77
C SER O 279 18.26 -38.40 -37.13
N THR P 58 18.37 -29.57 8.96
CA THR P 58 17.74 -30.88 9.05
C THR P 58 17.92 -31.66 7.76
N THR P 59 18.31 -32.92 7.88
CA THR P 59 18.33 -33.84 6.75
C THR P 59 17.94 -35.22 7.24
N ILE P 60 16.94 -35.80 6.61
CA ILE P 60 16.50 -37.16 6.90
C ILE P 60 16.54 -37.94 5.60
N VAL P 61 17.32 -39.02 5.59
CA VAL P 61 17.47 -39.86 4.40
C VAL P 61 16.80 -41.20 4.67
N ALA P 62 16.37 -41.85 3.60
CA ALA P 62 15.81 -43.18 3.66
C ALA P 62 16.24 -43.90 2.39
N LEU P 63 16.57 -45.19 2.52
CA LEU P 63 16.97 -45.95 1.34
C LEU P 63 16.61 -47.41 1.50
N LYS P 64 16.22 -48.02 0.38
CA LYS P 64 15.87 -49.43 0.33
C LYS P 64 17.11 -50.28 0.09
N TYR P 65 17.14 -51.44 0.72
CA TYR P 65 18.16 -52.45 0.47
C TYR P 65 17.46 -53.79 0.37
N PRO P 66 18.11 -54.79 -0.24
CA PRO P 66 17.48 -56.11 -0.34
C PRO P 66 17.02 -56.64 1.00
N GLY P 67 15.71 -56.71 1.19
CA GLY P 67 15.14 -57.22 2.42
C GLY P 67 14.66 -56.18 3.40
N GLY P 68 14.73 -54.89 3.09
CA GLY P 68 14.20 -53.90 4.01
C GLY P 68 14.56 -52.48 3.61
N VAL P 69 14.41 -51.59 4.58
CA VAL P 69 14.59 -50.16 4.38
C VAL P 69 15.27 -49.58 5.61
N VAL P 70 16.05 -48.53 5.42
CA VAL P 70 16.74 -47.87 6.52
C VAL P 70 16.48 -46.37 6.44
N MET P 71 16.27 -45.76 7.60
CA MET P 71 16.01 -44.33 7.72
C MET P 71 17.01 -43.74 8.71
N ALA P 72 17.48 -42.53 8.44
CA ALA P 72 18.45 -41.89 9.30
C ALA P 72 18.23 -40.38 9.29
N GLY P 73 18.61 -39.75 10.39
CA GLY P 73 18.41 -38.31 10.54
C GLY P 73 19.46 -37.70 11.44
N ASP P 74 19.73 -36.42 11.23
CA ASP P 74 20.69 -35.69 12.04
C ASP P 74 20.06 -35.27 13.36
N ARG P 75 20.81 -34.48 14.14
CA ARG P 75 20.41 -34.13 15.49
C ARG P 75 20.36 -32.63 15.75
N ARG P 76 20.75 -31.79 14.81
CA ARG P 76 20.84 -30.36 15.04
C ARG P 76 19.49 -29.69 14.85
N SER P 77 19.13 -28.82 15.78
CA SER P 77 17.98 -27.92 15.62
C SER P 77 18.47 -26.50 15.81
N THR P 78 18.11 -25.62 14.89
CA THR P 78 18.61 -24.25 14.86
C THR P 78 17.47 -23.27 15.07
N GLN P 79 17.85 -22.02 15.29
CA GLN P 79 16.94 -20.87 15.30
C GLN P 79 17.65 -19.75 14.55
N GLY P 80 17.45 -19.71 13.23
CA GLY P 80 18.23 -18.84 12.38
C GLY P 80 19.62 -19.39 12.15
N ASN P 81 20.63 -18.69 12.65
CA ASN P 81 22.00 -19.16 12.60
C ASN P 81 22.48 -19.71 13.94
N MET P 82 21.68 -19.57 14.99
CA MET P 82 22.07 -20.02 16.30
C MET P 82 21.65 -21.48 16.51
N ILE P 83 22.57 -22.27 17.06
CA ILE P 83 22.29 -23.67 17.36
C ILE P 83 21.52 -23.74 18.67
N SER P 84 20.33 -24.35 18.63
CA SER P 84 19.48 -24.42 19.80
C SER P 84 19.35 -25.81 20.39
N GLY P 85 19.54 -26.86 19.58
CA GLY P 85 19.43 -28.22 20.08
C GLY P 85 20.44 -29.13 19.42
N ARG P 86 21.00 -30.06 20.19
CA ARG P 86 22.07 -30.92 19.70
C ARG P 86 21.73 -32.40 19.72
N ASP P 87 20.64 -32.81 20.37
CA ASP P 87 20.30 -34.23 20.48
C ASP P 87 18.90 -34.52 19.96
N VAL P 88 18.44 -33.71 19.00
CA VAL P 88 17.07 -33.84 18.50
C VAL P 88 16.92 -35.15 17.73
N ARG P 89 15.87 -35.89 18.05
CA ARG P 89 15.54 -37.13 17.35
C ARG P 89 14.45 -36.84 16.32
N LYS P 90 14.75 -37.09 15.06
CA LYS P 90 13.85 -36.74 13.97
C LYS P 90 13.26 -37.95 13.26
N VAL P 91 13.69 -39.15 13.60
CA VAL P 91 13.16 -40.38 13.01
C VAL P 91 12.37 -41.11 14.08
N TYR P 92 11.09 -41.36 13.81
CA TYR P 92 10.20 -41.98 14.83
C TYR P 92 9.61 -43.28 14.28
N ILE P 93 9.51 -44.31 15.13
CA ILE P 93 8.87 -45.60 14.71
C ILE P 93 7.38 -45.51 15.02
N THR P 94 6.55 -45.22 14.01
CA THR P 94 5.09 -45.07 14.23
C THR P 94 4.44 -46.45 14.39
N ASP P 95 4.73 -47.40 13.51
CA ASP P 95 4.12 -48.75 13.57
C ASP P 95 5.21 -49.83 13.60
N ASP P 96 4.82 -51.10 13.75
CA ASP P 96 5.79 -52.21 13.80
C ASP P 96 6.63 -52.25 12.52
N TYR P 97 6.02 -51.90 11.38
CA TYR P 97 6.74 -51.95 10.08
C TYR P 97 6.70 -50.58 9.40
N THR P 98 6.65 -49.50 10.20
CA THR P 98 6.51 -48.14 9.60
C THR P 98 7.33 -47.13 10.41
N ALA P 99 8.18 -46.34 9.74
CA ALA P 99 8.96 -45.28 10.43
C ALA P 99 8.80 -43.97 9.66
N THR P 100 8.72 -42.84 10.37
CA THR P 100 8.50 -41.56 9.72
C THR P 100 9.54 -40.56 10.20
N GLY P 101 9.94 -39.68 9.31
CA GLY P 101 10.85 -38.61 9.67
C GLY P 101 10.38 -37.29 9.10
N ILE P 102 10.16 -36.30 9.95
CA ILE P 102 9.57 -35.04 9.54
C ILE P 102 10.62 -33.94 9.66
N ALA P 103 10.85 -33.23 8.56
CA ALA P 103 11.73 -32.08 8.54
C ALA P 103 10.90 -30.80 8.53
N GLY P 104 11.55 -29.69 8.86
CA GLY P 104 10.89 -28.40 8.96
C GLY P 104 10.95 -27.87 10.37
N THR P 105 9.84 -27.33 10.83
CA THR P 105 9.75 -26.87 12.21
C THR P 105 9.81 -28.05 13.17
N ALA P 106 10.62 -27.92 14.22
CA ALA P 106 10.76 -29.02 15.18
C ALA P 106 9.45 -29.29 15.90
N ALA P 107 8.75 -28.23 16.33
CA ALA P 107 7.50 -28.39 17.05
C ALA P 107 6.47 -29.12 16.20
N VAL P 108 6.27 -28.66 14.96
CA VAL P 108 5.26 -29.28 14.06
C VAL P 108 5.67 -30.75 13.80
N ALA P 109 6.98 -31.00 13.69
CA ALA P 109 7.47 -32.38 13.44
C ALA P 109 7.03 -33.31 14.58
N VAL P 110 7.28 -32.91 15.83
CA VAL P 110 6.91 -33.76 17.00
C VAL P 110 5.39 -33.96 17.00
N GLU P 111 4.63 -32.87 16.83
CA GLU P 111 3.15 -32.95 16.85
C GLU P 111 2.68 -33.91 15.75
N PHE P 112 3.20 -33.77 14.52
CA PHE P 112 2.77 -34.61 13.38
C PHE P 112 3.06 -36.08 13.68
N ALA P 113 4.27 -36.39 14.12
CA ALA P 113 4.66 -37.80 14.40
C ALA P 113 3.77 -38.37 15.49
N ARG P 114 3.53 -37.60 16.55
CA ARG P 114 2.65 -38.05 17.66
C ARG P 114 1.26 -38.32 17.11
N LEU P 115 0.69 -37.37 16.36
CA LEU P 115 -0.67 -37.53 15.84
C LEU P 115 -0.76 -38.72 14.89
N TYR P 116 0.23 -38.88 14.03
CA TYR P 116 0.21 -39.97 13.05
C TYR P 116 0.27 -41.33 13.74
N ALA P 117 1.17 -41.47 14.72
CA ALA P 117 1.23 -42.73 15.45
C ALA P 117 -0.08 -43.02 16.17
N VAL P 118 -0.67 -41.99 16.79
CA VAL P 118 -1.93 -42.18 17.51
C VAL P 118 -3.03 -42.62 16.55
N GLU P 119 -3.11 -41.99 15.38
CA GLU P 119 -4.16 -42.34 14.42
C GLU P 119 -4.01 -43.77 13.91
N LEU P 120 -2.78 -44.18 13.57
CA LEU P 120 -2.57 -45.54 13.10
C LEU P 120 -2.94 -46.55 14.17
N GLU P 121 -2.50 -46.32 15.42
CA GLU P 121 -2.83 -47.24 16.50
C GLU P 121 -4.33 -47.26 16.76
N HIS P 122 -4.99 -46.11 16.68
CA HIS P 122 -6.42 -46.02 16.92
C HIS P 122 -7.19 -46.87 15.91
N TYR P 123 -6.84 -46.74 14.63
CA TYR P 123 -7.48 -47.58 13.62
C TYR P 123 -7.22 -49.05 13.88
N GLU P 124 -5.97 -49.40 14.21
CA GLU P 124 -5.64 -50.80 14.41
C GLU P 124 -6.43 -51.41 15.56
N LYS P 125 -6.61 -50.65 16.64
CA LYS P 125 -7.37 -51.15 17.77
C LYS P 125 -8.86 -51.23 17.46
N LEU P 126 -9.40 -50.22 16.76
CA LEU P 126 -10.83 -50.22 16.47
C LEU P 126 -11.21 -51.35 15.52
N GLU P 127 -10.48 -51.51 14.43
CA GLU P 127 -10.85 -52.46 13.40
C GLU P 127 -10.20 -53.83 13.56
N GLY P 128 -9.30 -54.00 14.53
CA GLY P 128 -8.68 -55.29 14.76
C GLY P 128 -7.65 -55.69 13.73
N VAL P 129 -7.36 -54.85 12.75
CA VAL P 129 -6.40 -55.15 11.70
C VAL P 129 -5.69 -53.85 11.32
N PRO P 130 -4.36 -53.87 11.16
CA PRO P 130 -3.66 -52.63 10.82
C PRO P 130 -4.02 -52.12 9.44
N LEU P 131 -3.89 -50.81 9.26
CA LEU P 131 -4.12 -50.19 7.96
C LEU P 131 -3.17 -50.76 6.92
N THR P 132 -3.66 -50.88 5.69
CA THR P 132 -2.78 -51.19 4.58
C THR P 132 -1.82 -50.03 4.36
N PHE P 133 -0.74 -50.29 3.62
CA PHE P 133 0.26 -49.25 3.43
C PHE P 133 -0.31 -48.06 2.68
N ALA P 134 -1.20 -48.32 1.71
CA ALA P 134 -1.85 -47.22 1.00
C ALA P 134 -2.73 -46.40 1.95
N GLY P 135 -3.38 -47.07 2.90
CA GLY P 135 -4.15 -46.33 3.90
C GLY P 135 -3.28 -45.42 4.75
N LYS P 136 -2.13 -45.93 5.17
CA LYS P 136 -1.19 -45.10 5.94
C LYS P 136 -0.71 -43.91 5.13
N ILE P 137 -0.35 -44.13 3.86
CA ILE P 137 0.10 -43.04 3.01
C ILE P 137 -1.00 -42.00 2.85
N ASN P 138 -2.25 -42.46 2.68
CA ASN P 138 -3.35 -41.52 2.54
C ASN P 138 -3.55 -40.70 3.79
N ARG P 139 -3.45 -41.32 4.97
CA ARG P 139 -3.63 -40.57 6.21
C ARG P 139 -2.54 -39.52 6.39
N LEU P 140 -1.29 -39.89 6.10
CA LEU P 140 -0.20 -38.93 6.21
C LEU P 140 -0.37 -37.78 5.22
N ALA P 141 -0.75 -38.09 3.99
CA ALA P 141 -0.97 -37.05 2.98
C ALA P 141 -2.12 -36.14 3.39
N ILE P 142 -3.15 -36.70 4.02
CA ILE P 142 -4.27 -35.89 4.50
C ILE P 142 -3.81 -34.93 5.58
N MET P 143 -2.95 -35.40 6.50
CA MET P 143 -2.41 -34.49 7.50
C MET P 143 -1.61 -33.36 6.86
N VAL P 144 -0.79 -33.69 5.85
CA VAL P 144 0.00 -32.66 5.17
C VAL P 144 -0.92 -31.63 4.50
N ARG P 145 -1.96 -32.12 3.81
CA ARG P 145 -2.88 -31.21 3.15
C ARG P 145 -3.62 -30.34 4.15
N GLY P 146 -3.99 -30.90 5.30
CA GLY P 146 -4.60 -30.11 6.35
C GLY P 146 -3.68 -29.06 6.92
N ASN P 147 -2.38 -29.33 6.99
CA ASN P 147 -1.42 -28.36 7.50
C ASN P 147 -0.93 -27.39 6.43
N LEU P 148 -1.34 -27.57 5.18
CA LEU P 148 -0.96 -26.63 4.13
C LEU P 148 -1.24 -25.18 4.53
N ALA P 149 -2.35 -24.94 5.24
CA ALA P 149 -2.68 -23.58 5.64
C ALA P 149 -1.65 -23.01 6.62
N ALA P 150 -1.31 -23.77 7.67
CA ALA P 150 -0.35 -23.29 8.65
C ALA P 150 1.07 -23.23 8.07
N ALA P 151 1.36 -24.06 7.07
CA ALA P 151 2.70 -24.06 6.48
C ALA P 151 3.02 -22.74 5.81
N MET P 152 1.99 -22.00 5.40
CA MET P 152 2.21 -20.66 4.86
C MET P 152 2.52 -19.65 5.96
N GLN P 153 2.25 -20.00 7.22
CA GLN P 153 2.55 -19.14 8.35
C GLN P 153 3.91 -19.44 8.96
N GLY P 154 4.70 -20.33 8.35
CA GLY P 154 6.00 -20.69 8.86
C GLY P 154 6.08 -22.02 9.57
N LEU P 155 4.95 -22.67 9.82
CA LEU P 155 4.93 -23.96 10.52
C LEU P 155 4.89 -25.10 9.50
N LEU P 156 6.01 -25.23 8.78
CA LEU P 156 6.11 -26.16 7.68
C LEU P 156 6.62 -27.52 8.18
N ALA P 157 6.04 -28.59 7.64
CA ALA P 157 6.43 -29.95 8.00
C ALA P 157 6.43 -30.81 6.73
N LEU P 158 7.62 -31.20 6.28
CA LEU P 158 7.75 -32.15 5.18
C LEU P 158 8.04 -33.52 5.75
N PRO P 159 7.13 -34.47 5.67
CA PRO P 159 7.43 -35.82 6.15
C PRO P 159 8.03 -36.71 5.07
N LEU P 160 8.70 -37.76 5.53
CA LEU P 160 9.22 -38.82 4.68
C LEU P 160 8.86 -40.12 5.38
N LEU P 161 8.35 -41.08 4.63
CA LEU P 161 7.85 -42.31 5.22
C LEU P 161 8.65 -43.49 4.68
N ALA P 162 9.09 -44.37 5.58
CA ALA P 162 9.71 -45.62 5.21
C ALA P 162 8.92 -46.75 5.83
N GLY P 163 8.67 -47.80 5.06
CA GLY P 163 7.85 -48.88 5.55
C GLY P 163 8.25 -50.21 4.97
N TYR P 164 7.72 -51.26 5.58
CA TYR P 164 7.89 -52.61 5.08
C TYR P 164 6.49 -53.17 4.82
N ASP P 165 6.20 -53.46 3.56
CA ASP P 165 4.88 -53.96 3.17
C ASP P 165 4.86 -55.47 3.39
N ILE P 166 4.19 -55.91 4.45
CA ILE P 166 4.11 -57.34 4.73
C ILE P 166 3.26 -58.06 3.71
N HIS P 167 2.36 -57.35 3.03
CA HIS P 167 1.51 -57.94 2.00
C HIS P 167 2.15 -57.91 0.62
N ALA P 168 3.33 -57.31 0.48
CA ALA P 168 4.02 -57.29 -0.80
C ALA P 168 4.42 -58.71 -1.19
N SER P 169 4.42 -58.98 -2.49
CA SER P 169 4.63 -60.33 -2.99
C SER P 169 6.02 -60.84 -2.62
N ASP P 170 7.06 -60.07 -2.95
CA ASP P 170 8.43 -60.49 -2.71
C ASP P 170 8.93 -59.85 -1.43
N PRO P 171 9.28 -60.63 -0.40
CA PRO P 171 9.85 -60.02 0.81
C PRO P 171 11.10 -59.20 0.57
N GLN P 172 11.95 -59.62 -0.37
CA GLN P 172 13.18 -58.88 -0.62
C GLN P 172 12.96 -57.55 -1.32
N SER P 173 11.75 -57.27 -1.79
CA SER P 173 11.42 -56.01 -2.44
C SER P 173 10.21 -55.35 -1.78
N ALA P 174 9.98 -55.66 -0.50
CA ALA P 174 8.81 -55.16 0.21
C ALA P 174 9.05 -53.81 0.87
N GLY P 175 10.28 -53.33 0.90
CA GLY P 175 10.53 -52.01 1.44
C GLY P 175 9.93 -50.92 0.57
N ARG P 176 9.42 -49.87 1.22
CA ARG P 176 8.73 -48.79 0.46
C ARG P 176 9.18 -47.42 1.00
N ILE P 177 9.47 -46.47 0.10
CA ILE P 177 9.83 -45.09 0.54
C ILE P 177 8.82 -44.12 -0.09
N VAL P 178 8.17 -43.29 0.72
CA VAL P 178 7.15 -42.34 0.19
C VAL P 178 7.55 -40.92 0.56
N SER P 179 7.72 -40.04 -0.44
CA SER P 179 8.04 -38.61 -0.17
C SER P 179 6.78 -37.78 -0.37
N PHE P 180 6.58 -36.76 0.47
CA PHE P 180 5.34 -35.93 0.39
C PHE P 180 5.69 -34.49 0.03
N ASP P 181 5.04 -33.95 -0.99
CA ASP P 181 5.27 -32.52 -1.37
C ASP P 181 4.43 -31.61 -0.45
N ALA P 182 4.65 -30.30 -0.52
CA ALA P 182 3.95 -29.35 0.37
C ALA P 182 2.43 -29.40 0.15
N ALA P 183 1.98 -29.61 -1.10
CA ALA P 183 0.55 -29.56 -1.36
C ALA P 183 -0.19 -30.81 -0.91
N GLY P 184 0.52 -31.84 -0.48
CA GLY P 184 -0.10 -33.07 0.00
C GLY P 184 0.09 -34.27 -0.88
N GLY P 185 0.58 -34.10 -2.11
CA GLY P 185 0.79 -35.24 -2.98
C GLY P 185 1.95 -36.09 -2.50
N TRP P 186 1.89 -37.37 -2.84
CA TRP P 186 2.86 -38.34 -2.38
C TRP P 186 3.35 -39.21 -3.53
N ASN P 187 4.58 -39.68 -3.42
CA ASN P 187 5.22 -40.46 -4.45
C ASN P 187 5.97 -41.62 -3.81
N ILE P 188 5.74 -42.83 -4.32
CA ILE P 188 6.48 -44.01 -3.90
C ILE P 188 7.76 -44.06 -4.74
N GLU P 189 8.89 -43.80 -4.12
CA GLU P 189 10.15 -43.70 -4.85
C GLU P 189 10.63 -45.08 -5.26
N GLU P 190 10.93 -45.24 -6.55
CA GLU P 190 11.47 -46.49 -7.06
C GLU P 190 12.94 -46.40 -7.42
N GLU P 191 13.56 -45.22 -7.30
CA GLU P 191 15.01 -45.15 -7.42
C GLU P 191 15.71 -45.72 -6.20
N GLY P 192 14.99 -45.99 -5.12
CA GLY P 192 15.53 -46.68 -3.97
C GLY P 192 15.92 -45.81 -2.80
N TYR P 193 15.99 -44.49 -2.98
CA TYR P 193 16.43 -43.61 -1.91
C TYR P 193 15.69 -42.28 -2.02
N GLN P 194 15.62 -41.58 -0.90
CA GLN P 194 14.96 -40.28 -0.83
C GLN P 194 15.50 -39.53 0.37
N ALA P 195 15.38 -38.21 0.34
CA ALA P 195 15.79 -37.38 1.45
C ALA P 195 14.87 -36.17 1.56
N VAL P 196 14.73 -35.66 2.79
CA VAL P 196 13.99 -34.44 3.06
C VAL P 196 14.81 -33.56 3.97
N GLY P 197 14.51 -32.27 3.94
CA GLY P 197 15.16 -31.28 4.79
C GLY P 197 15.89 -30.24 3.98
N SER P 198 16.71 -29.45 4.68
CA SER P 198 17.46 -28.38 4.04
C SER P 198 18.68 -28.91 3.29
N GLY P 199 19.27 -30.01 3.73
CA GLY P 199 20.41 -30.59 3.05
C GLY P 199 20.03 -31.78 2.19
N SER P 200 18.76 -31.81 1.77
CA SER P 200 18.24 -32.97 1.06
C SER P 200 18.90 -33.13 -0.31
N LEU P 201 19.23 -32.04 -0.98
CA LEU P 201 19.85 -32.13 -2.30
C LEU P 201 21.24 -32.74 -2.22
N PHE P 202 22.05 -32.28 -1.26
CA PHE P 202 23.39 -32.83 -1.10
C PHE P 202 23.35 -34.30 -0.72
N ALA P 203 22.46 -34.67 0.19
CA ALA P 203 22.32 -36.06 0.58
C ALA P 203 21.86 -36.92 -0.59
N LYS P 204 20.90 -36.42 -1.37
CA LYS P 204 20.40 -37.18 -2.51
C LYS P 204 21.47 -37.37 -3.56
N SER P 205 22.27 -36.33 -3.83
CA SER P 205 23.32 -36.46 -4.84
C SER P 205 24.45 -37.36 -4.34
N SER P 206 24.69 -37.39 -3.03
CA SER P 206 25.65 -38.35 -2.49
C SER P 206 25.12 -39.78 -2.63
N MET P 207 23.85 -40.00 -2.28
CA MET P 207 23.27 -41.33 -2.39
C MET P 207 23.20 -41.80 -3.83
N LYS P 208 23.04 -40.88 -4.78
CA LYS P 208 23.01 -41.27 -6.19
C LYS P 208 24.30 -41.98 -6.57
N LYS P 209 25.44 -41.49 -6.07
CA LYS P 209 26.72 -42.13 -6.36
C LYS P 209 26.97 -43.35 -5.48
N LEU P 210 26.53 -43.32 -4.22
CA LEU P 210 26.84 -44.38 -3.28
C LEU P 210 25.84 -45.53 -3.29
N TYR P 211 24.77 -45.44 -4.05
CA TYR P 211 23.73 -46.46 -3.97
C TYR P 211 24.13 -47.76 -4.65
N SER P 212 25.13 -47.74 -5.52
CA SER P 212 25.60 -48.97 -6.14
C SER P 212 26.35 -49.86 -5.16
N GLN P 213 26.67 -49.36 -3.95
CA GLN P 213 27.38 -50.13 -2.94
C GLN P 213 26.46 -50.71 -1.87
N VAL P 214 25.14 -50.60 -2.04
CA VAL P 214 24.19 -51.07 -1.06
C VAL P 214 23.79 -52.50 -1.40
N THR P 215 24.13 -53.44 -0.54
CA THR P 215 23.80 -54.84 -0.75
C THR P 215 23.09 -55.50 0.42
N ASP P 216 23.07 -54.89 1.60
CA ASP P 216 22.32 -55.41 2.74
C ASP P 216 22.08 -54.26 3.71
N GLY P 217 21.63 -54.60 4.92
CA GLY P 217 21.33 -53.57 5.91
C GLY P 217 22.56 -52.81 6.36
N ASP P 218 23.70 -53.49 6.47
CA ASP P 218 24.94 -52.83 6.87
C ASP P 218 25.39 -51.82 5.81
N SER P 219 25.37 -52.24 4.54
CA SER P 219 25.72 -51.33 3.46
C SER P 219 24.75 -50.16 3.40
N GLY P 220 23.46 -50.43 3.57
CA GLY P 220 22.48 -49.36 3.57
C GLY P 220 22.70 -48.36 4.70
N LEU P 221 23.02 -48.87 5.89
CA LEU P 221 23.28 -47.99 7.03
C LEU P 221 24.53 -47.15 6.81
N ARG P 222 25.59 -47.75 6.27
CA ARG P 222 26.79 -46.98 5.99
C ARG P 222 26.53 -45.90 4.96
N VAL P 223 25.77 -46.23 3.91
CA VAL P 223 25.48 -45.25 2.86
C VAL P 223 24.59 -44.14 3.40
N ALA P 224 23.64 -44.48 4.27
CA ALA P 224 22.79 -43.45 4.88
C ALA P 224 23.61 -42.50 5.75
N VAL P 225 24.52 -43.05 6.57
CA VAL P 225 25.34 -42.21 7.44
C VAL P 225 26.25 -41.32 6.60
N GLU P 226 26.81 -41.87 5.52
CA GLU P 226 27.69 -41.07 4.67
C GLU P 226 26.91 -39.97 3.94
N ALA P 227 25.68 -40.25 3.53
CA ALA P 227 24.85 -39.22 2.92
C ALA P 227 24.55 -38.10 3.91
N LEU P 228 24.24 -38.46 5.15
CA LEU P 228 24.03 -37.43 6.17
C LEU P 228 25.31 -36.63 6.40
N TYR P 229 26.45 -37.30 6.38
CA TYR P 229 27.73 -36.60 6.55
C TYR P 229 27.96 -35.60 5.43
N ASP P 230 27.66 -35.98 4.19
CA ASP P 230 27.83 -35.05 3.08
C ASP P 230 26.85 -33.89 3.18
N ALA P 231 25.61 -34.16 3.60
CA ALA P 231 24.65 -33.09 3.79
C ALA P 231 25.13 -32.09 4.82
N ALA P 232 25.65 -32.56 5.95
CA ALA P 232 26.20 -31.65 6.96
C ALA P 232 27.46 -30.96 6.47
N ASP P 233 28.21 -31.63 5.60
CA ASP P 233 29.42 -31.03 5.03
C ASP P 233 29.09 -29.82 4.18
N ASP P 234 28.00 -29.90 3.41
CA ASP P 234 27.64 -28.81 2.50
C ASP P 234 26.59 -27.87 3.05
N ASP P 235 25.95 -28.21 4.18
CA ASP P 235 24.86 -27.41 4.74
C ASP P 235 25.13 -27.15 6.21
N SER P 236 24.84 -25.93 6.65
CA SER P 236 25.11 -25.56 8.04
C SER P 236 23.96 -25.87 8.99
N ALA P 237 22.74 -25.97 8.48
CA ALA P 237 21.60 -26.33 9.32
C ALA P 237 21.56 -27.80 9.67
N THR P 238 22.38 -28.62 9.02
CA THR P 238 22.47 -30.05 9.30
C THR P 238 23.68 -30.32 10.17
N GLY P 239 23.49 -31.08 11.24
CA GLY P 239 24.56 -31.37 12.17
C GLY P 239 25.30 -32.63 11.78
N GLY P 240 26.63 -32.56 11.83
CA GLY P 240 27.45 -33.70 11.52
C GLY P 240 27.74 -34.55 12.73
N PRO P 241 28.52 -35.62 12.55
CA PRO P 241 28.96 -36.42 13.70
C PRO P 241 29.74 -35.58 14.68
N ASP P 242 29.25 -35.53 15.93
CA ASP P 242 29.84 -34.73 16.99
C ASP P 242 30.75 -35.65 17.80
N LEU P 243 32.04 -35.68 17.43
CA LEU P 243 32.97 -36.57 18.11
C LEU P 243 33.27 -36.12 19.52
N VAL P 244 33.27 -34.81 19.77
CA VAL P 244 33.58 -34.31 21.11
C VAL P 244 32.48 -34.66 22.09
N ARG P 245 31.22 -34.57 21.67
CA ARG P 245 30.09 -34.90 22.52
C ARG P 245 29.60 -36.33 22.35
N GLY P 246 30.01 -37.02 21.29
CA GLY P 246 29.48 -38.34 21.01
C GLY P 246 28.02 -38.35 20.64
N ILE P 247 27.56 -37.35 19.89
CA ILE P 247 26.20 -37.32 19.38
C ILE P 247 26.25 -37.68 17.89
N PHE P 248 25.45 -38.64 17.49
CA PHE P 248 25.51 -39.22 16.16
C PHE P 248 24.11 -39.28 15.57
N PRO P 249 24.00 -39.40 14.25
CA PRO P 249 22.68 -39.50 13.63
C PRO P 249 21.89 -40.68 14.17
N THR P 250 20.57 -40.48 14.28
CA THR P 250 19.68 -41.57 14.65
C THR P 250 19.29 -42.34 13.40
N ALA P 251 19.00 -43.63 13.58
CA ALA P 251 18.66 -44.48 12.46
C ALA P 251 17.72 -45.59 12.91
N VAL P 252 16.81 -45.95 12.01
CA VAL P 252 15.86 -47.05 12.20
C VAL P 252 15.97 -47.98 11.01
N ILE P 253 16.06 -49.28 11.28
CA ILE P 253 16.10 -50.31 10.24
C ILE P 253 14.80 -51.10 10.33
N ILE P 254 14.12 -51.24 9.19
CA ILE P 254 12.86 -51.97 9.11
C ILE P 254 13.06 -53.14 8.14
N ASP P 255 12.77 -54.34 8.62
CA ASP P 255 12.78 -55.54 7.79
C ASP P 255 11.59 -56.41 8.20
N ALA P 256 11.61 -57.66 7.76
CA ALA P 256 10.47 -58.55 8.00
C ALA P 256 10.19 -58.72 9.49
N ASP P 257 11.23 -58.72 10.33
CA ASP P 257 11.02 -58.91 11.75
C ASP P 257 10.45 -57.66 12.43
N GLY P 258 10.41 -56.52 11.74
CA GLY P 258 9.85 -55.30 12.28
C GLY P 258 10.81 -54.14 12.12
N ALA P 259 10.51 -53.06 12.83
CA ALA P 259 11.31 -51.84 12.81
C ALA P 259 12.04 -51.70 14.14
N VAL P 260 13.35 -51.57 14.09
CA VAL P 260 14.18 -51.47 15.30
C VAL P 260 15.12 -50.28 15.17
N ASP P 261 15.37 -49.61 16.29
CA ASP P 261 16.35 -48.53 16.31
C ASP P 261 17.76 -49.09 16.20
N VAL P 262 18.57 -48.46 15.37
CA VAL P 262 19.98 -48.84 15.30
C VAL P 262 20.69 -48.32 16.54
N PRO P 263 21.35 -49.18 17.31
CA PRO P 263 22.00 -48.71 18.55
C PRO P 263 23.12 -47.73 18.25
N GLU P 264 23.35 -46.83 19.21
CA GLU P 264 24.25 -45.70 18.98
C GLU P 264 25.67 -46.14 18.64
N SER P 265 26.12 -47.28 19.19
CA SER P 265 27.50 -47.69 19.01
C SER P 265 27.82 -48.03 17.56
N ARG P 266 26.89 -48.69 16.86
CA ARG P 266 27.12 -49.07 15.48
C ARG P 266 27.22 -47.85 14.57
N ILE P 267 26.29 -46.91 14.74
CA ILE P 267 26.34 -45.66 13.98
C ILE P 267 27.62 -44.90 14.31
N ALA P 268 28.03 -44.94 15.58
CA ALA P 268 29.25 -44.25 15.98
C ALA P 268 30.47 -44.81 15.26
N GLU P 269 30.58 -46.14 15.20
CA GLU P 269 31.74 -46.72 14.53
C GLU P 269 31.69 -46.49 13.02
N LEU P 270 30.49 -46.50 12.42
CA LEU P 270 30.37 -46.16 11.01
C LEU P 270 30.81 -44.73 10.74
N ALA P 271 30.39 -43.79 11.58
CA ALA P 271 30.76 -42.39 11.41
C ALA P 271 32.26 -42.20 11.58
N ARG P 272 32.86 -42.88 12.57
CA ARG P 272 34.30 -42.78 12.74
C ARG P 272 35.05 -43.34 11.53
N ALA P 273 34.56 -44.44 10.96
CA ALA P 273 35.18 -44.98 9.76
C ALA P 273 35.07 -44.00 8.60
N ILE P 274 33.91 -43.35 8.44
CA ILE P 274 33.74 -42.40 7.35
C ILE P 274 34.67 -41.20 7.52
N ILE P 275 34.76 -40.69 8.75
CA ILE P 275 35.64 -39.55 9.02
C ILE P 275 37.09 -39.91 8.76
N GLU P 276 37.53 -41.10 9.21
CA GLU P 276 38.90 -41.52 8.95
C GLU P 276 39.14 -41.76 7.46
N SER P 277 38.09 -42.12 6.71
CA SER P 277 38.24 -42.30 5.28
C SER P 277 38.37 -40.96 4.55
N ARG P 278 37.73 -39.92 5.06
CA ARG P 278 37.81 -38.61 4.41
C ARG P 278 39.02 -37.79 4.83
N SER P 279 39.66 -38.13 5.95
CA SER P 279 40.85 -37.40 6.39
C SER P 279 42.02 -37.64 5.45
N THR Q 58 14.55 -9.21 31.42
CA THR Q 58 14.21 -10.44 32.14
C THR Q 58 15.22 -11.53 31.81
N THR Q 59 15.61 -12.30 32.81
CA THR Q 59 16.44 -13.48 32.58
C THR Q 59 16.16 -14.48 33.68
N ILE Q 60 15.83 -15.71 33.30
CA ILE Q 60 15.62 -16.81 34.24
C ILE Q 60 16.57 -17.93 33.84
N VAL Q 61 17.32 -18.43 34.80
CA VAL Q 61 18.24 -19.53 34.58
C VAL Q 61 17.78 -20.73 35.38
N ALA Q 62 18.17 -21.92 34.91
CA ALA Q 62 17.88 -23.16 35.61
C ALA Q 62 19.03 -24.11 35.36
N LEU Q 63 19.46 -24.81 36.41
CA LEU Q 63 20.55 -25.76 36.22
C LEU Q 63 20.38 -26.95 37.16
N LYS Q 64 20.84 -28.09 36.68
CA LYS Q 64 20.79 -29.35 37.42
C LYS Q 64 22.05 -29.53 38.25
N TYR Q 65 21.88 -30.04 39.45
CA TYR Q 65 22.99 -30.43 40.31
C TYR Q 65 22.72 -31.85 40.81
N PRO Q 66 23.75 -32.57 41.25
CA PRO Q 66 23.52 -33.92 41.76
C PRO Q 66 22.47 -33.95 42.85
N GLY Q 67 21.31 -34.52 42.55
CA GLY Q 67 20.22 -34.61 43.50
C GLY Q 67 19.08 -33.63 43.32
N GLY Q 68 19.12 -32.78 42.30
CA GLY Q 68 18.00 -31.87 42.10
C GLY Q 68 18.30 -30.79 41.07
N VAL Q 69 17.49 -29.73 41.13
CA VAL Q 69 17.54 -28.65 40.17
C VAL Q 69 17.33 -27.32 40.91
N VAL Q 70 17.86 -26.25 40.32
CA VAL Q 70 17.70 -24.91 40.89
C VAL Q 70 17.31 -23.94 39.79
N MET Q 71 16.30 -23.11 40.07
CA MET Q 71 15.85 -22.06 39.16
C MET Q 71 16.05 -20.70 39.83
N ALA Q 72 16.53 -19.72 39.08
CA ALA Q 72 16.72 -18.38 39.60
C ALA Q 72 16.23 -17.37 38.56
N GLY Q 73 15.82 -16.21 39.03
CA GLY Q 73 15.27 -15.19 38.15
C GLY Q 73 15.53 -13.80 38.69
N ASP Q 74 15.68 -12.86 37.76
CA ASP Q 74 15.91 -11.46 38.09
C ASP Q 74 14.61 -10.80 38.55
N ARG Q 75 14.68 -9.51 38.87
CA ARG Q 75 13.56 -8.82 39.49
C ARG Q 75 13.08 -7.58 38.73
N ARG Q 76 13.79 -7.15 37.70
CA ARG Q 76 13.45 -5.90 37.01
C ARG Q 76 12.41 -6.11 35.93
N SER Q 77 11.47 -5.18 35.84
CA SER Q 77 10.52 -5.11 34.74
C SER Q 77 10.57 -3.71 34.15
N THR Q 78 10.66 -3.63 32.82
CA THR Q 78 10.79 -2.36 32.14
C THR Q 78 9.69 -2.20 31.09
N GLN Q 79 9.25 -0.97 30.89
CA GLN Q 79 8.38 -0.59 29.79
C GLN Q 79 9.22 0.27 28.85
N GLY Q 80 9.93 -0.39 27.95
CA GLY Q 80 10.88 0.32 27.10
C GLY Q 80 12.19 0.51 27.84
N ASN Q 81 12.69 1.74 27.84
CA ASN Q 81 13.90 2.08 28.57
C ASN Q 81 13.65 2.42 30.03
N MET Q 82 12.40 2.61 30.42
CA MET Q 82 12.06 3.05 31.77
C MET Q 82 11.83 1.84 32.67
N ILE Q 83 12.46 1.86 33.85
CA ILE Q 83 12.28 0.80 34.83
C ILE Q 83 10.96 1.01 35.55
N SER Q 84 10.07 0.04 35.47
CA SER Q 84 8.76 0.14 36.11
C SER Q 84 8.57 -0.84 37.26
N GLY Q 85 9.46 -1.82 37.42
CA GLY Q 85 9.34 -2.76 38.51
C GLY Q 85 10.69 -3.20 39.01
N ARG Q 86 10.86 -3.24 40.33
CA ARG Q 86 12.13 -3.60 40.93
C ARG Q 86 12.09 -4.88 41.74
N ASP Q 87 10.92 -5.44 42.00
CA ASP Q 87 10.80 -6.62 42.84
C ASP Q 87 9.85 -7.64 42.23
N VAL Q 88 9.91 -7.78 40.89
CA VAL Q 88 9.07 -8.74 40.21
C VAL Q 88 9.55 -10.15 40.51
N ARG Q 89 8.63 -11.03 40.88
CA ARG Q 89 8.94 -12.42 41.20
C ARG Q 89 8.55 -13.28 40.00
N LYS Q 90 9.55 -13.75 39.25
CA LYS Q 90 9.33 -14.40 37.97
C LYS Q 90 9.46 -15.91 38.04
N VAL Q 91 9.77 -16.49 39.20
CA VAL Q 91 9.90 -17.93 39.36
C VAL Q 91 8.79 -18.39 40.29
N TYR Q 92 8.02 -19.37 39.84
CA TYR Q 92 6.84 -19.84 40.55
C TYR Q 92 7.00 -21.32 40.88
N ILE Q 93 6.63 -21.68 42.10
CA ILE Q 93 6.55 -23.09 42.49
C ILE Q 93 5.22 -23.61 41.98
N THR Q 94 5.24 -24.21 40.78
CA THR Q 94 4.00 -24.67 40.17
C THR Q 94 3.36 -25.78 41.00
N ASP Q 95 4.16 -26.74 41.45
CA ASP Q 95 3.67 -27.72 42.42
C ASP Q 95 4.87 -28.30 43.16
N ASP Q 96 4.58 -29.23 44.06
CA ASP Q 96 5.55 -29.66 45.06
C ASP Q 96 6.88 -30.11 44.46
N TYR Q 97 6.93 -30.41 43.16
CA TYR Q 97 8.16 -30.86 42.55
C TYR Q 97 8.52 -30.12 41.26
N THR Q 98 7.72 -29.17 40.81
CA THR Q 98 8.04 -28.44 39.59
C THR Q 98 7.90 -26.94 39.81
N ALA Q 99 8.81 -26.19 39.20
CA ALA Q 99 8.83 -24.74 39.19
C ALA Q 99 8.89 -24.24 37.76
N THR Q 100 8.11 -23.21 37.46
CA THR Q 100 8.10 -22.62 36.13
C THR Q 100 8.57 -21.17 36.22
N GLY Q 101 9.30 -20.73 35.20
CA GLY Q 101 9.72 -19.35 35.11
C GLY Q 101 9.48 -18.84 33.70
N ILE Q 102 8.64 -17.82 33.57
CA ILE Q 102 8.17 -17.37 32.26
C ILE Q 102 8.76 -15.99 32.00
N ALA Q 103 9.38 -15.83 30.84
CA ALA Q 103 9.93 -14.56 30.40
C ALA Q 103 9.05 -13.97 29.30
N GLY Q 104 9.15 -12.65 29.13
CA GLY Q 104 8.32 -11.94 28.19
C GLY Q 104 7.49 -10.89 28.88
N THR Q 105 6.29 -10.65 28.35
CA THR Q 105 5.36 -9.72 28.97
C THR Q 105 5.04 -10.18 30.38
N ALA Q 106 5.07 -9.24 31.33
CA ALA Q 106 4.82 -9.59 32.73
C ALA Q 106 3.40 -10.10 32.93
N ALA Q 107 2.42 -9.45 32.30
CA ALA Q 107 1.03 -9.87 32.45
C ALA Q 107 0.84 -11.30 31.99
N VAL Q 108 1.38 -11.63 30.81
CA VAL Q 108 1.23 -12.99 30.29
C VAL Q 108 1.98 -13.98 31.16
N ALA Q 109 3.12 -13.59 31.71
CA ALA Q 109 3.87 -14.48 32.58
C ALA Q 109 3.06 -14.85 33.83
N VAL Q 110 2.49 -13.84 34.49
CA VAL Q 110 1.68 -14.11 35.68
C VAL Q 110 0.48 -14.95 35.33
N GLU Q 111 -0.21 -14.60 34.23
CA GLU Q 111 -1.40 -15.35 33.84
C GLU Q 111 -1.06 -16.81 33.52
N PHE Q 112 0.04 -17.04 32.80
CA PHE Q 112 0.44 -18.40 32.46
C PHE Q 112 0.80 -19.21 33.69
N ALA Q 113 1.55 -18.61 34.61
CA ALA Q 113 1.90 -19.33 35.84
C ALA Q 113 0.65 -19.72 36.61
N ARG Q 114 -0.29 -18.79 36.73
CA ARG Q 114 -1.53 -19.07 37.45
C ARG Q 114 -2.32 -20.18 36.76
N LEU Q 115 -2.50 -20.08 35.43
CA LEU Q 115 -3.28 -21.07 34.70
C LEU Q 115 -2.65 -22.45 34.79
N TYR Q 116 -1.32 -22.53 34.65
CA TYR Q 116 -0.62 -23.80 34.69
C TYR Q 116 -0.74 -24.46 36.06
N ALA Q 117 -0.57 -23.66 37.13
CA ALA Q 117 -0.71 -24.22 38.47
C ALA Q 117 -2.14 -24.73 38.69
N VAL Q 118 -3.14 -23.95 38.26
CA VAL Q 118 -4.53 -24.38 38.43
C VAL Q 118 -4.78 -25.67 37.67
N GLU Q 119 -4.27 -25.77 36.44
CA GLU Q 119 -4.52 -26.97 35.64
C GLU Q 119 -3.90 -28.20 36.27
N LEU Q 120 -2.65 -28.10 36.74
CA LEU Q 120 -2.00 -29.26 37.36
C LEU Q 120 -2.72 -29.69 38.63
N GLU Q 121 -3.05 -28.72 39.50
CA GLU Q 121 -3.75 -29.09 40.73
C GLU Q 121 -5.13 -29.65 40.44
N HIS Q 122 -5.82 -29.11 39.42
CA HIS Q 122 -7.14 -29.60 39.06
C HIS Q 122 -7.08 -31.05 38.61
N TYR Q 123 -6.09 -31.39 37.78
CA TYR Q 123 -5.94 -32.77 37.36
C TYR Q 123 -5.62 -33.67 38.55
N GLU Q 124 -4.71 -33.24 39.43
CA GLU Q 124 -4.34 -34.09 40.55
C GLU Q 124 -5.54 -34.35 41.46
N LYS Q 125 -6.40 -33.34 41.64
CA LYS Q 125 -7.59 -33.55 42.47
C LYS Q 125 -8.62 -34.43 41.78
N LEU Q 126 -8.82 -34.24 40.48
CA LEU Q 126 -9.84 -35.03 39.77
C LEU Q 126 -9.45 -36.50 39.70
N GLU Q 127 -8.20 -36.79 39.34
CA GLU Q 127 -7.77 -38.17 39.18
C GLU Q 127 -7.07 -38.74 40.41
N GLY Q 128 -6.95 -37.96 41.49
CA GLY Q 128 -6.36 -38.48 42.70
C GLY Q 128 -4.88 -38.82 42.59
N VAL Q 129 -4.23 -38.45 41.50
CA VAL Q 129 -2.83 -38.80 41.26
C VAL Q 129 -2.22 -37.67 40.44
N PRO Q 130 -0.99 -37.25 40.74
CA PRO Q 130 -0.37 -36.17 39.96
C PRO Q 130 -0.05 -36.62 38.54
N LEU Q 131 0.01 -35.63 37.65
CA LEU Q 131 0.44 -35.89 36.29
C LEU Q 131 1.88 -36.38 36.28
N THR Q 132 2.19 -37.24 35.31
CA THR Q 132 3.58 -37.57 35.05
C THR Q 132 4.29 -36.35 34.47
N PHE Q 133 5.61 -36.36 34.55
CA PHE Q 133 6.37 -35.19 34.12
C PHE Q 133 6.16 -34.89 32.64
N ALA Q 134 6.12 -35.93 31.81
CA ALA Q 134 5.85 -35.72 30.39
C ALA Q 134 4.47 -35.14 30.15
N GLY Q 135 3.48 -35.53 30.95
CA GLY Q 135 2.16 -34.95 30.84
C GLY Q 135 2.13 -33.48 31.21
N LYS Q 136 2.85 -33.10 32.26
CA LYS Q 136 2.97 -31.69 32.61
C LYS Q 136 3.66 -30.91 31.50
N ILE Q 137 4.71 -31.48 30.92
CA ILE Q 137 5.38 -30.84 29.80
C ILE Q 137 4.40 -30.64 28.64
N ASN Q 138 3.57 -31.65 28.38
CA ASN Q 138 2.61 -31.54 27.28
C ASN Q 138 1.58 -30.45 27.55
N ARG Q 139 1.09 -30.35 28.79
CA ARG Q 139 0.12 -29.31 29.11
C ARG Q 139 0.74 -27.93 28.95
N LEU Q 140 1.97 -27.75 29.44
CA LEU Q 140 2.63 -26.46 29.26
C LEU Q 140 2.88 -26.16 27.79
N ALA Q 141 3.25 -27.17 27.01
CA ALA Q 141 3.50 -26.96 25.59
C ALA Q 141 2.23 -26.58 24.85
N ILE Q 142 1.10 -27.19 25.21
CA ILE Q 142 -0.18 -26.82 24.61
C ILE Q 142 -0.56 -25.39 25.00
N MET Q 143 -0.28 -25.01 26.24
CA MET Q 143 -0.53 -23.63 26.67
C MET Q 143 0.30 -22.65 25.85
N VAL Q 144 1.58 -22.97 25.62
CA VAL Q 144 2.43 -22.09 24.83
C VAL Q 144 1.95 -22.03 23.39
N ARG Q 145 1.60 -23.18 22.81
CA ARG Q 145 1.21 -23.22 21.41
C ARG Q 145 -0.09 -22.46 21.17
N GLY Q 146 -1.02 -22.52 22.11
CA GLY Q 146 -2.27 -21.79 21.96
C GLY Q 146 -2.11 -20.28 22.01
N ASN Q 147 -0.92 -19.79 22.35
CA ASN Q 147 -0.64 -18.36 22.47
C ASN Q 147 0.11 -17.80 21.27
N LEU Q 148 0.12 -18.52 20.14
CA LEU Q 148 0.86 -18.05 18.97
C LEU Q 148 0.33 -16.73 18.44
N ALA Q 149 -1.01 -16.60 18.36
CA ALA Q 149 -1.60 -15.38 17.85
C ALA Q 149 -1.25 -14.18 18.73
N ALA Q 150 -1.38 -14.33 20.05
CA ALA Q 150 -1.05 -13.25 20.95
C ALA Q 150 0.46 -12.96 20.96
N ALA Q 151 1.28 -13.99 20.81
CA ALA Q 151 2.73 -13.79 20.76
C ALA Q 151 3.12 -12.98 19.54
N MET Q 152 2.50 -13.25 18.39
CA MET Q 152 2.75 -12.43 17.22
C MET Q 152 2.16 -11.04 17.38
N GLN Q 153 1.04 -10.92 18.11
CA GLN Q 153 0.46 -9.61 18.38
C GLN Q 153 1.33 -8.79 19.32
N GLY Q 154 2.03 -9.44 20.24
CA GLY Q 154 2.90 -8.75 21.18
C GLY Q 154 2.90 -9.32 22.58
N LEU Q 155 1.91 -10.18 22.87
CA LEU Q 155 1.74 -10.74 24.21
C LEU Q 155 2.52 -12.06 24.31
N LEU Q 156 3.85 -11.92 24.29
CA LEU Q 156 4.77 -13.05 24.23
C LEU Q 156 5.03 -13.63 25.61
N ALA Q 157 5.29 -14.95 25.65
CA ALA Q 157 5.62 -15.63 26.89
C ALA Q 157 6.39 -16.90 26.57
N LEU Q 158 7.66 -16.94 26.96
CA LEU Q 158 8.49 -18.14 26.82
C LEU Q 158 8.74 -18.74 28.20
N PRO Q 159 8.23 -19.91 28.51
CA PRO Q 159 8.49 -20.51 29.82
C PRO Q 159 9.74 -21.37 29.83
N LEU Q 160 10.18 -21.66 31.06
CA LEU Q 160 11.26 -22.59 31.35
C LEU Q 160 10.81 -23.42 32.53
N LEU Q 161 10.93 -24.74 32.43
CA LEU Q 161 10.37 -25.63 33.44
C LEU Q 161 11.51 -26.40 34.10
N ALA Q 162 11.57 -26.36 35.42
CA ALA Q 162 12.48 -27.20 36.19
C ALA Q 162 11.64 -28.14 37.03
N GLY Q 163 12.05 -29.40 37.11
CA GLY Q 163 11.27 -30.37 37.83
C GLY Q 163 12.14 -31.46 38.42
N TYR Q 164 11.54 -32.22 39.33
CA TYR Q 164 12.17 -33.38 39.93
C TYR Q 164 11.28 -34.57 39.64
N ASP Q 165 11.76 -35.48 38.80
CA ASP Q 165 11.00 -36.68 38.44
C ASP Q 165 11.13 -37.69 39.58
N ILE Q 166 10.07 -37.83 40.38
CA ILE Q 166 10.08 -38.80 41.46
C ILE Q 166 10.08 -40.22 40.89
N HIS Q 167 9.40 -40.43 39.76
CA HIS Q 167 9.33 -41.73 39.12
C HIS Q 167 10.65 -42.17 38.50
N ALA Q 168 11.63 -41.28 38.40
CA ALA Q 168 12.91 -41.64 37.79
C ALA Q 168 13.60 -42.73 38.60
N SER Q 169 14.29 -43.62 37.89
CA SER Q 169 14.95 -44.75 38.55
C SER Q 169 16.10 -44.31 39.44
N ASP Q 170 16.95 -43.41 38.94
CA ASP Q 170 18.13 -42.99 39.68
C ASP Q 170 17.87 -41.61 40.27
N PRO Q 171 17.64 -41.51 41.58
CA PRO Q 171 17.26 -40.20 42.16
C PRO Q 171 18.32 -39.13 41.99
N GLN Q 172 19.59 -39.49 41.92
CA GLN Q 172 20.66 -38.51 41.79
C GLN Q 172 20.53 -37.72 40.49
N SER Q 173 20.03 -38.34 39.44
CA SER Q 173 19.88 -37.72 38.12
C SER Q 173 18.40 -37.56 37.76
N ALA Q 174 17.59 -37.16 38.73
CA ALA Q 174 16.15 -37.03 38.53
C ALA Q 174 15.69 -35.60 38.24
N GLY Q 175 16.59 -34.63 38.28
CA GLY Q 175 16.22 -33.28 37.90
C GLY Q 175 16.08 -33.13 36.40
N ARG Q 176 15.14 -32.29 35.99
CA ARG Q 176 14.81 -32.11 34.58
C ARG Q 176 14.66 -30.63 34.28
N ILE Q 177 15.28 -30.19 33.18
CA ILE Q 177 15.10 -28.84 32.65
C ILE Q 177 14.48 -28.96 31.27
N VAL Q 178 13.35 -28.30 31.07
CA VAL Q 178 12.64 -28.31 29.80
C VAL Q 178 12.56 -26.87 29.30
N SER Q 179 12.95 -26.66 28.06
CA SER Q 179 12.90 -25.36 27.41
C SER Q 179 11.92 -25.41 26.26
N PHE Q 180 11.11 -24.36 26.14
CA PHE Q 180 10.08 -24.27 25.12
C PHE Q 180 10.45 -23.19 24.11
N ASP Q 181 10.18 -23.47 22.84
CA ASP Q 181 10.33 -22.45 21.81
C ASP Q 181 8.99 -21.76 21.57
N ALA Q 182 9.04 -20.70 20.76
CA ALA Q 182 7.85 -19.87 20.56
C ALA Q 182 6.71 -20.65 19.92
N ALA Q 183 7.04 -21.58 19.01
CA ALA Q 183 6.03 -22.36 18.31
C ALA Q 183 5.42 -23.46 19.17
N GLY Q 184 5.90 -23.65 20.40
CA GLY Q 184 5.31 -24.62 21.30
C GLY Q 184 6.05 -25.93 21.40
N GLY Q 185 7.20 -26.07 20.75
CA GLY Q 185 7.99 -27.27 20.89
C GLY Q 185 8.90 -27.21 22.10
N TRP Q 186 9.04 -28.36 22.76
CA TRP Q 186 9.81 -28.45 23.99
C TRP Q 186 11.00 -29.37 23.80
N ASN Q 187 12.03 -29.12 24.61
CA ASN Q 187 13.29 -29.86 24.59
C ASN Q 187 13.70 -30.10 26.02
N ILE Q 188 13.99 -31.37 26.37
CA ILE Q 188 14.49 -31.70 27.68
C ILE Q 188 16.01 -31.54 27.64
N GLU Q 189 16.52 -30.50 28.30
CA GLU Q 189 17.93 -30.16 28.20
C GLU Q 189 18.80 -31.23 28.85
N GLU Q 190 19.87 -31.61 28.15
CA GLU Q 190 20.80 -32.60 28.64
C GLU Q 190 22.15 -32.01 29.02
N GLU Q 191 22.43 -30.75 28.65
CA GLU Q 191 23.67 -30.12 29.06
C GLU Q 191 23.66 -29.75 30.54
N GLY Q 192 22.48 -29.69 31.16
CA GLY Q 192 22.36 -29.43 32.58
C GLY Q 192 21.96 -28.02 32.95
N TYR Q 193 21.99 -27.08 32.00
CA TYR Q 193 21.63 -25.70 32.27
C TYR Q 193 20.85 -25.14 31.10
N GLN Q 194 20.07 -24.09 31.38
CA GLN Q 194 19.26 -23.44 30.37
C GLN Q 194 18.84 -22.08 30.90
N ALA Q 195 18.46 -21.18 29.99
CA ALA Q 195 18.01 -19.86 30.38
C ALA Q 195 16.98 -19.36 29.37
N VAL Q 196 16.16 -18.42 29.82
CA VAL Q 196 15.24 -17.69 28.97
C VAL Q 196 15.31 -16.21 29.32
N GLY Q 197 14.91 -15.37 28.37
CA GLY Q 197 14.85 -13.94 28.58
C GLY Q 197 15.80 -13.19 27.67
N SER Q 198 15.83 -11.88 27.85
CA SER Q 198 16.64 -11.02 26.99
C SER Q 198 18.14 -11.21 27.24
N GLY Q 199 18.52 -11.54 28.47
CA GLY Q 199 19.92 -11.76 28.79
C GLY Q 199 20.28 -13.23 28.82
N SER Q 200 19.45 -14.06 28.19
CA SER Q 200 19.63 -15.51 28.29
C SER Q 200 20.92 -15.99 27.64
N LEU Q 201 21.37 -15.32 26.57
CA LEU Q 201 22.61 -15.77 25.92
C LEU Q 201 23.83 -15.52 26.79
N PHE Q 202 23.90 -14.35 27.43
CA PHE Q 202 25.00 -14.07 28.34
C PHE Q 202 24.99 -15.03 29.53
N ALA Q 203 23.80 -15.28 30.08
CA ALA Q 203 23.69 -16.21 31.20
C ALA Q 203 24.11 -17.62 30.79
N LYS Q 204 23.71 -18.05 29.59
CA LYS Q 204 24.09 -19.37 29.12
C LYS Q 204 25.58 -19.48 28.90
N SER Q 205 26.20 -18.45 28.31
CA SER Q 205 27.63 -18.50 28.07
C SER Q 205 28.41 -18.42 29.38
N SER Q 206 27.83 -17.81 30.42
CA SER Q 206 28.45 -17.83 31.73
C SER Q 206 28.32 -19.21 32.37
N MET Q 207 27.13 -19.81 32.31
CA MET Q 207 26.92 -21.12 32.91
C MET Q 207 27.75 -22.19 32.20
N LYS Q 208 28.01 -22.02 30.90
CA LYS Q 208 28.86 -22.97 30.18
C LYS Q 208 30.23 -23.08 30.82
N LYS Q 209 30.79 -21.94 31.24
CA LYS Q 209 32.10 -21.92 31.87
C LYS Q 209 32.06 -22.23 33.36
N LEU Q 210 30.95 -21.93 34.03
CA LEU Q 210 30.87 -22.15 35.47
C LEU Q 210 30.31 -23.51 35.87
N TYR Q 211 29.78 -24.28 34.93
CA TYR Q 211 29.04 -25.49 35.29
C TYR Q 211 29.93 -26.57 35.86
N SER Q 212 31.24 -26.51 35.63
CA SER Q 212 32.13 -27.52 36.21
C SER Q 212 32.26 -27.37 37.72
N GLN Q 213 31.86 -26.24 38.27
CA GLN Q 213 31.92 -26.02 39.71
C GLN Q 213 30.66 -26.46 40.45
N VAL Q 214 29.62 -26.88 39.72
CA VAL Q 214 28.37 -27.28 40.36
C VAL Q 214 28.53 -28.71 40.85
N THR Q 215 28.56 -28.89 42.17
CA THR Q 215 28.66 -30.21 42.78
C THR Q 215 27.59 -30.48 43.82
N ASP Q 216 26.81 -29.49 44.21
CA ASP Q 216 25.70 -29.68 45.15
C ASP Q 216 24.72 -28.54 44.95
N GLY Q 217 23.76 -28.42 45.87
CA GLY Q 217 22.77 -27.36 45.78
C GLY Q 217 23.36 -25.98 46.00
N ASP Q 218 24.30 -25.87 46.94
CA ASP Q 218 24.88 -24.57 47.26
C ASP Q 218 25.72 -24.04 46.10
N SER Q 219 26.59 -24.89 45.54
CA SER Q 219 27.40 -24.46 44.41
C SER Q 219 26.54 -24.21 43.17
N GLY Q 220 25.50 -25.01 42.97
CA GLY Q 220 24.57 -24.75 41.88
C GLY Q 220 23.85 -23.42 42.03
N LEU Q 221 23.43 -23.10 43.24
CA LEU Q 221 22.79 -21.81 43.50
C LEU Q 221 23.78 -20.66 43.28
N ARG Q 222 25.02 -20.83 43.72
CA ARG Q 222 26.03 -19.80 43.48
C ARG Q 222 26.26 -19.59 42.00
N VAL Q 223 26.32 -20.67 41.22
CA VAL Q 223 26.51 -20.56 39.78
C VAL Q 223 25.31 -19.89 39.13
N ALA Q 224 24.10 -20.20 39.61
CA ALA Q 224 22.91 -19.55 39.06
C ALA Q 224 22.93 -18.05 39.32
N VAL Q 225 23.28 -17.65 40.55
CA VAL Q 225 23.34 -16.24 40.87
C VAL Q 225 24.42 -15.54 40.05
N GLU Q 226 25.56 -16.20 39.85
CA GLU Q 226 26.63 -15.62 39.05
C GLU Q 226 26.22 -15.46 37.59
N ALA Q 227 25.51 -16.45 37.04
CA ALA Q 227 25.03 -16.34 35.66
C ALA Q 227 24.04 -15.19 35.53
N LEU Q 228 23.14 -15.05 36.51
CA LEU Q 228 22.22 -13.91 36.48
C LEU Q 228 22.98 -12.58 36.57
N TYR Q 229 24.03 -12.54 37.38
CA TYR Q 229 24.83 -11.32 37.49
C TYR Q 229 25.49 -10.97 36.16
N ASP Q 230 26.03 -11.97 35.46
CA ASP Q 230 26.63 -11.71 34.14
C ASP Q 230 25.58 -11.25 33.14
N ALA Q 231 24.40 -11.88 33.14
CA ALA Q 231 23.32 -11.47 32.25
C ALA Q 231 22.92 -10.03 32.50
N ALA Q 232 22.81 -9.63 33.77
CA ALA Q 232 22.48 -8.25 34.10
C ALA Q 232 23.64 -7.32 33.73
N ASP Q 233 24.87 -7.81 33.79
CA ASP Q 233 26.02 -7.00 33.43
C ASP Q 233 26.05 -6.68 31.95
N ASP Q 234 25.53 -7.58 31.11
CA ASP Q 234 25.56 -7.35 29.66
C ASP Q 234 24.23 -6.91 29.07
N ASP Q 235 23.12 -7.08 29.79
CA ASP Q 235 21.80 -6.72 29.27
C ASP Q 235 21.12 -5.75 30.22
N SER Q 236 20.66 -4.61 29.69
CA SER Q 236 20.09 -3.58 30.54
C SER Q 236 18.68 -3.89 31.02
N ALA Q 237 17.96 -4.79 30.33
CA ALA Q 237 16.62 -5.16 30.76
C ALA Q 237 16.62 -6.15 31.91
N THR Q 238 17.79 -6.64 32.32
CA THR Q 238 17.94 -7.55 33.43
C THR Q 238 18.54 -6.78 34.61
N GLY Q 239 17.92 -6.93 35.78
CA GLY Q 239 18.38 -6.24 36.97
C GLY Q 239 19.41 -7.07 37.73
N GLY Q 240 20.43 -6.39 38.24
CA GLY Q 240 21.42 -7.03 39.06
C GLY Q 240 21.07 -6.93 40.53
N PRO Q 241 21.91 -7.51 41.40
CA PRO Q 241 21.68 -7.39 42.85
C PRO Q 241 21.77 -5.94 43.29
N ASP Q 242 20.65 -5.41 43.77
CA ASP Q 242 20.55 -4.01 44.19
C ASP Q 242 20.89 -3.95 45.67
N LEU Q 243 22.13 -3.57 45.99
CA LEU Q 243 22.56 -3.50 47.37
C LEU Q 243 22.03 -2.26 48.10
N VAL Q 244 21.60 -1.24 47.36
CA VAL Q 244 21.03 -0.06 47.99
C VAL Q 244 19.64 -0.37 48.54
N ARG Q 245 18.80 -0.99 47.71
CA ARG Q 245 17.45 -1.36 48.12
C ARG Q 245 17.37 -2.74 48.73
N GLY Q 246 18.45 -3.52 48.69
CA GLY Q 246 18.40 -4.88 49.19
C GLY Q 246 17.45 -5.79 48.44
N ILE Q 247 17.50 -5.75 47.11
CA ILE Q 247 16.67 -6.61 46.27
C ILE Q 247 17.58 -7.53 45.47
N PHE Q 248 17.32 -8.83 45.56
CA PHE Q 248 18.18 -9.86 45.02
C PHE Q 248 17.37 -10.83 44.17
N PRO Q 249 18.01 -11.57 43.28
CA PRO Q 249 17.28 -12.54 42.45
C PRO Q 249 16.56 -13.57 43.31
N THR Q 250 15.41 -14.02 42.81
CA THR Q 250 14.65 -15.03 43.51
C THR Q 250 15.03 -16.42 43.00
N ALA Q 251 14.98 -17.40 43.90
CA ALA Q 251 15.40 -18.74 43.54
C ALA Q 251 14.50 -19.79 44.17
N VAL Q 252 14.44 -20.93 43.51
CA VAL Q 252 13.73 -22.12 43.98
C VAL Q 252 14.66 -23.31 43.82
N ILE Q 253 14.70 -24.17 44.83
CA ILE Q 253 15.50 -25.39 44.78
C ILE Q 253 14.56 -26.58 44.93
N ILE Q 254 14.66 -27.52 44.00
CA ILE Q 254 13.83 -28.71 43.99
C ILE Q 254 14.73 -29.93 44.16
N ASP Q 255 14.37 -30.78 45.12
CA ASP Q 255 15.06 -32.06 45.30
C ASP Q 255 14.04 -33.07 45.79
N ALA Q 256 14.52 -34.19 46.34
CA ALA Q 256 13.64 -35.29 46.71
C ALA Q 256 12.58 -34.86 47.71
N ASP Q 257 12.88 -33.88 48.56
CA ASP Q 257 11.94 -33.43 49.57
C ASP Q 257 10.91 -32.44 49.03
N GLY Q 258 11.10 -31.93 47.82
CA GLY Q 258 10.13 -31.03 47.21
C GLY Q 258 10.80 -29.80 46.66
N ALA Q 259 9.99 -28.79 46.36
CA ALA Q 259 10.45 -27.51 45.84
C ALA Q 259 10.27 -26.45 46.92
N VAL Q 260 11.36 -25.77 47.26
CA VAL Q 260 11.37 -24.80 48.34
C VAL Q 260 12.04 -23.52 47.87
N ASP Q 261 11.45 -22.38 48.22
CA ASP Q 261 12.06 -21.09 47.95
C ASP Q 261 13.35 -20.93 48.76
N VAL Q 262 14.36 -20.37 48.14
CA VAL Q 262 15.61 -20.05 48.84
C VAL Q 262 15.39 -18.77 49.64
N PRO Q 263 15.73 -18.75 50.93
CA PRO Q 263 15.60 -17.51 51.70
C PRO Q 263 16.48 -16.40 51.12
N GLU Q 264 15.99 -15.17 51.25
CA GLU Q 264 16.66 -14.03 50.63
C GLU Q 264 18.04 -13.77 51.22
N SER Q 265 18.28 -14.19 52.46
CA SER Q 265 19.58 -13.95 53.08
C SER Q 265 20.68 -14.75 52.38
N ARG Q 266 20.39 -16.00 52.00
CA ARG Q 266 21.38 -16.82 51.32
C ARG Q 266 21.76 -16.22 49.97
N ILE Q 267 20.75 -15.79 49.20
CA ILE Q 267 21.03 -15.15 47.92
C ILE Q 267 21.77 -13.84 48.13
N ALA Q 268 21.46 -13.13 49.21
CA ALA Q 268 22.15 -11.88 49.51
C ALA Q 268 23.64 -12.12 49.75
N GLU Q 269 23.97 -13.14 50.55
CA GLU Q 269 25.39 -13.36 50.82
C GLU Q 269 26.11 -13.92 49.60
N LEU Q 270 25.45 -14.76 48.81
CA LEU Q 270 26.05 -15.22 47.56
C LEU Q 270 26.33 -14.05 46.62
N ALA Q 271 25.36 -13.15 46.47
CA ALA Q 271 25.52 -12.00 45.58
C ALA Q 271 26.63 -11.08 46.08
N ARG Q 272 26.70 -10.86 47.40
CA ARG Q 272 27.75 -10.01 47.94
C ARG Q 272 29.12 -10.64 47.73
N ALA Q 273 29.23 -11.96 47.87
CA ALA Q 273 30.49 -12.63 47.58
C ALA Q 273 30.88 -12.47 46.12
N ILE Q 274 29.91 -12.60 45.20
CA ILE Q 274 30.22 -12.44 43.78
C ILE Q 274 30.67 -11.02 43.48
N ILE Q 275 29.97 -10.03 44.03
CA ILE Q 275 30.32 -8.63 43.79
C ILE Q 275 31.70 -8.33 44.37
N GLU Q 276 32.02 -8.93 45.51
CA GLU Q 276 33.38 -8.78 46.06
C GLU Q 276 34.41 -9.44 45.15
N SER Q 277 34.06 -10.56 44.53
CA SER Q 277 34.98 -11.22 43.62
C SER Q 277 35.26 -10.36 42.39
N ARG Q 278 34.23 -9.71 41.85
CA ARG Q 278 34.42 -8.94 40.62
C ARG Q 278 35.08 -7.58 40.84
N SER Q 279 35.13 -7.08 42.07
CA SER Q 279 35.71 -5.77 42.33
C SER Q 279 37.23 -5.83 42.28
N THR R 58 -4.54 14.45 32.46
CA THR R 58 -4.95 13.79 33.69
C THR R 58 -3.75 13.25 34.47
N THR R 59 -3.81 13.35 35.79
CA THR R 59 -2.80 12.76 36.64
C THR R 59 -3.45 12.37 37.96
N ILE R 60 -3.22 11.13 38.38
CA ILE R 60 -3.71 10.62 39.64
C ILE R 60 -2.52 10.10 40.42
N VAL R 61 -2.40 10.55 41.66
CA VAL R 61 -1.35 10.10 42.57
C VAL R 61 -1.99 9.31 43.69
N ALA R 62 -1.22 8.39 44.26
CA ALA R 62 -1.68 7.60 45.40
C ALA R 62 -0.47 7.24 46.24
N LEU R 63 -0.53 7.54 47.53
CA LEU R 63 0.59 7.20 48.40
C LEU R 63 0.10 6.64 49.72
N LYS R 64 0.91 5.76 50.30
CA LYS R 64 0.66 5.18 51.61
C LYS R 64 1.27 6.06 52.69
N TYR R 65 0.59 6.16 53.81
CA TYR R 65 1.11 6.76 55.02
C TYR R 65 0.84 5.79 56.15
N PRO R 66 1.58 5.90 57.26
CA PRO R 66 1.34 4.97 58.38
C PRO R 66 -0.11 5.00 58.83
N GLY R 67 -0.82 3.90 58.58
CA GLY R 67 -2.22 3.78 58.96
C GLY R 67 -3.23 4.01 57.85
N GLY R 68 -2.81 4.19 56.61
CA GLY R 68 -3.78 4.32 55.54
C GLY R 68 -3.15 4.73 54.23
N VAL R 69 -4.02 5.09 53.29
CA VAL R 69 -3.61 5.47 51.94
C VAL R 69 -4.41 6.70 51.53
N VAL R 70 -3.83 7.47 50.61
CA VAL R 70 -4.48 8.67 50.08
C VAL R 70 -4.33 8.68 48.57
N MET R 71 -5.40 9.10 47.89
CA MET R 71 -5.41 9.17 46.43
C MET R 71 -5.97 10.50 45.98
N ALA R 72 -5.26 11.18 45.10
CA ALA R 72 -5.65 12.52 44.65
C ALA R 72 -5.59 12.60 43.13
N GLY R 73 -6.42 13.48 42.58
CA GLY R 73 -6.50 13.63 41.13
C GLY R 73 -6.80 15.05 40.75
N ASP R 74 -6.29 15.45 39.58
CA ASP R 74 -6.52 16.77 39.03
C ASP R 74 -7.89 16.81 38.33
N ARG R 75 -8.26 17.98 37.82
CA ARG R 75 -9.61 18.20 37.34
C ARG R 75 -9.74 18.55 35.86
N ARG R 76 -8.63 18.74 35.16
CA ARG R 76 -8.70 19.17 33.77
C ARG R 76 -9.00 18.00 32.85
N SER R 77 -9.88 18.23 31.88
CA SER R 77 -10.09 17.31 30.76
C SER R 77 -9.91 18.09 29.48
N THR R 78 -9.13 17.55 28.56
CA THR R 78 -8.78 18.22 27.32
C THR R 78 -9.31 17.45 26.12
N GLN R 79 -9.47 18.16 25.02
CA GLN R 79 -9.75 17.56 23.71
C GLN R 79 -8.66 18.07 22.77
N GLY R 80 -7.53 17.36 22.76
CA GLY R 80 -6.35 17.85 22.07
C GLY R 80 -5.62 18.88 22.90
N ASN R 81 -5.51 20.11 22.40
CA ASN R 81 -4.97 21.21 23.18
C ASN R 81 -6.06 22.11 23.75
N MET R 82 -7.33 21.82 23.46
CA MET R 82 -8.44 22.62 23.93
C MET R 82 -8.95 22.09 25.26
N ILE R 83 -9.11 22.97 26.24
CA ILE R 83 -9.61 22.59 27.55
C ILE R 83 -11.12 22.44 27.47
N SER R 84 -11.61 21.23 27.69
CA SER R 84 -13.03 20.94 27.60
C SER R 84 -13.71 20.80 28.96
N GLY R 85 -12.96 20.52 30.01
CA GLY R 85 -13.53 20.35 31.33
C GLY R 85 -12.63 20.83 32.43
N ARG R 86 -13.22 21.42 33.47
CA ARG R 86 -12.45 22.05 34.54
C ARG R 86 -12.68 21.44 35.92
N ASP R 87 -13.69 20.59 36.09
CA ASP R 87 -13.98 20.01 37.40
C ASP R 87 -14.33 18.54 37.26
N VAL R 88 -13.56 17.80 36.46
CA VAL R 88 -13.78 16.37 36.32
C VAL R 88 -13.30 15.67 37.58
N ARG R 89 -14.11 14.73 38.07
CA ARG R 89 -13.77 13.92 39.24
C ARG R 89 -13.22 12.60 38.74
N LYS R 90 -11.94 12.34 39.01
CA LYS R 90 -11.26 11.16 38.50
C LYS R 90 -10.95 10.13 39.58
N VAL R 91 -11.23 10.43 40.84
CA VAL R 91 -11.04 9.50 41.94
C VAL R 91 -12.42 9.10 42.45
N TYR R 92 -12.67 7.80 42.53
CA TYR R 92 -13.95 7.26 42.96
C TYR R 92 -13.77 6.35 44.16
N ILE R 93 -14.75 6.34 45.04
CA ILE R 93 -14.78 5.40 46.16
C ILE R 93 -15.49 4.15 45.66
N THR R 94 -14.70 3.14 45.27
CA THR R 94 -15.29 1.91 44.75
C THR R 94 -16.05 1.17 45.85
N ASP R 95 -15.48 1.12 47.05
CA ASP R 95 -16.22 0.60 48.20
C ASP R 95 -15.58 1.14 49.47
N ASP R 96 -16.09 0.66 50.61
CA ASP R 96 -15.80 1.30 51.89
C ASP R 96 -14.31 1.42 52.17
N TYR R 97 -13.51 0.48 51.68
CA TYR R 97 -12.06 0.51 51.90
C TYR R 97 -11.27 0.55 50.61
N THR R 98 -11.87 0.95 49.50
CA THR R 98 -11.18 0.92 48.23
C THR R 98 -11.59 2.10 47.37
N ALA R 99 -10.60 2.85 46.89
CA ALA R 99 -10.77 3.90 45.92
C ALA R 99 -10.03 3.53 44.64
N THR R 100 -10.52 4.04 43.52
CA THR R 100 -9.89 3.78 42.24
C THR R 100 -9.80 5.08 41.46
N GLY R 101 -8.72 5.22 40.71
CA GLY R 101 -8.55 6.37 39.85
C GLY R 101 -8.12 5.94 38.47
N ILE R 102 -8.91 6.29 37.45
CA ILE R 102 -8.66 5.82 36.09
C ILE R 102 -8.24 7.01 35.25
N ALA R 103 -7.12 6.87 34.54
CA ALA R 103 -6.61 7.88 33.64
C ALA R 103 -6.77 7.42 32.20
N GLY R 104 -6.72 8.39 31.29
CA GLY R 104 -6.90 8.13 29.87
C GLY R 104 -8.17 8.82 29.36
N THR R 105 -8.92 8.09 28.53
CA THR R 105 -10.18 8.61 28.04
C THR R 105 -11.17 8.77 29.18
N ALA R 106 -11.80 9.94 29.28
CA ALA R 106 -12.69 10.21 30.41
C ALA R 106 -13.95 9.35 30.35
N ALA R 107 -14.52 9.18 29.15
CA ALA R 107 -15.70 8.34 29.00
C ALA R 107 -15.44 6.92 29.50
N VAL R 108 -14.34 6.33 29.05
CA VAL R 108 -13.98 4.99 29.48
C VAL R 108 -13.65 4.96 30.96
N ALA R 109 -13.05 6.03 31.49
CA ALA R 109 -12.76 6.07 32.91
C ALA R 109 -14.03 5.99 33.75
N VAL R 110 -15.04 6.80 33.39
CA VAL R 110 -16.30 6.79 34.13
C VAL R 110 -16.99 5.43 33.99
N GLU R 111 -17.02 4.89 32.78
CA GLU R 111 -17.67 3.60 32.57
C GLU R 111 -16.96 2.49 33.36
N PHE R 112 -15.63 2.52 33.38
CA PHE R 112 -14.86 1.53 34.11
C PHE R 112 -15.14 1.62 35.61
N ALA R 113 -15.15 2.84 36.15
CA ALA R 113 -15.42 2.98 37.58
C ALA R 113 -16.82 2.47 37.92
N ARG R 114 -17.81 2.80 37.11
CA ARG R 114 -19.16 2.34 37.38
C ARG R 114 -19.25 0.81 37.33
N LEU R 115 -18.67 0.21 36.28
CA LEU R 115 -18.70 -1.24 36.15
C LEU R 115 -17.99 -1.93 37.32
N TYR R 116 -16.82 -1.43 37.69
CA TYR R 116 -16.05 -2.06 38.75
C TYR R 116 -16.77 -1.98 40.09
N ALA R 117 -17.32 -0.81 40.42
CA ALA R 117 -18.09 -0.69 41.65
C ALA R 117 -19.29 -1.63 41.63
N VAL R 118 -20.01 -1.68 40.50
CA VAL R 118 -21.18 -2.55 40.42
C VAL R 118 -20.79 -4.00 40.66
N GLU R 119 -19.67 -4.43 40.06
CA GLU R 119 -19.25 -5.82 40.21
C GLU R 119 -18.88 -6.14 41.65
N LEU R 120 -18.17 -5.23 42.33
CA LEU R 120 -17.80 -5.48 43.72
C LEU R 120 -19.04 -5.58 44.60
N GLU R 121 -19.97 -4.62 44.47
CA GLU R 121 -21.19 -4.68 45.28
C GLU R 121 -22.04 -5.90 44.93
N HIS R 122 -22.04 -6.30 43.66
CA HIS R 122 -22.81 -7.48 43.25
C HIS R 122 -22.28 -8.74 43.93
N TYR R 123 -20.95 -8.91 43.94
CA TYR R 123 -20.40 -10.07 44.63
C TYR R 123 -20.70 -10.01 46.11
N GLU R 124 -20.55 -8.83 46.73
CA GLU R 124 -20.79 -8.73 48.17
C GLU R 124 -22.23 -9.06 48.51
N LYS R 125 -23.17 -8.66 47.67
CA LYS R 125 -24.58 -8.97 47.94
C LYS R 125 -24.89 -10.44 47.69
N LEU R 126 -24.30 -11.03 46.65
CA LEU R 126 -24.59 -12.43 46.35
C LEU R 126 -24.01 -13.36 47.41
N GLU R 127 -22.80 -13.06 47.89
CA GLU R 127 -22.10 -13.96 48.80
C GLU R 127 -22.23 -13.55 50.27
N GLY R 128 -22.66 -12.33 50.56
CA GLY R 128 -22.74 -11.87 51.92
C GLY R 128 -21.42 -11.46 52.52
N VAL R 129 -20.32 -11.68 51.81
CA VAL R 129 -18.98 -11.31 52.28
C VAL R 129 -18.29 -10.59 51.12
N PRO R 130 -17.57 -9.51 51.37
CA PRO R 130 -16.87 -8.82 50.30
C PRO R 130 -15.70 -9.64 49.77
N LEU R 131 -15.27 -9.29 48.56
CA LEU R 131 -14.09 -9.91 47.99
C LEU R 131 -12.85 -9.57 48.82
N THR R 132 -11.89 -10.48 48.83
CA THR R 132 -10.58 -10.15 49.37
C THR R 132 -9.89 -9.16 48.45
N PHE R 133 -8.84 -8.52 48.97
CA PHE R 133 -8.15 -7.52 48.15
C PHE R 133 -7.55 -8.14 46.90
N ALA R 134 -7.01 -9.35 47.02
CA ALA R 134 -6.49 -10.04 45.84
C ALA R 134 -7.59 -10.28 44.81
N GLY R 135 -8.80 -10.60 45.28
CA GLY R 135 -9.91 -10.78 44.37
C GLY R 135 -10.30 -9.51 43.65
N LYS R 136 -10.32 -8.38 44.36
CA LYS R 136 -10.63 -7.10 43.73
C LYS R 136 -9.56 -6.74 42.70
N ILE R 137 -8.29 -6.98 43.04
CA ILE R 137 -7.21 -6.73 42.09
C ILE R 137 -7.41 -7.58 40.84
N ASN R 138 -7.75 -8.86 41.03
CA ASN R 138 -7.94 -9.73 39.87
C ASN R 138 -9.10 -9.26 39.01
N ARG R 139 -10.20 -8.84 39.62
CA ARG R 139 -11.34 -8.35 38.85
C ARG R 139 -10.97 -7.11 38.05
N LEU R 140 -10.23 -6.18 38.67
CA LEU R 140 -9.82 -4.97 37.95
C LEU R 140 -8.88 -5.31 36.81
N ALA R 141 -7.96 -6.25 37.03
CA ALA R 141 -7.05 -6.64 35.96
C ALA R 141 -7.78 -7.33 34.83
N ILE R 142 -8.80 -8.14 35.15
CA ILE R 142 -9.64 -8.75 34.11
C ILE R 142 -10.35 -7.67 33.31
N MET R 143 -10.88 -6.66 34.00
CA MET R 143 -11.55 -5.57 33.30
C MET R 143 -10.59 -4.82 32.39
N VAL R 144 -9.35 -4.59 32.84
CA VAL R 144 -8.36 -3.92 32.01
C VAL R 144 -8.06 -4.76 30.77
N ARG R 145 -7.76 -6.05 30.98
CA ARG R 145 -7.37 -6.91 29.88
C ARG R 145 -8.50 -7.14 28.89
N GLY R 146 -9.75 -7.04 29.33
CA GLY R 146 -10.86 -7.13 28.41
C GLY R 146 -11.09 -5.89 27.58
N ASN R 147 -10.22 -4.90 27.72
CA ASN R 147 -10.33 -3.64 26.99
C ASN R 147 -9.12 -3.39 26.09
N LEU R 148 -8.33 -4.42 25.82
CA LEU R 148 -7.14 -4.24 24.98
C LEU R 148 -7.51 -3.84 23.56
N ALA R 149 -8.56 -4.43 23.00
CA ALA R 149 -8.97 -4.10 21.65
C ALA R 149 -9.39 -2.64 21.55
N ALA R 150 -10.16 -2.14 22.52
CA ALA R 150 -10.53 -0.73 22.51
C ALA R 150 -9.32 0.16 22.75
N ALA R 151 -8.40 -0.26 23.62
CA ALA R 151 -7.21 0.53 23.89
C ALA R 151 -6.34 0.67 22.64
N MET R 152 -6.30 -0.38 21.82
CA MET R 152 -5.51 -0.32 20.59
C MET R 152 -6.10 0.65 19.58
N GLN R 153 -7.40 0.92 19.64
CA GLN R 153 -8.04 1.88 18.76
C GLN R 153 -8.21 3.25 19.42
N GLY R 154 -7.84 3.40 20.68
CA GLY R 154 -7.79 4.70 21.33
C GLY R 154 -8.58 4.83 22.61
N LEU R 155 -9.36 3.83 23.04
CA LEU R 155 -10.15 3.95 24.26
C LEU R 155 -9.36 3.49 25.48
N LEU R 156 -8.18 4.06 25.67
CA LEU R 156 -7.27 3.63 26.73
C LEU R 156 -7.84 4.00 28.10
N ALA R 157 -7.61 3.12 29.08
CA ALA R 157 -8.01 3.37 30.46
C ALA R 157 -7.03 2.66 31.38
N LEU R 158 -6.19 3.44 32.05
CA LEU R 158 -5.22 2.88 32.99
C LEU R 158 -5.67 3.17 34.41
N PRO R 159 -6.05 2.15 35.19
CA PRO R 159 -6.50 2.39 36.55
C PRO R 159 -5.37 2.33 37.56
N LEU R 160 -5.68 2.85 38.75
CA LEU R 160 -4.78 2.87 39.88
C LEU R 160 -5.63 2.60 41.11
N LEU R 161 -5.29 1.57 41.86
CA LEU R 161 -6.13 1.10 42.96
C LEU R 161 -5.49 1.46 44.28
N ALA R 162 -6.25 2.08 45.17
CA ALA R 162 -5.82 2.34 46.53
C ALA R 162 -6.78 1.62 47.46
N GLY R 163 -6.24 0.94 48.47
CA GLY R 163 -7.09 0.15 49.33
C GLY R 163 -6.53 0.05 50.73
N TYR R 164 -7.40 -0.38 51.63
CA TYR R 164 -7.02 -0.70 53.00
C TYR R 164 -7.35 -2.16 53.23
N ASP R 165 -6.33 -3.01 53.30
CA ASP R 165 -6.53 -4.43 53.55
C ASP R 165 -6.90 -4.61 55.01
N ILE R 166 -8.18 -4.86 55.28
CA ILE R 166 -8.62 -5.06 56.65
C ILE R 166 -8.12 -6.39 57.19
N HIS R 167 -7.94 -7.39 56.33
CA HIS R 167 -7.44 -8.69 56.72
C HIS R 167 -5.93 -8.73 56.87
N ALA R 168 -5.24 -7.62 56.63
CA ALA R 168 -3.81 -7.55 56.82
C ALA R 168 -3.47 -7.68 58.31
N SER R 169 -2.28 -8.22 58.57
CA SER R 169 -1.88 -8.52 59.95
C SER R 169 -1.60 -7.24 60.74
N ASP R 170 -0.86 -6.30 60.16
CA ASP R 170 -0.42 -5.11 60.87
C ASP R 170 -1.26 -3.92 60.45
N PRO R 171 -2.05 -3.32 61.34
CA PRO R 171 -2.94 -2.22 60.93
C PRO R 171 -2.22 -1.04 60.31
N GLN R 172 -1.00 -0.73 60.76
CA GLN R 172 -0.31 0.45 60.26
C GLN R 172 0.03 0.31 58.78
N SER R 173 0.47 -0.86 58.36
CA SER R 173 0.88 -1.10 56.98
C SER R 173 -0.18 -1.84 56.18
N ALA R 174 -1.45 -1.53 56.41
CA ALA R 174 -2.55 -2.15 55.67
C ALA R 174 -2.89 -1.44 54.37
N GLY R 175 -2.31 -0.27 54.12
CA GLY R 175 -2.57 0.44 52.87
C GLY R 175 -1.90 -0.26 51.71
N ARG R 176 -2.62 -0.32 50.59
CA ARG R 176 -2.17 -1.03 49.40
C ARG R 176 -2.35 -0.13 48.18
N ILE R 177 -1.33 -0.07 47.34
CA ILE R 177 -1.36 0.66 46.09
C ILE R 177 -1.06 -0.33 44.97
N VAL R 178 -1.98 -0.45 44.02
CA VAL R 178 -1.84 -1.39 42.91
C VAL R 178 -1.81 -0.60 41.62
N SER R 179 -0.77 -0.82 40.84
CA SER R 179 -0.61 -0.20 39.53
C SER R 179 -0.88 -1.23 38.45
N PHE R 180 -1.52 -0.79 37.37
CA PHE R 180 -1.87 -1.67 36.26
C PHE R 180 -1.20 -1.17 34.99
N ASP R 181 -0.87 -2.11 34.11
CA ASP R 181 -0.30 -1.78 32.82
C ASP R 181 -1.34 -1.98 31.73
N ALA R 182 -0.96 -1.66 30.49
CA ALA R 182 -1.89 -1.76 29.37
C ALA R 182 -2.30 -3.20 29.12
N ALA R 183 -1.36 -4.15 29.25
CA ALA R 183 -1.64 -5.55 28.96
C ALA R 183 -2.50 -6.23 30.03
N GLY R 184 -2.72 -5.59 31.17
CA GLY R 184 -3.49 -6.17 32.25
C GLY R 184 -2.69 -6.59 33.45
N GLY R 185 -1.36 -6.57 33.38
CA GLY R 185 -0.55 -6.92 34.53
C GLY R 185 -0.64 -5.86 35.61
N TRP R 186 -0.48 -6.32 36.84
CA TRP R 186 -0.60 -5.44 38.00
C TRP R 186 0.54 -5.70 38.96
N ASN R 187 0.89 -4.67 39.72
CA ASN R 187 1.94 -4.76 40.73
C ASN R 187 1.46 -4.06 41.99
N ILE R 188 1.64 -4.72 43.13
CA ILE R 188 1.48 -4.08 44.42
C ILE R 188 2.73 -3.27 44.70
N GLU R 189 2.59 -1.95 44.76
CA GLU R 189 3.75 -1.07 44.82
C GLU R 189 4.27 -1.01 46.25
N GLU R 190 5.56 -1.35 46.41
CA GLU R 190 6.19 -1.35 47.72
C GLU R 190 6.97 -0.07 48.01
N GLU R 191 7.13 0.82 47.02
CA GLU R 191 7.81 2.07 47.28
C GLU R 191 6.95 3.03 48.11
N GLY R 192 5.64 2.82 48.14
CA GLY R 192 4.75 3.64 48.94
C GLY R 192 4.01 4.71 48.17
N TYR R 193 4.26 4.85 46.87
CA TYR R 193 3.56 5.85 46.07
C TYR R 193 3.53 5.38 44.62
N GLN R 194 2.57 5.93 43.87
CA GLN R 194 2.37 5.58 42.48
C GLN R 194 1.58 6.69 41.82
N ALA R 195 1.66 6.76 40.50
CA ALA R 195 0.91 7.75 39.75
C ALA R 195 0.58 7.21 38.37
N VAL R 196 -0.53 7.68 37.82
CA VAL R 196 -0.93 7.37 36.45
C VAL R 196 -1.35 8.66 35.76
N GLY R 197 -1.27 8.65 34.44
CA GLY R 197 -1.74 9.76 33.63
C GLY R 197 -0.60 10.43 32.88
N SER R 198 -0.95 11.55 32.24
CA SER R 198 0.02 12.28 31.43
C SER R 198 1.16 12.84 32.28
N GLY R 199 0.85 13.35 33.46
CA GLY R 199 1.85 13.94 34.32
C GLY R 199 2.40 12.96 35.35
N SER R 200 2.22 11.67 35.09
CA SER R 200 2.59 10.66 36.07
C SER R 200 4.08 10.68 36.38
N LEU R 201 4.92 10.93 35.38
CA LEU R 201 6.36 10.92 35.60
C LEU R 201 6.80 12.05 36.54
N PHE R 202 6.30 13.26 36.30
CA PHE R 202 6.66 14.38 37.14
C PHE R 202 6.13 14.21 38.55
N ALA R 203 4.90 13.70 38.69
CA ALA R 203 4.36 13.44 40.03
C ALA R 203 5.16 12.38 40.75
N LYS R 204 5.58 11.33 40.03
CA LYS R 204 6.43 10.30 40.61
C LYS R 204 7.74 10.88 41.12
N SER R 205 8.39 11.69 40.29
CA SER R 205 9.68 12.24 40.66
C SER R 205 9.56 13.27 41.78
N SER R 206 8.40 13.92 41.90
CA SER R 206 8.16 14.81 43.03
C SER R 206 7.95 14.03 44.32
N MET R 207 7.13 12.98 44.25
CA MET R 207 6.90 12.14 45.43
C MET R 207 8.17 11.44 45.88
N LYS R 208 9.05 11.10 44.94
CA LYS R 208 10.30 10.45 45.32
C LYS R 208 11.11 11.32 46.26
N LYS R 209 11.12 12.63 46.03
CA LYS R 209 11.83 13.55 46.89
C LYS R 209 11.04 13.93 48.14
N LEU R 210 9.72 13.98 48.06
CA LEU R 210 8.90 14.46 49.16
C LEU R 210 8.39 13.37 50.09
N TYR R 211 8.63 12.09 49.78
CA TYR R 211 8.03 11.03 50.56
C TYR R 211 8.67 10.86 51.93
N SER R 212 9.85 11.44 52.15
CA SER R 212 10.47 11.37 53.47
C SER R 212 9.72 12.18 54.51
N GLN R 213 8.83 13.08 54.09
CA GLN R 213 8.05 13.90 55.00
C GLN R 213 6.68 13.31 55.29
N VAL R 214 6.31 12.21 54.65
CA VAL R 214 4.98 11.62 54.85
C VAL R 214 5.01 10.82 56.14
N THR R 215 4.31 11.30 57.15
CA THR R 215 4.26 10.64 58.45
C THR R 215 2.85 10.32 58.92
N ASP R 216 1.86 11.14 58.59
CA ASP R 216 0.48 10.89 58.97
C ASP R 216 -0.41 11.26 57.78
N GLY R 217 -1.72 11.29 58.02
CA GLY R 217 -2.65 11.53 56.94
C GLY R 217 -2.53 12.92 56.34
N ASP R 218 -2.35 13.95 57.19
CA ASP R 218 -2.28 15.31 56.68
C ASP R 218 -1.02 15.53 55.86
N SER R 219 0.12 15.03 56.32
CA SER R 219 1.35 15.17 55.54
C SER R 219 1.26 14.39 54.23
N GLY R 220 0.62 13.22 54.25
CA GLY R 220 0.40 12.49 53.03
C GLY R 220 -0.47 13.25 52.04
N LEU R 221 -1.53 13.88 52.54
CA LEU R 221 -2.38 14.70 51.68
C LEU R 221 -1.60 15.88 51.10
N ARG R 222 -0.78 16.52 51.93
CA ARG R 222 0.02 17.64 51.45
C ARG R 222 0.99 17.21 50.37
N VAL R 223 1.63 16.05 50.54
CA VAL R 223 2.57 15.57 49.54
C VAL R 223 1.83 15.19 48.26
N ALA R 224 0.64 14.61 48.37
CA ALA R 224 -0.14 14.29 47.18
C ALA R 224 -0.51 15.54 46.41
N VAL R 225 -0.92 16.59 47.12
CA VAL R 225 -1.30 17.84 46.45
C VAL R 225 -0.07 18.49 45.81
N GLU R 226 1.08 18.43 46.50
CA GLU R 226 2.29 19.02 45.92
C GLU R 226 2.74 18.25 44.69
N ALA R 227 2.61 16.92 44.69
CA ALA R 227 2.94 16.13 43.52
C ALA R 227 2.03 16.47 42.35
N LEU R 228 0.73 16.65 42.62
CA LEU R 228 -0.18 17.08 41.57
C LEU R 228 0.19 18.46 41.06
N TYR R 229 0.61 19.36 41.95
CA TYR R 229 1.04 20.68 41.53
C TYR R 229 2.25 20.61 40.61
N ASP R 230 3.22 19.76 40.94
CA ASP R 230 4.38 19.59 40.07
C ASP R 230 3.99 19.02 38.71
N ALA R 231 3.11 18.02 38.71
CA ALA R 231 2.67 17.42 37.45
C ALA R 231 1.98 18.45 36.57
N ALA R 232 1.14 19.30 37.17
CA ALA R 232 0.50 20.37 36.41
C ALA R 232 1.49 21.44 35.98
N ASP R 233 2.54 21.64 36.78
CA ASP R 233 3.57 22.62 36.45
C ASP R 233 4.43 22.18 35.27
N ASP R 234 4.54 20.88 35.02
CA ASP R 234 5.34 20.39 33.90
C ASP R 234 4.51 19.86 32.74
N ASP R 235 3.23 19.54 32.95
CA ASP R 235 2.38 18.97 31.92
C ASP R 235 1.15 19.84 31.73
N SER R 236 0.91 20.29 30.50
CA SER R 236 -0.18 21.22 30.23
C SER R 236 -1.55 20.54 30.15
N ALA R 237 -1.59 19.21 30.09
CA ALA R 237 -2.86 18.49 30.11
C ALA R 237 -3.32 18.15 31.52
N THR R 238 -2.53 18.51 32.53
CA THR R 238 -2.92 18.35 33.93
C THR R 238 -3.29 19.71 34.48
N GLY R 239 -4.42 19.77 35.19
CA GLY R 239 -4.90 21.04 35.71
C GLY R 239 -4.44 21.34 37.12
N GLY R 240 -3.76 22.46 37.30
CA GLY R 240 -3.33 22.87 38.61
C GLY R 240 -4.44 23.48 39.41
N PRO R 241 -4.11 23.85 40.65
CA PRO R 241 -5.09 24.56 41.50
C PRO R 241 -5.53 25.85 40.84
N ASP R 242 -6.83 25.98 40.62
CA ASP R 242 -7.41 27.16 39.99
C ASP R 242 -7.95 28.07 41.09
N LEU R 243 -7.18 29.12 41.41
CA LEU R 243 -7.61 30.03 42.47
C LEU R 243 -8.73 30.95 41.99
N VAL R 244 -8.80 31.22 40.68
CA VAL R 244 -9.82 32.12 40.16
C VAL R 244 -11.20 31.48 40.27
N ARG R 245 -11.34 30.24 39.82
CA ARG R 245 -12.61 29.54 39.90
C ARG R 245 -12.78 28.73 41.18
N GLY R 246 -11.75 28.64 42.01
CA GLY R 246 -11.83 27.87 43.23
C GLY R 246 -11.99 26.38 43.02
N ILE R 247 -11.35 25.82 42.01
CA ILE R 247 -11.41 24.40 41.71
C ILE R 247 -10.06 23.78 42.06
N PHE R 248 -10.08 22.74 42.87
CA PHE R 248 -8.88 22.14 43.44
C PHE R 248 -8.93 20.63 43.21
N PRO R 249 -7.78 19.96 43.33
CA PRO R 249 -7.77 18.50 43.15
C PRO R 249 -8.69 17.79 44.12
N THR R 250 -9.25 16.67 43.68
CA THR R 250 -10.07 15.84 44.54
C THR R 250 -9.21 14.79 45.21
N ALA R 251 -9.54 14.46 46.46
CA ALA R 251 -8.74 13.52 47.22
C ALA R 251 -9.65 12.61 48.04
N VAL R 252 -9.17 11.39 48.27
CA VAL R 252 -9.84 10.39 49.07
C VAL R 252 -8.82 9.81 50.04
N ILE R 253 -9.19 9.75 51.33
CA ILE R 253 -8.33 9.19 52.36
C ILE R 253 -8.99 7.92 52.87
N ILE R 254 -8.28 6.80 52.78
CA ILE R 254 -8.77 5.51 53.22
C ILE R 254 -7.97 5.08 54.44
N ASP R 255 -8.68 4.73 55.51
CA ASP R 255 -8.06 4.28 56.74
C ASP R 255 -8.93 3.18 57.35
N ALA R 256 -8.67 2.85 58.61
CA ALA R 256 -9.39 1.78 59.28
C ALA R 256 -10.89 2.07 59.40
N ASP R 257 -11.28 3.33 59.32
CA ASP R 257 -12.68 3.72 59.38
C ASP R 257 -13.33 3.80 58.00
N GLY R 258 -12.61 3.45 56.95
CA GLY R 258 -13.15 3.44 55.61
C GLY R 258 -12.55 4.52 54.74
N ALA R 259 -13.19 4.72 53.59
CA ALA R 259 -12.77 5.69 52.59
C ALA R 259 -13.63 6.93 52.70
N VAL R 260 -12.99 8.08 52.88
CA VAL R 260 -13.68 9.35 53.07
C VAL R 260 -13.22 10.33 52.00
N ASP R 261 -14.18 10.98 51.34
CA ASP R 261 -13.87 12.12 50.49
C ASP R 261 -13.30 13.25 51.34
N VAL R 262 -12.23 13.86 50.84
CA VAL R 262 -11.59 14.96 51.56
C VAL R 262 -12.38 16.25 51.30
N PRO R 263 -12.68 17.03 52.33
CA PRO R 263 -13.37 18.31 52.09
C PRO R 263 -12.54 19.24 51.23
N GLU R 264 -13.23 20.01 50.39
CA GLU R 264 -12.55 20.91 49.46
C GLU R 264 -11.78 22.00 50.19
N SER R 265 -12.23 22.40 51.39
CA SER R 265 -11.56 23.48 52.11
C SER R 265 -10.15 23.09 52.51
N ARG R 266 -9.96 21.85 52.98
CA ARG R 266 -8.63 21.41 53.37
C ARG R 266 -7.67 21.39 52.18
N ILE R 267 -8.13 20.89 51.05
CA ILE R 267 -7.29 20.87 49.86
C ILE R 267 -7.01 22.28 49.38
N ALA R 268 -7.99 23.18 49.52
CA ALA R 268 -7.79 24.57 49.11
C ALA R 268 -6.69 25.23 49.95
N GLU R 269 -6.72 25.02 51.27
CA GLU R 269 -5.69 25.65 52.09
C GLU R 269 -4.33 25.01 51.87
N LEU R 270 -4.29 23.68 51.67
CA LEU R 270 -3.03 23.03 51.34
C LEU R 270 -2.44 23.57 50.04
N ALA R 271 -3.29 23.71 49.01
CA ALA R 271 -2.82 24.21 47.72
C ALA R 271 -2.35 25.65 47.83
N ARG R 272 -3.06 26.48 48.61
CA ARG R 272 -2.62 27.86 48.79
C ARG R 272 -1.27 27.92 49.50
N ALA R 273 -1.07 27.07 50.50
CA ALA R 273 0.23 27.04 51.18
C ALA R 273 1.33 26.61 50.23
N ILE R 274 1.06 25.62 49.38
CA ILE R 274 2.05 25.18 48.39
C ILE R 274 2.38 26.31 47.43
N ILE R 275 1.36 27.01 46.94
CA ILE R 275 1.57 28.11 46.00
C ILE R 275 2.38 29.22 46.66
N GLU R 276 2.07 29.55 47.91
CA GLU R 276 2.85 30.57 48.61
C GLU R 276 4.29 30.15 48.80
N SER R 277 4.53 28.88 49.14
CA SER R 277 5.90 28.41 49.30
C SER R 277 6.66 28.42 47.99
N ARG R 278 5.97 28.22 46.87
CA ARG R 278 6.64 28.24 45.57
C ARG R 278 6.82 29.64 45.00
N SER R 279 6.17 30.65 45.58
CA SER R 279 6.28 32.01 45.07
C SER R 279 7.59 32.66 45.50
N THR S 58 -24.10 23.80 11.44
CA THR S 58 -25.05 23.70 12.53
C THR S 58 -24.44 24.20 13.84
N THR S 59 -25.26 24.84 14.66
CA THR S 59 -24.82 25.29 15.98
C THR S 59 -26.03 25.37 16.89
N ILE S 60 -25.96 24.68 18.02
CA ILE S 60 -27.00 24.68 19.03
C ILE S 60 -26.39 25.19 20.33
N VAL S 61 -27.04 26.17 20.95
CA VAL S 61 -26.61 26.72 22.22
C VAL S 61 -27.64 26.34 23.28
N ALA S 62 -27.16 26.25 24.52
CA ALA S 62 -28.04 26.04 25.67
C ALA S 62 -27.46 26.81 26.85
N LEU S 63 -28.33 27.36 27.68
CA LEU S 63 -27.85 28.09 28.85
C LEU S 63 -28.90 28.10 29.94
N LYS S 64 -28.44 28.02 31.18
CA LYS S 64 -29.32 28.12 32.34
C LYS S 64 -29.55 29.58 32.71
N TYR S 65 -30.74 29.85 33.22
CA TYR S 65 -31.10 31.13 33.82
C TYR S 65 -31.79 30.83 35.13
N PRO S 66 -31.87 31.81 36.05
CA PRO S 66 -32.55 31.56 37.32
C PRO S 66 -33.96 31.05 37.12
N GLY S 67 -34.19 29.78 37.46
CA GLY S 67 -35.48 29.16 37.32
C GLY S 67 -35.74 28.40 36.04
N GLY S 68 -34.71 28.11 35.24
CA GLY S 68 -34.95 27.29 34.07
C GLY S 68 -33.75 27.27 33.14
N VAL S 69 -33.99 26.78 31.93
CA VAL S 69 -32.97 26.61 30.92
C VAL S 69 -33.57 26.94 29.56
N VAL S 70 -32.72 27.39 28.63
CA VAL S 70 -33.17 27.74 27.28
C VAL S 70 -32.19 27.18 26.26
N MET S 71 -32.72 26.61 25.19
CA MET S 71 -31.94 25.94 24.17
C MET S 71 -32.36 26.47 22.80
N ALA S 72 -31.40 26.93 22.01
CA ALA S 72 -31.69 27.50 20.70
C ALA S 72 -30.82 26.84 19.64
N GLY S 73 -31.32 26.82 18.41
CA GLY S 73 -30.60 26.23 17.31
C GLY S 73 -30.88 26.96 16.01
N ASP S 74 -29.91 26.89 15.10
CA ASP S 74 -30.04 27.53 13.81
C ASP S 74 -30.87 26.66 12.87
N ARG S 75 -30.97 27.06 11.60
CA ARG S 75 -31.86 26.39 10.66
C ARG S 75 -31.19 25.92 9.38
N ARG S 76 -29.91 26.20 9.17
CA ARG S 76 -29.26 25.91 7.90
C ARG S 76 -28.69 24.50 7.90
N SER S 77 -28.87 23.81 6.77
CA SER S 77 -28.20 22.53 6.50
C SER S 77 -27.47 22.65 5.18
N THR S 78 -26.20 22.25 5.17
CA THR S 78 -25.36 22.29 3.99
C THR S 78 -24.93 20.89 3.58
N GLN S 79 -24.62 20.74 2.30
CA GLN S 79 -23.92 19.58 1.75
C GLN S 79 -22.62 20.11 1.15
N GLY S 80 -21.53 19.97 1.89
CA GLY S 80 -20.29 20.60 1.49
C GLY S 80 -20.32 22.08 1.79
N ASN S 81 -20.23 22.91 0.74
CA ASN S 81 -20.47 24.34 0.87
C ASN S 81 -21.74 24.78 0.17
N MET S 82 -22.59 23.84 -0.21
CA MET S 82 -23.85 24.11 -0.89
C MET S 82 -24.99 24.08 0.13
N ILE S 83 -25.78 25.14 0.15
CA ILE S 83 -26.89 25.23 1.10
C ILE S 83 -28.05 24.39 0.59
N SER S 84 -28.42 23.37 1.36
CA SER S 84 -29.50 22.48 0.97
C SER S 84 -30.79 22.69 1.76
N GLY S 85 -30.70 23.17 2.99
CA GLY S 85 -31.88 23.37 3.80
C GLY S 85 -31.86 24.69 4.55
N ARG S 86 -33.02 25.32 4.67
CA ARG S 86 -33.12 26.63 5.29
C ARG S 86 -34.05 26.67 6.50
N ASP S 87 -34.84 25.63 6.75
CA ASP S 87 -35.77 25.63 7.86
C ASP S 87 -35.63 24.36 8.70
N VAL S 88 -34.41 23.83 8.78
CA VAL S 88 -34.17 22.65 9.60
C VAL S 88 -34.37 23.00 11.07
N ARG S 89 -35.08 22.13 11.79
CA ARG S 89 -35.30 22.31 13.22
C ARG S 89 -34.41 21.30 13.95
N LYS S 90 -33.45 21.82 14.72
CA LYS S 90 -32.45 20.99 15.37
C LYS S 90 -32.65 20.85 16.87
N VAL S 91 -33.71 21.43 17.41
CA VAL S 91 -34.00 21.38 18.84
C VAL S 91 -35.35 20.68 19.01
N TYR S 92 -35.35 19.58 19.77
CA TYR S 92 -36.54 18.77 19.96
C TYR S 92 -36.91 18.75 21.44
N ILE S 93 -38.20 18.85 21.72
CA ILE S 93 -38.71 18.67 23.08
C ILE S 93 -38.82 17.16 23.31
N THR S 94 -37.80 16.58 23.93
CA THR S 94 -37.78 15.14 24.13
C THR S 94 -38.89 14.70 25.07
N ASP S 95 -39.06 15.38 26.19
CA ASP S 95 -40.22 15.16 27.04
C ASP S 95 -40.50 16.43 27.83
N ASP S 96 -41.52 16.35 28.68
CA ASP S 96 -42.12 17.54 29.28
C ASP S 96 -41.08 18.45 29.93
N TYR S 97 -39.97 17.90 30.38
CA TYR S 97 -38.97 18.70 31.07
C TYR S 97 -37.58 18.64 30.46
N THR S 98 -37.39 17.93 29.36
CA THR S 98 -36.08 17.89 28.72
C THR S 98 -36.21 18.13 27.22
N ALA S 99 -35.30 18.96 26.70
CA ALA S 99 -35.10 19.17 25.28
C ALA S 99 -33.70 18.70 24.89
N THR S 100 -33.56 18.24 23.66
CA THR S 100 -32.29 17.79 23.15
C THR S 100 -32.02 18.44 21.81
N GLY S 101 -30.74 18.68 21.52
CA GLY S 101 -30.36 19.26 20.25
C GLY S 101 -29.10 18.61 19.72
N ILE S 102 -29.16 18.08 18.51
CA ILE S 102 -28.11 17.21 17.98
C ILE S 102 -27.44 17.90 16.79
N ALA S 103 -26.13 18.04 16.86
CA ALA S 103 -25.34 18.53 15.75
C ALA S 103 -24.70 17.36 15.01
N GLY S 104 -24.24 17.63 13.79
CA GLY S 104 -23.62 16.63 12.94
C GLY S 104 -24.44 16.41 11.67
N THR S 105 -24.59 15.13 11.30
CA THR S 105 -25.39 14.79 10.14
C THR S 105 -26.87 14.91 10.47
N ALA S 106 -27.62 15.53 9.55
CA ALA S 106 -29.03 15.81 9.82
C ALA S 106 -29.86 14.54 9.92
N ALA S 107 -29.59 13.56 9.06
CA ALA S 107 -30.33 12.29 9.11
C ALA S 107 -30.17 11.62 10.47
N VAL S 108 -28.92 11.50 10.93
CA VAL S 108 -28.65 10.87 12.21
C VAL S 108 -29.23 11.70 13.35
N ALA S 109 -29.21 13.02 13.21
CA ALA S 109 -29.78 13.88 14.26
C ALA S 109 -31.27 13.61 14.42
N VAL S 110 -32.01 13.58 13.31
CA VAL S 110 -33.45 13.33 13.38
C VAL S 110 -33.72 11.94 13.95
N GLU S 111 -32.99 10.93 13.46
CA GLU S 111 -33.22 9.57 13.93
C GLU S 111 -32.88 9.42 15.42
N PHE S 112 -31.79 10.03 15.87
CA PHE S 112 -31.41 9.98 17.27
C PHE S 112 -32.45 10.64 18.15
N ALA S 113 -32.93 11.82 17.77
CA ALA S 113 -33.94 12.49 18.58
C ALA S 113 -35.22 11.67 18.67
N ARG S 114 -35.66 11.12 17.54
CA ARG S 114 -36.87 10.31 17.53
C ARG S 114 -36.72 9.09 18.43
N LEU S 115 -35.60 8.38 18.29
CA LEU S 115 -35.38 7.18 19.09
C LEU S 115 -35.27 7.49 20.58
N TYR S 116 -34.60 8.60 20.92
CA TYR S 116 -34.44 8.94 22.33
C TYR S 116 -35.77 9.30 22.97
N ALA S 117 -36.60 10.06 22.27
CA ALA S 117 -37.94 10.36 22.78
C ALA S 117 -38.76 9.08 22.94
N VAL S 118 -38.66 8.17 21.96
CA VAL S 118 -39.39 6.91 22.04
C VAL S 118 -38.94 6.12 23.26
N GLU S 119 -37.63 6.09 23.52
CA GLU S 119 -37.10 5.34 24.65
C GLU S 119 -37.61 5.90 25.98
N LEU S 120 -37.55 7.23 26.13
CA LEU S 120 -38.03 7.85 27.37
C LEU S 120 -39.51 7.55 27.59
N GLU S 121 -40.33 7.71 26.54
CA GLU S 121 -41.76 7.46 26.69
C GLU S 121 -42.03 5.99 26.97
N HIS S 122 -41.30 5.08 26.32
CA HIS S 122 -41.51 3.66 26.54
C HIS S 122 -41.23 3.29 27.99
N TYR S 123 -40.13 3.79 28.54
CA TYR S 123 -39.86 3.52 29.95
C TYR S 123 -40.94 4.11 30.84
N GLU S 124 -41.37 5.35 30.56
CA GLU S 124 -42.36 6.00 31.42
C GLU S 124 -43.67 5.22 31.42
N LYS S 125 -44.09 4.71 30.27
CA LYS S 125 -45.34 3.95 30.22
C LYS S 125 -45.18 2.58 30.87
N LEU S 126 -44.07 1.90 30.63
CA LEU S 126 -43.87 0.58 31.21
C LEU S 126 -43.82 0.62 32.72
N GLU S 127 -43.10 1.60 33.29
CA GLU S 127 -42.89 1.65 34.72
C GLU S 127 -43.83 2.60 35.45
N GLY S 128 -44.54 3.47 34.73
CA GLY S 128 -45.46 4.38 35.36
C GLY S 128 -44.83 5.58 36.03
N VAL S 129 -43.54 5.81 35.82
CA VAL S 129 -42.83 6.93 36.43
C VAL S 129 -41.73 7.36 35.47
N PRO S 130 -41.53 8.66 35.27
CA PRO S 130 -40.45 9.11 34.38
C PRO S 130 -39.09 8.77 34.95
N LEU S 131 -38.12 8.60 34.05
CA LEU S 131 -36.74 8.37 34.46
C LEU S 131 -36.22 9.56 35.25
N THR S 132 -35.29 9.28 36.15
CA THR S 132 -34.53 10.35 36.78
C THR S 132 -33.59 10.98 35.74
N PHE S 133 -33.15 12.19 36.03
CA PHE S 133 -32.33 12.91 35.06
C PHE S 133 -31.04 12.14 34.75
N ALA S 134 -30.44 11.53 35.78
CA ALA S 134 -29.25 10.71 35.56
C ALA S 134 -29.55 9.53 34.66
N GLY S 135 -30.74 8.94 34.78
CA GLY S 135 -31.11 7.85 33.90
C GLY S 135 -31.23 8.27 32.45
N LYS S 136 -31.86 9.43 32.21
CA LYS S 136 -31.94 9.97 30.85
C LYS S 136 -30.55 10.26 30.29
N ILE S 137 -29.68 10.83 31.12
CA ILE S 137 -28.31 11.09 30.67
C ILE S 137 -27.62 9.79 30.30
N ASN S 138 -27.78 8.76 31.12
CA ASN S 138 -27.12 7.49 30.83
C ASN S 138 -27.65 6.88 29.55
N ARG S 139 -28.97 6.95 29.32
CA ARG S 139 -29.51 6.40 28.09
C ARG S 139 -28.99 7.13 26.86
N LEU S 140 -28.94 8.47 26.92
CA LEU S 140 -28.41 9.23 25.80
C LEU S 140 -26.93 8.93 25.58
N ALA S 141 -26.17 8.78 26.67
CA ALA S 141 -24.76 8.45 26.55
C ALA S 141 -24.55 7.07 25.94
N ILE S 142 -25.40 6.11 26.31
CA ILE S 142 -25.31 4.78 25.72
C ILE S 142 -25.65 4.83 24.23
N MET S 143 -26.66 5.61 23.86
CA MET S 143 -27.01 5.76 22.47
C MET S 143 -25.90 6.43 21.66
N VAL S 144 -25.19 7.38 22.27
CA VAL S 144 -24.05 8.00 21.60
C VAL S 144 -22.89 7.02 21.47
N ARG S 145 -22.63 6.25 22.53
CA ARG S 145 -21.53 5.28 22.50
C ARG S 145 -21.77 4.20 21.46
N GLY S 146 -23.02 3.74 21.33
CA GLY S 146 -23.34 2.71 20.35
C GLY S 146 -23.23 3.16 18.91
N ASN S 147 -23.06 4.46 18.69
CA ASN S 147 -22.88 5.01 17.35
C ASN S 147 -21.42 5.30 17.03
N LEU S 148 -20.49 4.79 17.83
CA LEU S 148 -19.08 5.08 17.61
C LEU S 148 -18.59 4.47 16.30
N ALA S 149 -19.06 3.27 15.96
CA ALA S 149 -18.64 2.66 14.70
C ALA S 149 -19.12 3.45 13.49
N ALA S 150 -20.40 3.82 13.47
CA ALA S 150 -20.95 4.56 12.34
C ALA S 150 -20.49 6.01 12.31
N ALA S 151 -20.04 6.55 13.44
CA ALA S 151 -19.58 7.94 13.46
C ALA S 151 -18.24 8.09 12.77
N MET S 152 -17.41 7.04 12.78
CA MET S 152 -16.11 7.10 12.12
C MET S 152 -16.26 7.19 10.61
N GLN S 153 -17.23 6.49 10.03
CA GLN S 153 -17.43 6.54 8.59
C GLN S 153 -18.21 7.76 8.13
N GLY S 154 -18.61 8.64 9.05
CA GLY S 154 -19.16 9.94 8.68
C GLY S 154 -20.58 10.21 9.16
N LEU S 155 -21.25 9.29 9.84
CA LEU S 155 -22.60 9.54 10.34
C LEU S 155 -22.55 10.01 11.79
N LEU S 156 -21.89 11.14 12.00
CA LEU S 156 -21.66 11.66 13.33
C LEU S 156 -22.91 12.36 13.87
N ALA S 157 -23.11 12.25 15.18
CA ALA S 157 -24.22 12.91 15.85
C ALA S 157 -23.82 13.20 17.28
N LEU S 158 -23.66 14.48 17.61
CA LEU S 158 -23.24 14.90 18.94
C LEU S 158 -24.38 15.67 19.60
N PRO S 159 -24.98 15.16 20.67
CA PRO S 159 -26.12 15.83 21.28
C PRO S 159 -25.76 16.76 22.44
N LEU S 160 -26.69 17.65 22.72
CA LEU S 160 -26.63 18.54 23.87
C LEU S 160 -27.99 18.48 24.55
N LEU S 161 -28.00 18.14 25.83
CA LEU S 161 -29.24 17.86 26.55
C LEU S 161 -29.48 18.95 27.58
N ALA S 162 -30.60 19.65 27.46
CA ALA S 162 -31.01 20.63 28.45
C ALA S 162 -32.26 20.12 29.15
N GLY S 163 -32.34 20.33 30.45
CA GLY S 163 -33.48 19.82 31.17
C GLY S 163 -33.74 20.61 32.44
N TYR S 164 -34.90 20.35 33.02
CA TYR S 164 -35.27 20.90 34.32
C TYR S 164 -35.43 19.74 35.27
N ASP S 165 -34.48 19.59 36.19
CA ASP S 165 -34.48 18.47 37.12
C ASP S 165 -35.59 18.69 38.14
N ILE S 166 -36.72 18.01 37.94
CA ILE S 166 -37.89 18.22 38.79
C ILE S 166 -37.67 17.67 40.19
N HIS S 167 -36.72 16.76 40.38
CA HIS S 167 -36.42 16.20 41.69
C HIS S 167 -35.43 17.03 42.48
N ALA S 168 -34.89 18.11 41.90
CA ALA S 168 -33.90 18.92 42.60
C ALA S 168 -34.54 19.67 43.76
N SER S 169 -33.77 19.82 44.83
CA SER S 169 -34.29 20.46 46.05
C SER S 169 -34.59 21.93 45.81
N ASP S 170 -33.72 22.64 45.09
CA ASP S 170 -33.85 24.07 44.92
C ASP S 170 -34.48 24.38 43.57
N PRO S 171 -35.69 24.93 43.52
CA PRO S 171 -36.32 25.20 42.22
C PRO S 171 -35.55 26.19 41.34
N GLN S 172 -34.85 27.16 41.94
CA GLN S 172 -34.21 28.21 41.15
C GLN S 172 -32.90 27.76 40.51
N SER S 173 -32.41 26.57 40.83
CA SER S 173 -31.17 26.06 40.26
C SER S 173 -31.36 24.65 39.71
N ALA S 174 -32.54 24.36 39.17
CA ALA S 174 -32.84 23.02 38.66
C ALA S 174 -32.57 22.86 37.17
N GLY S 175 -32.12 23.92 36.49
CA GLY S 175 -31.75 23.77 35.09
C GLY S 175 -30.44 23.03 34.95
N ARG S 176 -30.40 22.05 34.06
CA ARG S 176 -29.24 21.22 33.84
C ARG S 176 -28.87 21.22 32.36
N ILE S 177 -27.57 21.32 32.09
CA ILE S 177 -27.04 21.19 30.75
C ILE S 177 -26.00 20.08 30.75
N VAL S 178 -26.14 19.14 29.83
CA VAL S 178 -25.24 18.01 29.70
C VAL S 178 -24.67 18.02 28.30
N SER S 179 -23.35 18.06 28.20
CA SER S 179 -22.67 17.92 26.92
C SER S 179 -22.08 16.51 26.82
N PHE S 180 -21.98 16.03 25.59
CA PHE S 180 -21.50 14.69 25.32
C PHE S 180 -20.28 14.76 24.43
N ASP S 181 -19.34 13.86 24.61
CA ASP S 181 -18.18 13.80 23.74
C ASP S 181 -18.32 12.66 22.74
N ALA S 182 -17.37 12.60 21.81
CA ALA S 182 -17.48 11.66 20.70
C ALA S 182 -17.57 10.21 21.18
N ALA S 183 -16.89 9.87 22.27
CA ALA S 183 -16.85 8.51 22.77
C ALA S 183 -18.05 8.16 23.65
N GLY S 184 -18.98 9.08 23.86
CA GLY S 184 -20.13 8.81 24.69
C GLY S 184 -20.02 9.28 26.12
N GLY S 185 -18.97 10.02 26.47
CA GLY S 185 -18.85 10.56 27.81
C GLY S 185 -19.62 11.87 27.94
N TRP S 186 -20.21 12.04 29.12
CA TRP S 186 -21.07 13.18 29.37
C TRP S 186 -20.53 14.01 30.54
N ASN S 187 -20.83 15.31 30.48
CA ASN S 187 -20.40 16.25 31.50
C ASN S 187 -21.56 17.20 31.77
N ILE S 188 -21.98 17.28 33.03
CA ILE S 188 -23.02 18.23 33.44
C ILE S 188 -22.36 19.59 33.58
N GLU S 189 -22.73 20.52 32.69
CA GLU S 189 -22.05 21.80 32.63
C GLU S 189 -22.33 22.62 33.88
N GLU S 190 -21.26 23.18 34.46
CA GLU S 190 -21.37 24.00 35.66
C GLU S 190 -21.16 25.49 35.39
N GLU S 191 -20.64 25.85 34.22
CA GLU S 191 -20.48 27.26 33.88
C GLU S 191 -21.78 27.94 33.51
N GLY S 192 -22.83 27.17 33.22
CA GLY S 192 -24.14 27.73 32.92
C GLY S 192 -24.50 27.81 31.46
N TYR S 193 -23.61 27.42 30.56
CA TYR S 193 -23.91 27.47 29.14
C TYR S 193 -23.06 26.44 28.40
N GLN S 194 -23.48 26.11 27.20
CA GLN S 194 -22.82 25.10 26.38
C GLN S 194 -23.26 25.30 24.94
N ALA S 195 -22.48 24.73 24.03
CA ALA S 195 -22.81 24.79 22.61
C ALA S 195 -22.22 23.58 21.91
N VAL S 196 -22.91 23.14 20.85
CA VAL S 196 -22.46 22.04 20.02
C VAL S 196 -22.61 22.45 18.56
N GLY S 197 -21.77 21.87 17.71
CA GLY S 197 -21.80 22.14 16.29
C GLY S 197 -20.53 22.81 15.81
N SER S 198 -20.54 23.18 14.53
CA SER S 198 -19.36 23.74 13.90
C SER S 198 -19.05 25.14 14.42
N GLY S 199 -20.07 25.93 14.73
CA GLY S 199 -19.86 27.26 15.24
C GLY S 199 -19.89 27.32 16.74
N SER S 200 -19.68 26.18 17.39
CA SER S 200 -19.83 26.11 18.84
C SER S 200 -18.76 26.92 19.56
N LEU S 201 -17.55 26.99 19.01
CA LEU S 201 -16.50 27.76 19.67
C LEU S 201 -16.84 29.25 19.70
N PHE S 202 -17.31 29.78 18.58
CA PHE S 202 -17.71 31.19 18.54
C PHE S 202 -18.90 31.45 19.45
N ALA S 203 -19.88 30.53 19.46
CA ALA S 203 -21.04 30.69 20.33
C ALA S 203 -20.63 30.69 21.80
N LYS S 204 -19.73 29.78 22.17
CA LYS S 204 -19.29 29.71 23.56
C LYS S 204 -18.49 30.94 23.95
N SER S 205 -17.63 31.43 23.06
CA SER S 205 -16.83 32.60 23.38
C SER S 205 -17.67 33.88 23.40
N SER S 206 -18.83 33.85 22.74
CA SER S 206 -19.77 34.97 22.86
C SER S 206 -20.59 34.87 24.14
N MET S 207 -21.05 33.66 24.47
CA MET S 207 -21.80 33.48 25.72
C MET S 207 -20.94 33.75 26.94
N LYS S 208 -19.63 33.54 26.82
CA LYS S 208 -18.72 33.86 27.92
C LYS S 208 -18.83 35.32 28.31
N LYS S 209 -18.88 36.21 27.32
CA LYS S 209 -18.99 37.65 27.57
C LYS S 209 -20.42 38.08 27.86
N LEU S 210 -21.42 37.39 27.30
CA LEU S 210 -22.80 37.82 27.46
C LEU S 210 -23.51 37.20 28.65
N TYR S 211 -22.89 36.22 29.34
CA TYR S 211 -23.62 35.50 30.38
C TYR S 211 -23.86 36.33 31.63
N SER S 212 -23.12 37.40 31.84
CA SER S 212 -23.39 38.25 32.98
C SER S 212 -24.71 38.99 32.84
N GLN S 213 -25.25 39.09 31.63
CA GLN S 213 -26.52 39.77 31.39
C GLN S 213 -27.72 38.86 31.53
N VAL S 214 -27.52 37.55 31.67
CA VAL S 214 -28.63 36.62 31.81
C VAL S 214 -29.18 36.74 33.23
N THR S 215 -30.46 37.05 33.34
CA THR S 215 -31.12 37.14 34.64
C THR S 215 -32.47 36.44 34.70
N ASP S 216 -33.14 36.23 33.57
CA ASP S 216 -34.43 35.55 33.53
C ASP S 216 -34.60 34.93 32.15
N GLY S 217 -35.83 34.54 31.83
CA GLY S 217 -36.09 33.90 30.56
C GLY S 217 -35.82 34.79 29.36
N ASP S 218 -36.21 36.07 29.46
CA ASP S 218 -36.04 36.98 28.33
C ASP S 218 -34.57 37.25 28.04
N SER S 219 -33.80 37.58 29.07
CA SER S 219 -32.37 37.85 28.86
C SER S 219 -31.64 36.59 28.42
N GLY S 220 -32.02 35.43 28.97
CA GLY S 220 -31.42 34.19 28.51
C GLY S 220 -31.70 33.91 27.05
N LEU S 221 -32.94 34.13 26.62
CA LEU S 221 -33.28 33.93 25.21
C LEU S 221 -32.53 34.91 24.33
N ARG S 222 -32.42 36.18 24.75
CA ARG S 222 -31.68 37.16 23.96
C ARG S 222 -30.21 36.77 23.84
N VAL S 223 -29.61 36.30 24.93
CA VAL S 223 -28.20 35.91 24.90
C VAL S 223 -28.01 34.68 24.02
N ALA S 224 -28.94 33.73 24.06
CA ALA S 224 -28.85 32.57 23.18
C ALA S 224 -28.93 32.98 21.71
N VAL S 225 -29.86 33.89 21.38
CA VAL S 225 -29.98 34.32 20.00
C VAL S 225 -28.74 35.08 19.55
N GLU S 226 -28.17 35.91 20.43
CA GLU S 226 -26.96 36.64 20.08
C GLU S 226 -25.77 35.70 19.89
N ALA S 227 -25.68 34.65 20.71
CA ALA S 227 -24.63 33.65 20.53
C ALA S 227 -24.77 32.96 19.19
N LEU S 228 -26.00 32.60 18.81
CA LEU S 228 -26.21 32.01 17.49
C LEU S 228 -25.84 32.99 16.38
N TYR S 229 -26.15 34.27 16.58
CA TYR S 229 -25.79 35.28 15.59
C TYR S 229 -24.28 35.37 15.41
N ASP S 230 -23.53 35.34 16.52
CA ASP S 230 -22.08 35.38 16.42
C ASP S 230 -21.53 34.13 15.74
N ALA S 231 -22.08 32.97 16.07
CA ALA S 231 -21.67 31.74 15.41
C ALA S 231 -21.89 31.83 13.91
N ALA S 232 -23.04 32.35 13.48
CA ALA S 232 -23.30 32.49 12.06
C ALA S 232 -22.41 33.56 11.44
N ASP S 233 -22.02 34.57 12.23
CA ASP S 233 -21.16 35.62 11.72
C ASP S 233 -19.75 35.10 11.43
N ASP S 234 -19.27 34.13 12.20
CA ASP S 234 -17.93 33.60 11.97
C ASP S 234 -17.91 32.23 11.30
N ASP S 235 -19.04 31.54 11.18
CA ASP S 235 -19.10 30.24 10.56
C ASP S 235 -20.13 30.24 9.44
N SER S 236 -19.77 29.64 8.30
CA SER S 236 -20.65 29.66 7.14
C SER S 236 -21.61 28.46 7.09
N ALA S 237 -21.35 27.42 7.89
CA ALA S 237 -22.28 26.30 7.99
C ALA S 237 -23.45 26.61 8.92
N THR S 238 -23.35 27.65 9.73
CA THR S 238 -24.43 28.11 10.57
C THR S 238 -25.16 29.24 9.86
N GLY S 239 -26.48 29.17 9.82
CA GLY S 239 -27.28 30.21 9.19
C GLY S 239 -27.74 31.23 10.21
N GLY S 240 -27.56 32.50 9.88
CA GLY S 240 -28.04 33.57 10.72
C GLY S 240 -29.50 33.85 10.47
N PRO S 241 -30.03 34.85 11.19
CA PRO S 241 -31.41 35.27 10.95
C PRO S 241 -31.61 35.70 9.51
N ASP S 242 -32.71 35.22 8.93
CA ASP S 242 -33.05 35.46 7.53
C ASP S 242 -34.16 36.50 7.49
N LEU S 243 -33.77 37.76 7.35
CA LEU S 243 -34.73 38.85 7.30
C LEU S 243 -35.44 38.96 5.96
N VAL S 244 -35.02 38.21 4.96
CA VAL S 244 -35.70 38.20 3.67
C VAL S 244 -36.72 37.08 3.58
N ARG S 245 -36.35 35.87 4.00
CA ARG S 245 -37.26 34.74 4.02
C ARG S 245 -38.05 34.63 5.31
N GLY S 246 -37.73 35.43 6.32
CA GLY S 246 -38.42 35.34 7.60
C GLY S 246 -38.19 34.04 8.34
N ILE S 247 -36.95 33.54 8.34
CA ILE S 247 -36.59 32.32 9.04
C ILE S 247 -35.60 32.68 10.15
N PHE S 248 -35.91 32.26 11.36
CA PHE S 248 -35.16 32.62 12.55
C PHE S 248 -34.84 31.36 13.35
N PRO S 249 -33.84 31.42 14.22
CA PRO S 249 -33.49 30.22 15.02
C PRO S 249 -34.66 29.76 15.86
N THR S 250 -34.74 28.45 16.08
CA THR S 250 -35.78 27.86 16.90
C THR S 250 -35.28 27.70 18.33
N ALA S 251 -36.13 28.07 19.29
CA ALA S 251 -35.76 28.02 20.70
C ALA S 251 -36.82 27.26 21.50
N VAL S 252 -36.37 26.68 22.60
CA VAL S 252 -37.21 25.99 23.56
C VAL S 252 -36.82 26.47 24.95
N ILE S 253 -37.81 26.80 25.77
CA ILE S 253 -37.58 27.23 27.14
C ILE S 253 -38.21 26.21 28.08
N ILE S 254 -37.43 25.72 29.04
CA ILE S 254 -37.89 24.76 30.03
C ILE S 254 -37.83 25.42 31.40
N ASP S 255 -38.93 25.31 32.14
CA ASP S 255 -38.97 25.78 33.53
C ASP S 255 -39.93 24.87 34.29
N ALA S 256 -40.38 25.34 35.45
CA ALA S 256 -41.19 24.51 36.35
C ALA S 256 -42.47 24.01 35.67
N ASP S 257 -43.02 24.77 34.73
CA ASP S 257 -44.24 24.37 34.05
C ASP S 257 -44.01 23.47 32.85
N GLY S 258 -42.75 23.16 32.53
CA GLY S 258 -42.47 22.29 31.41
C GLY S 258 -41.63 22.94 30.34
N ALA S 259 -41.60 22.33 29.16
CA ALA S 259 -40.81 22.80 28.03
C ALA S 259 -41.73 23.28 26.93
N VAL S 260 -41.56 24.53 26.50
CA VAL S 260 -42.40 25.13 25.48
C VAL S 260 -41.51 25.71 24.39
N ASP S 261 -41.91 25.49 23.14
CA ASP S 261 -41.27 26.16 22.02
C ASP S 261 -41.54 27.65 22.08
N VAL S 262 -40.52 28.45 21.81
CA VAL S 262 -40.69 29.90 21.77
C VAL S 262 -41.33 30.29 20.44
N PRO S 263 -42.40 31.10 20.44
CA PRO S 263 -43.02 31.49 19.18
C PRO S 263 -42.07 32.32 18.33
N GLU S 264 -42.24 32.19 17.00
CA GLU S 264 -41.32 32.83 16.07
C GLU S 264 -41.33 34.35 16.20
N SER S 265 -42.43 34.94 16.70
CA SER S 265 -42.52 36.39 16.79
C SER S 265 -41.48 36.94 17.77
N ARG S 266 -41.35 36.30 18.94
CA ARG S 266 -40.39 36.78 19.94
C ARG S 266 -38.95 36.67 19.43
N ILE S 267 -38.62 35.55 18.80
CA ILE S 267 -37.28 35.36 18.26
C ILE S 267 -37.01 36.35 17.14
N ALA S 268 -38.02 36.65 16.33
CA ALA S 268 -37.86 37.66 15.29
C ALA S 268 -37.58 39.03 15.88
N GLU S 269 -38.32 39.41 16.94
CA GLU S 269 -38.07 40.68 17.60
C GLU S 269 -36.64 40.74 18.14
N LEU S 270 -36.22 39.67 18.82
CA LEU S 270 -34.87 39.66 19.39
C LEU S 270 -33.80 39.74 18.32
N ALA S 271 -33.95 38.97 17.24
CA ALA S 271 -32.96 38.96 16.17
C ALA S 271 -32.87 40.32 15.49
N ARG S 272 -34.02 40.96 15.25
CA ARG S 272 -33.99 42.29 14.66
C ARG S 272 -33.35 43.30 15.60
N ALA S 273 -33.60 43.21 16.91
CA ALA S 273 -32.96 44.10 17.85
C ALA S 273 -31.45 43.92 17.84
N ILE S 274 -30.99 42.66 17.79
CA ILE S 274 -29.55 42.40 17.73
C ILE S 274 -28.95 42.96 16.46
N ILE S 275 -29.62 42.74 15.32
CA ILE S 275 -29.11 43.22 14.04
C ILE S 275 -29.04 44.73 14.01
N GLU S 276 -30.04 45.40 14.59
CA GLU S 276 -30.01 46.86 14.64
C GLU S 276 -28.95 47.37 15.60
N SER S 277 -28.66 46.63 16.66
CA SER S 277 -27.57 47.03 17.54
C SER S 277 -26.21 46.86 16.86
N ARG S 278 -26.08 45.88 15.97
CA ARG S 278 -24.81 45.65 15.29
C ARG S 278 -24.56 46.61 14.13
N SER S 279 -25.59 47.31 13.66
CA SER S 279 -25.43 48.17 12.50
C SER S 279 -24.83 49.52 12.86
N THR T 58 -29.70 12.22 -15.81
CA THR T 58 -31.08 12.14 -15.35
C THR T 58 -31.48 13.34 -14.52
N THR T 59 -32.74 13.77 -14.67
CA THR T 59 -33.27 14.82 -13.82
C THR T 59 -34.76 14.54 -13.60
N ILE T 60 -35.20 14.67 -12.36
CA ILE T 60 -36.61 14.64 -12.00
C ILE T 60 -36.91 15.93 -11.26
N VAL T 61 -37.99 16.61 -11.65
CA VAL T 61 -38.43 17.83 -11.00
C VAL T 61 -39.82 17.61 -10.43
N ALA T 62 -40.11 18.28 -9.32
CA ALA T 62 -41.43 18.25 -8.73
C ALA T 62 -41.74 19.65 -8.21
N LEU T 63 -42.99 20.07 -8.38
CA LEU T 63 -43.38 21.38 -7.88
C LEU T 63 -44.84 21.38 -7.48
N LYS T 64 -45.15 22.17 -6.46
CA LYS T 64 -46.51 22.37 -5.99
C LYS T 64 -47.15 23.53 -6.73
N TYR T 65 -48.41 23.36 -7.09
CA TYR T 65 -49.24 24.41 -7.62
C TYR T 65 -50.49 24.52 -6.76
N PRO T 66 -51.19 25.66 -6.79
CA PRO T 66 -52.43 25.77 -6.01
C PRO T 66 -53.38 24.64 -6.32
N GLY T 67 -53.56 23.74 -5.35
CA GLY T 67 -54.45 22.61 -5.50
C GLY T 67 -53.81 21.28 -5.83
N GLY T 68 -52.49 21.18 -5.88
CA GLY T 68 -51.89 19.89 -6.15
C GLY T 68 -50.39 19.99 -6.39
N VAL T 69 -49.85 18.90 -6.95
CA VAL T 69 -48.43 18.76 -7.19
C VAL T 69 -48.23 18.10 -8.56
N VAL T 70 -47.06 18.33 -9.14
CA VAL T 70 -46.70 17.73 -10.42
C VAL T 70 -45.24 17.28 -10.38
N MET T 71 -44.98 16.09 -10.92
CA MET T 71 -43.64 15.53 -11.00
C MET T 71 -43.35 15.10 -12.43
N ALA T 72 -42.21 15.54 -12.96
CA ALA T 72 -41.82 15.23 -14.33
C ALA T 72 -40.39 14.72 -14.37
N GLY T 73 -40.10 13.90 -15.37
CA GLY T 73 -38.77 13.33 -15.53
C GLY T 73 -38.42 13.13 -16.98
N ASP T 74 -37.11 13.07 -17.23
CA ASP T 74 -36.59 12.89 -18.57
C ASP T 74 -36.52 11.40 -18.92
N ARG T 75 -36.02 11.10 -20.12
CA ARG T 75 -36.09 9.74 -20.65
C ARG T 75 -34.73 9.12 -20.96
N ARG T 76 -33.64 9.85 -20.80
CA ARG T 76 -32.34 9.36 -21.23
C ARG T 76 -31.70 8.48 -20.16
N SER T 77 -31.08 7.40 -20.61
CA SER T 77 -30.23 6.56 -19.77
C SER T 77 -28.88 6.41 -20.45
N THR T 78 -27.81 6.69 -19.73
CA THR T 78 -26.46 6.59 -20.25
C THR T 78 -25.69 5.51 -19.53
N GLN T 79 -24.63 5.04 -20.17
CA GLN T 79 -23.64 4.16 -19.56
C GLN T 79 -22.29 4.83 -19.83
N GLY T 80 -21.92 5.75 -18.96
CA GLY T 80 -20.78 6.62 -19.22
C GLY T 80 -21.17 7.76 -20.13
N ASN T 81 -20.64 7.77 -21.34
CA ASN T 81 -21.04 8.75 -22.35
C ASN T 81 -21.95 8.17 -23.43
N MET T 82 -22.10 6.85 -23.49
CA MET T 82 -22.89 6.21 -24.53
C MET T 82 -24.35 6.14 -24.10
N ILE T 83 -25.24 6.56 -24.99
CA ILE T 83 -26.67 6.59 -24.71
C ILE T 83 -27.22 5.18 -24.85
N SER T 84 -27.66 4.60 -23.74
CA SER T 84 -28.17 3.24 -23.74
C SER T 84 -29.69 3.16 -23.73
N GLY T 85 -30.38 4.20 -23.26
CA GLY T 85 -31.82 4.21 -23.25
C GLY T 85 -32.40 5.55 -23.65
N ARG T 86 -33.51 5.54 -24.37
CA ARG T 86 -34.11 6.77 -24.88
C ARG T 86 -35.55 6.98 -24.44
N ASP T 87 -36.22 5.98 -23.88
CA ASP T 87 -37.60 6.11 -23.44
C ASP T 87 -37.78 5.53 -22.05
N VAL T 88 -36.78 5.73 -21.19
CA VAL T 88 -36.88 5.32 -19.80
C VAL T 88 -37.95 6.13 -19.11
N ARG T 89 -38.68 5.50 -18.19
CA ARG T 89 -39.68 6.16 -17.37
C ARG T 89 -39.18 6.18 -15.93
N LYS T 90 -39.01 7.37 -15.37
CA LYS T 90 -38.44 7.53 -14.05
C LYS T 90 -39.44 8.00 -13.00
N VAL T 91 -40.66 8.34 -13.40
CA VAL T 91 -41.69 8.79 -12.47
C VAL T 91 -42.76 7.71 -12.41
N TYR T 92 -42.98 7.18 -11.22
CA TYR T 92 -43.94 6.11 -10.98
C TYR T 92 -45.04 6.60 -10.05
N ILE T 93 -46.28 6.24 -10.36
CA ILE T 93 -47.39 6.48 -9.44
C ILE T 93 -47.32 5.38 -8.38
N THR T 94 -46.79 5.72 -7.21
CA THR T 94 -46.68 4.73 -6.14
C THR T 94 -48.05 4.32 -5.63
N ASP T 95 -48.90 5.30 -5.34
CA ASP T 95 -50.28 5.00 -4.98
C ASP T 95 -51.16 6.19 -5.38
N ASP T 96 -52.46 6.03 -5.14
CA ASP T 96 -53.46 6.96 -5.67
C ASP T 96 -53.16 8.42 -5.39
N TYR T 97 -52.30 8.71 -4.42
CA TYR T 97 -52.01 10.09 -4.09
C TYR T 97 -50.53 10.42 -3.98
N THR T 98 -49.64 9.45 -4.19
CA THR T 98 -48.21 9.75 -4.16
C THR T 98 -47.52 9.16 -5.38
N ALA T 99 -46.65 9.97 -5.97
CA ALA T 99 -45.76 9.57 -7.04
C ALA T 99 -44.32 9.68 -6.55
N THR T 100 -43.50 8.74 -6.98
CA THR T 100 -42.10 8.71 -6.59
C THR T 100 -41.23 8.73 -7.85
N GLY T 101 -40.09 9.39 -7.74
CA GLY T 101 -39.15 9.44 -8.84
C GLY T 101 -37.74 9.29 -8.35
N ILE T 102 -37.02 8.30 -8.86
CA ILE T 102 -35.72 7.92 -8.31
C ILE T 102 -34.66 8.20 -9.37
N ALA T 103 -33.62 8.92 -8.97
CA ALA T 103 -32.45 9.16 -9.79
C ALA T 103 -31.30 8.26 -9.33
N GLY T 104 -30.28 8.15 -10.17
CA GLY T 104 -29.17 7.28 -9.88
C GLY T 104 -29.15 6.10 -10.82
N THR T 105 -28.70 4.95 -10.35
CA THR T 105 -28.69 3.76 -11.19
C THR T 105 -30.11 3.41 -11.59
N ALA T 106 -30.31 3.16 -12.89
CA ALA T 106 -31.65 2.86 -13.39
C ALA T 106 -32.18 1.56 -12.80
N ALA T 107 -31.32 0.55 -12.68
CA ALA T 107 -31.74 -0.71 -12.08
C ALA T 107 -32.26 -0.50 -10.67
N VAL T 108 -31.47 0.16 -9.82
CA VAL T 108 -31.85 0.40 -8.44
C VAL T 108 -33.10 1.27 -8.38
N ALA T 109 -33.24 2.22 -9.31
CA ALA T 109 -34.43 3.06 -9.34
C ALA T 109 -35.68 2.23 -9.55
N VAL T 110 -35.65 1.33 -10.54
CA VAL T 110 -36.81 0.49 -10.82
C VAL T 110 -37.11 -0.42 -9.64
N GLU T 111 -36.06 -1.03 -9.05
CA GLU T 111 -36.27 -1.90 -7.90
C GLU T 111 -36.92 -1.16 -6.75
N PHE T 112 -36.39 0.03 -6.42
CA PHE T 112 -36.91 0.78 -5.29
C PHE T 112 -38.35 1.21 -5.52
N ALA T 113 -38.67 1.66 -6.73
CA ALA T 113 -40.06 2.03 -7.02
C ALA T 113 -40.98 0.84 -6.83
N ARG T 114 -40.61 -0.31 -7.39
CA ARG T 114 -41.46 -1.50 -7.28
C ARG T 114 -41.65 -1.92 -5.82
N LEU T 115 -40.55 -1.96 -5.07
CA LEU T 115 -40.61 -2.46 -3.69
C LEU T 115 -41.36 -1.49 -2.79
N TYR T 116 -41.17 -0.18 -2.99
CA TYR T 116 -41.88 0.81 -2.20
C TYR T 116 -43.38 0.76 -2.47
N ALA T 117 -43.78 0.63 -3.74
CA ALA T 117 -45.19 0.48 -4.05
C ALA T 117 -45.76 -0.77 -3.43
N VAL T 118 -45.02 -1.88 -3.48
CA VAL T 118 -45.48 -3.12 -2.89
C VAL T 118 -45.66 -2.97 -1.39
N GLU T 119 -44.73 -2.28 -0.73
CA GLU T 119 -44.82 -2.07 0.71
C GLU T 119 -46.06 -1.27 1.07
N LEU T 120 -46.32 -0.17 0.35
CA LEU T 120 -47.49 0.64 0.64
C LEU T 120 -48.78 -0.16 0.42
N GLU T 121 -48.87 -0.88 -0.70
CA GLU T 121 -50.05 -1.69 -0.96
C GLU T 121 -50.23 -2.77 0.10
N HIS T 122 -49.12 -3.38 0.53
CA HIS T 122 -49.17 -4.44 1.52
C HIS T 122 -49.71 -3.92 2.85
N TYR T 123 -49.21 -2.77 3.31
CA TYR T 123 -49.73 -2.20 4.55
C TYR T 123 -51.21 -1.86 4.41
N GLU T 124 -51.60 -1.24 3.30
CA GLU T 124 -52.99 -0.83 3.15
C GLU T 124 -53.92 -2.04 3.13
N LYS T 125 -53.53 -3.11 2.44
CA LYS T 125 -54.35 -4.32 2.42
C LYS T 125 -54.42 -4.97 3.79
N LEU T 126 -53.28 -5.08 4.48
CA LEU T 126 -53.26 -5.75 5.78
C LEU T 126 -54.10 -5.01 6.80
N GLU T 127 -53.91 -3.69 6.91
CA GLU T 127 -54.57 -2.92 7.97
C GLU T 127 -55.83 -2.21 7.51
N GLY T 128 -56.21 -2.35 6.24
CA GLY T 128 -57.46 -1.77 5.79
C GLY T 128 -57.49 -0.26 5.75
N VAL T 129 -56.37 0.40 5.98
CA VAL T 129 -56.29 1.86 5.93
C VAL T 129 -54.93 2.23 5.34
N PRO T 130 -54.86 3.19 4.43
CA PRO T 130 -53.56 3.60 3.90
C PRO T 130 -52.71 4.28 4.96
N LEU T 131 -51.40 4.22 4.76
CA LEU T 131 -50.48 4.92 5.64
C LEU T 131 -50.71 6.42 5.57
N THR T 132 -50.43 7.10 6.68
CA THR T 132 -50.34 8.55 6.63
C THR T 132 -49.11 8.95 5.82
N PHE T 133 -49.11 10.19 5.35
CA PHE T 133 -48.00 10.65 4.52
C PHE T 133 -46.68 10.55 5.26
N ALA T 134 -46.69 10.81 6.57
CA ALA T 134 -45.47 10.69 7.37
C ALA T 134 -44.98 9.24 7.41
N GLY T 135 -45.90 8.28 7.46
CA GLY T 135 -45.50 6.88 7.43
C GLY T 135 -44.86 6.48 6.11
N LYS T 136 -45.42 6.97 4.99
CA LYS T 136 -44.80 6.72 3.69
C LYS T 136 -43.41 7.33 3.63
N ILE T 137 -43.27 8.55 4.13
CA ILE T 137 -41.96 9.20 4.18
C ILE T 137 -40.98 8.34 4.97
N ASN T 138 -41.42 7.84 6.12
CA ASN T 138 -40.53 7.04 6.97
C ASN T 138 -40.12 5.74 6.28
N ARG T 139 -41.05 5.06 5.63
CA ARG T 139 -40.70 3.81 4.95
C ARG T 139 -39.72 4.06 3.80
N LEU T 140 -39.93 5.13 3.04
CA LEU T 140 -38.99 5.45 1.97
C LEU T 140 -37.61 5.78 2.53
N ALA T 141 -37.56 6.53 3.64
CA ALA T 141 -36.29 6.84 4.27
C ALA T 141 -35.59 5.59 4.77
N ILE T 142 -36.38 4.62 5.26
CA ILE T 142 -35.80 3.36 5.72
C ILE T 142 -35.18 2.59 4.56
N MET T 143 -35.85 2.60 3.40
CA MET T 143 -35.26 1.99 2.21
C MET T 143 -33.95 2.68 1.82
N VAL T 144 -33.94 4.01 1.85
CA VAL T 144 -32.75 4.75 1.46
C VAL T 144 -31.59 4.46 2.41
N ARG T 145 -31.88 4.42 3.72
CA ARG T 145 -30.84 4.08 4.69
C ARG T 145 -30.32 2.66 4.48
N GLY T 146 -31.23 1.70 4.24
CA GLY T 146 -30.82 0.33 4.01
C GLY T 146 -30.03 0.15 2.72
N ASN T 147 -30.11 1.12 1.81
CA ASN T 147 -29.31 1.08 0.59
C ASN T 147 -27.93 1.71 0.75
N LEU T 148 -27.55 2.11 1.96
CA LEU T 148 -26.36 2.96 2.12
C LEU T 148 -25.07 2.22 1.76
N ALA T 149 -24.93 0.96 2.20
CA ALA T 149 -23.71 0.22 1.92
C ALA T 149 -23.54 0.00 0.43
N ALA T 150 -24.59 -0.44 -0.25
CA ALA T 150 -24.52 -0.66 -1.69
C ALA T 150 -24.33 0.65 -2.44
N ALA T 151 -24.88 1.75 -1.91
CA ALA T 151 -24.65 3.06 -2.53
C ALA T 151 -23.19 3.45 -2.46
N MET T 152 -22.56 3.20 -1.32
CA MET T 152 -21.10 3.39 -1.24
C MET T 152 -20.40 2.45 -2.20
N GLN T 153 -20.94 1.26 -2.41
CA GLN T 153 -20.39 0.30 -3.37
C GLN T 153 -20.71 0.66 -4.82
N GLY T 154 -21.74 1.49 -5.04
CA GLY T 154 -22.02 1.97 -6.38
C GLY T 154 -23.48 2.01 -6.79
N LEU T 155 -24.28 1.07 -6.30
CA LEU T 155 -25.70 1.00 -6.64
C LEU T 155 -26.45 2.02 -5.79
N LEU T 156 -26.62 3.20 -6.36
CA LEU T 156 -27.06 4.38 -5.62
C LEU T 156 -28.41 4.86 -6.16
N ALA T 157 -29.24 5.37 -5.25
CA ALA T 157 -30.57 5.86 -5.59
C ALA T 157 -30.91 7.06 -4.74
N LEU T 158 -31.33 8.15 -5.39
CA LEU T 158 -31.88 9.31 -4.70
C LEU T 158 -33.35 9.44 -5.05
N PRO T 159 -34.28 9.17 -4.14
CA PRO T 159 -35.70 9.36 -4.44
C PRO T 159 -36.15 10.80 -4.24
N LEU T 160 -37.28 11.11 -4.85
CA LEU T 160 -38.00 12.35 -4.66
C LEU T 160 -39.47 11.98 -4.63
N LEU T 161 -40.19 12.42 -3.61
CA LEU T 161 -41.57 12.02 -3.41
C LEU T 161 -42.47 13.23 -3.56
N ALA T 162 -43.53 13.10 -4.35
CA ALA T 162 -44.57 14.10 -4.41
C ALA T 162 -45.87 13.45 -3.98
N GLY T 163 -46.66 14.16 -3.20
CA GLY T 163 -47.86 13.57 -2.64
C GLY T 163 -48.95 14.60 -2.42
N TYR T 164 -50.16 14.09 -2.22
CA TYR T 164 -51.30 14.89 -1.83
C TYR T 164 -51.77 14.39 -0.47
N ASP T 165 -51.91 15.30 0.49
CA ASP T 165 -52.30 14.92 1.84
C ASP T 165 -53.82 15.04 1.94
N ILE T 166 -54.50 13.90 1.89
CA ILE T 166 -55.96 13.90 2.04
C ILE T 166 -56.36 14.33 3.44
N HIS T 167 -55.56 13.98 4.45
CA HIS T 167 -55.85 14.31 5.84
C HIS T 167 -55.52 15.76 6.17
N ALA T 168 -54.93 16.51 5.25
CA ALA T 168 -54.66 17.92 5.49
C ALA T 168 -55.97 18.68 5.66
N SER T 169 -55.94 19.71 6.51
CA SER T 169 -57.13 20.53 6.73
C SER T 169 -57.39 21.47 5.58
N ASP T 170 -56.33 21.96 4.92
CA ASP T 170 -56.48 22.88 3.80
C ASP T 170 -56.32 22.12 2.49
N PRO T 171 -57.38 21.92 1.72
CA PRO T 171 -57.23 21.21 0.44
C PRO T 171 -56.29 21.89 -0.55
N GLN T 172 -56.25 23.22 -0.57
CA GLN T 172 -55.43 23.92 -1.54
C GLN T 172 -53.94 23.67 -1.30
N SER T 173 -53.52 23.68 -0.05
CA SER T 173 -52.11 23.50 0.31
C SER T 173 -51.82 22.09 0.79
N ALA T 174 -52.46 21.09 0.19
CA ALA T 174 -52.24 19.71 0.55
C ALA T 174 -51.10 19.06 -0.24
N GLY T 175 -50.56 19.74 -1.25
CA GLY T 175 -49.44 19.20 -1.99
C GLY T 175 -48.18 19.18 -1.14
N ARG T 176 -47.43 18.08 -1.24
CA ARG T 176 -46.22 17.88 -0.48
C ARG T 176 -45.11 17.40 -1.40
N ILE T 177 -43.90 17.90 -1.16
CA ILE T 177 -42.70 17.45 -1.87
C ILE T 177 -41.66 17.12 -0.82
N VAL T 178 -41.14 15.89 -0.86
CA VAL T 178 -40.15 15.42 0.10
C VAL T 178 -38.89 15.02 -0.66
N SER T 179 -37.77 15.58 -0.24
CA SER T 179 -36.47 15.23 -0.78
C SER T 179 -35.72 14.37 0.22
N PHE T 180 -34.83 13.53 -0.29
CA PHE T 180 -34.04 12.63 0.52
C PHE T 180 -32.56 12.82 0.19
N ASP T 181 -31.72 12.80 1.22
CA ASP T 181 -30.28 12.75 1.00
C ASP T 181 -29.82 11.31 1.09
N ALA T 182 -28.54 11.10 0.76
CA ALA T 182 -28.02 9.74 0.63
C ALA T 182 -28.00 9.01 1.96
N ALA T 183 -27.94 9.73 3.08
CA ALA T 183 -27.86 9.10 4.39
C ALA T 183 -29.22 8.67 4.92
N GLY T 184 -30.31 8.94 4.19
CA GLY T 184 -31.63 8.56 4.60
C GLY T 184 -32.48 9.66 5.18
N GLY T 185 -31.90 10.83 5.45
CA GLY T 185 -32.69 11.93 5.96
C GLY T 185 -33.67 12.46 4.92
N TRP T 186 -34.79 12.96 5.41
CA TRP T 186 -35.82 13.47 4.53
C TRP T 186 -36.17 14.89 4.95
N ASN T 187 -36.51 15.72 3.98
CA ASN T 187 -36.91 17.09 4.23
C ASN T 187 -38.15 17.40 3.40
N ILE T 188 -39.17 17.96 4.06
CA ILE T 188 -40.38 18.37 3.37
C ILE T 188 -40.16 19.77 2.81
N GLU T 189 -40.23 19.89 1.49
CA GLU T 189 -39.94 21.16 0.84
C GLU T 189 -41.02 22.18 1.15
N GLU T 190 -40.60 23.38 1.53
CA GLU T 190 -41.50 24.51 1.71
C GLU T 190 -41.38 25.55 0.61
N GLU T 191 -40.33 25.50 -0.20
CA GLU T 191 -40.17 26.45 -1.29
C GLU T 191 -41.09 26.14 -2.47
N GLY T 192 -41.67 24.95 -2.53
CA GLY T 192 -42.62 24.61 -3.56
C GLY T 192 -42.06 23.91 -4.77
N TYR T 193 -40.77 23.57 -4.77
CA TYR T 193 -40.20 22.84 -5.89
C TYR T 193 -38.93 22.14 -5.43
N GLN T 194 -38.52 21.14 -6.21
CA GLN T 194 -37.35 20.34 -5.91
C GLN T 194 -36.93 19.59 -7.17
N ALA T 195 -35.66 19.19 -7.21
CA ALA T 195 -35.16 18.38 -8.31
C ALA T 195 -34.13 17.40 -7.77
N VAL T 196 -34.01 16.27 -8.46
CA VAL T 196 -32.98 15.27 -8.19
C VAL T 196 -32.34 14.87 -9.50
N GLY T 197 -31.11 14.38 -9.41
CA GLY T 197 -30.40 13.84 -10.55
C GLY T 197 -29.17 14.65 -10.87
N SER T 198 -28.55 14.31 -12.00
CA SER T 198 -27.30 14.96 -12.40
C SER T 198 -27.55 16.41 -12.83
N GLY T 199 -28.70 16.69 -13.42
CA GLY T 199 -29.03 18.04 -13.85
C GLY T 199 -29.94 18.75 -12.89
N SER T 200 -29.89 18.36 -11.61
CA SER T 200 -30.81 18.90 -10.62
C SER T 200 -30.54 20.38 -10.32
N LEU T 201 -29.27 20.80 -10.33
CA LEU T 201 -28.97 22.18 -9.99
C LEU T 201 -29.47 23.15 -11.06
N PHE T 202 -29.27 22.80 -12.33
CA PHE T 202 -29.78 23.63 -13.41
C PHE T 202 -31.31 23.72 -13.37
N ALA T 203 -31.97 22.57 -13.12
CA ALA T 203 -33.42 22.56 -13.03
C ALA T 203 -33.91 23.40 -11.85
N LYS T 204 -33.25 23.29 -10.70
CA LYS T 204 -33.66 24.05 -9.53
C LYS T 204 -33.47 25.55 -9.76
N SER T 205 -32.36 25.94 -10.37
CA SER T 205 -32.14 27.36 -10.63
C SER T 205 -33.07 27.90 -11.70
N SER T 206 -33.53 27.04 -12.61
CA SER T 206 -34.55 27.47 -13.57
C SER T 206 -35.91 27.64 -12.90
N MET T 207 -36.29 26.68 -12.05
CA MET T 207 -37.56 26.78 -11.35
C MET T 207 -37.57 27.97 -10.39
N LYS T 208 -36.42 28.32 -9.83
CA LYS T 208 -36.36 29.50 -8.96
C LYS T 208 -36.86 30.74 -9.68
N LYS T 209 -36.47 30.90 -10.95
CA LYS T 209 -36.89 32.06 -11.72
C LYS T 209 -38.28 31.89 -12.32
N LEU T 210 -38.70 30.66 -12.59
CA LEU T 210 -39.97 30.43 -13.27
C LEU T 210 -41.15 30.19 -12.34
N TYR T 211 -40.91 30.04 -11.03
CA TYR T 211 -41.98 29.58 -10.15
C TYR T 211 -43.06 30.62 -9.91
N SER T 212 -42.79 31.90 -10.19
CA SER T 212 -43.80 32.93 -9.99
C SER T 212 -44.92 32.83 -11.02
N GLN T 213 -44.74 32.06 -12.09
CA GLN T 213 -45.76 31.86 -13.10
C GLN T 213 -46.69 30.70 -12.79
N VAL T 214 -46.43 29.94 -11.73
CA VAL T 214 -47.22 28.75 -11.44
C VAL T 214 -48.47 29.17 -10.70
N THR T 215 -49.63 28.99 -11.35
CA THR T 215 -50.91 29.32 -10.74
C THR T 215 -51.95 28.21 -10.87
N ASP T 216 -51.68 27.17 -11.67
CA ASP T 216 -52.61 26.07 -11.85
C ASP T 216 -51.80 24.82 -12.21
N GLY T 217 -52.51 23.76 -12.60
CA GLY T 217 -51.83 22.56 -13.06
C GLY T 217 -51.12 22.77 -14.39
N ASP T 218 -51.73 23.51 -15.30
CA ASP T 218 -51.17 23.67 -16.64
C ASP T 218 -49.89 24.51 -16.61
N SER T 219 -49.92 25.64 -15.91
CA SER T 219 -48.71 26.45 -15.79
C SER T 219 -47.62 25.73 -15.01
N GLY T 220 -48.02 24.95 -13.99
CA GLY T 220 -47.04 24.16 -13.28
C GLY T 220 -46.38 23.12 -14.16
N LEU T 221 -47.16 22.45 -15.00
CA LEU T 221 -46.59 21.49 -15.94
C LEU T 221 -45.67 22.16 -16.93
N ARG T 222 -46.07 23.34 -17.42
CA ARG T 222 -45.21 24.08 -18.35
C ARG T 222 -43.87 24.44 -17.69
N VAL T 223 -43.92 24.89 -16.44
CA VAL T 223 -42.70 25.25 -15.72
C VAL T 223 -41.83 24.01 -15.49
N ALA T 224 -42.45 22.87 -15.17
CA ALA T 224 -41.68 21.64 -14.98
C ALA T 224 -41.00 21.21 -16.27
N VAL T 225 -41.72 21.28 -17.40
CA VAL T 225 -41.12 20.91 -18.68
C VAL T 225 -39.99 21.86 -19.04
N GLU T 226 -40.17 23.15 -18.76
CA GLU T 226 -39.11 24.12 -19.01
C GLU T 226 -37.89 23.86 -18.13
N ALA T 227 -38.11 23.47 -16.88
CA ALA T 227 -36.99 23.12 -16.00
C ALA T 227 -36.23 21.92 -16.52
N LEU T 228 -36.94 20.90 -16.98
CA LEU T 228 -36.26 19.75 -17.57
C LEU T 228 -35.51 20.14 -18.84
N TYR T 229 -36.09 21.05 -19.64
CA TYR T 229 -35.42 21.50 -20.84
C TYR T 229 -34.12 22.22 -20.52
N ASP T 230 -34.12 23.09 -19.50
CA ASP T 230 -32.90 23.76 -19.10
C ASP T 230 -31.88 22.78 -18.55
N ALA T 231 -32.33 21.80 -17.75
CA ALA T 231 -31.42 20.80 -17.21
C ALA T 231 -30.74 20.01 -18.32
N ALA T 232 -31.49 19.65 -19.36
CA ALA T 232 -30.89 18.97 -20.49
C ALA T 232 -30.01 19.90 -21.31
N ASP T 233 -30.36 21.18 -21.37
CA ASP T 233 -29.57 22.15 -22.10
C ASP T 233 -28.20 22.37 -21.46
N ASP T 234 -28.09 22.16 -20.15
CA ASP T 234 -26.82 22.36 -19.48
C ASP T 234 -26.11 21.06 -19.08
N ASP T 235 -26.80 19.91 -19.14
CA ASP T 235 -26.23 18.65 -18.68
C ASP T 235 -26.48 17.57 -19.72
N SER T 236 -25.41 16.88 -20.13
CA SER T 236 -25.50 15.92 -21.22
C SER T 236 -26.05 14.56 -20.79
N ALA T 237 -26.14 14.29 -19.49
CA ALA T 237 -26.74 13.05 -19.02
C ALA T 237 -28.26 13.12 -18.97
N THR T 238 -28.84 14.28 -19.21
CA THR T 238 -30.28 14.47 -19.23
C THR T 238 -30.74 14.65 -20.67
N GLY T 239 -31.81 13.98 -21.04
CA GLY T 239 -32.31 14.03 -22.41
C GLY T 239 -33.31 15.15 -22.60
N GLY T 240 -33.13 15.92 -23.68
CA GLY T 240 -34.08 16.94 -24.05
C GLY T 240 -35.26 16.35 -24.78
N PRO T 241 -36.22 17.21 -25.09
CA PRO T 241 -37.37 16.77 -25.92
C PRO T 241 -36.89 16.35 -27.31
N ASP T 242 -37.13 15.09 -27.63
CA ASP T 242 -36.68 14.51 -28.90
C ASP T 242 -37.82 14.63 -29.91
N LEU T 243 -37.68 15.56 -30.85
CA LEU T 243 -38.71 15.75 -31.86
C LEU T 243 -38.57 14.80 -33.03
N VAL T 244 -37.34 14.35 -33.31
CA VAL T 244 -37.13 13.38 -34.39
C VAL T 244 -37.85 12.07 -34.06
N ARG T 245 -37.67 11.58 -32.85
CA ARG T 245 -38.32 10.35 -32.41
C ARG T 245 -39.66 10.57 -31.74
N GLY T 246 -40.00 11.81 -31.42
CA GLY T 246 -41.22 12.08 -30.69
C GLY T 246 -41.22 11.53 -29.27
N ILE T 247 -40.12 11.67 -28.56
CA ILE T 247 -39.99 11.18 -27.19
C ILE T 247 -39.88 12.38 -26.26
N PHE T 248 -40.76 12.44 -25.27
CA PHE T 248 -40.91 13.60 -24.43
C PHE T 248 -40.88 13.19 -22.96
N PRO T 249 -40.58 14.13 -22.06
CA PRO T 249 -40.55 13.79 -20.64
C PRO T 249 -41.88 13.26 -20.15
N THR T 250 -41.82 12.35 -19.19
CA THR T 250 -43.02 11.84 -18.55
C THR T 250 -43.40 12.73 -17.39
N ALA T 251 -44.71 12.79 -17.11
CA ALA T 251 -45.20 13.66 -16.04
C ALA T 251 -46.40 13.02 -15.37
N VAL T 252 -46.55 13.32 -14.08
CA VAL T 252 -47.64 12.83 -13.25
C VAL T 252 -48.19 14.02 -12.47
N ILE T 253 -49.50 14.22 -12.52
CA ILE T 253 -50.17 15.29 -11.81
C ILE T 253 -51.04 14.68 -10.72
N ILE T 254 -50.86 15.15 -9.49
CA ILE T 254 -51.62 14.66 -8.35
C ILE T 254 -52.43 15.82 -7.80
N ASP T 255 -53.74 15.62 -7.72
CA ASP T 255 -54.65 16.60 -7.13
C ASP T 255 -55.61 15.87 -6.22
N ALA T 256 -56.66 16.57 -5.78
CA ALA T 256 -57.65 15.97 -4.89
C ALA T 256 -58.34 14.77 -5.53
N ASP T 257 -58.29 14.65 -6.85
CA ASP T 257 -58.89 13.53 -7.57
C ASP T 257 -57.91 12.39 -7.82
N GLY T 258 -56.69 12.47 -7.30
CA GLY T 258 -55.75 11.37 -7.39
C GLY T 258 -54.54 11.73 -8.23
N ALA T 259 -53.75 10.70 -8.53
CA ALA T 259 -52.52 10.82 -9.31
C ALA T 259 -52.76 10.24 -10.70
N VAL T 260 -52.62 11.07 -11.72
CA VAL T 260 -52.89 10.67 -13.10
C VAL T 260 -51.67 11.00 -13.96
N ASP T 261 -51.31 10.06 -14.84
CA ASP T 261 -50.25 10.30 -15.80
C ASP T 261 -50.69 11.38 -16.79
N VAL T 262 -49.79 12.30 -17.09
CA VAL T 262 -50.09 13.32 -18.10
C VAL T 262 -49.94 12.68 -19.48
N PRO T 263 -50.95 12.76 -20.35
CA PRO T 263 -50.84 12.17 -21.68
C PRO T 263 -49.73 12.84 -22.48
N GLU T 264 -49.11 12.06 -23.37
CA GLU T 264 -47.95 12.53 -24.11
C GLU T 264 -48.27 13.74 -24.99
N SER T 265 -49.54 13.95 -25.36
CA SER T 265 -49.88 15.03 -26.27
C SER T 265 -49.67 16.39 -25.63
N ARG T 266 -50.12 16.56 -24.38
CA ARG T 266 -49.98 17.86 -23.72
C ARG T 266 -48.51 18.17 -23.47
N ILE T 267 -47.73 17.18 -23.03
CA ILE T 267 -46.30 17.39 -22.84
C ILE T 267 -45.63 17.73 -24.17
N ALA T 268 -46.04 17.06 -25.25
CA ALA T 268 -45.44 17.32 -26.55
C ALA T 268 -45.69 18.75 -27.00
N GLU T 269 -46.92 19.24 -26.84
CA GLU T 269 -47.20 20.61 -27.27
C GLU T 269 -46.53 21.63 -26.35
N LEU T 270 -46.42 21.33 -25.05
CA LEU T 270 -45.68 22.23 -24.16
C LEU T 270 -44.21 22.31 -24.55
N ALA T 271 -43.59 21.16 -24.83
CA ALA T 271 -42.19 21.15 -25.22
C ALA T 271 -41.99 21.87 -26.54
N ARG T 272 -42.91 21.70 -27.49
CA ARG T 272 -42.80 22.39 -28.77
C ARG T 272 -42.91 23.91 -28.58
N ALA T 273 -43.84 24.35 -27.71
CA ALA T 273 -43.95 25.77 -27.44
C ALA T 273 -42.68 26.33 -26.80
N ILE T 274 -42.09 25.57 -25.86
CA ILE T 274 -40.85 26.02 -25.24
C ILE T 274 -39.73 26.11 -26.25
N ILE T 275 -39.62 25.10 -27.13
CA ILE T 275 -38.55 25.09 -28.13
C ILE T 275 -38.73 26.23 -29.12
N GLU T 276 -39.98 26.55 -29.48
CA GLU T 276 -40.23 27.69 -30.35
C GLU T 276 -39.87 29.00 -29.65
N SER T 277 -40.15 29.09 -28.35
CA SER T 277 -39.79 30.29 -27.60
C SER T 277 -38.29 30.48 -27.52
N ARG T 278 -37.54 29.38 -27.36
CA ARG T 278 -36.09 29.52 -27.24
C ARG T 278 -35.42 29.85 -28.58
N SER T 279 -36.03 29.44 -29.69
CA SER T 279 -35.44 29.70 -31.00
C SER T 279 -35.44 31.18 -31.32
N THR U 58 -16.65 14.03 -28.39
CA THR U 58 -16.29 14.74 -29.61
C THR U 58 -16.04 13.75 -30.74
N THR U 59 -16.19 14.21 -31.98
CA THR U 59 -15.97 13.35 -33.13
C THR U 59 -15.54 14.19 -34.31
N ILE U 60 -14.46 13.77 -34.97
CA ILE U 60 -14.02 14.35 -36.23
C ILE U 60 -13.96 13.23 -37.25
N VAL U 61 -14.66 13.40 -38.36
CA VAL U 61 -14.65 12.42 -39.44
C VAL U 61 -13.92 13.02 -40.63
N ALA U 62 -13.34 12.15 -41.44
CA ALA U 62 -12.71 12.54 -42.68
C ALA U 62 -12.99 11.46 -43.70
N LEU U 63 -13.22 11.87 -44.95
CA LEU U 63 -13.42 10.87 -46.00
C LEU U 63 -12.96 11.41 -47.33
N LYS U 64 -12.45 10.51 -48.17
CA LYS U 64 -12.01 10.83 -49.51
C LYS U 64 -13.17 10.66 -50.48
N TYR U 65 -13.28 11.60 -51.41
CA TYR U 65 -14.18 11.49 -52.54
C TYR U 65 -13.37 11.64 -53.81
N PRO U 66 -13.87 11.15 -54.95
CA PRO U 66 -13.12 11.33 -56.20
C PRO U 66 -12.80 12.80 -56.44
N GLY U 67 -11.51 13.13 -56.35
CA GLY U 67 -11.08 14.50 -56.54
C GLY U 67 -10.74 15.27 -55.28
N GLY U 68 -10.73 14.65 -54.11
CA GLY U 68 -10.32 15.38 -52.93
C GLY U 68 -10.75 14.69 -51.65
N VAL U 69 -10.72 15.46 -50.57
CA VAL U 69 -11.02 14.96 -49.23
C VAL U 69 -11.88 15.98 -48.50
N VAL U 70 -12.71 15.49 -47.58
CA VAL U 70 -13.55 16.35 -46.77
C VAL U 70 -13.39 15.94 -45.31
N MET U 71 -13.48 16.92 -44.41
CA MET U 71 -13.21 16.69 -43.00
C MET U 71 -14.17 17.52 -42.17
N ALA U 72 -14.95 16.86 -41.33
CA ALA U 72 -15.99 17.53 -40.56
C ALA U 72 -15.80 17.22 -39.07
N GLY U 73 -16.23 18.17 -38.25
CA GLY U 73 -16.10 18.03 -36.81
C GLY U 73 -17.29 18.65 -36.10
N ASP U 74 -17.60 18.09 -34.92
CA ASP U 74 -18.72 18.54 -34.12
C ASP U 74 -18.31 19.78 -33.32
N ARG U 75 -19.21 20.27 -32.46
CA ARG U 75 -19.02 21.56 -31.82
C ARG U 75 -19.05 21.53 -30.30
N ARG U 76 -19.30 20.39 -29.67
CA ARG U 76 -19.53 20.34 -28.24
C ARG U 76 -18.24 20.03 -27.48
N SER U 77 -18.06 20.70 -26.34
CA SER U 77 -17.02 20.34 -25.39
C SER U 77 -17.65 20.18 -24.02
N THR U 78 -17.33 19.09 -23.33
CA THR U 78 -17.88 18.80 -22.02
C THR U 78 -16.78 18.82 -20.97
N GLN U 79 -17.19 19.00 -19.73
CA GLN U 79 -16.36 18.80 -18.55
C GLN U 79 -17.12 17.81 -17.66
N GLY U 80 -16.86 16.53 -17.86
CA GLY U 80 -17.65 15.50 -17.20
C GLY U 80 -18.89 15.20 -18.01
N ASN U 81 -20.06 15.30 -17.37
CA ASN U 81 -21.32 15.25 -18.09
C ASN U 81 -21.95 16.62 -18.27
N MET U 82 -21.30 17.68 -17.79
CA MET U 82 -21.80 19.03 -17.97
C MET U 82 -21.29 19.62 -19.28
N ILE U 83 -22.21 20.16 -20.05
CA ILE U 83 -21.85 20.80 -21.31
C ILE U 83 -21.26 22.17 -21.02
N SER U 84 -20.07 22.43 -21.56
CA SER U 84 -19.39 23.70 -21.34
C SER U 84 -19.13 24.50 -22.61
N GLY U 85 -19.08 23.85 -23.77
CA GLY U 85 -18.90 24.57 -25.01
C GLY U 85 -19.83 24.06 -26.09
N ARG U 86 -20.43 24.99 -26.84
CA ARG U 86 -21.41 24.63 -27.86
C ARG U 86 -20.98 24.94 -29.28
N ASP U 87 -19.92 25.71 -29.47
CA ASP U 87 -19.44 26.06 -30.80
C ASP U 87 -17.92 25.96 -30.86
N VAL U 88 -17.37 24.88 -30.32
CA VAL U 88 -15.95 24.61 -30.43
C VAL U 88 -15.60 24.24 -31.86
N ARG U 89 -14.52 24.81 -32.38
CA ARG U 89 -14.04 24.50 -33.72
C ARG U 89 -12.87 23.53 -33.60
N LYS U 90 -13.04 22.34 -34.19
CA LYS U 90 -12.06 21.27 -34.04
C LYS U 90 -11.32 20.95 -35.33
N VAL U 91 -11.72 21.51 -36.46
CA VAL U 91 -11.07 21.27 -37.74
C VAL U 91 -10.33 22.55 -38.13
N TYR U 92 -9.03 22.43 -38.34
CA TYR U 92 -8.16 23.55 -38.67
C TYR U 92 -7.54 23.33 -40.04
N ILE U 93 -7.49 24.39 -40.84
CA ILE U 93 -6.75 24.36 -42.10
C ILE U 93 -5.28 24.59 -41.74
N THR U 94 -4.51 23.50 -41.66
CA THR U 94 -3.11 23.62 -41.28
C THR U 94 -2.29 24.32 -42.36
N ASP U 95 -2.54 23.99 -43.61
CA ASP U 95 -1.95 24.74 -44.72
C ASP U 95 -2.84 24.56 -45.94
N ASP U 96 -2.42 25.18 -47.05
CA ASP U 96 -3.29 25.28 -48.23
C ASP U 96 -3.86 23.94 -48.66
N TYR U 97 -3.15 22.84 -48.37
CA TYR U 97 -3.58 21.52 -48.82
C TYR U 97 -3.70 20.51 -47.69
N THR U 98 -3.61 20.93 -46.43
CA THR U 98 -3.79 20.00 -45.33
C THR U 98 -4.68 20.63 -44.27
N ALA U 99 -5.62 19.82 -43.78
CA ALA U 99 -6.43 20.15 -42.62
C ALA U 99 -6.18 19.09 -41.55
N THR U 100 -6.22 19.52 -40.29
CA THR U 100 -6.01 18.63 -39.18
C THR U 100 -7.15 18.79 -38.19
N GLY U 101 -7.49 17.70 -37.52
CA GLY U 101 -8.54 17.72 -36.54
C GLY U 101 -8.16 16.88 -35.35
N ILE U 102 -8.15 17.45 -34.16
CA ILE U 102 -7.59 16.80 -32.99
C ILE U 102 -8.70 16.58 -31.99
N ALA U 103 -8.89 15.32 -31.59
CA ALA U 103 -9.83 14.96 -30.54
C ALA U 103 -9.10 14.83 -29.21
N GLY U 104 -9.86 14.93 -28.13
CA GLY U 104 -9.32 14.80 -26.78
C GLY U 104 -9.49 16.10 -26.00
N THR U 105 -8.52 16.38 -25.13
CA THR U 105 -8.56 17.60 -24.33
C THR U 105 -8.52 18.82 -25.23
N ALA U 106 -9.48 19.74 -25.03
CA ALA U 106 -9.63 20.87 -25.95
C ALA U 106 -8.42 21.79 -25.92
N ALA U 107 -7.88 22.05 -24.72
CA ALA U 107 -6.70 22.90 -24.61
C ALA U 107 -5.54 22.33 -25.41
N VAL U 108 -5.24 21.05 -25.21
CA VAL U 108 -4.16 20.39 -25.93
C VAL U 108 -4.47 20.32 -27.42
N ALA U 109 -5.74 20.17 -27.79
CA ALA U 109 -6.09 20.15 -29.20
C ALA U 109 -5.73 21.47 -29.87
N VAL U 110 -6.13 22.59 -29.26
CA VAL U 110 -5.82 23.89 -29.84
C VAL U 110 -4.30 24.13 -29.86
N GLU U 111 -3.63 23.79 -28.76
CA GLU U 111 -2.19 23.96 -28.69
C GLU U 111 -1.48 23.16 -29.78
N PHE U 112 -1.91 21.91 -30.00
CA PHE U 112 -1.31 21.07 -31.03
C PHE U 112 -1.54 21.65 -32.41
N ALA U 113 -2.76 22.10 -32.70
CA ALA U 113 -3.03 22.65 -34.02
C ALA U 113 -2.17 23.88 -34.29
N ARG U 114 -2.06 24.77 -33.30
CA ARG U 114 -1.26 25.97 -33.47
C ARG U 114 0.21 25.62 -33.69
N LEU U 115 0.74 24.71 -32.86
CA LEU U 115 2.14 24.32 -32.98
C LEU U 115 2.43 23.68 -34.33
N TYR U 116 1.53 22.80 -34.79
CA TYR U 116 1.73 22.11 -36.05
C TYR U 116 1.72 23.07 -37.23
N ALA U 117 0.78 24.02 -37.25
CA ALA U 117 0.76 25.00 -38.32
C ALA U 117 2.01 25.87 -38.29
N VAL U 118 2.44 26.28 -37.09
CA VAL U 118 3.65 27.09 -36.96
C VAL U 118 4.85 26.33 -37.50
N GLU U 119 4.96 25.04 -37.16
CA GLU U 119 6.11 24.24 -37.60
C GLU U 119 6.13 24.08 -39.12
N LEU U 120 4.98 23.80 -39.73
CA LEU U 120 4.94 23.64 -41.18
C LEU U 120 5.32 24.94 -41.87
N GLU U 121 4.73 26.06 -41.43
CA GLU U 121 5.05 27.34 -42.05
C GLU U 121 6.51 27.73 -41.81
N HIS U 122 7.06 27.38 -40.65
CA HIS U 122 8.45 27.65 -40.35
C HIS U 122 9.36 26.93 -41.32
N TYR U 123 9.10 25.65 -41.58
CA TYR U 123 9.89 24.93 -42.56
C TYR U 123 9.76 25.55 -43.94
N GLU U 124 8.54 25.89 -44.34
CA GLU U 124 8.34 26.43 -45.68
C GLU U 124 9.08 27.75 -45.87
N LYS U 125 9.10 28.60 -44.84
CA LYS U 125 9.83 29.85 -44.94
C LYS U 125 11.33 29.63 -44.92
N LEU U 126 11.81 28.73 -44.06
CA LEU U 126 13.26 28.52 -43.95
C LEU U 126 13.85 27.93 -45.22
N GLU U 127 13.26 26.85 -45.71
CA GLU U 127 13.84 26.14 -46.86
C GLU U 127 13.27 26.57 -48.19
N GLY U 128 12.28 27.45 -48.21
CA GLY U 128 11.72 27.95 -49.45
C GLY U 128 10.83 26.98 -50.20
N VAL U 129 10.67 25.76 -49.71
CA VAL U 129 9.81 24.77 -50.37
C VAL U 129 8.97 24.10 -49.30
N PRO U 130 7.68 23.88 -49.52
CA PRO U 130 6.86 23.21 -48.51
C PRO U 130 7.27 21.76 -48.34
N LEU U 131 7.02 21.25 -47.13
CA LEU U 131 7.31 19.86 -46.84
C LEU U 131 6.50 18.95 -47.76
N THR U 132 7.11 17.83 -48.13
CA THR U 132 6.35 16.76 -48.75
C THR U 132 5.34 16.20 -47.74
N PHE U 133 4.35 15.48 -48.25
CA PHE U 133 3.28 15.00 -47.37
C PHE U 133 3.82 14.06 -46.30
N ALA U 134 4.76 13.19 -46.68
CA ALA U 134 5.36 12.29 -45.70
C ALA U 134 6.11 13.07 -44.63
N GLY U 135 6.71 14.19 -45.00
CA GLY U 135 7.36 15.03 -44.00
C GLY U 135 6.39 15.60 -42.99
N LYS U 136 5.24 16.08 -43.47
CA LYS U 136 4.21 16.59 -42.57
C LYS U 136 3.70 15.49 -41.65
N ILE U 137 3.48 14.29 -42.19
CA ILE U 137 3.05 13.17 -41.36
C ILE U 137 4.08 12.87 -40.29
N ASN U 138 5.36 12.90 -40.66
CA ASN U 138 6.41 12.61 -39.69
C ASN U 138 6.44 13.66 -38.59
N ARG U 139 6.28 14.94 -38.93
CA ARG U 139 6.28 15.97 -37.90
C ARG U 139 5.12 15.80 -36.94
N LEU U 140 3.92 15.51 -37.47
CA LEU U 140 2.77 15.30 -36.60
C LEU U 140 2.95 14.08 -35.71
N ALA U 141 3.49 12.99 -36.29
CA ALA U 141 3.73 11.78 -35.50
C ALA U 141 4.75 12.04 -34.40
N ILE U 142 5.76 12.86 -34.69
CA ILE U 142 6.75 13.20 -33.67
C ILE U 142 6.09 14.01 -32.54
N MET U 143 5.20 14.93 -32.89
CA MET U 143 4.46 15.66 -31.85
C MET U 143 3.65 14.70 -30.98
N VAL U 144 2.94 13.77 -31.60
CA VAL U 144 2.11 12.84 -30.84
C VAL U 144 2.97 11.95 -29.95
N ARG U 145 4.11 11.47 -30.47
CA ARG U 145 5.00 10.66 -29.67
C ARG U 145 5.58 11.45 -28.50
N GLY U 146 5.94 12.70 -28.72
CA GLY U 146 6.46 13.54 -27.66
C GLY U 146 5.44 14.02 -26.66
N ASN U 147 4.15 13.82 -26.94
CA ASN U 147 3.11 14.11 -25.97
C ASN U 147 2.66 12.89 -25.17
N LEU U 148 3.35 11.76 -25.30
CA LEU U 148 2.87 10.52 -24.66
C LEU U 148 2.88 10.63 -23.15
N ALA U 149 3.97 11.16 -22.58
CA ALA U 149 4.06 11.26 -21.13
C ALA U 149 2.98 12.16 -20.56
N ALA U 150 2.74 13.30 -21.20
CA ALA U 150 1.70 14.22 -20.72
C ALA U 150 0.30 13.66 -20.97
N ALA U 151 0.14 12.81 -21.99
CA ALA U 151 -1.15 12.16 -22.20
C ALA U 151 -1.41 11.09 -21.16
N MET U 152 -0.35 10.53 -20.59
CA MET U 152 -0.53 9.59 -19.48
C MET U 152 -1.10 10.27 -18.23
N GLN U 153 -1.00 11.60 -18.14
CA GLN U 153 -1.62 12.33 -17.04
C GLN U 153 -3.01 12.83 -17.36
N GLY U 154 -3.47 12.69 -18.60
CA GLY U 154 -4.80 13.12 -18.98
C GLY U 154 -4.87 14.24 -19.99
N LEU U 155 -3.74 14.79 -20.43
CA LEU U 155 -3.72 15.81 -21.47
C LEU U 155 -3.55 15.16 -22.84
N LEU U 156 -4.45 14.22 -23.12
CA LEU U 156 -4.36 13.42 -24.34
C LEU U 156 -4.86 14.21 -25.54
N ALA U 157 -4.29 13.89 -26.71
CA ALA U 157 -4.72 14.48 -27.97
C ALA U 157 -4.48 13.45 -29.08
N LEU U 158 -5.50 13.19 -29.88
CA LEU U 158 -5.40 12.27 -31.01
C LEU U 158 -5.72 13.01 -32.30
N PRO U 159 -4.75 13.22 -33.18
CA PRO U 159 -5.05 13.95 -34.42
C PRO U 159 -5.50 13.03 -35.54
N LEU U 160 -6.13 13.67 -36.52
CA LEU U 160 -6.51 13.06 -37.79
C LEU U 160 -6.12 14.05 -38.87
N LEU U 161 -5.38 13.60 -39.87
CA LEU U 161 -4.85 14.49 -40.90
C LEU U 161 -5.51 14.18 -42.23
N ALA U 162 -6.03 15.21 -42.89
CA ALA U 162 -6.55 15.09 -44.24
C ALA U 162 -5.72 15.99 -45.13
N GLY U 163 -5.38 15.51 -46.31
CA GLY U 163 -4.51 16.26 -47.18
C GLY U 163 -4.78 15.98 -48.63
N TYR U 164 -4.23 16.84 -49.48
CA TYR U 164 -4.26 16.67 -50.92
C TYR U 164 -2.82 16.69 -51.41
N ASP U 165 -2.29 15.53 -51.77
CA ASP U 165 -0.92 15.45 -52.25
C ASP U 165 -0.83 16.07 -53.63
N ILE U 166 -0.09 17.18 -53.74
CA ILE U 166 0.07 17.86 -55.02
C ILE U 166 1.11 17.19 -55.90
N HIS U 167 1.94 16.32 -55.34
CA HIS U 167 2.94 15.58 -56.12
C HIS U 167 2.42 14.24 -56.62
N ALA U 168 1.21 13.84 -56.23
CA ALA U 168 0.66 12.59 -56.72
C ALA U 168 0.39 12.69 -58.21
N SER U 169 0.74 11.63 -58.95
CA SER U 169 0.56 11.63 -60.39
C SER U 169 -0.91 11.73 -60.78
N ASP U 170 -1.78 10.98 -60.10
CA ASP U 170 -3.20 10.96 -60.42
C ASP U 170 -3.91 12.01 -59.58
N PRO U 171 -4.46 13.07 -60.19
CA PRO U 171 -5.23 14.05 -59.40
C PRO U 171 -6.48 13.47 -58.75
N GLN U 172 -7.11 12.48 -59.39
CA GLN U 172 -8.38 11.95 -58.88
C GLN U 172 -8.20 11.09 -57.64
N SER U 173 -6.98 10.69 -57.31
CA SER U 173 -6.68 9.91 -56.12
C SER U 173 -5.58 10.58 -55.31
N ALA U 174 -5.64 11.90 -55.20
CA ALA U 174 -4.64 12.65 -54.45
C ALA U 174 -5.04 12.90 -53.01
N GLY U 175 -6.29 12.63 -52.65
CA GLY U 175 -6.69 12.77 -51.26
C GLY U 175 -6.00 11.75 -50.38
N ARG U 176 -5.63 12.17 -49.19
CA ARG U 176 -4.96 11.31 -48.21
C ARG U 176 -5.59 11.50 -46.85
N ILE U 177 -5.79 10.41 -46.14
CA ILE U 177 -6.26 10.41 -44.76
C ILE U 177 -5.25 9.65 -43.93
N VAL U 178 -4.77 10.28 -42.86
CA VAL U 178 -3.76 9.70 -41.99
C VAL U 178 -4.30 9.69 -40.57
N SER U 179 -4.32 8.50 -39.96
CA SER U 179 -4.75 8.32 -38.59
C SER U 179 -3.54 8.03 -37.72
N PHE U 180 -3.52 8.63 -36.55
CA PHE U 180 -2.43 8.47 -35.59
C PHE U 180 -2.96 7.79 -34.34
N ASP U 181 -2.28 6.74 -33.91
CA ASP U 181 -2.71 6.01 -32.72
C ASP U 181 -2.07 6.63 -31.49
N ALA U 182 -2.27 6.01 -30.33
CA ALA U 182 -1.89 6.61 -29.06
C ALA U 182 -0.38 6.79 -28.95
N ALA U 183 0.39 5.80 -29.40
CA ALA U 183 1.83 5.80 -29.20
C ALA U 183 2.61 6.51 -30.29
N GLY U 184 1.92 7.14 -31.24
CA GLY U 184 2.59 7.90 -32.29
C GLY U 184 2.67 7.21 -33.63
N GLY U 185 2.16 5.99 -33.76
CA GLY U 185 2.12 5.35 -35.07
C GLY U 185 1.06 5.97 -35.96
N TRP U 186 1.31 5.93 -37.26
CA TRP U 186 0.41 6.53 -38.22
C TRP U 186 0.14 5.55 -39.36
N ASN U 187 -1.07 5.63 -39.89
CA ASN U 187 -1.50 4.79 -41.00
C ASN U 187 -2.23 5.65 -42.02
N ILE U 188 -1.90 5.46 -43.30
CA ILE U 188 -2.60 6.12 -44.38
C ILE U 188 -3.80 5.26 -44.75
N GLU U 189 -5.00 5.77 -44.49
CA GLU U 189 -6.21 4.97 -44.68
C GLU U 189 -6.49 4.77 -46.17
N GLU U 190 -6.66 3.51 -46.56
CA GLU U 190 -7.00 3.17 -47.93
C GLU U 190 -8.49 2.85 -48.12
N GLU U 191 -9.22 2.61 -47.03
CA GLU U 191 -10.66 2.41 -47.14
C GLU U 191 -11.40 3.69 -47.46
N GLY U 192 -10.77 4.85 -47.30
CA GLY U 192 -11.33 6.11 -47.76
C GLY U 192 -12.00 6.94 -46.70
N TYR U 193 -12.12 6.45 -45.48
CA TYR U 193 -12.75 7.21 -44.42
C TYR U 193 -12.08 6.87 -43.09
N GLN U 194 -12.26 7.76 -42.13
CA GLN U 194 -11.63 7.62 -40.82
C GLN U 194 -12.34 8.56 -39.85
N ALA U 195 -12.25 8.25 -38.57
CA ALA U 195 -12.86 9.09 -37.55
C ALA U 195 -12.05 8.99 -36.26
N VAL U 196 -12.03 10.08 -35.51
CA VAL U 196 -11.40 10.12 -34.19
C VAL U 196 -12.38 10.74 -33.21
N GLY U 197 -12.24 10.37 -31.95
CA GLY U 197 -13.03 10.93 -30.88
C GLY U 197 -13.85 9.89 -30.15
N SER U 198 -14.68 10.37 -29.23
CA SER U 198 -15.49 9.48 -28.41
C SER U 198 -16.60 8.81 -29.20
N GLY U 199 -17.10 9.47 -30.25
CA GLY U 199 -18.12 8.89 -31.09
C GLY U 199 -17.57 8.31 -32.36
N SER U 200 -16.26 8.05 -32.37
CA SER U 200 -15.57 7.66 -33.60
C SER U 200 -16.05 6.32 -34.14
N LEU U 201 -16.39 5.39 -33.24
CA LEU U 201 -16.81 4.06 -33.70
C LEU U 201 -18.16 4.12 -34.39
N PHE U 202 -19.12 4.86 -33.83
CA PHE U 202 -20.42 5.01 -34.48
C PHE U 202 -20.30 5.73 -35.81
N ALA U 203 -19.48 6.78 -35.86
CA ALA U 203 -19.29 7.49 -37.12
C ALA U 203 -18.62 6.62 -38.16
N LYS U 204 -17.64 5.82 -37.75
CA LYS U 204 -16.98 4.91 -38.69
C LYS U 204 -17.95 3.87 -39.22
N SER U 205 -18.79 3.30 -38.35
CA SER U 205 -19.72 2.28 -38.80
C SER U 205 -20.82 2.88 -39.66
N SER U 206 -21.19 4.14 -39.44
CA SER U 206 -22.12 4.82 -40.32
C SER U 206 -21.50 5.07 -41.69
N MET U 207 -20.24 5.55 -41.71
CA MET U 207 -19.56 5.78 -42.98
C MET U 207 -19.33 4.49 -43.74
N LYS U 208 -19.14 3.38 -43.03
CA LYS U 208 -18.99 2.09 -43.71
C LYS U 208 -20.20 1.77 -44.57
N LYS U 209 -21.40 2.04 -44.05
CA LYS U 209 -22.62 1.80 -44.81
C LYS U 209 -22.88 2.88 -45.85
N LEU U 210 -22.50 4.13 -45.56
CA LEU U 210 -22.85 5.24 -46.45
C LEU U 210 -21.81 5.54 -47.52
N TYR U 211 -20.63 4.91 -47.47
CA TYR U 211 -19.55 5.34 -48.35
C TYR U 211 -19.80 5.01 -49.81
N SER U 212 -20.74 4.12 -50.11
CA SER U 212 -21.05 3.83 -51.50
C SER U 212 -21.84 4.95 -52.17
N GLN U 213 -22.33 5.92 -51.40
CA GLN U 213 -23.06 7.05 -51.95
C GLN U 213 -22.16 8.24 -52.26
N VAL U 214 -20.87 8.14 -52.00
CA VAL U 214 -19.95 9.26 -52.17
C VAL U 214 -19.39 9.23 -53.58
N THR U 215 -19.68 10.28 -54.36
CA THR U 215 -19.17 10.41 -55.72
C THR U 215 -18.55 11.76 -56.02
N ASP U 216 -18.90 12.82 -55.28
CA ASP U 216 -18.34 14.14 -55.50
C ASP U 216 -18.18 14.82 -54.16
N GLY U 217 -17.86 16.11 -54.19
CA GLY U 217 -17.68 16.84 -52.94
C GLY U 217 -18.96 17.01 -52.15
N ASP U 218 -20.07 17.22 -52.85
CA ASP U 218 -21.36 17.44 -52.16
C ASP U 218 -21.82 16.19 -51.44
N SER U 219 -21.79 15.05 -52.12
CA SER U 219 -22.21 13.80 -51.48
C SER U 219 -21.24 13.40 -50.37
N GLY U 220 -19.95 13.65 -50.56
CA GLY U 220 -18.99 13.40 -49.50
C GLY U 220 -19.27 14.23 -48.27
N LEU U 221 -19.60 15.51 -48.46
CA LEU U 221 -19.95 16.36 -47.33
C LEU U 221 -21.22 15.88 -46.65
N ARG U 222 -22.22 15.48 -47.44
CA ARG U 222 -23.46 14.98 -46.86
C ARG U 222 -23.21 13.74 -46.02
N VAL U 223 -22.37 12.82 -46.53
CA VAL U 223 -22.08 11.60 -45.78
C VAL U 223 -21.30 11.90 -44.51
N ALA U 224 -20.36 12.86 -44.57
CA ALA U 224 -19.63 13.25 -43.37
C ALA U 224 -20.57 13.83 -42.31
N VAL U 225 -21.49 14.70 -42.74
CA VAL U 225 -22.44 15.30 -41.80
C VAL U 225 -23.36 14.23 -41.21
N GLU U 226 -23.76 13.25 -42.03
CA GLU U 226 -24.61 12.18 -41.53
C GLU U 226 -23.86 11.29 -40.54
N ALA U 227 -22.57 11.03 -40.79
CA ALA U 227 -21.76 10.28 -39.84
C ALA U 227 -21.64 11.02 -38.51
N LEU U 228 -21.46 12.33 -38.56
CA LEU U 228 -21.44 13.12 -37.33
C LEU U 228 -22.78 13.05 -36.62
N TYR U 229 -23.88 13.07 -37.38
CA TYR U 229 -25.20 12.94 -36.79
C TYR U 229 -25.36 11.62 -36.08
N ASP U 230 -24.89 10.52 -36.69
CA ASP U 230 -24.99 9.21 -36.05
C ASP U 230 -24.14 9.14 -34.79
N ALA U 231 -22.92 9.71 -34.84
CA ALA U 231 -22.06 9.73 -33.67
C ALA U 231 -22.71 10.49 -32.53
N ALA U 232 -23.32 11.64 -32.83
CA ALA U 232 -24.02 12.40 -31.80
C ALA U 232 -25.26 11.66 -31.31
N ASP U 233 -25.91 10.89 -32.18
CA ASP U 233 -27.08 10.13 -31.78
C ASP U 233 -26.73 9.06 -30.77
N ASP U 234 -25.57 8.41 -30.94
CA ASP U 234 -25.20 7.32 -30.05
C ASP U 234 -24.28 7.73 -28.91
N ASP U 235 -23.73 8.94 -28.92
CA ASP U 235 -22.72 9.34 -27.95
C ASP U 235 -23.00 10.74 -27.44
N SER U 236 -23.11 10.90 -26.13
CA SER U 236 -23.54 12.16 -25.54
C SER U 236 -22.45 13.22 -25.51
N ALA U 237 -21.18 12.84 -25.70
CA ALA U 237 -20.10 13.81 -25.72
C ALA U 237 -19.93 14.48 -27.08
N THR U 238 -20.70 14.07 -28.07
CA THR U 238 -20.68 14.66 -29.40
C THR U 238 -21.95 15.49 -29.57
N GLY U 239 -21.79 16.72 -30.07
CA GLY U 239 -22.93 17.60 -30.27
C GLY U 239 -23.57 17.37 -31.62
N GLY U 240 -24.89 17.21 -31.60
CA GLY U 240 -25.63 17.09 -32.83
C GLY U 240 -25.96 18.43 -33.43
N PRO U 241 -26.56 18.39 -34.62
CA PRO U 241 -27.06 19.64 -35.23
C PRO U 241 -28.06 20.31 -34.31
N ASP U 242 -27.74 21.50 -33.84
CA ASP U 242 -28.57 22.22 -32.87
C ASP U 242 -29.39 23.25 -33.63
N LEU U 243 -30.64 22.89 -33.95
CA LEU U 243 -31.49 23.79 -34.72
C LEU U 243 -31.97 24.98 -33.92
N VAL U 244 -31.96 24.90 -32.59
CA VAL U 244 -32.44 26.01 -31.76
C VAL U 244 -31.49 27.20 -31.87
N ARG U 245 -30.19 26.97 -31.72
CA ARG U 245 -29.22 28.05 -31.81
C ARG U 245 -28.58 28.18 -33.18
N GLY U 246 -28.88 27.26 -34.10
CA GLY U 246 -28.26 27.30 -35.41
C GLY U 246 -26.77 27.03 -35.40
N ILE U 247 -26.31 26.09 -34.59
CA ILE U 247 -24.91 25.70 -34.55
C ILE U 247 -24.78 24.33 -35.20
N PHE U 248 -23.95 24.24 -36.21
CA PHE U 248 -23.82 23.06 -37.04
C PHE U 248 -22.36 22.65 -37.13
N PRO U 249 -22.08 21.39 -37.46
CA PRO U 249 -20.69 20.92 -37.54
C PRO U 249 -19.88 21.73 -38.54
N THR U 250 -18.61 21.93 -38.21
CA THR U 250 -17.71 22.64 -39.12
C THR U 250 -17.12 21.65 -40.11
N ALA U 251 -16.83 22.13 -41.32
CA ALA U 251 -16.32 21.26 -42.36
C ALA U 251 -15.28 22.00 -43.18
N VAL U 252 -14.34 21.22 -43.73
CA VAL U 252 -13.30 21.73 -44.61
C VAL U 252 -13.20 20.77 -45.79
N ILE U 253 -13.18 21.32 -47.00
CA ILE U 253 -13.04 20.53 -48.22
C ILE U 253 -11.73 20.90 -48.88
N ILE U 254 -10.91 19.89 -49.16
CA ILE U 254 -9.62 20.08 -49.81
C ILE U 254 -9.67 19.39 -51.17
N ASP U 255 -9.32 20.13 -52.22
CA ASP U 255 -9.25 19.61 -53.56
C ASP U 255 -8.02 20.22 -54.24
N ALA U 256 -7.95 20.07 -55.56
CA ALA U 256 -6.80 20.57 -56.31
C ALA U 256 -6.62 22.07 -56.13
N ASP U 257 -7.70 22.80 -55.86
CA ASP U 257 -7.64 24.24 -55.68
C ASP U 257 -7.18 24.65 -54.28
N GLY U 258 -7.10 23.71 -53.35
CA GLY U 258 -6.66 24.00 -52.00
C GLY U 258 -7.68 23.55 -50.99
N ALA U 259 -7.47 23.97 -49.74
CA ALA U 259 -8.35 23.66 -48.62
C ALA U 259 -9.20 24.89 -48.29
N VAL U 260 -10.51 24.71 -48.26
CA VAL U 260 -11.42 25.82 -48.02
C VAL U 260 -12.49 25.39 -47.02
N ASP U 261 -12.82 26.28 -46.11
CA ASP U 261 -13.89 26.04 -45.15
C ASP U 261 -15.24 25.99 -45.85
N VAL U 262 -16.10 25.08 -45.42
CA VAL U 262 -17.45 24.99 -45.97
C VAL U 262 -18.31 26.07 -45.30
N PRO U 263 -19.04 26.88 -46.06
CA PRO U 263 -19.94 27.87 -45.44
C PRO U 263 -21.01 27.18 -44.62
N GLU U 264 -21.43 27.87 -43.55
CA GLU U 264 -22.35 27.26 -42.60
C GLU U 264 -23.72 26.99 -43.20
N SER U 265 -24.09 27.74 -44.24
CA SER U 265 -25.41 27.57 -44.86
C SER U 265 -25.56 26.19 -45.51
N ARG U 266 -24.52 25.74 -46.21
CA ARG U 266 -24.59 24.43 -46.87
C ARG U 266 -24.70 23.30 -45.85
N ILE U 267 -23.91 23.37 -44.79
CA ILE U 267 -23.97 22.34 -43.75
C ILE U 267 -25.31 22.39 -43.04
N ALA U 268 -25.86 23.59 -42.84
CA ALA U 268 -27.19 23.69 -42.25
C ALA U 268 -28.25 23.03 -43.12
N GLU U 269 -28.17 23.25 -44.44
CA GLU U 269 -29.11 22.62 -45.36
C GLU U 269 -29.00 21.10 -45.29
N LEU U 270 -27.77 20.59 -45.30
CA LEU U 270 -27.58 19.14 -45.25
C LEU U 270 -28.09 18.55 -43.94
N ALA U 271 -27.80 19.23 -42.82
CA ALA U 271 -28.25 18.74 -41.53
C ALA U 271 -29.78 18.74 -41.45
N ARG U 272 -30.41 19.78 -41.97
CA ARG U 272 -31.87 19.82 -41.96
C ARG U 272 -32.45 18.72 -42.83
N ALA U 273 -31.84 18.45 -43.99
CA ALA U 273 -32.32 17.36 -44.83
C ALA U 273 -32.19 16.02 -44.13
N ILE U 274 -31.08 15.78 -43.43
CA ILE U 274 -30.89 14.53 -42.71
C ILE U 274 -31.90 14.40 -41.58
N ILE U 275 -32.10 15.48 -40.83
CA ILE U 275 -33.06 15.45 -39.73
C ILE U 275 -34.47 15.17 -40.25
N GLU U 276 -34.85 15.82 -41.35
CA GLU U 276 -36.14 15.54 -41.95
C GLU U 276 -36.26 14.08 -42.38
N SER U 277 -35.20 13.54 -42.99
CA SER U 277 -35.25 12.16 -43.47
C SER U 277 -35.43 11.19 -42.32
N ARG U 278 -34.80 11.45 -41.17
CA ARG U 278 -34.91 10.56 -40.04
C ARG U 278 -36.11 10.84 -39.15
N SER U 279 -36.92 11.85 -39.48
CA SER U 279 -38.09 12.17 -38.67
C SER U 279 -39.29 11.32 -39.05
N THR V 58 -16.42 31.73 -3.52
CA THR V 58 -16.16 32.83 -4.44
C THR V 58 -16.97 32.70 -5.71
N THR V 59 -17.37 33.84 -6.28
CA THR V 59 -18.06 33.85 -7.56
C THR V 59 -17.75 35.17 -8.25
N ILE V 60 -17.33 35.08 -9.51
CA ILE V 60 -17.08 36.23 -10.35
C ILE V 60 -17.92 36.06 -11.61
N VAL V 61 -18.76 37.05 -11.91
CA VAL V 61 -19.61 37.04 -13.08
C VAL V 61 -19.15 38.14 -14.03
N ALA V 62 -19.28 37.88 -15.32
CA ALA V 62 -19.01 38.88 -16.35
C ALA V 62 -20.10 38.78 -17.39
N LEU V 63 -20.54 39.92 -17.91
CA LEU V 63 -21.56 39.88 -18.96
C LEU V 63 -21.40 41.06 -19.91
N LYS V 64 -21.70 40.79 -21.18
CA LYS V 64 -21.65 41.80 -22.23
C LYS V 64 -22.98 42.53 -22.31
N TYR V 65 -22.91 43.84 -22.55
CA TYR V 65 -24.09 44.65 -22.79
C TYR V 65 -23.80 45.52 -24.01
N PRO V 66 -24.86 46.03 -24.67
CA PRO V 66 -24.61 46.88 -25.84
C PRO V 66 -23.67 48.04 -25.52
N GLY V 67 -22.47 47.98 -26.09
CA GLY V 67 -21.48 49.01 -25.89
C GLY V 67 -20.39 48.72 -24.88
N GLY V 68 -20.35 47.53 -24.30
CA GLY V 68 -19.29 47.22 -23.37
C GLY V 68 -19.53 45.94 -22.60
N VAL V 69 -18.83 45.84 -21.47
CA VAL V 69 -18.85 44.64 -20.64
C VAL V 69 -18.80 45.06 -19.17
N VAL V 70 -19.34 44.22 -18.31
CA VAL V 70 -19.31 44.47 -16.87
C VAL V 70 -18.82 43.20 -16.18
N MET V 71 -18.18 43.38 -15.03
CA MET V 71 -17.55 42.28 -14.32
C MET V 71 -17.68 42.52 -12.82
N ALA V 72 -18.42 41.66 -12.13
CA ALA V 72 -18.65 41.80 -10.71
C ALA V 72 -18.16 40.58 -9.96
N GLY V 73 -17.84 40.79 -8.68
CA GLY V 73 -17.36 39.72 -7.82
C GLY V 73 -17.77 39.95 -6.39
N ASP V 74 -17.85 38.84 -5.64
CA ASP V 74 -18.24 38.88 -4.24
C ASP V 74 -17.01 39.14 -3.36
N ARG V 75 -17.23 39.22 -2.05
CA ARG V 75 -16.20 39.66 -1.12
C ARG V 75 -15.79 38.63 -0.07
N ARG V 76 -16.50 37.50 0.03
CA ARG V 76 -16.23 36.55 1.10
C ARG V 76 -15.04 35.67 0.80
N SER V 77 -14.26 35.36 1.83
CA SER V 77 -13.19 34.38 1.75
C SER V 77 -13.28 33.45 2.96
N THR V 78 -13.35 32.15 2.70
CA THR V 78 -13.44 31.14 3.75
C THR V 78 -12.26 30.18 3.65
N GLN V 79 -11.82 29.68 4.80
CA GLN V 79 -10.85 28.59 4.87
C GLN V 79 -11.56 27.40 5.52
N GLY V 80 -11.99 26.46 4.70
CA GLY V 80 -12.88 25.42 5.17
C GLY V 80 -14.30 25.94 5.28
N ASN V 81 -14.79 26.07 6.51
CA ASN V 81 -16.08 26.69 6.77
C ASN V 81 -15.97 28.05 7.45
N MET V 82 -14.81 28.38 8.01
CA MET V 82 -14.64 29.62 8.75
C MET V 82 -14.49 30.79 7.79
N ILE V 83 -15.26 31.85 8.02
CA ILE V 83 -15.19 33.05 7.21
C ILE V 83 -13.95 33.84 7.62
N SER V 84 -12.93 33.83 6.76
CA SER V 84 -11.66 34.49 7.08
C SER V 84 -11.56 35.91 6.52
N GLY V 85 -12.38 36.25 5.52
CA GLY V 85 -12.35 37.59 4.95
C GLY V 85 -13.71 38.06 4.52
N ARG V 86 -14.00 39.35 4.72
CA ARG V 86 -15.30 39.91 4.41
C ARG V 86 -15.27 41.04 3.40
N ASP V 87 -14.08 41.47 2.95
CA ASP V 87 -13.99 42.60 2.03
C ASP V 87 -12.95 42.35 0.95
N VAL V 88 -12.75 41.10 0.57
CA VAL V 88 -11.80 40.77 -0.49
C VAL V 88 -12.24 41.42 -1.79
N ARG V 89 -11.25 41.80 -2.61
CA ARG V 89 -11.50 42.31 -3.96
C ARG V 89 -10.95 41.31 -4.95
N LYS V 90 -11.80 40.86 -5.87
CA LYS V 90 -11.43 39.80 -6.80
C LYS V 90 -11.45 40.24 -8.25
N VAL V 91 -12.02 41.41 -8.57
CA VAL V 91 -12.00 41.96 -9.91
C VAL V 91 -10.93 43.04 -9.95
N TYR V 92 -9.94 42.84 -10.82
CA TYR V 92 -8.84 43.78 -10.97
C TYR V 92 -8.91 44.41 -12.35
N ILE V 93 -8.74 45.73 -12.41
CA ILE V 93 -8.55 46.40 -13.70
C ILE V 93 -7.13 46.09 -14.14
N THR V 94 -6.98 45.10 -15.02
CA THR V 94 -5.65 44.72 -15.47
C THR V 94 -5.03 45.82 -16.32
N ASP V 95 -5.78 46.33 -17.29
CA ASP V 95 -5.32 47.49 -18.04
C ASP V 95 -6.54 48.30 -18.45
N ASP V 96 -6.29 49.37 -19.20
CA ASP V 96 -7.30 50.39 -19.46
C ASP V 96 -8.56 49.81 -20.08
N TYR V 97 -8.45 48.67 -20.76
CA TYR V 97 -9.61 48.05 -21.40
C TYR V 97 -9.78 46.58 -21.02
N THR V 98 -9.07 46.09 -20.01
CA THR V 98 -9.29 44.72 -19.57
C THR V 98 -9.35 44.65 -18.05
N ALA V 99 -10.35 43.92 -17.58
CA ALA V 99 -10.48 43.51 -16.19
C ALA V 99 -10.28 42.01 -16.10
N THR V 100 -9.62 41.56 -15.05
CA THR V 100 -9.43 40.13 -14.81
C THR V 100 -9.97 39.79 -13.43
N GLY V 101 -10.46 38.57 -13.30
CA GLY V 101 -10.96 38.12 -12.02
C GLY V 101 -10.63 36.67 -11.79
N ILE V 102 -9.93 36.37 -10.70
CA ILE V 102 -9.45 35.03 -10.44
C ILE V 102 -10.25 34.45 -9.29
N ALA V 103 -10.75 33.23 -9.47
CA ALA V 103 -11.40 32.45 -8.44
C ALA V 103 -10.45 31.35 -7.97
N GLY V 104 -10.73 30.83 -6.78
CA GLY V 104 -9.90 29.78 -6.23
C GLY V 104 -9.12 30.23 -5.02
N THR V 105 -7.88 29.80 -4.90
CA THR V 105 -7.03 30.21 -3.78
C THR V 105 -6.79 31.71 -3.84
N ALA V 106 -7.04 32.40 -2.72
CA ALA V 106 -6.95 33.85 -2.70
C ALA V 106 -5.53 34.34 -2.95
N ALA V 107 -4.54 33.68 -2.34
CA ALA V 107 -3.15 34.08 -2.54
C ALA V 107 -2.75 33.95 -4.01
N VAL V 108 -3.09 32.81 -4.62
CA VAL V 108 -2.76 32.60 -6.03
C VAL V 108 -3.50 33.60 -6.90
N ALA V 109 -4.75 33.92 -6.54
CA ALA V 109 -5.51 34.89 -7.31
C ALA V 109 -4.82 36.25 -7.32
N VAL V 110 -4.40 36.72 -6.14
CA VAL V 110 -3.75 38.02 -6.06
C VAL V 110 -2.44 38.03 -6.83
N GLU V 111 -1.62 36.98 -6.64
CA GLU V 111 -0.33 36.98 -7.32
C GLU V 111 -0.48 36.83 -8.83
N PHE V 112 -1.50 36.11 -9.29
CA PHE V 112 -1.74 36.01 -10.72
C PHE V 112 -2.19 37.34 -11.31
N ALA V 113 -3.07 38.05 -10.61
CA ALA V 113 -3.47 39.37 -11.09
C ALA V 113 -2.26 40.29 -11.19
N ARG V 114 -1.39 40.27 -10.18
CA ARG V 114 -0.20 41.12 -10.20
C ARG V 114 0.73 40.74 -11.36
N LEU V 115 0.97 39.44 -11.54
CA LEU V 115 1.84 38.98 -12.63
C LEU V 115 1.28 39.38 -13.99
N TYR V 116 -0.04 39.20 -14.18
CA TYR V 116 -0.65 39.52 -15.46
C TYR V 116 -0.57 41.01 -15.77
N ALA V 117 -0.87 41.86 -14.78
CA ALA V 117 -0.77 43.29 -15.01
C ALA V 117 0.66 43.70 -15.33
N VAL V 118 1.63 43.14 -14.59
CA VAL V 118 3.03 43.48 -14.83
C VAL V 118 3.44 43.04 -16.23
N GLU V 119 3.00 41.86 -16.67
CA GLU V 119 3.37 41.35 -17.98
C GLU V 119 2.81 42.24 -19.10
N LEU V 120 1.53 42.62 -18.99
CA LEU V 120 0.94 43.45 -20.03
C LEU V 120 1.61 44.82 -20.10
N GLU V 121 1.83 45.45 -18.94
CA GLU V 121 2.49 46.75 -18.96
C GLU V 121 3.93 46.64 -19.42
N HIS V 122 4.60 45.53 -19.09
CA HIS V 122 5.97 45.31 -19.52
C HIS V 122 6.06 45.22 -21.03
N TYR V 123 5.14 44.48 -21.65
CA TYR V 123 5.13 44.42 -23.11
C TYR V 123 4.83 45.79 -23.72
N GLU V 124 3.86 46.51 -23.15
CA GLU V 124 3.51 47.81 -23.72
C GLU V 124 4.68 48.78 -23.65
N LYS V 125 5.41 48.77 -22.54
CA LYS V 125 6.58 49.65 -22.42
C LYS V 125 7.70 49.21 -23.35
N LEU V 126 7.96 47.92 -23.44
CA LEU V 126 9.07 47.43 -24.26
C LEU V 126 8.83 47.72 -25.74
N GLU V 127 7.66 47.34 -26.25
CA GLU V 127 7.39 47.42 -27.68
C GLU V 127 6.63 48.67 -28.09
N GLY V 128 6.39 49.60 -27.16
CA GLY V 128 5.75 50.86 -27.48
C GLY V 128 4.28 50.77 -27.86
N VAL V 129 3.76 49.57 -28.12
CA VAL V 129 2.36 49.38 -28.50
C VAL V 129 1.78 48.31 -27.60
N PRO V 130 0.52 48.42 -27.17
CA PRO V 130 -0.06 47.36 -26.33
C PRO V 130 -0.32 46.08 -27.12
N LEU V 131 -0.43 44.99 -26.38
CA LEU V 131 -0.77 43.71 -26.97
C LEU V 131 -2.17 43.73 -27.56
N THR V 132 -2.35 42.98 -28.64
CA THR V 132 -3.69 42.71 -29.12
C THR V 132 -4.44 41.84 -28.12
N PHE V 133 -5.77 41.81 -28.24
CA PHE V 133 -6.57 41.05 -27.30
C PHE V 133 -6.23 39.57 -27.35
N ALA V 134 -5.93 39.04 -28.54
CA ALA V 134 -5.52 37.65 -28.66
C ALA V 134 -4.20 37.40 -27.92
N GLY V 135 -3.28 38.36 -27.99
CA GLY V 135 -2.04 38.23 -27.23
C GLY V 135 -2.26 38.19 -25.73
N LYS V 136 -3.17 39.05 -25.23
CA LYS V 136 -3.49 39.03 -23.81
C LYS V 136 -4.10 37.69 -23.40
N ILE V 137 -5.03 37.18 -24.22
CA ILE V 137 -5.62 35.88 -23.93
C ILE V 137 -4.55 34.81 -23.89
N ASN V 138 -3.60 34.86 -24.83
CA ASN V 138 -2.55 33.84 -24.87
C ASN V 138 -1.65 33.91 -23.64
N ARG V 139 -1.28 35.13 -23.21
CA ARG V 139 -0.44 35.25 -22.02
C ARG V 139 -1.15 34.71 -20.79
N LEU V 140 -2.45 35.03 -20.64
CA LEU V 140 -3.20 34.49 -19.51
C LEU V 140 -3.30 32.97 -19.57
N ALA V 141 -3.55 32.41 -20.76
CA ALA V 141 -3.65 30.97 -20.90
C ALA V 141 -2.33 30.29 -20.58
N ILE V 142 -1.22 30.90 -20.98
CA ILE V 142 0.10 30.33 -20.67
C ILE V 142 0.35 30.38 -19.18
N MET V 143 -0.05 31.46 -18.52
CA MET V 143 0.09 31.53 -17.06
C MET V 143 -0.71 30.43 -16.38
N VAL V 144 -1.93 30.18 -16.84
CA VAL V 144 -2.77 29.13 -16.26
C VAL V 144 -2.14 27.75 -16.49
N ARG V 145 -1.67 27.51 -17.72
CA ARG V 145 -1.04 26.21 -18.02
C ARG V 145 0.19 25.99 -17.15
N GLY V 146 1.01 27.02 -16.98
CA GLY V 146 2.15 26.90 -16.10
C GLY V 146 1.76 26.64 -14.65
N ASN V 147 0.64 27.21 -14.22
CA ASN V 147 0.17 26.97 -12.86
C ASN V 147 -0.40 25.57 -12.65
N LEU V 148 -0.86 24.93 -13.74
CA LEU V 148 -1.52 23.61 -13.64
C LEU V 148 -0.89 22.69 -12.59
N ALA V 149 0.44 22.58 -12.59
CA ALA V 149 1.11 21.65 -11.68
C ALA V 149 0.86 22.00 -10.22
N ALA V 150 1.02 23.28 -9.87
CA ALA V 150 0.71 23.71 -8.50
C ALA V 150 -0.78 23.67 -8.22
N ALA V 151 -1.60 23.81 -9.27
CA ALA V 151 -3.04 23.74 -9.11
C ALA V 151 -3.48 22.35 -8.66
N MET V 152 -2.78 21.31 -9.12
CA MET V 152 -3.02 19.98 -8.57
C MET V 152 -2.67 19.90 -7.08
N GLN V 153 -1.85 20.81 -6.58
CA GLN V 153 -1.41 20.82 -5.19
C GLN V 153 -2.27 21.72 -4.31
N GLY V 154 -3.42 22.16 -4.80
CA GLY V 154 -4.34 22.98 -4.03
C GLY V 154 -4.23 24.47 -4.26
N LEU V 155 -3.24 24.92 -5.02
CA LEU V 155 -3.07 26.35 -5.31
C LEU V 155 -3.72 26.68 -6.66
N LEU V 156 -5.02 26.40 -6.72
CA LEU V 156 -5.77 26.58 -7.96
C LEU V 156 -6.07 28.06 -8.21
N ALA V 157 -6.07 28.44 -9.49
CA ALA V 157 -6.50 29.77 -9.92
C ALA V 157 -7.28 29.63 -11.21
N LEU V 158 -8.53 30.09 -11.20
CA LEU V 158 -9.42 30.05 -12.36
C LEU V 158 -9.69 31.47 -12.81
N PRO V 159 -9.09 31.95 -13.89
CA PRO V 159 -9.31 33.33 -14.31
C PRO V 159 -10.54 33.47 -15.20
N LEU V 160 -11.05 34.70 -15.23
CA LEU V 160 -12.10 35.11 -16.14
C LEU V 160 -11.70 36.49 -16.64
N LEU V 161 -11.70 36.68 -17.95
CA LEU V 161 -11.17 37.90 -18.55
C LEU V 161 -12.31 38.65 -19.23
N ALA V 162 -12.41 39.94 -18.95
CA ALA V 162 -13.37 40.81 -19.61
C ALA V 162 -12.61 41.93 -20.28
N GLY V 163 -13.00 42.26 -21.51
CA GLY V 163 -12.26 43.26 -22.26
C GLY V 163 -13.14 44.02 -23.22
N TYR V 164 -12.59 45.13 -23.71
CA TYR V 164 -13.19 45.89 -24.79
C TYR V 164 -12.19 45.89 -25.94
N ASP V 165 -12.58 45.32 -27.07
CA ASP V 165 -11.70 45.22 -28.22
C ASP V 165 -11.73 46.56 -28.95
N ILE V 166 -10.70 47.38 -28.71
CA ILE V 166 -10.67 48.72 -29.27
C ILE V 166 -10.40 48.69 -30.77
N HIS V 167 -9.89 47.58 -31.30
CA HIS V 167 -9.67 47.43 -32.73
C HIS V 167 -10.82 46.71 -33.43
N ALA V 168 -11.88 46.36 -32.70
CA ALA V 168 -13.01 45.69 -33.32
C ALA V 168 -13.76 46.63 -34.26
N SER V 169 -14.33 46.04 -35.32
CA SER V 169 -15.02 46.84 -36.33
C SER V 169 -16.29 47.48 -35.77
N ASP V 170 -17.06 46.74 -34.98
CA ASP V 170 -18.33 47.24 -34.46
C ASP V 170 -18.22 47.51 -32.97
N PRO V 171 -18.05 48.77 -32.55
CA PRO V 171 -17.85 49.05 -31.11
C PRO V 171 -19.03 48.68 -30.24
N GLN V 172 -20.24 48.60 -30.79
CA GLN V 172 -21.38 48.18 -30.00
C GLN V 172 -21.28 46.71 -29.60
N SER V 173 -20.48 45.93 -30.31
CA SER V 173 -20.26 44.51 -30.02
C SER V 173 -18.79 44.23 -29.70
N ALA V 174 -18.08 45.24 -29.18
CA ALA V 174 -16.66 45.11 -28.93
C ALA V 174 -16.32 44.45 -27.60
N GLY V 175 -17.31 44.24 -26.74
CA GLY V 175 -17.04 43.58 -25.46
C GLY V 175 -16.74 42.11 -25.66
N ARG V 176 -15.76 41.62 -24.92
CA ARG V 176 -15.33 40.23 -25.00
C ARG V 176 -15.29 39.63 -23.60
N ILE V 177 -15.75 38.39 -23.50
CA ILE V 177 -15.64 37.59 -22.29
C ILE V 177 -14.88 36.33 -22.63
N VAL V 178 -13.82 36.06 -21.90
CA VAL V 178 -12.96 34.90 -22.14
C VAL V 178 -12.95 34.06 -20.88
N SER V 179 -13.25 32.77 -21.04
CA SER V 179 -13.21 31.80 -19.95
C SER V 179 -12.04 30.83 -20.19
N PHE V 180 -11.51 30.32 -19.09
CA PHE V 180 -10.38 29.39 -19.14
C PHE V 180 -10.74 28.14 -18.37
N ASP V 181 -10.35 26.99 -18.91
CA ASP V 181 -10.51 25.74 -18.17
C ASP V 181 -9.21 25.43 -17.43
N ALA V 182 -9.25 24.34 -16.65
CA ALA V 182 -8.12 24.01 -15.80
C ALA V 182 -6.87 23.65 -16.61
N ALA V 183 -7.06 23.06 -17.78
CA ALA V 183 -5.94 22.63 -18.61
C ALA V 183 -5.24 23.78 -19.30
N GLY V 184 -5.77 25.00 -19.22
CA GLY V 184 -5.16 26.15 -19.84
C GLY V 184 -5.79 26.61 -21.14
N GLY V 185 -6.84 25.93 -21.60
CA GLY V 185 -7.52 26.37 -22.79
C GLY V 185 -8.45 27.54 -22.53
N TRP V 186 -8.74 28.28 -23.59
CA TRP V 186 -9.55 29.48 -23.47
C TRP V 186 -10.65 29.46 -24.52
N ASN V 187 -11.77 30.09 -24.18
CA ASN V 187 -12.91 30.19 -25.06
C ASN V 187 -13.52 31.57 -24.95
N ILE V 188 -13.86 32.16 -26.09
CA ILE V 188 -14.52 33.46 -26.13
C ILE V 188 -16.02 33.21 -26.13
N GLU V 189 -16.69 33.63 -25.07
CA GLU V 189 -18.09 33.29 -24.88
C GLU V 189 -18.98 34.15 -25.79
N GLU V 190 -19.83 33.49 -26.57
CA GLU V 190 -20.80 34.18 -27.41
C GLU V 190 -22.17 34.28 -26.77
N GLU V 191 -22.44 33.54 -25.69
CA GLU V 191 -23.71 33.65 -25.00
C GLU V 191 -23.89 34.99 -24.29
N GLY V 192 -22.81 35.74 -24.09
CA GLY V 192 -22.87 37.07 -23.53
C GLY V 192 -22.58 37.15 -22.04
N TYR V 193 -22.44 36.02 -21.36
CA TYR V 193 -22.14 36.03 -19.93
C TYR V 193 -21.31 34.81 -19.59
N GLN V 194 -20.63 34.89 -18.46
CA GLN V 194 -19.79 33.81 -17.97
C GLN V 194 -19.61 33.99 -16.48
N ALA V 195 -19.21 32.91 -15.81
CA ALA V 195 -18.99 32.95 -14.38
C ALA V 195 -17.90 31.95 -14.01
N VAL V 196 -17.12 32.30 -12.99
CA VAL V 196 -16.14 31.40 -12.40
C VAL V 196 -16.35 31.42 -10.88
N GLY V 197 -15.85 30.37 -10.24
CA GLY V 197 -15.95 30.25 -8.81
C GLY V 197 -16.86 29.09 -8.40
N SER V 198 -16.92 28.90 -7.08
CA SER V 198 -17.71 27.78 -6.54
C SER V 198 -19.20 27.98 -6.74
N GLY V 199 -19.66 29.22 -6.83
CA GLY V 199 -21.07 29.49 -7.07
C GLY V 199 -21.37 29.82 -8.51
N SER V 200 -20.46 29.44 -9.42
CA SER V 200 -20.59 29.85 -10.81
C SER V 200 -21.79 29.21 -11.50
N LEU V 201 -22.20 28.02 -11.07
CA LEU V 201 -23.33 27.36 -11.71
C LEU V 201 -24.64 28.10 -11.43
N PHE V 202 -24.87 28.46 -10.17
CA PHE V 202 -26.09 29.19 -9.83
C PHE V 202 -26.11 30.57 -10.48
N ALA V 203 -24.96 31.24 -10.51
CA ALA V 203 -24.87 32.54 -11.16
C ALA V 203 -25.15 32.44 -12.65
N LYS V 204 -24.59 31.42 -13.32
CA LYS V 204 -24.83 31.24 -14.74
C LYS V 204 -26.30 30.92 -15.02
N SER V 205 -26.91 30.09 -14.18
CA SER V 205 -28.30 29.72 -14.42
C SER V 205 -29.24 30.87 -14.09
N SER V 206 -28.81 31.81 -13.23
CA SER V 206 -29.59 33.03 -13.02
C SER V 206 -29.44 33.98 -14.19
N MET V 207 -28.23 34.13 -14.72
CA MET V 207 -28.02 35.02 -15.85
C MET V 207 -28.70 34.50 -17.11
N LYS V 208 -28.79 33.18 -17.27
CA LYS V 208 -29.51 32.63 -18.41
C LYS V 208 -30.94 33.12 -18.46
N LYS V 209 -31.54 33.38 -17.29
CA LYS V 209 -32.96 33.81 -17.24
C LYS V 209 -33.08 35.35 -17.19
N LEU V 210 -32.01 36.06 -16.85
CA LEU V 210 -32.11 37.54 -16.68
C LEU V 210 -31.34 38.29 -17.78
N TYR V 211 -30.71 37.58 -18.73
CA TYR V 211 -29.88 38.25 -19.75
C TYR V 211 -30.78 39.06 -20.71
N SER V 212 -32.05 38.67 -20.84
CA SER V 212 -33.01 39.42 -21.70
C SER V 212 -33.13 40.87 -21.22
N GLN V 213 -33.10 41.08 -19.89
CA GLN V 213 -33.24 42.45 -19.32
C GLN V 213 -32.05 43.33 -19.73
N VAL V 214 -30.85 42.76 -19.82
CA VAL V 214 -29.62 43.55 -20.14
C VAL V 214 -29.85 44.37 -21.41
N THR V 215 -29.83 45.70 -21.31
CA THR V 215 -30.02 46.59 -22.48
C THR V 215 -28.97 47.70 -22.48
N ASP V 216 -28.44 48.06 -21.30
CA ASP V 216 -27.43 49.13 -21.19
C ASP V 216 -26.45 48.78 -20.06
N GLY V 217 -25.59 49.74 -19.66
CA GLY V 217 -24.63 49.47 -18.60
C GLY V 217 -25.31 49.24 -17.25
N ASP V 218 -26.33 50.03 -16.95
CA ASP V 218 -26.97 49.93 -15.61
C ASP V 218 -27.79 48.63 -15.52
N SER V 219 -28.51 48.28 -16.59
CA SER V 219 -29.27 47.01 -16.61
C SER V 219 -28.30 45.83 -16.46
N GLY V 220 -27.18 45.86 -17.19
CA GLY V 220 -26.17 44.80 -17.07
C GLY V 220 -25.62 44.70 -15.66
N LEU V 221 -25.32 45.84 -15.04
CA LEU V 221 -24.78 45.87 -13.65
C LEU V 221 -25.82 45.26 -12.70
N ARG V 222 -27.11 45.62 -12.86
CA ARG V 222 -28.18 45.08 -11.99
C ARG V 222 -28.23 43.56 -12.12
N VAL V 223 -28.18 43.03 -13.35
CA VAL V 223 -28.24 41.57 -13.57
C VAL V 223 -27.00 40.91 -12.95
N ALA V 224 -25.83 41.56 -13.06
CA ALA V 224 -24.58 41.02 -12.48
C ALA V 224 -24.71 40.89 -10.96
N VAL V 225 -25.22 41.94 -10.29
CA VAL V 225 -25.39 41.91 -8.81
C VAL V 225 -26.44 40.86 -8.45
N GLU V 226 -27.52 40.76 -9.23
CA GLU V 226 -28.60 39.77 -8.96
C GLU V 226 -28.04 38.35 -9.15
N ALA V 227 -27.19 38.14 -10.16
CA ALA V 227 -26.54 36.83 -10.36
C ALA V 227 -25.68 36.50 -9.15
N LEU V 228 -24.91 37.47 -8.66
CA LEU V 228 -24.10 37.24 -7.48
C LEU V 228 -24.97 36.97 -6.26
N TYR V 229 -26.11 37.65 -6.16
CA TYR V 229 -27.04 37.41 -5.07
C TYR V 229 -27.57 35.99 -5.09
N ASP V 230 -27.92 35.49 -6.29
CA ASP V 230 -28.39 34.11 -6.40
C ASP V 230 -27.29 33.12 -6.05
N ALA V 231 -26.06 33.37 -6.52
CA ALA V 231 -24.95 32.50 -6.19
C ALA V 231 -24.73 32.44 -4.69
N ALA V 232 -24.76 33.58 -4.01
CA ALA V 232 -24.60 33.60 -2.57
C ALA V 232 -25.81 32.99 -1.85
N ASP V 233 -26.98 33.06 -2.47
CA ASP V 233 -28.18 32.48 -1.89
C ASP V 233 -28.12 30.95 -1.92
N ASP V 234 -27.50 30.39 -2.94
CA ASP V 234 -27.40 28.93 -3.06
C ASP V 234 -26.09 28.36 -2.54
N ASP V 235 -25.08 29.18 -2.32
CA ASP V 235 -23.73 28.73 -1.99
C ASP V 235 -23.23 29.46 -0.75
N SER V 236 -22.63 28.71 0.17
CA SER V 236 -22.16 29.29 1.43
C SER V 236 -20.73 29.83 1.36
N ALA V 237 -20.02 29.59 0.26
CA ALA V 237 -18.69 30.16 0.08
C ALA V 237 -18.71 31.51 -0.62
N THR V 238 -19.86 31.93 -1.13
CA THR V 238 -20.03 33.23 -1.76
C THR V 238 -20.82 34.12 -0.82
N GLY V 239 -20.36 35.35 -0.65
CA GLY V 239 -20.98 36.27 0.30
C GLY V 239 -22.09 37.08 -0.34
N GLY V 240 -23.24 37.13 0.34
CA GLY V 240 -24.30 38.03 -0.05
C GLY V 240 -24.02 39.44 0.39
N PRO V 241 -24.88 40.36 -0.06
CA PRO V 241 -24.70 41.77 0.33
C PRO V 241 -24.87 41.95 1.83
N ASP V 242 -23.83 42.48 2.46
CA ASP V 242 -23.82 42.68 3.91
C ASP V 242 -24.43 44.04 4.21
N LEU V 243 -25.74 44.05 4.46
CA LEU V 243 -26.41 45.29 4.83
C LEU V 243 -26.01 45.75 6.23
N VAL V 244 -25.48 44.85 7.05
CA VAL V 244 -25.08 45.22 8.41
C VAL V 244 -23.74 45.95 8.40
N ARG V 245 -22.75 45.39 7.71
CA ARG V 245 -21.44 46.02 7.62
C ARG V 245 -21.32 47.00 6.46
N GLY V 246 -22.30 47.03 5.56
CA GLY V 246 -22.19 47.86 4.37
C GLY V 246 -21.13 47.39 3.38
N ILE V 247 -21.01 46.08 3.19
CA ILE V 247 -20.06 45.50 2.24
C ILE V 247 -20.86 44.89 1.09
N PHE V 248 -20.53 45.27 -0.12
CA PHE V 248 -21.25 44.91 -1.32
C PHE V 248 -20.29 44.39 -2.38
N PRO V 249 -20.78 43.67 -3.38
CA PRO V 249 -19.90 43.17 -4.43
C PRO V 249 -19.18 44.30 -5.15
N THR V 250 -17.96 44.02 -5.60
CA THR V 250 -17.21 44.97 -6.39
C THR V 250 -17.49 44.75 -7.87
N ALA V 251 -17.45 45.84 -8.63
CA ALA V 251 -17.76 45.75 -10.05
C ALA V 251 -16.85 46.67 -10.85
N VAL V 252 -16.60 46.28 -12.08
CA VAL V 252 -15.82 47.06 -13.04
C VAL V 252 -16.62 47.11 -14.35
N ILE V 253 -16.72 48.30 -14.93
CA ILE V 253 -17.43 48.49 -16.20
C ILE V 253 -16.43 48.96 -17.24
N ILE V 254 -16.39 48.27 -18.38
CA ILE V 254 -15.49 48.60 -19.47
C ILE V 254 -16.33 48.98 -20.68
N ASP V 255 -16.04 50.16 -21.24
CA ASP V 255 -16.66 50.61 -22.48
C ASP V 255 -15.59 51.29 -23.31
N ALA V 256 -16.02 52.03 -24.33
CA ALA V 256 -15.07 52.72 -25.21
C ALA V 256 -14.17 53.65 -24.43
N ASP V 257 -14.65 54.23 -23.33
CA ASP V 257 -13.87 55.16 -22.53
C ASP V 257 -12.88 54.45 -21.61
N GLY V 258 -12.98 53.13 -21.45
CA GLY V 258 -12.03 52.40 -20.65
C GLY V 258 -12.72 51.58 -19.58
N ALA V 259 -11.93 51.13 -18.62
CA ALA V 259 -12.40 50.30 -17.51
C ALA V 259 -12.39 51.13 -16.24
N VAL V 260 -13.55 51.27 -15.61
CA VAL V 260 -13.70 52.08 -14.41
C VAL V 260 -14.31 51.22 -13.29
N ASP V 261 -13.82 51.43 -12.07
CA ASP V 261 -14.43 50.83 -10.90
C ASP V 261 -15.79 51.47 -10.63
N VAL V 262 -16.79 50.63 -10.40
CA VAL V 262 -18.11 51.16 -10.09
C VAL V 262 -18.13 51.67 -8.65
N PRO V 263 -18.63 52.88 -8.39
CA PRO V 263 -18.69 53.37 -7.01
C PRO V 263 -19.58 52.50 -6.15
N GLU V 264 -19.20 52.38 -4.87
CA GLU V 264 -19.88 51.46 -3.96
C GLU V 264 -21.34 51.84 -3.75
N SER V 265 -21.66 53.14 -3.83
CA SER V 265 -23.03 53.58 -3.55
C SER V 265 -24.02 53.02 -4.56
N ARG V 266 -23.65 53.01 -5.84
CA ARG V 266 -24.56 52.51 -6.88
C ARG V 266 -24.85 51.03 -6.70
N ILE V 267 -23.82 50.24 -6.40
CA ILE V 267 -24.02 48.83 -6.14
C ILE V 267 -24.84 48.63 -4.88
N ALA V 268 -24.66 49.50 -3.88
CA ALA V 268 -25.47 49.41 -2.67
C ALA V 268 -26.95 49.63 -2.99
N GLU V 269 -27.25 50.63 -3.82
CA GLU V 269 -28.64 50.86 -4.22
C GLU V 269 -29.20 49.66 -4.97
N LEU V 270 -28.42 49.11 -5.91
CA LEU V 270 -28.88 47.95 -6.67
C LEU V 270 -29.16 46.76 -5.75
N ALA V 271 -28.24 46.50 -4.81
CA ALA V 271 -28.40 45.36 -3.91
C ALA V 271 -29.61 45.54 -3.00
N ARG V 272 -29.82 46.74 -2.49
CA ARG V 272 -30.99 46.98 -1.65
C ARG V 272 -32.28 46.83 -2.44
N ALA V 273 -32.29 47.29 -3.70
CA ALA V 273 -33.46 47.11 -4.54
C ALA V 273 -33.74 45.62 -4.78
N ILE V 274 -32.69 44.83 -5.02
CA ILE V 274 -32.86 43.40 -5.22
C ILE V 274 -33.42 42.74 -3.95
N ILE V 275 -32.87 43.11 -2.79
CA ILE V 275 -33.32 42.52 -1.53
C ILE V 275 -34.78 42.88 -1.28
N GLU V 276 -35.16 44.13 -1.52
CA GLU V 276 -36.56 44.51 -1.39
C GLU V 276 -37.44 43.74 -2.35
N SER V 277 -36.95 43.51 -3.57
CA SER V 277 -37.73 42.78 -4.57
C SER V 277 -38.00 41.35 -4.12
N ARG V 278 -37.02 40.71 -3.50
CA ARG V 278 -37.19 39.32 -3.10
C ARG V 278 -37.77 39.15 -1.70
N SER V 279 -38.09 40.23 -1.01
CA SER V 279 -38.68 40.13 0.32
C SER V 279 -40.19 39.86 0.22
N THR W 58 0.22 28.84 21.98
CA THR W 58 0.74 30.11 21.47
C THR W 58 -0.38 30.99 20.92
N THR W 59 -0.33 32.27 21.25
CA THR W 59 -1.30 33.22 20.73
C THR W 59 -0.67 34.60 20.69
N ILE W 60 -0.76 35.25 19.54
CA ILE W 60 -0.32 36.62 19.37
C ILE W 60 -1.51 37.43 18.89
N VAL W 61 -1.86 38.46 19.63
CA VAL W 61 -2.97 39.35 19.28
C VAL W 61 -2.39 40.68 18.84
N ALA W 62 -3.12 41.38 17.99
CA ALA W 62 -2.77 42.72 17.56
C ALA W 62 -4.05 43.51 17.39
N LEU W 63 -4.04 44.76 17.82
CA LEU W 63 -5.24 45.57 17.67
C LEU W 63 -4.87 47.03 17.48
N LYS W 64 -5.71 47.72 16.73
CA LYS W 64 -5.54 49.13 16.42
C LYS W 64 -6.32 49.98 17.40
N TYR W 65 -5.71 51.08 17.82
CA TYR W 65 -6.38 52.09 18.62
C TYR W 65 -6.11 53.44 17.98
N PRO W 66 -6.96 54.44 18.24
CA PRO W 66 -6.71 55.76 17.66
C PRO W 66 -5.33 56.29 17.98
N GLY W 67 -4.47 56.38 16.96
CA GLY W 67 -3.12 56.83 17.14
C GLY W 67 -2.05 55.77 17.19
N GLY W 68 -2.38 54.51 16.93
CA GLY W 68 -1.34 53.50 16.86
C GLY W 68 -1.91 52.09 16.91
N VAL W 69 -0.99 51.16 17.15
CA VAL W 69 -1.29 49.73 17.17
C VAL W 69 -0.57 49.10 18.36
N VAL W 70 -1.09 47.97 18.83
CA VAL W 70 -0.47 47.23 19.92
C VAL W 70 -0.50 45.74 19.60
N MET W 71 0.65 45.09 19.78
CA MET W 71 0.80 43.66 19.51
C MET W 71 1.32 42.98 20.77
N ALA W 72 0.61 41.95 21.23
CA ALA W 72 0.99 41.25 22.45
C ALA W 72 1.02 39.75 22.19
N GLY W 73 1.81 39.05 22.99
CA GLY W 73 1.95 37.61 22.84
C GLY W 73 2.22 36.94 24.16
N ASP W 74 1.85 35.67 24.24
CA ASP W 74 2.06 34.85 25.43
C ASP W 74 3.51 34.36 25.47
N ARG W 75 3.83 33.56 26.48
CA ARG W 75 5.21 33.19 26.75
C ARG W 75 5.47 31.68 26.77
N ARG W 76 4.45 30.85 26.61
CA ARG W 76 4.61 29.40 26.77
C ARG W 76 5.06 28.75 25.46
N SER W 77 5.93 27.76 25.58
CA SER W 77 6.30 26.90 24.47
C SER W 77 6.17 25.45 24.92
N THR W 78 5.39 24.66 24.17
CA THR W 78 5.12 23.27 24.50
C THR W 78 5.66 22.35 23.42
N GLN W 79 6.10 21.16 23.84
CA GLN W 79 6.49 20.08 22.93
C GLN W 79 5.50 18.95 23.15
N GLY W 80 4.40 18.99 22.41
CA GLY W 80 3.29 18.10 22.68
C GLY W 80 2.50 18.58 23.87
N ASN W 81 2.46 17.77 24.94
CA ASN W 81 1.81 18.16 26.17
C ASN W 81 2.78 18.68 27.21
N MET W 82 4.08 18.54 27.00
CA MET W 82 5.09 18.93 27.98
C MET W 82 5.46 20.39 27.78
N ILE W 83 5.36 21.17 28.85
CA ILE W 83 5.73 22.59 28.81
C ILE W 83 7.25 22.67 28.85
N SER W 84 7.85 23.10 27.75
CA SER W 84 9.30 23.27 27.69
C SER W 84 9.73 24.67 28.11
N GLY W 85 9.10 25.70 27.56
CA GLY W 85 9.50 27.06 27.83
C GLY W 85 8.38 27.84 28.49
N ARG W 86 8.78 28.74 29.40
CA ARG W 86 7.84 29.58 30.12
C ARG W 86 8.04 31.07 29.90
N ASP W 87 9.08 31.48 29.18
CA ASP W 87 9.39 32.89 28.99
C ASP W 87 9.83 33.17 27.56
N VAL W 88 9.12 32.59 26.59
CA VAL W 88 9.45 32.80 25.18
C VAL W 88 8.92 34.14 24.74
N ARG W 89 9.73 34.90 24.01
CA ARG W 89 9.34 36.18 23.45
C ARG W 89 8.99 36.00 21.99
N LYS W 90 7.74 36.27 21.63
CA LYS W 90 7.24 36.02 20.30
C LYS W 90 6.91 37.28 19.52
N VAL W 91 6.99 38.45 20.15
CA VAL W 91 6.75 39.72 19.49
C VAL W 91 8.09 40.42 19.35
N TYR W 92 8.45 40.75 18.11
CA TYR W 92 9.75 41.34 17.79
C TYR W 92 9.53 42.71 17.16
N ILE W 93 10.26 43.71 17.64
CA ILE W 93 10.27 45.01 16.99
C ILE W 93 11.12 44.85 15.73
N THR W 94 10.45 44.64 14.59
CA THR W 94 11.17 44.43 13.34
C THR W 94 11.93 45.68 12.94
N ASP W 95 11.28 46.85 13.02
CA ASP W 95 11.96 48.12 12.83
C ASP W 95 11.14 49.20 13.52
N ASP W 96 11.64 50.43 13.45
CA ASP W 96 11.14 51.50 14.32
C ASP W 96 9.64 51.70 14.23
N TYR W 97 8.97 51.16 13.20
CA TYR W 97 7.54 51.34 13.05
C TYR W 97 6.78 50.07 12.77
N THR W 98 7.43 48.91 12.70
CA THR W 98 6.72 47.66 12.50
C THR W 98 7.21 46.63 13.50
N ALA W 99 6.27 45.91 14.09
CA ALA W 99 6.52 44.75 14.93
C ALA W 99 5.89 43.53 14.28
N THR W 100 6.52 42.38 14.48
CA THR W 100 6.02 41.13 13.90
C THR W 100 5.97 40.08 14.99
N GLY W 101 4.98 39.19 14.87
CA GLY W 101 4.83 38.09 15.79
C GLY W 101 4.51 36.83 15.02
N ILE W 102 5.28 35.78 15.22
CA ILE W 102 5.15 34.57 14.42
C ILE W 102 4.73 33.42 15.33
N ALA W 103 3.63 32.77 14.97
CA ALA W 103 3.14 31.59 15.66
C ALA W 103 3.53 30.33 14.89
N GLY W 104 3.50 29.20 15.58
CA GLY W 104 3.89 27.93 15.01
C GLY W 104 5.15 27.39 15.70
N THR W 105 6.01 26.77 14.91
CA THR W 105 7.24 26.21 15.44
C THR W 105 8.13 27.34 15.97
N ALA W 106 8.65 27.17 17.19
CA ALA W 106 9.43 28.23 17.83
C ALA W 106 10.72 28.51 17.06
N ALA W 107 11.41 27.46 16.61
CA ALA W 107 12.62 27.64 15.84
C ALA W 107 12.36 28.46 14.58
N VAL W 108 11.31 28.08 13.84
CA VAL W 108 10.98 28.79 12.60
C VAL W 108 10.53 30.21 12.90
N ALA W 109 9.83 30.42 14.01
CA ALA W 109 9.41 31.76 14.37
C ALA W 109 10.61 32.67 14.62
N VAL W 110 11.57 32.21 15.41
CA VAL W 110 12.75 33.03 15.69
C VAL W 110 13.54 33.27 14.40
N GLU W 111 13.71 32.22 13.59
CA GLU W 111 14.47 32.36 12.36
C GLU W 111 13.80 33.34 11.41
N PHE W 112 12.48 33.27 11.27
CA PHE W 112 11.76 34.20 10.42
C PHE W 112 11.89 35.64 10.91
N ALA W 113 11.74 35.84 12.22
CA ALA W 113 11.84 37.21 12.74
C ALA W 113 13.21 37.80 12.45
N ARG W 114 14.27 37.04 12.74
CA ARG W 114 15.62 37.53 12.49
C ARG W 114 15.86 37.81 11.01
N LEU W 115 15.46 36.86 10.16
CA LEU W 115 15.72 36.99 8.72
C LEU W 115 14.94 38.17 8.13
N TYR W 116 13.70 38.36 8.56
CA TYR W 116 12.88 39.47 8.07
C TYR W 116 13.44 40.82 8.49
N ALA W 117 13.85 40.94 9.77
CA ALA W 117 14.46 42.19 10.21
C ALA W 117 15.74 42.48 9.44
N VAL W 118 16.54 41.43 9.20
CA VAL W 118 17.77 41.60 8.43
C VAL W 118 17.46 42.08 7.02
N GLU W 119 16.44 41.49 6.39
CA GLU W 119 16.07 41.89 5.03
C GLU W 119 15.65 43.36 4.97
N LEU W 120 14.81 43.78 5.92
CA LEU W 120 14.35 45.17 5.92
C LEU W 120 15.51 46.14 6.11
N GLU W 121 16.38 45.88 7.09
CA GLU W 121 17.49 46.78 7.33
C GLU W 121 18.48 46.76 6.17
N HIS W 122 18.67 45.60 5.55
CA HIS W 122 19.54 45.50 4.38
C HIS W 122 19.04 46.39 3.25
N TYR W 123 17.74 46.32 2.95
CA TYR W 123 17.21 47.20 1.92
C TYR W 123 17.39 48.66 2.28
N GLU W 124 17.10 49.03 3.53
CA GLU W 124 17.21 50.43 3.92
C GLU W 124 18.63 50.94 3.81
N LYS W 125 19.62 50.11 4.18
CA LYS W 125 21.01 50.53 4.06
C LYS W 125 21.44 50.62 2.60
N LEU W 126 21.00 49.69 1.76
CA LEU W 126 21.40 49.73 0.36
C LEU W 126 20.82 50.95 -0.35
N GLU W 127 19.52 51.17 -0.23
CA GLU W 127 18.86 52.21 -1.02
C GLU W 127 18.78 53.56 -0.32
N GLY W 128 19.22 53.66 0.93
CA GLY W 128 19.18 54.94 1.61
C GLY W 128 17.79 55.41 2.01
N VAL W 129 16.78 54.55 1.89
CA VAL W 129 15.40 54.91 2.22
C VAL W 129 14.67 53.63 2.59
N PRO W 130 13.85 53.64 3.64
CA PRO W 130 13.17 52.41 4.05
C PRO W 130 12.13 51.96 3.04
N LEU W 131 11.82 50.67 3.10
CA LEU W 131 10.74 50.13 2.28
C LEU W 131 9.41 50.76 2.66
N THR W 132 8.55 50.94 1.67
CA THR W 132 7.18 51.29 1.95
C THR W 132 6.48 50.11 2.63
N PHE W 133 5.34 50.40 3.27
CA PHE W 133 4.66 49.36 4.03
C PHE W 133 4.20 48.22 3.13
N ALA W 134 3.75 48.54 1.92
CA ALA W 134 3.36 47.49 0.98
C ALA W 134 4.55 46.62 0.62
N GLY W 135 5.73 47.23 0.47
CA GLY W 135 6.92 46.44 0.20
C GLY W 135 7.28 45.50 1.34
N LYS W 136 7.15 45.98 2.58
CA LYS W 136 7.39 45.11 3.73
C LYS W 136 6.41 43.95 3.76
N ILE W 137 5.13 44.23 3.51
CA ILE W 137 4.13 43.18 3.45
C ILE W 137 4.50 42.16 2.38
N ASN W 138 4.94 42.64 1.22
CA ASN W 138 5.28 41.73 0.13
C ASN W 138 6.48 40.86 0.48
N ARG W 139 7.49 41.43 1.14
CA ARG W 139 8.65 40.63 1.53
C ARG W 139 8.25 39.55 2.52
N LEU W 140 7.42 39.91 3.51
CA LEU W 140 6.95 38.91 4.47
C LEU W 140 6.14 37.83 3.78
N ALA W 141 5.29 38.22 2.83
CA ALA W 141 4.48 37.24 2.10
C ALA W 141 5.36 36.31 1.27
N ILE W 142 6.43 36.84 0.70
CA ILE W 142 7.34 36.00 -0.08
C ILE W 142 8.04 34.99 0.82
N MET W 143 8.43 35.41 2.03
CA MET W 143 9.00 34.46 2.98
C MET W 143 8.00 33.37 3.35
N VAL W 144 6.75 33.76 3.61
CA VAL W 144 5.72 32.79 3.97
C VAL W 144 5.50 31.80 2.83
N ARG W 145 5.44 32.30 1.60
CA ARG W 145 5.23 31.42 0.44
C ARG W 145 6.42 30.50 0.23
N GLY W 146 7.64 31.00 0.45
CA GLY W 146 8.81 30.16 0.32
C GLY W 146 8.94 29.10 1.39
N ASN W 147 8.33 29.32 2.55
CA ASN W 147 8.35 28.33 3.63
C ASN W 147 7.31 27.23 3.47
N LEU W 148 6.64 27.13 2.30
CA LEU W 148 5.50 26.23 2.17
C LEU W 148 5.93 24.76 2.22
N ALA W 149 7.06 24.42 1.60
CA ALA W 149 7.52 23.03 1.63
C ALA W 149 7.81 22.57 3.05
N ALA W 150 8.51 23.39 3.81
CA ALA W 150 8.78 23.05 5.21
C ALA W 150 7.50 23.02 6.03
N ALA W 151 6.56 23.94 5.74
CA ALA W 151 5.30 23.96 6.48
C ALA W 151 4.52 22.68 6.26
N MET W 152 4.53 22.15 5.03
CA MET W 152 3.99 20.82 4.80
C MET W 152 4.80 19.76 5.52
N GLN W 153 6.13 19.95 5.60
CA GLN W 153 6.97 18.99 6.31
C GLN W 153 6.76 19.06 7.81
N GLY W 154 6.50 20.24 8.36
CA GLY W 154 6.25 20.38 9.79
C GLY W 154 6.82 21.63 10.43
N LEU W 155 7.50 22.45 9.65
CA LEU W 155 8.08 23.70 10.16
C LEU W 155 7.18 24.88 9.78
N LEU W 156 5.99 24.90 10.37
CA LEU W 156 4.99 25.90 10.06
C LEU W 156 5.27 27.20 10.81
N ALA W 157 5.08 28.32 10.13
CA ALA W 157 5.23 29.64 10.75
C ALA W 157 4.21 30.58 10.14
N LEU W 158 3.25 31.02 10.96
CA LEU W 158 2.23 31.97 10.52
C LEU W 158 2.52 33.32 11.15
N PRO W 159 2.85 34.34 10.38
CA PRO W 159 3.17 35.65 10.96
C PRO W 159 1.97 36.58 11.03
N LEU W 160 2.09 37.56 11.92
CA LEU W 160 1.15 38.66 12.06
C LEU W 160 1.97 39.93 12.16
N LEU W 161 1.62 40.94 11.37
CA LEU W 161 2.41 42.15 11.25
C LEU W 161 1.58 43.33 11.73
N ALA W 162 2.14 44.12 12.64
CA ALA W 162 1.53 45.37 13.05
C ALA W 162 2.49 46.50 12.70
N GLY W 163 1.94 47.60 12.20
CA GLY W 163 2.79 48.68 11.75
C GLY W 163 2.13 50.02 11.90
N TYR W 164 2.95 51.06 11.75
CA TYR W 164 2.48 52.43 11.70
C TYR W 164 2.92 53.00 10.35
N ASP W 165 1.94 53.38 9.54
CA ASP W 165 2.22 53.93 8.21
C ASP W 165 2.44 55.42 8.35
N ILE W 166 3.71 55.84 8.41
CA ILE W 166 4.03 57.25 8.55
C ILE W 166 3.60 58.05 7.32
N HIS W 167 3.46 57.40 6.17
CA HIS W 167 3.01 58.06 4.95
C HIS W 167 1.49 58.10 4.83
N ALA W 168 0.76 57.63 5.85
CA ALA W 168 -0.69 57.65 5.80
C ALA W 168 -1.21 59.09 5.78
N SER W 169 -2.40 59.25 5.21
CA SER W 169 -3.03 60.57 5.18
C SER W 169 -3.43 61.02 6.58
N ASP W 170 -3.99 60.11 7.38
CA ASP W 170 -4.45 60.43 8.73
C ASP W 170 -3.55 59.74 9.75
N PRO W 171 -2.75 60.48 10.53
CA PRO W 171 -1.98 59.85 11.60
C PRO W 171 -2.80 59.00 12.55
N GLN W 172 -4.05 59.37 12.84
CA GLN W 172 -4.86 58.59 13.77
C GLN W 172 -5.27 57.24 13.19
N SER W 173 -5.31 57.11 11.87
CA SER W 173 -5.65 55.86 11.21
C SER W 173 -4.44 55.20 10.57
N ALA W 174 -3.23 55.56 11.01
CA ALA W 174 -2.02 55.02 10.40
C ALA W 174 -1.70 53.60 10.87
N GLY W 175 -2.32 53.18 11.97
CA GLY W 175 -2.13 51.80 12.47
C GLY W 175 -2.55 50.78 11.43
N ARG W 176 -1.71 49.78 11.18
CA ARG W 176 -2.01 48.75 10.14
C ARG W 176 -1.82 47.36 10.72
N ILE W 177 -2.77 46.45 10.48
CA ILE W 177 -2.61 45.03 10.93
C ILE W 177 -2.70 44.14 9.69
N VAL W 178 -1.66 43.34 9.43
CA VAL W 178 -1.65 42.48 8.21
C VAL W 178 -1.58 41.02 8.65
N SER W 179 -2.63 40.24 8.36
CA SER W 179 -2.60 38.78 8.66
C SER W 179 -2.17 38.03 7.40
N PHE W 180 -1.38 36.97 7.57
CA PHE W 180 -0.91 36.16 6.40
C PHE W 180 -1.56 34.77 6.49
N ASP W 181 -2.12 34.29 5.38
CA ASP W 181 -2.71 32.92 5.37
C ASP W 181 -1.59 31.88 5.12
N ALA W 182 -1.96 30.60 5.08
CA ALA W 182 -0.93 29.56 4.95
C ALA W 182 -0.23 29.60 3.59
N ALA W 183 -0.90 30.10 2.56
CA ALA W 183 -0.37 30.08 1.20
C ALA W 183 0.47 31.29 0.87
N GLY W 184 0.64 32.23 1.80
CA GLY W 184 1.39 33.44 1.57
C GLY W 184 0.55 34.67 1.27
N GLY W 185 -0.74 34.50 1.00
CA GLY W 185 -1.60 35.65 0.79
C GLY W 185 -1.79 36.45 2.07
N TRP W 186 -1.97 37.75 1.90
CA TRP W 186 -2.05 38.66 3.03
C TRP W 186 -3.33 39.47 2.96
N ASN W 187 -3.68 40.10 4.08
CA ASN W 187 -4.91 40.93 4.12
C ASN W 187 -4.76 42.02 5.18
N ILE W 188 -4.96 43.29 4.80
CA ILE W 188 -4.93 44.40 5.81
C ILE W 188 -6.27 44.37 6.54
N GLU W 189 -6.27 44.04 7.84
CA GLU W 189 -7.53 43.89 8.60
C GLU W 189 -8.22 45.25 8.78
N GLU W 190 -9.52 45.30 8.50
CA GLU W 190 -10.30 46.55 8.69
C GLU W 190 -11.15 46.43 9.97
N GLU W 191 -11.24 45.23 10.54
CA GLU W 191 -11.98 45.02 11.81
C GLU W 191 -11.31 45.82 12.93
N GLY W 192 -9.97 45.89 12.90
CA GLY W 192 -9.22 46.63 13.93
C GLY W 192 -8.55 45.70 14.92
N TYR W 193 -8.74 44.39 14.74
CA TYR W 193 -8.15 43.38 15.66
C TYR W 193 -7.88 42.09 14.89
N GLN W 194 -6.80 41.38 15.24
CA GLN W 194 -6.47 40.09 14.57
C GLN W 194 -5.57 39.26 15.51
N ALA W 195 -5.74 37.93 15.48
CA ALA W 195 -4.92 37.04 16.34
C ALA W 195 -4.39 35.86 15.55
N VAL W 196 -3.17 35.40 15.84
CA VAL W 196 -2.60 34.19 15.18
C VAL W 196 -2.19 33.20 16.28
N GLY W 197 -2.11 31.91 15.94
CA GLY W 197 -1.71 30.89 16.94
C GLY W 197 -2.78 29.84 17.16
N SER W 198 -2.58 28.97 18.14
CA SER W 198 -3.55 27.91 18.42
C SER W 198 -4.75 28.42 19.22
N GLY W 199 -4.57 29.48 19.98
CA GLY W 199 -5.67 30.05 20.74
C GLY W 199 -6.26 31.28 20.09
N SER W 200 -5.97 31.44 18.79
CA SER W 200 -6.33 32.67 18.08
C SER W 200 -7.84 32.86 17.97
N LEU W 201 -8.60 31.77 17.88
CA LEU W 201 -10.04 31.90 17.76
C LEU W 201 -10.66 32.46 19.03
N PHE W 202 -10.24 31.94 20.18
CA PHE W 202 -10.73 32.45 21.46
C PHE W 202 -10.35 33.90 21.65
N ALA W 203 -9.11 34.25 21.31
CA ALA W 203 -8.67 35.64 21.43
C ALA W 203 -9.46 36.56 20.52
N LYS W 204 -9.71 36.13 19.28
CA LYS W 204 -10.47 36.94 18.34
C LYS W 204 -11.90 37.13 18.81
N SER W 205 -12.53 36.07 19.33
CA SER W 205 -13.91 36.20 19.80
C SER W 205 -14.00 36.95 21.11
N SER W 206 -12.91 37.03 21.88
CA SER W 206 -12.87 37.93 23.02
C SER W 206 -12.75 39.39 22.59
N MET W 207 -11.85 39.67 21.64
CA MET W 207 -11.70 41.04 21.17
C MET W 207 -12.93 41.54 20.43
N LYS W 208 -13.67 40.64 19.76
CA LYS W 208 -14.90 41.05 19.10
C LYS W 208 -15.85 41.73 20.07
N LYS W 209 -15.87 41.28 21.32
CA LYS W 209 -16.74 41.87 22.34
C LYS W 209 -16.07 43.00 23.10
N LEU W 210 -14.75 42.94 23.28
CA LEU W 210 -14.05 43.94 24.06
C LEU W 210 -13.60 45.16 23.27
N TYR W 211 -13.70 45.13 21.93
CA TYR W 211 -13.07 46.17 21.13
C TYR W 211 -13.75 47.53 21.25
N SER W 212 -15.02 47.58 21.64
CA SER W 212 -15.68 48.86 21.82
C SER W 212 -15.06 49.68 22.94
N GLN W 213 -14.35 49.02 23.86
CA GLN W 213 -13.71 49.71 24.98
C GLN W 213 -12.37 50.32 24.61
N VAL W 214 -11.84 50.03 23.42
CA VAL W 214 -10.54 50.51 23.02
C VAL W 214 -10.67 51.96 22.55
N THR W 215 -10.14 52.89 23.31
CA THR W 215 -10.13 54.30 22.94
C THR W 215 -8.74 54.92 22.92
N ASP W 216 -7.74 54.31 23.54
CA ASP W 216 -6.38 54.83 23.52
C ASP W 216 -5.42 53.66 23.70
N GLY W 217 -4.14 53.98 23.95
CA GLY W 217 -3.15 52.93 24.11
C GLY W 217 -3.36 52.08 25.35
N ASP W 218 -3.77 52.72 26.45
CA ASP W 218 -3.96 51.98 27.70
C ASP W 218 -5.11 50.99 27.58
N SER W 219 -6.27 51.45 27.09
CA SER W 219 -7.41 50.56 26.92
C SER W 219 -7.11 49.47 25.90
N GLY W 220 -6.39 49.82 24.83
CA GLY W 220 -6.02 48.81 23.85
C GLY W 220 -5.10 47.75 24.41
N LEU W 221 -4.12 48.16 25.21
CA LEU W 221 -3.23 47.21 25.85
C LEU W 221 -3.98 46.32 26.83
N ARG W 222 -4.90 46.90 27.59
CA ARG W 222 -5.71 46.11 28.51
C ARG W 222 -6.55 45.09 27.76
N VAL W 223 -7.14 45.49 26.62
CA VAL W 223 -7.95 44.56 25.84
C VAL W 223 -7.09 43.45 25.24
N ALA W 224 -5.89 43.79 24.79
CA ALA W 224 -5.00 42.76 24.26
C ALA W 224 -4.61 41.74 25.34
N VAL W 225 -4.31 42.23 26.54
CA VAL W 225 -3.96 41.33 27.64
C VAL W 225 -5.14 40.45 28.00
N GLU W 226 -6.35 41.02 28.02
CA GLU W 226 -7.53 40.22 28.36
C GLU W 226 -7.81 39.18 27.28
N ALA W 227 -7.59 39.53 26.00
CA ALA W 227 -7.77 38.55 24.94
C ALA W 227 -6.78 37.40 25.08
N LEU W 228 -5.53 37.71 25.43
CA LEU W 228 -4.57 36.65 25.69
C LEU W 228 -5.00 35.79 26.88
N TYR W 229 -5.56 36.43 27.91
CA TYR W 229 -6.06 35.70 29.06
C TYR W 229 -7.18 34.73 28.66
N ASP W 230 -8.09 35.17 27.81
CA ASP W 230 -9.19 34.31 27.37
C ASP W 230 -8.67 33.16 26.51
N ALA W 231 -7.71 33.45 25.62
CA ALA W 231 -7.11 32.40 24.80
C ALA W 231 -6.46 31.34 25.68
N ALA W 232 -5.70 31.77 26.70
CA ALA W 232 -5.09 30.82 27.62
C ALA W 232 -6.14 30.09 28.44
N ASP W 233 -7.26 30.75 28.73
CA ASP W 233 -8.33 30.12 29.48
C ASP W 233 -8.95 28.96 28.71
N ASP W 234 -9.11 29.11 27.39
CA ASP W 234 -9.73 28.05 26.60
C ASP W 234 -8.72 27.14 25.91
N ASP W 235 -7.43 27.50 25.88
CA ASP W 235 -6.42 26.75 25.16
C ASP W 235 -5.28 26.41 26.10
N SER W 236 -4.85 25.14 26.10
CA SER W 236 -3.80 24.71 27.01
C SER W 236 -2.39 24.97 26.47
N ALA W 237 -2.24 25.26 25.19
CA ALA W 237 -0.93 25.59 24.62
C ALA W 237 -0.59 27.06 24.74
N THR W 238 -1.52 27.87 25.27
CA THR W 238 -1.30 29.28 25.51
C THR W 238 -1.04 29.51 26.98
N GLY W 239 0.03 30.24 27.29
CA GLY W 239 0.39 30.47 28.68
C GLY W 239 -0.29 31.68 29.27
N GLY W 240 -1.03 31.47 30.36
CA GLY W 240 -1.64 32.56 31.07
C GLY W 240 -0.67 33.28 31.97
N PRO W 241 -1.14 34.36 32.60
CA PRO W 241 -0.29 35.11 33.54
C PRO W 241 0.16 34.23 34.70
N ASP W 242 1.48 34.07 34.83
CA ASP W 242 2.07 33.26 35.87
C ASP W 242 2.32 34.17 37.07
N LEU W 243 1.35 34.23 37.98
CA LEU W 243 1.48 35.06 39.17
C LEU W 243 2.53 34.52 40.14
N VAL W 244 2.95 33.26 39.97
CA VAL W 244 3.94 32.67 40.86
C VAL W 244 5.35 33.03 40.41
N ARG W 245 5.68 32.68 39.17
CA ARG W 245 6.99 32.99 38.61
C ARG W 245 7.12 34.45 38.19
N GLY W 246 6.03 35.20 38.19
CA GLY W 246 6.08 36.58 37.70
C GLY W 246 6.40 36.70 36.23
N ILE W 247 5.75 35.91 35.38
CA ILE W 247 5.95 35.96 33.94
C ILE W 247 4.63 36.36 33.28
N PHE W 248 4.69 37.38 32.45
CA PHE W 248 3.51 37.99 31.86
C PHE W 248 3.71 38.15 30.36
N PRO W 249 2.63 38.31 29.60
CA PRO W 249 2.75 38.46 28.15
C PRO W 249 3.60 39.67 27.77
N THR W 250 4.27 39.55 26.62
CA THR W 250 5.09 40.65 26.12
C THR W 250 4.28 41.46 25.12
N ALA W 251 4.32 42.79 25.27
CA ALA W 251 3.56 43.69 24.43
C ALA W 251 4.48 44.74 23.82
N VAL W 252 4.12 45.17 22.62
CA VAL W 252 4.82 46.22 21.89
C VAL W 252 3.77 47.22 21.42
N ILE W 253 4.01 48.50 21.66
CA ILE W 253 3.10 49.56 21.27
C ILE W 253 3.79 50.42 20.22
N ILE W 254 3.12 50.63 19.09
CA ILE W 254 3.64 51.43 17.98
C ILE W 254 2.75 52.65 17.82
N ASP W 255 3.37 53.83 17.80
CA ASP W 255 2.68 55.07 17.51
C ASP W 255 3.60 55.94 16.68
N ALA W 256 3.26 57.22 16.55
CA ALA W 256 4.02 58.13 15.70
C ALA W 256 5.48 58.22 16.13
N ASP W 257 5.75 58.19 17.43
CA ASP W 257 7.13 58.26 17.91
C ASP W 257 7.91 56.98 17.65
N GLY W 258 7.24 55.87 17.38
CA GLY W 258 7.91 54.64 17.02
C GLY W 258 7.31 53.46 17.73
N ALA W 259 8.02 52.34 17.67
CA ALA W 259 7.61 51.09 18.31
C ALA W 259 8.46 50.88 19.56
N VAL W 260 7.80 50.64 20.68
CA VAL W 260 8.48 50.50 21.97
C VAL W 260 7.89 49.32 22.73
N ASP W 261 8.77 48.54 23.36
CA ASP W 261 8.32 47.46 24.22
C ASP W 261 7.58 48.01 25.43
N VAL W 262 6.46 47.39 25.75
CA VAL W 262 5.73 47.75 26.97
C VAL W 262 6.45 47.15 28.18
N PRO W 263 6.75 47.95 29.20
CA PRO W 263 7.45 47.41 30.37
C PRO W 263 6.65 46.32 31.06
N GLU W 264 7.37 45.38 31.67
CA GLU W 264 6.74 44.24 32.31
C GLU W 264 5.79 44.65 33.43
N SER W 265 6.09 45.77 34.11
CA SER W 265 5.31 46.13 35.29
C SER W 265 3.90 46.58 34.92
N ARG W 266 3.74 47.33 33.83
CA ARG W 266 2.42 47.76 33.41
C ARG W 266 1.56 46.56 33.01
N ILE W 267 2.15 45.62 32.27
CA ILE W 267 1.43 44.40 31.89
C ILE W 267 1.08 43.58 33.12
N ALA W 268 1.98 43.54 34.11
CA ALA W 268 1.69 42.83 35.35
C ALA W 268 0.50 43.46 36.07
N GLU W 269 0.47 44.79 36.14
CA GLU W 269 -0.65 45.48 36.77
C GLU W 269 -1.95 45.19 36.05
N LEU W 270 -1.93 45.23 34.71
CA LEU W 270 -3.12 44.94 33.93
C LEU W 270 -3.60 43.51 34.14
N ALA W 271 -2.67 42.55 34.13
CA ALA W 271 -3.04 41.15 34.32
C ALA W 271 -3.62 40.91 35.71
N ARG W 272 -3.02 41.51 36.73
CA ARG W 272 -3.56 41.36 38.08
C ARG W 272 -4.96 41.96 38.17
N ALA W 273 -5.19 43.10 37.53
CA ALA W 273 -6.52 43.69 37.53
C ALA W 273 -7.53 42.77 36.83
N ILE W 274 -7.15 42.19 35.70
CA ILE W 274 -8.05 41.30 34.97
C ILE W 274 -8.36 40.06 35.81
N ILE W 275 -7.34 39.49 36.44
CA ILE W 275 -7.54 38.29 37.26
C ILE W 275 -8.46 38.60 38.44
N GLU W 276 -8.25 39.75 39.09
CA GLU W 276 -9.11 40.11 40.22
C GLU W 276 -10.54 40.38 39.77
N SER W 277 -10.71 40.96 38.59
CA SER W 277 -12.06 41.20 38.08
C SER W 277 -12.77 39.89 37.80
N ARG W 278 -12.06 38.89 37.28
CA ARG W 278 -12.69 37.62 36.96
C ARG W 278 -12.74 36.65 38.13
N SER W 279 -12.26 37.05 39.31
CA SER W 279 -12.31 36.19 40.48
C SER W 279 -13.71 36.19 41.09
N THR X 58 21.54 7.65 27.90
CA THR X 58 22.28 8.90 28.00
C THR X 58 21.53 9.94 28.82
N THR X 59 22.24 10.61 29.72
CA THR X 59 21.71 11.80 30.38
C THR X 59 22.85 12.75 30.64
N ILE X 60 22.72 13.98 30.17
CA ILE X 60 23.68 15.04 30.45
C ILE X 60 22.92 16.17 31.15
N VAL X 61 23.37 16.54 32.33
CA VAL X 61 22.75 17.60 33.10
C VAL X 61 23.71 18.78 33.15
N ALA X 62 23.14 19.98 33.30
CA ALA X 62 23.91 21.19 33.48
C ALA X 62 23.16 22.06 34.46
N LEU X 63 23.90 22.78 35.30
CA LEU X 63 23.25 23.70 36.23
C LEU X 63 24.19 24.84 36.57
N LYS X 64 23.59 25.99 36.86
CA LYS X 64 24.32 27.19 37.24
C LYS X 64 24.44 27.27 38.76
N TYR X 65 25.58 27.76 39.22
CA TYR X 65 25.80 28.08 40.61
C TYR X 65 26.42 29.46 40.67
N PRO X 66 26.32 30.15 41.80
CA PRO X 66 26.95 31.47 41.91
C PRO X 66 28.42 31.44 41.52
N GLY X 67 28.73 32.06 40.38
CA GLY X 67 30.09 32.12 39.89
C GLY X 67 30.45 31.17 38.77
N GLY X 68 29.50 30.37 38.26
CA GLY X 68 29.84 29.52 37.13
C GLY X 68 28.76 28.50 36.84
N VAL X 69 29.15 27.51 36.03
CA VAL X 69 28.25 26.47 35.56
C VAL X 69 28.96 25.12 35.71
N VAL X 70 28.17 24.06 35.81
CA VAL X 70 28.69 22.70 35.88
C VAL X 70 27.87 21.81 34.96
N MET X 71 28.58 20.96 34.21
CA MET X 71 27.96 20.04 33.27
C MET X 71 28.46 18.62 33.58
N ALA X 72 27.54 17.71 33.84
CA ALA X 72 27.89 16.33 34.15
C ALA X 72 27.17 15.39 33.21
N GLY X 73 27.80 14.24 32.97
CA GLY X 73 27.25 13.26 32.05
C GLY X 73 27.57 11.85 32.48
N ASP X 74 26.67 10.93 32.13
CA ASP X 74 26.83 9.51 32.46
C ASP X 74 27.72 8.84 31.42
N ARG X 75 28.02 7.55 31.65
CA ARG X 75 29.06 6.87 30.89
C ARG X 75 28.58 5.72 30.04
N ARG X 76 27.32 5.31 30.15
CA ARG X 76 26.84 4.13 29.44
C ARG X 76 26.44 4.46 28.01
N SER X 77 26.81 3.58 27.09
CA SER X 77 26.28 3.57 25.74
C SER X 77 25.67 2.21 25.47
N THR X 78 24.43 2.21 24.97
CA THR X 78 23.69 0.98 24.73
C THR X 78 23.20 0.95 23.29
N GLN X 79 23.32 -0.20 22.65
CA GLN X 79 22.72 -0.43 21.34
C GLN X 79 21.51 -1.34 21.55
N GLY X 80 20.33 -0.74 21.59
CA GLY X 80 19.14 -1.51 21.93
C GLY X 80 19.08 -1.72 23.43
N ASN X 81 18.95 -2.97 23.85
CA ASN X 81 18.94 -3.32 25.26
C ASN X 81 20.32 -3.75 25.77
N MET X 82 21.31 -3.84 24.89
CA MET X 82 22.60 -4.40 25.24
C MET X 82 23.58 -3.28 25.58
N ILE X 83 24.26 -3.43 26.71
CA ILE X 83 25.26 -2.45 27.14
C ILE X 83 26.53 -2.67 26.32
N SER X 84 26.85 -1.70 25.48
CA SER X 84 28.04 -1.78 24.63
C SER X 84 29.23 -1.02 25.20
N GLY X 85 29.02 0.18 25.71
CA GLY X 85 30.10 0.95 26.29
C GLY X 85 29.80 1.31 27.73
N ARG X 86 30.85 1.37 28.54
CA ARG X 86 30.73 1.64 29.96
C ARG X 86 31.51 2.85 30.44
N ASP X 87 32.31 3.48 29.58
CA ASP X 87 33.09 4.65 29.97
C ASP X 87 33.06 5.70 28.89
N VAL X 88 31.90 5.87 28.25
CA VAL X 88 31.74 6.87 27.20
C VAL X 88 31.77 8.26 27.82
N ARG X 89 32.53 9.16 27.21
CA ARG X 89 32.67 10.53 27.69
C ARG X 89 31.81 11.44 26.84
N LYS X 90 30.77 12.02 27.44
CA LYS X 90 29.76 12.77 26.71
C LYS X 90 29.86 14.27 26.89
N VAL X 91 30.67 14.75 27.81
CA VAL X 91 30.86 16.18 28.06
C VAL X 91 32.23 16.56 27.52
N TYR X 92 32.27 17.59 26.67
CA TYR X 92 33.49 18.03 26.01
C TYR X 92 33.75 19.50 26.32
N ILE X 93 35.00 19.82 26.61
CA ILE X 93 35.42 21.21 26.77
C ILE X 93 35.63 21.77 25.36
N THR X 94 34.63 22.47 24.83
CA THR X 94 34.71 22.97 23.47
C THR X 94 35.79 24.03 23.33
N ASP X 95 35.77 25.03 24.20
CA ASP X 95 36.83 26.02 24.27
C ASP X 95 37.05 26.35 25.74
N ASP X 96 37.84 27.41 25.99
CA ASP X 96 38.26 27.70 27.35
C ASP X 96 37.10 28.03 28.28
N TYR X 97 35.94 28.43 27.74
CA TYR X 97 34.84 28.86 28.57
C TYR X 97 33.51 28.22 28.25
N THR X 98 33.44 27.32 27.27
CA THR X 98 32.21 26.61 26.98
C THR X 98 32.46 25.11 26.95
N ALA X 99 31.49 24.37 27.48
CA ALA X 99 31.44 22.92 27.40
C ALA X 99 30.13 22.52 26.74
N THR X 100 30.15 21.40 26.02
CA THR X 100 28.95 20.94 25.35
C THR X 100 28.79 19.45 25.60
N GLY X 101 27.53 19.03 25.80
CA GLY X 101 27.22 17.64 25.95
C GLY X 101 26.13 17.24 24.98
N ILE X 102 26.34 16.17 24.22
CA ILE X 102 25.40 15.78 23.17
C ILE X 102 24.83 14.41 23.53
N ALA X 103 23.50 14.34 23.58
CA ALA X 103 22.78 13.09 23.74
C ALA X 103 22.29 12.61 22.38
N GLY X 104 21.90 11.34 22.34
CA GLY X 104 21.44 10.76 21.09
C GLY X 104 22.40 9.69 20.60
N THR X 105 22.55 9.57 19.28
CA THR X 105 23.50 8.64 18.71
C THR X 105 24.91 8.99 19.16
N ALA X 106 25.65 7.98 19.61
CA ALA X 106 27.01 8.22 20.11
C ALA X 106 27.93 8.70 18.99
N ALA X 107 27.82 8.10 17.81
CA ALA X 107 28.65 8.50 16.68
C ALA X 107 28.41 9.96 16.33
N VAL X 108 27.14 10.34 16.20
CA VAL X 108 26.81 11.74 15.90
C VAL X 108 27.28 12.65 17.02
N ALA X 109 27.17 12.20 18.26
CA ALA X 109 27.60 13.03 19.39
C ALA X 109 29.09 13.37 19.28
N VAL X 110 29.92 12.34 19.09
CA VAL X 110 31.37 12.57 19.00
C VAL X 110 31.69 13.43 17.78
N GLU X 111 31.07 13.12 16.64
CA GLU X 111 31.34 13.87 15.41
C GLU X 111 30.94 15.34 15.56
N PHE X 112 29.78 15.60 16.15
CA PHE X 112 29.31 16.97 16.33
C PHE X 112 30.20 17.74 17.29
N ALA X 113 30.62 17.10 18.39
CA ALA X 113 31.51 17.79 19.32
C ALA X 113 32.81 18.19 18.63
N ARG X 114 33.39 17.27 17.87
CA ARG X 114 34.63 17.58 17.16
C ARG X 114 34.42 18.71 16.14
N LEU X 115 33.33 18.64 15.38
CA LEU X 115 33.04 19.67 14.39
C LEU X 115 32.85 21.04 15.02
N TYR X 116 32.13 21.10 16.15
CA TYR X 116 31.87 22.37 16.81
C TYR X 116 33.16 22.97 17.36
N ALA X 117 34.00 22.15 17.99
CA ALA X 117 35.27 22.67 18.49
C ALA X 117 36.13 23.18 17.34
N VAL X 118 36.15 22.45 16.22
CA VAL X 118 36.93 22.89 15.07
C VAL X 118 36.41 24.23 14.54
N GLU X 119 35.08 24.37 14.46
CA GLU X 119 34.51 25.60 13.93
C GLU X 119 34.86 26.80 14.82
N LEU X 120 34.73 26.64 16.14
CA LEU X 120 35.04 27.75 17.04
C LEU X 120 36.51 28.12 16.97
N GLU X 121 37.40 27.12 16.98
CA GLU X 121 38.83 27.40 16.90
C GLU X 121 39.19 28.06 15.58
N HIS X 122 38.58 27.58 14.49
CA HIS X 122 38.85 28.14 13.17
C HIS X 122 38.45 29.61 13.11
N TYR X 123 37.29 29.95 13.66
CA TYR X 123 36.90 31.37 13.69
C TYR X 123 37.88 32.18 14.52
N GLU X 124 38.27 31.68 15.68
CA GLU X 124 39.18 32.45 16.53
C GLU X 124 40.52 32.69 15.84
N LYS X 125 41.01 31.67 15.13
CA LYS X 125 42.29 31.81 14.44
C LYS X 125 42.19 32.75 13.24
N LEU X 126 41.07 32.70 12.51
CA LEU X 126 40.94 33.55 11.34
C LEU X 126 40.74 35.01 11.71
N GLU X 127 39.85 35.28 12.66
CA GLU X 127 39.49 36.66 12.95
C GLU X 127 40.26 37.28 14.11
N GLY X 128 41.12 36.52 14.78
CA GLY X 128 41.94 37.07 15.84
C GLY X 128 41.22 37.31 17.15
N VAL X 129 39.96 36.92 17.25
CA VAL X 129 39.15 37.15 18.45
C VAL X 129 38.07 36.08 18.47
N PRO X 130 37.75 35.51 19.63
CA PRO X 130 36.73 34.44 19.66
C PRO X 130 35.34 34.98 19.39
N LEU X 131 34.44 34.06 19.04
CA LEU X 131 33.05 34.42 18.87
C LEU X 131 32.44 34.85 20.20
N THR X 132 31.42 35.70 20.12
CA THR X 132 30.61 35.97 21.28
C THR X 132 29.78 34.73 21.61
N PHE X 133 29.15 34.75 22.80
CA PHE X 133 28.33 33.61 23.18
C PHE X 133 27.15 33.43 22.23
N ALA X 134 26.55 34.54 21.79
CA ALA X 134 25.46 34.44 20.83
C ALA X 134 25.93 33.85 19.51
N GLY X 135 27.15 34.18 19.08
CA GLY X 135 27.69 33.57 17.87
C GLY X 135 27.88 32.08 18.01
N LYS X 136 28.40 31.63 19.15
CA LYS X 136 28.56 30.21 19.39
C LYS X 136 27.22 29.49 19.40
N ILE X 137 26.22 30.09 20.04
CA ILE X 137 24.89 29.50 20.06
C ILE X 137 24.34 29.38 18.65
N ASN X 138 24.51 30.43 17.85
CA ASN X 138 24.00 30.39 16.49
C ASN X 138 24.68 29.32 15.66
N ARG X 139 26.00 29.16 15.82
CA ARG X 139 26.70 28.11 15.08
C ARG X 139 26.20 26.72 15.49
N LEU X 140 26.03 26.50 16.79
CA LEU X 140 25.52 25.21 17.25
C LEU X 140 24.10 24.96 16.73
N ALA X 141 23.25 25.99 16.75
CA ALA X 141 21.89 25.85 16.26
C ALA X 141 21.86 25.58 14.76
N ILE X 142 22.76 26.19 14.00
CA ILE X 142 22.86 25.90 12.57
C ILE X 142 23.26 24.44 12.36
N MET X 143 24.22 23.96 13.15
CA MET X 143 24.59 22.55 13.05
C MET X 143 23.41 21.64 13.34
N VAL X 144 22.61 21.97 14.37
CA VAL X 144 21.46 21.14 14.71
C VAL X 144 20.42 21.18 13.59
N ARG X 145 20.14 22.37 13.06
CA ARG X 145 19.17 22.49 11.97
C ARG X 145 19.63 21.75 10.73
N GLY X 146 20.94 21.63 10.53
CA GLY X 146 21.46 20.88 9.41
C GLY X 146 21.48 19.38 9.59
N ASN X 147 20.85 18.87 10.64
CA ASN X 147 20.83 17.44 10.93
C ASN X 147 19.43 16.85 10.94
N LEU X 148 18.43 17.56 10.41
CA LEU X 148 17.06 17.06 10.45
C LEU X 148 16.90 15.82 9.58
N ALA X 149 17.50 15.82 8.39
CA ALA X 149 17.42 14.64 7.52
C ALA X 149 18.05 13.43 8.18
N ALA X 150 19.23 13.61 8.78
CA ALA X 150 19.87 12.51 9.51
C ALA X 150 19.06 12.11 10.74
N ALA X 151 18.40 13.07 11.39
CA ALA X 151 17.55 12.74 12.52
C ALA X 151 16.40 11.83 12.09
N MET X 152 15.78 12.15 10.95
CA MET X 152 14.74 11.27 10.43
C MET X 152 15.32 9.94 9.97
N GLN X 153 16.58 9.93 9.53
CA GLN X 153 17.29 8.71 9.18
C GLN X 153 17.76 7.93 10.40
N GLY X 154 17.79 8.57 11.57
CA GLY X 154 18.25 7.94 12.79
C GLY X 154 19.58 8.42 13.32
N LEU X 155 20.28 9.32 12.63
CA LEU X 155 21.57 9.83 13.10
C LEU X 155 21.33 11.17 13.80
N LEU X 156 20.73 11.07 14.98
CA LEU X 156 20.18 12.20 15.71
C LEU X 156 21.14 12.68 16.80
N ALA X 157 20.93 13.92 17.25
CA ALA X 157 21.79 14.53 18.27
C ALA X 157 21.06 15.70 18.92
N LEU X 158 21.00 15.68 20.25
CA LEU X 158 20.51 16.82 21.02
C LEU X 158 21.65 17.41 21.83
N PRO X 159 22.14 18.60 21.50
CA PRO X 159 23.19 19.21 22.31
C PRO X 159 22.64 20.05 23.46
N LEU X 160 23.49 20.22 24.46
CA LEU X 160 23.27 21.10 25.58
C LEU X 160 24.57 21.87 25.76
N LEU X 161 24.48 23.19 25.92
CA LEU X 161 25.67 24.03 25.95
C LEU X 161 25.74 24.77 27.27
N ALA X 162 26.84 24.61 27.99
CA ALA X 162 27.10 25.38 29.19
C ALA X 162 28.27 26.31 28.91
N GLY X 163 28.15 27.55 29.38
CA GLY X 163 29.18 28.52 29.06
C GLY X 163 29.35 29.53 30.17
N TYR X 164 30.40 30.33 30.03
CA TYR X 164 30.68 31.43 30.94
C TYR X 164 30.95 32.67 30.10
N ASP X 165 29.99 33.59 30.08
CA ASP X 165 30.14 34.82 29.31
C ASP X 165 31.11 35.74 30.03
N ILE X 166 32.33 35.87 29.49
CA ILE X 166 33.31 36.75 30.11
C ILE X 166 32.99 38.21 29.84
N HIS X 167 32.21 38.50 28.81
CA HIS X 167 31.75 39.86 28.54
C HIS X 167 30.49 40.20 29.32
N ALA X 168 29.94 39.25 30.07
CA ALA X 168 28.80 39.56 30.92
C ALA X 168 29.20 40.54 32.00
N SER X 169 28.32 41.52 32.27
CA SER X 169 28.66 42.59 33.21
C SER X 169 28.87 42.05 34.62
N ASP X 170 28.00 41.15 35.08
CA ASP X 170 28.11 40.63 36.43
C ASP X 170 28.79 39.28 36.41
N PRO X 171 29.97 39.13 37.04
CA PRO X 171 30.63 37.82 37.06
C PRO X 171 29.81 36.72 37.74
N GLN X 172 29.09 37.05 38.81
CA GLN X 172 28.39 36.04 39.59
C GLN X 172 27.17 35.47 38.87
N SER X 173 26.74 36.08 37.77
CA SER X 173 25.64 35.56 36.96
C SER X 173 26.08 35.28 35.54
N ALA X 174 27.39 35.15 35.31
CA ALA X 174 27.93 35.00 33.96
C ALA X 174 27.76 33.59 33.40
N GLY X 175 27.33 32.63 34.21
CA GLY X 175 27.05 31.31 33.68
C GLY X 175 25.84 31.32 32.75
N ARG X 176 25.89 30.45 31.75
CA ARG X 176 24.82 30.35 30.76
C ARG X 176 24.55 28.89 30.45
N ILE X 177 23.28 28.55 30.30
CA ILE X 177 22.85 27.23 29.86
C ILE X 177 21.94 27.42 28.66
N VAL X 178 22.24 26.71 27.57
CA VAL X 178 21.48 26.82 26.33
C VAL X 178 21.01 25.42 25.94
N SER X 179 19.72 25.29 25.68
CA SER X 179 19.09 24.04 25.29
C SER X 179 18.56 24.15 23.87
N PHE X 180 18.72 23.08 23.11
CA PHE X 180 18.33 23.04 21.71
C PHE X 180 17.28 21.96 21.52
N ASP X 181 16.27 22.26 20.71
CA ASP X 181 15.28 21.26 20.34
C ASP X 181 15.64 20.68 18.97
N ALA X 182 14.86 19.67 18.55
CA ALA X 182 15.18 18.96 17.32
C ALA X 182 15.11 19.87 16.10
N ALA X 183 14.21 20.85 16.11
CA ALA X 183 14.02 21.75 14.97
C ALA X 183 15.12 22.79 14.84
N GLY X 184 16.04 22.86 15.79
CA GLY X 184 17.15 23.79 15.73
C GLY X 184 17.00 25.01 16.61
N GLY X 185 15.83 25.22 17.20
CA GLY X 185 15.65 26.36 18.08
C GLY X 185 16.50 26.24 19.33
N TRP X 186 16.88 27.38 19.89
CA TRP X 186 17.70 27.43 21.09
C TRP X 186 17.03 28.29 22.14
N ASN X 187 17.33 27.99 23.39
CA ASN X 187 16.73 28.67 24.53
C ASN X 187 17.78 28.81 25.62
N ILE X 188 17.97 30.05 26.10
CA ILE X 188 18.83 30.29 27.24
C ILE X 188 18.00 30.10 28.50
N GLU X 189 18.42 29.14 29.34
CA GLU X 189 17.64 28.78 30.52
C GLU X 189 17.79 29.83 31.61
N GLU X 190 16.66 30.24 32.18
CA GLU X 190 16.65 31.12 33.34
C GLU X 190 16.27 30.40 34.62
N GLU X 191 15.89 29.12 34.55
CA GLU X 191 15.57 28.35 35.74
C GLU X 191 16.82 27.81 36.43
N GLY X 192 17.97 27.84 35.77
CA GLY X 192 19.23 27.50 36.39
C GLY X 192 19.77 26.12 36.06
N TYR X 193 18.93 25.22 35.54
CA TYR X 193 19.35 23.86 35.27
C TYR X 193 18.65 23.35 34.02
N GLN X 194 19.25 22.32 33.42
CA GLN X 194 18.72 21.71 32.21
C GLN X 194 19.30 20.31 32.10
N ALA X 195 18.63 19.47 31.31
CA ALA X 195 19.10 18.12 31.06
C ALA X 195 18.70 17.69 29.66
N VAL X 196 19.50 16.81 29.06
CA VAL X 196 19.19 16.20 27.77
C VAL X 196 19.44 14.71 27.88
N GLY X 197 18.79 13.97 27.01
CA GLY X 197 18.91 12.53 26.95
C GLY X 197 17.61 11.84 27.28
N SER X 198 17.68 10.52 27.40
CA SER X 198 16.49 9.74 27.71
C SER X 198 16.04 9.96 29.16
N GLY X 199 16.98 10.06 30.08
CA GLY X 199 16.66 10.27 31.48
C GLY X 199 16.58 11.73 31.85
N SER X 200 16.45 12.60 30.83
CA SER X 200 16.47 14.03 31.07
C SER X 200 15.29 14.46 31.94
N LEU X 201 14.14 13.82 31.78
CA LEU X 201 12.97 14.19 32.58
C LEU X 201 13.19 13.91 34.06
N PHE X 202 13.70 12.71 34.37
CA PHE X 202 13.95 12.35 35.76
C PHE X 202 15.02 13.24 36.37
N ALA X 203 16.09 13.53 35.63
CA ALA X 203 17.13 14.40 36.13
C ALA X 203 16.62 15.81 36.35
N LYS X 204 15.79 16.32 35.43
CA LYS X 204 15.24 17.66 35.61
C LYS X 204 14.33 17.74 36.82
N SER X 205 13.50 16.72 37.03
CA SER X 205 12.62 16.73 38.18
C SER X 205 13.39 16.53 39.48
N SER X 206 14.53 15.85 39.44
CA SER X 206 15.39 15.78 40.62
C SER X 206 16.02 17.12 40.91
N MET X 207 16.56 17.78 39.88
CA MET X 207 17.16 19.10 40.06
C MET X 207 16.15 20.14 40.52
N LYS X 208 14.88 19.99 40.11
CA LYS X 208 13.87 20.93 40.56
C LYS X 208 13.75 20.95 42.07
N LYS X 209 13.89 19.80 42.72
CA LYS X 209 13.83 19.73 44.18
C LYS X 209 15.16 19.98 44.84
N LEU X 210 16.28 19.65 44.17
CA LEU X 210 17.59 19.79 44.78
C LEU X 210 18.27 21.13 44.50
N TYR X 211 17.70 21.98 43.65
CA TYR X 211 18.40 23.17 43.24
C TYR X 211 18.48 24.24 44.32
N SER X 212 17.64 24.15 45.35
CA SER X 212 17.68 25.16 46.40
C SER X 212 18.97 25.08 47.22
N GLN X 213 19.60 23.91 47.29
CA GLN X 213 20.81 23.74 48.07
C GLN X 213 22.08 23.90 47.24
N VAL X 214 21.99 24.53 46.08
CA VAL X 214 23.16 24.85 45.27
C VAL X 214 23.62 26.25 45.65
N THR X 215 24.83 26.35 46.19
CA THR X 215 25.33 27.64 46.66
C THR X 215 26.72 27.95 46.10
N ASP X 216 27.51 26.91 45.84
CA ASP X 216 28.86 27.08 45.32
C ASP X 216 29.12 25.96 44.31
N GLY X 217 30.38 25.84 43.90
CA GLY X 217 30.73 24.82 42.92
C GLY X 217 30.60 23.41 43.44
N ASP X 218 30.98 23.18 44.70
CA ASP X 218 30.95 21.82 45.25
C ASP X 218 29.53 21.32 45.43
N SER X 219 28.63 22.15 45.97
CA SER X 219 27.25 21.73 46.13
C SER X 219 26.56 21.57 44.78
N GLY X 220 26.89 22.44 43.81
CA GLY X 220 26.35 22.26 42.47
C GLY X 220 26.81 20.98 41.83
N LEU X 221 28.08 20.62 42.02
CA LEU X 221 28.58 19.34 41.52
C LEU X 221 27.87 18.17 42.18
N ARG X 222 27.65 18.26 43.50
CA ARG X 222 26.92 17.20 44.20
C ARG X 222 25.50 17.06 43.65
N VAL X 223 24.84 18.19 43.40
CA VAL X 223 23.46 18.14 42.91
C VAL X 223 23.42 17.57 41.49
N ALA X 224 24.40 17.91 40.66
CA ALA X 224 24.47 17.33 39.31
C ALA X 224 24.67 15.81 39.37
N VAL X 225 25.57 15.35 40.24
CA VAL X 225 25.82 13.92 40.36
C VAL X 225 24.58 13.21 40.89
N GLU X 226 23.85 13.84 41.82
CA GLU X 226 22.64 13.24 42.35
C GLU X 226 21.53 13.18 41.31
N ALA X 227 21.41 14.21 40.47
CA ALA X 227 20.44 14.17 39.37
C ALA X 227 20.78 13.05 38.40
N LEU X 228 22.05 12.87 38.08
CA LEU X 228 22.46 11.76 37.24
C LEU X 228 22.13 10.42 37.90
N TYR X 229 22.30 10.34 39.22
CA TYR X 229 21.94 9.13 39.95
C TYR X 229 20.46 8.83 39.81
N ASP X 230 19.61 9.84 39.96
CA ASP X 230 18.17 9.63 39.82
C ASP X 230 17.79 9.21 38.41
N ALA X 231 18.39 9.86 37.41
CA ALA X 231 18.13 9.49 36.02
C ALA X 231 18.50 8.05 35.76
N ALA X 232 19.66 7.61 36.29
CA ALA X 232 20.05 6.21 36.14
C ALA X 232 19.11 5.29 36.91
N ASP X 233 18.63 5.74 38.06
CA ASP X 233 17.71 4.94 38.87
C ASP X 233 16.39 4.70 38.15
N ASP X 234 15.98 5.61 37.27
CA ASP X 234 14.69 5.46 36.59
C ASP X 234 14.80 5.08 35.12
N ASP X 235 15.96 5.24 34.49
CA ASP X 235 16.11 5.00 33.06
C ASP X 235 17.24 4.00 32.84
N SER X 236 16.94 2.87 32.21
CA SER X 236 17.93 1.82 32.04
C SER X 236 18.99 2.19 31.01
N ALA X 237 18.75 3.18 30.17
CA ALA X 237 19.74 3.62 29.19
C ALA X 237 20.79 4.53 29.81
N THR X 238 20.57 5.00 31.03
CA THR X 238 21.56 5.78 31.77
C THR X 238 22.27 4.88 32.75
N GLY X 239 23.60 4.96 32.80
CA GLY X 239 24.37 4.18 33.74
C GLY X 239 24.65 4.98 35.01
N GLY X 240 24.50 4.31 36.15
CA GLY X 240 24.81 4.91 37.42
C GLY X 240 26.27 4.76 37.76
N PRO X 241 26.66 5.21 38.96
CA PRO X 241 28.02 4.94 39.43
C PRO X 241 28.25 3.43 39.55
N ASP X 242 29.26 2.96 38.85
CA ASP X 242 29.65 1.55 38.90
C ASP X 242 30.73 1.41 39.97
N LEU X 243 30.33 0.93 41.15
CA LEU X 243 31.28 0.78 42.25
C LEU X 243 32.14 -0.46 42.11
N VAL X 244 31.79 -1.37 41.20
CA VAL X 244 32.61 -2.56 40.97
C VAL X 244 33.76 -2.25 40.03
N ARG X 245 33.45 -1.65 38.87
CA ARG X 245 34.47 -1.27 37.90
C ARG X 245 35.12 0.06 38.23
N GLY X 246 34.56 0.83 39.16
CA GLY X 246 35.08 2.15 39.46
C GLY X 246 34.93 3.16 38.36
N ILE X 247 33.77 3.16 37.68
CA ILE X 247 33.47 4.12 36.62
C ILE X 247 32.37 5.04 37.12
N PHE X 248 32.60 6.34 37.03
CA PHE X 248 31.72 7.37 37.56
C PHE X 248 31.42 8.40 36.48
N PRO X 249 30.37 9.21 36.66
CA PRO X 249 30.05 10.23 35.67
C PRO X 249 31.18 11.23 35.49
N THR X 250 31.31 11.75 34.27
CA THR X 250 32.26 12.82 33.99
C THR X 250 31.61 14.16 34.27
N ALA X 251 32.44 15.16 34.56
CA ALA X 251 31.92 16.48 34.87
C ALA X 251 32.94 17.55 34.46
N VAL X 252 32.42 18.72 34.13
CA VAL X 252 33.20 19.89 33.75
C VAL X 252 32.66 21.08 34.53
N ILE X 253 33.55 21.83 35.17
CA ILE X 253 33.17 23.05 35.86
C ILE X 253 33.76 24.23 35.11
N ILE X 254 32.93 25.20 34.75
CA ILE X 254 33.38 26.41 34.09
C ILE X 254 33.14 27.58 35.04
N ASP X 255 34.19 28.35 35.28
CA ASP X 255 34.09 29.56 36.10
C ASP X 255 34.95 30.63 35.44
N ALA X 256 35.20 31.71 36.16
CA ALA X 256 35.95 32.84 35.62
C ALA X 256 37.36 32.45 35.20
N ASP X 257 37.91 31.37 35.78
CA ASP X 257 39.24 30.92 35.41
C ASP X 257 39.26 30.01 34.19
N GLY X 258 38.10 29.55 33.74
CA GLY X 258 37.99 28.71 32.57
C GLY X 258 37.21 27.46 32.84
N ALA X 259 37.29 26.52 31.90
CA ALA X 259 36.61 25.25 31.97
C ALA X 259 37.61 24.14 32.30
N VAL X 260 37.35 23.41 33.38
CA VAL X 260 38.26 22.37 33.84
C VAL X 260 37.46 21.10 34.10
N ASP X 261 38.03 19.96 33.71
CA ASP X 261 37.42 18.67 34.02
C ASP X 261 37.61 18.35 35.50
N VAL X 262 36.52 17.94 36.15
CA VAL X 262 36.62 17.51 37.55
C VAL X 262 37.41 16.21 37.61
N PRO X 263 38.34 16.07 38.54
CA PRO X 263 39.02 14.78 38.72
C PRO X 263 38.03 13.69 39.12
N GLU X 264 38.32 12.47 38.68
CA GLU X 264 37.42 11.34 38.94
C GLU X 264 37.28 11.08 40.44
N SER X 265 38.27 11.44 41.23
CA SER X 265 38.23 11.16 42.67
C SER X 265 37.12 11.95 43.36
N ARG X 266 36.95 13.22 43.01
CA ARG X 266 35.93 14.04 43.65
C ARG X 266 34.53 13.53 43.34
N ILE X 267 34.28 13.16 42.08
CA ILE X 267 32.99 12.61 41.71
C ILE X 267 32.79 11.24 42.36
N ALA X 268 33.87 10.46 42.49
CA ALA X 268 33.76 9.18 43.18
C ALA X 268 33.32 9.39 44.63
N GLU X 269 33.92 10.35 45.31
CA GLU X 269 33.56 10.65 46.70
C GLU X 269 32.11 11.11 46.80
N LEU X 270 31.69 11.99 45.90
CA LEU X 270 30.31 12.48 45.93
C LEU X 270 29.32 11.35 45.66
N ALA X 271 29.61 10.51 44.68
CA ALA X 271 28.71 9.39 44.35
C ALA X 271 28.63 8.39 45.48
N ARG X 272 29.76 8.11 46.15
CA ARG X 272 29.74 7.22 47.29
C ARG X 272 28.91 7.80 48.43
N ALA X 273 29.03 9.11 48.66
CA ALA X 273 28.21 9.74 49.69
C ALA X 273 26.73 9.65 49.34
N ILE X 274 26.38 9.86 48.08
CA ILE X 274 24.97 9.77 47.67
C ILE X 274 24.44 8.36 47.87
N ILE X 275 25.23 7.36 47.45
CA ILE X 275 24.81 5.97 47.60
C ILE X 275 24.64 5.60 49.07
N GLU X 276 25.58 6.04 49.92
CA GLU X 276 25.44 5.79 51.34
C GLU X 276 24.20 6.47 51.91
N SER X 277 23.86 7.66 51.40
CA SER X 277 22.66 8.34 51.85
C SER X 277 21.39 7.59 51.44
N ARG X 278 21.38 7.02 50.23
CA ARG X 278 20.17 6.39 49.72
C ARG X 278 19.89 5.02 50.32
N SER X 279 20.85 4.42 51.03
CA SER X 279 20.66 3.08 51.56
C SER X 279 19.76 3.08 52.80
N THR Y 58 30.42 -15.65 10.75
CA THR Y 58 31.75 -15.06 10.88
C THR Y 58 31.97 -14.54 12.30
N THR Y 59 33.21 -14.66 12.78
CA THR Y 59 33.55 -14.17 14.11
C THR Y 59 35.04 -13.85 14.14
N ILE Y 60 35.36 -12.64 14.56
CA ILE Y 60 36.74 -12.18 14.71
C ILE Y 60 36.90 -11.67 16.12
N VAL Y 61 37.89 -12.21 16.83
CA VAL Y 61 38.19 -11.80 18.19
C VAL Y 61 39.51 -11.06 18.20
N ALA Y 62 39.66 -10.16 19.17
CA ALA Y 62 40.91 -9.46 19.39
C ALA Y 62 41.07 -9.24 20.88
N LEU Y 63 42.26 -9.50 21.41
CA LEU Y 63 42.50 -9.29 22.82
C LEU Y 63 43.91 -8.79 23.06
N LYS Y 64 44.04 -7.96 24.10
CA LYS Y 64 45.33 -7.42 24.52
C LYS Y 64 45.99 -8.37 25.51
N TYR Y 65 47.30 -8.49 25.41
CA TYR Y 65 48.09 -9.21 26.38
C TYR Y 65 49.27 -8.33 26.75
N PRO Y 66 49.89 -8.57 27.91
CA PRO Y 66 51.07 -7.78 28.30
C PRO Y 66 52.11 -7.74 27.19
N GLY Y 67 52.30 -6.58 26.58
CA GLY Y 67 53.29 -6.40 25.55
C GLY Y 67 52.78 -6.44 24.12
N GLY Y 68 51.48 -6.57 23.91
CA GLY Y 68 50.98 -6.55 22.54
C GLY Y 68 49.52 -6.94 22.44
N VAL Y 69 49.12 -7.26 21.22
CA VAL Y 69 47.73 -7.58 20.89
C VAL Y 69 47.71 -8.79 19.98
N VAL Y 70 46.64 -9.56 20.06
CA VAL Y 70 46.46 -10.74 19.22
C VAL Y 70 45.05 -10.69 18.64
N MET Y 71 44.92 -11.17 17.40
CA MET Y 71 43.65 -11.06 16.69
C MET Y 71 43.44 -12.28 15.82
N ALA Y 72 42.31 -12.96 16.00
CA ALA Y 72 42.06 -14.22 15.33
C ALA Y 72 40.70 -14.19 14.65
N GLY Y 73 40.58 -14.98 13.59
CA GLY Y 73 39.35 -15.04 12.82
C GLY Y 73 39.10 -16.42 12.28
N ASP Y 74 37.82 -16.75 12.11
CA ASP Y 74 37.41 -18.05 11.60
C ASP Y 74 37.46 -18.05 10.07
N ARG Y 75 37.19 -19.20 9.47
CA ARG Y 75 37.41 -19.40 8.05
C ARG Y 75 36.16 -19.65 7.23
N ARG Y 76 35.00 -19.84 7.87
CA ARG Y 76 33.80 -20.20 7.14
C ARG Y 76 33.15 -18.97 6.53
N SER Y 77 32.65 -19.13 5.31
CA SER Y 77 31.75 -18.16 4.68
C SER Y 77 30.54 -18.91 4.17
N THR Y 78 29.35 -18.38 4.46
CA THR Y 78 28.09 -19.02 4.09
C THR Y 78 27.23 -18.03 3.32
N GLN Y 79 26.37 -18.57 2.47
CA GLN Y 79 25.32 -17.79 1.81
C GLN Y 79 23.98 -18.40 2.22
N GLY Y 80 23.47 -17.96 3.36
CA GLY Y 80 22.30 -18.57 3.96
C GLY Y 80 22.71 -19.74 4.83
N ASN Y 81 22.09 -20.89 4.59
CA ASN Y 81 22.47 -22.12 5.27
C ASN Y 81 23.53 -22.91 4.52
N MET Y 82 23.89 -22.49 3.31
CA MET Y 82 24.80 -23.23 2.45
C MET Y 82 26.22 -22.72 2.68
N ILE Y 83 27.13 -23.66 2.98
CA ILE Y 83 28.53 -23.30 3.18
C ILE Y 83 29.19 -23.11 1.83
N SER Y 84 29.73 -21.92 1.59
CA SER Y 84 30.35 -21.59 0.32
C SER Y 84 31.85 -21.37 0.42
N GLY Y 85 32.41 -21.30 1.62
CA GLY Y 85 33.84 -21.14 1.78
C GLY Y 85 34.34 -21.73 3.07
N ARG Y 86 35.48 -22.43 3.00
CA ARG Y 86 36.06 -23.08 4.16
C ARG Y 86 37.45 -22.61 4.50
N ASP Y 87 38.06 -21.75 3.70
CA ASP Y 87 39.42 -21.28 3.92
C ASP Y 87 39.51 -19.77 3.74
N VAL Y 88 38.49 -19.05 4.17
CA VAL Y 88 38.46 -17.60 4.02
C VAL Y 88 39.36 -16.96 5.08
N ARG Y 89 40.14 -15.98 4.66
CA ARG Y 89 41.00 -15.22 5.56
C ARG Y 89 40.37 -13.86 5.82
N LYS Y 90 40.03 -13.58 7.09
CA LYS Y 90 39.32 -12.38 7.46
C LYS Y 90 40.16 -11.40 8.27
N VAL Y 91 41.34 -11.81 8.73
CA VAL Y 91 42.23 -10.95 9.50
C VAL Y 91 43.37 -10.53 8.59
N TYR Y 92 43.51 -9.22 8.41
CA TYR Y 92 44.48 -8.64 7.48
C TYR Y 92 45.51 -7.84 8.24
N ILE Y 93 46.76 -7.89 7.78
CA ILE Y 93 47.83 -7.05 8.30
C ILE Y 93 47.78 -5.74 7.51
N THR Y 94 47.21 -4.71 8.11
CA THR Y 94 47.06 -3.45 7.40
C THR Y 94 48.40 -2.73 7.26
N ASP Y 95 49.18 -2.69 8.33
CA ASP Y 95 50.53 -2.15 8.25
C ASP Y 95 51.37 -2.81 9.34
N ASP Y 96 52.66 -2.47 9.35
CA ASP Y 96 53.62 -3.20 10.18
C ASP Y 96 53.27 -3.17 11.66
N TYR Y 97 52.27 -2.39 12.08
CA TYR Y 97 51.84 -2.41 13.46
C TYR Y 97 50.33 -2.44 13.66
N THR Y 98 49.54 -2.56 12.59
CA THR Y 98 48.10 -2.69 12.75
C THR Y 98 47.56 -3.82 11.89
N ALA Y 99 46.67 -4.61 12.50
CA ALA Y 99 45.86 -5.60 11.82
C ALA Y 99 44.40 -5.17 11.88
N THR Y 100 43.66 -5.49 10.83
CA THR Y 100 42.25 -5.19 10.75
C THR Y 100 41.49 -6.46 10.40
N GLY Y 101 40.24 -6.52 10.83
CA GLY Y 101 39.39 -7.63 10.47
C GLY Y 101 37.95 -7.19 10.30
N ILE Y 102 37.34 -7.51 9.17
CA ILE Y 102 36.02 -7.00 8.85
C ILE Y 102 35.06 -8.18 8.73
N ALA Y 103 33.94 -8.09 9.44
CA ALA Y 103 32.88 -9.09 9.40
C ALA Y 103 31.71 -8.57 8.58
N GLY Y 104 30.88 -9.49 8.11
CA GLY Y 104 29.75 -9.15 7.28
C GLY Y 104 29.87 -9.75 5.89
N THR Y 105 29.38 -9.00 4.90
CA THR Y 105 29.50 -9.45 3.51
C THR Y 105 30.97 -9.59 3.14
N ALA Y 106 31.35 -10.79 2.69
CA ALA Y 106 32.76 -11.09 2.46
C ALA Y 106 33.36 -10.20 1.38
N ALA Y 107 32.61 -9.96 0.31
CA ALA Y 107 33.10 -9.06 -0.75
C ALA Y 107 33.43 -7.70 -0.19
N VAL Y 108 32.53 -7.14 0.63
CA VAL Y 108 32.75 -5.83 1.21
C VAL Y 108 33.93 -5.86 2.18
N ALA Y 109 34.09 -6.97 2.90
CA ALA Y 109 35.22 -7.08 3.83
C ALA Y 109 36.55 -7.03 3.08
N VAL Y 110 36.67 -7.80 1.99
CA VAL Y 110 37.92 -7.81 1.23
C VAL Y 110 38.17 -6.43 0.62
N GLU Y 111 37.13 -5.82 0.05
CA GLU Y 111 37.28 -4.49 -0.55
C GLU Y 111 37.71 -3.48 0.50
N PHE Y 112 37.08 -3.51 1.67
CA PHE Y 112 37.40 -2.56 2.73
C PHE Y 112 38.84 -2.72 3.20
N ALA Y 113 39.29 -3.97 3.40
CA ALA Y 113 40.66 -4.18 3.86
C ALA Y 113 41.67 -3.67 2.82
N ARG Y 114 41.42 -3.99 1.55
CA ARG Y 114 42.32 -3.52 0.49
C ARG Y 114 42.36 -1.99 0.45
N LEU Y 115 41.19 -1.36 0.50
CA LEU Y 115 41.09 0.09 0.40
C LEU Y 115 41.75 0.78 1.58
N TYR Y 116 41.54 0.25 2.78
CA TYR Y 116 42.14 0.82 3.98
C TYR Y 116 43.66 0.69 3.96
N ALA Y 117 44.17 -0.47 3.56
CA ALA Y 117 45.62 -0.63 3.46
C ALA Y 117 46.21 0.33 2.44
N VAL Y 118 45.54 0.47 1.29
CA VAL Y 118 46.01 1.40 0.28
C VAL Y 118 46.01 2.83 0.81
N GLU Y 119 44.97 3.21 1.55
CA GLU Y 119 44.89 4.57 2.07
C GLU Y 119 46.02 4.86 3.07
N LEU Y 120 46.25 3.94 4.00
CA LEU Y 120 47.33 4.16 4.97
C LEU Y 120 48.69 4.24 4.28
N GLU Y 121 48.95 3.32 3.35
CA GLU Y 121 50.22 3.35 2.63
C GLU Y 121 50.37 4.60 1.79
N HIS Y 122 49.27 5.06 1.18
CA HIS Y 122 49.30 6.26 0.37
C HIS Y 122 49.65 7.48 1.21
N TYR Y 123 49.04 7.61 2.40
CA TYR Y 123 49.41 8.71 3.26
C TYR Y 123 50.88 8.62 3.66
N GLU Y 124 51.35 7.42 4.01
CA GLU Y 124 52.73 7.29 4.43
C GLU Y 124 53.70 7.69 3.32
N LYS Y 125 53.42 7.28 2.09
CA LYS Y 125 54.29 7.63 0.97
C LYS Y 125 54.23 9.12 0.65
N LEU Y 126 53.03 9.71 0.71
CA LEU Y 126 52.89 11.11 0.37
C LEU Y 126 53.57 12.02 1.39
N GLU Y 127 53.35 11.74 2.68
CA GLU Y 127 53.79 12.64 3.75
C GLU Y 127 55.15 12.26 4.33
N GLY Y 128 55.65 11.05 4.07
CA GLY Y 128 56.92 10.64 4.59
C GLY Y 128 56.89 10.09 6.00
N VAL Y 129 55.73 10.11 6.66
CA VAL Y 129 55.60 9.59 8.02
C VAL Y 129 54.29 8.83 8.12
N PRO Y 130 54.23 7.74 8.89
CA PRO Y 130 52.94 7.04 9.05
C PRO Y 130 51.96 7.86 9.85
N LEU Y 131 50.68 7.58 9.62
CA LEU Y 131 49.62 8.22 10.38
C LEU Y 131 49.73 7.84 11.86
N THR Y 132 49.38 8.79 12.72
CA THR Y 132 49.19 8.46 14.12
C THR Y 132 48.01 7.51 14.26
N PHE Y 133 47.99 6.78 15.37
CA PHE Y 133 46.96 5.76 15.55
C PHE Y 133 45.56 6.38 15.50
N ALA Y 134 45.40 7.58 16.05
CA ALA Y 134 44.11 8.25 15.98
C ALA Y 134 43.75 8.60 14.54
N GLY Y 135 44.74 8.93 13.71
CA GLY Y 135 44.47 9.17 12.31
C GLY Y 135 43.97 7.93 11.59
N LYS Y 136 44.58 6.78 11.88
CA LYS Y 136 44.11 5.52 11.30
C LYS Y 136 42.70 5.19 11.75
N ILE Y 137 42.41 5.40 13.04
CA ILE Y 137 41.06 5.15 13.54
C ILE Y 137 40.07 6.06 12.83
N ASN Y 138 40.43 7.33 12.65
CA ASN Y 138 39.53 8.27 11.98
C ASN Y 138 39.29 7.87 10.54
N ARG Y 139 40.33 7.43 9.83
CA ARG Y 139 40.14 7.02 8.44
C ARG Y 139 39.22 5.81 8.35
N LEU Y 140 39.41 4.83 9.24
CA LEU Y 140 38.52 3.66 9.22
C LEU Y 140 37.09 4.05 9.58
N ALA Y 141 36.91 4.96 10.53
CA ALA Y 141 35.57 5.40 10.90
C ALA Y 141 34.91 6.15 9.75
N ILE Y 142 35.67 6.96 9.01
CA ILE Y 142 35.13 7.63 7.84
C ILE Y 142 34.72 6.62 6.79
N MET Y 143 35.53 5.57 6.59
CA MET Y 143 35.17 4.52 5.64
C MET Y 143 33.87 3.84 6.04
N VAL Y 144 33.71 3.54 7.33
CA VAL Y 144 32.49 2.90 7.80
C VAL Y 144 31.28 3.82 7.63
N ARG Y 145 31.45 5.11 7.94
CA ARG Y 145 30.36 6.06 7.81
C ARG Y 145 29.93 6.22 6.35
N GLY Y 146 30.90 6.21 5.43
CA GLY Y 146 30.58 6.35 4.02
C GLY Y 146 29.97 5.12 3.38
N ASN Y 147 29.70 4.07 4.16
CA ASN Y 147 29.13 2.83 3.66
C ASN Y 147 27.75 2.57 4.25
N LEU Y 148 27.11 3.58 4.84
CA LEU Y 148 25.87 3.35 5.59
C LEU Y 148 24.71 3.02 4.67
N ALA Y 149 24.56 3.75 3.56
CA ALA Y 149 23.47 3.45 2.63
C ALA Y 149 23.65 2.07 2.00
N ALA Y 150 24.88 1.72 1.63
CA ALA Y 150 25.15 0.40 1.08
C ALA Y 150 24.83 -0.68 2.10
N ALA Y 151 25.18 -0.46 3.37
CA ALA Y 151 24.81 -1.41 4.41
C ALA Y 151 23.30 -1.52 4.55
N MET Y 152 22.58 -0.41 4.39
CA MET Y 152 21.13 -0.46 4.38
C MET Y 152 20.60 -1.26 3.20
N GLN Y 153 21.32 -1.28 2.07
CA GLN Y 153 20.97 -2.13 0.95
C GLN Y 153 21.48 -3.56 1.09
N GLY Y 154 22.26 -3.85 2.13
CA GLY Y 154 22.70 -5.21 2.42
C GLY Y 154 24.19 -5.47 2.35
N LEU Y 155 25.02 -4.50 1.99
CA LEU Y 155 26.47 -4.71 1.92
C LEU Y 155 27.14 -4.17 3.18
N LEU Y 156 26.89 -4.87 4.28
CA LEU Y 156 27.34 -4.44 5.60
C LEU Y 156 28.77 -4.91 5.88
N ALA Y 157 29.51 -4.10 6.62
CA ALA Y 157 30.88 -4.42 7.00
C ALA Y 157 31.18 -3.82 8.36
N LEU Y 158 31.45 -4.67 9.35
CA LEU Y 158 31.82 -4.25 10.69
C LEU Y 158 33.31 -4.48 10.89
N PRO Y 159 34.13 -3.45 10.96
CA PRO Y 159 35.56 -3.66 11.19
C PRO Y 159 35.92 -3.73 12.66
N LEU Y 160 37.10 -4.29 12.90
CA LEU Y 160 37.70 -4.36 14.23
C LEU Y 160 39.19 -4.16 14.03
N LEU Y 161 39.76 -3.19 14.73
CA LEU Y 161 41.14 -2.81 14.52
C LEU Y 161 41.96 -3.18 15.75
N ALA Y 162 43.06 -3.90 15.54
CA ALA Y 162 44.03 -4.17 16.58
C ALA Y 162 45.34 -3.48 16.18
N GLY Y 163 45.94 -2.78 17.12
CA GLY Y 163 47.13 -2.02 16.80
C GLY Y 163 48.11 -2.02 17.95
N TYR Y 164 49.32 -1.58 17.65
CA TYR Y 164 50.36 -1.37 18.64
C TYR Y 164 50.84 0.06 18.49
N ASP Y 165 50.47 0.92 19.44
CA ASP Y 165 50.86 2.32 19.38
C ASP Y 165 52.34 2.44 19.74
N ILE Y 166 53.16 2.80 18.74
CA ILE Y 166 54.59 2.91 18.96
C ILE Y 166 54.95 4.16 19.76
N HIS Y 167 54.08 5.16 19.77
CA HIS Y 167 54.31 6.38 20.53
C HIS Y 167 53.74 6.30 21.94
N ALA Y 168 53.18 5.17 22.34
CA ALA Y 168 52.66 5.02 23.69
C ALA Y 168 53.79 5.05 24.70
N SER Y 169 53.52 5.70 25.84
CA SER Y 169 54.55 5.86 26.87
C SER Y 169 55.04 4.52 27.39
N ASP Y 170 54.10 3.60 27.68
CA ASP Y 170 54.46 2.32 28.28
C ASP Y 170 54.42 1.25 27.20
N PRO Y 171 55.55 0.63 26.85
CA PRO Y 171 55.53 -0.42 25.81
C PRO Y 171 54.66 -1.61 26.16
N GLN Y 172 54.55 -1.97 27.45
CA GLN Y 172 53.85 -3.19 27.80
C GLN Y 172 52.33 -3.04 27.73
N SER Y 173 51.82 -1.81 27.74
CA SER Y 173 50.40 -1.56 27.60
C SER Y 173 50.09 -0.75 26.33
N ALA Y 174 50.88 -0.97 25.29
CA ALA Y 174 50.76 -0.20 24.05
C ALA Y 174 49.80 -0.82 23.05
N GLY Y 175 49.26 -2.00 23.33
CA GLY Y 175 48.26 -2.57 22.44
C GLY Y 175 46.94 -1.82 22.54
N ARG Y 176 46.27 -1.71 21.41
CA ARG Y 176 44.98 -1.02 21.32
C ARG Y 176 44.01 -1.88 20.55
N ILE Y 177 42.76 -1.89 21.00
CA ILE Y 177 41.67 -2.57 20.29
C ILE Y 177 40.55 -1.54 20.11
N VAL Y 178 40.17 -1.31 18.85
CA VAL Y 178 39.15 -0.34 18.51
C VAL Y 178 38.01 -1.07 17.81
N SER Y 179 36.80 -0.83 18.31
CA SER Y 179 35.58 -1.38 17.71
C SER Y 179 34.77 -0.24 17.11
N PHE Y 180 33.95 -0.59 16.12
CA PHE Y 180 33.15 0.39 15.39
C PHE Y 180 31.70 -0.04 15.39
N ASP Y 181 30.80 0.92 15.60
CA ASP Y 181 29.39 0.64 15.54
C ASP Y 181 28.89 0.79 14.10
N ALA Y 182 27.57 0.61 13.92
CA ALA Y 182 27.01 0.67 12.58
C ALA Y 182 27.08 2.08 11.99
N ALA Y 183 26.96 3.10 12.83
CA ALA Y 183 26.90 4.48 12.36
C ALA Y 183 28.27 5.10 12.15
N GLY Y 184 29.35 4.38 12.40
CA GLY Y 184 30.69 4.89 12.22
C GLY Y 184 31.39 5.29 13.50
N GLY Y 185 30.69 5.35 14.63
CA GLY Y 185 31.33 5.66 15.89
C GLY Y 185 32.27 4.56 16.33
N TRP Y 186 33.37 4.96 16.97
CA TRP Y 186 34.42 4.05 17.37
C TRP Y 186 34.69 4.19 18.86
N ASN Y 187 35.10 3.08 19.46
CA ASN Y 187 35.46 3.05 20.86
C ASN Y 187 36.73 2.23 21.05
N ILE Y 188 37.64 2.75 21.86
CA ILE Y 188 38.86 2.05 22.23
C ILE Y 188 38.55 1.22 23.47
N GLU Y 189 38.61 -0.10 23.33
CA GLU Y 189 38.27 -0.97 24.44
C GLU Y 189 39.29 -0.85 25.56
N GLU Y 190 38.79 -0.79 26.79
CA GLU Y 190 39.65 -0.86 27.97
C GLU Y 190 39.51 -2.17 28.72
N GLU Y 191 38.50 -2.98 28.41
CA GLU Y 191 38.39 -4.29 29.03
C GLU Y 191 39.42 -5.28 28.49
N GLY Y 192 39.99 -5.00 27.33
CA GLY Y 192 41.08 -5.80 26.80
C GLY Y 192 40.70 -6.82 25.74
N TYR Y 193 39.42 -6.93 25.39
CA TYR Y 193 39.01 -7.88 24.37
C TYR Y 193 37.78 -7.34 23.67
N GLN Y 194 37.57 -7.83 22.44
CA GLN Y 194 36.44 -7.42 21.62
C GLN Y 194 36.21 -8.49 20.57
N ALA Y 195 34.99 -8.53 20.04
CA ALA Y 195 34.66 -9.46 18.98
C ALA Y 195 33.63 -8.83 18.06
N VAL Y 196 33.78 -9.10 16.77
CA VAL Y 196 32.82 -8.70 15.76
C VAL Y 196 32.35 -9.94 15.03
N GLY Y 197 31.12 -9.89 14.53
CA GLY Y 197 30.59 -10.98 13.73
C GLY Y 197 29.30 -11.52 14.30
N SER Y 198 28.84 -12.62 13.70
CA SER Y 198 27.58 -13.21 14.09
C SER Y 198 27.70 -13.97 15.41
N GLY Y 199 28.84 -14.61 15.64
CA GLY Y 199 29.06 -15.35 16.87
C GLY Y 199 29.82 -14.55 17.90
N SER Y 200 29.76 -13.22 17.75
CA SER Y 200 30.59 -12.33 18.56
C SER Y 200 30.17 -12.34 20.03
N LEU Y 201 28.88 -12.45 20.31
CA LEU Y 201 28.43 -12.42 21.71
C LEU Y 201 28.94 -13.63 22.47
N PHE Y 202 28.87 -14.81 21.86
CA PHE Y 202 29.39 -16.01 22.50
C PHE Y 202 30.89 -15.91 22.72
N ALA Y 203 31.63 -15.41 21.73
CA ALA Y 203 33.07 -15.25 21.87
C ALA Y 203 33.41 -14.26 22.97
N LYS Y 204 32.67 -13.16 23.06
CA LYS Y 204 32.95 -12.16 24.09
C LYS Y 204 32.63 -12.68 25.48
N SER Y 205 31.55 -13.43 25.63
CA SER Y 205 31.25 -14.01 26.93
C SER Y 205 32.22 -15.13 27.30
N SER Y 206 32.81 -15.79 26.29
CA SER Y 206 33.88 -16.74 26.56
C SER Y 206 35.14 -16.03 27.02
N MET Y 207 35.51 -14.94 26.35
CA MET Y 207 36.70 -14.19 26.71
C MET Y 207 36.54 -13.53 28.07
N LYS Y 208 35.33 -13.12 28.44
CA LYS Y 208 35.11 -12.51 29.74
C LYS Y 208 35.52 -13.45 30.87
N LYS Y 209 35.27 -14.76 30.69
CA LYS Y 209 35.63 -15.75 31.69
C LYS Y 209 37.05 -16.24 31.55
N LEU Y 210 37.60 -16.28 30.35
CA LEU Y 210 38.94 -16.82 30.13
C LEU Y 210 40.05 -15.77 30.20
N TYR Y 211 39.70 -14.49 30.29
CA TYR Y 211 40.71 -13.44 30.13
C TYR Y 211 41.68 -13.36 31.29
N SER Y 212 41.33 -13.92 32.45
CA SER Y 212 42.24 -13.87 33.59
C SER Y 212 43.50 -14.68 33.37
N GLN Y 213 43.50 -15.57 32.38
CA GLN Y 213 44.64 -16.43 32.09
C GLN Y 213 45.58 -15.84 31.05
N VAL Y 214 45.30 -14.64 30.55
CA VAL Y 214 46.11 -14.04 29.50
C VAL Y 214 47.30 -13.35 30.15
N THR Y 215 48.49 -13.92 29.99
CA THR Y 215 49.71 -13.40 30.59
C THR Y 215 50.83 -13.14 29.60
N ASP Y 216 50.82 -13.79 28.45
CA ASP Y 216 51.81 -13.54 27.40
C ASP Y 216 51.14 -13.72 26.05
N GLY Y 217 51.94 -13.73 24.98
CA GLY Y 217 51.38 -13.89 23.64
C GLY Y 217 50.77 -15.26 23.43
N ASP Y 218 51.42 -16.30 23.92
CA ASP Y 218 50.91 -17.66 23.74
C ASP Y 218 49.59 -17.86 24.49
N SER Y 219 49.52 -17.37 25.74
CA SER Y 219 48.28 -17.48 26.50
C SER Y 219 47.15 -16.71 25.83
N GLY Y 220 47.45 -15.52 25.32
CA GLY Y 220 46.44 -14.75 24.61
C GLY Y 220 45.97 -15.45 23.34
N LEU Y 221 46.90 -16.05 22.61
CA LEU Y 221 46.52 -16.79 21.41
C LEU Y 221 45.63 -17.98 21.75
N ARG Y 222 45.97 -18.71 22.82
CA ARG Y 222 45.14 -19.84 23.22
C ARG Y 222 43.74 -19.38 23.63
N VAL Y 223 43.65 -18.28 24.37
CA VAL Y 223 42.34 -17.78 24.79
C VAL Y 223 41.53 -17.32 23.58
N ALA Y 224 42.18 -16.66 22.61
CA ALA Y 224 41.47 -16.23 21.41
C ALA Y 224 40.94 -17.43 20.62
N VAL Y 225 41.76 -18.47 20.47
CA VAL Y 225 41.32 -19.65 19.74
C VAL Y 225 40.18 -20.35 20.47
N GLU Y 226 40.23 -20.36 21.81
CA GLU Y 226 39.13 -20.94 22.57
C GLU Y 226 37.84 -20.14 22.43
N ALA Y 227 37.96 -18.81 22.39
CA ALA Y 227 36.78 -17.97 22.19
C ALA Y 227 36.17 -18.21 20.81
N LEU Y 228 37.01 -18.33 19.79
CA LEU Y 228 36.51 -18.66 18.46
C LEU Y 228 35.86 -20.03 18.45
N TYR Y 229 36.43 -20.99 19.19
CA TYR Y 229 35.82 -22.31 19.29
C TYR Y 229 34.44 -22.24 19.90
N ASP Y 230 34.27 -21.46 20.97
CA ASP Y 230 32.95 -21.33 21.59
C ASP Y 230 31.96 -20.65 20.66
N ALA Y 231 32.41 -19.61 19.94
CA ALA Y 231 31.54 -18.94 18.98
C ALA Y 231 31.08 -19.90 17.89
N ALA Y 232 32.00 -20.73 17.38
CA ALA Y 232 31.61 -21.72 16.37
C ALA Y 232 30.72 -22.80 16.97
N ASP Y 233 30.93 -23.13 18.24
CA ASP Y 233 30.11 -24.13 18.92
C ASP Y 233 28.70 -23.63 19.18
N ASP Y 234 28.48 -22.32 19.16
CA ASP Y 234 27.13 -21.79 19.37
C ASP Y 234 26.51 -21.16 18.12
N ASP Y 235 27.30 -20.90 17.07
CA ASP Y 235 26.82 -20.22 15.88
C ASP Y 235 27.18 -21.04 14.64
N SER Y 236 26.17 -21.34 13.81
CA SER Y 236 26.40 -22.16 12.64
C SER Y 236 27.12 -21.41 11.51
N ALA Y 237 27.15 -20.08 11.57
CA ALA Y 237 27.85 -19.30 10.55
C ALA Y 237 29.33 -19.15 10.85
N THR Y 238 29.78 -19.53 12.03
CA THR Y 238 31.21 -19.54 12.37
C THR Y 238 31.72 -20.97 12.25
N GLY Y 239 32.86 -21.13 11.58
CA GLY Y 239 33.45 -22.45 11.40
C GLY Y 239 34.42 -22.77 12.52
N GLY Y 240 34.26 -23.96 13.10
CA GLY Y 240 35.20 -24.44 14.08
C GLY Y 240 36.42 -25.05 13.43
N PRO Y 241 37.39 -25.43 14.27
CA PRO Y 241 38.61 -26.07 13.75
C PRO Y 241 38.29 -27.32 12.96
N ASP Y 242 38.73 -27.34 11.71
CA ASP Y 242 38.44 -28.44 10.78
C ASP Y 242 39.57 -29.46 10.90
N LEU Y 243 39.35 -30.47 11.74
CA LEU Y 243 40.36 -31.51 11.90
C LEU Y 243 40.45 -32.40 10.66
N VAL Y 244 39.34 -32.62 9.98
CA VAL Y 244 39.35 -33.47 8.79
C VAL Y 244 40.13 -32.80 7.66
N ARG Y 245 39.82 -31.54 7.37
CA ARG Y 245 40.45 -30.83 6.26
C ARG Y 245 41.72 -30.11 6.67
N GLY Y 246 42.03 -30.05 7.97
CA GLY Y 246 43.21 -29.34 8.42
C GLY Y 246 43.16 -27.85 8.20
N ILE Y 247 42.00 -27.23 8.45
CA ILE Y 247 41.83 -25.80 8.30
C ILE Y 247 41.48 -25.20 9.65
N PHE Y 248 42.24 -24.19 10.06
CA PHE Y 248 42.19 -23.63 11.39
C PHE Y 248 42.08 -22.11 11.30
N PRO Y 249 41.62 -21.45 12.36
CA PRO Y 249 41.50 -19.99 12.33
C PRO Y 249 42.83 -19.31 12.05
N THR Y 250 42.75 -18.17 11.39
CA THR Y 250 43.94 -17.37 11.15
C THR Y 250 44.16 -16.40 12.31
N ALA Y 251 45.42 -16.03 12.52
CA ALA Y 251 45.77 -15.19 13.65
C ALA Y 251 46.92 -14.27 13.30
N VAL Y 252 46.89 -13.08 13.89
CA VAL Y 252 47.94 -12.08 13.76
C VAL Y 252 48.33 -11.62 15.15
N ILE Y 253 49.63 -11.57 15.43
CA ILE Y 253 50.15 -11.09 16.71
C ILE Y 253 50.98 -9.85 16.44
N ILE Y 254 50.68 -8.77 17.17
CA ILE Y 254 51.38 -7.50 17.03
C ILE Y 254 52.04 -7.14 18.34
N ASP Y 255 53.35 -6.89 18.29
CA ASP Y 255 54.10 -6.42 19.44
C ASP Y 255 55.07 -5.35 18.95
N ALA Y 256 56.04 -5.01 19.80
CA ALA Y 256 57.01 -3.97 19.45
C ALA Y 256 57.74 -4.27 18.15
N ASP Y 257 58.01 -5.55 17.88
CA ASP Y 257 58.71 -5.92 16.65
C ASP Y 257 57.85 -5.78 15.41
N GLY Y 258 56.52 -5.74 15.57
CA GLY Y 258 55.65 -5.59 14.42
C GLY Y 258 54.52 -6.57 14.48
N ALA Y 259 53.86 -6.76 13.34
CA ALA Y 259 52.72 -7.65 13.19
C ALA Y 259 53.11 -8.84 12.34
N VAL Y 260 52.99 -10.04 12.90
CA VAL Y 260 53.32 -11.27 12.20
C VAL Y 260 52.12 -12.21 12.24
N ASP Y 261 51.88 -12.88 11.11
CA ASP Y 261 50.84 -13.91 11.07
C ASP Y 261 51.31 -15.14 11.82
N VAL Y 262 50.42 -15.70 12.63
CA VAL Y 262 50.77 -16.91 13.37
C VAL Y 262 50.80 -18.10 12.41
N PRO Y 263 51.84 -18.93 12.44
CA PRO Y 263 51.87 -20.10 11.55
C PRO Y 263 50.72 -21.06 11.84
N GLU Y 264 50.25 -21.72 10.78
CA GLU Y 264 49.09 -22.60 10.89
C GLU Y 264 49.35 -23.73 11.87
N SER Y 265 50.60 -24.18 11.98
CA SER Y 265 50.91 -25.28 12.89
C SER Y 265 50.62 -24.90 14.34
N ARG Y 266 51.07 -23.73 14.78
CA ARG Y 266 50.89 -23.35 16.17
C ARG Y 266 49.40 -23.32 16.55
N ILE Y 267 48.59 -22.72 15.70
CA ILE Y 267 47.14 -22.69 15.92
C ILE Y 267 46.55 -24.08 15.87
N ALA Y 268 47.08 -24.95 15.01
CA ALA Y 268 46.58 -26.32 14.93
C ALA Y 268 46.80 -27.06 16.24
N GLU Y 269 47.98 -26.91 16.83
CA GLU Y 269 48.26 -27.57 18.10
C GLU Y 269 47.40 -26.98 19.23
N LEU Y 270 47.22 -25.65 19.24
CA LEU Y 270 46.34 -25.06 20.25
C LEU Y 270 44.91 -25.57 20.11
N ALA Y 271 44.41 -25.65 18.87
CA ALA Y 271 43.06 -26.13 18.63
C ALA Y 271 42.90 -27.59 19.05
N ARG Y 272 43.90 -28.42 18.74
CA ARG Y 272 43.83 -29.83 19.14
C ARG Y 272 43.81 -29.95 20.66
N ALA Y 273 44.64 -29.16 21.35
CA ALA Y 273 44.63 -29.19 22.81
C ALA Y 273 43.27 -28.77 23.37
N ILE Y 274 42.67 -27.72 22.80
CA ILE Y 274 41.35 -27.28 23.27
C ILE Y 274 40.31 -28.34 23.02
N ILE Y 275 40.34 -28.97 21.84
CA ILE Y 275 39.35 -29.98 21.49
C ILE Y 275 39.45 -31.18 22.43
N GLU Y 276 40.68 -31.64 22.70
CA GLU Y 276 40.84 -32.73 23.65
C GLU Y 276 40.45 -32.33 25.07
N SER Y 277 40.62 -31.06 25.43
CA SER Y 277 40.13 -30.59 26.72
C SER Y 277 38.61 -30.66 26.80
N ARG Y 278 37.92 -30.30 25.71
CA ARG Y 278 36.46 -30.36 25.69
C ARG Y 278 35.92 -31.77 25.57
N SER Y 279 36.75 -32.75 25.27
CA SER Y 279 36.30 -34.12 25.06
C SER Y 279 36.14 -34.87 26.37
N THR Z 58 20.91 -23.85 -16.86
CA THR Z 58 22.31 -23.64 -17.21
C THR Z 58 23.24 -24.21 -16.15
N THR Z 59 24.40 -24.69 -16.60
CA THR Z 59 25.43 -25.17 -15.68
C THR Z 59 26.77 -25.10 -16.38
N ILE Z 60 27.76 -24.53 -15.71
CA ILE Z 60 29.14 -24.48 -16.17
C ILE Z 60 30.01 -25.04 -15.07
N VAL Z 61 30.85 -26.03 -15.41
CA VAL Z 61 31.74 -26.65 -14.44
C VAL Z 61 33.17 -26.39 -14.85
N ALA Z 62 34.05 -26.34 -13.85
CA ALA Z 62 35.47 -26.23 -14.06
C ALA Z 62 36.17 -27.11 -13.03
N LEU Z 63 37.25 -27.76 -13.43
CA LEU Z 63 38.01 -28.57 -12.48
C LEU Z 63 39.47 -28.61 -12.88
N LYS Z 64 40.32 -28.68 -11.86
CA LYS Z 64 41.77 -28.77 -12.04
C LYS Z 64 42.20 -30.22 -12.18
N TYR Z 65 43.19 -30.46 -13.02
CA TYR Z 65 43.87 -31.73 -13.14
C TYR Z 65 45.36 -31.46 -13.13
N PRO Z 66 46.19 -32.46 -12.81
CA PRO Z 66 47.63 -32.23 -12.81
C PRO Z 66 48.13 -31.69 -14.13
N GLY Z 67 48.54 -30.43 -14.14
CA GLY Z 67 49.05 -29.78 -15.33
C GLY Z 67 48.06 -28.91 -16.09
N GLY Z 68 46.87 -28.67 -15.56
CA GLY Z 68 45.98 -27.76 -16.25
C GLY Z 68 44.59 -27.73 -15.63
N VAL Z 69 43.69 -27.09 -16.37
CA VAL Z 69 42.31 -26.88 -15.93
C VAL Z 69 41.37 -27.11 -17.11
N VAL Z 70 40.23 -27.71 -16.83
CA VAL Z 70 39.23 -28.00 -17.86
C VAL Z 70 37.93 -27.33 -17.46
N MET Z 71 37.16 -26.89 -18.45
CA MET Z 71 35.98 -26.09 -18.18
C MET Z 71 34.92 -26.40 -19.23
N ALA Z 72 33.79 -26.94 -18.80
CA ALA Z 72 32.74 -27.39 -19.71
C ALA Z 72 31.43 -26.69 -19.38
N GLY Z 73 30.57 -26.61 -20.38
CA GLY Z 73 29.27 -25.98 -20.23
C GLY Z 73 28.25 -26.59 -21.16
N ASP Z 74 26.99 -26.59 -20.70
CA ASP Z 74 25.89 -27.14 -21.47
C ASP Z 74 25.44 -26.14 -22.54
N ARG Z 75 24.42 -26.52 -23.30
CA ARG Z 75 24.04 -25.78 -24.51
C ARG Z 75 22.61 -25.25 -24.51
N ARG Z 76 21.83 -25.47 -23.46
CA ARG Z 76 20.43 -25.09 -23.47
C ARG Z 76 20.22 -23.67 -22.93
N SER Z 77 19.35 -22.93 -23.61
CA SER Z 77 18.86 -21.64 -23.11
C SER Z 77 17.34 -21.68 -23.07
N THR Z 78 16.77 -21.12 -22.01
CA THR Z 78 15.36 -21.28 -21.71
C THR Z 78 14.71 -19.93 -21.45
N GLN Z 79 13.43 -19.83 -21.75
CA GLN Z 79 12.58 -18.69 -21.38
C GLN Z 79 11.44 -19.22 -20.53
N GLY Z 80 11.68 -19.34 -19.23
CA GLY Z 80 10.71 -19.95 -18.35
C GLY Z 80 10.77 -21.46 -18.41
N ASN Z 81 9.71 -22.08 -18.94
CA ASN Z 81 9.69 -23.52 -19.19
C ASN Z 81 9.94 -23.87 -20.64
N MET Z 82 9.99 -22.87 -21.52
CA MET Z 82 10.07 -23.10 -22.96
C MET Z 82 11.53 -23.10 -23.39
N ILE Z 83 11.95 -24.17 -24.05
CA ILE Z 83 13.31 -24.27 -24.56
C ILE Z 83 13.44 -23.36 -25.76
N SER Z 84 14.32 -22.37 -25.68
CA SER Z 84 14.53 -21.43 -26.78
C SER Z 84 15.81 -21.69 -27.55
N GLY Z 85 16.82 -22.27 -26.92
CA GLY Z 85 18.08 -22.49 -27.61
C GLY Z 85 18.71 -23.83 -27.27
N ARG Z 86 19.29 -24.48 -28.28
CA ARG Z 86 19.91 -25.79 -28.10
C ARG Z 86 21.39 -25.82 -28.43
N ASP Z 87 21.94 -24.74 -29.00
CA ASP Z 87 23.32 -24.69 -29.44
C ASP Z 87 24.09 -23.55 -28.78
N VAL Z 88 23.61 -23.09 -27.62
CA VAL Z 88 24.22 -21.96 -26.95
C VAL Z 88 25.62 -22.36 -26.46
N ARG Z 89 26.57 -21.45 -26.65
CA ARG Z 89 27.93 -21.65 -26.19
C ARG Z 89 28.16 -20.76 -24.97
N LYS Z 90 28.45 -21.39 -23.83
CA LYS Z 90 28.54 -20.69 -22.56
C LYS Z 90 29.96 -20.53 -22.06
N VAL Z 91 30.94 -21.17 -22.70
CA VAL Z 91 32.33 -21.12 -22.27
C VAL Z 91 33.14 -20.39 -23.33
N TYR Z 92 33.88 -19.38 -22.90
CA TYR Z 92 34.60 -18.50 -23.80
C TYR Z 92 36.09 -18.53 -23.48
N ILE Z 93 36.91 -18.62 -24.51
CA ILE Z 93 38.36 -18.50 -24.36
C ILE Z 93 38.65 -16.99 -24.26
N THR Z 94 38.78 -16.49 -23.04
CA THR Z 94 38.96 -15.05 -22.85
C THR Z 94 40.33 -14.61 -23.32
N ASP Z 95 41.37 -15.35 -22.97
CA ASP Z 95 42.68 -15.09 -23.52
C ASP Z 95 43.47 -16.39 -23.50
N ASP Z 96 44.71 -16.32 -24.02
CA ASP Z 96 45.47 -17.52 -24.33
C ASP Z 96 45.60 -18.48 -23.16
N TYR Z 97 45.35 -18.02 -21.94
CA TYR Z 97 45.46 -18.88 -20.77
C TYR Z 97 44.28 -18.81 -19.82
N THR Z 98 43.21 -18.08 -20.15
CA THR Z 98 42.04 -18.05 -19.31
C THR Z 98 40.77 -18.24 -20.15
N ALA Z 99 39.88 -19.07 -19.63
CA ALA Z 99 38.54 -19.25 -20.14
C ALA Z 99 37.54 -18.77 -19.10
N THR Z 100 36.41 -18.25 -19.56
CA THR Z 100 35.38 -17.76 -18.66
C THR Z 100 34.03 -18.31 -19.10
N GLY Z 101 33.14 -18.47 -18.14
CA GLY Z 101 31.81 -18.95 -18.43
C GLY Z 101 30.81 -18.32 -17.51
N ILE Z 102 29.80 -17.68 -18.07
CA ILE Z 102 28.89 -16.85 -17.29
C ILE Z 102 27.50 -17.46 -17.35
N ALA Z 103 26.96 -17.81 -16.20
CA ALA Z 103 25.58 -18.23 -16.08
C ALA Z 103 24.71 -17.01 -15.80
N GLY Z 104 23.40 -17.20 -15.94
CA GLY Z 104 22.44 -16.11 -15.83
C GLY Z 104 21.81 -15.82 -17.18
N THR Z 105 21.31 -14.59 -17.32
CA THR Z 105 20.69 -14.20 -18.57
C THR Z 105 21.70 -14.31 -19.71
N ALA Z 106 21.28 -14.96 -20.80
CA ALA Z 106 22.21 -15.28 -21.88
C ALA Z 106 22.75 -14.02 -22.54
N ALA Z 107 21.91 -13.01 -22.70
CA ALA Z 107 22.36 -11.74 -23.27
C ALA Z 107 23.48 -11.13 -22.43
N VAL Z 108 23.28 -11.08 -21.12
CA VAL Z 108 24.29 -10.53 -20.23
C VAL Z 108 25.53 -11.40 -20.22
N ALA Z 109 25.37 -12.72 -20.35
CA ALA Z 109 26.53 -13.60 -20.41
C ALA Z 109 27.40 -13.29 -21.61
N VAL Z 110 26.78 -13.20 -22.80
CA VAL Z 110 27.54 -12.90 -24.01
C VAL Z 110 28.19 -11.52 -23.90
N GLU Z 111 27.44 -10.54 -23.41
CA GLU Z 111 27.96 -9.19 -23.28
C GLU Z 111 29.15 -9.14 -22.33
N PHE Z 112 29.04 -9.79 -21.18
CA PHE Z 112 30.13 -9.80 -20.21
C PHE Z 112 31.37 -10.47 -20.77
N ALA Z 113 31.19 -11.61 -21.45
CA ALA Z 113 32.35 -12.31 -22.02
C ALA Z 113 33.06 -11.43 -23.04
N ARG Z 114 32.30 -10.81 -23.94
CA ARG Z 114 32.92 -9.97 -24.96
C ARG Z 114 33.63 -8.77 -24.33
N LEU Z 115 32.98 -8.12 -23.37
CA LEU Z 115 33.55 -6.93 -22.75
C LEU Z 115 34.80 -7.26 -21.96
N TYR Z 116 34.80 -8.38 -21.24
CA TYR Z 116 35.97 -8.80 -20.48
C TYR Z 116 37.14 -9.14 -21.41
N ALA Z 117 36.86 -9.85 -22.51
CA ALA Z 117 37.94 -10.16 -23.45
C ALA Z 117 38.51 -8.89 -24.06
N VAL Z 118 37.65 -7.93 -24.40
CA VAL Z 118 38.13 -6.66 -24.93
C VAL Z 118 38.99 -5.94 -23.91
N GLU Z 119 38.59 -5.95 -22.64
CA GLU Z 119 39.36 -5.28 -21.61
C GLU Z 119 40.75 -5.89 -21.45
N LEU Z 120 40.82 -7.23 -21.42
CA LEU Z 120 42.12 -7.88 -21.26
C LEU Z 120 43.03 -7.59 -22.45
N GLU Z 121 42.48 -7.69 -23.66
CA GLU Z 121 43.28 -7.40 -24.86
C GLU Z 121 43.71 -5.95 -24.89
N HIS Z 122 42.83 -5.04 -24.47
CA HIS Z 122 43.13 -3.62 -24.47
C HIS Z 122 44.28 -3.31 -23.53
N TYR Z 123 44.26 -3.88 -22.34
CA TYR Z 123 45.40 -3.68 -21.43
C TYR Z 123 46.68 -4.26 -22.02
N GLU Z 124 46.60 -5.47 -22.58
CA GLU Z 124 47.82 -6.09 -23.11
C GLU Z 124 48.42 -5.25 -24.23
N LYS Z 125 47.58 -4.65 -25.07
CA LYS Z 125 48.09 -3.79 -26.13
C LYS Z 125 48.64 -2.48 -25.57
N LEU Z 126 47.94 -1.88 -24.61
CA LEU Z 126 48.36 -0.59 -24.09
C LEU Z 126 49.69 -0.69 -23.35
N GLU Z 127 49.89 -1.75 -22.57
CA GLU Z 127 51.03 -1.84 -21.67
C GLU Z 127 52.09 -2.84 -22.14
N GLY Z 128 51.89 -3.47 -23.29
CA GLY Z 128 52.89 -4.37 -23.82
C GLY Z 128 53.15 -5.61 -23.00
N VAL Z 129 52.32 -5.89 -22.01
CA VAL Z 129 52.46 -7.08 -21.16
C VAL Z 129 51.07 -7.44 -20.66
N PRO Z 130 50.70 -8.72 -20.64
CA PRO Z 130 49.38 -9.09 -20.12
C PRO Z 130 49.28 -8.85 -18.63
N LEU Z 131 48.04 -8.73 -18.17
CA LEU Z 131 47.77 -8.61 -16.74
C LEU Z 131 48.20 -9.88 -16.01
N THR Z 132 48.56 -9.71 -14.74
CA THR Z 132 48.70 -10.87 -13.87
C THR Z 132 47.33 -11.51 -13.64
N PHE Z 133 47.35 -12.76 -13.20
CA PHE Z 133 46.08 -13.44 -12.93
C PHE Z 133 45.26 -12.68 -11.89
N ALA Z 134 45.93 -12.10 -10.90
CA ALA Z 134 45.24 -11.30 -9.90
C ALA Z 134 44.57 -10.09 -10.54
N GLY Z 135 45.23 -9.45 -11.50
CA GLY Z 135 44.63 -8.32 -12.19
C GLY Z 135 43.39 -8.71 -12.98
N LYS Z 136 43.44 -9.85 -13.67
CA LYS Z 136 42.27 -10.34 -14.39
C LYS Z 136 41.12 -10.64 -13.46
N ILE Z 137 41.42 -11.27 -12.32
CA ILE Z 137 40.39 -11.53 -11.31
C ILE Z 137 39.78 -10.24 -10.84
N ASN Z 138 40.61 -9.22 -10.58
CA ASN Z 138 40.09 -7.95 -10.10
C ASN Z 138 39.20 -7.27 -11.13
N ARG Z 139 39.61 -7.31 -12.41
CA ARG Z 139 38.79 -6.69 -13.45
C ARG Z 139 37.44 -7.39 -13.58
N LEU Z 140 37.45 -8.73 -13.54
CA LEU Z 140 36.18 -9.47 -13.62
C LEU Z 140 35.31 -9.17 -12.40
N ALA Z 141 35.92 -9.07 -11.21
CA ALA Z 141 35.16 -8.78 -10.00
C ALA Z 141 34.56 -7.39 -10.06
N ILE Z 142 35.28 -6.42 -10.61
CA ILE Z 142 34.74 -5.07 -10.73
C ILE Z 142 33.60 -5.03 -11.74
N MET Z 143 33.73 -5.79 -12.83
CA MET Z 143 32.63 -5.89 -13.78
C MET Z 143 31.39 -6.51 -13.15
N VAL Z 144 31.59 -7.50 -12.27
CA VAL Z 144 30.46 -8.13 -11.61
C VAL Z 144 29.83 -7.19 -10.59
N ARG Z 145 30.66 -6.46 -9.85
CA ARG Z 145 30.14 -5.55 -8.82
C ARG Z 145 29.40 -4.39 -9.45
N GLY Z 146 29.87 -3.88 -10.58
CA GLY Z 146 29.18 -2.79 -11.25
C GLY Z 146 27.85 -3.17 -11.87
N ASN Z 147 27.51 -4.45 -11.84
CA ASN Z 147 26.27 -4.97 -12.42
C ASN Z 147 25.25 -5.35 -11.35
N LEU Z 148 25.44 -4.90 -10.11
CA LEU Z 148 24.52 -5.30 -9.03
C LEU Z 148 23.13 -4.74 -9.24
N ALA Z 149 23.03 -3.45 -9.59
CA ALA Z 149 21.73 -2.84 -9.83
C ALA Z 149 21.04 -3.48 -11.03
N ALA Z 150 21.78 -3.68 -12.12
CA ALA Z 150 21.20 -4.28 -13.31
C ALA Z 150 20.82 -5.75 -13.07
N ALA Z 151 21.50 -6.42 -12.15
CA ALA Z 151 21.15 -7.79 -11.82
C ALA Z 151 19.88 -7.84 -10.97
N MET Z 152 19.76 -6.93 -10.02
CA MET Z 152 18.50 -6.81 -9.27
C MET Z 152 17.37 -6.33 -10.16
N GLN Z 153 17.67 -5.72 -11.31
CA GLN Z 153 16.68 -5.36 -12.31
C GLN Z 153 16.41 -6.47 -13.32
N GLY Z 154 17.06 -7.63 -13.17
CA GLY Z 154 16.78 -8.78 -13.99
C GLY Z 154 17.95 -9.31 -14.80
N LEU Z 155 19.02 -8.53 -14.95
CA LEU Z 155 20.14 -8.91 -15.81
C LEU Z 155 21.29 -9.51 -15.00
N LEU Z 156 21.02 -10.66 -14.39
CA LEU Z 156 22.00 -11.33 -13.55
C LEU Z 156 23.02 -12.08 -14.38
N ALA Z 157 24.29 -12.04 -13.95
CA ALA Z 157 25.36 -12.73 -14.65
C ALA Z 157 26.42 -13.16 -13.65
N LEU Z 158 26.48 -14.46 -13.35
CA LEU Z 158 27.47 -15.01 -12.43
C LEU Z 158 28.57 -15.70 -13.20
N PRO Z 159 29.80 -15.22 -13.15
CA PRO Z 159 30.88 -15.85 -13.93
C PRO Z 159 31.65 -16.90 -13.14
N LEU Z 160 32.38 -17.71 -13.91
CA LEU Z 160 33.33 -18.68 -13.40
C LEU Z 160 34.57 -18.56 -14.27
N LEU Z 161 35.75 -18.46 -13.64
CA LEU Z 161 36.98 -18.20 -14.36
C LEU Z 161 37.95 -19.35 -14.16
N ALA Z 162 38.45 -19.91 -15.25
CA ALA Z 162 39.49 -20.92 -15.20
C ALA Z 162 40.72 -20.36 -15.89
N GLY Z 163 41.89 -20.61 -15.31
CA GLY Z 163 43.10 -20.02 -15.84
C GLY Z 163 44.31 -20.89 -15.60
N TYR Z 164 45.39 -20.54 -16.29
CA TYR Z 164 46.68 -21.17 -16.10
C TYR Z 164 47.69 -20.08 -15.77
N ASP Z 165 48.30 -20.17 -14.59
CA ASP Z 165 49.24 -19.16 -14.13
C ASP Z 165 50.64 -19.56 -14.56
N ILE Z 166 51.18 -18.86 -15.55
CA ILE Z 166 52.54 -19.13 -16.01
C ILE Z 166 53.55 -18.68 -14.96
N HIS Z 167 53.22 -17.59 -14.27
CA HIS Z 167 54.12 -17.04 -13.21
C HIS Z 167 54.30 -18.07 -12.09
N ALA Z 168 53.31 -18.94 -11.88
CA ALA Z 168 53.38 -19.95 -10.79
C ALA Z 168 54.60 -20.85 -11.00
N SER Z 169 55.36 -21.11 -9.93
CA SER Z 169 56.60 -21.93 -10.02
C SER Z 169 56.27 -23.36 -10.45
N ASP Z 170 55.24 -23.97 -9.86
CA ASP Z 170 54.90 -25.39 -10.18
C ASP Z 170 53.88 -25.43 -11.32
N PRO Z 171 54.24 -25.97 -12.50
CA PRO Z 171 53.31 -26.09 -13.63
C PRO Z 171 52.15 -27.07 -13.35
N GLN Z 172 52.40 -28.11 -12.54
CA GLN Z 172 51.37 -29.13 -12.23
C GLN Z 172 50.22 -28.47 -11.45
N SER Z 173 50.53 -27.53 -10.55
CA SER Z 173 49.49 -26.86 -9.73
C SER Z 173 49.29 -25.41 -10.22
N ALA Z 174 49.54 -25.14 -11.50
CA ALA Z 174 49.37 -23.78 -12.06
C ALA Z 174 47.91 -23.55 -12.46
N GLY Z 175 47.09 -24.60 -12.47
CA GLY Z 175 45.65 -24.45 -12.77
C GLY Z 175 44.97 -23.58 -11.74
N ARG Z 176 44.02 -22.74 -12.16
CA ARG Z 176 43.36 -21.78 -11.22
C ARG Z 176 41.86 -21.72 -11.48
N ILE Z 177 41.05 -21.86 -10.43
CA ILE Z 177 39.61 -21.72 -10.57
C ILE Z 177 39.15 -20.62 -9.63
N VAL Z 178 38.48 -19.62 -10.17
CA VAL Z 178 37.95 -18.50 -9.40
C VAL Z 178 36.44 -18.50 -9.55
N SER Z 179 35.74 -18.45 -8.41
CA SER Z 179 34.30 -18.35 -8.36
C SER Z 179 33.90 -17.00 -7.79
N PHE Z 180 32.89 -16.39 -8.37
CA PHE Z 180 32.43 -15.07 -7.96
C PHE Z 180 31.04 -15.18 -7.35
N ASP Z 181 30.85 -14.51 -6.22
CA ASP Z 181 29.52 -14.46 -5.63
C ASP Z 181 28.73 -13.30 -6.22
N ALA Z 182 27.45 -13.23 -5.85
CA ALA Z 182 26.55 -12.24 -6.44
C ALA Z 182 26.93 -10.81 -6.07
N ALA Z 183 27.74 -10.62 -5.03
CA ALA Z 183 28.11 -9.29 -4.56
C ALA Z 183 29.45 -8.81 -5.08
N GLY Z 184 30.10 -9.59 -5.94
CA GLY Z 184 31.39 -9.22 -6.50
C GLY Z 184 32.59 -9.89 -5.87
N GLY Z 185 32.41 -10.56 -4.73
CA GLY Z 185 33.53 -11.23 -4.09
C GLY Z 185 33.99 -12.43 -4.89
N TRP Z 186 35.28 -12.73 -4.78
CA TRP Z 186 35.87 -13.84 -5.52
C TRP Z 186 36.63 -14.75 -4.58
N ASN Z 187 36.59 -16.04 -4.89
CA ASN Z 187 37.30 -17.07 -4.15
C ASN Z 187 38.12 -17.89 -5.13
N ILE Z 188 39.41 -18.02 -4.88
CA ILE Z 188 40.24 -18.94 -5.64
C ILE Z 188 40.04 -20.32 -5.04
N GLU Z 189 39.37 -21.20 -5.77
CA GLU Z 189 39.04 -22.52 -5.25
C GLU Z 189 40.29 -23.32 -4.96
N GLU Z 190 40.34 -23.93 -3.78
CA GLU Z 190 41.39 -24.88 -3.43
C GLU Z 190 40.89 -26.31 -3.43
N GLU Z 191 39.57 -26.52 -3.51
CA GLU Z 191 39.03 -27.88 -3.55
C GLU Z 191 39.37 -28.57 -4.87
N GLY Z 192 39.48 -27.82 -5.96
CA GLY Z 192 39.84 -28.37 -7.25
C GLY Z 192 38.74 -28.36 -8.28
N TYR Z 193 37.53 -27.92 -7.91
CA TYR Z 193 36.42 -27.90 -8.86
C TYR Z 193 35.41 -26.86 -8.41
N GLN Z 194 34.58 -26.43 -9.35
CA GLN Z 194 33.57 -25.42 -9.08
C GLN Z 194 32.52 -25.49 -10.17
N ALA Z 195 31.32 -24.99 -9.87
CA ALA Z 195 30.25 -24.94 -10.84
C ALA Z 195 29.39 -23.71 -10.58
N VAL Z 196 28.83 -23.17 -11.67
CA VAL Z 196 27.85 -22.08 -11.60
C VAL Z 196 26.64 -22.49 -12.43
N GLY Z 197 25.52 -21.83 -12.15
CA GLY Z 197 24.29 -22.06 -12.88
C GLY Z 197 23.22 -22.67 -12.00
N SER Z 198 22.08 -22.97 -12.64
CA SER Z 198 20.96 -23.53 -11.91
C SER Z 198 21.20 -24.99 -11.53
N GLY Z 199 22.10 -25.67 -12.25
CA GLY Z 199 22.43 -27.04 -11.91
C GLY Z 199 23.74 -27.15 -11.16
N SER Z 200 24.21 -26.04 -10.62
CA SER Z 200 25.56 -26.01 -10.03
C SER Z 200 25.68 -26.92 -8.82
N LEU Z 201 24.60 -27.07 -8.04
CA LEU Z 201 24.66 -27.89 -6.85
C LEU Z 201 24.78 -29.37 -7.19
N PHE Z 202 23.98 -29.85 -8.15
CA PHE Z 202 24.08 -31.23 -8.57
C PHE Z 202 25.43 -31.54 -9.21
N ALA Z 203 25.92 -30.61 -10.04
CA ALA Z 203 27.23 -30.80 -10.67
C ALA Z 203 28.34 -30.82 -9.64
N LYS Z 204 28.27 -29.93 -8.65
CA LYS Z 204 29.29 -29.91 -7.60
C LYS Z 204 29.25 -31.16 -6.75
N SER Z 205 28.06 -31.63 -6.40
CA SER Z 205 27.96 -32.83 -5.58
C SER Z 205 28.35 -34.08 -6.37
N SER Z 206 28.21 -34.04 -7.70
CA SER Z 206 28.72 -35.14 -8.52
C SER Z 206 30.24 -35.10 -8.59
N MET Z 207 30.82 -33.92 -8.81
CA MET Z 207 32.27 -33.80 -8.88
C MET Z 207 32.92 -34.13 -7.54
N LYS Z 208 32.22 -33.88 -6.44
CA LYS Z 208 32.77 -34.24 -5.13
C LYS Z 208 33.06 -35.74 -5.05
N LYS Z 209 32.18 -36.56 -5.62
CA LYS Z 209 32.38 -38.00 -5.60
C LYS Z 209 33.27 -38.48 -6.74
N LEU Z 210 33.32 -37.74 -7.85
CA LEU Z 210 34.07 -38.19 -9.01
C LEU Z 210 35.50 -37.68 -9.06
N TYR Z 211 35.86 -36.68 -8.26
CA TYR Z 211 37.14 -35.99 -8.42
C TYR Z 211 38.34 -36.86 -8.07
N SER Z 212 38.14 -37.97 -7.35
CA SER Z 212 39.26 -38.86 -7.06
C SER Z 212 39.78 -39.56 -8.30
N GLN Z 213 39.00 -39.55 -9.39
CA GLN Z 213 39.36 -40.22 -10.63
C GLN Z 213 40.04 -39.28 -11.63
N VAL Z 214 40.32 -38.04 -11.25
CA VAL Z 214 40.93 -37.08 -12.16
C VAL Z 214 42.45 -37.18 -11.99
N THR Z 215 43.12 -37.66 -13.04
CA THR Z 215 44.57 -37.78 -13.04
C THR Z 215 45.25 -37.15 -14.24
N ASP Z 216 44.52 -36.82 -15.29
CA ASP Z 216 45.09 -36.17 -16.46
C ASP Z 216 43.99 -35.37 -17.16
N GLY Z 217 44.28 -34.92 -18.38
CA GLY Z 217 43.31 -34.13 -19.12
C GLY Z 217 42.10 -34.92 -19.55
N ASP Z 218 42.30 -36.15 -20.00
CA ASP Z 218 41.17 -36.96 -20.47
C ASP Z 218 40.23 -37.32 -19.31
N SER Z 219 40.79 -37.73 -18.18
CA SER Z 219 39.94 -38.06 -17.04
C SER Z 219 39.26 -36.82 -16.48
N GLY Z 220 39.95 -35.67 -16.49
CA GLY Z 220 39.32 -34.43 -16.08
C GLY Z 220 38.16 -34.04 -16.97
N LEU Z 221 38.34 -34.19 -18.29
CA LEU Z 221 37.27 -33.87 -19.23
C LEU Z 221 36.09 -34.83 -19.04
N ARG Z 222 36.38 -36.12 -18.83
CA ARG Z 222 35.31 -37.07 -18.59
C ARG Z 222 34.53 -36.75 -17.32
N VAL Z 223 35.23 -36.37 -16.26
CA VAL Z 223 34.55 -36.04 -15.01
C VAL Z 223 33.71 -34.79 -15.17
N ALA Z 224 34.22 -33.80 -15.92
CA ALA Z 224 33.43 -32.60 -16.18
C ALA Z 224 32.15 -32.94 -16.97
N VAL Z 225 32.27 -33.78 -17.99
CA VAL Z 225 31.11 -34.14 -18.79
C VAL Z 225 30.10 -34.91 -17.95
N GLU Z 226 30.59 -35.79 -17.07
CA GLU Z 226 29.69 -36.55 -16.21
C GLU Z 226 28.99 -35.66 -15.20
N ALA Z 227 29.69 -34.66 -14.68
CA ALA Z 227 29.05 -33.68 -13.79
C ALA Z 227 27.96 -32.91 -14.51
N LEU Z 228 28.22 -32.51 -15.75
CA LEU Z 228 27.19 -31.85 -16.54
C LEU Z 228 26.01 -32.76 -16.80
N TYR Z 229 26.28 -34.05 -17.05
CA TYR Z 229 25.21 -35.01 -17.25
C TYR Z 229 24.35 -35.15 -16.00
N ASP Z 230 24.98 -35.18 -14.83
CA ASP Z 230 24.22 -35.24 -13.59
C ASP Z 230 23.38 -33.98 -13.37
N ALA Z 231 23.98 -32.81 -13.63
CA ALA Z 231 23.24 -31.57 -13.49
C ALA Z 231 22.03 -31.53 -14.41
N ALA Z 232 22.17 -32.03 -15.64
CA ALA Z 232 21.04 -32.08 -16.55
C ALA Z 232 20.04 -33.16 -16.15
N ASP Z 233 20.51 -34.23 -15.51
CA ASP Z 233 19.62 -35.28 -15.04
C ASP Z 233 18.77 -34.82 -13.87
N ASP Z 234 19.23 -33.82 -13.12
CA ASP Z 234 18.49 -33.35 -11.96
C ASP Z 234 17.86 -31.98 -12.13
N ASP Z 235 18.28 -31.20 -13.13
CA ASP Z 235 17.76 -29.85 -13.35
C ASP Z 235 17.29 -29.72 -14.79
N SER Z 236 16.06 -29.23 -14.97
CA SER Z 236 15.47 -29.19 -16.30
C SER Z 236 16.03 -28.05 -17.14
N ALA Z 237 16.46 -26.95 -16.52
CA ALA Z 237 17.01 -25.83 -17.29
C ALA Z 237 18.35 -26.16 -17.92
N THR Z 238 19.02 -27.21 -17.48
CA THR Z 238 20.28 -27.65 -18.08
C THR Z 238 20.00 -28.69 -19.16
N GLY Z 239 20.73 -28.58 -20.26
CA GLY Z 239 20.60 -29.53 -21.36
C GLY Z 239 21.53 -30.71 -21.18
N GLY Z 240 20.99 -31.91 -21.38
CA GLY Z 240 21.79 -33.10 -21.42
C GLY Z 240 22.34 -33.33 -22.81
N PRO Z 241 23.22 -34.32 -22.96
CA PRO Z 241 23.69 -34.68 -24.31
C PRO Z 241 22.50 -35.06 -25.20
N ASP Z 242 22.49 -34.48 -26.39
CA ASP Z 242 21.38 -34.65 -27.33
C ASP Z 242 21.87 -35.57 -28.45
N LEU Z 243 21.55 -36.86 -28.33
CA LEU Z 243 21.98 -37.82 -29.34
C LEU Z 243 21.15 -37.72 -30.61
N VAL Z 244 19.96 -37.12 -30.55
CA VAL Z 244 19.10 -37.04 -31.73
C VAL Z 244 19.58 -35.92 -32.65
N ARG Z 245 19.82 -34.73 -32.09
CA ARG Z 245 20.33 -33.60 -32.85
C ARG Z 245 21.84 -33.57 -32.91
N GLY Z 246 22.53 -34.40 -32.13
CA GLY Z 246 23.98 -34.38 -32.09
C GLY Z 246 24.56 -33.11 -31.49
N ILE Z 247 24.00 -32.62 -30.39
CA ILE Z 247 24.50 -31.45 -29.69
C ILE Z 247 25.04 -31.88 -28.34
N PHE Z 248 26.28 -31.50 -28.05
CA PHE Z 248 26.99 -31.93 -26.87
C PHE Z 248 27.60 -30.74 -26.16
N PRO Z 249 27.90 -30.86 -24.88
CA PRO Z 249 28.49 -29.73 -24.14
C PRO Z 249 29.80 -29.26 -24.74
N THR Z 250 30.05 -27.96 -24.64
CA THR Z 250 31.31 -27.39 -25.09
C THR Z 250 32.33 -27.43 -23.95
N ALA Z 251 33.60 -27.53 -24.31
CA ALA Z 251 34.65 -27.61 -23.30
C ALA Z 251 35.89 -26.87 -23.80
N VAL Z 252 36.65 -26.37 -22.84
CA VAL Z 252 37.95 -25.74 -23.08
C VAL Z 252 38.95 -26.37 -22.14
N ILE Z 253 40.13 -26.71 -22.65
CA ILE Z 253 41.22 -27.26 -21.84
C ILE Z 253 42.38 -26.28 -21.90
N ILE Z 254 42.85 -25.85 -20.73
CA ILE Z 254 43.97 -24.93 -20.63
C ILE Z 254 45.13 -25.65 -19.96
N ASP Z 255 46.26 -25.70 -20.63
CA ASP Z 255 47.49 -26.24 -20.07
C ASP Z 255 48.61 -25.27 -20.41
N ALA Z 256 49.85 -25.73 -20.20
CA ALA Z 256 51.01 -24.86 -20.42
C ALA Z 256 51.07 -24.34 -21.85
N ASP Z 257 50.54 -25.12 -22.81
CA ASP Z 257 50.57 -24.72 -24.21
C ASP Z 257 49.42 -23.80 -24.60
N GLY Z 258 48.52 -23.48 -23.68
CA GLY Z 258 47.46 -22.53 -23.94
C GLY Z 258 46.09 -23.13 -23.69
N ALA Z 259 45.07 -22.37 -24.09
CA ALA Z 259 43.67 -22.77 -23.97
C ALA Z 259 43.13 -23.15 -25.33
N VAL Z 260 42.58 -24.36 -25.44
CA VAL Z 260 42.07 -24.86 -26.70
C VAL Z 260 40.66 -25.39 -26.50
N ASP Z 261 39.78 -25.11 -27.45
CA ASP Z 261 38.46 -25.73 -27.49
C ASP Z 261 38.62 -27.22 -27.75
N VAL Z 262 37.83 -28.02 -27.04
CA VAL Z 262 37.88 -29.48 -27.19
C VAL Z 262 37.08 -29.87 -28.43
N PRO Z 263 37.59 -30.75 -29.29
CA PRO Z 263 36.82 -31.19 -30.46
C PRO Z 263 35.53 -31.88 -30.05
N GLU Z 264 34.48 -31.65 -30.85
CA GLU Z 264 33.16 -32.16 -30.53
C GLU Z 264 33.13 -33.69 -30.49
N SER Z 265 34.01 -34.34 -31.25
CA SER Z 265 34.00 -35.80 -31.32
C SER Z 265 34.39 -36.43 -29.98
N ARG Z 266 35.40 -35.86 -29.32
CA ARG Z 266 35.83 -36.42 -28.03
C ARG Z 266 34.75 -36.28 -26.98
N ILE Z 267 34.09 -35.11 -26.92
CA ILE Z 267 33.00 -34.93 -25.97
C ILE Z 267 31.84 -35.85 -26.32
N ALA Z 268 31.59 -36.04 -27.62
CA ALA Z 268 30.50 -36.92 -28.04
C ALA Z 268 30.76 -38.36 -27.58
N GLU Z 269 31.99 -38.85 -27.76
CA GLU Z 269 32.27 -40.23 -27.36
C GLU Z 269 32.29 -40.38 -25.85
N LEU Z 270 32.76 -39.36 -25.12
CA LEU Z 270 32.67 -39.40 -23.66
C LEU Z 270 31.23 -39.45 -23.20
N ALA Z 271 30.37 -38.62 -23.80
CA ALA Z 271 28.96 -38.62 -23.44
C ALA Z 271 28.31 -39.95 -23.75
N ARG Z 272 28.64 -40.55 -24.89
CA ARG Z 272 28.08 -41.86 -25.22
C ARG Z 272 28.52 -42.93 -24.24
N ALA Z 273 29.79 -42.91 -23.84
CA ALA Z 273 30.26 -43.87 -22.86
C ALA Z 273 29.53 -43.69 -21.53
N ILE Z 274 29.33 -42.44 -21.11
CA ILE Z 274 28.60 -42.18 -19.86
C ILE Z 274 27.17 -42.67 -19.96
N ILE Z 275 26.52 -42.39 -21.10
CA ILE Z 275 25.11 -42.77 -21.28
C ILE Z 275 24.95 -44.28 -21.29
N GLU Z 276 25.83 -45.00 -22.00
CA GLU Z 276 25.73 -46.45 -22.01
C GLU Z 276 26.10 -47.04 -20.65
N SER Z 277 26.99 -46.36 -19.91
CA SER Z 277 27.31 -46.82 -18.56
C SER Z 277 26.12 -46.72 -17.63
N ARG Z 278 25.33 -45.65 -17.77
CA ARG Z 278 24.18 -45.46 -16.88
C ARG Z 278 22.92 -46.18 -17.35
N SER Z 279 22.95 -46.80 -18.52
CA SER Z 279 21.78 -47.52 -19.02
C SER Z 279 21.72 -48.93 -18.46
N THR AA 58 0.01 -10.38 -34.63
CA THR AA 58 1.19 -10.19 -35.46
C THR AA 58 2.04 -11.44 -35.49
N THR AA 59 2.44 -11.87 -36.69
CA THR AA 59 3.38 -12.97 -36.83
C THR AA 59 4.28 -12.67 -38.00
N ILE AA 60 5.59 -12.83 -37.78
CA ILE AA 60 6.60 -12.75 -38.82
C ILE AA 60 7.39 -14.04 -38.79
N VAL AA 61 7.53 -14.68 -39.94
CA VAL AA 61 8.29 -15.92 -40.05
C VAL AA 61 9.45 -15.68 -40.99
N ALA AA 62 10.52 -16.45 -40.78
CA ALA AA 62 11.67 -16.45 -41.67
C ALA AA 62 12.17 -17.88 -41.80
N LEU AA 63 12.54 -18.28 -43.01
CA LEU AA 63 13.08 -19.61 -43.17
C LEU AA 63 14.13 -19.64 -44.27
N LYS AA 64 15.12 -20.49 -44.08
CA LYS AA 64 16.20 -20.69 -45.02
C LYS AA 64 15.84 -21.77 -46.04
N TYR AA 65 16.19 -21.52 -47.29
CA TYR AA 65 16.10 -22.51 -48.35
C TYR AA 65 17.43 -22.54 -49.08
N PRO AA 66 17.73 -23.63 -49.79
CA PRO AA 66 19.01 -23.69 -50.51
C PRO AA 66 19.19 -22.51 -51.45
N GLY AA 67 20.13 -21.63 -51.11
CA GLY AA 67 20.39 -20.47 -51.92
C GLY AA 67 19.75 -19.17 -51.46
N GLY AA 68 19.16 -19.11 -50.28
CA GLY AA 68 18.64 -17.86 -49.79
C GLY AA 68 17.73 -18.02 -48.59
N VAL AA 69 17.06 -16.92 -48.25
CA VAL AA 69 16.16 -16.86 -47.13
C VAL AA 69 14.88 -16.14 -47.57
N VAL AA 70 13.79 -16.43 -46.87
CA VAL AA 70 12.52 -15.77 -47.13
C VAL AA 70 11.92 -15.33 -45.80
N MET AA 71 11.39 -14.11 -45.77
CA MET AA 71 10.73 -13.56 -44.60
C MET AA 71 9.34 -13.10 -44.98
N ALA AA 72 8.33 -13.53 -44.21
CA ALA AA 72 6.95 -13.21 -44.50
C ALA AA 72 6.25 -12.72 -43.24
N GLY AA 73 5.21 -11.92 -43.44
CA GLY AA 73 4.51 -11.31 -42.32
C GLY AA 73 3.06 -11.06 -42.62
N ASP AA 74 2.23 -11.06 -41.58
CA ASP AA 74 0.81 -10.81 -41.69
C ASP AA 74 0.55 -9.31 -41.83
N ARG AA 75 -0.72 -8.93 -41.94
CA ARG AA 75 -1.11 -7.55 -42.21
C ARG AA 75 -2.01 -6.94 -41.15
N ARG AA 76 -2.44 -7.69 -40.16
CA ARG AA 76 -3.40 -7.17 -39.19
C ARG AA 76 -2.70 -6.38 -38.08
N SER AA 77 -3.33 -5.31 -37.65
CA SER AA 77 -2.95 -4.61 -36.42
C SER AA 77 -4.21 -4.37 -35.61
N THR AA 78 -4.14 -4.64 -34.30
CA THR AA 78 -5.29 -4.56 -33.43
C THR AA 78 -5.04 -3.58 -32.29
N GLN AA 79 -6.13 -3.07 -31.73
CA GLN AA 79 -6.13 -2.25 -30.53
C GLN AA 79 -6.90 -3.04 -29.47
N GLY AA 80 -6.21 -3.91 -28.75
CA GLY AA 80 -6.89 -4.82 -27.86
C GLY AA 80 -7.62 -5.89 -28.64
N ASN AA 81 -8.94 -5.80 -28.69
CA ASN AA 81 -9.77 -6.72 -29.46
C ASN AA 81 -10.27 -6.11 -30.76
N MET AA 82 -10.05 -4.82 -30.98
CA MET AA 82 -10.59 -4.12 -32.14
C MET AA 82 -9.57 -4.07 -33.26
N ILE AA 83 -9.97 -4.48 -34.45
CA ILE AA 83 -9.09 -4.48 -35.61
C ILE AA 83 -8.98 -3.07 -36.14
N SER AA 84 -7.77 -2.50 -36.04
CA SER AA 84 -7.54 -1.11 -36.41
C SER AA 84 -6.73 -0.95 -37.70
N GLY AA 85 -6.04 -1.99 -38.15
CA GLY AA 85 -5.32 -1.93 -39.40
C GLY AA 85 -5.40 -3.25 -40.15
N ARG AA 86 -5.55 -3.18 -41.48
CA ARG AA 86 -5.72 -4.38 -42.28
C ARG AA 86 -4.62 -4.59 -43.31
N ASP AA 87 -3.83 -3.57 -43.64
CA ASP AA 87 -2.82 -3.67 -44.67
C ASP AA 87 -1.48 -3.17 -44.16
N VAL AA 88 -1.18 -3.42 -42.88
CA VAL AA 88 0.11 -3.06 -42.32
C VAL AA 88 1.20 -3.90 -42.94
N ARG AA 89 2.37 -3.30 -43.14
CA ARG AA 89 3.54 -4.01 -43.65
C ARG AA 89 4.57 -4.11 -42.54
N LYS AA 90 4.89 -5.34 -42.15
CA LYS AA 90 5.77 -5.59 -41.02
C LYS AA 90 7.13 -6.11 -41.42
N VAL AA 91 7.37 -6.32 -42.72
CA VAL AA 91 8.64 -6.81 -43.22
C VAL AA 91 9.25 -5.71 -44.07
N TYR AA 92 10.49 -5.33 -43.74
CA TYR AA 92 11.17 -4.23 -44.40
C TYR AA 92 12.47 -4.71 -45.01
N ILE AA 93 12.78 -4.25 -46.21
CA ILE AA 93 14.06 -4.50 -46.84
C ILE AA 93 15.04 -3.48 -46.27
N THR AA 94 15.78 -3.87 -45.23
CA THR AA 94 16.69 -2.94 -44.57
C THR AA 94 17.80 -2.50 -45.51
N ASP AA 95 18.41 -3.45 -46.21
CA ASP AA 95 19.40 -3.12 -47.22
C ASP AA 95 19.46 -4.27 -48.22
N ASP AA 96 20.39 -4.15 -49.18
CA ASP AA 96 20.38 -4.99 -50.38
C ASP AA 96 20.36 -6.47 -50.07
N TYR AA 97 20.93 -6.88 -48.93
CA TYR AA 97 20.97 -8.29 -48.56
C TYR AA 97 20.42 -8.54 -47.18
N THR AA 98 19.60 -7.63 -46.64
CA THR AA 98 19.08 -7.79 -45.29
C THR AA 98 17.66 -7.28 -45.23
N ALA AA 99 16.76 -8.13 -44.73
CA ALA AA 99 15.39 -7.77 -44.40
C ALA AA 99 15.19 -7.91 -42.90
N THR AA 100 14.36 -7.04 -42.34
CA THR AA 100 14.05 -7.09 -40.93
C THR AA 100 12.53 -7.05 -40.75
N GLY AA 101 12.05 -7.76 -39.74
CA GLY AA 101 10.64 -7.73 -39.41
C GLY AA 101 10.48 -7.58 -37.92
N ILE AA 102 9.74 -6.57 -37.48
CA ILE AA 102 9.64 -6.26 -36.06
C ILE AA 102 8.20 -6.46 -35.62
N ALA AA 103 7.99 -7.34 -34.66
CA ALA AA 103 6.71 -7.54 -34.01
C ALA AA 103 6.62 -6.67 -32.76
N GLY AA 104 5.42 -6.57 -32.21
CA GLY AA 104 5.20 -5.77 -31.04
C GLY AA 104 4.32 -4.57 -31.33
N THR AA 105 4.57 -3.46 -30.65
CA THR AA 105 3.82 -2.24 -30.88
C THR AA 105 4.15 -1.69 -32.27
N ALA AA 106 3.11 -1.34 -33.03
CA ALA AA 106 3.29 -0.99 -34.44
C ALA AA 106 4.13 0.27 -34.60
N ALA AA 107 3.88 1.29 -33.77
CA ALA AA 107 4.65 2.52 -33.85
C ALA AA 107 6.13 2.25 -33.62
N VAL AA 108 6.44 1.48 -32.58
CA VAL AA 108 7.83 1.18 -32.26
C VAL AA 108 8.46 0.33 -33.36
N ALA AA 109 7.69 -0.59 -33.95
CA ALA AA 109 8.21 -1.41 -35.03
C ALA AA 109 8.61 -0.54 -36.22
N VAL AA 110 7.74 0.40 -36.61
CA VAL AA 110 8.03 1.27 -37.74
C VAL AA 110 9.24 2.15 -37.44
N GLU AA 111 9.29 2.73 -36.24
CA GLU AA 111 10.42 3.57 -35.88
C GLU AA 111 11.72 2.79 -35.86
N PHE AA 112 11.69 1.56 -35.35
CA PHE AA 112 12.89 0.74 -35.29
C PHE AA 112 13.38 0.37 -36.68
N ALA AA 113 12.46 0.01 -37.58
CA ALA AA 113 12.87 -0.29 -38.95
C ALA AA 113 13.52 0.92 -39.60
N ARG AA 114 12.90 2.09 -39.45
CA ARG AA 114 13.45 3.30 -40.05
C ARG AA 114 14.82 3.64 -39.48
N LEU AA 115 14.95 3.57 -38.15
CA LEU AA 115 16.22 3.87 -37.50
C LEU AA 115 17.32 2.91 -37.95
N TYR AA 116 17.00 1.62 -37.99
CA TYR AA 116 17.99 0.61 -38.36
C TYR AA 116 18.47 0.80 -39.79
N ALA AA 117 17.53 1.04 -40.72
CA ALA AA 117 17.93 1.28 -42.10
C ALA AA 117 18.80 2.52 -42.21
N VAL AA 118 18.43 3.59 -41.49
CA VAL AA 118 19.24 4.81 -41.53
C VAL AA 118 20.64 4.54 -40.99
N GLU AA 119 20.75 3.77 -39.91
CA GLU AA 119 22.05 3.50 -39.30
C GLU AA 119 22.94 2.69 -40.25
N LEU AA 120 22.38 1.68 -40.90
CA LEU AA 120 23.17 0.87 -41.82
C LEU AA 120 23.64 1.70 -43.01
N GLU AA 121 22.73 2.48 -43.61
CA GLU AA 121 23.13 3.31 -44.74
C GLU AA 121 24.12 4.39 -44.32
N HIS AA 122 23.98 4.91 -43.10
CA HIS AA 122 24.90 5.91 -42.58
C HIS AA 122 26.31 5.36 -42.47
N TYR AA 123 26.44 4.16 -41.89
CA TYR AA 123 27.76 3.53 -41.82
C TYR AA 123 28.31 3.28 -43.21
N GLU AA 124 27.48 2.79 -44.13
CA GLU AA 124 27.95 2.49 -45.47
C GLU AA 124 28.49 3.74 -46.15
N LYS AA 125 27.78 4.86 -46.03
CA LYS AA 125 28.24 6.09 -46.68
C LYS AA 125 29.49 6.64 -46.01
N LEU AA 126 29.54 6.62 -44.67
CA LEU AA 126 30.69 7.20 -43.98
C LEU AA 126 31.96 6.41 -44.25
N GLU AA 127 31.91 5.10 -44.08
CA GLU AA 127 33.12 4.28 -44.18
C GLU AA 127 33.35 3.71 -45.57
N GLY AA 128 32.48 4.01 -46.53
CA GLY AA 128 32.70 3.55 -47.89
C GLY AA 128 32.58 2.07 -48.11
N VAL AA 129 32.14 1.32 -47.09
CA VAL AA 129 32.02 -0.13 -47.19
C VAL AA 129 30.86 -0.55 -46.28
N PRO AA 130 30.02 -1.49 -46.71
CA PRO AA 130 28.91 -1.91 -45.85
C PRO AA 130 29.41 -2.65 -44.62
N LEU AA 131 28.57 -2.63 -43.59
CA LEU AA 131 28.87 -3.39 -42.38
C LEU AA 131 28.92 -4.88 -42.68
N THR AA 132 29.74 -5.60 -41.92
CA THR AA 132 29.64 -7.05 -41.93
C THR AA 132 28.34 -7.47 -41.27
N PHE AA 133 27.98 -8.75 -41.46
CA PHE AA 133 26.73 -9.22 -40.91
C PHE AA 133 26.74 -9.21 -39.39
N ALA AA 134 27.89 -9.51 -38.78
CA ALA AA 134 28.00 -9.45 -37.33
C ALA AA 134 27.83 -8.02 -36.82
N GLY AA 135 28.32 -7.03 -37.58
CA GLY AA 135 28.10 -5.65 -37.20
C GLY AA 135 26.63 -5.26 -37.25
N LYS AA 136 25.91 -5.73 -38.27
CA LYS AA 136 24.48 -5.47 -38.34
C LYS AA 136 23.73 -6.10 -37.18
N ILE AA 137 24.07 -7.35 -36.85
CA ILE AA 137 23.44 -8.01 -35.71
C ILE AA 137 23.73 -7.22 -34.44
N ASN AA 138 24.97 -6.75 -34.28
CA ASN AA 138 25.33 -6.00 -33.10
C ASN AA 138 24.54 -4.71 -32.98
N ARG AA 139 24.38 -3.98 -34.10
CA ARG AA 139 23.64 -2.72 -34.05
C ARG AA 139 22.17 -2.97 -33.71
N LEU AA 140 21.57 -4.01 -34.29
CA LEU AA 140 20.18 -4.32 -33.96
C LEU AA 140 20.03 -4.70 -32.48
N ALA AA 141 20.99 -5.49 -31.96
CA ALA AA 141 20.94 -5.86 -30.55
C ALA AA 141 21.10 -4.65 -29.65
N ILE AA 142 21.93 -3.68 -30.06
CA ILE AA 142 22.08 -2.45 -29.28
C ILE AA 142 20.76 -1.69 -29.25
N MET AA 143 20.06 -1.61 -30.38
CA MET AA 143 18.76 -0.94 -30.39
C MET AA 143 17.77 -1.64 -29.46
N VAL AA 144 17.73 -2.98 -29.52
CA VAL AA 144 16.80 -3.72 -28.67
C VAL AA 144 17.12 -3.52 -27.20
N ARG AA 145 18.41 -3.60 -26.84
CA ARG AA 145 18.80 -3.42 -25.45
C ARG AA 145 18.54 -1.99 -24.97
N GLY AA 146 18.64 -1.00 -25.87
CA GLY AA 146 18.31 0.36 -25.51
C GLY AA 146 16.82 0.61 -25.36
N ASN AA 147 16.00 -0.22 -25.99
CA ASN AA 147 14.54 -0.09 -25.86
C ASN AA 147 13.98 -0.77 -24.60
N LEU AA 148 14.80 -1.12 -23.62
CA LEU AA 148 14.32 -1.96 -22.51
C LEU AA 148 13.37 -1.19 -21.60
N ALA AA 149 13.70 0.05 -21.24
CA ALA AA 149 12.81 0.83 -20.39
C ALA AA 149 11.47 1.10 -21.08
N ALA AA 150 11.51 1.47 -22.36
CA ALA AA 150 10.28 1.71 -23.10
C ALA AA 150 9.45 0.43 -23.22
N ALA AA 151 10.12 -0.72 -23.41
CA ALA AA 151 9.40 -1.99 -23.44
C ALA AA 151 8.73 -2.27 -22.10
N MET AA 152 9.40 -1.90 -21.00
CA MET AA 152 8.75 -1.97 -19.69
C MET AA 152 7.55 -1.02 -19.63
N GLN AA 153 7.60 0.09 -20.35
CA GLN AA 153 6.47 1.02 -20.44
C GLN AA 153 5.47 0.64 -21.52
N GLY AA 154 5.64 -0.51 -22.16
CA GLY AA 154 4.68 -1.00 -23.15
C GLY AA 154 5.08 -0.80 -24.59
N LEU AA 155 6.20 -0.11 -24.85
CA LEU AA 155 6.67 0.14 -26.21
C LEU AA 155 7.65 -0.95 -26.66
N LEU AA 156 7.12 -2.18 -26.73
CA LEU AA 156 7.93 -3.36 -26.94
C LEU AA 156 8.14 -3.64 -28.43
N ALA AA 157 9.32 -4.15 -28.76
CA ALA AA 157 9.70 -4.44 -30.13
C ALA AA 157 10.53 -5.72 -30.16
N LEU AA 158 10.06 -6.71 -30.91
CA LEU AA 158 10.79 -7.97 -31.11
C LEU AA 158 11.24 -8.04 -32.56
N PRO AA 159 12.51 -7.82 -32.87
CA PRO AA 159 12.97 -7.94 -34.25
C PRO AA 159 13.33 -9.37 -34.63
N LEU AA 160 13.31 -9.60 -35.94
CA LEU AA 160 13.78 -10.83 -36.55
C LEU AA 160 14.52 -10.42 -37.82
N LEU AA 161 15.74 -10.93 -37.98
CA LEU AA 161 16.60 -10.47 -39.05
C LEU AA 161 16.87 -11.61 -40.01
N ALA AA 162 16.58 -11.40 -41.28
CA ALA AA 162 16.95 -12.34 -42.33
C ALA AA 162 18.00 -11.67 -43.21
N GLY AA 163 19.04 -12.41 -43.56
CA GLY AA 163 20.11 -11.84 -44.34
C GLY AA 163 20.74 -12.86 -45.25
N TYR AA 164 21.54 -12.37 -46.18
CA TYR AA 164 22.35 -13.21 -47.05
C TYR AA 164 23.80 -12.76 -46.87
N ASP AA 165 24.64 -13.65 -46.35
CA ASP AA 165 26.04 -13.32 -46.11
C ASP AA 165 26.80 -13.56 -47.40
N ILE AA 166 27.09 -12.48 -48.12
CA ILE AA 166 27.83 -12.61 -49.37
C ILE AA 166 29.28 -13.01 -49.10
N HIS AA 167 29.82 -12.62 -47.94
CA HIS AA 167 31.17 -13.01 -47.57
C HIS AA 167 31.26 -14.45 -47.09
N ALA AA 168 30.13 -15.11 -46.87
CA ALA AA 168 30.15 -16.48 -46.39
C ALA AA 168 30.77 -17.41 -47.43
N SER AA 169 31.30 -18.53 -46.94
CA SER AA 169 32.07 -19.43 -47.79
C SER AA 169 31.17 -20.13 -48.82
N ASP AA 170 30.20 -20.91 -48.36
CA ASP AA 170 29.36 -21.69 -49.26
C ASP AA 170 28.16 -20.85 -49.68
N PRO AA 171 28.05 -20.47 -50.96
CA PRO AA 171 26.91 -19.64 -51.38
C PRO AA 171 25.57 -20.34 -51.27
N GLN AA 172 25.53 -21.67 -51.17
CA GLN AA 172 24.28 -22.38 -50.99
C GLN AA 172 23.81 -22.39 -49.54
N SER AA 173 24.62 -21.86 -48.61
CA SER AA 173 24.25 -21.77 -47.21
C SER AA 173 24.56 -20.37 -46.66
N ALA AA 174 24.45 -19.35 -47.51
CA ALA AA 174 24.78 -18.00 -47.10
C ALA AA 174 23.62 -17.28 -46.41
N GLY AA 175 22.43 -17.89 -46.39
CA GLY AA 175 21.32 -17.29 -45.67
C GLY AA 175 21.52 -17.38 -44.17
N ARG AA 176 21.03 -16.36 -43.47
CA ARG AA 176 21.20 -16.30 -41.99
C ARG AA 176 19.92 -15.77 -41.34
N ILE AA 177 19.41 -16.47 -40.31
CA ILE AA 177 18.22 -15.98 -39.57
C ILE AA 177 18.66 -15.66 -38.14
N VAL AA 178 18.41 -14.43 -37.68
CA VAL AA 178 18.86 -14.03 -36.31
C VAL AA 178 17.65 -13.65 -35.47
N SER AA 179 17.43 -14.36 -34.36
CA SER AA 179 16.30 -14.04 -33.44
C SER AA 179 16.81 -13.24 -32.26
N PHE AA 180 16.04 -12.25 -31.80
CA PHE AA 180 16.48 -11.38 -30.68
C PHE AA 180 15.50 -11.53 -29.51
N ASP AA 181 16.03 -11.78 -28.31
CA ASP AA 181 15.16 -11.87 -27.10
C ASP AA 181 14.92 -10.46 -26.53
N ALA AA 182 14.19 -10.36 -25.43
CA ALA AA 182 13.87 -9.04 -24.89
C ALA AA 182 15.11 -8.30 -24.41
N ALA AA 183 16.04 -9.01 -23.78
CA ALA AA 183 17.20 -8.39 -23.15
C ALA AA 183 18.27 -7.95 -24.14
N GLY AA 184 18.10 -8.21 -25.43
CA GLY AA 184 19.07 -7.83 -26.43
C GLY AA 184 20.00 -8.95 -26.85
N GLY AA 185 19.81 -10.16 -26.36
CA GLY AA 185 20.58 -11.28 -26.85
C GLY AA 185 20.12 -11.70 -28.24
N TRP AA 186 21.05 -12.29 -28.99
CA TRP AA 186 20.75 -12.74 -30.33
C TRP AA 186 21.26 -14.15 -30.55
N ASN AA 187 20.59 -14.88 -31.44
CA ASN AA 187 21.03 -16.27 -31.76
C ASN AA 187 20.92 -16.49 -33.27
N ILE AA 188 21.97 -17.00 -33.92
CA ILE AA 188 21.87 -17.35 -35.36
C ILE AA 188 21.17 -18.72 -35.43
N GLU AA 189 19.96 -18.77 -36.00
CA GLU AA 189 19.17 -20.03 -36.01
C GLU AA 189 19.82 -21.06 -36.94
N GLU AA 190 20.06 -22.27 -36.40
CA GLU AA 190 20.68 -23.36 -37.21
C GLU AA 190 19.60 -24.35 -37.65
N GLU AA 191 18.41 -24.28 -37.03
CA GLU AA 191 17.28 -25.18 -37.42
C GLU AA 191 16.79 -24.80 -38.82
N GLY AA 192 16.94 -23.52 -39.20
CA GLY AA 192 16.56 -23.08 -40.57
C GLY AA 192 15.24 -22.35 -40.62
N TYR AA 193 14.65 -22.05 -39.45
CA TYR AA 193 13.34 -21.33 -39.41
C TYR AA 193 13.20 -20.58 -38.08
N GLN AA 194 12.41 -19.50 -38.07
CA GLN AA 194 12.19 -18.72 -36.85
C GLN AA 194 10.92 -17.92 -37.03
N ALA AA 195 10.33 -17.54 -35.90
CA ALA AA 195 9.13 -16.71 -35.92
C ALA AA 195 9.17 -15.75 -34.73
N VAL AA 196 8.55 -14.59 -34.92
CA VAL AA 196 8.31 -13.64 -33.84
C VAL AA 196 6.85 -13.20 -33.93
N GLY AA 197 6.34 -12.73 -32.80
CA GLY AA 197 4.99 -12.21 -32.72
C GLY AA 197 4.11 -13.03 -31.80
N SER AA 198 2.84 -12.64 -31.77
CA SER AA 198 1.89 -13.27 -30.86
C SER AA 198 1.54 -14.69 -31.30
N GLY AA 199 1.59 -14.98 -32.59
CA GLY AA 199 1.28 -16.30 -33.10
C GLY AA 199 2.53 -17.09 -33.48
N SER AA 200 3.67 -16.70 -32.91
CA SER AA 200 4.94 -17.27 -33.32
C SER AA 200 5.04 -18.75 -32.97
N LEU AA 201 4.41 -19.18 -31.88
CA LEU AA 201 4.52 -20.58 -31.49
C LEU AA 201 3.82 -21.50 -32.48
N PHE AA 202 2.62 -21.10 -32.93
CA PHE AA 202 1.91 -21.88 -33.94
C PHE AA 202 2.68 -21.91 -35.26
N ALA AA 203 3.23 -20.77 -35.67
CA ALA AA 203 3.99 -20.72 -36.91
C ALA AA 203 5.23 -21.60 -36.83
N LYS AA 204 5.93 -21.56 -35.69
CA LYS AA 204 7.12 -22.39 -35.52
C LYS AA 204 6.76 -23.87 -35.51
N SER AA 205 5.66 -24.23 -34.85
CA SER AA 205 5.29 -25.64 -34.76
C SER AA 205 4.78 -26.19 -36.08
N SER AA 206 4.19 -25.34 -36.93
CA SER AA 206 3.84 -25.79 -38.27
C SER AA 206 5.06 -25.84 -39.18
N MET AA 207 5.99 -24.90 -39.02
CA MET AA 207 7.21 -24.92 -39.83
C MET AA 207 8.07 -26.13 -39.48
N LYS AA 208 8.03 -26.57 -38.22
CA LYS AA 208 8.75 -27.79 -37.85
C LYS AA 208 8.26 -28.98 -38.65
N LYS AA 209 6.96 -29.05 -38.92
CA LYS AA 209 6.38 -30.16 -39.66
C LYS AA 209 6.44 -29.98 -41.17
N LEU AA 210 6.56 -28.74 -41.66
CA LEU AA 210 6.59 -28.49 -43.10
C LEU AA 210 7.99 -28.22 -43.64
N TYR AA 211 9.02 -28.13 -42.78
CA TYR AA 211 10.34 -27.73 -43.27
C TYR AA 211 11.02 -28.80 -44.09
N SER AA 212 10.53 -30.04 -44.06
CA SER AA 212 11.10 -31.07 -44.91
C SER AA 212 10.71 -30.90 -46.38
N GLN AA 213 9.74 -30.03 -46.68
CA GLN AA 213 9.28 -29.80 -48.03
C GLN AA 213 9.97 -28.63 -48.72
N VAL AA 214 10.91 -27.97 -48.06
CA VAL AA 214 11.52 -26.76 -48.60
C VAL AA 214 12.77 -27.15 -49.38
N THR AA 215 12.75 -26.89 -50.69
CA THR AA 215 13.89 -27.18 -51.55
C THR AA 215 14.38 -25.99 -52.35
N ASP AA 216 13.55 -24.97 -52.59
CA ASP AA 216 13.95 -23.81 -53.35
C ASP AA 216 13.19 -22.59 -52.83
N GLY AA 217 13.22 -21.50 -53.59
CA GLY AA 217 12.55 -20.29 -53.16
C GLY AA 217 11.04 -20.42 -53.14
N ASP AA 218 10.47 -21.14 -54.12
CA ASP AA 218 9.01 -21.25 -54.22
C ASP AA 218 8.45 -22.13 -53.11
N SER AA 219 9.08 -23.28 -52.86
CA SER AA 219 8.62 -24.14 -51.77
C SER AA 219 8.78 -23.45 -50.43
N GLY AA 220 9.88 -22.71 -50.26
CA GLY AA 220 10.07 -21.97 -49.03
C GLY AA 220 9.02 -20.89 -48.84
N LEU AA 221 8.67 -20.18 -49.92
CA LEU AA 221 7.63 -19.17 -49.84
C LEU AA 221 6.29 -19.79 -49.50
N ARG AA 222 5.98 -20.94 -50.10
CA ARG AA 222 4.73 -21.63 -49.79
C ARG AA 222 4.69 -22.06 -48.33
N VAL AA 223 5.80 -22.59 -47.81
CA VAL AA 223 5.84 -23.02 -46.42
C VAL AA 223 5.69 -21.83 -45.47
N ALA AA 224 6.32 -20.70 -45.81
CA ALA AA 224 6.17 -19.51 -44.98
C ALA AA 224 4.73 -19.02 -44.96
N VAL AA 225 4.07 -19.00 -46.13
CA VAL AA 225 2.68 -18.55 -46.18
C VAL AA 225 1.78 -19.52 -45.41
N GLU AA 226 2.06 -20.82 -45.49
CA GLU AA 226 1.26 -21.79 -44.74
C GLU AA 226 1.48 -21.65 -43.23
N ALA AA 227 2.70 -21.35 -42.80
CA ALA AA 227 2.95 -21.12 -41.38
C ALA AA 227 2.21 -19.89 -40.89
N LEU AA 228 2.20 -18.82 -41.69
CA LEU AA 228 1.41 -17.65 -41.32
C LEU AA 228 -0.08 -17.99 -41.27
N TYR AA 229 -0.54 -18.83 -42.20
CA TYR AA 229 -1.93 -19.25 -42.19
C TYR AA 229 -2.29 -20.00 -40.90
N ASP AA 230 -1.40 -20.90 -40.46
CA ASP AA 230 -1.67 -21.63 -39.23
C ASP AA 230 -1.64 -20.71 -38.01
N ALA AA 231 -0.71 -19.75 -38.00
CA ALA AA 231 -0.68 -18.78 -36.91
C ALA AA 231 -1.98 -18.00 -36.85
N ALA AA 232 -2.49 -17.53 -37.99
CA ALA AA 232 -3.76 -16.81 -38.01
C ALA AA 232 -4.92 -17.73 -37.67
N ASP AA 233 -4.79 -19.03 -37.97
CA ASP AA 233 -5.85 -19.99 -37.63
C ASP AA 233 -5.97 -20.17 -36.13
N ASP AA 234 -4.85 -20.20 -35.41
CA ASP AA 234 -4.91 -20.43 -33.97
C ASP AA 234 -4.87 -19.15 -33.14
N ASP AA 235 -4.52 -18.01 -33.73
CA ASP AA 235 -4.32 -16.77 -33.00
C ASP AA 235 -5.11 -15.66 -33.67
N SER AA 236 -5.93 -14.96 -32.89
CA SER AA 236 -6.84 -13.97 -33.46
C SER AA 236 -6.19 -12.61 -33.71
N ALA AA 237 -5.01 -12.35 -33.15
CA ALA AA 237 -4.30 -11.11 -33.42
C ALA AA 237 -3.48 -11.17 -34.70
N THR AA 238 -3.42 -12.33 -35.34
CA THR AA 238 -2.76 -12.48 -36.63
C THR AA 238 -3.82 -12.55 -37.71
N GLY AA 239 -3.63 -11.77 -38.78
CA GLY AA 239 -4.58 -11.76 -39.88
C GLY AA 239 -4.27 -12.84 -40.89
N GLY AA 240 -5.30 -13.55 -41.32
CA GLY AA 240 -5.17 -14.54 -42.36
C GLY AA 240 -5.32 -13.90 -43.73
N PRO AA 241 -5.19 -14.70 -44.78
CA PRO AA 241 -5.47 -14.20 -46.13
C PRO AA 241 -6.92 -13.75 -46.23
N ASP AA 242 -7.10 -12.50 -46.64
CA ASP AA 242 -8.43 -11.90 -46.75
C ASP AA 242 -8.83 -11.92 -48.23
N LEU AA 243 -9.57 -12.96 -48.62
CA LEU AA 243 -9.96 -13.09 -50.01
C LEU AA 243 -11.06 -12.11 -50.41
N VAL AA 244 -11.71 -11.48 -49.44
CA VAL AA 244 -12.74 -10.48 -49.75
C VAL AA 244 -12.09 -9.17 -50.19
N ARG AA 245 -11.23 -8.61 -49.35
CA ARG AA 245 -10.52 -7.39 -49.69
C ARG AA 245 -9.28 -7.64 -50.54
N GLY AA 246 -8.88 -8.89 -50.71
CA GLY AA 246 -7.68 -9.19 -51.47
C GLY AA 246 -6.40 -8.71 -50.83
N ILE AA 247 -6.25 -8.91 -49.52
CA ILE AA 247 -5.05 -8.52 -48.79
C ILE AA 247 -4.37 -9.77 -48.27
N PHE AA 248 -3.08 -9.91 -48.56
CA PHE AA 248 -2.32 -11.12 -48.34
C PHE AA 248 -1.05 -10.79 -47.58
N PRO AA 249 -0.43 -11.80 -46.95
CA PRO AA 249 0.83 -11.55 -46.24
C PRO AA 249 1.90 -11.02 -47.18
N THR AA 250 2.77 -10.18 -46.64
CA THR AA 250 3.89 -9.65 -47.41
C THR AA 250 5.10 -10.55 -47.25
N ALA AA 251 5.94 -10.57 -48.27
CA ALA AA 251 7.11 -11.44 -48.26
C ALA AA 251 8.28 -10.75 -48.95
N VAL AA 252 9.47 -11.07 -48.46
CA VAL AA 252 10.73 -10.63 -49.05
C VAL AA 252 11.60 -11.87 -49.21
N ILE AA 253 12.12 -12.07 -50.42
CA ILE AA 253 13.03 -13.16 -50.71
C ILE AA 253 14.41 -12.57 -50.95
N ILE AA 254 15.40 -13.08 -50.22
CA ILE AA 254 16.78 -12.63 -50.34
C ILE AA 254 17.61 -13.81 -50.86
N ASP AA 255 18.38 -13.56 -51.91
CA ASP AA 255 19.31 -14.55 -52.44
C ASP AA 255 20.55 -13.82 -52.92
N ALA AA 256 21.37 -14.51 -53.72
CA ALA AA 256 22.64 -13.94 -54.16
C ALA AA 256 22.45 -12.65 -54.96
N ASP AA 257 21.30 -12.49 -55.61
CA ASP AA 257 21.05 -11.28 -56.39
C ASP AA 257 20.49 -10.14 -55.55
N GLY AA 258 20.15 -10.37 -54.29
CA GLY AA 258 19.69 -9.32 -53.42
C GLY AA 258 18.37 -9.68 -52.79
N ALA AA 259 17.73 -8.67 -52.20
CA ALA AA 259 16.44 -8.81 -51.54
C ALA AA 259 15.36 -8.16 -52.39
N VAL AA 260 14.34 -8.93 -52.76
CA VAL AA 260 13.23 -8.43 -53.57
C VAL AA 260 11.92 -8.76 -52.88
N ASP AA 261 10.97 -7.83 -52.96
CA ASP AA 261 9.64 -8.10 -52.46
C ASP AA 261 8.91 -9.05 -53.39
N VAL AA 262 8.26 -10.04 -52.80
CA VAL AA 262 7.46 -10.98 -53.60
C VAL AA 262 6.20 -10.27 -54.08
N PRO AA 263 5.90 -10.28 -55.38
CA PRO AA 263 4.68 -9.62 -55.86
C PRO AA 263 3.43 -10.26 -55.27
N GLU AA 264 2.39 -9.44 -55.12
CA GLU AA 264 1.18 -9.88 -54.42
C GLU AA 264 0.49 -11.03 -55.15
N SER AA 265 0.66 -11.14 -56.46
CA SER AA 265 -0.02 -12.20 -57.22
C SER AA 265 0.46 -13.58 -56.81
N ARG AA 266 1.78 -13.75 -56.62
CA ARG AA 266 2.32 -15.05 -56.25
C ARG AA 266 1.83 -15.48 -54.87
N ILE AA 267 1.85 -14.56 -53.90
CA ILE AA 267 1.37 -14.87 -52.56
C ILE AA 267 -0.13 -15.15 -52.60
N ALA AA 268 -0.87 -14.43 -53.43
CA ALA AA 268 -2.30 -14.70 -53.57
C ALA AA 268 -2.55 -16.10 -54.10
N GLU AA 269 -1.78 -16.52 -55.11
CA GLU AA 269 -1.95 -17.86 -55.67
C GLU AA 269 -1.63 -18.93 -54.63
N LEU AA 270 -0.51 -18.75 -53.91
CA LEU AA 270 -0.15 -19.73 -52.88
C LEU AA 270 -1.20 -19.78 -51.77
N ALA AA 271 -1.71 -18.63 -51.35
CA ALA AA 271 -2.72 -18.59 -50.31
C ALA AA 271 -3.99 -19.29 -50.74
N ARG AA 272 -4.43 -19.05 -51.97
CA ARG AA 272 -5.63 -19.72 -52.48
C ARG AA 272 -5.42 -21.23 -52.55
N ALA AA 273 -4.23 -21.66 -52.99
CA ALA AA 273 -3.94 -23.10 -53.01
C ALA AA 273 -3.99 -23.69 -51.61
N ILE AA 274 -3.40 -23.00 -50.63
CA ILE AA 274 -3.40 -23.50 -49.26
C ILE AA 274 -4.82 -23.59 -48.71
N ILE AA 275 -5.64 -22.56 -48.97
CA ILE AA 275 -7.01 -22.55 -48.48
C ILE AA 275 -7.80 -23.69 -49.10
N GLU AA 276 -7.66 -23.90 -50.41
CA GLU AA 276 -8.38 -24.99 -51.06
C GLU AA 276 -7.90 -26.34 -50.56
N SER AA 277 -6.61 -26.46 -50.22
CA SER AA 277 -6.12 -27.71 -49.64
C SER AA 277 -6.72 -27.95 -48.26
N ARG AA 278 -6.91 -26.89 -47.47
CA ARG AA 278 -7.50 -27.07 -46.14
C ARG AA 278 -8.99 -27.38 -46.18
N SER AA 279 -9.69 -26.95 -47.21
CA SER AA 279 -11.14 -27.20 -47.30
C SER AA 279 -11.43 -28.66 -47.61
N GLY BA 1 -27.69 -50.72 42.08
CA GLY BA 1 -26.49 -49.92 41.95
C GLY BA 1 -25.30 -50.52 42.67
N GLN BA 2 -24.48 -49.66 43.28
CA GLN BA 2 -23.32 -50.08 44.05
C GLN BA 2 -23.41 -49.70 45.52
N TYR BA 3 -23.79 -48.45 45.80
CA TYR BA 3 -24.03 -47.97 47.16
C TYR BA 3 -22.81 -48.20 48.06
N LEU BA 4 -21.64 -47.81 47.58
CA LEU BA 4 -20.42 -47.88 48.37
C LEU BA 4 -19.34 -46.96 47.81
N GLY CA 1 -37.39 -30.82 51.07
CA GLY CA 1 -35.99 -30.59 51.42
C GLY CA 1 -35.81 -29.91 52.76
N GLN CA 2 -35.21 -28.72 52.73
CA GLN CA 2 -35.01 -27.92 53.94
C GLN CA 2 -35.90 -26.70 53.90
N TYR CA 3 -36.60 -26.44 55.00
CA TYR CA 3 -37.46 -25.27 55.15
C TYR CA 3 -36.94 -24.35 56.24
N LEU CA 4 -35.61 -24.20 56.32
CA LEU CA 4 -35.00 -23.25 57.24
C LEU CA 4 -34.30 -22.16 56.45
N GLY DA 1 -55.36 -16.20 44.58
CA GLY DA 1 -54.72 -15.52 43.48
C GLY DA 1 -54.87 -14.01 43.55
N GLN DA 2 -53.97 -13.30 42.89
CA GLN DA 2 -54.03 -11.85 42.85
C GLN DA 2 -54.97 -11.41 41.73
N TYR DA 3 -56.01 -10.65 42.08
CA TYR DA 3 -56.97 -10.15 41.11
C TYR DA 3 -57.16 -8.64 41.27
N LEU DA 4 -56.09 -7.94 41.64
CA LEU DA 4 -56.08 -6.49 41.77
C LEU DA 4 -54.71 -5.94 41.43
N GLY EA 1 -63.79 -17.54 20.41
CA GLY EA 1 -63.57 -16.30 19.69
C GLY EA 1 -64.83 -15.74 19.06
N GLN EA 2 -64.76 -14.46 18.68
CA GLN EA 2 -65.89 -13.83 18.00
C GLN EA 2 -66.15 -14.50 16.66
N TYR EA 3 -67.42 -14.71 16.34
CA TYR EA 3 -67.82 -15.38 15.11
C TYR EA 3 -68.38 -14.41 14.08
N LEU EA 4 -67.78 -13.22 13.97
CA LEU EA 4 -68.21 -12.21 13.02
C LEU EA 4 -67.07 -11.21 12.79
N GLY FA 1 -63.33 -34.50 2.81
CA GLY FA 1 -64.27 -33.88 1.90
C GLY FA 1 -63.79 -33.86 0.46
N GLN FA 2 -62.56 -33.38 0.26
CA GLN FA 2 -61.96 -33.33 -1.06
C GLN FA 2 -61.41 -34.72 -1.41
N TYR FA 3 -61.96 -35.32 -2.47
CA TYR FA 3 -61.46 -36.60 -2.97
C TYR FA 3 -61.46 -36.61 -4.49
N LEU FA 4 -61.04 -35.51 -5.09
CA LEU FA 4 -61.01 -35.40 -6.55
C LEU FA 4 -59.88 -34.50 -7.01
N GLY GA 1 -47.28 -54.17 2.80
CA GLY GA 1 -45.84 -53.97 2.67
C GLY GA 1 -45.27 -54.58 1.42
N GLN GA 2 -44.19 -53.99 0.90
CA GLN GA 2 -43.58 -54.47 -0.34
C GLN GA 2 -42.54 -55.52 0.01
N TYR GA 3 -42.86 -56.79 -0.29
CA TYR GA 3 -42.03 -57.92 0.11
C TYR GA 3 -41.58 -58.75 -1.08
N LEU GA 4 -41.77 -58.26 -2.30
CA LEU GA 4 -41.26 -58.98 -3.48
C LEU GA 4 -40.17 -58.17 -4.16
N GLY HA 1 -30.99 -59.77 20.45
CA GLY HA 1 -29.90 -59.81 19.49
C GLY HA 1 -28.94 -60.95 19.73
N GLN HA 2 -27.70 -60.78 19.29
CA GLN HA 2 -26.67 -61.79 19.49
C GLN HA 2 -25.98 -61.53 20.82
N TYR HA 3 -26.25 -62.40 21.80
CA TYR HA 3 -25.60 -62.30 23.10
C TYR HA 3 -24.33 -63.13 23.19
N LEU HA 4 -23.89 -63.73 22.08
CA LEU HA 4 -22.74 -64.63 22.11
C LEU HA 4 -21.49 -63.94 21.56
N SER IA 8 45.94 43.98 -38.17
CA SER IA 8 44.89 44.52 -39.03
C SER IA 8 44.00 43.40 -39.59
N PRO IA 9 42.69 43.52 -39.36
CA PRO IA 9 41.77 42.53 -39.93
C PRO IA 9 41.84 42.43 -41.44
N GLU IA 10 42.00 43.55 -42.15
CA GLU IA 10 42.07 43.48 -43.61
C GLU IA 10 43.31 42.71 -44.07
N GLN IA 11 44.47 43.03 -43.50
CA GLN IA 11 45.69 42.31 -43.86
C GLN IA 11 45.58 40.83 -43.49
N ALA IA 12 45.04 40.54 -42.31
CA ALA IA 12 44.90 39.15 -41.88
C ALA IA 12 44.01 38.36 -42.82
N MET IA 13 42.87 38.93 -43.21
CA MET IA 13 41.97 38.23 -44.11
C MET IA 13 42.59 38.06 -45.49
N ARG IA 14 43.34 39.06 -45.96
CA ARG IA 14 43.95 38.95 -47.28
C ARG IA 14 45.04 37.89 -47.31
N GLU IA 15 45.88 37.82 -46.27
CA GLU IA 15 46.91 36.78 -46.24
C GLU IA 15 46.32 35.41 -45.97
N ARG IA 16 45.22 35.34 -45.22
CA ARG IA 16 44.50 34.09 -45.04
C ARG IA 16 43.93 33.58 -46.37
N SER IA 17 43.36 34.49 -47.16
CA SER IA 17 42.88 34.13 -48.49
C SER IA 17 44.02 33.66 -49.38
N GLU IA 18 45.17 34.35 -49.30
CA GLU IA 18 46.35 33.90 -50.05
C GLU IA 18 46.74 32.49 -49.65
N LEU IA 19 46.74 32.20 -48.35
CA LEU IA 19 47.10 30.86 -47.87
C LEU IA 19 46.15 29.81 -48.40
N ALA IA 20 44.83 30.06 -48.34
CA ALA IA 20 43.87 29.09 -48.81
C ALA IA 20 43.99 28.85 -50.31
N ARG IA 21 44.14 29.93 -51.09
CA ARG IA 21 44.26 29.79 -52.54
C ARG IA 21 45.54 29.06 -52.92
N LYS IA 22 46.65 29.34 -52.22
CA LYS IA 22 47.89 28.62 -52.46
C LYS IA 22 47.73 27.15 -52.12
N GLY IA 23 46.98 26.83 -51.07
CA GLY IA 23 46.75 25.44 -50.73
C GLY IA 23 45.94 24.71 -51.79
N ILE IA 24 44.90 25.36 -52.33
CA ILE IA 24 44.07 24.70 -53.32
C ILE IA 24 44.81 24.56 -54.65
N ALA IA 25 45.67 25.54 -54.99
CA ALA IA 25 46.33 25.53 -56.29
C ALA IA 25 47.27 24.33 -56.44
N ARG IA 26 47.92 23.92 -55.36
CA ARG IA 26 48.86 22.79 -55.43
C ARG IA 26 48.17 21.46 -55.16
N ALA IA 27 47.06 21.22 -55.85
CA ALA IA 27 46.27 20.02 -55.62
C ALA IA 27 45.80 19.46 -56.97
N LYS IA 28 45.39 18.20 -56.94
CA LYS IA 28 44.84 17.58 -58.14
C LYS IA 28 43.46 18.17 -58.45
N SER IA 29 43.06 18.03 -59.71
CA SER IA 29 41.85 18.67 -60.20
C SER IA 29 40.68 17.69 -60.27
N VAL IA 30 39.49 18.21 -60.03
CA VAL IA 30 38.24 17.46 -60.10
C VAL IA 30 37.32 18.19 -61.08
N VAL IA 31 36.57 17.44 -61.86
CA VAL IA 31 35.54 18.00 -62.73
C VAL IA 31 34.23 17.27 -62.49
N ALA IA 32 33.16 18.03 -62.31
CA ALA IA 32 31.81 17.50 -62.20
C ALA IA 32 30.99 18.12 -63.32
N LEU IA 33 30.51 17.30 -64.24
CA LEU IA 33 29.78 17.81 -65.39
C LEU IA 33 28.48 17.06 -65.58
N ALA IA 34 27.43 17.77 -65.98
CA ALA IA 34 26.12 17.18 -66.20
C ALA IA 34 26.03 16.58 -67.59
N TYR IA 35 25.45 15.38 -67.67
CA TYR IA 35 25.26 14.68 -68.93
C TYR IA 35 23.87 14.05 -68.93
N ALA IA 36 23.55 13.36 -70.03
CA ALA IA 36 22.19 12.89 -70.25
C ALA IA 36 21.69 11.99 -69.12
N GLY IA 37 22.58 11.21 -68.51
CA GLY IA 37 22.20 10.33 -67.44
C GLY IA 37 22.25 10.91 -66.05
N GLY IA 38 22.72 12.14 -65.88
CA GLY IA 38 22.85 12.73 -64.57
C GLY IA 38 24.08 13.59 -64.40
N VAL IA 39 24.89 13.31 -63.38
CA VAL IA 39 26.12 14.05 -63.14
C VAL IA 39 27.28 13.07 -63.13
N LEU IA 40 28.42 13.49 -63.69
CA LEU IA 40 29.64 12.70 -63.76
C LEU IA 40 30.74 13.41 -63.01
N PHE IA 41 31.36 12.71 -62.07
CA PHE IA 41 32.53 13.21 -61.35
C PHE IA 41 33.77 12.46 -61.84
N VAL IA 42 34.78 13.23 -62.24
CA VAL IA 42 36.07 12.68 -62.66
C VAL IA 42 37.17 13.39 -61.89
N ALA IA 43 38.02 12.62 -61.23
CA ALA IA 43 39.14 13.18 -60.48
C ALA IA 43 40.42 12.46 -60.88
N GLU IA 44 41.52 13.20 -60.90
CA GLU IA 44 42.84 12.60 -61.06
C GLU IA 44 43.36 12.27 -59.66
N ASN IA 45 43.36 10.98 -59.32
CA ASN IA 45 43.64 10.55 -57.96
C ASN IA 45 44.32 9.20 -58.01
N PRO IA 46 45.64 9.16 -57.82
CA PRO IA 46 46.34 7.85 -57.86
C PRO IA 46 45.89 6.88 -56.79
N SER IA 47 45.57 7.38 -55.60
CA SER IA 47 45.20 6.50 -54.50
C SER IA 47 43.86 5.84 -54.78
N ARG IA 48 43.81 4.52 -54.65
CA ARG IA 48 42.56 3.78 -54.75
C ARG IA 48 41.86 3.65 -53.42
N SER IA 49 42.47 4.13 -52.33
CA SER IA 49 41.94 4.00 -50.99
C SER IA 49 41.31 5.28 -50.47
N LEU IA 50 41.89 6.43 -50.78
CA LEU IA 50 41.37 7.73 -50.35
C LEU IA 50 40.58 8.35 -51.49
N GLN IA 51 39.29 8.60 -51.25
CA GLN IA 51 38.37 9.00 -52.30
C GLN IA 51 38.02 10.48 -52.17
N LYS IA 52 38.15 11.21 -53.27
CA LYS IA 52 37.76 12.62 -53.32
C LYS IA 52 36.31 12.82 -53.73
N ILE IA 53 35.60 11.75 -54.09
CA ILE IA 53 34.21 11.81 -54.52
C ILE IA 53 33.43 10.82 -53.69
N SER IA 54 32.28 11.24 -53.16
CA SER IA 54 31.47 10.37 -52.35
C SER IA 54 30.00 10.70 -52.52
N GLU IA 55 29.15 9.89 -51.89
CA GLU IA 55 27.71 10.09 -51.89
C GLU IA 55 27.30 10.80 -50.61
N LEU IA 56 26.53 11.86 -50.75
CA LEU IA 56 25.95 12.51 -49.58
C LEU IA 56 24.58 11.95 -49.24
N TYR IA 57 23.74 11.75 -50.24
CA TYR IA 57 22.38 11.25 -50.01
C TYR IA 57 21.88 10.65 -51.32
N ASP IA 58 20.63 10.17 -51.29
CA ASP IA 58 20.09 9.34 -52.35
C ASP IA 58 20.35 9.93 -53.73
N ARG IA 59 20.08 11.22 -53.91
CA ARG IA 59 20.29 11.88 -55.19
C ARG IA 59 21.33 12.99 -55.09
N VAL IA 60 22.12 13.03 -54.02
CA VAL IA 60 23.08 14.11 -53.81
C VAL IA 60 24.48 13.51 -53.69
N GLY IA 61 25.41 14.05 -54.48
CA GLY IA 61 26.79 13.63 -54.48
C GLY IA 61 27.76 14.74 -54.14
N PHE IA 62 28.94 14.34 -53.66
CA PHE IA 62 29.95 15.23 -53.13
C PHE IA 62 31.25 15.04 -53.89
N ALA IA 63 31.91 16.15 -54.23
CA ALA IA 63 33.26 16.10 -54.76
C ALA IA 63 34.05 17.23 -54.15
N ALA IA 64 35.35 17.03 -54.00
CA ALA IA 64 36.15 18.05 -53.33
C ALA IA 64 37.58 18.03 -53.86
N ALA IA 65 38.23 19.18 -53.74
CA ALA IA 65 39.64 19.33 -54.05
C ALA IA 65 40.32 20.04 -52.88
N GLY IA 66 41.59 19.69 -52.66
CA GLY IA 66 42.36 20.30 -51.59
C GLY IA 66 43.00 19.31 -50.65
N LYS IA 67 43.12 19.69 -49.38
CA LYS IA 67 43.73 18.84 -48.38
C LYS IA 67 42.74 17.78 -47.91
N PHE IA 68 43.18 16.52 -47.88
CA PHE IA 68 42.24 15.41 -47.72
C PHE IA 68 41.54 15.42 -46.38
N ASN IA 69 42.27 15.67 -45.30
CA ASN IA 69 41.65 15.56 -43.97
C ASN IA 69 40.55 16.59 -43.80
N GLU IA 70 40.77 17.81 -44.30
CA GLU IA 70 39.78 18.87 -44.15
C GLU IA 70 38.50 18.56 -44.92
N PHE IA 71 38.61 18.21 -46.20
CA PHE IA 71 37.38 17.96 -46.93
C PHE IA 71 36.75 16.61 -46.58
N ASP IA 72 37.52 15.67 -46.02
CA ASP IA 72 36.91 14.46 -45.48
C ASP IA 72 36.10 14.76 -44.23
N ASN IA 73 36.61 15.65 -43.37
CA ASN IA 73 35.82 16.11 -42.25
C ASN IA 73 34.54 16.77 -42.72
N LEU IA 74 34.64 17.62 -43.75
CA LEU IA 74 33.44 18.26 -44.29
C LEU IA 74 32.47 17.23 -44.87
N ARG IA 75 32.98 16.23 -45.58
CA ARG IA 75 32.12 15.21 -46.17
C ARG IA 75 31.38 14.42 -45.10
N ARG IA 76 32.08 14.04 -44.03
CA ARG IA 76 31.42 13.32 -42.94
C ARG IA 76 30.36 14.18 -42.27
N GLY IA 77 30.66 15.46 -42.04
CA GLY IA 77 29.67 16.35 -41.46
C GLY IA 77 28.44 16.51 -42.34
N GLY IA 78 28.65 16.63 -43.66
CA GLY IA 78 27.52 16.75 -44.56
C GLY IA 78 26.68 15.50 -44.64
N ILE IA 79 27.33 14.32 -44.60
CA ILE IA 79 26.59 13.07 -44.54
C ILE IA 79 25.75 13.00 -43.27
N GLN IA 80 26.33 13.39 -42.13
CA GLN IA 80 25.58 13.38 -40.88
C GLN IA 80 24.39 14.32 -40.94
N PHE IA 81 24.59 15.53 -41.48
CA PHE IA 81 23.50 16.47 -41.60
C PHE IA 81 22.40 15.94 -42.52
N ALA IA 82 22.77 15.37 -43.66
CA ALA IA 82 21.78 14.87 -44.60
C ALA IA 82 20.98 13.72 -44.01
N ASP IA 83 21.65 12.80 -43.31
CA ASP IA 83 20.94 11.68 -42.70
C ASP IA 83 20.01 12.15 -41.59
N THR IA 84 20.47 13.10 -40.76
CA THR IA 84 19.63 13.62 -39.70
C THR IA 84 18.41 14.34 -40.28
N ARG IA 85 18.61 15.14 -41.33
CA ARG IA 85 17.50 15.85 -41.96
C ARG IA 85 16.52 14.88 -42.61
N GLY IA 86 17.03 13.84 -43.26
CA GLY IA 86 16.14 12.87 -43.89
C GLY IA 86 15.35 12.06 -42.88
N TYR IA 87 15.95 11.73 -41.74
CA TYR IA 87 15.21 11.01 -40.72
C TYR IA 87 14.21 11.92 -40.01
N ALA IA 88 14.57 13.20 -39.81
CA ALA IA 88 13.69 14.10 -39.08
C ALA IA 88 12.43 14.43 -39.87
N TYR IA 89 12.54 14.58 -41.18
CA TYR IA 89 11.36 14.89 -41.98
C TYR IA 89 11.02 13.79 -42.97
N ASP IA 90 11.89 13.50 -43.93
CA ASP IA 90 11.64 12.52 -44.98
C ASP IA 90 12.87 12.48 -45.88
N ARG IA 91 12.99 11.38 -46.63
CA ARG IA 91 14.12 11.25 -47.53
C ARG IA 91 14.01 12.19 -48.72
N ARG IA 92 12.78 12.52 -49.15
CA ARG IA 92 12.60 13.40 -50.29
C ARG IA 92 12.64 14.87 -49.92
N ASP IA 93 12.80 15.19 -48.64
CA ASP IA 93 12.97 16.57 -48.20
C ASP IA 93 14.43 17.00 -48.16
N VAL IA 94 15.36 16.09 -48.39
CA VAL IA 94 16.77 16.42 -48.49
C VAL IA 94 17.06 16.85 -49.92
N THR IA 95 17.65 18.03 -50.08
CA THR IA 95 17.99 18.57 -51.38
C THR IA 95 19.46 18.95 -51.39
N GLY IA 96 20.00 19.12 -52.59
CA GLY IA 96 21.38 19.55 -52.72
C GLY IA 96 21.61 20.97 -52.24
N ARG IA 97 20.60 21.84 -52.39
CA ARG IA 97 20.75 23.23 -52.00
C ARG IA 97 20.92 23.37 -50.49
N GLN IA 98 20.20 22.57 -49.71
CA GLN IA 98 20.34 22.63 -48.26
C GLN IA 98 21.74 22.22 -47.82
N LEU IA 99 22.26 21.15 -48.42
CA LEU IA 99 23.62 20.71 -48.11
C LEU IA 99 24.64 21.77 -48.52
N ALA IA 100 24.44 22.39 -49.68
CA ALA IA 100 25.34 23.45 -50.13
C ALA IA 100 25.32 24.64 -49.18
N ASN IA 101 24.13 25.03 -48.71
CA ASN IA 101 24.03 26.13 -47.76
C ASN IA 101 24.72 25.79 -46.46
N VAL IA 102 24.58 24.55 -45.98
CA VAL IA 102 25.26 24.14 -44.77
C VAL IA 102 26.77 24.20 -44.95
N TYR IA 103 27.27 23.75 -46.11
CA TYR IA 103 28.70 23.81 -46.39
C TYR IA 103 29.18 25.25 -46.46
N ALA IA 104 28.37 26.14 -47.04
CA ALA IA 104 28.74 27.55 -47.09
C ALA IA 104 28.86 28.13 -45.68
N GLN IA 105 27.89 27.84 -44.81
CA GLN IA 105 27.97 28.34 -43.44
C GLN IA 105 29.20 27.78 -42.73
N THR IA 106 29.44 26.48 -42.88
CA THR IA 106 30.56 25.84 -42.21
C THR IA 106 31.90 26.43 -42.66
N LEU IA 107 32.06 26.61 -43.98
CA LEU IA 107 33.31 27.13 -44.50
C LEU IA 107 33.50 28.61 -44.19
N GLY IA 108 32.41 29.38 -44.14
CA GLY IA 108 32.54 30.76 -43.70
C GLY IA 108 33.02 30.85 -42.27
N THR IA 109 32.41 30.06 -41.38
CA THR IA 109 32.84 30.08 -39.98
C THR IA 109 34.27 29.59 -39.83
N ILE IA 110 34.66 28.55 -40.58
CA ILE IA 110 36.03 28.04 -40.50
C ILE IA 110 37.02 29.08 -40.99
N PHE IA 111 36.70 29.74 -42.12
CA PHE IA 111 37.59 30.75 -42.67
C PHE IA 111 37.77 31.92 -41.71
N THR IA 112 36.69 32.35 -41.07
CA THR IA 112 36.78 33.55 -40.25
C THR IA 112 37.36 33.26 -38.86
N GLU IA 113 37.05 32.10 -38.28
CA GLU IA 113 37.32 31.88 -36.86
C GLU IA 113 38.46 30.91 -36.59
N GLN IA 114 38.59 29.83 -37.34
CA GLN IA 114 39.61 28.84 -37.04
C GLN IA 114 41.00 29.41 -37.29
N ALA IA 115 41.99 28.83 -36.61
CA ALA IA 115 43.37 29.33 -36.71
C ALA IA 115 43.87 29.23 -38.14
N LYS IA 116 43.59 28.13 -38.82
CA LYS IA 116 43.95 27.95 -40.20
C LYS IA 116 42.72 27.66 -41.04
N PRO IA 117 42.48 28.38 -42.13
CA PRO IA 117 41.32 28.10 -42.96
C PRO IA 117 41.47 26.78 -43.70
N TYR IA 118 40.33 26.14 -43.98
CA TYR IA 118 40.34 24.90 -44.73
C TYR IA 118 40.69 25.19 -46.19
N GLU IA 119 41.73 24.52 -46.69
CA GLU IA 119 42.16 24.68 -48.08
C GLU IA 119 41.39 23.68 -48.96
N VAL IA 120 40.09 23.93 -49.09
CA VAL IA 120 39.19 23.02 -49.77
C VAL IA 120 38.40 23.78 -50.82
N GLU IA 121 37.83 23.02 -51.75
CA GLU IA 121 36.90 23.53 -52.75
C GLU IA 121 35.90 22.42 -53.03
N LEU IA 122 34.63 22.67 -52.71
CA LEU IA 122 33.62 21.62 -52.72
C LEU IA 122 32.65 21.82 -53.87
N CYS IA 123 32.14 20.70 -54.38
CA CYS IA 123 31.03 20.70 -55.33
C CYS IA 123 29.96 19.73 -54.81
N VAL IA 124 28.75 20.24 -54.70
CA VAL IA 124 27.58 19.45 -54.34
C VAL IA 124 26.71 19.33 -55.58
N ALA IA 125 26.44 18.10 -56.01
CA ALA IA 125 25.66 17.86 -57.21
C ALA IA 125 24.38 17.14 -56.85
N GLU IA 126 23.29 17.49 -57.53
CA GLU IA 126 22.01 16.85 -57.31
C GLU IA 126 21.37 16.51 -58.65
N VAL IA 127 20.82 15.30 -58.73
CA VAL IA 127 20.05 14.87 -59.88
C VAL IA 127 18.59 14.75 -59.47
N ALA IA 128 17.72 14.63 -60.48
CA ALA IA 128 16.29 14.50 -60.22
C ALA IA 128 15.98 13.14 -59.60
N HIS IA 129 14.81 13.06 -58.97
CA HIS IA 129 14.35 11.80 -58.43
C HIS IA 129 13.91 10.88 -59.56
N TYR IA 130 13.68 9.61 -59.21
CA TYR IA 130 13.30 8.63 -60.21
C TYR IA 130 11.92 8.95 -60.78
N GLY IA 131 11.85 8.99 -62.11
CA GLY IA 131 10.61 9.31 -62.80
C GLY IA 131 10.38 10.79 -63.04
N GLU IA 132 11.26 11.66 -62.59
CA GLU IA 132 11.14 13.09 -62.79
C GLU IA 132 12.25 13.56 -63.71
N THR IA 133 11.93 14.54 -64.56
CA THR IA 133 12.90 15.14 -65.47
C THR IA 133 13.23 16.54 -64.96
N LYS IA 134 14.37 16.67 -64.30
CA LYS IA 134 14.86 17.96 -63.83
C LYS IA 134 16.34 18.06 -64.15
N ARG IA 135 16.76 19.26 -64.52
CA ARG IA 135 18.15 19.51 -64.84
C ARG IA 135 19.02 19.23 -63.62
N PRO IA 136 20.17 18.59 -63.77
CA PRO IA 136 21.10 18.45 -62.64
C PRO IA 136 21.55 19.82 -62.17
N GLU IA 137 21.67 19.98 -60.85
CA GLU IA 137 22.10 21.25 -60.27
C GLU IA 137 23.42 21.04 -59.54
N LEU IA 138 24.39 21.89 -59.85
CA LEU IA 138 25.72 21.83 -59.28
C LEU IA 138 26.01 23.11 -58.52
N TYR IA 139 26.54 22.97 -57.31
CA TYR IA 139 26.89 24.10 -56.46
C TYR IA 139 28.38 24.01 -56.16
N ARG IA 140 29.08 25.12 -56.35
CA ARG IA 140 30.50 25.22 -56.04
C ARG IA 140 30.65 26.11 -54.81
N ILE IA 141 31.26 25.56 -53.76
CA ILE IA 141 31.49 26.26 -52.51
C ILE IA 141 32.99 26.42 -52.33
N THR IA 142 33.43 27.65 -52.11
CA THR IA 142 34.85 27.95 -52.00
C THR IA 142 35.30 27.91 -50.54
N TYR IA 143 36.57 28.24 -50.33
CA TYR IA 143 37.16 28.16 -49.00
C TYR IA 143 36.58 29.18 -48.03
N ASP IA 144 36.12 30.32 -48.55
CA ASP IA 144 35.66 31.41 -47.70
C ASP IA 144 34.15 31.39 -47.49
N GLY IA 145 33.46 30.35 -47.98
CA GLY IA 145 32.03 30.26 -47.83
C GLY IA 145 31.22 30.78 -48.99
N SER IA 146 31.87 31.29 -50.04
CA SER IA 146 31.14 31.74 -51.22
C SER IA 146 30.55 30.54 -51.95
N ILE IA 147 29.30 30.68 -52.37
CA ILE IA 147 28.55 29.58 -52.99
C ILE IA 147 28.01 30.07 -54.33
N ALA IA 148 28.15 29.25 -55.37
CA ALA IA 148 27.74 29.64 -56.71
C ALA IA 148 27.02 28.49 -57.39
N ASP IA 149 26.06 28.83 -58.25
CA ASP IA 149 25.38 27.86 -59.11
C ASP IA 149 26.18 27.69 -60.40
N GLU IA 150 26.58 26.46 -60.68
CA GLU IA 150 27.20 26.16 -61.97
C GLU IA 150 26.21 25.38 -62.81
N PRO IA 151 25.71 25.93 -63.92
CA PRO IA 151 24.65 25.23 -64.66
C PRO IA 151 25.14 23.99 -65.37
N HIS IA 152 26.39 23.95 -65.80
CA HIS IA 152 26.88 22.91 -66.69
C HIS IA 152 27.98 22.07 -66.09
N PHE IA 153 29.04 22.69 -65.56
CA PHE IA 153 30.15 21.93 -65.02
C PHE IA 153 30.87 22.76 -63.96
N VAL IA 154 31.58 22.05 -63.09
CA VAL IA 154 32.42 22.63 -62.05
C VAL IA 154 33.82 22.06 -62.22
N VAL IA 155 34.82 22.92 -62.19
CA VAL IA 155 36.22 22.50 -62.19
C VAL IA 155 36.87 23.03 -60.92
N MET IA 156 37.57 22.16 -60.21
CA MET IA 156 38.10 22.49 -58.89
C MET IA 156 39.54 22.01 -58.78
N GLY IA 157 40.33 22.75 -58.01
CA GLY IA 157 41.68 22.31 -57.67
C GLY IA 157 42.69 22.44 -58.78
N GLY IA 158 43.94 22.70 -58.43
CA GLY IA 158 44.97 22.88 -59.43
C GLY IA 158 44.77 24.18 -60.20
N THR IA 159 45.41 24.24 -61.36
CA THR IA 159 45.24 25.36 -62.28
C THR IA 159 44.00 25.12 -63.11
N THR IA 160 42.88 25.72 -62.71
CA THR IA 160 41.59 25.39 -63.29
C THR IA 160 41.27 26.16 -64.57
N GLU IA 161 42.07 27.18 -64.91
CA GLU IA 161 41.77 27.97 -66.11
C GLU IA 161 41.83 27.15 -67.39
N PRO IA 162 42.89 26.39 -67.68
CA PRO IA 162 42.88 25.59 -68.93
C PRO IA 162 41.78 24.55 -68.96
N ILE IA 163 41.51 23.88 -67.84
CA ILE IA 163 40.46 22.86 -67.84
C ILE IA 163 39.11 23.50 -68.08
N ALA IA 164 38.83 24.63 -67.44
CA ALA IA 164 37.58 25.33 -67.66
C ALA IA 164 37.44 25.77 -69.11
N ASN IA 165 38.52 26.29 -69.70
CA ASN IA 165 38.45 26.72 -71.10
C ASN IA 165 38.17 25.54 -72.02
N ALA IA 166 38.86 24.42 -71.80
CA ALA IA 166 38.63 23.23 -72.63
C ALA IA 166 37.20 22.74 -72.49
N LEU IA 167 36.66 22.74 -71.27
CA LEU IA 167 35.29 22.30 -71.06
C LEU IA 167 34.29 23.24 -71.74
N LYS IA 168 34.51 24.56 -71.63
CA LYS IA 168 33.62 25.50 -72.30
C LYS IA 168 33.63 25.29 -73.80
N GLU IA 169 34.81 25.05 -74.38
CA GLU IA 169 34.88 24.86 -75.83
C GLU IA 169 34.31 23.53 -76.27
N SER IA 170 34.42 22.48 -75.45
CA SER IA 170 34.10 21.12 -75.90
C SER IA 170 32.90 20.53 -75.17
N TYR IA 171 32.08 21.34 -74.51
CA TYR IA 171 30.92 20.80 -73.81
C TYR IA 171 29.81 20.47 -74.79
N ALA IA 172 28.97 19.52 -74.40
CA ALA IA 172 27.82 19.10 -75.21
C ALA IA 172 26.71 18.65 -74.27
N GLU IA 173 25.64 19.43 -74.20
CA GLU IA 173 24.51 19.10 -73.34
C GLU IA 173 23.88 17.77 -73.77
N ASN IA 174 23.41 17.01 -72.78
CA ASN IA 174 22.75 15.73 -73.01
C ASN IA 174 23.65 14.73 -73.72
N ALA IA 175 24.96 14.83 -73.49
CA ALA IA 175 25.88 13.88 -74.09
C ALA IA 175 25.75 12.50 -73.44
N SER IA 176 26.23 11.49 -74.15
CA SER IA 176 26.24 10.15 -73.59
C SER IA 176 27.27 10.05 -72.47
N LEU IA 177 27.24 8.92 -71.75
CA LEU IA 177 28.23 8.71 -70.69
C LEU IA 177 29.63 8.64 -71.26
N THR IA 178 29.82 7.89 -72.35
CA THR IA 178 31.15 7.75 -72.93
C THR IA 178 31.68 9.07 -73.45
N ASP IA 179 30.85 9.83 -74.17
CA ASP IA 179 31.29 11.11 -74.70
C ASP IA 179 31.64 12.07 -73.58
N ALA IA 180 30.80 12.13 -72.54
CA ALA IA 180 31.07 13.02 -71.42
C ALA IA 180 32.36 12.63 -70.69
N LEU IA 181 32.56 11.32 -70.48
CA LEU IA 181 33.78 10.86 -69.82
C LEU IA 181 35.02 11.20 -70.62
N ARG IA 182 34.97 10.97 -71.94
CA ARG IA 182 36.13 11.27 -72.78
C ARG IA 182 36.41 12.77 -72.80
N ILE IA 183 35.36 13.58 -72.90
CA ILE IA 183 35.54 15.03 -72.90
C ILE IA 183 36.12 15.49 -71.56
N ALA IA 184 35.64 14.93 -70.46
CA ALA IA 184 36.14 15.32 -69.14
C ALA IA 184 37.61 14.94 -68.98
N VAL IA 185 37.99 13.74 -69.40
CA VAL IA 185 39.39 13.33 -69.31
C VAL IA 185 40.26 14.23 -70.18
N ALA IA 186 39.80 14.52 -71.39
CA ALA IA 186 40.58 15.38 -72.29
C ALA IA 186 40.77 16.77 -71.69
N ALA IA 187 39.72 17.33 -71.10
CA ALA IA 187 39.85 18.63 -70.45
C ALA IA 187 40.71 18.57 -69.21
N LEU IA 188 40.68 17.45 -68.49
CA LEU IA 188 41.43 17.34 -67.25
C LEU IA 188 42.92 17.14 -67.50
N ARG IA 189 43.28 16.57 -68.65
CA ARG IA 189 44.69 16.55 -69.05
C ARG IA 189 45.18 17.95 -69.37
N ALA IA 190 44.34 18.75 -70.03
CA ALA IA 190 44.72 20.10 -70.44
C ALA IA 190 44.85 21.03 -69.24
N LEU IA 203 45.31 11.48 -66.95
CA LEU IA 203 46.13 10.88 -68.00
C LEU IA 203 45.60 9.51 -68.40
N GLY IA 204 45.96 8.48 -67.63
CA GLY IA 204 45.53 7.14 -67.90
C GLY IA 204 44.23 6.78 -67.19
N VAL IA 205 43.78 5.55 -67.41
CA VAL IA 205 42.58 5.08 -66.74
C VAL IA 205 42.84 4.86 -65.26
N ALA IA 206 43.97 4.25 -64.92
CA ALA IA 206 44.42 4.31 -63.54
C ALA IA 206 44.69 5.76 -63.16
N SER IA 207 44.83 6.00 -61.85
CA SER IA 207 44.99 7.35 -61.31
C SER IA 207 43.79 8.23 -61.68
N LEU IA 208 42.64 7.61 -61.90
CA LEU IA 208 41.38 8.30 -62.14
C LEU IA 208 40.34 7.72 -61.20
N GLU IA 209 39.57 8.59 -60.54
CA GLU IA 209 38.39 8.20 -59.80
C GLU IA 209 37.17 8.74 -60.55
N VAL IA 210 36.30 7.84 -60.99
CA VAL IA 210 35.12 8.21 -61.76
C VAL IA 210 33.89 7.71 -61.04
N ALA IA 211 32.91 8.59 -60.87
CA ALA IA 211 31.64 8.22 -60.26
C ALA IA 211 30.52 8.94 -60.98
N VAL IA 212 29.30 8.43 -60.84
CA VAL IA 212 28.13 9.01 -61.48
C VAL IA 212 27.00 9.12 -60.49
N LEU IA 213 26.34 10.28 -60.48
CA LEU IA 213 24.97 10.40 -60.00
C LEU IA 213 24.08 10.04 -61.18
N ASP IA 214 23.53 8.83 -61.14
CA ASP IA 214 22.76 8.29 -62.26
C ASP IA 214 21.28 8.46 -61.95
N ALA IA 215 20.63 9.36 -62.71
CA ALA IA 215 19.22 9.67 -62.47
C ALA IA 215 18.30 8.49 -62.78
N ASN IA 216 18.80 7.46 -63.45
CA ASN IA 216 17.99 6.28 -63.78
C ASN IA 216 17.88 5.28 -62.65
N ARG IA 217 18.69 5.43 -61.59
CA ARG IA 217 18.59 4.52 -60.46
C ARG IA 217 17.31 4.82 -59.67
N PRO IA 218 16.70 3.79 -59.07
CA PRO IA 218 15.43 4.00 -58.36
C PRO IA 218 15.56 4.86 -57.12
N ARG IA 219 16.47 4.52 -56.21
CA ARG IA 219 16.63 5.30 -54.99
C ARG IA 219 18.00 5.96 -54.88
N ARG IA 220 19.08 5.21 -54.91
CA ARG IA 220 20.42 5.75 -54.70
C ARG IA 220 21.11 5.92 -56.04
N ALA IA 221 21.40 7.18 -56.39
CA ALA IA 221 21.94 7.49 -57.72
C ALA IA 221 23.44 7.30 -57.81
N PHE IA 222 24.15 7.33 -56.69
CA PHE IA 222 25.61 7.30 -56.74
C PHE IA 222 26.12 5.91 -57.11
N ARG IA 223 27.08 5.88 -58.02
CA ARG IA 223 27.58 4.62 -58.58
C ARG IA 223 29.01 4.82 -59.04
N ARG IA 224 29.93 4.01 -58.51
CA ARG IA 224 31.33 4.14 -58.87
C ARG IA 224 31.64 3.31 -60.12
N ILE IA 225 32.59 3.82 -60.91
CA ILE IA 225 33.00 3.19 -62.17
C ILE IA 225 34.51 2.99 -62.07
N THR IA 226 34.93 1.76 -61.79
CA THR IA 226 36.34 1.45 -61.60
C THR IA 226 36.69 0.13 -62.25
N GLY IA 227 37.94 0.01 -62.69
CA GLY IA 227 38.45 -1.27 -63.16
C GLY IA 227 38.06 -1.55 -64.60
N SER IA 228 37.57 -2.76 -64.85
CA SER IA 228 37.28 -3.20 -66.21
C SER IA 228 36.18 -2.35 -66.84
N ALA IA 229 35.13 -2.03 -66.08
CA ALA IA 229 34.05 -1.21 -66.62
C ALA IA 229 34.55 0.18 -66.99
N LEU IA 230 35.43 0.76 -66.15
CA LEU IA 230 36.01 2.06 -66.48
C LEU IA 230 36.89 1.97 -67.72
N GLN IA 231 37.67 0.88 -67.85
CA GLN IA 231 38.49 0.69 -69.04
C GLN IA 231 37.63 0.65 -70.29
N ALA IA 232 36.54 -0.11 -70.26
CA ALA IA 232 35.65 -0.19 -71.42
C ALA IA 232 35.00 1.17 -71.70
N LEU IA 233 34.60 1.89 -70.64
CA LEU IA 233 33.93 3.16 -70.80
C LEU IA 233 34.85 4.24 -71.36
N LEU IA 234 36.16 4.00 -71.36
CA LEU IA 234 37.12 4.99 -71.81
C LEU IA 234 38.13 4.35 -72.77
#